data_3A0H
#
_entry.id   3A0H
#
_cell.length_a   128.499
_cell.length_b   224.702
_cell.length_c   304.919
_cell.angle_alpha   90.00
_cell.angle_beta   90.00
_cell.angle_gamma   90.00
#
_symmetry.space_group_name_H-M   'P 21 21 21'
#
loop_
_entity.id
_entity.type
_entity.pdbx_description
1 polymer 'Photosystem Q(B) protein'
2 polymer 'Photosystem II core light harvesting protein'
3 polymer 'Photosystem II CP43 protein'
4 polymer 'Photosystem II D2 protein'
5 polymer 'Cytochrome b559 subunit alpha'
6 polymer 'Cytochrome b559 subunit beta'
7 polymer 'Photosystem II reaction center protein H'
8 polymer 'Photosystem II reaction center protein I'
9 polymer 'Photosystem II reaction center protein J'
10 polymer 'Photosystem II reaction center protein K'
11 polymer 'Photosystem II reaction center protein L'
12 polymer 'Photosystem II reaction center protein M'
13 polymer 'Photosystem II manganese-stabilizing polypeptide'
14 polymer 'Photosystem II reaction center protein T'
15 polymer 'Photosystem II 12 kDa extrinsic protein'
16 polymer 'Cytochrome c-550'
17 polymer 'Photosystem II reaction center protein X'
18 polymer 'Photosystem II reaction center protein ycf12'
19 polymer 'Photosystem II reaction center protein Y'
20 polymer 'Photosystem II reaction center protein Z'
21 non-polymer 'OXYGEN EVOLVING SYSTEM'
22 non-polymer 'CHLOROPHYLL A'
23 non-polymer 'PHEOPHYTIN A'
24 non-polymer 5-[(2E,6E,10E,14E,18E,22E)-3,7,11,15,19,23,27-HEPTAMETHYLOCTACOSA-2,6,10,14,18,22,26-HEPTAENYL]-2,3-DIMETHYLBENZO-1,4-QUINONE
25 non-polymer BETA-CAROTENE
26 non-polymer 1,2-DIPALMITOYL-PHOSPHATIDYL-GLYCEROLE
27 non-polymer 'IODIDE ION'
28 non-polymer '(1S)-2-(ALPHA-L-ALLOPYRANOSYLOXY)-1-[(TRIDECANOYLOXY)METHYL]ETHYL PALMITATE'
29 non-polymer 'DIGALACTOSYL DIACYL GLYCEROL (DGDG)'
30 non-polymer 'FE (II) ION'
31 non-polymer 'PROTOPORPHYRIN IX CONTAINING FE'
#
loop_
_entity_poly.entity_id
_entity_poly.type
_entity_poly.pdbx_seq_one_letter_code
_entity_poly.pdbx_strand_id
1 'polypeptide(L)'
;MTTTLQRRESANLWERFCNWVTSTDNRLYVGWFGVIMIPTLLAATICFVIAFIAAPPVDIDGIREPVSGSLLYGNNIITG
AVVPSSNAIGLHFYPIWEAASLDEWLYNGGPYQLIIFHFLLGASCYMGRQWELSYRLGMRPWICVAYSAPLASAFAVFLI
YPIGQGSFSDGMPLGISGTFNFMIVFQAEHNILMHPFHQLGVAGVFGGALFCAMHGSLVTSSLIRETTETESANYGYKFG
QEEETYNIVAAHGYFGRLIFQYASFNNSRSLHFFLAAWRVVGVWFAALGISTMAFNLNGFNFNHSVIDAKGNVINTWADI
INRANLGMEVMHERNAHNFPLDLA
;
A,a
2 'polypeptide(L)'
;GLPWYRVHTVLINDPGRLIAAHLMHTALVAGWAGSMALYELATFDPSDPVLNPMWRQGMFVLPFMARLGVTGSWSGWSIT
GETGIDPGFWSFEGVALAHIVLSGLLFLAACWHWVYWDLELFRDPRTGEPALDLPKMFGIHLFLAGLLCFGFGAFHLTGL
FGPGMWVSDPYGLTGSVQPVAPEWGPDGFNPYNPGGVVAHHIAAGIVGIIAGLFHILVRPPQRLYKALRMGNIETVLSSS
IAAVFFAAFVVAGTMWYGSATTPIELFGPTRYQWDSSYFQQEINRRVQASLASGATLEEAWSAIPEKLAFYDYIGNNPAK
GGLFRTGPMNKGDGIAQAWKGHAVFRNKEGEELFVRRMPAFFESFPVILTDKNGVVKADIPFRRAESKYSFEQQGVTVSF
YGGELNGQTFTDPPTVKSYARKAIFGEIFEFDTETLNSDGIFRTSPRGWFTFAHAVFALLFFFGHIWHGARTLFRDVFSG
IDPELSPE
;
B,b
3 'polypeptide(L)'
;DQESSGFAWWAGNARLINLSGKLLGAHVAHAGLIVFWAGAMTLFELAHFIPEKPMYEQGLILIPHIATLGWGVGPGGEVV
DTFPFFVVGVVHLISSAVLGFGGVYHAIRGPETLEEYSSFFGYDWKDKNKMTTILGFHLIVLGIGALLLVAKAMFFGGLY
DTWAPGGGDVRVITNPTLDPRVIFGYLLKSPFGGEGWIVSVNNLEDVVGGHIWIGLICIAGGIWHILTTPFGWARRAFIW
SGEAYLSYSLGALSMMGFIATCFVWFNNTVYPSEFYGPTGPEASQAQAMTFLIRDQKLGANVGSAQGPTGLGKYLMRSPT
GEIIFGGETMRFWDFRGPWLEPLRGPNGLDLNKIKNDIQPWQERRAAEYMTHAPLGSLNSVGGVATEINSVNFVSPRSWL
ATSHFVLAFFFLVGHLWHAGRARAAAAGFEKGIDRESEPVLSMPSLD
;
C,c
4 'polypeptide(L)'
;GWFDILDDWLKRDRFVFVGWSGILLFPCAYLALGGWLTGTTFVTSWYTHGLASSYLEGCNFLTVAVSTPANSMGHSLLLL
WGPEAQGDFTRWCQLGGLWTFIALHGAFGLIGFMLRQFEIARLVGVRPYNAIAFSAPIAVFVSVFLIYPLGQSSWFFAPS
FGVAAIFRFLLFFQGFHNWTLNPFHMMGVAGVLGGALLCAIHGATVENTLFQDGEGASTFRAFNPTQAEETYSMVTANRF
WSQIFGIAFSNKRWLHFFMLFVPVTGLWMSAIGVVGLALNLRSYDFISQEIRAAEDPEFETFYTKNLLLNEGIRAWMAPQ
DQPHENFVFPEEVLPRGNAL
;
D,d
5 'polypeptide(L)'
;VGTTGERPFSDIITSVRYWVIHSITIPALFIAGWLFVSTGLAYDVFGTPRPDSYYAQEQRSIPLVTDRFEAKQQVETFLE
QLK
;
E,e
6 'polypeptide(L)' TSNTPNQEPVSYPIFTVRWVAVHTLAVPTIFFLGAIAAMQFIQR F,f
7 'polypeptide(L)' ARRTWLGDILRPLNSEYGKVAPGWGTTPLMAVFMGLFLVFLLIILEIYNSTLILDGVNVSWKAL H,h
8 'polypeptide(L)' METLKITVYIVVTFFVLLFVFGFLSGDPARNPKRK I,i
9 'polypeptide(L)' MMSEGGRIPLWIVATVAGMGVIVIVGLFFYGAYAGLGSSL J,j
10 'polypeptide(L)' KLPEAYAIFDPLVDVLPVIPVLFFALAFVVQAAVGF K,k
11 'polypeptide(L)' MEPNPNRQPVELNRTSLYLGLLLILVLALLFSSYFFN L,l
12 'polypeptide(L)' MEVNQLGFIATALFVLVPSVFLIILYVQTESQQKSS M,m
13 'polypeptide(L)'
;TLTYDDIVGTGLANKCPTLDDTARGAYPIDSSQTYRIARLCLQPTTFLVKEEPKNKRQEAEFVPTKLVTRETTSLDQIQG
ELKVNSDGSLTFVEEDGIDFQPVTVQMAGGERIPLLFTVKNLVASTQPNVTSITTSTDFKGEFNVPSYRTANFLDPKGRG
LASGYDSAIALPQAKEEELARANVKRFSLTKGQISLNVAKVDGRTGEIAGTFESEQLSDDDMGAHEPHEVKIQGVFYASI
EP
;
O,o
14 'polypeptide(L)' METITYVFIFACIIALFFFAIFFREPPRIT T,t
15 'polypeptide(L)'
;EELVNVVDEKLGTAYGEKIDLNNTNIAAFIQYRGLYPTLAKLIVKNAPYESVEDVLNIPGLTERQKQILRENLEHFTVTE
VETALVEGGDRYNNGLYK
;
U,u
16 'polypeptide(L)'
;AELTPEVLTVPLNSEGKTITLTEKQYLEGKRLFQYACASCHVGGITKTNPSLDLRTETLALATPPRDNIEGLVDYMKNPT
TYDGEQEIAEVHPSLRSADIFPKMRNLTEKDLVAIAGHILVEPKILGDKWGGGKVYY
;
V,v
17 'polypeptide(L)' TITPSLKGFFIGLLSGAVVLGLTFAVLIAISQID X,x
18 'polypeptide(L)' IAQLTMIAMIGIAGPMIIFLLAVRRGNL Y,y
19 'polypeptide(L)'
;(UNK)(UNK)(UNK)(UNK)(UNK)(UNK)(UNK)(UNK)(UNK)(UNK)(UNK)(UNK)(UNK)(UNK)(UNK)(UNK)
(UNK)(UNK)(UNK)(UNK)(UNK)(UNK)(UNK)
;
N,n
20 'polypeptide(L)' MTILFQLALAALVILSFVMVIGVPVAYASPQDWDRSKQLIFLGSGLWIALVLVVGVLNFFVV Z,z
#
# COMPACT_ATOMS: atom_id res chain seq x y z
N SER A 10 -55.01 31.74 9.32
CA SER A 10 -54.12 32.89 8.91
C SER A 10 -54.71 33.80 7.81
N ALA A 11 -54.36 35.09 7.88
CA ALA A 11 -54.80 36.10 6.90
C ALA A 11 -54.05 35.87 5.57
N ASN A 12 -52.75 35.59 5.68
CA ASN A 12 -51.85 35.26 4.55
C ASN A 12 -50.86 34.22 5.13
N LEU A 13 -50.45 33.24 4.32
CA LEU A 13 -49.55 32.16 4.75
C LEU A 13 -48.07 32.54 4.76
N TRP A 14 -47.74 33.55 3.94
CA TRP A 14 -46.40 34.12 3.80
C TRP A 14 -45.99 34.69 5.16
N GLU A 15 -46.97 35.18 5.92
CA GLU A 15 -46.73 35.76 7.26
C GLU A 15 -45.67 34.96 8.05
N ARG A 16 -45.79 33.62 8.03
CA ARG A 16 -44.90 32.69 8.72
C ARG A 16 -43.52 32.62 8.03
N PHE A 17 -43.51 32.70 6.70
CA PHE A 17 -42.27 32.68 5.91
C PHE A 17 -41.46 33.90 6.39
N CYS A 18 -42.16 35.01 6.58
CA CYS A 18 -41.62 36.30 7.00
C CYS A 18 -40.94 36.29 8.37
N ASN A 19 -41.50 35.57 9.34
CA ASN A 19 -40.90 35.51 10.67
C ASN A 19 -39.80 34.45 10.77
N TRP A 20 -39.95 33.42 9.93
CA TRP A 20 -39.01 32.30 9.87
C TRP A 20 -37.67 32.79 9.35
N VAL A 21 -37.70 33.41 8.17
CA VAL A 21 -36.48 33.94 7.60
C VAL A 21 -35.83 34.73 8.73
N THR A 22 -36.58 35.62 9.35
CA THR A 22 -36.06 36.43 10.44
C THR A 22 -36.19 35.75 11.81
N SER A 23 -36.17 34.42 11.83
CA SER A 23 -36.27 33.70 13.09
C SER A 23 -35.05 33.95 13.94
N THR A 24 -35.19 34.80 14.95
CA THR A 24 -34.06 35.11 15.80
C THR A 24 -33.59 33.87 16.60
N ASP A 25 -34.27 32.74 16.43
CA ASP A 25 -33.90 31.53 17.15
C ASP A 25 -33.62 30.28 16.32
N ASN A 26 -33.62 30.40 14.99
CA ASN A 26 -33.35 29.25 14.14
C ASN A 26 -31.88 28.86 14.28
N ARG A 27 -31.64 27.62 14.71
CA ARG A 27 -30.31 27.09 14.91
C ARG A 27 -29.28 27.89 14.13
N LEU A 28 -29.56 28.09 12.85
CA LEU A 28 -28.69 28.84 11.95
C LEU A 28 -29.48 29.97 11.31
N TYR A 29 -29.20 31.20 11.71
CA TYR A 29 -29.93 32.33 11.17
C TYR A 29 -29.77 32.44 9.66
N VAL A 30 -30.86 32.82 9.02
CA VAL A 30 -30.91 32.98 7.59
C VAL A 30 -31.70 34.24 7.33
N GLY A 31 -31.01 35.36 7.16
CA GLY A 31 -31.73 36.60 6.95
C GLY A 31 -32.26 36.74 5.54
N TRP A 32 -32.54 37.98 5.16
CA TRP A 32 -33.03 38.28 3.82
C TRP A 32 -31.85 38.12 2.88
N PHE A 33 -30.67 38.43 3.40
CA PHE A 33 -29.45 38.25 2.64
C PHE A 33 -29.41 36.74 2.58
N GLY A 34 -29.64 36.14 3.74
CA GLY A 34 -29.66 34.70 3.82
C GLY A 34 -30.27 34.09 2.57
N VAL A 35 -31.55 34.35 2.31
CA VAL A 35 -32.24 33.79 1.15
C VAL A 35 -31.52 33.86 -0.22
N ILE A 36 -30.44 34.62 -0.28
CA ILE A 36 -29.67 34.72 -1.52
C ILE A 36 -28.35 34.03 -1.25
N MET A 37 -27.73 34.39 -0.14
CA MET A 37 -26.47 33.79 0.24
C MET A 37 -26.71 32.29 0.18
N ILE A 38 -27.39 31.79 1.19
CA ILE A 38 -27.68 30.36 1.30
C ILE A 38 -27.53 29.58 -0.01
N PRO A 39 -28.27 29.96 -1.07
CA PRO A 39 -28.02 29.11 -2.25
C PRO A 39 -26.89 29.58 -3.16
N THR A 40 -26.75 30.88 -3.37
CA THR A 40 -25.65 31.37 -4.21
C THR A 40 -24.35 30.62 -3.95
N LEU A 41 -24.13 30.23 -2.69
CA LEU A 41 -22.94 29.49 -2.29
C LEU A 41 -23.14 27.99 -2.47
N LEU A 42 -24.38 27.55 -2.27
CA LEU A 42 -24.79 26.15 -2.42
C LEU A 42 -24.56 25.66 -3.87
N ALA A 43 -24.76 26.57 -4.82
CA ALA A 43 -24.55 26.23 -6.23
C ALA A 43 -23.06 26.38 -6.51
N ALA A 44 -22.51 27.47 -5.97
CA ALA A 44 -21.09 27.84 -6.10
C ALA A 44 -20.19 26.73 -5.60
N THR A 45 -20.52 26.22 -4.42
CA THR A 45 -19.74 25.16 -3.84
C THR A 45 -19.89 23.90 -4.68
N ILE A 46 -21.12 23.48 -4.92
CA ILE A 46 -21.37 22.27 -5.71
C ILE A 46 -20.60 22.19 -7.03
N CYS A 47 -20.57 23.27 -7.79
CA CYS A 47 -19.84 23.29 -9.05
C CYS A 47 -18.37 23.03 -8.66
N PHE A 48 -17.86 23.83 -7.75
CA PHE A 48 -16.48 23.70 -7.29
C PHE A 48 -16.07 22.28 -6.95
N VAL A 49 -16.49 21.81 -5.77
CA VAL A 49 -16.16 20.47 -5.30
C VAL A 49 -16.02 19.42 -6.38
N ILE A 50 -16.75 19.61 -7.48
CA ILE A 50 -16.72 18.65 -8.57
C ILE A 50 -15.62 18.96 -9.56
N ALA A 51 -15.57 20.23 -9.94
CA ALA A 51 -14.58 20.72 -10.88
C ALA A 51 -13.21 20.27 -10.43
N PHE A 52 -13.04 20.23 -9.12
CA PHE A 52 -11.78 19.82 -8.53
C PHE A 52 -11.65 18.32 -8.72
N ILE A 53 -12.59 17.62 -8.13
CA ILE A 53 -12.60 16.18 -8.21
C ILE A 53 -12.52 15.67 -9.63
N ALA A 54 -13.26 16.27 -10.56
CA ALA A 54 -13.18 15.79 -11.93
C ALA A 54 -13.56 16.78 -12.99
N ALA A 55 -12.58 17.49 -13.50
CA ALA A 55 -12.84 18.47 -14.54
C ALA A 55 -11.69 18.55 -15.53
N PRO A 56 -12.02 18.67 -16.82
CA PRO A 56 -11.07 18.75 -17.92
C PRO A 56 -10.08 19.89 -17.80
N PRO A 57 -9.08 19.92 -18.67
CA PRO A 57 -8.08 21.00 -18.65
C PRO A 57 -8.76 22.29 -19.08
N VAL A 58 -7.99 23.37 -19.23
CA VAL A 58 -8.54 24.66 -19.67
C VAL A 58 -7.49 25.49 -20.41
N ASP A 59 -7.84 26.01 -21.58
CA ASP A 59 -6.90 26.80 -22.40
C ASP A 59 -6.41 28.08 -21.74
N ILE A 60 -6.93 28.38 -20.56
CA ILE A 60 -6.53 29.56 -19.83
C ILE A 60 -5.93 30.61 -20.74
N ASP A 61 -4.61 30.75 -20.66
CA ASP A 61 -3.87 31.69 -21.47
C ASP A 61 -4.47 31.82 -22.86
N GLY A 62 -4.18 32.94 -23.52
CA GLY A 62 -4.72 33.20 -24.85
C GLY A 62 -4.66 32.11 -25.90
N ILE A 63 -3.88 31.06 -25.66
CA ILE A 63 -3.75 29.99 -26.63
C ILE A 63 -4.64 28.76 -26.44
N ARG A 64 -4.11 27.66 -26.91
CA ARG A 64 -4.77 26.38 -26.84
C ARG A 64 -3.80 25.43 -26.20
N GLU A 65 -3.40 25.79 -25.00
CA GLU A 65 -2.51 24.96 -24.21
C GLU A 65 -3.45 24.70 -23.06
N PRO A 66 -3.93 23.47 -22.95
CA PRO A 66 -4.84 23.14 -21.85
C PRO A 66 -4.11 22.82 -20.54
N VAL A 67 -4.50 23.53 -19.47
CA VAL A 67 -3.92 23.36 -18.16
C VAL A 67 -4.87 22.52 -17.31
N SER A 68 -4.42 21.33 -16.93
CA SER A 68 -5.25 20.42 -16.15
C SER A 68 -5.26 20.76 -14.68
N GLY A 69 -6.44 20.67 -14.07
CA GLY A 69 -6.54 20.98 -12.66
C GLY A 69 -7.68 20.25 -11.99
N SER A 70 -7.60 18.93 -11.99
CA SER A 70 -8.62 18.11 -11.35
C SER A 70 -7.90 16.89 -10.82
N LEU A 71 -8.28 16.45 -9.62
CA LEU A 71 -7.62 15.32 -9.02
C LEU A 71 -7.68 14.10 -9.92
N LEU A 72 -8.84 13.92 -10.56
CA LEU A 72 -9.04 12.80 -11.46
C LEU A 72 -8.32 12.97 -12.78
N TYR A 73 -7.73 14.14 -12.97
CA TYR A 73 -6.97 14.44 -14.19
C TYR A 73 -5.49 14.59 -13.89
N GLY A 74 -5.09 14.23 -12.68
CA GLY A 74 -3.68 14.31 -12.33
C GLY A 74 -3.24 15.45 -11.45
N ASN A 75 -3.94 15.65 -10.34
CA ASN A 75 -3.58 16.73 -9.42
C ASN A 75 -3.39 16.23 -7.97
N ASN A 76 -2.36 16.72 -7.31
CA ASN A 76 -2.14 16.35 -5.92
C ASN A 76 -3.04 17.38 -5.30
N ILE A 77 -3.36 17.25 -4.03
CA ILE A 77 -4.24 18.25 -3.43
C ILE A 77 -3.65 19.64 -3.57
N ILE A 78 -2.33 19.74 -3.61
CA ILE A 78 -1.68 21.04 -3.73
C ILE A 78 -1.67 21.55 -5.17
N THR A 79 -1.44 20.64 -6.11
CA THR A 79 -1.41 21.02 -7.51
C THR A 79 -2.84 21.38 -7.93
N GLY A 80 -3.78 20.84 -7.16
CA GLY A 80 -5.18 21.04 -7.44
C GLY A 80 -5.57 22.48 -7.66
N ALA A 81 -6.60 22.65 -8.47
CA ALA A 81 -7.12 23.96 -8.77
C ALA A 81 -8.11 23.88 -9.92
N VAL A 82 -9.14 24.70 -9.84
CA VAL A 82 -10.11 24.76 -10.92
C VAL A 82 -9.65 25.99 -11.62
N VAL A 83 -9.40 25.88 -12.91
CA VAL A 83 -8.88 26.99 -13.68
C VAL A 83 -9.85 28.05 -14.15
N PRO A 84 -9.31 29.25 -14.43
CA PRO A 84 -10.00 30.46 -14.91
C PRO A 84 -10.65 30.34 -16.29
N SER A 85 -11.11 31.48 -16.83
CA SER A 85 -11.72 31.52 -18.14
C SER A 85 -10.58 31.94 -19.07
N SER A 86 -10.66 31.62 -20.36
CA SER A 86 -9.57 31.98 -21.27
C SER A 86 -9.52 33.39 -21.80
N ASN A 87 -8.31 33.85 -22.11
CA ASN A 87 -8.09 35.19 -22.66
C ASN A 87 -9.02 35.37 -23.87
N ALA A 88 -9.65 34.28 -24.32
CA ALA A 88 -10.56 34.34 -25.47
C ALA A 88 -11.82 35.09 -25.09
N ILE A 89 -12.27 34.83 -23.87
CA ILE A 89 -13.47 35.45 -23.31
C ILE A 89 -13.07 36.70 -22.56
N GLY A 90 -12.04 36.56 -21.74
CA GLY A 90 -11.56 37.69 -20.98
C GLY A 90 -12.62 38.24 -20.05
N LEU A 91 -13.36 39.23 -20.53
CA LEU A 91 -14.42 39.85 -19.73
C LEU A 91 -15.83 39.50 -20.17
N HIS A 92 -16.01 39.20 -21.44
CA HIS A 92 -17.34 38.82 -21.90
C HIS A 92 -17.89 37.88 -20.84
N PHE A 93 -19.20 37.78 -20.74
CA PHE A 93 -19.82 36.90 -19.76
C PHE A 93 -19.98 35.48 -20.35
N TYR A 94 -19.21 34.51 -19.89
CA TYR A 94 -19.31 33.17 -20.44
C TYR A 94 -20.15 32.26 -19.54
N PRO A 95 -21.47 32.43 -19.54
CA PRO A 95 -22.34 31.62 -18.71
C PRO A 95 -22.60 30.30 -19.41
N ILE A 96 -23.05 29.30 -18.67
CA ILE A 96 -23.32 27.99 -19.22
C ILE A 96 -24.17 27.94 -20.48
N TRP A 97 -25.04 28.93 -20.72
CA TRP A 97 -25.84 28.84 -21.94
C TRP A 97 -25.17 29.43 -23.16
N GLU A 98 -24.36 30.47 -23.00
CA GLU A 98 -23.67 31.08 -24.16
C GLU A 98 -22.78 30.07 -24.88
N ALA A 99 -22.31 29.08 -24.14
CA ALA A 99 -21.48 28.06 -24.75
C ALA A 99 -22.34 27.03 -25.47
N ALA A 100 -21.92 26.62 -26.66
CA ALA A 100 -22.66 25.62 -27.40
C ALA A 100 -22.60 24.36 -26.54
N SER A 101 -21.82 23.38 -26.97
CA SER A 101 -21.70 22.11 -26.23
C SER A 101 -21.29 22.30 -24.80
N LEU A 102 -21.91 21.53 -23.93
CA LEU A 102 -21.56 21.61 -22.53
C LEU A 102 -20.03 21.62 -22.47
N ASP A 103 -19.40 20.74 -23.24
CA ASP A 103 -17.96 20.66 -23.21
C ASP A 103 -17.24 21.93 -23.57
N GLU A 104 -17.92 22.84 -24.26
CA GLU A 104 -17.27 24.08 -24.62
C GLU A 104 -17.02 24.82 -23.33
N TRP A 105 -18.10 25.06 -22.62
CA TRP A 105 -18.00 25.74 -21.35
C TRP A 105 -16.90 25.04 -20.57
N LEU A 106 -16.90 23.72 -20.62
CA LEU A 106 -15.88 22.93 -19.93
C LEU A 106 -14.48 23.39 -20.28
N TYR A 107 -14.12 23.24 -21.55
CA TYR A 107 -12.81 23.59 -22.07
C TYR A 107 -12.45 25.06 -21.88
N ASN A 108 -13.24 25.95 -22.45
CA ASN A 108 -12.98 27.38 -22.34
C ASN A 108 -13.01 27.88 -20.92
N GLY A 109 -13.01 26.96 -19.98
CA GLY A 109 -13.00 27.32 -18.58
C GLY A 109 -14.12 28.19 -18.06
N GLY A 110 -15.34 27.72 -18.21
CA GLY A 110 -16.49 28.46 -17.72
C GLY A 110 -16.84 28.14 -16.28
N PRO A 111 -16.29 27.07 -15.68
CA PRO A 111 -16.71 26.87 -14.30
C PRO A 111 -16.29 28.08 -13.51
N TYR A 112 -15.05 28.48 -13.72
CA TYR A 112 -14.54 29.61 -12.98
C TYR A 112 -15.62 30.64 -12.76
N GLN A 113 -15.99 31.38 -13.79
CA GLN A 113 -17.02 32.40 -13.62
C GLN A 113 -18.13 31.96 -12.69
N LEU A 114 -18.67 30.76 -12.90
CA LEU A 114 -19.75 30.29 -12.05
C LEU A 114 -19.25 30.34 -10.62
N ILE A 115 -18.27 29.50 -10.28
CA ILE A 115 -17.76 29.48 -8.92
C ILE A 115 -17.43 30.89 -8.47
N ILE A 116 -16.49 31.56 -9.15
CA ILE A 116 -16.12 32.90 -8.73
C ILE A 116 -17.33 33.82 -8.55
N PHE A 117 -18.00 34.17 -9.65
CA PHE A 117 -19.16 35.05 -9.58
C PHE A 117 -20.12 34.72 -8.47
N HIS A 118 -20.38 33.43 -8.30
CA HIS A 118 -21.31 33.00 -7.26
C HIS A 118 -20.87 33.28 -5.84
N PHE A 119 -19.82 32.62 -5.36
CA PHE A 119 -19.34 32.85 -3.99
C PHE A 119 -19.05 34.33 -3.85
N LEU A 120 -18.20 34.84 -4.73
CA LEU A 120 -17.84 36.22 -4.72
C LEU A 120 -19.07 37.11 -4.50
N LEU A 121 -20.26 36.58 -4.79
CA LEU A 121 -21.52 37.29 -4.58
C LEU A 121 -22.01 36.92 -3.18
N GLY A 122 -22.69 35.77 -3.09
CA GLY A 122 -23.22 35.28 -1.83
C GLY A 122 -22.32 35.57 -0.66
N ALA A 123 -21.04 35.76 -0.94
CA ALA A 123 -20.08 36.07 0.10
C ALA A 123 -20.55 37.34 0.76
N SER A 124 -20.71 38.38 -0.05
CA SER A 124 -21.14 39.70 0.42
C SER A 124 -22.43 39.65 1.22
N CYS A 125 -23.40 38.86 0.75
CA CYS A 125 -24.67 38.72 1.44
C CYS A 125 -24.41 38.14 2.82
N TYR A 126 -23.38 37.30 2.94
CA TYR A 126 -23.03 36.73 4.23
C TYR A 126 -22.56 37.94 5.02
N MET A 127 -21.88 38.87 4.35
CA MET A 127 -21.40 40.10 4.99
C MET A 127 -22.60 40.89 5.50
N GLY A 128 -23.66 40.91 4.71
CA GLY A 128 -24.89 41.59 5.09
C GLY A 128 -25.48 40.81 6.25
N ARG A 129 -25.81 39.54 6.00
CA ARG A 129 -26.36 38.65 7.02
C ARG A 129 -25.37 38.50 8.17
N GLN A 130 -24.23 39.18 8.04
CA GLN A 130 -23.19 39.20 9.05
C GLN A 130 -23.65 40.22 10.08
N TRP A 131 -24.36 41.22 9.59
CA TRP A 131 -24.90 42.29 10.41
C TRP A 131 -26.39 42.09 10.72
N GLU A 132 -27.14 41.49 9.79
CA GLU A 132 -28.57 41.28 10.00
C GLU A 132 -28.85 40.59 11.32
N LEU A 133 -27.90 39.81 11.80
CA LEU A 133 -28.10 39.13 13.08
C LEU A 133 -27.76 40.11 14.20
N SER A 134 -26.92 41.11 13.91
CA SER A 134 -26.56 42.09 14.93
C SER A 134 -27.71 43.09 15.10
N TYR A 135 -28.70 43.00 14.21
CA TYR A 135 -29.85 43.88 14.32
C TYR A 135 -30.95 43.11 15.04
N ARG A 136 -31.25 41.88 14.58
CA ARG A 136 -32.30 41.08 15.22
C ARG A 136 -31.87 40.73 16.63
N LEU A 137 -30.56 40.73 16.87
CA LEU A 137 -30.05 40.39 18.18
C LEU A 137 -29.85 41.62 19.05
N GLY A 138 -29.86 42.79 18.40
CA GLY A 138 -29.72 44.04 19.14
C GLY A 138 -28.35 44.42 19.66
N MET A 139 -27.31 44.04 18.92
CA MET A 139 -25.94 44.33 19.34
C MET A 139 -25.24 45.33 18.42
N ARG A 140 -24.40 46.14 19.01
CA ARG A 140 -23.64 47.11 18.23
C ARG A 140 -23.22 46.35 16.98
N PRO A 141 -23.21 47.02 15.82
CA PRO A 141 -22.80 46.17 14.69
C PRO A 141 -21.60 46.59 13.86
N TRP A 142 -20.60 47.27 14.45
CA TRP A 142 -19.42 47.59 13.64
C TRP A 142 -18.62 46.28 13.48
N ILE A 143 -19.34 45.15 13.47
CA ILE A 143 -18.73 43.84 13.32
C ILE A 143 -18.63 43.49 11.83
N CYS A 144 -19.77 43.47 11.14
CA CYS A 144 -19.81 43.12 9.72
C CYS A 144 -18.67 43.74 8.93
N VAL A 145 -18.26 44.93 9.35
CA VAL A 145 -17.18 45.64 8.68
C VAL A 145 -15.86 44.90 8.78
N ALA A 146 -15.57 44.32 9.94
CA ALA A 146 -14.33 43.59 10.09
C ALA A 146 -14.24 42.66 8.90
N TYR A 147 -15.34 41.95 8.65
CA TYR A 147 -15.47 41.00 7.55
C TYR A 147 -15.15 41.57 6.16
N SER A 148 -15.33 42.87 5.99
CA SER A 148 -15.08 43.55 4.73
C SER A 148 -13.70 43.18 4.21
N ALA A 149 -12.66 43.73 4.85
CA ALA A 149 -11.26 43.48 4.48
C ALA A 149 -11.16 42.13 3.79
N PRO A 150 -11.67 41.09 4.45
CA PRO A 150 -11.63 39.78 3.83
C PRO A 150 -12.30 39.87 2.45
N LEU A 151 -13.62 39.95 2.46
CA LEU A 151 -14.39 40.01 1.22
C LEU A 151 -13.86 40.98 0.17
N ALA A 152 -13.26 42.06 0.62
CA ALA A 152 -12.72 43.05 -0.30
C ALA A 152 -11.66 42.37 -1.13
N SER A 153 -10.68 41.80 -0.45
CA SER A 153 -9.60 41.09 -1.13
C SER A 153 -10.14 40.04 -2.09
N ALA A 154 -10.92 39.09 -1.58
CA ALA A 154 -11.46 38.01 -2.42
C ALA A 154 -12.13 38.60 -3.65
N PHE A 155 -12.67 39.81 -3.49
CA PHE A 155 -13.36 40.54 -4.56
C PHE A 155 -12.29 41.15 -5.46
N ALA A 156 -11.22 41.60 -4.82
CA ALA A 156 -10.10 42.23 -5.49
C ALA A 156 -9.36 41.24 -6.36
N VAL A 157 -9.11 40.07 -5.81
CA VAL A 157 -8.40 39.05 -6.50
C VAL A 157 -9.29 38.27 -7.46
N PHE A 158 -10.56 38.62 -7.54
CA PHE A 158 -11.47 37.91 -8.44
C PHE A 158 -12.29 38.83 -9.32
N LEU A 159 -12.33 40.10 -8.98
CA LEU A 159 -13.18 41.00 -9.74
C LEU A 159 -12.64 42.32 -10.18
N ILE A 160 -11.74 42.88 -9.39
CA ILE A 160 -11.16 44.14 -9.75
C ILE A 160 -10.03 43.83 -10.70
N TYR A 161 -9.00 43.15 -10.18
CA TYR A 161 -7.86 42.84 -11.01
C TYR A 161 -8.28 42.37 -12.40
N PRO A 162 -9.32 41.54 -12.49
CA PRO A 162 -9.78 41.05 -13.80
C PRO A 162 -10.22 42.22 -14.67
N ILE A 163 -11.09 43.05 -14.12
CA ILE A 163 -11.57 44.20 -14.86
C ILE A 163 -10.39 45.11 -15.12
N GLY A 164 -9.38 44.99 -14.28
CA GLY A 164 -8.19 45.79 -14.44
C GLY A 164 -7.39 45.37 -15.66
N GLN A 165 -7.09 44.09 -15.77
CA GLN A 165 -6.31 43.62 -16.89
C GLN A 165 -7.21 43.17 -18.05
N GLY A 166 -8.50 43.29 -17.86
CA GLY A 166 -9.38 42.93 -18.96
C GLY A 166 -9.83 41.51 -19.08
N SER A 167 -9.21 40.57 -18.38
CA SER A 167 -9.67 39.17 -18.46
C SER A 167 -9.70 38.38 -17.18
N PHE A 168 -10.77 37.64 -17.02
CA PHE A 168 -10.87 36.84 -15.84
C PHE A 168 -9.71 35.88 -15.89
N SER A 169 -9.02 35.87 -17.03
CA SER A 169 -7.87 35.01 -17.23
C SER A 169 -6.86 35.08 -16.12
N ASP A 170 -6.55 36.30 -15.70
CA ASP A 170 -5.56 36.57 -14.66
C ASP A 170 -6.10 36.79 -13.25
N GLY A 171 -7.13 36.04 -12.87
CA GLY A 171 -7.70 36.21 -11.54
C GLY A 171 -7.42 35.02 -10.64
N MET A 172 -6.53 35.18 -9.64
CA MET A 172 -6.17 34.10 -8.73
C MET A 172 -6.98 32.82 -8.94
N PRO A 173 -6.40 31.88 -9.69
CA PRO A 173 -7.09 30.62 -9.95
C PRO A 173 -7.45 29.81 -8.70
N LEU A 174 -8.72 29.47 -8.60
CA LEU A 174 -9.24 28.70 -7.47
C LEU A 174 -8.54 27.36 -7.34
N GLY A 175 -7.59 27.30 -6.41
CA GLY A 175 -6.84 26.09 -6.19
C GLY A 175 -5.59 26.46 -5.43
N ILE A 176 -4.95 25.49 -4.79
CA ILE A 176 -3.75 25.79 -4.01
C ILE A 176 -2.57 26.30 -4.80
N SER A 177 -2.05 25.46 -5.68
CA SER A 177 -0.90 25.89 -6.41
C SER A 177 -1.22 27.04 -7.33
N GLY A 178 -2.51 27.23 -7.58
CA GLY A 178 -2.91 28.32 -8.45
C GLY A 178 -2.53 29.66 -7.87
N THR A 179 -2.90 29.88 -6.62
CA THR A 179 -2.59 31.12 -5.92
C THR A 179 -1.10 31.38 -6.11
N PHE A 180 -0.27 30.45 -5.65
CA PHE A 180 1.17 30.61 -5.78
C PHE A 180 1.46 31.19 -7.15
N ASN A 181 0.79 30.67 -8.18
CA ASN A 181 1.01 31.18 -9.54
C ASN A 181 0.62 32.64 -9.66
N PHE A 182 -0.66 32.92 -9.42
CA PHE A 182 -1.20 34.27 -9.49
C PHE A 182 -0.22 35.23 -8.84
N MET A 183 0.39 34.75 -7.77
CA MET A 183 1.34 35.52 -7.04
C MET A 183 2.64 35.78 -7.83
N ILE A 184 3.56 34.82 -7.82
CA ILE A 184 4.86 34.95 -8.49
C ILE A 184 4.80 35.77 -9.76
N VAL A 185 3.72 35.61 -10.50
CA VAL A 185 3.53 36.36 -11.73
C VAL A 185 3.47 37.82 -11.36
N PHE A 186 2.46 38.12 -10.55
CA PHE A 186 2.23 39.47 -10.09
C PHE A 186 3.53 40.18 -9.74
N GLN A 187 4.21 39.70 -8.70
CA GLN A 187 5.46 40.33 -8.29
C GLN A 187 6.12 40.87 -9.54
N ALA A 188 6.31 39.97 -10.49
CA ALA A 188 6.95 40.27 -11.77
C ALA A 188 6.36 41.46 -12.53
N GLU A 189 5.05 41.49 -12.66
CA GLU A 189 4.41 42.57 -13.39
C GLU A 189 4.05 43.80 -12.55
N HIS A 190 4.13 43.67 -11.22
CA HIS A 190 3.79 44.79 -10.35
C HIS A 190 4.76 45.11 -9.24
N ASN A 191 5.76 44.25 -9.04
CA ASN A 191 6.75 44.47 -8.00
C ASN A 191 5.99 44.70 -6.70
N ILE A 192 4.83 44.07 -6.60
CA ILE A 192 3.94 44.19 -5.44
C ILE A 192 4.71 44.27 -4.13
N LEU A 193 5.69 43.39 -3.96
CA LEU A 193 6.50 43.34 -2.75
C LEU A 193 7.10 44.67 -2.33
N MET A 194 7.33 45.53 -3.32
CA MET A 194 7.91 46.86 -3.11
C MET A 194 6.81 47.88 -3.07
N HIS A 195 5.58 47.42 -2.87
CA HIS A 195 4.45 48.35 -2.85
C HIS A 195 4.03 48.73 -1.44
N PRO A 196 4.07 50.03 -1.14
CA PRO A 196 3.73 50.67 0.12
C PRO A 196 2.46 50.15 0.75
N PHE A 197 1.51 49.75 -0.09
CA PHE A 197 0.24 49.21 0.38
C PHE A 197 0.42 47.81 0.98
N HIS A 198 0.81 46.87 0.13
CA HIS A 198 1.02 45.49 0.57
C HIS A 198 1.78 45.54 1.88
N GLN A 199 2.70 46.48 2.00
CA GLN A 199 3.47 46.60 3.23
C GLN A 199 2.49 46.71 4.38
N LEU A 200 1.75 47.82 4.39
CA LEU A 200 0.78 48.07 5.44
C LEU A 200 -0.13 46.90 5.58
N GLY A 201 -0.08 46.02 4.59
CA GLY A 201 -0.88 44.82 4.63
C GLY A 201 -0.12 43.80 5.45
N VAL A 202 1.01 43.36 4.93
CA VAL A 202 1.82 42.39 5.66
C VAL A 202 2.02 42.95 7.05
N ALA A 203 1.83 44.27 7.17
CA ALA A 203 1.98 44.95 8.45
C ALA A 203 1.04 44.38 9.49
N GLY A 204 -0.23 44.72 9.33
CA GLY A 204 -1.26 44.25 10.24
C GLY A 204 -1.29 42.74 10.34
N VAL A 205 -1.46 42.04 9.22
CA VAL A 205 -1.53 40.58 9.25
C VAL A 205 -0.51 40.03 10.22
N PHE A 206 0.75 40.46 10.06
CA PHE A 206 1.83 40.03 10.93
C PHE A 206 1.50 40.49 12.34
N GLY A 207 1.06 41.73 12.42
CA GLY A 207 0.68 42.27 13.72
C GLY A 207 -0.41 41.41 14.34
N GLY A 208 -1.62 41.48 13.76
CA GLY A 208 -2.74 40.71 14.26
C GLY A 208 -2.33 39.32 14.68
N ALA A 209 -1.51 38.69 13.86
CA ALA A 209 -1.04 37.35 14.15
C ALA A 209 -0.12 37.36 15.37
N LEU A 210 0.40 38.55 15.70
CA LEU A 210 1.26 38.70 16.85
C LEU A 210 0.44 39.15 18.05
N PHE A 211 -0.58 39.94 17.76
CA PHE A 211 -1.47 40.44 18.78
C PHE A 211 -2.40 39.32 19.16
N CYS A 212 -2.82 38.55 18.17
CA CYS A 212 -3.71 37.44 18.41
C CYS A 212 -3.03 36.51 19.41
N ALA A 213 -1.72 36.46 19.38
CA ALA A 213 -1.00 35.63 20.32
C ALA A 213 -0.69 36.43 21.56
N MET A 214 -0.61 37.75 21.44
CA MET A 214 -0.35 38.59 22.60
C MET A 214 -1.60 38.54 23.50
N HIS A 215 -2.71 39.10 23.02
CA HIS A 215 -3.88 39.22 23.88
C HIS A 215 -4.31 37.85 24.38
N GLY A 216 -4.22 36.83 23.52
CA GLY A 216 -4.45 35.46 23.96
C GLY A 216 -3.44 35.02 25.01
N SER A 217 -2.23 35.55 24.92
CA SER A 217 -1.18 35.18 25.88
C SER A 217 -1.49 35.69 27.28
N LEU A 218 -1.64 37.02 27.38
CA LEU A 218 -1.91 37.67 28.64
C LEU A 218 -3.11 37.10 29.38
N VAL A 219 -4.25 37.06 28.71
CA VAL A 219 -5.43 36.55 29.36
C VAL A 219 -5.11 35.25 30.05
N THR A 220 -4.65 34.27 29.28
CA THR A 220 -4.36 33.02 29.90
C THR A 220 -3.25 33.14 30.93
N SER A 221 -2.47 34.21 30.86
CA SER A 221 -1.38 34.39 31.82
C SER A 221 -1.82 34.97 33.18
N SER A 222 -2.96 35.65 33.20
CA SER A 222 -3.53 36.22 34.42
C SER A 222 -4.90 35.61 34.61
N LEU A 223 -5.03 34.39 34.09
CA LEU A 223 -6.28 33.65 34.10
C LEU A 223 -7.13 33.71 35.38
N ILE A 224 -6.55 33.36 36.53
CA ILE A 224 -7.28 33.37 37.81
C ILE A 224 -7.36 31.98 38.42
N ARG A 225 -7.92 31.88 39.63
CA ARG A 225 -8.04 30.63 40.35
C ARG A 225 -9.35 29.88 40.12
N GLU A 226 -9.23 28.55 40.04
CA GLU A 226 -10.35 27.61 39.90
C GLU A 226 -9.93 26.25 39.32
N THR A 227 -9.17 25.46 40.10
CA THR A 227 -8.69 24.16 39.67
C THR A 227 -7.64 23.52 40.60
N THR A 228 -7.30 22.27 40.27
CA THR A 228 -6.28 21.51 40.97
C THR A 228 -5.17 21.47 39.92
N GLU A 229 -4.31 20.46 39.98
CA GLU A 229 -3.26 20.33 38.99
C GLU A 229 -3.70 19.16 38.11
N THR A 230 -4.55 18.31 38.68
CA THR A 230 -5.09 17.15 37.97
C THR A 230 -6.18 17.64 37.05
N GLU A 231 -6.95 18.61 37.55
CA GLU A 231 -8.03 19.19 36.77
C GLU A 231 -7.45 20.04 35.66
N SER A 232 -8.26 20.32 34.64
CA SER A 232 -7.84 21.14 33.51
C SER A 232 -8.17 22.59 33.88
N ALA A 233 -7.13 23.40 34.05
CA ALA A 233 -7.31 24.79 34.44
C ALA A 233 -8.37 25.51 33.60
N ASN A 234 -8.50 25.07 32.35
CA ASN A 234 -9.46 25.64 31.40
C ASN A 234 -10.92 25.50 31.86
N TYR A 235 -11.20 24.48 32.67
CA TYR A 235 -12.55 24.19 33.20
C TYR A 235 -13.12 25.29 34.10
N GLY A 236 -12.23 26.04 34.72
CA GLY A 236 -12.62 27.13 35.62
C GLY A 236 -13.36 28.27 34.96
N TYR A 237 -14.61 28.02 34.59
CA TYR A 237 -15.45 29.02 33.96
C TYR A 237 -16.75 28.36 33.47
N LYS A 238 -17.82 29.13 33.45
CA LYS A 238 -19.10 28.62 33.00
C LYS A 238 -19.67 29.57 31.96
N PHE A 239 -20.26 29.03 30.90
CA PHE A 239 -20.84 29.89 29.89
C PHE A 239 -21.86 30.79 30.59
N GLY A 240 -21.82 32.07 30.27
CA GLY A 240 -22.74 33.01 30.86
C GLY A 240 -22.24 33.47 32.20
N GLN A 241 -20.93 33.57 32.36
CA GLN A 241 -20.36 34.04 33.60
C GLN A 241 -20.81 35.50 33.69
N GLU A 242 -20.84 36.07 34.88
CA GLU A 242 -21.25 37.46 35.01
C GLU A 242 -19.99 38.32 35.06
N GLU A 243 -18.93 37.80 35.70
CA GLU A 243 -17.65 38.52 35.80
C GLU A 243 -16.61 37.74 34.99
N GLU A 244 -15.78 38.47 34.25
CA GLU A 244 -14.73 37.86 33.42
C GLU A 244 -13.83 36.96 34.26
N THR A 245 -13.21 35.97 33.62
CA THR A 245 -12.34 35.03 34.31
C THR A 245 -10.95 35.62 34.63
N TYR A 246 -10.42 36.50 33.79
CA TYR A 246 -9.10 37.09 34.03
C TYR A 246 -9.01 38.24 35.04
N ASN A 247 -7.80 38.48 35.56
CA ASN A 247 -7.52 39.53 36.54
C ASN A 247 -6.78 40.69 35.85
N ILE A 248 -7.49 41.38 34.96
CA ILE A 248 -6.97 42.49 34.16
C ILE A 248 -5.94 43.38 34.84
N VAL A 249 -6.18 43.73 36.09
CA VAL A 249 -5.26 44.59 36.83
C VAL A 249 -3.88 43.97 36.98
N ALA A 250 -3.86 42.68 37.33
CA ALA A 250 -2.61 41.97 37.50
C ALA A 250 -1.96 41.64 36.17
N ALA A 251 -2.65 41.97 35.09
CA ALA A 251 -2.15 41.73 33.74
C ALA A 251 -1.44 42.97 33.24
N HIS A 252 -2.17 44.07 33.21
CA HIS A 252 -1.61 45.33 32.77
C HIS A 252 -0.47 45.60 33.74
N GLY A 253 -0.73 45.31 35.01
CA GLY A 253 0.26 45.50 36.05
C GLY A 253 1.56 44.80 35.70
N TYR A 254 1.51 43.82 34.79
CA TYR A 254 2.71 43.08 34.36
C TYR A 254 3.19 43.59 33.02
N PHE A 255 2.35 43.41 32.02
CA PHE A 255 2.70 43.80 30.68
C PHE A 255 3.12 45.25 30.64
N GLY A 256 2.30 46.13 31.21
CA GLY A 256 2.66 47.53 31.23
C GLY A 256 4.11 47.64 31.64
N ARG A 257 4.44 47.05 32.79
CA ARG A 257 5.80 47.08 33.32
C ARG A 257 6.81 46.59 32.32
N LEU A 258 6.63 45.38 31.79
CA LEU A 258 7.53 44.83 30.79
C LEU A 258 7.65 45.88 29.69
N ILE A 259 8.67 46.72 29.81
CA ILE A 259 8.97 47.84 28.90
C ILE A 259 7.93 48.95 28.67
N PHE A 260 8.08 50.01 29.48
CA PHE A 260 7.30 51.25 29.42
C PHE A 260 6.10 51.54 30.32
N GLN A 261 5.37 50.51 30.76
CA GLN A 261 4.21 50.69 31.64
C GLN A 261 3.03 51.45 31.02
N TYR A 262 3.32 52.44 30.19
CA TYR A 262 2.26 53.24 29.57
C TYR A 262 1.92 52.84 28.14
N ALA A 263 2.74 51.96 27.56
CA ALA A 263 2.47 51.47 26.20
C ALA A 263 1.53 50.26 26.36
N SER A 264 0.80 50.24 27.47
CA SER A 264 -0.11 49.14 27.78
C SER A 264 -1.59 49.52 27.91
N PHE A 265 -2.44 48.50 27.85
CA PHE A 265 -3.87 48.70 27.93
C PHE A 265 -4.57 48.23 29.19
N ASN A 266 -5.30 49.14 29.82
CA ASN A 266 -6.09 48.88 31.02
C ASN A 266 -7.54 48.91 30.55
N ASN A 267 -7.75 49.62 29.46
CA ASN A 267 -9.04 49.84 28.82
C ASN A 267 -9.49 48.66 27.95
N SER A 268 -9.78 47.52 28.56
CA SER A 268 -10.21 46.32 27.81
C SER A 268 -11.01 46.60 26.55
N ARG A 269 -11.86 47.62 26.60
CA ARG A 269 -12.68 47.97 25.46
C ARG A 269 -11.80 48.48 24.33
N SER A 270 -10.78 49.24 24.70
CA SER A 270 -9.86 49.79 23.74
C SER A 270 -8.99 48.69 23.16
N LEU A 271 -8.41 47.89 24.05
CA LEU A 271 -7.56 46.81 23.61
C LEU A 271 -8.31 45.91 22.63
N HIS A 272 -9.41 45.31 23.06
CA HIS A 272 -10.05 44.35 22.20
C HIS A 272 -10.28 45.08 20.90
N PHE A 273 -10.47 46.39 20.98
CA PHE A 273 -10.71 47.20 19.78
C PHE A 273 -9.46 47.26 18.90
N PHE A 274 -8.32 47.53 19.52
CA PHE A 274 -7.05 47.62 18.81
C PHE A 274 -6.88 46.37 17.98
N LEU A 275 -7.28 45.23 18.55
CA LEU A 275 -7.19 43.93 17.88
C LEU A 275 -8.04 43.92 16.64
N ALA A 276 -9.22 44.50 16.76
CA ALA A 276 -10.12 44.55 15.63
C ALA A 276 -9.42 45.32 14.53
N ALA A 277 -9.43 46.64 14.67
CA ALA A 277 -8.87 47.54 13.67
C ALA A 277 -7.49 47.29 13.11
N TRP A 278 -6.52 46.85 13.90
CA TRP A 278 -5.24 46.67 13.27
C TRP A 278 -5.31 45.73 12.07
N ARG A 279 -5.52 44.45 12.31
CA ARG A 279 -5.63 43.50 11.19
C ARG A 279 -6.56 44.01 10.08
N VAL A 280 -7.77 44.40 10.48
CA VAL A 280 -8.82 44.86 9.59
C VAL A 280 -8.50 46.11 8.77
N VAL A 281 -7.61 46.95 9.28
CA VAL A 281 -7.25 48.15 8.53
C VAL A 281 -6.12 47.87 7.55
N GLY A 282 -5.05 47.22 8.03
CA GLY A 282 -3.94 46.91 7.15
C GLY A 282 -4.46 46.10 5.97
N VAL A 283 -5.17 45.01 6.29
CA VAL A 283 -5.75 44.11 5.30
C VAL A 283 -6.46 44.92 4.23
N TRP A 284 -7.13 46.00 4.64
CA TRP A 284 -7.83 46.84 3.68
C TRP A 284 -6.83 47.42 2.69
N PHE A 285 -5.85 48.16 3.20
CA PHE A 285 -4.85 48.76 2.35
C PHE A 285 -4.42 47.70 1.37
N ALA A 286 -4.09 46.55 1.90
CA ALA A 286 -3.66 45.44 1.08
C ALA A 286 -4.69 45.16 0.01
N ALA A 287 -5.92 44.90 0.44
CA ALA A 287 -6.99 44.62 -0.50
C ALA A 287 -6.99 45.72 -1.57
N LEU A 288 -6.62 46.92 -1.15
CA LEU A 288 -6.56 48.05 -2.07
C LEU A 288 -5.29 47.96 -2.88
N GLY A 289 -4.23 47.44 -2.28
CA GLY A 289 -2.97 47.30 -2.98
C GLY A 289 -3.16 46.60 -4.31
N ILE A 290 -3.78 45.43 -4.25
CA ILE A 290 -4.04 44.65 -5.44
C ILE A 290 -4.91 45.52 -6.34
N SER A 291 -5.99 46.01 -5.76
CA SER A 291 -6.95 46.85 -6.46
C SER A 291 -6.32 48.12 -7.03
N THR A 292 -5.18 48.51 -6.45
CA THR A 292 -4.40 49.69 -6.86
C THR A 292 -3.60 49.36 -8.10
N MET A 293 -2.80 48.31 -8.00
CA MET A 293 -2.00 47.85 -9.11
C MET A 293 -2.93 47.24 -10.16
N ALA A 294 -4.20 47.08 -9.78
CA ALA A 294 -5.21 46.53 -10.68
C ALA A 294 -5.23 47.34 -11.98
N PHE A 295 -4.92 48.63 -11.85
CA PHE A 295 -4.89 49.49 -13.00
C PHE A 295 -3.48 50.01 -13.19
N ASN A 296 -2.53 49.17 -12.81
CA ASN A 296 -1.10 49.43 -12.99
C ASN A 296 -0.38 50.59 -12.28
N LEU A 297 -0.56 50.69 -10.97
CA LEU A 297 0.14 51.69 -10.18
C LEU A 297 0.96 50.80 -9.27
N ASN A 298 1.79 49.99 -9.91
CA ASN A 298 2.64 49.02 -9.27
C ASN A 298 3.49 49.56 -8.14
N GLY A 299 4.18 48.65 -7.47
CA GLY A 299 5.02 49.04 -6.36
C GLY A 299 6.10 49.97 -6.81
N PHE A 300 6.98 50.36 -5.90
CA PHE A 300 8.06 51.27 -6.25
C PHE A 300 8.99 50.63 -7.26
N ASN A 301 9.99 51.39 -7.70
CA ASN A 301 10.95 50.88 -8.66
C ASN A 301 12.20 51.73 -8.59
N PHE A 302 13.32 51.15 -8.18
CA PHE A 302 14.53 51.95 -8.09
C PHE A 302 15.66 51.41 -8.94
N ASN A 303 15.33 50.67 -9.99
CA ASN A 303 16.36 50.12 -10.85
C ASN A 303 17.27 51.26 -11.31
N HIS A 304 18.58 51.03 -11.38
CA HIS A 304 19.55 52.05 -11.84
C HIS A 304 19.39 53.41 -11.18
N SER A 305 18.67 53.47 -10.08
CA SER A 305 18.44 54.74 -9.41
C SER A 305 19.62 55.22 -8.58
N VAL A 306 20.62 54.37 -8.42
CA VAL A 306 21.80 54.77 -7.65
C VAL A 306 23.01 54.66 -8.56
N ILE A 307 23.66 55.78 -8.85
CA ILE A 307 24.82 55.78 -9.74
C ILE A 307 26.00 56.59 -9.25
N ASP A 308 27.20 56.32 -9.77
CA ASP A 308 28.37 57.09 -9.34
C ASP A 308 28.72 58.18 -10.35
N ALA A 309 29.90 58.79 -10.18
CA ALA A 309 30.33 59.86 -11.05
C ALA A 309 30.20 59.49 -12.53
N LYS A 310 31.21 58.78 -13.05
CA LYS A 310 31.24 58.35 -14.47
C LYS A 310 29.87 57.85 -14.95
N GLY A 311 29.01 57.48 -14.01
CA GLY A 311 27.72 56.97 -14.40
C GLY A 311 27.75 55.47 -14.26
N ASN A 312 28.92 54.90 -13.99
CA ASN A 312 28.99 53.45 -13.80
C ASN A 312 27.88 53.22 -12.79
N VAL A 313 27.01 52.26 -13.06
CA VAL A 313 25.87 52.01 -12.17
C VAL A 313 26.12 51.10 -10.97
N ILE A 314 25.68 51.55 -9.80
CA ILE A 314 25.81 50.80 -8.55
C ILE A 314 24.48 50.15 -8.22
N ASN A 315 24.45 48.82 -8.28
CA ASN A 315 23.22 48.10 -8.01
C ASN A 315 22.66 48.36 -6.61
N THR A 316 21.38 48.68 -6.56
CA THR A 316 20.65 48.95 -5.31
C THR A 316 20.23 47.56 -4.85
N TRP A 317 20.02 47.34 -3.56
CA TRP A 317 19.60 46.00 -3.13
C TRP A 317 18.23 45.68 -3.70
N ALA A 318 17.70 46.60 -4.51
CA ALA A 318 16.40 46.43 -5.12
C ALA A 318 16.61 46.00 -6.53
N ASP A 319 17.84 46.16 -6.99
CA ASP A 319 18.14 45.76 -8.34
C ASP A 319 18.14 44.25 -8.38
N ILE A 320 18.47 43.63 -7.24
CA ILE A 320 18.42 42.18 -7.19
C ILE A 320 16.95 41.87 -7.24
N ILE A 321 16.18 42.45 -6.34
CA ILE A 321 14.74 42.24 -6.35
C ILE A 321 14.33 42.14 -7.80
N ASN A 322 14.69 43.18 -8.55
CA ASN A 322 14.33 43.29 -9.96
C ASN A 322 14.97 42.28 -10.86
N ARG A 323 16.16 41.84 -10.47
CA ARG A 323 16.82 40.83 -11.27
C ARG A 323 15.91 39.61 -11.17
N ALA A 324 15.79 39.08 -9.96
CA ALA A 324 14.92 37.93 -9.75
C ALA A 324 13.56 38.22 -10.37
N ASN A 325 13.25 39.48 -10.60
CA ASN A 325 11.97 39.81 -11.19
C ASN A 325 11.92 39.48 -12.66
N LEU A 326 12.99 39.77 -13.37
CA LEU A 326 13.01 39.46 -14.79
C LEU A 326 12.89 37.97 -14.99
N GLY A 327 13.64 37.23 -14.20
CA GLY A 327 13.62 35.78 -14.30
C GLY A 327 12.18 35.35 -14.33
N MET A 328 11.34 36.08 -13.60
CA MET A 328 9.94 35.79 -13.55
C MET A 328 9.23 36.30 -14.80
N GLU A 329 9.44 37.57 -15.12
CA GLU A 329 8.80 38.21 -16.27
C GLU A 329 8.94 37.37 -17.49
N VAL A 330 10.19 37.10 -17.85
CA VAL A 330 10.51 36.29 -19.02
C VAL A 330 9.66 35.02 -19.23
N MET A 331 9.76 34.06 -18.30
CA MET A 331 9.03 32.80 -18.40
C MET A 331 7.50 32.85 -18.41
N HIS A 332 6.90 33.39 -17.35
CA HIS A 332 5.46 33.38 -17.27
C HIS A 332 4.78 33.43 -18.62
N GLU A 333 3.80 32.54 -18.78
CA GLU A 333 3.04 32.45 -20.01
C GLU A 333 3.94 32.52 -21.23
N ARG A 334 4.80 31.52 -21.45
CA ARG A 334 5.69 31.54 -22.61
C ARG A 334 4.95 31.93 -23.88
N ASN A 335 4.24 30.96 -24.46
CA ASN A 335 3.87 30.97 -25.87
C ASN A 335 2.98 32.09 -26.46
N ALA A 336 1.96 32.51 -25.71
CA ALA A 336 1.06 33.57 -26.16
C ALA A 336 1.82 34.86 -26.45
N HIS A 337 2.35 35.48 -25.41
CA HIS A 337 3.10 36.72 -25.56
C HIS A 337 3.75 36.81 -26.92
N ASN A 338 3.03 37.40 -27.89
CA ASN A 338 3.55 37.54 -29.24
C ASN A 338 3.96 38.99 -29.55
N PHE A 339 4.77 39.56 -28.67
CA PHE A 339 5.23 40.94 -28.84
C PHE A 339 6.20 41.33 -27.73
N PRO A 340 7.00 42.36 -27.99
CA PRO A 340 7.96 42.86 -27.01
C PRO A 340 7.50 43.26 -25.61
N LEU A 341 6.37 43.97 -25.53
CA LEU A 341 5.89 44.47 -24.24
C LEU A 341 4.67 43.80 -23.60
N ASP A 342 4.88 43.23 -22.41
CA ASP A 342 3.84 42.56 -21.64
C ASP A 342 2.83 43.62 -21.24
N LEU A 343 2.14 44.21 -22.20
CA LEU A 343 1.20 45.26 -21.87
C LEU A 343 -0.10 44.75 -21.25
N ALA A 344 -0.07 43.50 -20.80
CA ALA A 344 -1.24 42.91 -20.15
C ALA A 344 -0.90 41.54 -19.61
N GLY B 1 -12.22 14.02 35.16
CA GLY B 1 -11.78 14.68 33.87
C GLY B 1 -10.33 15.18 33.80
N LEU B 2 -9.39 14.26 33.62
CA LEU B 2 -7.96 14.59 33.53
C LEU B 2 -7.50 14.50 32.08
N PRO B 3 -7.17 15.64 31.45
CA PRO B 3 -6.72 15.64 30.05
C PRO B 3 -5.41 14.90 29.85
N TRP B 4 -5.27 14.33 28.66
CA TRP B 4 -4.14 13.49 28.24
C TRP B 4 -2.69 13.91 28.44
N TYR B 5 -2.34 15.15 28.13
CA TYR B 5 -0.96 15.51 28.37
C TYR B 5 -0.77 15.38 29.87
N ARG B 6 -1.77 15.80 30.64
CA ARG B 6 -1.69 15.69 32.09
C ARG B 6 -1.67 14.22 32.58
N VAL B 7 -2.08 13.26 31.74
CA VAL B 7 -2.12 11.83 32.12
C VAL B 7 -0.79 11.19 32.36
N HIS B 8 0.25 11.64 31.68
CA HIS B 8 1.54 11.07 31.91
C HIS B 8 2.16 11.63 33.17
N THR B 9 1.57 12.73 33.66
CA THR B 9 2.05 13.35 34.87
C THR B 9 1.79 12.34 35.99
N VAL B 10 0.73 11.55 35.88
CA VAL B 10 0.37 10.59 36.94
C VAL B 10 1.40 10.53 38.01
N LEU B 11 2.50 9.85 37.72
CA LEU B 11 3.59 9.72 38.68
C LEU B 11 4.16 10.99 39.34
N ILE B 12 5.10 11.65 38.65
CA ILE B 12 5.84 12.80 39.23
C ILE B 12 6.31 12.33 40.63
N ASN B 13 5.39 12.13 41.58
CA ASN B 13 5.80 11.55 42.86
C ASN B 13 5.68 10.04 42.56
N ASP B 14 5.96 9.17 43.51
CA ASP B 14 5.84 7.74 43.25
C ASP B 14 6.88 7.24 42.22
N PRO B 15 8.16 7.61 42.44
CA PRO B 15 9.25 7.23 41.56
C PRO B 15 9.21 5.74 41.17
N GLY B 16 8.50 4.96 41.97
CA GLY B 16 8.40 3.55 41.69
C GLY B 16 7.90 3.28 40.29
N ARG B 17 6.65 3.67 40.02
CA ARG B 17 6.04 3.44 38.72
C ARG B 17 6.83 4.13 37.64
N LEU B 18 7.49 5.23 38.00
CA LEU B 18 8.29 6.00 37.05
C LEU B 18 9.50 5.18 36.57
N ILE B 19 10.21 4.54 37.51
CA ILE B 19 11.36 3.73 37.13
C ILE B 19 10.93 2.79 36.02
N ALA B 20 9.79 2.14 36.22
CA ALA B 20 9.27 1.20 35.25
C ALA B 20 8.98 1.92 33.95
N ALA B 21 8.80 3.24 34.02
CA ALA B 21 8.52 4.04 32.84
C ALA B 21 9.80 4.13 32.06
N HIS B 22 10.76 4.85 32.62
CA HIS B 22 12.05 5.01 31.96
C HIS B 22 12.51 3.60 31.67
N LEU B 23 12.18 2.66 32.56
CA LEU B 23 12.55 1.26 32.40
C LEU B 23 11.98 0.75 31.09
N MET B 24 11.14 1.57 30.47
CA MET B 24 10.50 1.17 29.24
C MET B 24 10.88 1.94 28.02
N HIS B 25 10.76 3.25 28.12
CA HIS B 25 11.16 4.06 27.00
C HIS B 25 12.56 3.56 26.74
N THR B 26 13.11 2.87 27.72
CA THR B 26 14.44 2.33 27.58
C THR B 26 14.41 0.94 26.94
N ALA B 27 13.38 0.16 27.24
CA ALA B 27 13.28 -1.18 26.67
C ALA B 27 12.63 -1.10 25.30
N LEU B 28 12.13 0.09 24.99
CA LEU B 28 11.45 0.35 23.75
C LEU B 28 12.43 0.89 22.72
N VAL B 29 13.41 1.62 23.21
CA VAL B 29 14.44 2.16 22.33
C VAL B 29 15.34 1.01 21.98
N ALA B 30 16.05 0.51 22.99
CA ALA B 30 16.96 -0.61 22.80
C ALA B 30 16.43 -1.51 21.70
N GLY B 31 15.16 -1.87 21.83
CA GLY B 31 14.53 -2.70 20.84
C GLY B 31 14.69 -2.08 19.46
N TRP B 32 14.11 -0.91 19.25
CA TRP B 32 14.23 -0.25 17.96
C TRP B 32 15.63 -0.35 17.37
N ALA B 33 16.65 -0.32 18.22
CA ALA B 33 18.00 -0.44 17.71
C ALA B 33 18.12 -1.78 17.02
N GLY B 34 18.15 -2.84 17.81
CA GLY B 34 18.25 -4.18 17.26
C GLY B 34 17.31 -4.31 16.08
N SER B 35 16.15 -3.65 16.21
CA SER B 35 15.13 -3.67 15.19
C SER B 35 15.62 -3.24 13.83
N MET B 36 15.51 -1.95 13.51
CA MET B 36 15.99 -1.49 12.23
C MET B 36 17.40 -2.02 11.98
N ALA B 37 18.18 -2.19 13.04
CA ALA B 37 19.52 -2.74 12.87
C ALA B 37 19.36 -4.00 12.02
N LEU B 38 18.50 -4.91 12.46
CA LEU B 38 18.24 -6.13 11.70
C LEU B 38 17.84 -5.70 10.32
N TYR B 39 16.86 -4.80 10.27
CA TYR B 39 16.36 -4.31 9.01
C TYR B 39 17.47 -3.91 8.06
N GLU B 40 18.18 -2.84 8.39
CA GLU B 40 19.25 -2.38 7.52
C GLU B 40 20.10 -3.56 7.16
N LEU B 41 20.31 -4.43 8.13
CA LEU B 41 21.11 -5.64 7.97
C LEU B 41 20.44 -6.59 6.97
N ALA B 42 19.12 -6.50 6.90
CA ALA B 42 18.34 -7.32 5.99
C ALA B 42 18.42 -6.73 4.61
N THR B 43 19.16 -5.65 4.46
CA THR B 43 19.25 -5.04 3.14
C THR B 43 20.61 -4.55 2.68
N PHE B 44 21.51 -4.28 3.61
CA PHE B 44 22.82 -3.80 3.19
C PHE B 44 23.41 -4.78 2.22
N ASP B 45 24.03 -4.25 1.17
CA ASP B 45 24.68 -5.08 0.18
C ASP B 45 26.15 -4.80 0.39
N PRO B 46 26.96 -5.85 0.41
CA PRO B 46 28.39 -5.67 0.61
C PRO B 46 29.13 -5.69 -0.71
N SER B 47 28.55 -6.41 -1.66
CA SER B 47 29.11 -6.60 -2.99
C SER B 47 30.19 -5.60 -3.41
N ASP B 48 30.01 -4.31 -3.13
CA ASP B 48 31.06 -3.34 -3.47
C ASP B 48 31.17 -2.10 -2.56
N PRO B 49 32.25 -2.06 -1.77
CA PRO B 49 32.56 -0.98 -0.84
C PRO B 49 33.12 0.14 -1.66
N VAL B 50 33.13 -0.07 -2.97
CA VAL B 50 33.66 0.91 -3.91
C VAL B 50 32.61 1.91 -4.36
N LEU B 51 31.57 1.43 -5.03
CA LEU B 51 30.53 2.34 -5.49
C LEU B 51 29.20 2.11 -4.80
N ASN B 52 29.18 1.19 -3.85
CA ASN B 52 27.96 0.92 -3.12
C ASN B 52 28.26 0.76 -1.64
N PRO B 53 28.87 1.79 -1.04
CA PRO B 53 29.19 1.73 0.37
C PRO B 53 27.87 2.03 1.03
N MET B 54 27.71 1.60 2.27
CA MET B 54 26.46 1.83 2.96
C MET B 54 25.78 3.14 2.62
N TRP B 55 26.33 4.28 3.04
CA TRP B 55 25.69 5.59 2.81
C TRP B 55 24.86 5.82 1.53
N ARG B 56 25.17 5.13 0.44
CA ARG B 56 24.34 5.32 -0.73
C ARG B 56 23.07 4.52 -0.52
N GLN B 57 23.23 3.25 -0.13
CA GLN B 57 22.09 2.36 0.09
C GLN B 57 21.08 2.85 1.10
N GLY B 58 21.25 4.08 1.56
CA GLY B 58 20.30 4.58 2.53
C GLY B 58 20.44 3.89 3.87
N MET B 59 21.68 3.73 4.31
CA MET B 59 21.96 3.11 5.59
C MET B 59 22.02 4.23 6.62
N PHE B 60 21.32 4.06 7.74
CA PHE B 60 21.34 5.08 8.79
C PHE B 60 21.90 4.60 10.09
N VAL B 61 21.56 3.38 10.46
CA VAL B 61 21.98 2.84 11.74
C VAL B 61 23.22 1.96 11.69
N LEU B 62 23.41 1.30 10.59
CA LEU B 62 24.56 0.45 10.48
C LEU B 62 25.82 1.28 10.39
N PRO B 63 25.73 2.55 9.94
CA PRO B 63 26.96 3.35 9.86
C PRO B 63 27.75 3.43 11.15
N PHE B 64 27.04 3.43 12.28
CA PHE B 64 27.67 3.44 13.60
C PHE B 64 28.40 2.15 14.00
N MET B 65 27.79 1.01 13.76
CA MET B 65 28.41 -0.26 14.12
C MET B 65 29.85 -0.26 13.67
N ALA B 66 30.16 0.62 12.73
CA ALA B 66 31.52 0.73 12.24
C ALA B 66 32.35 1.64 13.14
N ARG B 67 31.82 2.82 13.46
CA ARG B 67 32.55 3.76 14.31
C ARG B 67 33.16 3.02 15.46
N LEU B 68 32.28 2.42 16.24
CA LEU B 68 32.68 1.67 17.42
C LEU B 68 33.59 0.51 17.17
N GLY B 69 33.45 -0.09 16.00
CA GLY B 69 34.30 -1.22 15.64
C GLY B 69 33.75 -2.44 14.94
N VAL B 70 32.43 -2.68 14.96
CA VAL B 70 31.90 -3.88 14.30
C VAL B 70 32.03 -3.70 12.79
N THR B 71 33.03 -4.34 12.23
CA THR B 71 33.27 -4.22 10.80
C THR B 71 32.56 -5.28 9.98
N GLY B 72 32.30 -6.45 10.58
CA GLY B 72 31.67 -7.52 9.81
C GLY B 72 30.43 -8.27 10.28
N SER B 73 29.93 -9.13 9.38
CA SER B 73 28.77 -9.98 9.63
C SER B 73 29.22 -11.42 9.64
N TRP B 74 28.52 -12.23 10.43
CA TRP B 74 28.84 -13.65 10.58
C TRP B 74 28.91 -14.34 9.22
N SER B 75 28.69 -13.60 8.13
CA SER B 75 28.73 -14.18 6.80
C SER B 75 30.01 -13.98 6.01
N GLY B 76 31.16 -13.95 6.69
CA GLY B 76 32.45 -13.81 6.04
C GLY B 76 32.85 -12.54 5.28
N TRP B 77 32.04 -11.48 5.42
CA TRP B 77 32.30 -10.21 4.77
C TRP B 77 32.42 -9.09 5.78
N SER B 78 32.98 -7.98 5.32
CA SER B 78 33.19 -6.82 6.16
C SER B 78 32.78 -5.57 5.39
N ILE B 79 33.00 -4.41 5.98
CA ILE B 79 32.67 -3.15 5.34
C ILE B 79 33.91 -2.58 4.69
N THR B 80 35.07 -3.11 5.05
CA THR B 80 36.31 -2.65 4.43
C THR B 80 36.42 -3.45 3.15
N GLY B 81 35.99 -4.71 3.22
CA GLY B 81 36.05 -5.61 2.08
C GLY B 81 37.08 -6.68 2.36
N GLU B 82 37.04 -7.20 3.57
CA GLU B 82 37.98 -8.22 4.01
C GLU B 82 37.54 -9.62 3.61
N THR B 83 38.41 -10.59 3.89
CA THR B 83 38.19 -11.98 3.56
C THR B 83 38.77 -12.91 4.63
N GLY B 84 38.14 -14.08 4.80
CA GLY B 84 38.60 -15.09 5.76
C GLY B 84 38.48 -14.79 7.24
N ILE B 85 38.52 -13.50 7.59
CA ILE B 85 38.43 -13.08 8.98
C ILE B 85 37.03 -12.65 9.41
N ASP B 86 36.40 -13.50 10.20
CA ASP B 86 35.06 -13.23 10.68
C ASP B 86 35.01 -12.99 12.19
N PRO B 87 34.49 -11.81 12.61
CA PRO B 87 34.36 -11.39 14.00
C PRO B 87 33.70 -12.43 14.90
N GLY B 88 33.80 -12.17 16.20
CA GLY B 88 33.21 -13.07 17.18
C GLY B 88 31.73 -12.80 17.23
N PHE B 89 31.08 -13.35 18.24
CA PHE B 89 29.65 -13.18 18.38
C PHE B 89 29.30 -11.74 18.12
N TRP B 90 30.14 -10.84 18.61
CA TRP B 90 29.87 -9.43 18.44
C TRP B 90 30.15 -8.89 17.05
N SER B 91 29.25 -9.28 16.12
CA SER B 91 29.25 -8.87 14.71
C SER B 91 27.83 -8.49 14.36
N PHE B 92 27.64 -7.38 13.68
CA PHE B 92 26.31 -6.90 13.31
C PHE B 92 25.16 -7.73 13.84
N GLU B 93 25.06 -8.99 13.42
CA GLU B 93 24.00 -9.85 13.90
C GLU B 93 23.96 -9.73 15.40
N GLY B 94 25.11 -9.98 16.03
CA GLY B 94 25.19 -9.88 17.48
C GLY B 94 24.63 -8.57 17.99
N VAL B 95 25.25 -7.47 17.60
CA VAL B 95 24.84 -6.14 18.00
C VAL B 95 23.32 -6.04 18.02
N ALA B 96 22.69 -6.71 17.07
CA ALA B 96 21.25 -6.70 16.96
C ALA B 96 20.67 -7.76 17.85
N LEU B 97 21.00 -9.02 17.58
CA LEU B 97 20.51 -10.14 18.40
C LEU B 97 20.72 -9.74 19.84
N ALA B 98 21.60 -8.77 19.99
CA ALA B 98 21.97 -8.21 21.27
C ALA B 98 20.81 -7.34 21.78
N HIS B 99 20.79 -6.08 21.37
CA HIS B 99 19.73 -5.16 21.80
C HIS B 99 18.37 -5.81 21.77
N ILE B 100 18.23 -6.85 20.96
CA ILE B 100 16.96 -7.52 20.88
C ILE B 100 16.65 -8.20 22.22
N VAL B 101 17.64 -8.86 22.81
CA VAL B 101 17.44 -9.54 24.09
C VAL B 101 17.38 -8.53 25.20
N LEU B 102 18.18 -7.49 25.06
CA LEU B 102 18.21 -6.43 26.04
C LEU B 102 16.81 -5.93 26.29
N SER B 103 16.33 -5.10 25.39
CA SER B 103 14.99 -4.51 25.51
C SER B 103 14.06 -5.59 26.02
N GLY B 104 14.18 -6.76 25.42
CA GLY B 104 13.34 -7.86 25.81
C GLY B 104 13.26 -8.20 27.29
N LEU B 105 14.37 -7.99 28.00
CA LEU B 105 14.37 -8.27 29.42
C LEU B 105 13.92 -7.00 30.13
N LEU B 106 14.44 -5.86 29.68
CA LEU B 106 14.05 -4.61 30.30
C LEU B 106 12.54 -4.48 30.29
N PHE B 107 11.89 -5.16 29.37
CA PHE B 107 10.44 -5.10 29.30
C PHE B 107 9.90 -5.80 30.51
N LEU B 108 10.65 -6.78 30.98
CA LEU B 108 10.24 -7.56 32.14
C LEU B 108 10.57 -6.77 33.42
N ALA B 109 11.84 -6.39 33.57
CA ALA B 109 12.22 -5.60 34.72
C ALA B 109 11.17 -4.50 34.71
N ALA B 110 10.77 -4.12 33.51
CA ALA B 110 9.75 -3.12 33.33
C ALA B 110 8.48 -3.51 34.07
N CYS B 111 7.68 -4.42 33.50
CA CYS B 111 6.42 -4.82 34.11
C CYS B 111 6.58 -5.28 35.55
N TRP B 112 7.78 -5.09 36.12
CA TRP B 112 8.01 -5.43 37.53
C TRP B 112 7.83 -4.16 38.34
N HIS B 113 8.69 -3.17 38.08
CA HIS B 113 8.64 -1.93 38.82
C HIS B 113 7.27 -1.29 38.87
N TRP B 114 6.26 -1.97 38.33
CA TRP B 114 4.92 -1.43 38.40
C TRP B 114 4.18 -2.05 39.59
N VAL B 115 3.76 -3.31 39.48
CA VAL B 115 3.05 -3.94 40.60
C VAL B 115 3.86 -3.67 41.87
N TYR B 116 5.14 -3.97 41.81
CA TYR B 116 6.06 -3.76 42.91
C TYR B 116 6.47 -2.30 42.78
N TRP B 117 5.51 -1.40 43.00
CA TRP B 117 5.74 0.03 42.88
C TRP B 117 6.02 0.74 44.18
N ASP B 118 5.52 0.19 45.27
CA ASP B 118 5.74 0.81 46.57
C ASP B 118 6.86 0.14 47.36
N LEU B 119 8.05 0.73 47.36
CA LEU B 119 9.17 0.12 48.09
C LEU B 119 9.74 1.02 49.18
N GLU B 120 10.40 0.41 50.15
CA GLU B 120 10.99 1.18 51.24
C GLU B 120 11.84 2.27 50.61
N LEU B 121 12.83 1.85 49.85
CA LEU B 121 13.75 2.77 49.20
C LEU B 121 13.09 4.02 48.63
N PHE B 122 11.86 3.90 48.15
CA PHE B 122 11.19 5.06 47.61
C PHE B 122 10.45 5.85 48.68
N ARG B 123 10.62 5.40 49.93
CA ARG B 123 10.00 6.07 51.05
C ARG B 123 11.02 6.73 51.96
N ASP B 124 10.87 8.04 52.15
CA ASP B 124 11.77 8.85 52.98
C ASP B 124 11.45 8.61 54.47
N PRO B 125 12.49 8.38 55.29
CA PRO B 125 12.28 8.15 56.73
C PRO B 125 11.52 9.24 57.48
N ARG B 126 12.25 10.26 57.96
CA ARG B 126 11.67 11.37 58.72
C ARG B 126 10.33 11.88 58.20
N THR B 127 10.14 11.81 56.89
CA THR B 127 8.90 12.29 56.27
C THR B 127 7.86 11.16 56.10
N GLY B 128 6.60 11.48 56.37
CA GLY B 128 5.54 10.52 56.19
C GLY B 128 5.02 10.73 54.77
N GLU B 129 5.76 10.23 53.78
CA GLU B 129 5.41 10.41 52.37
C GLU B 129 6.53 9.87 51.43
N PRO B 130 6.26 9.78 50.10
CA PRO B 130 7.24 9.30 49.12
C PRO B 130 8.08 10.46 48.57
N ALA B 131 9.39 10.42 48.83
CA ALA B 131 10.28 11.48 48.38
C ALA B 131 11.58 10.92 47.82
N LEU B 132 12.17 11.64 46.87
CA LEU B 132 13.41 11.20 46.27
C LEU B 132 14.52 12.25 46.35
N ASP B 133 15.63 11.91 47.01
CA ASP B 133 16.74 12.86 47.13
C ASP B 133 17.40 12.98 45.80
N LEU B 134 17.52 14.21 45.31
CA LEU B 134 18.11 14.41 44.00
C LEU B 134 19.51 15.01 44.04
N PRO B 135 19.70 16.10 44.79
CA PRO B 135 21.00 16.77 44.92
C PRO B 135 22.19 15.82 45.05
N LYS B 136 21.91 14.61 45.48
CA LYS B 136 22.93 13.59 45.62
C LYS B 136 22.63 12.57 44.52
N MET B 137 21.43 12.01 44.52
CA MET B 137 21.05 11.03 43.51
C MET B 137 21.80 11.34 42.24
N PHE B 138 21.65 12.57 41.78
CA PHE B 138 22.32 13.04 40.59
C PHE B 138 23.84 12.74 40.63
N GLY B 139 24.60 13.43 41.48
CA GLY B 139 26.03 13.16 41.54
C GLY B 139 26.41 11.69 41.42
N ILE B 140 25.56 10.80 41.95
CA ILE B 140 25.82 9.36 41.90
C ILE B 140 25.92 8.94 40.47
N HIS B 141 24.79 8.99 39.78
CA HIS B 141 24.71 8.64 38.37
C HIS B 141 25.89 9.27 37.62
N LEU B 142 26.23 10.52 37.98
CA LEU B 142 27.35 11.23 37.38
C LEU B 142 28.59 10.31 37.46
N PHE B 143 28.97 9.96 38.70
CA PHE B 143 30.11 9.09 39.01
C PHE B 143 30.21 7.88 38.07
N LEU B 144 29.09 7.28 37.74
CA LEU B 144 29.06 6.13 36.85
C LEU B 144 29.44 6.59 35.45
N ALA B 145 28.81 7.67 35.04
CA ALA B 145 29.06 8.22 33.72
C ALA B 145 30.55 8.31 33.49
N GLY B 146 31.18 9.32 34.09
CA GLY B 146 32.62 9.50 33.94
C GLY B 146 33.36 8.19 34.14
N LEU B 147 33.03 7.45 35.21
CA LEU B 147 33.69 6.18 35.48
C LEU B 147 33.68 5.42 34.14
N LEU B 148 32.52 5.40 33.50
CA LEU B 148 32.38 4.72 32.22
C LEU B 148 33.09 5.52 31.12
N CYS B 149 32.80 6.82 31.05
CA CYS B 149 33.42 7.68 30.06
C CYS B 149 34.91 7.45 30.02
N PHE B 150 35.53 7.34 31.19
CA PHE B 150 36.94 7.09 31.22
C PHE B 150 37.16 5.61 30.89
N GLY B 151 36.40 4.75 31.58
CA GLY B 151 36.48 3.30 31.38
C GLY B 151 36.54 2.94 29.91
N PHE B 152 35.92 3.82 29.11
CA PHE B 152 35.85 3.71 27.67
C PHE B 152 37.07 4.44 27.10
N GLY B 153 37.13 5.73 27.41
CA GLY B 153 38.21 6.55 26.94
C GLY B 153 39.53 5.82 26.85
N ALA B 154 40.03 5.35 27.98
CA ALA B 154 41.32 4.67 27.98
C ALA B 154 41.25 3.17 27.77
N PHE B 155 40.18 2.55 28.25
CA PHE B 155 40.07 1.11 28.12
C PHE B 155 39.57 0.51 26.80
N HIS B 156 38.95 1.33 25.93
CA HIS B 156 38.43 0.88 24.62
C HIS B 156 39.23 1.45 23.45
N LEU B 157 38.84 2.64 22.99
CA LEU B 157 39.47 3.34 21.89
C LEU B 157 41.00 3.20 21.76
N THR B 158 41.71 3.37 22.87
CA THR B 158 43.17 3.26 22.88
C THR B 158 43.62 1.90 22.37
N GLY B 159 42.65 1.01 22.17
CA GLY B 159 42.97 -0.32 21.68
C GLY B 159 43.46 -1.23 22.78
N LEU B 160 43.68 -0.66 23.95
CA LEU B 160 44.17 -1.45 25.09
C LEU B 160 43.16 -2.55 25.38
N PHE B 161 41.91 -2.18 25.60
CA PHE B 161 40.92 -3.21 25.83
C PHE B 161 39.76 -3.12 24.88
N GLY B 162 39.95 -3.68 23.69
CA GLY B 162 38.93 -3.67 22.66
C GLY B 162 39.47 -3.19 21.32
N PRO B 163 38.59 -2.87 20.37
CA PRO B 163 38.98 -2.39 19.04
C PRO B 163 39.04 -0.88 19.04
N GLY B 164 39.78 -0.30 18.10
CA GLY B 164 39.86 1.14 18.04
C GLY B 164 38.52 1.80 17.71
N MET B 165 38.52 2.58 16.63
CA MET B 165 37.33 3.27 16.17
C MET B 165 37.57 3.61 14.72
N TRP B 166 36.50 3.66 13.95
CA TRP B 166 36.65 3.95 12.54
C TRP B 166 37.44 5.23 12.28
N VAL B 167 38.43 5.10 11.39
CA VAL B 167 39.28 6.21 10.97
C VAL B 167 39.93 5.90 9.63
N SER B 168 40.41 6.96 8.99
CA SER B 168 41.08 6.89 7.68
C SER B 168 41.52 8.30 7.37
N ASP B 169 41.73 8.59 6.09
CA ASP B 169 42.08 9.94 5.66
C ASP B 169 42.02 10.10 4.15
N PRO B 170 41.48 11.25 3.69
CA PRO B 170 41.18 11.90 2.40
C PRO B 170 41.67 11.38 1.07
N TYR B 171 42.13 10.13 1.09
CA TYR B 171 42.72 9.41 -0.03
C TYR B 171 41.98 8.11 0.11
N GLY B 172 42.03 7.22 -0.86
CA GLY B 172 41.08 6.15 -0.75
C GLY B 172 39.79 6.94 -0.89
N LEU B 173 38.99 7.05 0.16
CA LEU B 173 39.39 6.73 1.54
C LEU B 173 39.73 5.27 1.78
N THR B 174 40.72 5.06 2.64
CA THR B 174 41.15 3.71 2.98
C THR B 174 40.85 3.45 4.45
N GLY B 175 39.68 3.92 4.86
CA GLY B 175 39.23 3.77 6.23
C GLY B 175 39.26 2.40 6.82
N SER B 176 39.29 2.38 8.14
CA SER B 176 39.28 1.13 8.88
C SER B 176 39.13 1.48 10.33
N VAL B 177 38.96 0.46 11.15
CA VAL B 177 38.84 0.68 12.59
C VAL B 177 40.13 0.22 13.24
N GLN B 178 40.94 1.18 13.67
CA GLN B 178 42.19 0.86 14.31
C GLN B 178 42.23 1.54 15.68
N PRO B 179 43.17 1.16 16.55
CA PRO B 179 43.28 1.75 17.88
C PRO B 179 43.82 3.18 17.84
N VAL B 180 43.29 4.03 18.72
CA VAL B 180 43.71 5.40 18.77
C VAL B 180 44.43 5.78 20.07
N ALA B 181 45.47 6.60 19.93
CA ALA B 181 46.28 7.05 21.06
C ALA B 181 45.93 8.48 21.41
N PRO B 182 45.36 8.70 22.60
CA PRO B 182 45.00 10.07 22.99
C PRO B 182 46.20 10.97 22.93
N GLU B 183 46.09 12.02 22.12
CA GLU B 183 47.15 12.98 21.97
C GLU B 183 46.55 14.22 22.59
N TRP B 184 47.14 14.65 23.70
CA TRP B 184 46.63 15.80 24.44
C TRP B 184 47.18 17.13 23.95
N GLY B 185 48.18 17.09 23.08
CA GLY B 185 48.74 18.31 22.53
C GLY B 185 47.62 19.21 22.09
N PRO B 186 47.89 20.48 21.76
CA PRO B 186 46.78 21.34 21.34
C PRO B 186 45.89 20.85 20.20
N ASP B 187 46.46 20.14 19.22
CA ASP B 187 45.69 19.65 18.04
C ASP B 187 44.70 18.54 18.40
N GLY B 188 44.55 18.29 19.69
CA GLY B 188 43.59 17.28 20.14
C GLY B 188 42.22 17.91 20.06
N PHE B 189 42.20 19.19 19.71
CA PHE B 189 40.96 19.93 19.58
C PHE B 189 40.56 20.13 18.13
N ASN B 190 41.46 19.80 17.20
CA ASN B 190 41.17 19.87 15.77
C ASN B 190 40.12 18.76 15.72
N PRO B 191 38.84 19.12 15.79
CA PRO B 191 37.75 18.14 15.76
C PRO B 191 38.11 16.94 14.92
N TYR B 192 38.74 17.22 13.78
CA TYR B 192 39.18 16.18 12.86
C TYR B 192 40.13 15.16 13.45
N ASN B 193 41.14 15.62 14.18
CA ASN B 193 42.11 14.73 14.78
C ASN B 193 41.42 13.65 15.65
N PRO B 194 41.36 12.41 15.17
CA PRO B 194 40.75 11.30 15.88
C PRO B 194 41.32 11.15 17.28
N GLY B 195 42.64 11.08 17.35
CA GLY B 195 43.28 10.95 18.64
C GLY B 195 42.59 11.91 19.58
N GLY B 196 42.33 13.09 19.06
CA GLY B 196 41.68 14.14 19.83
C GLY B 196 40.40 13.70 20.51
N VAL B 197 40.00 12.45 20.32
CA VAL B 197 38.79 11.95 20.91
C VAL B 197 39.03 11.05 22.08
N VAL B 198 39.90 10.06 21.89
CA VAL B 198 40.20 9.13 22.96
C VAL B 198 40.73 9.95 24.12
N ALA B 199 41.37 11.07 23.79
CA ALA B 199 41.96 11.95 24.80
C ALA B 199 40.89 12.68 25.62
N HIS B 200 39.80 13.01 24.96
CA HIS B 200 38.72 13.72 25.63
C HIS B 200 37.97 12.84 26.61
N HIS B 201 37.62 11.62 26.21
CA HIS B 201 36.87 10.72 27.08
C HIS B 201 37.65 10.24 28.31
N ILE B 202 38.90 9.85 28.09
CA ILE B 202 39.76 9.40 29.18
C ILE B 202 39.85 10.58 30.15
N ALA B 203 39.99 11.76 29.56
CA ALA B 203 40.12 13.03 30.27
C ALA B 203 38.84 13.56 30.94
N ALA B 204 37.70 13.42 30.28
CA ALA B 204 36.47 13.92 30.87
C ALA B 204 35.98 12.90 31.88
N GLY B 205 36.46 11.66 31.76
CA GLY B 205 36.05 10.64 32.71
C GLY B 205 36.50 11.03 34.11
N ILE B 206 37.76 11.44 34.20
CA ILE B 206 38.36 11.89 35.45
C ILE B 206 37.41 12.91 36.08
N VAL B 207 37.22 13.98 35.34
CA VAL B 207 36.38 15.10 35.69
C VAL B 207 34.98 14.71 36.10
N GLY B 208 34.54 13.53 35.70
CA GLY B 208 33.20 13.08 36.05
C GLY B 208 33.22 12.38 37.39
N ILE B 209 34.13 11.42 37.52
CA ILE B 209 34.28 10.67 38.75
C ILE B 209 34.34 11.71 39.88
N ILE B 210 35.37 12.55 39.86
CA ILE B 210 35.55 13.61 40.86
C ILE B 210 34.23 14.33 41.20
N ALA B 211 33.56 14.81 40.15
CA ALA B 211 32.30 15.53 40.29
C ALA B 211 31.27 14.68 41.01
N GLY B 212 31.14 13.44 40.58
CA GLY B 212 30.16 12.57 41.22
C GLY B 212 30.37 12.57 42.72
N LEU B 213 31.56 12.15 43.14
CA LEU B 213 31.93 12.11 44.55
C LEU B 213 31.48 13.43 45.17
N PHE B 214 32.04 14.50 44.62
CA PHE B 214 31.74 15.83 45.06
C PHE B 214 30.25 16.00 45.28
N HIS B 215 29.43 15.67 44.28
CA HIS B 215 27.97 15.83 44.40
C HIS B 215 27.25 14.74 45.18
N ILE B 216 27.98 13.69 45.54
CA ILE B 216 27.45 12.58 46.34
C ILE B 216 27.67 12.98 47.81
N LEU B 217 28.69 13.81 48.03
CA LEU B 217 29.06 14.31 49.36
C LEU B 217 28.45 15.71 49.63
N VAL B 218 29.10 16.75 49.09
CA VAL B 218 28.63 18.13 49.25
C VAL B 218 27.12 18.23 49.07
N ARG B 219 26.54 19.25 49.69
CA ARG B 219 25.12 19.48 49.62
C ARG B 219 24.89 20.87 49.02
N PRO B 220 23.76 21.06 48.31
CA PRO B 220 23.42 22.33 47.66
C PRO B 220 22.95 23.51 48.53
N PRO B 221 23.56 24.68 48.32
CA PRO B 221 23.20 25.87 49.07
C PRO B 221 21.68 26.06 49.14
N GLN B 222 21.22 26.49 50.31
CA GLN B 222 19.80 26.74 50.50
C GLN B 222 19.43 27.89 49.58
N ARG B 223 20.43 28.61 49.06
CA ARG B 223 20.11 29.74 48.16
C ARG B 223 19.81 29.22 46.74
N LEU B 224 20.33 28.04 46.42
CA LEU B 224 20.10 27.43 45.12
C LEU B 224 18.89 26.53 45.21
N TYR B 225 18.94 25.58 46.13
CA TYR B 225 17.86 24.64 46.33
C TYR B 225 16.51 25.37 46.50
N LYS B 226 16.55 26.67 46.79
CA LYS B 226 15.33 27.47 46.94
C LYS B 226 14.97 28.08 45.58
N ALA B 227 16.01 28.41 44.82
CA ALA B 227 15.87 28.99 43.48
C ALA B 227 15.55 27.89 42.46
N LEU B 228 16.45 26.92 42.33
CA LEU B 228 16.24 25.82 41.41
C LEU B 228 15.25 24.79 41.97
N ARG B 229 14.41 25.25 42.90
CA ARG B 229 13.37 24.43 43.54
C ARG B 229 13.63 22.93 43.55
N MET B 230 14.91 22.54 43.64
CA MET B 230 15.31 21.14 43.68
C MET B 230 14.35 20.47 44.65
N GLY B 231 14.23 19.15 44.55
CA GLY B 231 13.29 18.44 45.41
C GLY B 231 12.04 18.17 44.61
N ASN B 232 11.68 19.14 43.76
CA ASN B 232 10.51 19.04 42.88
C ASN B 232 11.06 18.51 41.56
N ILE B 233 11.05 17.19 41.42
CA ILE B 233 11.57 16.52 40.23
C ILE B 233 11.37 17.30 38.92
N GLU B 234 10.24 17.99 38.81
CA GLU B 234 9.88 18.78 37.62
C GLU B 234 11.06 19.60 37.10
N THR B 235 11.96 19.97 38.00
CA THR B 235 13.11 20.79 37.65
C THR B 235 14.28 20.07 37.02
N VAL B 236 14.41 18.80 37.34
CA VAL B 236 15.50 18.03 36.77
C VAL B 236 15.28 17.84 35.27
N LEU B 237 14.01 17.95 34.87
CA LEU B 237 13.58 17.75 33.48
C LEU B 237 13.95 18.90 32.57
N SER B 238 13.82 20.12 33.07
CA SER B 238 14.16 21.31 32.30
C SER B 238 15.65 21.47 32.42
N SER B 239 16.17 20.96 33.54
CA SER B 239 17.59 21.01 33.85
C SER B 239 18.34 20.01 32.96
N SER B 240 17.62 19.18 32.25
CA SER B 240 18.24 18.21 31.37
C SER B 240 17.87 18.43 29.91
N ILE B 241 16.58 18.55 29.62
CA ILE B 241 16.11 18.81 28.27
C ILE B 241 17.01 19.87 27.69
N ALA B 242 17.43 20.80 28.53
CA ALA B 242 18.31 21.88 28.11
C ALA B 242 19.60 21.34 27.47
N ALA B 243 20.32 20.50 28.22
CA ALA B 243 21.58 19.93 27.75
C ALA B 243 21.33 19.03 26.56
N VAL B 244 20.35 18.13 26.71
CA VAL B 244 20.01 17.20 25.67
C VAL B 244 19.90 17.91 24.35
N PHE B 245 19.05 18.94 24.27
CA PHE B 245 18.90 19.64 23.02
C PHE B 245 20.23 20.23 22.53
N PHE B 246 21.06 20.72 23.45
CA PHE B 246 22.35 21.27 23.05
C PHE B 246 23.21 20.10 22.56
N ALA B 247 23.18 18.98 23.29
CA ALA B 247 23.94 17.82 22.88
C ALA B 247 23.57 17.55 21.41
N ALA B 248 22.33 17.86 21.07
CA ALA B 248 21.84 17.69 19.72
C ALA B 248 22.67 18.51 18.79
N PHE B 249 22.31 19.79 18.76
CA PHE B 249 22.94 20.78 17.92
C PHE B 249 24.42 20.55 17.70
N VAL B 250 25.06 19.86 18.63
CA VAL B 250 26.48 19.60 18.44
C VAL B 250 26.59 18.41 17.49
N VAL B 251 25.76 17.39 17.72
CA VAL B 251 25.79 16.22 16.86
C VAL B 251 25.35 16.66 15.47
N ALA B 252 24.55 17.73 15.41
CA ALA B 252 24.06 18.28 14.15
C ALA B 252 25.21 19.00 13.44
N GLY B 253 26.11 19.55 14.23
CA GLY B 253 27.24 20.23 13.64
C GLY B 253 28.24 19.20 13.17
N THR B 254 28.83 18.46 14.10
CA THR B 254 29.83 17.43 13.78
C THR B 254 29.40 16.62 12.56
N MET B 255 28.11 16.39 12.45
CA MET B 255 27.57 15.64 11.34
C MET B 255 27.75 16.37 10.03
N TRP B 256 27.08 17.50 9.88
CA TRP B 256 27.16 18.28 8.66
C TRP B 256 28.60 18.64 8.32
N TYR B 257 29.20 19.57 9.04
CA TYR B 257 30.59 19.89 8.73
C TYR B 257 31.35 18.61 9.05
N GLY B 258 32.61 18.54 8.65
CA GLY B 258 33.37 17.34 8.95
C GLY B 258 33.66 17.13 10.42
N SER B 259 34.17 15.95 10.77
CA SER B 259 34.54 15.59 12.13
C SER B 259 34.96 14.12 12.20
N ALA B 260 35.89 13.79 13.06
CA ALA B 260 36.30 12.39 13.14
C ALA B 260 35.29 11.53 13.89
N THR B 261 34.22 12.15 14.37
CA THR B 261 33.16 11.42 15.09
C THR B 261 32.11 10.92 14.07
N THR B 262 32.21 11.46 12.85
CA THR B 262 31.35 11.16 11.70
C THR B 262 32.29 11.15 10.50
N PRO B 263 32.81 9.97 10.14
CA PRO B 263 33.73 9.84 9.01
C PRO B 263 33.24 10.30 7.64
N ILE B 264 34.07 10.05 6.66
CA ILE B 264 33.80 10.42 5.29
C ILE B 264 33.08 9.30 4.57
N GLU B 265 33.44 8.07 4.92
CA GLU B 265 32.88 6.88 4.29
C GLU B 265 31.77 6.20 5.05
N LEU B 266 31.65 6.45 6.35
CA LEU B 266 30.56 5.82 7.03
C LEU B 266 29.34 6.71 6.89
N PHE B 267 29.57 7.94 6.44
CA PHE B 267 28.49 8.92 6.24
C PHE B 267 28.72 9.60 4.92
N GLY B 268 27.64 10.07 4.30
CA GLY B 268 27.78 10.74 3.02
C GLY B 268 28.90 11.76 3.02
N PRO B 269 29.71 11.86 1.94
CA PRO B 269 30.79 12.82 1.89
C PRO B 269 30.17 14.17 2.21
N THR B 270 30.91 15.02 2.90
CA THR B 270 30.41 16.34 3.28
C THR B 270 30.06 17.23 2.13
N ARG B 271 28.92 17.91 2.26
CA ARG B 271 28.46 18.80 1.22
C ARG B 271 29.51 19.84 0.84
N TYR B 272 30.40 20.17 1.77
CA TYR B 272 31.42 21.17 1.51
C TYR B 272 32.59 20.59 0.72
N GLN B 273 32.74 19.27 0.77
CA GLN B 273 33.80 18.61 0.04
C GLN B 273 33.67 18.90 -1.45
N TRP B 274 32.44 19.18 -1.87
CA TRP B 274 32.15 19.49 -3.26
C TRP B 274 32.07 21.00 -3.51
N ASP B 275 31.80 21.76 -2.44
CA ASP B 275 31.73 23.23 -2.56
C ASP B 275 33.06 23.66 -3.16
N SER B 276 34.13 23.29 -2.47
CA SER B 276 35.46 23.57 -2.96
C SER B 276 35.75 22.24 -3.66
N SER B 277 36.21 22.32 -4.90
CA SER B 277 36.50 21.13 -5.68
C SER B 277 37.54 20.26 -4.99
N TYR B 278 37.38 20.08 -3.68
CA TYR B 278 38.32 19.31 -2.90
C TYR B 278 38.71 18.06 -3.66
N PHE B 279 37.74 17.26 -4.04
CA PHE B 279 38.08 16.04 -4.71
C PHE B 279 38.75 16.14 -6.07
N GLN B 280 38.50 17.20 -6.84
CA GLN B 280 39.16 17.27 -8.15
C GLN B 280 40.57 17.87 -8.06
N GLN B 281 40.76 18.81 -7.14
CA GLN B 281 42.06 19.46 -6.95
C GLN B 281 43.09 18.49 -6.32
N GLU B 282 42.64 17.66 -5.36
CA GLU B 282 43.51 16.69 -4.68
C GLU B 282 43.72 15.52 -5.64
N ILE B 283 43.05 15.60 -6.77
CA ILE B 283 43.16 14.58 -7.81
C ILE B 283 44.14 15.10 -8.83
N ASN B 284 43.86 16.28 -9.35
CA ASN B 284 44.73 16.86 -10.35
C ASN B 284 46.18 16.80 -9.91
N ARG B 285 46.43 16.95 -8.61
CA ARG B 285 47.80 16.87 -8.12
C ARG B 285 48.42 15.53 -8.52
N ARG B 286 47.69 14.44 -8.26
CA ARG B 286 48.17 13.08 -8.54
C ARG B 286 48.23 12.73 -10.02
N VAL B 287 47.32 13.30 -10.79
CA VAL B 287 47.30 13.04 -12.21
C VAL B 287 48.28 13.98 -12.86
N GLN B 288 48.78 14.94 -12.10
CA GLN B 288 49.75 15.89 -12.61
C GLN B 288 51.12 15.33 -12.31
N ALA B 289 51.26 14.77 -11.11
CA ALA B 289 52.52 14.16 -10.73
C ALA B 289 52.73 13.06 -11.76
N SER B 290 51.78 12.14 -11.81
CA SER B 290 51.85 11.02 -12.75
C SER B 290 52.09 11.48 -14.18
N LEU B 291 51.62 12.69 -14.50
CA LEU B 291 51.73 13.25 -15.85
C LEU B 291 53.12 13.81 -16.13
N ALA B 292 53.54 14.76 -15.31
CA ALA B 292 54.85 15.38 -15.43
C ALA B 292 55.88 14.38 -14.90
N SER B 293 55.49 13.13 -14.82
CA SER B 293 56.38 12.08 -14.36
C SER B 293 56.61 11.07 -15.47
N GLY B 294 56.30 11.47 -16.71
CA GLY B 294 56.51 10.58 -17.85
C GLY B 294 55.45 9.49 -18.04
N ALA B 295 54.20 9.90 -18.21
CA ALA B 295 53.07 8.97 -18.40
C ALA B 295 52.02 9.48 -19.41
N THR B 296 51.36 8.55 -20.10
CA THR B 296 50.33 8.91 -21.08
C THR B 296 49.24 9.61 -20.30
N LEU B 297 48.65 10.65 -20.87
CA LEU B 297 47.57 11.32 -20.18
C LEU B 297 46.61 10.17 -19.84
N GLU B 298 46.65 9.12 -20.65
CA GLU B 298 45.82 7.94 -20.44
C GLU B 298 46.24 7.19 -19.18
N GLU B 299 47.52 6.82 -19.13
CA GLU B 299 48.03 6.10 -17.96
C GLU B 299 47.76 7.00 -16.75
N ALA B 300 47.69 8.29 -17.04
CA ALA B 300 47.47 9.33 -16.04
C ALA B 300 46.20 9.20 -15.22
N TRP B 301 45.06 9.24 -15.92
CA TRP B 301 43.77 9.15 -15.29
C TRP B 301 43.43 7.72 -14.95
N SER B 302 43.85 6.78 -15.79
CA SER B 302 43.61 5.38 -15.49
C SER B 302 44.36 5.08 -14.20
N ALA B 303 45.15 6.07 -13.76
CA ALA B 303 45.96 6.02 -12.53
C ALA B 303 45.06 6.35 -11.33
N ILE B 304 44.23 7.39 -11.48
CA ILE B 304 43.32 7.81 -10.43
C ILE B 304 42.41 6.65 -10.03
N PRO B 305 42.20 6.48 -8.71
CA PRO B 305 41.39 5.43 -8.09
C PRO B 305 39.87 5.59 -8.10
N GLU B 306 39.19 4.50 -8.42
CA GLU B 306 37.74 4.47 -8.50
C GLU B 306 37.08 5.35 -7.44
N LYS B 307 36.98 4.80 -6.23
CA LYS B 307 36.32 5.46 -5.13
C LYS B 307 36.51 6.97 -5.12
N LEU B 308 37.72 7.41 -5.40
CA LEU B 308 38.00 8.84 -5.37
C LEU B 308 37.30 9.66 -6.44
N ALA B 309 37.26 9.18 -7.66
CA ALA B 309 36.58 9.96 -8.68
C ALA B 309 35.22 10.15 -8.09
N PHE B 310 34.57 9.02 -7.78
CA PHE B 310 33.21 8.99 -7.23
C PHE B 310 32.93 10.12 -6.24
N TYR B 311 33.85 10.37 -5.32
CA TYR B 311 33.62 11.43 -4.37
C TYR B 311 33.41 12.73 -5.09
N ASP B 312 34.06 12.88 -6.22
CA ASP B 312 33.90 14.09 -7.00
C ASP B 312 32.67 14.02 -7.89
N TYR B 313 31.56 13.53 -7.36
CA TYR B 313 30.31 13.45 -8.14
C TYR B 313 29.26 14.18 -7.34
N ILE B 314 28.81 15.34 -7.84
CA ILE B 314 27.84 16.09 -7.09
C ILE B 314 26.71 15.23 -6.54
N GLY B 315 26.45 14.10 -7.19
CA GLY B 315 25.39 13.23 -6.74
C GLY B 315 25.55 12.66 -5.32
N ASN B 316 26.60 13.02 -4.62
CA ASN B 316 26.78 12.51 -3.27
C ASN B 316 26.84 13.69 -2.34
N ASN B 317 26.93 14.87 -2.91
CA ASN B 317 26.96 16.10 -2.14
C ASN B 317 25.59 16.22 -1.44
N PRO B 318 25.53 15.83 -0.17
CA PRO B 318 24.35 15.83 0.70
C PRO B 318 23.25 16.84 0.46
N ALA B 319 23.62 18.02 0.00
CA ALA B 319 22.63 19.08 -0.20
C ALA B 319 21.56 18.77 -1.23
N LYS B 320 22.01 18.42 -2.44
CA LYS B 320 21.12 18.12 -3.57
C LYS B 320 19.78 17.41 -3.34
N GLY B 321 19.65 16.63 -2.27
CA GLY B 321 18.40 15.93 -2.00
C GLY B 321 17.06 16.69 -2.08
N GLY B 322 16.12 16.27 -1.23
CA GLY B 322 14.80 16.89 -1.16
C GLY B 322 14.06 16.42 0.10
N LEU B 323 13.37 17.33 0.79
CA LEU B 323 12.68 16.95 2.01
C LEU B 323 11.75 15.75 1.90
N PHE B 324 11.15 15.52 0.74
CA PHE B 324 10.27 14.37 0.61
C PHE B 324 10.78 13.32 -0.32
N ARG B 325 11.97 13.55 -0.84
CA ARG B 325 12.61 12.61 -1.75
C ARG B 325 12.94 11.33 -0.99
N THR B 326 11.84 10.69 -0.60
CA THR B 326 11.69 9.47 0.16
C THR B 326 12.75 8.40 0.38
N GLY B 327 13.80 8.27 -0.42
CA GLY B 327 14.69 7.17 -0.11
C GLY B 327 16.19 7.24 -0.21
N PRO B 328 16.87 6.08 -0.13
CA PRO B 328 18.32 5.91 -0.20
C PRO B 328 18.87 6.34 -1.55
N MET B 329 19.90 7.17 -1.50
CA MET B 329 20.55 7.72 -2.69
C MET B 329 20.51 6.86 -3.94
N ASN B 330 20.24 5.58 -3.78
CA ASN B 330 20.21 4.72 -4.94
C ASN B 330 19.01 4.85 -5.88
N LYS B 331 17.79 5.03 -5.37
CA LYS B 331 16.63 5.17 -6.28
C LYS B 331 16.67 6.65 -6.69
N GLY B 332 17.88 7.11 -6.98
CA GLY B 332 18.11 8.47 -7.41
C GLY B 332 18.86 8.39 -8.71
N ASP B 333 20.18 8.52 -8.67
CA ASP B 333 20.98 8.44 -9.88
C ASP B 333 21.10 6.99 -10.28
N GLY B 334 20.74 6.13 -9.35
CA GLY B 334 20.78 4.70 -9.57
C GLY B 334 21.90 4.07 -8.77
N ILE B 335 22.25 2.86 -9.16
CA ILE B 335 23.34 2.16 -8.51
C ILE B 335 24.60 2.43 -9.32
N ALA B 336 25.56 3.06 -8.67
CA ALA B 336 26.80 3.37 -9.34
C ALA B 336 27.47 2.05 -9.71
N GLN B 337 27.67 1.78 -11.00
CA GLN B 337 28.34 0.54 -11.39
C GLN B 337 29.83 0.74 -11.71
N ALA B 338 30.19 1.92 -12.22
CA ALA B 338 31.59 2.18 -12.50
C ALA B 338 31.84 3.58 -13.06
N TRP B 339 33.12 3.96 -13.07
CA TRP B 339 33.54 5.27 -13.56
C TRP B 339 33.79 5.16 -15.04
N LYS B 340 33.22 6.08 -15.82
CA LYS B 340 33.39 6.07 -17.26
C LYS B 340 34.76 6.58 -17.70
N GLY B 341 35.20 7.68 -17.09
CA GLY B 341 36.49 8.27 -17.40
C GLY B 341 36.37 9.77 -17.30
N HIS B 342 37.47 10.50 -17.13
CA HIS B 342 37.35 11.94 -17.03
C HIS B 342 37.06 12.43 -18.43
N ALA B 343 36.10 13.33 -18.51
CA ALA B 343 35.67 13.90 -19.78
C ALA B 343 36.21 15.30 -20.02
N VAL B 344 37.26 15.40 -20.83
CA VAL B 344 37.86 16.67 -21.16
C VAL B 344 37.31 17.06 -22.51
N PHE B 345 36.66 18.20 -22.54
CA PHE B 345 36.02 18.66 -23.76
C PHE B 345 36.93 19.55 -24.60
N ARG B 346 37.20 19.11 -25.82
CA ARG B 346 38.04 19.85 -26.74
C ARG B 346 37.25 20.71 -27.71
N ASN B 347 37.85 21.84 -28.04
CA ASN B 347 37.27 22.77 -28.96
C ASN B 347 37.49 22.18 -30.34
N LYS B 348 37.08 22.88 -31.38
CA LYS B 348 37.33 22.34 -32.71
C LYS B 348 38.74 22.82 -33.01
N GLU B 349 39.10 23.97 -32.42
CA GLU B 349 40.43 24.55 -32.62
C GLU B 349 41.47 23.71 -31.90
N GLY B 350 41.01 22.91 -30.95
CA GLY B 350 41.92 22.03 -30.21
C GLY B 350 42.05 22.39 -28.74
N GLU B 351 41.60 23.59 -28.45
CA GLU B 351 41.66 24.13 -27.10
C GLU B 351 40.90 23.26 -26.13
N GLU B 352 41.41 23.17 -24.91
CA GLU B 352 40.74 22.37 -23.90
C GLU B 352 39.70 23.27 -23.25
N LEU B 353 38.58 22.68 -22.83
CA LEU B 353 37.52 23.44 -22.19
C LEU B 353 37.07 22.74 -20.92
N PHE B 354 36.30 23.45 -20.11
CA PHE B 354 35.80 22.87 -18.87
C PHE B 354 34.29 23.07 -18.78
N VAL B 355 33.60 22.10 -18.19
CA VAL B 355 32.16 22.21 -17.99
C VAL B 355 31.97 23.02 -16.72
N ARG B 356 31.43 24.23 -16.79
CA ARG B 356 31.28 24.99 -15.55
C ARG B 356 30.23 24.35 -14.65
N ARG B 357 30.72 23.65 -13.63
CA ARG B 357 29.89 22.91 -12.69
C ARG B 357 28.62 23.55 -12.15
N MET B 358 27.80 22.68 -11.54
CA MET B 358 26.51 23.08 -10.99
C MET B 358 26.61 23.23 -9.49
N PRO B 359 26.49 24.48 -9.02
CA PRO B 359 26.55 24.85 -7.61
C PRO B 359 25.36 24.28 -6.83
N ALA B 360 25.66 23.56 -5.75
CA ALA B 360 24.68 22.89 -4.88
C ALA B 360 23.24 23.41 -4.81
N PHE B 361 23.04 24.70 -5.02
CA PHE B 361 21.71 25.30 -4.94
C PHE B 361 20.73 25.01 -6.06
N PHE B 362 21.24 24.77 -7.26
CA PHE B 362 20.37 24.57 -8.41
C PHE B 362 19.99 23.12 -8.80
N GLU B 363 18.71 22.88 -8.95
CA GLU B 363 18.24 21.56 -9.37
C GLU B 363 18.32 21.62 -10.89
N SER B 364 18.10 22.82 -11.44
CA SER B 364 18.15 23.04 -12.87
C SER B 364 19.50 23.64 -13.19
N PHE B 365 19.92 23.57 -14.45
CA PHE B 365 21.19 24.18 -14.83
C PHE B 365 21.61 24.00 -16.27
N PRO B 366 22.03 25.12 -16.92
CA PRO B 366 22.50 25.26 -18.29
C PRO B 366 23.99 24.95 -18.33
N VAL B 367 24.41 24.03 -19.18
CA VAL B 367 25.80 23.68 -19.25
C VAL B 367 26.56 24.74 -20.02
N ILE B 368 27.71 25.11 -19.52
CA ILE B 368 28.51 26.08 -20.21
C ILE B 368 29.94 25.60 -20.16
N LEU B 369 30.61 25.68 -21.30
CA LEU B 369 32.01 25.27 -21.38
C LEU B 369 32.84 26.53 -21.48
N THR B 370 33.63 26.77 -20.44
CA THR B 370 34.47 27.94 -20.42
C THR B 370 35.87 27.59 -20.78
N ASP B 371 36.49 28.54 -21.46
CA ASP B 371 37.87 28.41 -21.83
C ASP B 371 38.54 28.27 -20.47
N LYS B 372 39.65 27.56 -20.44
CA LYS B 372 40.43 27.32 -19.22
C LYS B 372 40.58 28.56 -18.32
N ASN B 373 40.32 29.73 -18.88
CA ASN B 373 40.45 31.00 -18.16
C ASN B 373 39.13 31.73 -17.91
N GLY B 374 38.04 30.98 -17.69
CA GLY B 374 36.76 31.60 -17.41
C GLY B 374 35.97 32.16 -18.59
N VAL B 375 36.63 32.27 -19.74
CA VAL B 375 36.00 32.79 -20.95
C VAL B 375 34.97 31.76 -21.37
N VAL B 376 34.01 32.17 -22.20
CA VAL B 376 32.97 31.24 -22.65
C VAL B 376 33.18 30.82 -24.09
N LYS B 377 33.44 29.53 -24.31
CA LYS B 377 33.65 28.99 -25.65
C LYS B 377 32.59 27.96 -26.08
N ALA B 378 31.69 27.59 -25.19
CA ALA B 378 30.65 26.62 -25.54
C ALA B 378 29.47 26.57 -24.58
N ASP B 379 28.27 26.38 -25.13
CA ASP B 379 27.05 26.28 -24.33
C ASP B 379 25.96 25.53 -25.09
N ILE B 380 24.83 25.31 -24.46
CA ILE B 380 23.74 24.63 -25.15
C ILE B 380 22.61 25.63 -25.13
N PRO B 381 22.47 26.36 -26.22
CA PRO B 381 21.48 27.41 -26.48
C PRO B 381 20.03 27.13 -26.14
N PHE B 382 19.31 28.19 -25.81
CA PHE B 382 17.91 28.06 -25.52
C PHE B 382 17.18 28.80 -26.61
N ARG B 383 17.65 30.00 -26.95
CA ARG B 383 17.00 30.75 -28.03
C ARG B 383 17.29 29.90 -29.28
N ARG B 384 18.58 29.61 -29.48
CA ARG B 384 19.01 28.77 -30.57
C ARG B 384 18.83 29.36 -31.93
N ALA B 385 18.26 30.55 -32.02
CA ALA B 385 18.06 31.14 -33.32
C ALA B 385 19.12 32.23 -33.47
N GLU B 386 19.63 32.68 -32.33
CA GLU B 386 20.65 33.69 -32.32
C GLU B 386 21.84 33.08 -31.61
N SER B 387 22.00 31.77 -31.73
CA SER B 387 23.12 31.15 -31.05
C SER B 387 24.44 31.54 -31.68
N LYS B 388 25.38 31.90 -30.83
CA LYS B 388 26.71 32.30 -31.26
C LYS B 388 27.73 31.25 -30.82
N TYR B 389 27.45 30.51 -29.74
CA TYR B 389 28.42 29.53 -29.25
C TYR B 389 27.99 28.06 -29.23
N SER B 390 27.02 27.66 -30.05
CA SER B 390 26.57 26.27 -30.03
C SER B 390 27.65 25.24 -30.30
N PHE B 391 27.53 24.10 -29.64
CA PHE B 391 28.45 22.99 -29.81
C PHE B 391 28.67 22.75 -31.28
N GLU B 392 27.58 22.67 -32.03
CA GLU B 392 27.67 22.42 -33.45
C GLU B 392 28.36 23.50 -34.26
N GLN B 393 28.09 24.76 -33.95
CA GLN B 393 28.72 25.85 -34.69
C GLN B 393 30.14 26.16 -34.23
N GLN B 394 30.53 25.54 -33.11
CA GLN B 394 31.86 25.70 -32.54
C GLN B 394 32.54 24.32 -32.47
N GLY B 395 31.95 23.35 -33.17
CA GLY B 395 32.52 22.03 -33.22
C GLY B 395 33.09 21.45 -31.93
N VAL B 396 32.29 21.43 -30.87
CA VAL B 396 32.73 20.87 -29.59
C VAL B 396 32.95 19.38 -29.74
N THR B 397 33.77 18.82 -28.86
CA THR B 397 34.05 17.39 -28.93
C THR B 397 34.56 16.83 -27.64
N VAL B 398 34.43 15.52 -27.45
CA VAL B 398 34.86 14.93 -26.21
C VAL B 398 35.73 13.71 -26.30
N SER B 399 36.79 13.71 -25.51
CA SER B 399 37.68 12.55 -25.46
C SER B 399 37.58 12.01 -24.05
N PHE B 400 38.06 10.79 -23.85
CA PHE B 400 37.97 10.19 -22.53
C PHE B 400 39.24 9.50 -22.12
N TYR B 401 39.67 9.74 -20.88
CA TYR B 401 40.87 9.11 -20.34
C TYR B 401 40.46 8.45 -19.05
N GLY B 402 40.93 7.23 -18.88
CA GLY B 402 40.60 6.45 -17.70
C GLY B 402 39.19 5.87 -17.77
N GLY B 403 38.74 5.27 -16.66
CA GLY B 403 37.40 4.70 -16.61
C GLY B 403 37.27 3.42 -17.41
N GLU B 404 36.17 3.31 -18.16
CA GLU B 404 35.95 2.16 -19.01
C GLU B 404 35.84 2.71 -20.42
N LEU B 405 35.49 3.98 -20.51
CA LEU B 405 35.38 4.62 -21.79
C LEU B 405 36.79 4.67 -22.39
N ASN B 406 37.74 5.14 -21.57
CA ASN B 406 39.17 5.28 -21.89
C ASN B 406 39.60 5.32 -23.35
N GLY B 407 40.58 6.17 -23.62
CA GLY B 407 41.15 6.30 -24.95
C GLY B 407 40.16 6.42 -26.08
N GLN B 408 38.89 6.60 -25.74
CA GLN B 408 37.90 6.74 -26.76
C GLN B 408 37.53 8.20 -26.84
N THR B 409 36.95 8.59 -27.96
CA THR B 409 36.55 9.96 -28.17
C THR B 409 35.22 9.94 -28.89
N PHE B 410 34.39 10.94 -28.64
CA PHE B 410 33.09 11.02 -29.29
C PHE B 410 32.96 12.30 -30.01
N THR B 411 32.51 12.24 -31.24
CA THR B 411 32.40 13.45 -32.01
C THR B 411 31.04 14.01 -32.35
N ASP B 412 30.06 13.14 -32.57
CA ASP B 412 28.71 13.58 -32.95
C ASP B 412 28.03 14.59 -32.02
N PRO B 413 27.75 15.81 -32.51
CA PRO B 413 27.12 16.86 -31.73
C PRO B 413 26.11 16.41 -30.66
N PRO B 414 25.35 15.34 -30.92
CA PRO B 414 24.43 14.96 -29.85
C PRO B 414 25.20 14.44 -28.64
N THR B 415 25.71 13.22 -28.71
CA THR B 415 26.43 12.63 -27.60
C THR B 415 27.45 13.57 -26.94
N VAL B 416 28.17 14.37 -27.72
CA VAL B 416 29.15 15.27 -27.12
C VAL B 416 28.41 16.15 -26.15
N LYS B 417 27.30 16.71 -26.60
CA LYS B 417 26.49 17.56 -25.74
C LYS B 417 26.20 16.71 -24.52
N SER B 418 25.29 15.75 -24.67
CA SER B 418 24.93 14.87 -23.57
C SER B 418 26.06 14.72 -22.57
N TYR B 419 27.14 14.04 -22.96
CA TYR B 419 28.25 13.84 -22.05
C TYR B 419 28.61 15.04 -21.20
N ALA B 420 28.41 16.23 -21.76
CA ALA B 420 28.69 17.46 -21.07
C ALA B 420 27.67 17.69 -19.95
N ARG B 421 26.40 17.76 -20.31
CA ARG B 421 25.36 17.95 -19.33
C ARG B 421 25.51 17.00 -18.14
N LYS B 422 26.02 15.80 -18.37
CA LYS B 422 26.17 14.82 -17.29
C LYS B 422 27.50 15.06 -16.58
N ALA B 423 28.33 15.90 -17.19
CA ALA B 423 29.63 16.26 -16.63
C ALA B 423 29.45 17.42 -15.65
N ILE B 424 28.36 18.15 -15.82
CA ILE B 424 28.07 19.25 -14.94
C ILE B 424 27.84 18.69 -13.57
N PHE B 425 27.75 17.37 -13.48
CA PHE B 425 27.53 16.70 -12.20
C PHE B 425 28.81 16.25 -11.52
N GLY B 426 29.92 16.45 -12.20
CA GLY B 426 31.21 16.05 -11.67
C GLY B 426 31.80 15.00 -12.56
N GLU B 427 32.09 13.83 -12.00
CA GLU B 427 32.63 12.74 -12.77
C GLU B 427 31.49 11.93 -13.32
N ILE B 428 31.46 11.79 -14.62
CA ILE B 428 30.41 11.01 -15.24
C ILE B 428 30.56 9.60 -14.68
N PHE B 429 29.49 8.82 -14.69
CA PHE B 429 29.49 7.43 -14.19
C PHE B 429 28.45 6.58 -14.94
N GLU B 430 28.41 5.28 -14.63
CA GLU B 430 27.41 4.38 -15.24
C GLU B 430 26.56 3.79 -14.13
N PHE B 431 25.31 4.21 -14.09
CA PHE B 431 24.36 3.78 -13.07
C PHE B 431 23.33 2.79 -13.54
N ASP B 432 23.25 1.65 -12.86
CA ASP B 432 22.23 0.67 -13.17
C ASP B 432 21.03 1.22 -12.42
N THR B 433 20.01 1.60 -13.16
CA THR B 433 18.84 2.16 -12.52
C THR B 433 17.74 1.15 -12.53
N GLU B 434 17.76 0.30 -13.55
CA GLU B 434 16.72 -0.70 -13.68
C GLU B 434 16.49 -1.53 -12.41
N THR B 435 17.52 -2.15 -11.85
CA THR B 435 17.36 -3.03 -10.67
C THR B 435 16.49 -2.50 -9.56
N LEU B 436 16.77 -1.29 -9.12
CA LEU B 436 16.00 -0.68 -8.05
C LEU B 436 14.87 0.14 -8.67
N ASN B 437 15.03 0.46 -9.94
CA ASN B 437 14.06 1.26 -10.68
C ASN B 437 14.15 2.68 -10.15
N SER B 438 15.26 3.34 -10.41
CA SER B 438 15.45 4.70 -9.93
C SER B 438 14.58 5.66 -10.71
N ASP B 439 14.57 6.92 -10.27
CA ASP B 439 13.71 7.93 -10.89
C ASP B 439 14.41 8.95 -11.74
N GLY B 440 15.68 9.20 -11.42
CA GLY B 440 16.44 10.18 -12.18
C GLY B 440 16.65 11.49 -11.43
N ILE B 441 16.27 11.50 -10.16
CA ILE B 441 16.41 12.68 -9.31
C ILE B 441 17.27 12.30 -8.11
N PHE B 442 17.96 13.28 -7.52
CA PHE B 442 18.85 13.01 -6.39
C PHE B 442 18.14 12.82 -5.07
N ARG B 443 18.86 12.24 -4.12
CA ARG B 443 18.37 12.04 -2.77
C ARG B 443 19.53 12.46 -1.88
N THR B 444 19.32 12.60 -0.57
CA THR B 444 20.39 13.01 0.33
C THR B 444 20.97 11.87 1.14
N SER B 445 22.28 11.96 1.42
CA SER B 445 23.01 10.95 2.16
C SER B 445 22.67 10.88 3.66
N PRO B 446 22.92 9.72 4.30
CA PRO B 446 22.61 9.57 5.72
C PRO B 446 22.95 10.84 6.40
N ARG B 447 24.21 11.23 6.24
CA ARG B 447 24.71 12.45 6.84
C ARG B 447 23.68 13.54 6.68
N GLY B 448 23.13 13.63 5.47
CA GLY B 448 22.11 14.62 5.22
C GLY B 448 20.95 14.46 6.19
N TRP B 449 20.26 13.32 6.13
CA TRP B 449 19.10 13.10 7.01
C TRP B 449 19.39 13.33 8.47
N PHE B 450 20.35 12.59 8.99
CA PHE B 450 20.76 12.66 10.40
C PHE B 450 20.84 14.07 10.92
N THR B 451 21.34 14.96 10.08
CA THR B 451 21.49 16.36 10.42
C THR B 451 20.09 16.95 10.55
N PHE B 452 19.29 16.81 9.51
CA PHE B 452 17.94 17.32 9.54
C PHE B 452 17.18 16.65 10.64
N ALA B 453 17.72 15.58 11.19
CA ALA B 453 17.01 14.88 12.24
C ALA B 453 17.18 15.58 13.59
N HIS B 454 18.42 15.57 14.07
CA HIS B 454 18.83 16.20 15.33
C HIS B 454 18.86 17.67 14.94
N ALA B 455 17.78 18.06 14.31
CA ALA B 455 17.62 19.39 13.80
C ALA B 455 16.32 19.88 14.34
N VAL B 456 15.26 19.43 13.69
CA VAL B 456 13.92 19.81 14.07
C VAL B 456 13.73 19.26 15.46
N PHE B 457 14.44 18.19 15.78
CA PHE B 457 14.34 17.59 17.10
C PHE B 457 14.91 18.50 18.18
N ALA B 458 16.16 18.89 18.00
CA ALA B 458 16.81 19.75 18.96
C ALA B 458 16.17 21.14 18.99
N LEU B 459 15.74 21.64 17.83
CA LEU B 459 15.12 22.95 17.77
C LEU B 459 13.77 22.99 18.48
N LEU B 460 13.22 21.81 18.73
CA LEU B 460 11.96 21.69 19.44
C LEU B 460 12.22 21.56 20.93
N PHE B 461 13.14 20.66 21.28
CA PHE B 461 13.46 20.43 22.67
C PHE B 461 13.73 21.66 23.48
N PHE B 462 14.36 22.65 22.89
CA PHE B 462 14.61 23.87 23.64
C PHE B 462 13.24 24.42 23.98
N PHE B 463 12.20 24.01 23.27
CA PHE B 463 10.90 24.52 23.60
C PHE B 463 10.39 23.76 24.81
N GLY B 464 10.81 22.52 24.95
CA GLY B 464 10.39 21.76 26.10
C GLY B 464 11.09 22.36 27.28
N HIS B 465 12.36 22.66 27.05
CA HIS B 465 13.17 23.28 28.06
C HIS B 465 12.47 24.52 28.58
N ILE B 466 12.09 25.40 27.66
CA ILE B 466 11.40 26.61 28.01
C ILE B 466 10.04 26.32 28.61
N TRP B 467 9.43 25.21 28.22
CA TRP B 467 8.12 24.92 28.77
C TRP B 467 8.13 24.31 30.16
N HIS B 468 8.98 23.31 30.37
CA HIS B 468 9.06 22.69 31.69
C HIS B 468 9.78 23.59 32.67
N GLY B 469 10.81 24.28 32.18
CA GLY B 469 11.52 25.18 33.06
C GLY B 469 10.49 26.14 33.63
N ALA B 470 9.62 26.62 32.76
CA ALA B 470 8.58 27.55 33.17
C ALA B 470 7.50 26.89 34.03
N ARG B 471 7.27 25.60 33.86
CA ARG B 471 6.26 24.89 34.64
C ARG B 471 6.89 24.24 35.88
N THR B 472 8.21 24.37 35.97
CA THR B 472 8.99 23.86 37.09
C THR B 472 8.93 24.96 38.13
N LEU B 473 9.36 26.15 37.71
CA LEU B 473 9.40 27.35 38.53
C LEU B 473 8.06 27.95 38.93
N PHE B 474 7.10 27.96 38.03
CA PHE B 474 5.81 28.56 38.35
C PHE B 474 4.73 27.54 38.70
N ARG B 475 5.17 26.41 39.23
CA ARG B 475 4.27 25.33 39.66
C ARG B 475 3.30 25.91 40.66
N ASP B 476 3.56 27.15 41.08
CA ASP B 476 2.74 27.83 42.06
C ASP B 476 1.53 28.45 41.39
N VAL B 477 1.79 29.34 40.45
CA VAL B 477 0.73 30.01 39.74
C VAL B 477 0.00 29.03 38.82
N PHE B 478 0.68 27.97 38.42
CA PHE B 478 0.13 26.94 37.55
C PHE B 478 -1.40 26.76 37.63
N SER B 479 -1.92 26.60 38.85
CA SER B 479 -3.37 26.41 39.08
C SER B 479 -4.26 27.60 38.70
N GLY B 480 -4.01 28.74 39.35
CA GLY B 480 -4.76 29.97 39.11
C GLY B 480 -3.89 31.19 39.40
N ILE B 481 -4.41 32.41 39.26
CA ILE B 481 -3.57 33.58 39.53
C ILE B 481 -3.53 34.03 40.98
N ASP B 482 -4.48 33.55 41.79
CA ASP B 482 -4.63 33.88 43.22
C ASP B 482 -5.65 35.01 43.34
N PRO B 483 -6.95 34.64 43.55
CA PRO B 483 -8.09 35.54 43.69
C PRO B 483 -7.79 36.96 44.21
N GLU B 484 -6.71 37.12 44.99
CA GLU B 484 -6.30 38.40 45.53
C GLU B 484 -5.67 39.31 44.45
N LEU B 485 -5.98 40.61 44.52
CA LEU B 485 -5.50 41.60 43.52
C LEU B 485 -5.18 43.04 44.06
N SER B 486 -4.74 43.90 43.14
CA SER B 486 -4.41 45.32 43.33
C SER B 486 -3.03 45.81 43.80
N PRO B 487 -2.23 44.97 44.50
CA PRO B 487 -0.93 45.51 44.94
C PRO B 487 0.27 45.42 43.96
N GLU B 488 0.77 46.59 43.54
CA GLU B 488 1.92 46.75 42.63
C GLU B 488 1.76 47.95 41.69
N ASP C 1 -21.88 72.98 22.04
CA ASP C 1 -21.81 71.62 22.65
C ASP C 1 -20.36 71.32 23.05
N GLN C 2 -20.12 71.20 24.35
CA GLN C 2 -18.80 70.89 24.92
C GLN C 2 -18.54 69.38 24.90
N GLU C 3 -17.65 68.87 25.75
CA GLU C 3 -17.36 67.43 25.75
C GLU C 3 -18.55 66.59 26.22
N SER C 4 -18.68 66.42 27.54
CA SER C 4 -19.76 65.64 28.12
C SER C 4 -21.01 66.21 27.45
N SER C 5 -21.98 65.33 27.18
CA SER C 5 -23.22 65.67 26.46
C SER C 5 -22.84 65.71 24.96
N GLY C 6 -21.78 64.95 24.65
CA GLY C 6 -21.29 64.83 23.30
C GLY C 6 -20.53 63.52 23.12
N PHE C 7 -19.75 63.43 22.05
CA PHE C 7 -18.94 62.23 21.75
C PHE C 7 -17.51 62.56 22.15
N ALA C 8 -16.55 61.73 21.75
CA ALA C 8 -15.15 62.01 22.08
C ALA C 8 -14.59 62.97 21.02
N TRP C 9 -13.30 63.24 21.04
CA TRP C 9 -12.76 64.16 20.05
C TRP C 9 -12.73 63.62 18.63
N TRP C 10 -12.33 62.37 18.43
CA TRP C 10 -12.26 61.75 17.10
C TRP C 10 -13.65 61.69 16.44
N ALA C 11 -14.70 61.64 17.25
CA ALA C 11 -16.06 61.61 16.73
C ALA C 11 -16.55 63.03 16.89
N GLY C 12 -15.64 63.97 16.73
CA GLY C 12 -15.97 65.37 16.90
C GLY C 12 -17.28 65.82 16.29
N ASN C 13 -17.34 65.76 14.97
CA ASN C 13 -18.48 66.22 14.21
C ASN C 13 -19.83 65.66 14.55
N ALA C 14 -19.87 64.73 15.49
CA ALA C 14 -21.12 64.12 15.93
C ALA C 14 -21.92 65.09 16.80
N ARG C 15 -21.22 65.89 17.60
CA ARG C 15 -21.88 66.85 18.48
C ARG C 15 -22.50 67.96 17.68
N LEU C 16 -22.34 67.89 16.36
CA LEU C 16 -22.94 68.87 15.46
C LEU C 16 -24.22 68.29 14.88
N ILE C 17 -24.49 67.04 15.25
CA ILE C 17 -25.67 66.32 14.81
C ILE C 17 -26.72 66.49 15.91
N ASN C 18 -26.42 67.40 16.82
CA ASN C 18 -27.20 67.61 18.04
C ASN C 18 -27.91 68.95 17.99
N LEU C 19 -29.20 68.97 18.32
CA LEU C 19 -30.02 70.14 18.07
C LEU C 19 -30.04 70.39 16.57
N SER C 20 -29.89 71.64 16.18
CA SER C 20 -29.96 72.05 14.79
C SER C 20 -28.56 72.49 14.47
N GLY C 21 -28.02 72.10 13.33
CA GLY C 21 -26.60 72.28 13.15
C GLY C 21 -26.26 73.74 13.38
N LYS C 22 -25.23 73.97 14.19
CA LYS C 22 -24.79 75.32 14.49
C LYS C 22 -24.33 75.93 13.19
N LEU C 23 -23.65 75.12 12.40
CA LEU C 23 -23.20 75.51 11.09
C LEU C 23 -23.65 74.55 10.02
N LEU C 24 -24.40 75.07 9.05
CA LEU C 24 -24.43 74.51 7.74
C LEU C 24 -22.98 74.73 7.39
N GLY C 25 -22.49 75.87 7.86
CA GLY C 25 -21.18 76.37 7.53
C GLY C 25 -20.10 75.32 7.45
N ALA C 26 -20.05 74.32 8.33
CA ALA C 26 -19.09 73.27 8.03
C ALA C 26 -19.11 72.81 6.57
N HIS C 27 -20.24 72.25 6.17
CA HIS C 27 -20.42 71.75 4.82
C HIS C 27 -20.00 72.80 3.79
N VAL C 28 -20.40 74.04 4.03
CA VAL C 28 -20.04 75.12 3.11
C VAL C 28 -18.56 75.36 3.33
N ALA C 29 -18.17 75.43 4.60
CA ALA C 29 -16.78 75.63 4.97
C ALA C 29 -15.88 74.93 3.95
N HIS C 30 -16.00 73.61 3.86
CA HIS C 30 -15.18 72.85 2.91
C HIS C 30 -15.70 72.86 1.50
N ALA C 31 -17.00 73.08 1.34
CA ALA C 31 -17.64 73.13 0.04
C ALA C 31 -16.78 74.10 -0.72
N GLY C 32 -15.81 74.64 0.01
CA GLY C 32 -14.85 75.58 -0.51
C GLY C 32 -13.52 74.93 -0.83
N LEU C 33 -12.95 74.15 0.10
CA LEU C 33 -11.67 73.53 -0.19
C LEU C 33 -11.85 72.83 -1.52
N ILE C 34 -12.99 72.18 -1.67
CA ILE C 34 -13.30 71.44 -2.88
C ILE C 34 -13.25 72.31 -4.14
N VAL C 35 -13.79 73.52 -4.05
CA VAL C 35 -13.80 74.45 -5.19
C VAL C 35 -12.47 75.20 -5.24
N PHE C 36 -11.86 75.40 -4.08
CA PHE C 36 -10.59 76.08 -3.99
C PHE C 36 -9.53 75.16 -4.59
N TRP C 37 -9.71 73.86 -4.39
CA TRP C 37 -8.74 72.87 -4.84
C TRP C 37 -8.60 72.95 -6.35
N ALA C 38 -9.72 73.15 -7.03
CA ALA C 38 -9.71 73.39 -8.46
C ALA C 38 -8.93 74.67 -8.73
N GLY C 39 -9.14 75.66 -7.85
CA GLY C 39 -8.46 76.93 -7.98
C GLY C 39 -6.96 76.83 -7.86
N ALA C 40 -6.48 76.00 -6.93
CA ALA C 40 -5.04 75.79 -6.80
C ALA C 40 -4.48 74.89 -7.90
N MET C 41 -4.88 73.62 -7.90
CA MET C 41 -4.41 72.63 -8.88
C MET C 41 -4.58 73.10 -10.33
N THR C 42 -5.73 73.70 -10.64
CA THR C 42 -5.91 74.18 -12.00
C THR C 42 -4.81 75.18 -12.31
N LEU C 43 -4.60 76.12 -11.38
CA LEU C 43 -3.56 77.13 -11.55
C LEU C 43 -2.24 76.39 -11.62
N PHE C 44 -2.03 75.50 -10.65
CA PHE C 44 -0.82 74.70 -10.58
C PHE C 44 -0.56 73.92 -11.85
N GLU C 45 -1.62 73.31 -12.38
CA GLU C 45 -1.54 72.53 -13.62
C GLU C 45 -0.96 73.41 -14.72
N LEU C 46 -1.78 74.34 -15.21
CA LEU C 46 -1.33 75.25 -16.24
C LEU C 46 0.00 75.81 -15.84
N ALA C 47 0.18 76.01 -14.55
CA ALA C 47 1.42 76.56 -13.99
C ALA C 47 2.61 75.74 -14.40
N HIS C 48 2.36 74.53 -14.89
CA HIS C 48 3.41 73.61 -15.31
C HIS C 48 3.24 73.12 -16.74
N PHE C 49 2.08 73.42 -17.32
CA PHE C 49 1.75 73.00 -18.68
C PHE C 49 2.49 73.68 -19.83
N ILE C 50 3.04 72.86 -20.72
CA ILE C 50 3.75 73.34 -21.91
C ILE C 50 2.76 72.96 -23.01
N PRO C 51 2.67 73.76 -24.09
CA PRO C 51 1.72 73.39 -25.14
C PRO C 51 2.10 72.20 -26.05
N GLU C 52 3.39 72.00 -26.30
CA GLU C 52 3.80 70.88 -27.15
C GLU C 52 3.66 69.54 -26.46
N LYS C 53 4.36 69.38 -25.34
CA LYS C 53 4.34 68.13 -24.58
C LYS C 53 2.91 67.59 -24.42
N PRO C 54 2.67 66.35 -24.88
CA PRO C 54 1.34 65.72 -24.79
C PRO C 54 0.72 65.93 -23.42
N MET C 55 -0.44 66.59 -23.37
CA MET C 55 -1.12 66.87 -22.11
C MET C 55 -1.07 65.79 -21.00
N TYR C 56 -1.17 64.52 -21.39
CA TYR C 56 -1.15 63.42 -20.43
C TYR C 56 0.25 63.12 -19.96
N GLU C 57 1.24 63.56 -20.75
CA GLU C 57 2.65 63.35 -20.42
C GLU C 57 3.11 64.29 -19.32
N GLN C 58 2.32 65.34 -19.07
CA GLN C 58 2.63 66.31 -18.03
C GLN C 58 1.58 66.25 -16.93
N GLY C 59 1.67 65.22 -16.10
CA GLY C 59 0.71 65.05 -15.01
C GLY C 59 -0.48 65.98 -14.97
N LEU C 60 -1.27 65.98 -16.03
CA LEU C 60 -2.42 66.86 -16.08
C LEU C 60 -3.71 66.12 -15.82
N ILE C 61 -4.20 66.16 -14.59
CA ILE C 61 -5.47 65.51 -14.32
C ILE C 61 -6.54 66.53 -14.56
N LEU C 62 -6.38 67.68 -13.93
CA LEU C 62 -7.36 68.76 -14.04
C LEU C 62 -7.59 69.39 -15.43
N ILE C 63 -6.50 69.84 -16.03
CA ILE C 63 -6.53 70.51 -17.33
C ILE C 63 -7.21 69.76 -18.47
N PRO C 64 -6.99 68.45 -18.57
CA PRO C 64 -7.61 67.69 -19.65
C PRO C 64 -9.13 67.78 -19.72
N HIS C 65 -9.75 68.11 -18.60
CA HIS C 65 -11.20 68.19 -18.59
C HIS C 65 -11.72 69.41 -19.29
N ILE C 66 -10.99 70.51 -19.17
CA ILE C 66 -11.40 71.74 -19.80
C ILE C 66 -11.37 71.47 -21.31
N ALA C 67 -10.26 70.89 -21.76
CA ALA C 67 -10.07 70.56 -23.16
C ALA C 67 -11.21 69.71 -23.67
N THR C 68 -11.52 68.65 -22.94
CA THR C 68 -12.59 67.74 -23.33
C THR C 68 -13.94 68.46 -23.54
N LEU C 69 -14.04 69.69 -23.02
CA LEU C 69 -15.25 70.50 -23.14
C LEU C 69 -15.20 71.46 -24.32
N GLY C 70 -14.10 71.41 -25.08
CA GLY C 70 -13.94 72.27 -26.24
C GLY C 70 -13.08 73.50 -26.04
N TRP C 71 -12.69 73.76 -24.81
CA TRP C 71 -11.88 74.91 -24.47
C TRP C 71 -10.39 74.78 -24.73
N GLY C 72 -9.82 75.82 -25.33
CA GLY C 72 -8.38 75.86 -25.59
C GLY C 72 -7.77 74.69 -26.33
N VAL C 73 -8.49 74.13 -27.31
CA VAL C 73 -7.93 73.01 -28.05
C VAL C 73 -8.01 73.10 -29.57
N GLY C 74 -9.19 72.84 -30.15
CA GLY C 74 -9.38 72.88 -31.61
C GLY C 74 -8.69 71.75 -32.39
N PRO C 75 -8.29 71.98 -33.67
CA PRO C 75 -7.62 70.94 -34.46
C PRO C 75 -6.76 70.00 -33.62
N GLY C 76 -6.86 68.70 -33.87
CA GLY C 76 -6.09 67.73 -33.10
C GLY C 76 -6.26 68.04 -31.62
N GLY C 77 -5.51 67.40 -30.76
CA GLY C 77 -5.64 67.70 -29.34
C GLY C 77 -4.75 68.87 -28.96
N GLU C 78 -4.23 69.57 -29.98
CA GLU C 78 -3.32 70.71 -29.77
C GLU C 78 -3.97 71.84 -29.01
N VAL C 79 -3.19 72.46 -28.14
CA VAL C 79 -3.65 73.54 -27.32
C VAL C 79 -3.22 74.85 -27.94
N VAL C 80 -4.19 75.70 -28.25
CA VAL C 80 -3.92 77.01 -28.86
C VAL C 80 -4.05 78.16 -27.87
N ASP C 81 -4.97 78.01 -26.93
CA ASP C 81 -5.24 79.03 -25.91
C ASP C 81 -4.84 78.64 -24.49
N THR C 82 -3.66 79.05 -24.05
CA THR C 82 -3.21 78.73 -22.70
C THR C 82 -4.10 79.48 -21.72
N PHE C 83 -4.81 80.47 -22.26
CA PHE C 83 -5.69 81.33 -21.52
C PHE C 83 -6.90 80.65 -20.85
N PRO C 84 -7.84 80.12 -21.64
CA PRO C 84 -9.02 79.46 -21.08
C PRO C 84 -8.80 78.61 -19.85
N PHE C 85 -7.75 77.78 -19.86
CA PHE C 85 -7.48 76.93 -18.71
C PHE C 85 -7.28 77.81 -17.50
N PHE C 86 -6.29 78.71 -17.62
CA PHE C 86 -5.94 79.66 -16.56
C PHE C 86 -7.19 80.29 -15.99
N VAL C 87 -8.04 80.78 -16.90
CA VAL C 87 -9.29 81.41 -16.54
C VAL C 87 -10.05 80.66 -15.45
N VAL C 88 -10.47 79.43 -15.78
CA VAL C 88 -11.27 78.56 -14.91
C VAL C 88 -10.76 78.30 -13.50
N GLY C 89 -9.46 78.14 -13.35
CA GLY C 89 -8.90 77.90 -12.03
C GLY C 89 -8.85 79.18 -11.24
N VAL C 90 -8.46 80.25 -11.92
CA VAL C 90 -8.37 81.59 -11.33
C VAL C 90 -9.69 81.97 -10.70
N VAL C 91 -10.75 81.69 -11.44
CA VAL C 91 -12.08 81.98 -11.03
C VAL C 91 -12.52 81.16 -9.82
N HIS C 92 -12.41 79.85 -9.97
CA HIS C 92 -12.81 78.91 -8.93
C HIS C 92 -12.09 79.31 -7.68
N LEU C 93 -10.78 79.34 -7.77
CA LEU C 93 -9.95 79.67 -6.64
C LEU C 93 -10.53 80.83 -5.90
N ILE C 94 -10.54 81.97 -6.56
CA ILE C 94 -11.09 83.15 -5.97
C ILE C 94 -12.50 82.80 -5.50
N SER C 95 -13.26 82.14 -6.37
CA SER C 95 -14.62 81.76 -6.05
C SER C 95 -14.73 81.08 -4.69
N SER C 96 -13.71 80.32 -4.32
CA SER C 96 -13.69 79.58 -3.07
C SER C 96 -13.78 80.44 -1.83
N ALA C 97 -13.09 81.58 -1.86
CA ALA C 97 -13.11 82.49 -0.72
C ALA C 97 -14.53 82.70 -0.24
N VAL C 98 -15.38 83.21 -1.13
CA VAL C 98 -16.78 83.47 -0.78
C VAL C 98 -17.40 82.24 -0.15
N LEU C 99 -17.08 81.07 -0.71
CA LEU C 99 -17.60 79.81 -0.19
C LEU C 99 -17.05 79.54 1.20
N GLY C 100 -15.76 79.82 1.40
CA GLY C 100 -15.16 79.59 2.69
C GLY C 100 -15.40 80.76 3.62
N PHE C 101 -15.30 81.96 3.08
CA PHE C 101 -15.52 83.16 3.86
C PHE C 101 -16.84 83.02 4.62
N GLY C 102 -17.80 82.29 4.03
CA GLY C 102 -19.10 82.14 4.67
C GLY C 102 -19.26 80.94 5.54
N GLY C 103 -18.77 79.81 5.06
CA GLY C 103 -18.87 78.61 5.86
C GLY C 103 -18.14 78.91 7.15
N VAL C 104 -16.97 79.55 7.03
CA VAL C 104 -16.13 79.89 8.18
C VAL C 104 -16.91 80.69 9.21
N TYR C 105 -17.84 81.50 8.72
CA TYR C 105 -18.66 82.28 9.61
C TYR C 105 -19.76 81.38 10.24
N HIS C 106 -20.74 80.98 9.42
CA HIS C 106 -21.87 80.12 9.82
C HIS C 106 -21.56 79.13 10.95
N ALA C 107 -20.28 78.81 11.11
CA ALA C 107 -19.86 77.85 12.12
C ALA C 107 -19.46 78.44 13.48
N ILE C 108 -19.09 79.70 13.54
CA ILE C 108 -18.71 80.28 14.83
C ILE C 108 -19.55 81.47 15.36
N ARG C 109 -19.85 82.45 14.50
CA ARG C 109 -20.62 83.64 14.89
C ARG C 109 -22.12 83.74 14.56
N GLY C 110 -22.66 82.77 13.84
CA GLY C 110 -24.08 82.82 13.51
C GLY C 110 -24.92 82.03 14.48
N PRO C 111 -26.17 81.70 14.12
CA PRO C 111 -27.04 80.93 15.02
C PRO C 111 -26.46 79.56 15.31
N GLU C 112 -26.03 79.38 16.55
CA GLU C 112 -25.46 78.13 17.04
C GLU C 112 -26.60 77.12 16.96
N THR C 113 -27.78 77.63 16.58
CA THR C 113 -28.97 76.82 16.43
C THR C 113 -29.94 77.46 15.41
N LEU C 114 -30.02 76.85 14.22
CA LEU C 114 -30.89 77.30 13.14
C LEU C 114 -32.15 76.48 13.27
N GLU C 115 -32.20 75.64 14.31
CA GLU C 115 -33.41 74.89 14.56
C GLU C 115 -34.47 75.95 14.97
N GLU C 116 -34.06 76.91 15.81
CA GLU C 116 -34.94 77.98 16.28
C GLU C 116 -35.21 79.07 15.23
N TYR C 117 -34.13 79.60 14.66
CA TYR C 117 -34.24 80.61 13.62
C TYR C 117 -35.09 79.96 12.54
N SER C 118 -35.20 78.63 12.64
CA SER C 118 -35.97 77.78 11.71
C SER C 118 -36.58 78.52 10.54
N SER C 119 -37.83 78.97 10.71
CA SER C 119 -38.57 79.70 9.68
C SER C 119 -38.29 79.15 8.29
N PHE C 120 -37.34 79.80 7.62
CA PHE C 120 -36.90 79.45 6.26
C PHE C 120 -36.64 77.95 6.01
N PHE C 121 -37.70 77.16 5.90
CA PHE C 121 -37.49 75.74 5.65
C PHE C 121 -36.90 75.21 6.98
N GLY C 122 -35.68 75.65 7.31
CA GLY C 122 -35.06 75.31 8.59
C GLY C 122 -34.44 73.98 8.91
N TYR C 123 -34.44 73.67 10.21
CA TYR C 123 -33.80 72.45 10.64
C TYR C 123 -34.43 71.51 11.65
N ASP C 124 -34.23 70.23 11.33
CA ASP C 124 -34.64 69.06 12.08
C ASP C 124 -34.76 67.94 11.06
N TRP C 125 -34.10 66.84 11.34
CA TRP C 125 -34.07 65.70 10.44
C TRP C 125 -35.36 64.92 10.38
N LYS C 126 -35.82 64.39 11.51
CA LYS C 126 -37.05 63.61 11.52
C LYS C 126 -38.13 64.32 10.69
N ASP C 127 -38.07 65.66 10.64
CA ASP C 127 -39.02 66.44 9.86
C ASP C 127 -39.02 65.92 8.43
N LYS C 128 -39.86 64.93 8.17
CA LYS C 128 -39.95 64.27 6.87
C LYS C 128 -40.12 65.13 5.64
N ASN C 129 -40.61 66.35 5.81
CA ASN C 129 -40.83 67.19 4.64
C ASN C 129 -39.77 68.21 4.35
N LYS C 130 -39.20 68.77 5.41
CA LYS C 130 -38.15 69.77 5.27
C LYS C 130 -37.03 69.13 4.44
N MET C 131 -36.92 67.80 4.56
CA MET C 131 -35.90 67.03 3.86
C MET C 131 -36.32 66.68 2.44
N THR C 132 -37.59 66.35 2.26
CA THR C 132 -38.06 66.03 0.93
C THR C 132 -37.93 67.27 0.08
N THR C 133 -38.32 68.40 0.68
CA THR C 133 -38.27 69.68 0.00
C THR C 133 -36.84 70.16 -0.27
N ILE C 134 -35.95 70.01 0.71
CA ILE C 134 -34.56 70.42 0.56
C ILE C 134 -33.90 69.71 -0.63
N LEU C 135 -33.72 68.40 -0.54
CA LEU C 135 -33.12 67.66 -1.64
C LEU C 135 -33.80 68.15 -2.90
N GLY C 136 -35.09 68.44 -2.77
CA GLY C 136 -35.89 68.93 -3.87
C GLY C 136 -35.24 70.11 -4.56
N PHE C 137 -34.70 71.03 -3.77
CA PHE C 137 -34.04 72.19 -4.35
C PHE C 137 -32.84 71.72 -5.13
N HIS C 138 -31.96 71.02 -4.45
CA HIS C 138 -30.74 70.51 -5.05
C HIS C 138 -30.99 69.58 -6.24
N LEU C 139 -32.25 69.28 -6.50
CA LEU C 139 -32.58 68.45 -7.65
C LEU C 139 -32.77 69.36 -8.87
N ILE C 140 -33.46 70.49 -8.69
CA ILE C 140 -33.62 71.42 -9.79
C ILE C 140 -32.18 71.86 -10.07
N VAL C 141 -31.44 72.06 -8.98
CA VAL C 141 -30.03 72.49 -8.97
C VAL C 141 -29.14 71.74 -9.95
N LEU C 142 -29.11 70.43 -9.85
CA LEU C 142 -28.27 69.66 -10.74
C LEU C 142 -28.71 69.76 -12.21
N GLY C 143 -29.90 69.24 -12.50
CA GLY C 143 -30.44 69.27 -13.84
C GLY C 143 -30.19 70.62 -14.46
N ILE C 144 -30.10 71.63 -13.61
CA ILE C 144 -29.85 73.02 -14.00
C ILE C 144 -28.75 73.08 -15.07
N GLY C 145 -27.56 72.65 -14.72
CA GLY C 145 -26.47 72.66 -15.68
C GLY C 145 -26.48 71.48 -16.64
N ALA C 146 -27.24 70.42 -16.35
CA ALA C 146 -27.28 69.25 -17.24
C ALA C 146 -27.42 69.91 -18.59
N LEU C 147 -28.17 71.01 -18.54
CA LEU C 147 -28.47 71.88 -19.65
C LEU C 147 -27.24 72.79 -19.85
N LEU C 148 -26.68 73.30 -18.74
CA LEU C 148 -25.49 74.16 -18.80
C LEU C 148 -24.52 73.55 -19.78
N LEU C 149 -24.37 72.23 -19.66
CA LEU C 149 -23.48 71.49 -20.53
C LEU C 149 -24.05 71.42 -21.92
N VAL C 150 -25.32 71.06 -22.02
CA VAL C 150 -26.00 70.98 -23.31
C VAL C 150 -25.75 72.28 -24.09
N ALA C 151 -25.71 73.39 -23.35
CA ALA C 151 -25.47 74.73 -23.90
C ALA C 151 -24.04 74.79 -24.44
N LYS C 152 -23.08 74.50 -23.57
CA LYS C 152 -21.69 74.51 -23.98
C LYS C 152 -21.58 73.58 -25.18
N ALA C 153 -22.34 72.48 -25.12
CA ALA C 153 -22.36 71.47 -26.18
C ALA C 153 -23.08 71.96 -27.43
N MET C 154 -24.17 72.70 -27.25
CA MET C 154 -24.94 73.18 -28.37
C MET C 154 -24.98 74.69 -28.63
N PHE C 155 -24.68 75.51 -27.63
CA PHE C 155 -24.78 76.96 -27.83
C PHE C 155 -23.60 77.91 -27.52
N PHE C 156 -22.53 77.38 -26.92
CA PHE C 156 -21.38 78.21 -26.56
C PHE C 156 -20.03 77.90 -27.23
N GLY C 157 -19.86 76.65 -27.67
CA GLY C 157 -18.60 76.27 -28.31
C GLY C 157 -18.50 74.83 -28.77
N GLY C 158 -19.18 73.92 -28.06
CA GLY C 158 -19.13 72.52 -28.42
C GLY C 158 -18.20 71.77 -27.48
N LEU C 159 -17.83 70.55 -27.84
CA LEU C 159 -16.92 69.75 -27.02
C LEU C 159 -15.82 69.18 -27.92
N TYR C 160 -14.93 68.37 -27.33
CA TYR C 160 -13.89 67.76 -28.14
C TYR C 160 -14.41 66.38 -28.53
N ASP C 161 -14.30 66.04 -29.80
CA ASP C 161 -14.77 64.75 -30.24
C ASP C 161 -13.70 64.07 -31.06
N THR C 162 -13.11 63.02 -30.50
CA THR C 162 -12.05 62.27 -31.19
C THR C 162 -12.60 61.57 -32.42
N TRP C 163 -13.86 61.16 -32.34
CA TRP C 163 -14.54 60.48 -33.45
C TRP C 163 -14.84 61.48 -34.55
N ALA C 164 -15.32 62.64 -34.12
CA ALA C 164 -15.65 63.74 -35.00
C ALA C 164 -14.93 63.62 -36.35
N PRO C 165 -15.69 63.63 -37.46
CA PRO C 165 -15.18 63.54 -38.84
C PRO C 165 -13.67 63.65 -38.91
N GLY C 166 -13.17 64.70 -39.57
CA GLY C 166 -11.72 64.91 -39.68
C GLY C 166 -10.80 64.15 -38.72
N GLY C 167 -10.90 64.48 -37.44
CA GLY C 167 -10.08 63.83 -36.43
C GLY C 167 -10.40 64.53 -35.14
N GLY C 168 -9.77 64.14 -34.04
CA GLY C 168 -10.06 64.83 -32.79
C GLY C 168 -10.20 66.29 -33.13
N ASP C 169 -11.22 66.94 -32.60
CA ASP C 169 -11.41 68.35 -32.91
C ASP C 169 -12.65 68.94 -32.25
N VAL C 170 -12.49 70.14 -31.68
CA VAL C 170 -13.60 70.84 -31.04
C VAL C 170 -14.75 70.91 -32.04
N ARG C 171 -15.88 70.33 -31.66
CA ARG C 171 -17.06 70.31 -32.51
C ARG C 171 -18.30 70.65 -31.69
N VAL C 172 -19.33 71.19 -32.34
CA VAL C 172 -20.56 71.55 -31.66
C VAL C 172 -21.60 70.46 -31.83
N ILE C 173 -22.21 69.99 -30.73
CA ILE C 173 -23.22 68.94 -30.82
C ILE C 173 -24.48 69.55 -31.41
N THR C 174 -24.74 69.24 -32.67
CA THR C 174 -25.91 69.80 -33.31
C THR C 174 -27.15 69.04 -32.92
N ASN C 175 -27.18 67.77 -33.27
CA ASN C 175 -28.35 66.95 -33.03
C ASN C 175 -28.26 65.89 -31.92
N PRO C 176 -28.53 66.28 -30.66
CA PRO C 176 -28.47 65.32 -29.55
C PRO C 176 -29.47 64.20 -29.77
N THR C 177 -29.51 63.23 -28.87
CA THR C 177 -30.43 62.11 -29.06
C THR C 177 -31.85 62.23 -28.47
N LEU C 178 -32.83 61.88 -29.32
CA LEU C 178 -34.25 61.88 -28.99
C LEU C 178 -34.56 60.54 -28.33
N ASP C 179 -34.82 59.57 -29.20
CA ASP C 179 -35.17 58.21 -28.84
C ASP C 179 -34.77 57.81 -27.43
N PRO C 180 -35.76 57.49 -26.60
CA PRO C 180 -35.51 57.09 -25.22
C PRO C 180 -34.89 55.70 -25.15
N ARG C 181 -35.15 54.88 -26.16
CA ARG C 181 -34.60 53.51 -26.21
C ARG C 181 -33.09 53.59 -26.05
N VAL C 182 -32.48 54.48 -26.82
CA VAL C 182 -31.03 54.66 -26.81
C VAL C 182 -30.55 55.23 -25.48
N ILE C 183 -30.79 56.52 -25.27
CA ILE C 183 -30.37 57.19 -24.04
C ILE C 183 -30.63 56.37 -22.79
N PHE C 184 -31.80 55.74 -22.70
CA PHE C 184 -32.11 54.91 -21.52
C PHE C 184 -31.50 53.53 -21.68
N GLY C 185 -31.66 52.98 -22.88
CA GLY C 185 -31.19 51.65 -23.21
C GLY C 185 -29.86 51.22 -22.63
N TYR C 186 -28.96 52.17 -22.41
CA TYR C 186 -27.68 51.82 -21.85
C TYR C 186 -27.83 51.12 -20.50
N LEU C 187 -28.69 51.64 -19.63
CA LEU C 187 -28.85 51.02 -18.33
C LEU C 187 -29.13 49.54 -18.45
N LEU C 188 -30.03 49.20 -19.37
CA LEU C 188 -30.43 47.80 -19.62
C LEU C 188 -29.35 47.00 -20.35
N LYS C 189 -28.29 47.69 -20.76
CA LYS C 189 -27.20 47.05 -21.49
C LYS C 189 -26.31 46.21 -20.59
N SER C 190 -25.72 45.17 -21.20
CA SER C 190 -24.81 44.25 -20.54
C SER C 190 -23.92 44.97 -19.52
N PRO C 191 -23.48 44.25 -18.49
CA PRO C 191 -22.63 44.93 -17.52
C PRO C 191 -21.20 44.54 -17.80
N PHE C 192 -21.04 43.33 -18.33
CA PHE C 192 -19.74 42.73 -18.64
C PHE C 192 -19.02 43.12 -19.92
N GLY C 193 -17.84 42.53 -20.11
CA GLY C 193 -17.04 42.79 -21.30
C GLY C 193 -17.83 42.70 -22.59
N GLY C 194 -17.76 43.76 -23.38
CA GLY C 194 -18.47 43.81 -24.64
C GLY C 194 -19.46 44.96 -24.61
N GLU C 195 -20.03 45.24 -23.44
CA GLU C 195 -21.01 46.31 -23.29
C GLU C 195 -21.19 46.73 -21.83
N GLY C 196 -20.55 47.81 -21.41
CA GLY C 196 -20.73 48.23 -20.03
C GLY C 196 -21.94 49.13 -20.06
N TRP C 197 -22.88 48.95 -19.13
CA TRP C 197 -24.11 49.76 -19.13
C TRP C 197 -23.89 51.27 -19.17
N ILE C 198 -22.93 51.80 -18.41
CA ILE C 198 -22.74 53.25 -18.50
C ILE C 198 -21.66 53.57 -19.52
N VAL C 199 -20.48 53.02 -19.27
CA VAL C 199 -19.29 53.24 -20.08
C VAL C 199 -19.41 53.25 -21.60
N SER C 200 -20.04 52.23 -22.16
CA SER C 200 -20.13 52.16 -23.60
C SER C 200 -20.80 53.38 -24.22
N VAL C 201 -20.02 54.29 -24.80
CA VAL C 201 -20.59 55.47 -25.46
C VAL C 201 -19.72 56.01 -26.61
N ASN C 202 -20.05 55.62 -27.83
CA ASN C 202 -19.33 56.03 -29.04
C ASN C 202 -19.16 57.54 -29.27
N ASN C 203 -20.27 58.28 -29.24
CA ASN C 203 -20.25 59.72 -29.53
C ASN C 203 -20.81 60.67 -28.46
N LEU C 204 -20.77 61.97 -28.79
CA LEU C 204 -21.26 63.02 -27.93
C LEU C 204 -22.78 63.19 -28.12
N GLU C 205 -23.24 62.90 -29.34
CA GLU C 205 -24.67 63.02 -29.68
C GLU C 205 -25.53 62.31 -28.64
N ASP C 206 -24.99 61.22 -28.09
CA ASP C 206 -25.70 60.42 -27.12
C ASP C 206 -25.41 60.94 -25.70
N VAL C 207 -24.25 61.57 -25.54
CA VAL C 207 -23.85 62.12 -24.23
C VAL C 207 -24.68 63.33 -23.93
N VAL C 208 -24.34 64.43 -24.57
CA VAL C 208 -25.09 65.66 -24.38
C VAL C 208 -26.56 65.33 -24.63
N GLY C 209 -26.81 64.47 -25.62
CA GLY C 209 -28.17 64.06 -25.92
C GLY C 209 -28.82 63.41 -24.71
N GLY C 210 -28.05 62.62 -23.98
CA GLY C 210 -28.56 61.97 -22.80
C GLY C 210 -28.65 62.92 -21.63
N HIS C 211 -27.63 63.76 -21.45
CA HIS C 211 -27.64 64.72 -20.35
C HIS C 211 -28.95 65.51 -20.35
N ILE C 212 -29.34 65.99 -21.52
CA ILE C 212 -30.57 66.75 -21.65
C ILE C 212 -31.61 65.96 -20.88
N TRP C 213 -31.91 64.78 -21.39
CA TRP C 213 -32.87 63.89 -20.76
C TRP C 213 -32.67 63.81 -19.25
N ILE C 214 -31.44 63.97 -18.77
CA ILE C 214 -31.24 63.88 -17.33
C ILE C 214 -31.57 65.18 -16.60
N GLY C 215 -31.26 66.31 -17.24
CA GLY C 215 -31.56 67.60 -16.64
C GLY C 215 -33.03 67.71 -16.28
N LEU C 216 -33.88 67.48 -17.27
CA LEU C 216 -35.32 67.54 -17.10
C LEU C 216 -35.77 66.44 -16.14
N ILE C 217 -35.29 65.22 -16.36
CA ILE C 217 -35.66 64.09 -15.51
C ILE C 217 -35.31 64.37 -14.06
N CYS C 218 -34.15 64.98 -13.86
CA CYS C 218 -33.68 65.33 -12.54
C CYS C 218 -34.42 66.54 -11.95
N ILE C 219 -34.70 67.54 -12.80
CA ILE C 219 -35.42 68.74 -12.35
C ILE C 219 -36.86 68.33 -11.93
N ALA C 220 -37.45 67.43 -12.70
CA ALA C 220 -38.80 66.92 -12.45
C ALA C 220 -38.88 66.25 -11.08
N GLY C 221 -37.72 65.97 -10.51
CA GLY C 221 -37.68 65.33 -9.20
C GLY C 221 -37.65 66.36 -8.10
N GLY C 222 -36.86 67.41 -8.31
CA GLY C 222 -36.78 68.47 -7.32
C GLY C 222 -38.14 69.13 -7.23
N ILE C 223 -38.72 69.39 -8.40
CA ILE C 223 -40.04 69.98 -8.52
C ILE C 223 -41.01 69.09 -7.75
N TRP C 224 -40.81 67.78 -7.91
CA TRP C 224 -41.64 66.76 -7.28
C TRP C 224 -41.58 66.65 -5.75
N HIS C 225 -40.44 66.23 -5.22
CA HIS C 225 -40.27 66.09 -3.77
C HIS C 225 -40.54 67.37 -3.01
N ILE C 226 -40.17 68.48 -3.63
CA ILE C 226 -40.36 69.80 -3.04
C ILE C 226 -41.84 69.99 -2.69
N LEU C 227 -42.73 69.44 -3.52
CA LEU C 227 -44.17 69.56 -3.31
C LEU C 227 -44.84 68.50 -2.45
N THR C 228 -44.23 67.34 -2.29
CA THR C 228 -44.94 66.33 -1.55
C THR C 228 -44.21 65.60 -0.42
N THR C 229 -44.99 64.84 0.32
CA THR C 229 -44.53 64.03 1.44
C THR C 229 -44.44 62.58 1.01
N PRO C 230 -43.34 61.91 1.38
CA PRO C 230 -43.09 60.51 1.05
C PRO C 230 -44.19 59.58 1.59
N PHE C 231 -44.53 58.60 0.78
CA PHE C 231 -45.57 57.65 1.11
C PHE C 231 -45.26 56.80 2.34
N GLY C 232 -46.27 56.04 2.77
CA GLY C 232 -46.17 55.17 3.95
C GLY C 232 -45.35 53.89 3.90
N TRP C 233 -45.06 53.35 2.72
CA TRP C 233 -44.23 52.15 2.69
C TRP C 233 -42.79 52.65 2.76
N ALA C 234 -42.63 53.93 2.41
CA ALA C 234 -41.32 54.58 2.44
C ALA C 234 -40.93 54.75 3.88
N ARG C 235 -41.77 55.42 4.64
CA ARG C 235 -41.54 55.66 6.07
C ARG C 235 -41.30 54.32 6.77
N ARG C 236 -42.18 53.36 6.49
CA ARG C 236 -42.17 51.99 7.04
C ARG C 236 -40.81 51.31 6.83
N ALA C 237 -40.29 51.47 5.60
CA ALA C 237 -39.02 50.90 5.16
C ALA C 237 -37.72 51.48 5.74
N PHE C 238 -37.50 52.78 5.54
CA PHE C 238 -36.21 53.40 5.82
C PHE C 238 -36.15 54.19 7.11
N ILE C 239 -35.11 53.94 7.90
CA ILE C 239 -34.89 54.66 9.14
C ILE C 239 -34.65 56.13 8.83
N TRP C 240 -35.24 57.00 9.63
CA TRP C 240 -35.01 58.42 9.44
C TRP C 240 -34.26 58.93 10.65
N SER C 241 -33.06 59.41 10.38
CA SER C 241 -32.19 60.04 11.36
C SER C 241 -31.15 60.83 10.60
N GLY C 242 -30.72 61.95 11.13
CA GLY C 242 -29.72 62.73 10.44
C GLY C 242 -28.63 61.80 9.93
N GLU C 243 -28.05 61.02 10.85
CA GLU C 243 -26.99 60.07 10.51
C GLU C 243 -27.44 59.14 9.39
N ALA C 244 -28.50 58.39 9.66
CA ALA C 244 -29.07 57.44 8.71
C ALA C 244 -29.15 58.05 7.31
N TYR C 245 -29.41 59.34 7.23
CA TYR C 245 -29.50 60.03 5.94
C TYR C 245 -28.16 60.06 5.24
N LEU C 246 -27.11 60.30 6.03
CA LEU C 246 -25.74 60.31 5.51
C LEU C 246 -25.46 58.89 5.09
N SER C 247 -25.81 57.97 5.98
CA SER C 247 -25.64 56.55 5.76
C SER C 247 -26.04 56.15 4.35
N TYR C 248 -27.30 56.36 3.98
CA TYR C 248 -27.73 56.02 2.62
C TYR C 248 -26.80 56.84 1.79
N SER C 249 -27.31 58.02 1.47
CA SER C 249 -26.61 59.01 0.69
C SER C 249 -25.12 58.73 0.41
N LEU C 250 -24.37 58.37 1.44
CA LEU C 250 -22.93 58.07 1.32
C LEU C 250 -22.61 56.88 0.41
N GLY C 251 -23.49 55.88 0.42
CA GLY C 251 -23.32 54.68 -0.39
C GLY C 251 -23.80 54.81 -1.81
N ALA C 252 -24.01 56.06 -2.22
CA ALA C 252 -24.42 56.37 -3.58
C ALA C 252 -23.13 56.86 -4.21
N LEU C 253 -22.24 57.35 -3.37
CA LEU C 253 -20.94 57.81 -3.81
C LEU C 253 -20.11 56.55 -4.05
N SER C 254 -19.94 55.78 -2.98
CA SER C 254 -19.19 54.55 -3.07
C SER C 254 -19.43 53.97 -4.43
N MET C 255 -20.66 53.52 -4.67
CA MET C 255 -21.02 52.95 -5.95
C MET C 255 -20.55 53.84 -7.09
N MET C 256 -20.99 55.08 -7.05
CA MET C 256 -20.68 56.03 -8.09
C MET C 256 -19.19 56.17 -8.36
N GLY C 257 -18.38 56.24 -7.32
CA GLY C 257 -16.94 56.37 -7.53
C GLY C 257 -16.35 55.21 -8.30
N PHE C 258 -16.88 54.02 -8.02
CA PHE C 258 -16.41 52.85 -8.72
C PHE C 258 -16.81 53.11 -10.15
N ILE C 259 -18.07 53.49 -10.34
CA ILE C 259 -18.61 53.79 -11.67
C ILE C 259 -17.72 54.79 -12.43
N ALA C 260 -16.90 55.53 -11.69
CA ALA C 260 -16.00 56.50 -12.30
C ALA C 260 -14.74 55.73 -12.61
N THR C 261 -14.10 55.25 -11.54
CA THR C 261 -12.87 54.46 -11.66
C THR C 261 -12.97 53.43 -12.79
N CYS C 262 -14.15 52.82 -12.90
CA CYS C 262 -14.41 51.82 -13.93
C CYS C 262 -14.66 52.52 -15.28
N PHE C 263 -14.93 53.82 -15.25
CA PHE C 263 -15.22 54.58 -16.46
C PHE C 263 -14.00 55.31 -17.04
N VAL C 264 -13.19 55.89 -16.18
CA VAL C 264 -11.99 56.63 -16.60
C VAL C 264 -10.92 55.68 -17.10
N TRP C 265 -11.09 54.40 -16.83
CA TRP C 265 -10.11 53.42 -17.26
C TRP C 265 -10.51 52.88 -18.59
N PHE C 266 -11.79 52.96 -18.89
CA PHE C 266 -12.27 52.39 -20.13
C PHE C 266 -12.67 53.24 -21.31
N ASN C 267 -13.10 54.49 -21.14
CA ASN C 267 -13.53 55.22 -22.34
C ASN C 267 -12.63 56.23 -23.05
N ASN C 268 -12.65 56.16 -24.38
CA ASN C 268 -11.85 57.04 -25.22
C ASN C 268 -12.68 58.22 -25.68
N THR C 269 -13.99 58.13 -25.52
CA THR C 269 -14.91 59.20 -25.90
C THR C 269 -14.88 60.40 -24.96
N VAL C 270 -15.33 60.19 -23.73
CA VAL C 270 -15.38 61.23 -22.72
C VAL C 270 -14.01 61.45 -22.06
N TYR C 271 -13.06 60.60 -22.43
CA TYR C 271 -11.71 60.72 -21.94
C TYR C 271 -10.92 60.35 -23.18
N PRO C 272 -10.71 61.34 -24.06
CA PRO C 272 -10.02 61.35 -25.35
C PRO C 272 -8.62 60.74 -25.50
N SER C 273 -7.86 60.63 -24.42
CA SER C 273 -6.51 60.05 -24.50
C SER C 273 -5.53 61.06 -25.09
N GLU C 274 -6.05 62.09 -25.76
CA GLU C 274 -5.17 63.11 -26.32
C GLU C 274 -4.91 64.04 -25.16
N PHE C 275 -5.72 63.84 -24.12
CA PHE C 275 -5.63 64.61 -22.91
C PHE C 275 -5.34 63.66 -21.76
N TYR C 276 -5.81 62.42 -21.87
CA TYR C 276 -5.55 61.42 -20.86
C TYR C 276 -4.61 60.48 -21.61
N GLY C 277 -4.20 59.37 -21.02
CA GLY C 277 -3.31 58.48 -21.77
C GLY C 277 -4.12 57.55 -22.64
N PRO C 278 -3.48 56.68 -23.45
CA PRO C 278 -4.32 55.80 -24.25
C PRO C 278 -4.86 54.76 -23.28
N THR C 279 -6.14 54.40 -23.42
CA THR C 279 -6.75 53.44 -22.51
C THR C 279 -6.10 52.07 -22.48
N GLY C 280 -5.92 51.55 -21.28
CA GLY C 280 -5.30 50.24 -21.10
C GLY C 280 -5.40 49.30 -22.29
N PRO C 281 -6.61 48.85 -22.66
CA PRO C 281 -6.74 47.95 -23.79
C PRO C 281 -6.17 48.57 -25.06
N GLU C 282 -6.47 49.84 -25.29
CA GLU C 282 -5.97 50.54 -26.46
C GLU C 282 -4.49 50.25 -26.63
N ALA C 283 -3.77 50.36 -25.51
CA ALA C 283 -2.35 50.11 -25.48
C ALA C 283 -2.01 48.79 -26.16
N SER C 284 -2.24 47.68 -25.46
CA SER C 284 -1.93 46.36 -26.01
C SER C 284 -2.56 46.04 -27.34
N GLN C 285 -3.26 47.02 -27.90
CA GLN C 285 -3.87 46.89 -29.22
C GLN C 285 -2.99 47.74 -30.11
N ALA C 286 -2.55 48.86 -29.55
CA ALA C 286 -1.67 49.75 -30.25
C ALA C 286 -0.40 48.99 -30.58
N GLN C 287 0.11 48.23 -29.63
CA GLN C 287 1.33 47.48 -29.86
C GLN C 287 1.10 46.63 -31.10
N ALA C 288 0.00 45.90 -31.07
CA ALA C 288 -0.38 45.05 -32.17
C ALA C 288 -0.20 45.83 -33.44
N MET C 289 -1.03 46.85 -33.59
CA MET C 289 -1.01 47.73 -34.76
C MET C 289 0.40 48.11 -35.22
N THR C 290 1.25 48.52 -34.28
CA THR C 290 2.59 48.92 -34.63
C THR C 290 3.37 47.79 -35.29
N PHE C 291 3.33 46.60 -34.70
CA PHE C 291 4.07 45.47 -35.28
C PHE C 291 3.42 44.78 -36.46
N LEU C 292 2.11 44.89 -36.58
CA LEU C 292 1.45 44.31 -37.72
C LEU C 292 2.06 45.06 -38.86
N ILE C 293 2.32 46.34 -38.62
CA ILE C 293 2.88 47.20 -39.63
C ILE C 293 4.34 46.95 -39.86
N ARG C 294 5.09 46.89 -38.78
CA ARG C 294 6.54 46.68 -38.85
C ARG C 294 6.94 45.55 -39.81
N ASP C 295 6.26 44.42 -39.71
CA ASP C 295 6.58 43.30 -40.56
C ASP C 295 5.94 43.44 -41.94
N GLN C 296 4.63 43.72 -41.96
CA GLN C 296 3.92 43.86 -43.22
C GLN C 296 4.71 44.79 -44.06
N LYS C 297 5.24 45.83 -43.40
CA LYS C 297 6.06 46.85 -44.04
C LYS C 297 7.43 46.22 -44.31
N LEU C 298 7.80 45.22 -43.52
CA LEU C 298 9.08 44.55 -43.73
C LEU C 298 8.94 43.50 -44.83
N GLY C 299 7.71 43.26 -45.27
CA GLY C 299 7.49 42.29 -46.32
C GLY C 299 6.78 41.00 -45.95
N ALA C 300 6.16 40.96 -44.78
CA ALA C 300 5.45 39.77 -44.38
C ALA C 300 4.01 39.87 -44.86
N ASN C 301 3.40 38.72 -45.11
CA ASN C 301 2.02 38.60 -45.58
C ASN C 301 1.01 38.98 -44.49
N VAL C 302 1.45 38.89 -43.24
CA VAL C 302 0.63 39.21 -42.06
C VAL C 302 -0.61 38.33 -41.95
N GLY C 303 -1.65 38.67 -42.67
CA GLY C 303 -2.88 37.91 -42.62
C GLY C 303 -2.75 36.41 -42.58
N SER C 304 -1.86 35.85 -43.40
CA SER C 304 -1.67 34.41 -43.45
C SER C 304 -0.41 33.95 -42.72
N ALA C 305 -0.07 34.59 -41.60
CA ALA C 305 1.13 34.22 -40.86
C ALA C 305 0.86 33.39 -39.60
N GLN C 306 1.15 32.10 -39.69
CA GLN C 306 0.95 31.18 -38.58
C GLN C 306 1.81 31.51 -37.37
N GLY C 307 1.17 31.93 -36.28
CA GLY C 307 1.91 32.30 -35.08
C GLY C 307 2.36 31.19 -34.13
N PRO C 308 3.46 31.40 -33.39
CA PRO C 308 4.07 30.49 -32.42
C PRO C 308 3.18 29.48 -31.71
N THR C 309 2.09 29.98 -31.17
CA THR C 309 1.14 29.17 -30.41
C THR C 309 0.35 28.18 -31.29
N GLY C 310 -0.12 28.69 -32.42
CA GLY C 310 -0.90 27.90 -33.34
C GLY C 310 -1.96 28.84 -33.85
N LEU C 311 -1.97 30.03 -33.28
CA LEU C 311 -2.97 31.00 -33.68
C LEU C 311 -2.62 31.92 -34.81
N GLY C 312 -1.47 32.56 -34.73
CA GLY C 312 -1.08 33.50 -35.76
C GLY C 312 -0.63 34.74 -35.03
N LYS C 313 0.49 35.32 -35.44
CA LYS C 313 1.01 36.49 -34.75
C LYS C 313 0.14 37.72 -34.88
N TYR C 314 0.22 38.37 -36.06
CA TYR C 314 -0.50 39.60 -36.34
C TYR C 314 -2.03 39.51 -36.33
N LEU C 315 -2.60 38.45 -36.91
CA LEU C 315 -4.04 38.34 -36.94
C LEU C 315 -4.58 37.04 -36.37
N MET C 316 -5.68 37.18 -35.62
CA MET C 316 -6.32 36.08 -34.93
C MET C 316 -7.83 36.12 -35.11
N ARG C 317 -8.54 35.18 -34.51
CA ARG C 317 -10.00 35.14 -34.62
C ARG C 317 -10.73 35.04 -33.26
N SER C 318 -11.75 35.88 -33.08
CA SER C 318 -12.58 35.90 -31.87
C SER C 318 -13.88 35.14 -32.14
N PRO C 319 -14.56 34.66 -31.10
CA PRO C 319 -15.81 33.90 -31.30
C PRO C 319 -17.02 34.58 -31.96
N THR C 320 -17.39 35.80 -31.54
CA THR C 320 -18.54 36.54 -32.11
C THR C 320 -18.20 37.43 -33.34
N GLY C 321 -17.49 38.54 -33.13
CA GLY C 321 -16.86 39.21 -34.26
C GLY C 321 -15.68 38.37 -34.74
N GLU C 322 -15.65 38.06 -36.04
CA GLU C 322 -14.66 37.14 -36.62
C GLU C 322 -13.16 37.52 -36.55
N ILE C 323 -12.85 38.78 -36.84
CA ILE C 323 -11.46 39.27 -36.94
C ILE C 323 -10.93 40.41 -36.07
N ILE C 324 -9.80 40.14 -35.41
CA ILE C 324 -9.07 41.10 -34.55
C ILE C 324 -7.58 40.80 -34.41
N PHE C 325 -6.84 41.77 -33.86
CA PHE C 325 -5.41 41.63 -33.63
C PHE C 325 -5.24 40.45 -32.70
N GLY C 326 -4.15 39.72 -32.87
CA GLY C 326 -3.90 38.57 -32.01
C GLY C 326 -2.58 38.61 -31.27
N GLY C 327 -2.61 38.26 -30.00
CA GLY C 327 -1.39 38.23 -29.20
C GLY C 327 -1.83 37.61 -27.91
N GLU C 328 -1.88 38.44 -26.89
CA GLU C 328 -2.58 38.16 -25.64
C GLU C 328 -3.54 39.31 -25.67
N THR C 329 -3.25 40.15 -26.66
CA THR C 329 -4.00 41.34 -27.00
C THR C 329 -5.50 41.08 -27.17
N MET C 330 -5.83 39.85 -27.59
CA MET C 330 -7.21 39.46 -27.82
C MET C 330 -8.22 40.02 -26.82
N ARG C 331 -7.91 39.90 -25.53
CA ARG C 331 -8.81 40.40 -24.49
C ARG C 331 -9.44 41.73 -24.84
N PHE C 332 -8.73 42.51 -25.66
CA PHE C 332 -9.22 43.85 -25.98
C PHE C 332 -9.78 44.05 -27.38
N TRP C 333 -10.32 43.00 -27.98
CA TRP C 333 -10.86 43.14 -29.33
C TRP C 333 -12.12 44.00 -29.31
N ASP C 334 -12.51 44.45 -28.11
CA ASP C 334 -13.69 45.28 -27.96
C ASP C 334 -13.28 46.75 -28.02
N PHE C 335 -11.98 47.01 -28.00
CA PHE C 335 -11.51 48.38 -28.04
C PHE C 335 -11.84 49.10 -29.31
N ARG C 336 -12.33 50.33 -29.17
CA ARG C 336 -12.67 51.13 -30.33
C ARG C 336 -12.17 52.56 -30.17
N GLY C 337 -11.40 53.02 -31.15
CA GLY C 337 -10.86 54.36 -31.14
C GLY C 337 -10.75 54.81 -32.58
N PRO C 338 -10.74 56.11 -32.84
CA PRO C 338 -10.64 56.58 -34.23
C PRO C 338 -9.35 56.17 -34.93
N TRP C 339 -8.28 55.94 -34.17
CA TRP C 339 -7.02 55.57 -34.80
C TRP C 339 -6.98 54.17 -35.41
N LEU C 340 -8.02 53.38 -35.18
CA LEU C 340 -8.03 52.01 -35.70
C LEU C 340 -9.30 51.64 -36.42
N GLU C 341 -10.32 52.47 -36.31
CA GLU C 341 -11.58 52.19 -36.97
C GLU C 341 -11.57 52.25 -38.50
N PRO C 342 -10.79 53.17 -39.10
CA PRO C 342 -10.83 53.17 -40.57
C PRO C 342 -10.50 51.76 -41.05
N LEU C 343 -9.43 51.19 -40.50
CA LEU C 343 -9.03 49.85 -40.88
C LEU C 343 -9.96 48.85 -40.20
N ARG C 344 -11.26 49.00 -40.43
CA ARG C 344 -12.26 48.08 -39.87
C ARG C 344 -13.03 47.50 -41.05
N GLY C 345 -13.80 46.43 -40.81
CA GLY C 345 -14.56 45.81 -41.88
C GLY C 345 -15.90 45.23 -41.45
N PRO C 346 -16.65 44.70 -42.42
CA PRO C 346 -17.94 44.12 -42.08
C PRO C 346 -17.70 43.00 -41.06
N ASN C 347 -16.96 41.99 -41.51
CA ASN C 347 -16.62 40.82 -40.70
C ASN C 347 -15.63 41.16 -39.56
N GLY C 348 -14.96 42.30 -39.64
CA GLY C 348 -13.98 42.69 -38.61
C GLY C 348 -12.79 43.40 -39.24
N LEU C 349 -11.58 43.18 -38.74
CA LEU C 349 -10.42 43.83 -39.35
C LEU C 349 -10.29 43.33 -40.76
N ASP C 350 -10.21 44.22 -41.73
CA ASP C 350 -10.11 43.82 -43.13
C ASP C 350 -8.69 43.64 -43.62
N LEU C 351 -8.41 42.47 -44.18
CA LEU C 351 -7.10 42.14 -44.70
C LEU C 351 -6.70 43.07 -45.85
N ASN C 352 -7.63 43.31 -46.77
CA ASN C 352 -7.42 44.20 -47.93
C ASN C 352 -7.10 45.60 -47.46
N LYS C 353 -7.88 46.08 -46.50
CA LYS C 353 -7.66 47.41 -45.97
C LYS C 353 -6.31 47.39 -45.27
N ILE C 354 -6.26 46.78 -44.10
CA ILE C 354 -5.03 46.72 -43.31
C ILE C 354 -3.78 46.59 -44.17
N LYS C 355 -3.89 45.87 -45.28
CA LYS C 355 -2.74 45.68 -46.16
C LYS C 355 -2.33 46.92 -46.98
N ASN C 356 -3.30 47.67 -47.51
CA ASN C 356 -2.96 48.83 -48.34
C ASN C 356 -3.54 50.21 -47.97
N ASP C 357 -4.63 50.25 -47.21
CA ASP C 357 -5.24 51.54 -46.84
C ASP C 357 -4.84 52.00 -45.47
N ILE C 358 -3.83 51.34 -44.91
CA ILE C 358 -3.34 51.67 -43.59
C ILE C 358 -2.39 52.85 -43.80
N GLN C 359 -2.83 54.05 -43.43
CA GLN C 359 -2.03 55.24 -43.64
C GLN C 359 -0.99 55.54 -42.55
N PRO C 360 -0.11 56.52 -42.79
CA PRO C 360 0.95 56.97 -41.88
C PRO C 360 0.48 57.64 -40.61
N TRP C 361 -0.50 58.54 -40.70
CA TRP C 361 -0.94 59.21 -39.49
C TRP C 361 -1.31 58.20 -38.40
N GLN C 362 -1.43 56.94 -38.78
CA GLN C 362 -1.78 55.92 -37.81
C GLN C 362 -0.56 55.24 -37.17
N GLU C 363 0.46 54.90 -37.98
CA GLU C 363 1.67 54.24 -37.47
C GLU C 363 2.33 55.06 -36.36
N ARG C 364 2.22 56.38 -36.46
CA ARG C 364 2.80 57.28 -35.50
C ARG C 364 1.90 57.51 -34.28
N ARG C 365 0.58 57.52 -34.44
CA ARG C 365 -0.28 57.69 -33.27
C ARG C 365 -0.26 56.32 -32.59
N ALA C 366 -0.23 55.27 -33.41
CA ALA C 366 -0.19 53.90 -32.90
C ALA C 366 1.04 53.64 -32.08
N ALA C 367 2.16 54.24 -32.47
CA ALA C 367 3.40 54.05 -31.74
C ALA C 367 3.42 54.90 -30.45
N GLU C 368 2.75 56.04 -30.46
CA GLU C 368 2.72 56.88 -29.27
C GLU C 368 1.98 56.07 -28.20
N TYR C 369 0.85 55.53 -28.59
CA TYR C 369 0.04 54.74 -27.67
C TYR C 369 0.68 53.40 -27.32
N MET C 370 1.55 52.90 -28.17
CA MET C 370 2.17 51.66 -27.78
C MET C 370 3.04 52.06 -26.60
N THR C 371 3.88 53.08 -26.77
CA THR C 371 4.75 53.51 -25.68
C THR C 371 3.94 53.95 -24.48
N HIS C 372 3.45 55.18 -24.54
CA HIS C 372 2.66 55.75 -23.48
C HIS C 372 1.55 54.78 -23.14
N ALA C 373 1.79 53.93 -22.14
CA ALA C 373 0.79 52.96 -21.71
C ALA C 373 0.53 53.15 -20.23
N PRO C 374 -0.69 52.82 -19.76
CA PRO C 374 -1.03 52.98 -18.33
C PRO C 374 -0.23 52.08 -17.38
N LEU C 375 1.10 52.15 -17.45
CA LEU C 375 1.96 51.32 -16.60
C LEU C 375 3.06 52.07 -15.85
N GLY C 376 2.93 52.17 -14.53
CA GLY C 376 3.97 52.85 -13.78
C GLY C 376 3.98 52.59 -12.28
N SER C 377 5.08 52.98 -11.64
CA SER C 377 5.26 52.80 -10.20
C SER C 377 4.94 54.07 -9.42
N LEU C 378 4.60 53.94 -8.13
CA LEU C 378 4.31 55.12 -7.32
C LEU C 378 5.52 56.00 -7.51
N ASN C 379 6.67 55.35 -7.59
CA ASN C 379 7.91 56.06 -7.80
C ASN C 379 7.67 57.04 -8.94
N SER C 380 6.79 56.65 -9.84
CA SER C 380 6.40 57.41 -11.02
C SER C 380 7.32 57.15 -12.23
N VAL C 381 7.98 55.99 -12.23
CA VAL C 381 8.85 55.59 -13.36
C VAL C 381 7.97 54.78 -14.30
N GLY C 382 7.38 55.48 -15.25
CA GLY C 382 6.48 54.85 -16.21
C GLY C 382 7.09 53.72 -17.01
N GLY C 383 6.44 52.57 -16.94
CA GLY C 383 6.94 51.45 -17.69
C GLY C 383 6.61 50.15 -17.03
N VAL C 384 7.14 49.09 -17.63
CA VAL C 384 6.93 47.76 -17.12
C VAL C 384 7.36 47.75 -15.66
N ALA C 385 6.94 46.71 -14.98
CA ALA C 385 7.29 46.57 -13.59
C ALA C 385 8.80 46.66 -13.40
N THR C 386 9.54 46.11 -14.35
CA THR C 386 10.98 46.08 -14.27
C THR C 386 11.72 46.90 -15.33
N GLU C 387 11.49 48.20 -15.37
CA GLU C 387 12.16 49.05 -16.36
C GLU C 387 13.23 49.90 -15.72
N ILE C 388 14.23 50.32 -16.49
CA ILE C 388 15.26 51.19 -15.94
C ILE C 388 14.66 52.56 -15.71
N ASN C 389 15.27 53.29 -14.80
CA ASN C 389 14.84 54.63 -14.49
C ASN C 389 15.29 55.45 -15.70
N SER C 390 14.39 56.25 -16.25
CA SER C 390 14.69 57.10 -17.40
C SER C 390 13.35 57.73 -17.83
N VAL C 391 12.68 57.07 -18.78
CA VAL C 391 11.39 57.55 -19.26
C VAL C 391 10.40 57.30 -18.16
N ASN C 392 9.80 58.37 -17.67
CA ASN C 392 8.79 58.19 -16.63
C ASN C 392 7.52 58.86 -17.12
N PHE C 393 6.39 58.28 -16.78
CA PHE C 393 5.12 58.80 -17.22
C PHE C 393 4.05 57.94 -16.61
N VAL C 394 3.10 58.54 -15.90
CA VAL C 394 2.04 57.71 -15.36
C VAL C 394 0.74 58.26 -15.90
N SER C 395 -0.02 57.38 -16.55
CA SER C 395 -1.26 57.79 -17.18
C SER C 395 -2.25 58.45 -16.27
N PRO C 396 -2.89 59.49 -16.76
CA PRO C 396 -3.87 60.19 -15.95
C PRO C 396 -4.86 59.12 -15.51
N ARG C 397 -5.13 58.19 -16.42
CA ARG C 397 -6.07 57.11 -16.14
C ARG C 397 -5.64 56.27 -14.95
N SER C 398 -4.34 56.04 -14.84
CA SER C 398 -3.81 55.26 -13.72
C SER C 398 -4.30 55.91 -12.44
N TRP C 399 -3.83 57.13 -12.20
CA TRP C 399 -4.17 57.88 -11.00
C TRP C 399 -5.66 58.03 -10.82
N LEU C 400 -6.32 58.51 -11.85
CA LEU C 400 -7.75 58.70 -11.78
C LEU C 400 -8.45 57.43 -11.37
N ALA C 401 -8.46 56.42 -12.26
CA ALA C 401 -9.12 55.15 -11.98
C ALA C 401 -8.70 54.52 -10.66
N THR C 402 -7.40 54.51 -10.36
CA THR C 402 -6.94 53.93 -9.12
C THR C 402 -7.58 54.66 -7.94
N SER C 403 -7.15 55.89 -7.63
CA SER C 403 -7.69 56.66 -6.52
C SER C 403 -9.16 56.36 -6.26
N HIS C 404 -10.02 56.95 -7.07
CA HIS C 404 -11.45 56.75 -6.92
C HIS C 404 -11.89 55.38 -6.46
N PHE C 405 -11.17 54.34 -6.85
CA PHE C 405 -11.56 53.02 -6.38
C PHE C 405 -11.25 52.93 -4.89
N VAL C 406 -10.03 53.24 -4.49
CA VAL C 406 -9.69 53.15 -3.08
C VAL C 406 -10.62 54.00 -2.26
N LEU C 407 -10.97 55.18 -2.77
CA LEU C 407 -11.86 56.04 -2.04
C LEU C 407 -13.24 55.42 -2.06
N ALA C 408 -13.78 55.23 -3.27
CA ALA C 408 -15.11 54.66 -3.44
C ALA C 408 -15.22 53.40 -2.64
N PHE C 409 -14.12 52.65 -2.55
CA PHE C 409 -14.12 51.43 -1.75
C PHE C 409 -14.40 51.91 -0.35
N PHE C 410 -13.40 52.56 0.24
CA PHE C 410 -13.49 53.10 1.57
C PHE C 410 -14.87 53.63 1.87
N PHE C 411 -15.44 54.36 0.94
CA PHE C 411 -16.78 54.86 1.16
C PHE C 411 -17.75 53.74 1.42
N LEU C 412 -17.67 52.68 0.62
CA LEU C 412 -18.55 51.55 0.83
C LEU C 412 -18.40 51.09 2.27
N VAL C 413 -17.17 51.21 2.80
CA VAL C 413 -16.87 50.84 4.18
C VAL C 413 -17.70 51.81 5.01
N GLY C 414 -17.79 53.03 4.54
CA GLY C 414 -18.57 54.02 5.23
C GLY C 414 -20.04 53.65 5.22
N HIS C 415 -20.62 53.53 4.03
CA HIS C 415 -22.02 53.19 3.93
C HIS C 415 -22.36 52.15 4.97
N LEU C 416 -21.40 51.31 5.31
CA LEU C 416 -21.65 50.30 6.32
C LEU C 416 -21.64 50.86 7.73
N TRP C 417 -20.48 51.33 8.18
CA TRP C 417 -20.37 51.85 9.54
C TRP C 417 -21.36 52.95 9.90
N HIS C 418 -21.92 53.64 8.92
CA HIS C 418 -22.89 54.67 9.25
C HIS C 418 -24.30 54.10 9.23
N ALA C 419 -24.47 52.94 8.58
CA ALA C 419 -25.76 52.26 8.54
C ALA C 419 -25.78 51.37 9.75
N GLY C 420 -24.62 50.78 10.05
CA GLY C 420 -24.48 49.91 11.20
C GLY C 420 -24.80 50.59 12.51
N ARG C 421 -24.33 51.84 12.67
CA ARG C 421 -24.57 52.63 13.89
C ARG C 421 -25.95 53.29 13.90
N ALA C 422 -26.45 53.61 12.72
CA ALA C 422 -27.76 54.27 12.58
C ALA C 422 -28.95 53.31 12.68
N ARG C 423 -28.81 52.11 12.09
CA ARG C 423 -29.91 51.16 12.17
C ARG C 423 -30.03 50.79 13.62
N ALA C 424 -29.02 51.16 14.39
CA ALA C 424 -28.98 50.89 15.82
C ALA C 424 -29.86 51.81 16.67
N ALA C 425 -29.88 53.11 16.38
CA ALA C 425 -30.73 54.01 17.13
C ALA C 425 -32.12 53.40 17.09
N ALA C 426 -32.53 53.00 15.88
CA ALA C 426 -33.83 52.38 15.60
C ALA C 426 -34.43 51.57 16.74
N ALA C 427 -33.59 51.06 17.63
CA ALA C 427 -34.07 50.29 18.77
C ALA C 427 -33.39 50.75 20.05
N GLY C 428 -32.32 51.53 19.90
CA GLY C 428 -31.61 52.07 21.04
C GLY C 428 -30.43 51.30 21.61
N PHE C 429 -30.10 50.16 21.00
CA PHE C 429 -28.97 49.36 21.49
C PHE C 429 -27.65 49.84 20.89
N GLU C 430 -27.67 51.00 20.22
CA GLU C 430 -26.49 51.59 19.57
C GLU C 430 -25.40 52.03 20.55
N LYS C 431 -25.84 52.43 21.73
CA LYS C 431 -24.94 52.87 22.80
C LYS C 431 -24.26 51.60 23.35
N GLY C 432 -24.97 50.48 23.30
CA GLY C 432 -24.43 49.22 23.79
C GLY C 432 -25.54 48.18 23.92
N ILE C 433 -25.38 47.30 24.90
CA ILE C 433 -26.38 46.26 25.16
C ILE C 433 -26.67 46.38 26.65
N ASP C 434 -27.91 46.71 27.00
CA ASP C 434 -28.34 46.88 28.41
C ASP C 434 -28.13 45.66 29.34
N ARG C 435 -27.22 45.81 30.30
CA ARG C 435 -26.87 44.76 31.27
C ARG C 435 -27.94 43.97 32.00
N GLU C 436 -29.18 44.46 31.97
CA GLU C 436 -30.28 43.80 32.66
C GLU C 436 -31.50 43.52 31.76
N SER C 437 -31.41 43.92 30.49
CA SER C 437 -32.51 43.70 29.57
C SER C 437 -32.07 43.39 28.13
N GLU C 438 -31.22 42.36 27.99
CA GLU C 438 -30.71 41.91 26.69
C GLU C 438 -31.54 40.76 26.13
N PRO C 439 -32.04 40.92 24.89
CA PRO C 439 -32.86 39.98 24.15
C PRO C 439 -32.38 38.53 24.21
N VAL C 440 -31.07 38.35 24.15
CA VAL C 440 -30.47 37.02 24.16
C VAL C 440 -30.46 36.29 25.52
N LEU C 441 -30.13 36.96 26.62
CA LEU C 441 -30.08 36.28 27.93
C LEU C 441 -31.49 35.90 28.37
N SER C 442 -32.43 36.09 27.45
CA SER C 442 -33.84 35.76 27.65
C SER C 442 -34.42 35.34 26.28
N MET C 443 -34.03 34.16 25.82
CA MET C 443 -34.45 33.62 24.54
C MET C 443 -34.29 32.10 24.46
N PRO C 444 -35.13 31.43 23.63
CA PRO C 444 -35.06 29.96 23.47
C PRO C 444 -33.71 29.50 22.92
N SER C 445 -32.89 28.90 23.79
CA SER C 445 -31.55 28.40 23.42
C SER C 445 -31.57 27.55 22.15
N LEU C 446 -30.90 28.05 21.11
CA LEU C 446 -30.82 27.38 19.81
C LEU C 446 -30.80 25.84 19.93
N ASP C 447 -30.13 25.33 20.96
CA ASP C 447 -29.97 23.91 21.28
C ASP C 447 -28.54 23.57 21.69
N GLY D 1 23.13 42.83 53.31
CA GLY D 1 23.71 41.91 52.25
C GLY D 1 24.60 42.55 51.19
N TRP D 2 24.92 41.79 50.13
CA TRP D 2 25.77 42.25 49.00
C TRP D 2 25.15 41.99 47.62
N PHE D 3 24.43 40.89 47.52
CA PHE D 3 23.79 40.49 46.29
C PHE D 3 22.49 41.25 46.26
N ASP D 4 21.65 40.90 47.22
CA ASP D 4 20.33 41.47 47.37
C ASP D 4 20.32 42.97 47.23
N ILE D 5 21.46 43.62 47.47
CA ILE D 5 21.50 45.07 47.31
C ILE D 5 21.38 45.32 45.81
N LEU D 6 22.14 44.55 45.04
CA LEU D 6 22.11 44.68 43.59
C LEU D 6 20.69 44.31 43.19
N ASP D 7 20.22 43.19 43.74
CA ASP D 7 18.87 42.73 43.48
C ASP D 7 17.90 43.87 43.86
N ASP D 8 17.63 43.99 45.17
CA ASP D 8 16.75 45.03 45.71
C ASP D 8 16.67 46.21 44.77
N TRP D 9 17.82 46.81 44.49
CA TRP D 9 17.85 47.95 43.59
C TRP D 9 17.23 47.66 42.24
N LEU D 10 18.08 47.18 41.33
CA LEU D 10 17.62 46.91 39.97
C LEU D 10 16.28 46.21 39.83
N LYS D 11 15.80 45.57 40.88
CA LYS D 11 14.53 44.89 40.74
C LYS D 11 13.22 45.67 40.90
N ARG D 12 13.20 46.76 41.67
CA ARG D 12 11.92 47.45 41.89
C ARG D 12 11.50 48.64 41.01
N ASP D 13 10.30 48.49 40.44
CA ASP D 13 9.61 49.44 39.55
C ASP D 13 10.37 50.49 38.71
N ARG D 14 10.68 51.65 39.28
CA ARG D 14 11.37 52.74 38.57
C ARG D 14 11.05 52.93 37.06
N PHE D 15 9.77 52.85 36.72
CA PHE D 15 9.31 53.04 35.33
C PHE D 15 9.80 51.96 34.38
N VAL D 16 10.93 52.25 33.74
CA VAL D 16 11.52 51.32 32.81
C VAL D 16 12.22 50.20 33.56
N PHE D 17 11.52 49.09 33.73
CA PHE D 17 12.09 47.98 34.47
C PHE D 17 13.46 47.67 33.96
N VAL D 18 14.32 47.22 34.87
CA VAL D 18 15.68 46.83 34.52
C VAL D 18 15.94 45.66 35.45
N GLY D 19 16.07 44.46 34.93
CA GLY D 19 16.27 43.36 35.83
C GLY D 19 17.46 42.49 35.57
N TRP D 20 17.61 41.49 36.45
CA TRP D 20 18.66 40.50 36.38
C TRP D 20 18.88 40.19 34.89
N SER D 21 17.77 40.25 34.16
CA SER D 21 17.76 40.02 32.73
C SER D 21 18.38 41.24 32.05
N GLY D 22 17.69 42.38 32.14
CA GLY D 22 18.18 43.61 31.54
C GLY D 22 19.67 43.65 31.31
N ILE D 23 20.43 43.14 32.28
CA ILE D 23 21.89 43.12 32.18
C ILE D 23 22.39 42.63 30.83
N LEU D 24 21.65 41.74 30.18
CA LEU D 24 22.05 41.22 28.88
C LEU D 24 21.06 41.66 27.81
N LEU D 25 19.82 41.90 28.22
CA LEU D 25 18.80 42.34 27.29
C LEU D 25 19.14 43.71 26.75
N PHE D 26 19.19 44.66 27.66
CA PHE D 26 19.47 46.05 27.33
C PHE D 26 20.72 46.30 26.52
N PRO D 27 21.84 45.74 26.95
CA PRO D 27 23.08 45.96 26.19
C PRO D 27 23.05 45.36 24.78
N CYS D 28 22.79 44.05 24.68
CA CYS D 28 22.73 43.34 23.41
C CYS D 28 21.66 44.01 22.54
N ALA D 29 20.45 44.10 23.08
CA ALA D 29 19.33 44.70 22.37
C ALA D 29 19.62 46.09 21.85
N TYR D 30 20.33 46.89 22.64
CA TYR D 30 20.66 48.24 22.20
C TYR D 30 21.54 48.17 20.99
N LEU D 31 22.77 47.69 21.22
CA LEU D 31 23.78 47.56 20.17
C LEU D 31 23.12 47.10 18.90
N ALA D 32 22.30 46.07 19.05
CA ALA D 32 21.58 45.52 17.95
C ALA D 32 20.82 46.59 17.16
N LEU D 33 19.93 47.34 17.83
CA LEU D 33 19.18 48.39 17.12
C LEU D 33 20.21 49.28 16.46
N GLY D 34 21.24 49.61 17.22
CA GLY D 34 22.26 50.46 16.65
C GLY D 34 22.90 49.76 15.46
N GLY D 35 23.40 48.57 15.73
CA GLY D 35 24.07 47.77 14.73
C GLY D 35 23.44 47.82 13.36
N TRP D 36 22.11 47.69 13.33
CA TRP D 36 21.41 47.74 12.07
C TRP D 36 21.38 49.17 11.58
N LEU D 37 21.05 50.08 12.48
CA LEU D 37 20.96 51.48 12.15
C LEU D 37 22.21 52.07 11.55
N THR D 38 23.32 52.03 12.27
CA THR D 38 24.57 52.58 11.74
C THR D 38 24.80 52.15 10.30
N GLY D 39 24.66 50.85 10.05
CA GLY D 39 24.88 50.34 8.72
C GLY D 39 24.07 51.05 7.65
N THR D 40 22.77 51.10 7.84
CA THR D 40 21.86 51.74 6.88
C THR D 40 22.20 53.21 6.59
N THR D 41 22.68 53.90 7.62
CA THR D 41 23.03 55.30 7.51
C THR D 41 24.44 55.58 6.98
N PHE D 42 25.45 54.88 7.50
CA PHE D 42 26.85 55.10 7.12
C PHE D 42 27.65 53.94 6.49
N VAL D 43 27.49 52.72 7.00
CA VAL D 43 28.24 51.57 6.51
C VAL D 43 27.87 51.15 5.10
N THR D 44 28.88 50.78 4.32
CA THR D 44 28.62 50.34 2.96
C THR D 44 28.56 48.81 3.01
N SER D 45 28.10 48.22 1.92
CA SER D 45 28.04 46.77 1.85
C SER D 45 28.61 46.38 0.50
N TRP D 46 29.33 47.30 -0.13
CA TRP D 46 29.91 47.05 -1.45
C TRP D 46 30.93 45.92 -1.51
N TYR D 47 31.89 45.91 -0.59
CA TYR D 47 32.92 44.90 -0.64
C TYR D 47 32.47 43.46 -0.43
N THR D 48 31.16 43.25 -0.37
CA THR D 48 30.59 41.91 -0.20
C THR D 48 29.58 41.55 -1.31
N HIS D 49 28.80 42.54 -1.77
CA HIS D 49 27.80 42.34 -2.84
C HIS D 49 27.95 43.32 -3.97
N GLY D 50 28.93 44.22 -3.89
CA GLY D 50 29.11 45.20 -4.93
C GLY D 50 27.78 45.92 -5.01
N LEU D 51 27.14 46.01 -3.85
CA LEU D 51 25.85 46.64 -3.78
C LEU D 51 25.86 47.72 -2.69
N ALA D 52 25.26 48.87 -3.01
CA ALA D 52 25.20 50.00 -2.09
C ALA D 52 24.17 49.79 -1.01
N SER D 53 24.62 49.87 0.25
CA SER D 53 23.73 49.67 1.39
C SER D 53 23.67 50.79 2.42
N SER D 54 23.77 52.04 2.00
CA SER D 54 23.69 53.12 2.99
C SER D 54 23.16 54.43 2.47
N TYR D 55 22.41 55.14 3.31
CA TYR D 55 21.85 56.43 2.95
C TYR D 55 23.00 57.22 2.36
N LEU D 56 24.09 57.22 3.12
CA LEU D 56 25.32 57.90 2.75
C LEU D 56 25.76 57.61 1.31
N GLU D 57 25.48 56.41 0.83
CA GLU D 57 25.84 56.01 -0.53
C GLU D 57 24.75 56.49 -1.47
N GLY D 58 23.59 56.80 -0.91
CA GLY D 58 22.48 57.27 -1.70
C GLY D 58 21.25 56.40 -1.57
N CYS D 59 21.39 55.21 -0.97
CA CYS D 59 20.29 54.25 -0.77
C CYS D 59 19.11 54.91 -0.07
N ASN D 60 17.91 54.37 -0.21
CA ASN D 60 16.76 54.95 0.49
C ASN D 60 16.37 54.03 1.63
N PHE D 61 15.23 54.28 2.28
CA PHE D 61 14.79 53.45 3.39
C PHE D 61 14.65 51.99 2.94
N LEU D 62 13.92 51.80 1.83
CA LEU D 62 13.65 50.50 1.23
C LEU D 62 14.88 49.86 0.58
N THR D 63 15.95 50.63 0.44
CA THR D 63 17.19 50.14 -0.17
C THR D 63 18.21 49.71 0.90
N VAL D 64 18.44 50.62 1.84
CA VAL D 64 19.40 50.39 2.90
C VAL D 64 19.23 49.04 3.56
N ALA D 65 20.36 48.42 3.83
CA ALA D 65 20.40 47.13 4.47
C ALA D 65 21.82 46.90 4.96
N VAL D 66 21.98 46.14 6.03
CA VAL D 66 23.32 45.91 6.54
C VAL D 66 23.90 44.61 5.99
N SER D 67 24.21 44.65 4.69
CA SER D 67 24.79 43.55 3.95
C SER D 67 24.62 42.10 4.45
N THR D 68 25.75 41.41 4.52
CA THR D 68 25.84 40.03 4.94
C THR D 68 27.21 39.71 4.32
N PRO D 69 28.10 39.03 5.09
CA PRO D 69 29.48 38.59 4.79
C PRO D 69 29.73 37.83 3.48
N ALA D 70 30.73 38.29 2.71
CA ALA D 70 31.04 37.64 1.44
C ALA D 70 31.21 36.17 1.61
N ASN D 71 30.93 35.48 0.51
CA ASN D 71 31.01 34.05 0.52
C ASN D 71 32.41 33.59 0.75
N SER D 72 33.30 34.53 1.00
CA SER D 72 34.69 34.18 1.26
C SER D 72 34.89 33.80 2.75
N MET D 73 34.05 34.35 3.62
CA MET D 73 34.15 34.08 5.07
C MET D 73 33.47 32.80 5.47
N GLY D 74 32.28 32.61 4.94
CA GLY D 74 31.56 31.41 5.29
C GLY D 74 30.82 31.68 6.57
N HIS D 75 31.07 30.86 7.60
CA HIS D 75 30.38 31.04 8.88
C HIS D 75 31.24 31.63 9.99
N SER D 76 32.49 31.95 9.68
CA SER D 76 33.39 32.54 10.67
C SER D 76 32.61 33.66 11.34
N LEU D 77 32.61 33.68 12.66
CA LEU D 77 31.88 34.73 13.34
C LEU D 77 32.36 36.10 12.87
N LEU D 78 33.42 36.11 12.06
CA LEU D 78 33.98 37.37 11.58
C LEU D 78 34.09 38.27 12.80
N LEU D 79 35.16 38.10 13.56
CA LEU D 79 35.37 38.91 14.75
C LEU D 79 36.09 40.21 14.51
N LEU D 80 35.67 41.24 15.24
CA LEU D 80 36.29 42.54 15.11
C LEU D 80 37.78 42.42 15.31
N TRP D 81 38.17 41.60 16.29
CA TRP D 81 39.57 41.40 16.63
C TRP D 81 40.06 40.06 16.12
N GLY D 82 39.23 39.39 15.34
CA GLY D 82 39.60 38.10 14.82
C GLY D 82 40.57 38.20 13.65
N PRO D 83 41.30 37.12 13.37
CA PRO D 83 42.28 37.02 12.28
C PRO D 83 41.89 37.73 10.98
N GLU D 84 40.63 37.60 10.61
CA GLU D 84 40.13 38.22 9.38
C GLU D 84 40.20 39.75 9.38
N ALA D 85 39.53 40.37 10.35
CA ALA D 85 39.49 41.82 10.46
C ALA D 85 40.63 42.45 11.28
N GLN D 86 41.02 41.82 12.39
CA GLN D 86 42.07 42.35 13.24
C GLN D 86 41.74 43.76 13.78
N GLY D 87 40.67 43.86 14.55
CA GLY D 87 40.26 45.13 15.13
C GLY D 87 40.53 46.34 14.26
N ASP D 88 40.02 46.32 13.05
CA ASP D 88 40.21 47.44 12.14
C ASP D 88 38.82 47.93 11.78
N PHE D 89 38.13 48.47 12.78
CA PHE D 89 36.76 48.96 12.63
C PHE D 89 36.32 49.56 11.32
N THR D 90 37.23 49.77 10.39
CA THR D 90 36.84 50.28 9.09
C THR D 90 36.80 49.09 8.14
N ARG D 91 37.84 48.25 8.20
CA ARG D 91 37.88 47.04 7.38
C ARG D 91 36.82 46.12 7.96
N TRP D 92 36.84 45.95 9.29
CA TRP D 92 35.87 45.12 9.95
C TRP D 92 34.48 45.64 9.64
N CYS D 93 34.40 46.94 9.39
CA CYS D 93 33.11 47.51 9.07
C CYS D 93 32.90 47.22 7.59
N GLN D 94 34.01 47.00 6.87
CA GLN D 94 33.97 46.72 5.44
C GLN D 94 33.72 45.24 5.09
N LEU D 95 34.35 44.33 5.81
CA LEU D 95 34.15 42.91 5.55
C LEU D 95 32.77 42.52 6.01
N GLY D 96 31.93 43.53 6.19
CA GLY D 96 30.56 43.32 6.64
C GLY D 96 30.47 43.31 8.14
N GLY D 97 31.01 42.27 8.76
CA GLY D 97 31.00 42.13 10.21
C GLY D 97 29.73 42.49 10.94
N LEU D 98 29.40 43.78 10.99
CA LEU D 98 28.20 44.28 11.65
C LEU D 98 27.11 43.23 11.63
N TRP D 99 27.13 42.41 10.60
CA TRP D 99 26.15 41.36 10.48
C TRP D 99 26.22 40.45 11.69
N THR D 100 27.20 39.53 11.68
CA THR D 100 27.39 38.59 12.78
C THR D 100 27.13 39.29 14.12
N PHE D 101 27.51 40.56 14.14
CA PHE D 101 27.34 41.41 15.29
C PHE D 101 25.84 41.48 15.49
N ILE D 102 25.20 42.33 14.69
CA ILE D 102 23.77 42.55 14.80
C ILE D 102 23.07 41.24 15.07
N ALA D 103 23.41 40.22 14.30
CA ALA D 103 22.74 38.94 14.49
C ALA D 103 23.04 38.29 15.85
N LEU D 104 24.31 38.15 16.21
CA LEU D 104 24.63 37.54 17.48
C LEU D 104 24.20 38.36 18.69
N HIS D 105 24.53 39.65 18.68
CA HIS D 105 24.14 40.51 19.80
C HIS D 105 22.66 40.37 19.89
N GLY D 106 22.05 40.50 18.72
CA GLY D 106 20.63 40.39 18.64
C GLY D 106 20.11 39.10 19.23
N ALA D 107 20.63 37.99 18.72
CA ALA D 107 20.23 36.67 19.18
C ALA D 107 20.07 36.64 20.70
N PHE D 108 20.85 37.46 21.38
CA PHE D 108 20.74 37.50 22.83
C PHE D 108 19.59 38.36 23.23
N GLY D 109 19.49 39.54 22.64
CA GLY D 109 18.38 40.43 22.95
C GLY D 109 17.10 39.63 23.16
N LEU D 110 16.87 38.66 22.28
CA LEU D 110 15.69 37.81 22.40
C LEU D 110 15.80 36.94 23.65
N ILE D 111 16.83 36.10 23.69
CA ILE D 111 17.05 35.26 24.86
C ILE D 111 16.79 36.13 26.06
N GLY D 112 17.54 37.22 26.12
CA GLY D 112 17.44 38.18 27.20
C GLY D 112 16.04 38.70 27.45
N PHE D 113 15.39 39.23 26.42
CA PHE D 113 14.04 39.77 26.56
C PHE D 113 13.03 38.74 27.05
N MET D 114 13.10 37.52 26.54
CA MET D 114 12.16 36.49 26.98
C MET D 114 12.34 36.27 28.48
N LEU D 115 13.60 36.20 28.90
CA LEU D 115 13.92 36.04 30.31
C LEU D 115 13.14 37.13 31.03
N ARG D 116 13.39 38.38 30.66
CA ARG D 116 12.68 39.50 31.27
C ARG D 116 11.19 39.21 31.38
N GLN D 117 10.62 38.56 30.37
CA GLN D 117 9.20 38.23 30.41
C GLN D 117 8.94 37.28 31.56
N PHE D 118 9.93 36.47 31.88
CA PHE D 118 9.82 35.54 32.99
C PHE D 118 9.99 36.36 34.27
N GLU D 119 11.17 36.96 34.44
CA GLU D 119 11.48 37.77 35.62
C GLU D 119 10.28 38.62 36.04
N ILE D 120 9.91 39.60 35.23
CA ILE D 120 8.76 40.42 35.58
C ILE D 120 7.53 39.53 35.88
N ALA D 121 7.41 38.42 35.17
CA ALA D 121 6.26 37.52 35.36
C ALA D 121 6.21 36.76 36.68
N ARG D 122 7.35 36.22 37.12
CA ARG D 122 7.43 35.48 38.39
C ARG D 122 7.37 36.46 39.57
N LEU D 123 7.66 37.73 39.29
CA LEU D 123 7.62 38.78 40.29
C LEU D 123 6.23 39.34 40.43
N VAL D 124 5.40 39.19 39.40
CA VAL D 124 4.08 39.75 39.52
C VAL D 124 2.98 38.72 39.73
N GLY D 125 3.37 37.51 40.10
CA GLY D 125 2.38 36.47 40.34
C GLY D 125 1.44 36.12 39.19
N VAL D 126 2.00 36.02 37.98
CA VAL D 126 1.24 35.65 36.78
C VAL D 126 1.84 34.38 36.14
N ARG D 127 1.16 33.83 35.13
CA ARG D 127 1.66 32.65 34.44
C ARG D 127 2.63 33.10 33.35
N PRO D 128 3.81 32.49 33.26
CA PRO D 128 4.85 33.04 32.39
C PRO D 128 4.36 33.06 30.94
N TYR D 129 3.34 32.23 30.72
CA TYR D 129 2.91 31.75 29.41
C TYR D 129 3.34 32.73 28.34
N ASN D 130 3.22 34.03 28.59
CA ASN D 130 3.64 34.98 27.57
C ASN D 130 5.06 34.61 27.13
N ALA D 131 5.98 34.52 28.10
CA ALA D 131 7.36 34.17 27.81
C ALA D 131 7.48 32.94 26.91
N ILE D 132 6.58 31.98 27.09
CA ILE D 132 6.59 30.76 26.27
C ILE D 132 6.25 31.13 24.84
N ALA D 133 5.06 31.69 24.66
CA ALA D 133 4.59 32.10 23.36
C ALA D 133 5.75 32.71 22.59
N PHE D 134 6.57 33.51 23.27
CA PHE D 134 7.70 34.19 22.64
C PHE D 134 8.74 33.26 21.97
N SER D 135 8.58 31.96 22.12
CA SER D 135 9.51 31.05 21.48
C SER D 135 9.26 31.31 20.01
N ALA D 136 7.99 31.46 19.70
CA ALA D 136 7.53 31.72 18.36
C ALA D 136 8.59 32.43 17.52
N PRO D 137 9.14 33.54 18.03
CA PRO D 137 10.15 34.24 17.24
C PRO D 137 11.58 33.73 17.40
N ILE D 138 11.93 33.34 18.61
CA ILE D 138 13.27 32.83 18.86
C ILE D 138 13.55 31.71 17.86
N ALA D 139 12.61 30.78 17.76
CA ALA D 139 12.73 29.63 16.85
C ALA D 139 12.92 30.15 15.44
N VAL D 140 12.10 31.12 15.06
CA VAL D 140 12.20 31.67 13.72
C VAL D 140 13.56 32.31 13.59
N PHE D 141 13.81 33.35 14.36
CA PHE D 141 15.08 34.06 14.30
C PHE D 141 16.30 33.16 14.42
N VAL D 142 16.17 32.07 15.18
CA VAL D 142 17.29 31.16 15.32
C VAL D 142 17.53 30.46 13.99
N SER D 143 16.53 29.69 13.57
CA SER D 143 16.59 28.96 12.32
C SER D 143 16.90 29.84 11.14
N VAL D 144 16.08 30.87 10.95
CA VAL D 144 16.22 31.79 9.84
C VAL D 144 17.40 32.77 9.82
N PHE D 145 18.12 32.96 10.92
CA PHE D 145 19.26 33.87 10.88
C PHE D 145 20.54 33.20 11.25
N LEU D 146 20.42 32.01 11.82
CA LEU D 146 21.61 31.27 12.21
C LEU D 146 21.58 29.87 11.62
N ILE D 147 20.58 29.08 11.97
CA ILE D 147 20.54 27.74 11.44
C ILE D 147 20.62 27.66 9.92
N TYR D 148 19.66 28.21 9.19
CA TYR D 148 19.69 28.13 7.74
C TYR D 148 21.05 28.51 7.17
N PRO D 149 21.53 29.71 7.49
CA PRO D 149 22.84 30.11 6.97
C PRO D 149 23.88 29.07 7.38
N LEU D 150 23.93 28.73 8.67
CA LEU D 150 24.89 27.75 9.16
C LEU D 150 24.82 26.43 8.40
N GLY D 151 23.67 26.15 7.79
CA GLY D 151 23.50 24.90 7.06
C GLY D 151 23.97 25.01 5.64
N GLN D 152 23.85 26.22 5.07
CA GLN D 152 24.27 26.47 3.70
C GLN D 152 25.77 26.69 3.57
N SER D 153 26.15 27.49 2.60
CA SER D 153 27.55 27.76 2.38
C SER D 153 28.20 28.79 3.29
N SER D 154 27.71 30.04 3.21
CA SER D 154 28.25 31.17 3.99
C SER D 154 27.20 32.04 4.70
N TRP D 155 27.65 32.90 5.62
CA TRP D 155 26.72 33.80 6.32
C TRP D 155 26.01 34.58 5.23
N PHE D 156 26.68 34.66 4.10
CA PHE D 156 26.17 35.38 2.95
C PHE D 156 24.68 35.15 2.67
N PHE D 157 24.34 33.93 2.21
CA PHE D 157 22.97 33.51 1.83
C PHE D 157 21.93 33.65 2.89
N ALA D 158 22.38 34.10 4.06
CA ALA D 158 21.54 34.32 5.23
C ALA D 158 20.72 35.58 4.99
N PRO D 159 19.68 35.82 5.80
CA PRO D 159 18.87 37.02 5.59
C PRO D 159 19.72 38.22 5.29
N SER D 160 19.09 39.34 5.03
CA SER D 160 19.86 40.50 4.66
C SER D 160 19.80 41.69 5.60
N PHE D 161 18.82 41.74 6.49
CA PHE D 161 18.73 42.87 7.39
C PHE D 161 18.49 44.09 6.54
N GLY D 162 17.53 43.96 5.62
CA GLY D 162 17.22 45.06 4.74
C GLY D 162 15.72 45.14 4.62
N VAL D 163 15.25 46.07 3.80
CA VAL D 163 13.83 46.21 3.60
C VAL D 163 13.53 45.45 2.33
N ALA D 164 14.30 45.77 1.29
CA ALA D 164 14.17 45.15 -0.01
C ALA D 164 15.13 43.99 0.02
N ALA D 165 16.30 44.26 0.55
CA ALA D 165 17.33 43.24 0.67
C ALA D 165 16.76 41.97 1.31
N ILE D 166 15.66 42.15 2.05
CA ILE D 166 15.00 41.03 2.71
C ILE D 166 13.94 40.42 1.80
N PHE D 167 13.40 41.23 0.90
CA PHE D 167 12.41 40.74 -0.05
C PHE D 167 13.15 39.76 -0.93
N ARG D 168 14.41 40.07 -1.19
CA ARG D 168 15.26 39.23 -2.02
C ARG D 168 15.27 37.87 -1.37
N PHE D 169 15.31 37.87 -0.04
CA PHE D 169 15.34 36.62 0.71
C PHE D 169 14.14 35.76 0.34
N LEU D 170 13.03 36.41 0.01
CA LEU D 170 11.86 35.66 -0.39
C LEU D 170 12.17 35.05 -1.73
N LEU D 171 11.78 35.74 -2.78
CA LEU D 171 12.03 35.28 -4.12
C LEU D 171 13.10 34.19 -4.16
N PHE D 172 14.32 34.55 -3.78
CA PHE D 172 15.44 33.62 -3.77
C PHE D 172 15.01 32.26 -3.26
N PHE D 173 14.16 32.21 -2.23
CA PHE D 173 13.68 30.90 -1.72
C PHE D 173 12.71 30.31 -2.75
N GLN D 174 11.67 31.07 -3.07
CA GLN D 174 10.69 30.67 -4.04
C GLN D 174 11.42 30.17 -5.25
N GLY D 175 12.37 30.95 -5.72
CA GLY D 175 13.09 30.58 -6.91
C GLY D 175 13.99 29.36 -6.80
N PHE D 176 14.68 29.20 -5.68
CA PHE D 176 15.59 28.06 -5.53
C PHE D 176 15.08 26.94 -4.63
N HIS D 177 14.46 27.31 -3.52
CA HIS D 177 13.93 26.33 -2.57
C HIS D 177 12.48 26.06 -2.87
N ASN D 178 11.87 26.93 -3.68
CA ASN D 178 10.48 26.78 -4.02
C ASN D 178 9.80 26.47 -2.69
N TRP D 179 10.05 27.35 -1.74
CA TRP D 179 9.50 27.26 -0.38
C TRP D 179 7.96 27.24 -0.44
N THR D 180 7.41 28.21 -1.20
CA THR D 180 5.97 28.38 -1.38
C THR D 180 5.24 27.04 -1.38
N LEU D 181 5.89 26.02 -1.91
CA LEU D 181 5.28 24.71 -2.00
C LEU D 181 5.83 23.74 -0.95
N ASN D 182 6.06 24.22 0.26
CA ASN D 182 6.60 23.36 1.34
C ASN D 182 5.61 23.26 2.50
N PRO D 183 4.99 22.07 2.68
CA PRO D 183 4.03 21.93 3.79
C PRO D 183 4.35 22.77 5.01
N PHE D 184 5.46 22.48 5.67
CA PHE D 184 5.79 23.27 6.83
C PHE D 184 5.58 24.78 6.67
N HIS D 185 6.11 25.38 5.61
CA HIS D 185 5.92 26.81 5.49
C HIS D 185 4.44 27.10 5.47
N MET D 186 3.71 26.20 4.87
CA MET D 186 2.28 26.40 4.76
C MET D 186 1.61 26.66 6.11
N MET D 187 1.80 25.77 7.07
CA MET D 187 1.21 25.98 8.38
C MET D 187 1.75 27.29 8.91
N GLY D 188 2.90 27.67 8.39
CA GLY D 188 3.50 28.92 8.81
C GLY D 188 2.60 30.08 8.43
N VAL D 189 1.91 29.97 7.31
CA VAL D 189 1.03 31.05 6.93
C VAL D 189 -0.34 30.68 7.44
N ALA D 190 -0.56 29.39 7.67
CA ALA D 190 -1.83 28.94 8.20
C ALA D 190 -2.00 29.52 9.60
N GLY D 191 -0.91 29.67 10.32
CA GLY D 191 -0.96 30.21 11.67
C GLY D 191 -0.97 31.73 11.76
N VAL D 192 -0.07 32.40 11.04
CA VAL D 192 0.02 33.86 11.03
C VAL D 192 -1.27 34.41 10.49
N LEU D 193 -1.55 33.99 9.28
CA LEU D 193 -2.75 34.40 8.61
C LEU D 193 -3.93 33.95 9.44
N GLY D 194 -4.01 32.66 9.72
CA GLY D 194 -5.13 32.16 10.49
C GLY D 194 -5.30 32.92 11.79
N GLY D 195 -4.18 33.23 12.43
CA GLY D 195 -4.22 33.96 13.69
C GLY D 195 -4.68 35.39 13.57
N ALA D 196 -4.20 36.09 12.54
CA ALA D 196 -4.58 37.48 12.33
C ALA D 196 -6.11 37.60 12.38
N LEU D 197 -6.79 36.73 11.63
CA LEU D 197 -8.25 36.73 11.61
C LEU D 197 -8.68 36.55 13.04
N LEU D 198 -8.19 35.49 13.66
CA LEU D 198 -8.54 35.23 15.02
C LEU D 198 -8.40 36.52 15.82
N CYS D 199 -7.35 37.28 15.58
CA CYS D 199 -7.16 38.53 16.32
C CYS D 199 -8.18 39.58 15.95
N ALA D 200 -8.22 39.93 14.67
CA ALA D 200 -9.14 40.96 14.20
C ALA D 200 -10.59 40.65 14.58
N ILE D 201 -10.93 39.36 14.69
CA ILE D 201 -12.29 39.01 15.03
C ILE D 201 -12.63 39.10 16.52
N HIS D 202 -11.78 38.54 17.36
CA HIS D 202 -12.05 38.56 18.79
C HIS D 202 -12.12 40.01 19.22
N GLY D 203 -11.24 40.82 18.64
CA GLY D 203 -11.19 42.22 18.92
C GLY D 203 -12.49 42.94 18.63
N ALA D 204 -13.02 42.70 17.44
CA ALA D 204 -14.27 43.33 17.04
C ALA D 204 -15.46 42.58 17.60
N THR D 205 -15.44 41.26 17.51
CA THR D 205 -16.54 40.46 18.04
C THR D 205 -16.81 40.95 19.46
N VAL D 206 -15.75 41.26 20.21
CA VAL D 206 -15.88 41.74 21.59
C VAL D 206 -16.52 43.11 21.66
N GLU D 207 -15.95 44.05 20.91
CA GLU D 207 -16.45 45.41 20.88
C GLU D 207 -17.95 45.52 20.71
N ASN D 208 -18.50 44.76 19.78
CA ASN D 208 -19.93 44.81 19.54
C ASN D 208 -20.83 44.19 20.60
N THR D 209 -20.36 43.13 21.25
CA THR D 209 -21.13 42.49 22.31
C THR D 209 -20.75 43.15 23.62
N LEU D 210 -20.70 44.47 23.58
CA LEU D 210 -20.35 45.31 24.72
C LEU D 210 -21.61 45.85 25.38
N PHE D 211 -21.70 45.67 26.69
CA PHE D 211 -22.85 46.16 27.45
C PHE D 211 -22.85 47.68 27.59
N GLN D 212 -23.85 48.38 27.06
CA GLN D 212 -23.88 49.83 27.22
C GLN D 212 -23.85 50.05 28.73
N ASP D 213 -22.68 50.38 29.28
CA ASP D 213 -22.56 50.62 30.73
C ASP D 213 -21.89 51.95 31.01
N GLY D 214 -22.11 52.89 30.10
CA GLY D 214 -21.61 54.25 30.19
C GLY D 214 -22.74 55.11 29.66
N GLU D 215 -22.57 56.43 29.58
CA GLU D 215 -23.66 57.24 29.08
C GLU D 215 -23.36 58.14 27.89
N GLY D 216 -23.83 57.73 26.73
CA GLY D 216 -23.62 58.50 25.51
C GLY D 216 -22.82 57.84 24.39
N ALA D 217 -22.11 58.67 23.65
CA ALA D 217 -21.30 58.25 22.51
C ALA D 217 -19.81 58.05 22.80
N SER D 218 -19.50 57.28 23.84
CA SER D 218 -18.11 57.05 24.21
C SER D 218 -17.96 55.74 24.99
N THR D 219 -18.36 54.62 24.40
CA THR D 219 -18.27 53.34 25.10
C THR D 219 -16.85 52.98 25.46
N PHE D 220 -15.93 53.91 25.21
CA PHE D 220 -14.53 53.68 25.50
C PHE D 220 -14.19 54.08 26.91
N ARG D 221 -15.01 54.93 27.51
CA ARG D 221 -14.74 55.37 28.87
C ARG D 221 -15.59 54.56 29.87
N ALA D 222 -16.80 54.24 29.45
CA ALA D 222 -17.77 53.47 30.25
C ALA D 222 -17.26 52.16 30.87
N PHE D 223 -16.01 51.81 30.57
CA PHE D 223 -15.43 50.58 31.11
C PHE D 223 -14.78 50.78 32.47
N ASN D 224 -14.98 49.81 33.36
CA ASN D 224 -14.45 49.85 34.72
C ASN D 224 -13.05 49.23 34.90
N PRO D 225 -12.03 50.09 35.09
CA PRO D 225 -10.65 49.64 35.27
C PRO D 225 -10.57 48.93 36.62
N THR D 226 -11.46 49.36 37.52
CA THR D 226 -11.56 48.89 38.91
C THR D 226 -11.96 47.43 39.16
N GLN D 227 -13.17 47.01 38.76
CA GLN D 227 -13.58 45.63 39.07
C GLN D 227 -14.21 44.71 38.02
N ALA D 228 -14.43 43.47 38.45
CA ALA D 228 -14.98 42.39 37.64
C ALA D 228 -16.42 42.59 37.24
N GLU D 229 -16.62 42.60 35.92
CA GLU D 229 -17.92 42.76 35.33
C GLU D 229 -17.70 42.49 33.84
N GLU D 230 -18.13 41.31 33.40
CA GLU D 230 -17.99 40.92 32.01
C GLU D 230 -18.48 42.08 31.16
N THR D 231 -17.56 42.71 30.46
CA THR D 231 -17.89 43.85 29.63
C THR D 231 -18.60 43.45 28.32
N TYR D 232 -18.29 42.25 27.82
CA TYR D 232 -18.92 41.73 26.58
C TYR D 232 -19.77 40.50 26.85
N SER D 233 -21.09 40.60 26.71
CA SER D 233 -21.92 39.43 26.99
C SER D 233 -21.45 38.22 26.24
N MET D 234 -20.97 37.25 26.99
CA MET D 234 -20.48 36.03 26.40
C MET D 234 -21.67 35.29 25.85
N VAL D 235 -22.86 35.62 26.35
CA VAL D 235 -24.09 34.97 25.90
C VAL D 235 -24.56 35.50 24.55
N THR D 236 -24.47 36.82 24.38
CA THR D 236 -24.88 37.46 23.14
C THR D 236 -23.85 37.06 22.08
N ALA D 237 -22.83 36.33 22.53
CA ALA D 237 -21.77 35.87 21.65
C ALA D 237 -22.20 34.62 20.91
N ASN D 238 -22.00 33.47 21.56
CA ASN D 238 -22.34 32.19 20.97
C ASN D 238 -23.65 32.25 20.20
N ARG D 239 -24.73 32.68 20.86
CA ARG D 239 -26.00 32.74 20.16
C ARG D 239 -25.94 33.63 18.93
N PHE D 240 -24.76 34.18 18.64
CA PHE D 240 -24.62 34.99 17.44
C PHE D 240 -24.00 34.16 16.34
N TRP D 241 -22.74 33.79 16.50
CA TRP D 241 -22.06 33.00 15.49
C TRP D 241 -22.69 31.62 15.39
N SER D 242 -23.13 31.07 16.51
CA SER D 242 -23.77 29.77 16.48
C SER D 242 -24.80 29.77 15.36
N GLN D 243 -25.37 30.94 15.10
CA GLN D 243 -26.40 31.07 14.07
C GLN D 243 -25.87 31.70 12.78
N ILE D 244 -24.75 32.39 12.86
CA ILE D 244 -24.19 33.04 11.67
C ILE D 244 -23.06 32.24 11.01
N PHE D 245 -22.33 31.44 11.79
CA PHE D 245 -21.21 30.64 11.28
C PHE D 245 -21.36 29.19 11.71
N GLY D 246 -22.37 28.93 12.55
CA GLY D 246 -22.58 27.57 12.99
C GLY D 246 -21.81 27.22 14.24
N ILE D 247 -20.85 28.04 14.63
CA ILE D 247 -20.09 27.73 15.84
C ILE D 247 -19.99 28.81 16.93
N ALA D 248 -19.81 28.34 18.17
CA ALA D 248 -19.73 29.21 19.37
C ALA D 248 -18.54 29.01 20.29
N PHE D 249 -17.73 30.05 20.40
CA PHE D 249 -16.56 30.07 21.25
C PHE D 249 -17.11 30.21 22.67
N SER D 250 -17.75 29.17 23.18
CA SER D 250 -18.32 29.22 24.55
C SER D 250 -17.27 28.98 25.66
N ASN D 251 -16.71 30.08 26.17
CA ASN D 251 -15.68 30.10 27.23
C ASN D 251 -14.74 31.22 26.80
N LYS D 252 -13.92 31.73 27.71
CA LYS D 252 -13.02 32.81 27.35
C LYS D 252 -11.59 32.44 27.71
N ARG D 253 -11.45 31.43 28.55
CA ARG D 253 -10.13 30.96 28.96
C ARG D 253 -9.48 30.31 27.74
N TRP D 254 -10.28 29.52 27.02
CA TRP D 254 -9.85 28.83 25.81
C TRP D 254 -9.74 29.82 24.63
N LEU D 255 -10.78 30.63 24.44
CA LEU D 255 -10.75 31.61 23.37
C LEU D 255 -9.48 32.41 23.53
N HIS D 256 -9.40 33.19 24.61
CA HIS D 256 -8.22 33.99 24.89
C HIS D 256 -6.94 33.15 25.03
N PHE D 257 -7.05 31.85 24.75
CA PHE D 257 -5.87 30.96 24.85
C PHE D 257 -5.54 30.43 23.47
N PHE D 258 -6.55 29.88 22.82
CA PHE D 258 -6.44 29.33 21.48
C PHE D 258 -5.77 30.38 20.60
N MET D 259 -5.84 31.63 21.04
CA MET D 259 -5.24 32.74 20.32
C MET D 259 -3.75 32.74 20.58
N LEU D 260 -3.34 32.14 21.69
CA LEU D 260 -1.93 32.09 21.99
C LEU D 260 -1.35 31.07 21.04
N PHE D 261 -2.04 29.94 20.93
CA PHE D 261 -1.61 28.83 20.09
C PHE D 261 -1.42 29.12 18.61
N VAL D 262 -2.55 29.34 17.95
CA VAL D 262 -2.53 29.62 16.54
C VAL D 262 -1.18 30.06 16.01
N PRO D 263 -0.76 31.29 16.29
CA PRO D 263 0.53 31.73 15.78
C PRO D 263 1.66 30.85 16.22
N VAL D 264 2.21 31.17 17.39
CA VAL D 264 3.34 30.45 17.98
C VAL D 264 3.56 29.09 17.34
N THR D 265 2.48 28.35 17.18
CA THR D 265 2.52 27.03 16.57
C THR D 265 3.03 27.09 15.15
N GLY D 266 2.27 27.75 14.29
CA GLY D 266 2.66 27.90 12.90
C GLY D 266 4.10 28.31 12.76
N LEU D 267 4.48 29.35 13.50
CA LEU D 267 5.85 29.82 13.45
C LEU D 267 6.79 28.65 13.55
N TRP D 268 6.59 27.83 14.57
CA TRP D 268 7.45 26.67 14.74
C TRP D 268 7.49 25.84 13.47
N MET D 269 6.31 25.58 12.92
CA MET D 269 6.20 24.80 11.69
C MET D 269 6.97 25.47 10.57
N SER D 270 7.26 26.75 10.75
CA SER D 270 7.99 27.51 9.77
C SER D 270 9.44 27.21 10.07
N ALA D 271 9.82 27.47 11.31
CA ALA D 271 11.19 27.22 11.78
C ALA D 271 11.63 25.81 11.45
N ILE D 272 10.71 24.85 11.49
CA ILE D 272 11.07 23.48 11.14
C ILE D 272 11.38 23.55 9.68
N GLY D 273 10.33 23.82 8.89
CA GLY D 273 10.47 23.91 7.44
C GLY D 273 11.78 24.48 6.94
N VAL D 274 12.13 25.67 7.42
CA VAL D 274 13.38 26.33 7.03
C VAL D 274 14.58 25.51 7.47
N VAL D 275 14.47 24.89 8.65
CA VAL D 275 15.57 24.06 9.12
C VAL D 275 15.86 23.18 7.91
N GLY D 276 14.80 22.67 7.29
CA GLY D 276 14.98 21.85 6.11
C GLY D 276 15.88 22.57 5.12
N LEU D 277 15.44 23.73 4.66
CA LEU D 277 16.21 24.51 3.71
C LEU D 277 17.67 24.66 4.10
N ALA D 278 17.96 24.47 5.36
CA ALA D 278 19.33 24.61 5.79
C ALA D 278 20.18 23.60 5.06
N LEU D 279 19.76 22.34 5.12
CA LEU D 279 20.51 21.30 4.45
C LEU D 279 19.88 21.06 3.08
N ASN D 280 19.49 22.13 2.43
CA ASN D 280 18.88 22.03 1.12
C ASN D 280 17.79 21.00 1.00
N LEU D 281 17.29 20.52 2.14
CA LEU D 281 16.21 19.56 2.12
C LEU D 281 14.99 20.43 1.86
N ARG D 282 14.52 20.43 0.63
CA ARG D 282 13.38 21.25 0.26
C ARG D 282 12.26 20.54 -0.47
N SER D 283 11.09 21.19 -0.50
CA SER D 283 9.93 20.61 -1.16
C SER D 283 9.74 21.34 -2.48
N TYR D 284 10.48 20.86 -3.46
CA TYR D 284 10.52 21.35 -4.84
C TYR D 284 9.96 20.11 -5.53
N ASP D 285 10.60 18.98 -5.25
CA ASP D 285 10.24 17.63 -5.66
C ASP D 285 8.88 17.50 -6.39
N PHE D 286 8.04 16.58 -5.93
CA PHE D 286 6.72 16.26 -6.48
C PHE D 286 6.80 15.34 -7.68
N ILE D 287 7.58 14.27 -7.51
CA ILE D 287 7.82 13.27 -8.53
C ILE D 287 6.59 12.91 -9.32
N SER D 288 5.67 12.19 -8.69
CA SER D 288 4.40 11.78 -9.31
C SER D 288 4.11 12.59 -10.59
N GLN D 289 4.35 13.89 -10.51
CA GLN D 289 4.12 14.79 -11.63
C GLN D 289 5.27 14.78 -12.61
N GLU D 290 6.40 15.28 -12.17
CA GLU D 290 7.58 15.37 -13.02
C GLU D 290 7.93 14.13 -13.82
N ILE D 291 7.62 12.95 -13.28
CA ILE D 291 7.91 11.67 -13.93
C ILE D 291 7.05 11.52 -15.17
N ARG D 292 5.84 12.05 -15.07
CA ARG D 292 4.87 12.03 -16.14
C ARG D 292 5.01 13.35 -16.90
N ALA D 293 5.90 14.22 -16.41
CA ALA D 293 6.19 15.50 -17.05
C ALA D 293 7.08 15.21 -18.24
N ALA D 294 7.85 14.14 -18.13
CA ALA D 294 8.76 13.71 -19.19
C ALA D 294 7.95 13.47 -20.42
N GLU D 295 7.20 12.37 -20.43
CA GLU D 295 6.38 12.05 -21.57
C GLU D 295 5.29 13.10 -21.60
N ASP D 296 4.13 12.74 -22.14
CA ASP D 296 2.98 13.66 -22.23
C ASP D 296 3.36 15.14 -22.26
N PRO D 297 4.18 15.54 -23.24
CA PRO D 297 4.60 16.94 -23.32
C PRO D 297 3.42 17.89 -23.35
N GLU D 298 2.21 17.34 -23.34
CA GLU D 298 1.04 18.20 -23.39
C GLU D 298 0.25 18.31 -22.09
N PHE D 299 0.67 17.60 -21.05
CA PHE D 299 -0.02 17.68 -19.79
C PHE D 299 0.65 18.75 -18.95
N GLU D 300 -0.16 19.64 -18.38
CA GLU D 300 0.37 20.75 -17.60
C GLU D 300 -0.51 21.17 -16.41
N THR D 301 0.09 21.20 -15.22
CA THR D 301 -0.57 21.60 -13.97
C THR D 301 0.01 22.94 -13.62
N PHE D 302 -0.59 23.62 -12.64
CA PHE D 302 -0.01 24.88 -12.27
C PHE D 302 1.38 24.57 -11.71
N TYR D 303 1.48 23.55 -10.86
CA TYR D 303 2.73 23.15 -10.22
C TYR D 303 3.93 23.32 -11.13
N THR D 304 3.83 22.70 -12.30
CA THR D 304 4.88 22.77 -13.29
C THR D 304 4.91 24.19 -13.82
N LYS D 305 3.77 24.62 -14.33
CA LYS D 305 3.62 25.96 -14.87
C LYS D 305 4.26 26.98 -13.93
N ASN D 306 4.21 26.71 -12.63
CA ASN D 306 4.77 27.59 -11.59
C ASN D 306 6.23 27.35 -11.45
N LEU D 307 6.52 26.07 -11.21
CA LEU D 307 7.87 25.57 -11.04
C LEU D 307 8.76 26.20 -12.10
N LEU D 308 8.19 26.47 -13.27
CA LEU D 308 8.95 27.06 -14.36
C LEU D 308 9.36 28.50 -14.07
N LEU D 309 8.48 29.23 -13.40
CA LEU D 309 8.78 30.60 -13.06
C LEU D 309 10.09 30.53 -12.31
N ASN D 310 10.11 29.69 -11.28
CA ASN D 310 11.32 29.50 -10.49
C ASN D 310 12.53 29.41 -11.40
N GLU D 311 12.52 28.39 -12.24
CA GLU D 311 13.62 28.14 -13.18
C GLU D 311 14.09 29.38 -13.91
N GLY D 312 13.26 30.42 -13.96
CA GLY D 312 13.68 31.63 -14.62
C GLY D 312 14.38 32.47 -13.58
N ILE D 313 13.76 32.55 -12.41
CA ILE D 313 14.32 33.31 -11.31
C ILE D 313 15.78 32.91 -11.09
N ARG D 314 16.12 31.65 -11.31
CA ARG D 314 17.50 31.23 -11.15
C ARG D 314 18.30 31.93 -12.24
N ALA D 315 18.28 31.32 -13.40
CA ALA D 315 19.01 31.78 -14.56
C ALA D 315 19.26 33.27 -14.67
N TRP D 316 18.36 34.11 -14.20
CA TRP D 316 18.58 35.54 -14.33
C TRP D 316 19.31 36.23 -13.21
N MET D 317 18.91 35.95 -11.97
CA MET D 317 19.53 36.59 -10.80
C MET D 317 20.86 36.00 -10.31
N ALA D 318 20.94 34.68 -10.22
CA ALA D 318 22.16 34.02 -9.76
C ALA D 318 23.46 34.76 -10.11
N PRO D 319 23.64 35.15 -11.38
CA PRO D 319 24.85 35.84 -11.78
C PRO D 319 25.19 37.12 -11.00
N GLN D 320 24.17 37.90 -10.65
CA GLN D 320 24.40 39.15 -9.92
C GLN D 320 24.15 39.01 -8.42
N ASP D 321 23.29 38.06 -8.06
CA ASP D 321 22.98 37.83 -6.65
C ASP D 321 24.14 37.12 -5.99
N GLN D 322 24.70 36.15 -6.71
CA GLN D 322 25.82 35.37 -6.23
C GLN D 322 27.05 35.74 -7.05
N PRO D 323 27.59 36.95 -6.81
CA PRO D 323 28.76 37.56 -7.46
C PRO D 323 30.09 36.83 -7.30
N HIS D 324 30.26 36.25 -6.13
CA HIS D 324 31.47 35.52 -5.78
C HIS D 324 31.67 34.25 -6.61
N GLU D 325 30.71 33.93 -7.48
CA GLU D 325 30.78 32.75 -8.35
C GLU D 325 31.19 33.18 -9.77
N ASN D 326 31.18 34.50 -10.00
CA ASN D 326 31.52 35.09 -11.30
C ASN D 326 30.82 34.32 -12.37
N PHE D 327 29.53 34.12 -12.17
CA PHE D 327 28.73 33.42 -13.14
C PHE D 327 28.78 34.16 -14.46
N VAL D 328 28.59 33.43 -15.56
CA VAL D 328 28.56 34.02 -16.89
C VAL D 328 27.56 33.27 -17.74
N PHE D 329 26.51 33.98 -18.15
CA PHE D 329 25.49 33.36 -18.94
C PHE D 329 25.35 34.07 -20.27
N PRO D 330 25.82 33.43 -21.35
CA PRO D 330 25.71 34.07 -22.66
C PRO D 330 24.26 34.31 -23.08
N GLU D 331 24.06 35.37 -23.88
CA GLU D 331 22.76 35.77 -24.40
C GLU D 331 21.78 34.62 -24.64
N GLU D 332 22.34 33.54 -25.17
CA GLU D 332 21.59 32.35 -25.55
C GLU D 332 21.05 31.49 -24.42
N VAL D 333 21.92 31.04 -23.53
CA VAL D 333 21.49 30.18 -22.43
C VAL D 333 20.26 30.59 -21.63
N LEU D 334 19.94 31.88 -21.60
CA LEU D 334 18.79 32.36 -20.82
C LEU D 334 17.43 31.93 -21.33
N PRO D 335 16.64 31.26 -20.48
CA PRO D 335 15.29 30.74 -20.74
C PRO D 335 14.28 31.87 -20.90
N ARG D 336 13.47 31.82 -21.97
CA ARG D 336 12.50 32.87 -22.26
C ARG D 336 11.39 32.36 -23.16
N GLY D 337 10.21 32.94 -23.03
CA GLY D 337 9.12 32.53 -23.88
C GLY D 337 9.23 33.24 -25.20
N ASN D 338 8.40 32.88 -26.16
CA ASN D 338 8.45 33.56 -27.45
C ASN D 338 7.86 34.94 -27.29
N ALA D 339 8.69 35.96 -27.41
CA ALA D 339 8.26 37.35 -27.31
C ALA D 339 9.25 38.22 -26.58
N LEU D 340 9.45 37.97 -25.30
CA LEU D 340 10.38 38.83 -24.60
C LEU D 340 11.47 38.05 -23.90
N GLY E 2 -1.55 50.90 38.81
CA GLY E 2 -0.43 50.70 39.79
C GLY E 2 0.19 52.00 40.29
N THR E 3 0.84 51.96 41.47
CA THR E 3 1.48 53.16 42.08
C THR E 3 2.81 53.47 41.36
N THR E 4 2.84 54.60 40.63
CA THR E 4 4.02 55.03 39.86
C THR E 4 4.59 56.39 40.34
N GLY E 5 5.92 56.45 40.51
CA GLY E 5 6.56 57.68 40.97
C GLY E 5 7.98 58.03 40.50
N GLU E 6 8.16 58.22 39.18
CA GLU E 6 9.47 58.62 38.63
C GLU E 6 9.21 59.97 37.93
N ARG E 7 10.17 60.88 38.05
CA ARG E 7 10.10 62.25 37.49
C ARG E 7 9.30 62.41 36.17
N PRO E 8 8.07 62.98 36.26
CA PRO E 8 7.09 63.26 35.17
C PRO E 8 7.60 63.90 33.88
N PHE E 9 6.91 63.60 32.78
CA PHE E 9 7.31 64.09 31.47
C PHE E 9 6.73 65.42 31.03
N SER E 10 5.41 65.50 30.95
CA SER E 10 4.73 66.74 30.55
C SER E 10 5.51 67.86 31.19
N ASP E 11 5.86 67.67 32.46
CA ASP E 11 6.63 68.61 33.26
C ASP E 11 7.71 69.27 32.41
N ILE E 12 8.71 68.49 32.04
CA ILE E 12 9.85 68.99 31.31
C ILE E 12 9.71 69.25 29.78
N ILE E 13 8.84 68.52 29.09
CA ILE E 13 8.69 68.79 27.65
C ILE E 13 8.03 70.15 27.56
N THR E 14 7.31 70.47 28.63
CA THR E 14 6.59 71.73 28.80
C THR E 14 7.40 72.67 29.72
N SER E 15 8.52 72.16 30.22
CA SER E 15 9.42 72.92 31.11
C SER E 15 10.15 74.06 30.44
N VAL E 16 10.40 75.11 31.22
CA VAL E 16 11.10 76.27 30.69
C VAL E 16 12.58 75.93 30.49
N ARG E 17 13.14 75.14 31.40
CA ARG E 17 14.55 74.76 31.33
C ARG E 17 14.88 73.80 30.20
N TYR E 18 13.99 72.85 29.96
CA TYR E 18 14.17 71.90 28.88
C TYR E 18 14.55 72.69 27.61
N TRP E 19 13.63 73.54 27.16
CA TRP E 19 13.85 74.32 25.96
C TRP E 19 15.06 75.22 25.93
N VAL E 20 15.56 75.59 27.10
CA VAL E 20 16.71 76.48 27.16
C VAL E 20 18.07 75.74 27.18
N ILE E 21 18.10 74.56 27.77
CA ILE E 21 19.33 73.76 27.81
C ILE E 21 19.47 73.21 26.38
N HIS E 22 18.36 72.62 25.93
CA HIS E 22 18.21 71.97 24.64
C HIS E 22 18.25 72.81 23.36
N SER E 23 17.41 73.84 23.26
CA SER E 23 17.37 74.68 22.06
C SER E 23 18.77 74.76 21.47
N ILE E 24 19.72 75.13 22.31
CA ILE E 24 21.11 75.28 21.91
C ILE E 24 21.85 73.94 21.61
N THR E 25 21.63 72.92 22.43
CA THR E 25 22.30 71.62 22.26
C THR E 25 21.73 70.64 21.21
N ILE E 26 20.41 70.63 21.03
CA ILE E 26 19.79 69.75 20.04
C ILE E 26 20.46 69.99 18.69
N PRO E 27 20.24 71.16 18.08
CA PRO E 27 20.91 71.36 16.79
C PRO E 27 22.43 71.16 16.86
N ALA E 28 22.99 71.06 18.08
CA ALA E 28 24.43 70.84 18.24
C ALA E 28 24.73 69.44 17.76
N LEU E 29 23.73 68.56 17.90
CA LEU E 29 23.85 67.19 17.46
C LEU E 29 23.48 67.20 15.98
N PHE E 30 22.35 67.83 15.66
CA PHE E 30 21.90 67.94 14.28
C PHE E 30 23.07 68.45 13.42
N ILE E 31 23.75 69.47 13.94
CA ILE E 31 24.90 70.08 13.29
C ILE E 31 26.08 69.11 13.32
N ALA E 32 26.36 68.54 14.48
CA ALA E 32 27.45 67.59 14.63
C ALA E 32 27.35 66.50 13.55
N GLY E 33 26.17 65.88 13.42
CA GLY E 33 25.99 64.84 12.43
C GLY E 33 26.34 65.36 11.05
N TRP E 34 25.77 66.52 10.74
CA TRP E 34 25.98 67.19 9.47
C TRP E 34 27.44 67.36 9.13
N LEU E 35 28.21 67.82 10.10
CA LEU E 35 29.63 68.04 9.90
C LEU E 35 30.29 66.72 9.62
N PHE E 36 29.85 65.70 10.34
CA PHE E 36 30.41 64.36 10.19
C PHE E 36 30.34 63.91 8.73
N VAL E 37 29.27 64.35 8.06
CA VAL E 37 29.03 64.05 6.67
C VAL E 37 29.80 65.02 5.78
N SER E 38 29.70 66.31 6.08
CA SER E 38 30.36 67.35 5.31
C SER E 38 31.88 67.22 5.21
N THR E 39 32.57 67.04 6.33
CA THR E 39 34.04 66.89 6.31
C THR E 39 34.34 65.79 5.30
N GLY E 40 33.46 64.80 5.30
CA GLY E 40 33.59 63.63 4.45
C GLY E 40 34.33 62.56 5.23
N LEU E 41 34.34 62.71 6.56
CA LEU E 41 35.03 61.74 7.38
C LEU E 41 34.21 60.49 7.53
N ALA E 42 32.89 60.65 7.59
CA ALA E 42 32.00 59.49 7.71
C ALA E 42 32.45 58.38 6.78
N TYR E 43 32.89 58.77 5.58
CA TYR E 43 33.36 57.84 4.55
C TYR E 43 34.52 57.03 5.07
N ASP E 44 35.61 57.71 5.39
CA ASP E 44 36.83 57.10 5.89
C ASP E 44 36.56 56.38 7.22
N VAL E 45 35.54 56.86 7.92
CA VAL E 45 35.10 56.30 9.19
C VAL E 45 34.64 54.85 9.00
N PHE E 46 33.85 54.64 7.95
CA PHE E 46 33.28 53.33 7.65
C PHE E 46 33.64 52.74 6.28
N GLY E 47 34.81 53.08 5.77
CA GLY E 47 35.26 52.58 4.47
C GLY E 47 34.36 52.96 3.31
N THR E 48 33.09 53.19 3.63
CA THR E 48 32.07 53.56 2.66
C THR E 48 32.67 54.48 1.60
N PRO E 49 32.73 53.99 0.36
CA PRO E 49 33.30 54.76 -0.76
C PRO E 49 32.39 55.91 -1.11
N ARG E 50 32.94 56.98 -1.69
CA ARG E 50 32.11 58.10 -2.11
C ARG E 50 31.99 58.02 -3.63
N PRO E 51 30.80 58.29 -4.16
CA PRO E 51 30.50 58.24 -5.60
C PRO E 51 31.68 58.43 -6.50
N ASP E 52 32.56 59.33 -6.11
CA ASP E 52 33.75 59.62 -6.89
C ASP E 52 34.68 58.41 -7.01
N SER E 53 34.54 57.48 -6.08
CA SER E 53 35.42 56.33 -6.10
C SER E 53 34.83 54.97 -5.71
N TYR E 54 33.97 54.41 -6.57
CA TYR E 54 33.39 53.07 -6.35
C TYR E 54 34.15 52.06 -7.25
N TYR E 55 34.33 52.44 -8.51
CA TYR E 55 35.06 51.64 -9.49
C TYR E 55 36.29 52.47 -9.84
N ALA E 56 37.40 51.80 -10.17
CA ALA E 56 38.62 52.51 -10.58
C ALA E 56 38.14 53.27 -11.81
N GLN E 57 39.04 53.89 -12.58
CA GLN E 57 38.55 54.63 -13.76
C GLN E 57 38.24 53.72 -14.93
N GLU E 58 39.25 52.97 -15.37
CA GLU E 58 39.06 52.08 -16.49
C GLU E 58 38.28 50.80 -16.18
N GLN E 59 38.81 49.93 -15.33
CA GLN E 59 38.13 48.67 -15.00
C GLN E 59 36.59 48.72 -14.87
N ARG E 60 35.97 47.56 -15.08
CA ARG E 60 34.52 47.40 -15.00
C ARG E 60 34.12 46.37 -13.93
N SER E 61 35.11 45.64 -13.40
CA SER E 61 34.87 44.58 -12.38
C SER E 61 34.61 45.08 -10.96
N ILE E 62 34.13 44.17 -10.11
CA ILE E 62 33.84 44.52 -8.73
C ILE E 62 34.97 44.09 -7.81
N PRO E 63 35.41 45.01 -6.94
CA PRO E 63 36.49 44.81 -5.96
C PRO E 63 35.99 43.86 -4.88
N LEU E 64 35.81 42.59 -5.22
CA LEU E 64 35.29 41.62 -4.26
C LEU E 64 36.34 40.86 -3.45
N VAL E 65 36.09 40.83 -2.14
CA VAL E 65 36.94 40.16 -1.17
C VAL E 65 36.98 38.69 -1.48
N THR E 66 38.15 38.19 -1.84
CA THR E 66 38.29 36.81 -2.22
C THR E 66 38.59 35.79 -1.13
N ASP E 67 39.61 36.02 -0.30
CA ASP E 67 39.91 35.05 0.74
C ASP E 67 39.79 35.58 2.19
N ARG E 68 38.91 34.95 2.95
CA ARG E 68 38.62 35.35 4.34
C ARG E 68 39.80 35.58 5.27
N PHE E 69 40.92 34.92 5.03
CA PHE E 69 42.06 35.10 5.92
C PHE E 69 43.04 36.21 5.56
N GLU E 70 43.29 36.41 4.27
CA GLU E 70 44.19 37.49 3.86
C GLU E 70 43.30 38.53 3.19
N ALA E 71 42.14 38.76 3.80
CA ALA E 71 41.16 39.70 3.31
C ALA E 71 41.65 41.14 3.40
N LYS E 72 42.27 41.47 4.54
CA LYS E 72 42.80 42.81 4.76
C LYS E 72 43.61 43.26 3.55
N GLN E 73 44.46 42.35 3.07
CA GLN E 73 45.28 42.65 1.92
C GLN E 73 44.33 43.02 0.78
N GLN E 74 43.53 42.05 0.36
CA GLN E 74 42.57 42.27 -0.71
C GLN E 74 42.08 43.71 -0.66
N VAL E 75 41.17 44.00 0.25
CA VAL E 75 40.64 45.35 0.34
C VAL E 75 41.68 46.34 -0.15
N GLU E 76 42.84 46.35 0.50
CA GLU E 76 43.88 47.28 0.10
C GLU E 76 44.14 47.23 -1.38
N THR E 77 44.83 46.18 -1.80
CA THR E 77 45.18 45.98 -3.20
C THR E 77 44.06 46.39 -4.17
N PHE E 78 42.83 46.47 -3.66
CA PHE E 78 41.72 46.91 -4.50
C PHE E 78 41.69 48.41 -4.29
N LEU E 79 41.47 48.84 -3.05
CA LEU E 79 41.46 50.27 -2.73
C LEU E 79 42.74 50.87 -3.26
N GLU E 80 43.73 50.01 -3.46
CA GLU E 80 45.04 50.39 -3.97
C GLU E 80 44.93 50.91 -5.39
N GLN E 81 45.02 50.00 -6.36
CA GLN E 81 44.95 50.32 -7.78
C GLN E 81 43.80 51.28 -7.95
N LEU E 82 42.74 51.02 -7.18
CA LEU E 82 41.54 51.84 -7.18
C LEU E 82 41.95 53.27 -6.82
N LYS E 83 41.43 54.22 -7.59
CA LYS E 83 41.69 55.66 -7.41
C LYS E 83 41.74 56.13 -5.94
N VAL F 10 7.68 67.24 44.71
CA VAL F 10 8.98 67.12 45.47
C VAL F 10 10.20 67.59 44.62
N SER F 11 11.29 66.79 44.63
CA SER F 11 12.54 67.07 43.88
C SER F 11 13.10 65.77 43.25
N TYR F 12 12.61 65.40 42.06
CA TYR F 12 13.08 64.19 41.39
C TYR F 12 14.30 64.50 40.50
N PRO F 13 15.42 63.79 40.73
CA PRO F 13 16.68 63.96 39.99
C PRO F 13 16.56 64.14 38.47
N ILE F 14 17.64 64.60 37.85
CA ILE F 14 17.67 64.80 36.41
C ILE F 14 18.35 63.58 35.82
N PHE F 15 19.11 62.88 36.65
CA PHE F 15 19.80 61.69 36.21
C PHE F 15 19.04 60.45 36.67
N THR F 16 17.95 60.17 35.95
CA THR F 16 17.08 59.02 36.23
C THR F 16 17.43 57.80 35.38
N VAL F 17 17.16 56.62 35.93
CA VAL F 17 17.37 55.35 35.23
C VAL F 17 16.72 55.70 33.88
N ARG F 18 15.40 55.92 33.95
CA ARG F 18 14.53 56.30 32.82
C ARG F 18 15.24 57.22 31.86
N TRP F 19 15.94 58.20 32.41
CA TRP F 19 16.62 59.16 31.59
C TRP F 19 17.82 58.65 30.80
N VAL F 20 18.67 57.84 31.44
CA VAL F 20 19.86 57.32 30.76
C VAL F 20 19.44 56.73 29.40
N ALA F 21 18.37 55.94 29.42
CA ALA F 21 17.84 55.31 28.24
C ALA F 21 17.40 56.39 27.27
N VAL F 22 16.26 57.02 27.58
CA VAL F 22 15.68 58.08 26.75
C VAL F 22 16.77 58.92 26.10
N HIS F 23 17.96 58.88 26.67
CA HIS F 23 19.07 59.64 26.12
C HIS F 23 19.93 58.93 25.10
N THR F 24 20.37 57.73 25.44
CA THR F 24 21.22 56.95 24.54
C THR F 24 20.63 57.06 23.14
N LEU F 25 19.30 57.22 23.07
CA LEU F 25 18.54 57.35 21.82
C LEU F 25 18.48 58.79 21.27
N ALA F 26 17.92 59.69 22.07
CA ALA F 26 17.78 61.10 21.67
C ALA F 26 19.05 61.83 21.25
N VAL F 27 20.21 61.38 21.73
CA VAL F 27 21.45 62.04 21.34
C VAL F 27 21.79 61.62 19.91
N PRO F 28 21.97 60.30 19.66
CA PRO F 28 22.31 59.80 18.31
C PRO F 28 21.31 60.26 17.27
N THR F 29 20.06 59.90 17.49
CA THR F 29 18.98 60.27 16.60
C THR F 29 19.21 61.63 15.94
N ILE F 30 19.33 62.67 16.75
CA ILE F 30 19.55 64.00 16.21
C ILE F 30 20.93 64.10 15.58
N PHE F 31 21.86 63.28 16.06
CA PHE F 31 23.21 63.26 15.51
C PHE F 31 23.05 62.71 14.10
N PHE F 32 22.27 61.62 14.01
CA PHE F 32 22.01 60.97 12.73
C PHE F 32 21.18 61.83 11.81
N LEU F 33 20.02 62.26 12.30
CA LEU F 33 19.11 63.10 11.52
C LEU F 33 19.85 64.24 10.87
N GLY F 34 20.82 64.77 11.59
CA GLY F 34 21.61 65.86 11.07
C GLY F 34 22.55 65.33 10.02
N ALA F 35 23.09 64.15 10.27
CA ALA F 35 24.02 63.52 9.34
C ALA F 35 23.32 63.35 7.99
N ILE F 36 22.11 62.82 8.05
CA ILE F 36 21.29 62.54 6.89
C ILE F 36 20.83 63.78 6.15
N ALA F 37 20.24 64.73 6.88
CA ALA F 37 19.77 65.95 6.26
C ALA F 37 20.97 66.52 5.53
N ALA F 38 22.16 66.18 6.01
CA ALA F 38 23.40 66.63 5.41
C ALA F 38 23.65 65.97 4.06
N MET F 39 23.49 64.65 4.02
CA MET F 39 23.70 63.90 2.79
C MET F 39 22.81 64.39 1.63
N GLN F 40 21.55 64.72 1.95
CA GLN F 40 20.57 65.22 0.99
C GLN F 40 21.08 66.04 -0.17
N PHE F 41 22.35 66.41 -0.11
CA PHE F 41 22.91 67.23 -1.16
C PHE F 41 24.17 66.69 -1.81
N ILE F 42 24.79 65.66 -1.24
CA ILE F 42 26.04 65.09 -1.78
C ILE F 42 25.95 64.67 -3.24
N GLN F 43 25.82 65.63 -4.15
CA GLN F 43 25.73 65.28 -5.56
C GLN F 43 27.06 64.75 -6.10
N ARG F 44 27.16 64.66 -7.42
CA ARG F 44 28.36 64.18 -8.12
C ARG F 44 28.69 62.81 -7.54
N ALA G 1 3.96 0.67 52.96
CA ALA G 1 5.33 0.53 52.37
C ALA G 1 5.65 -0.94 52.03
N ARG G 2 6.93 -1.23 51.72
CA ARG G 2 7.39 -2.60 51.38
C ARG G 2 8.88 -2.71 51.00
N ARG G 3 9.74 -2.66 52.01
CA ARG G 3 11.19 -2.79 51.83
C ARG G 3 11.53 -4.17 51.26
N THR G 4 12.82 -4.42 51.05
CA THR G 4 13.32 -5.72 50.56
C THR G 4 14.84 -5.76 50.61
N TRP G 5 15.42 -6.68 49.83
CA TRP G 5 16.87 -6.85 49.78
C TRP G 5 17.59 -5.53 49.46
N LEU G 6 17.38 -5.00 48.26
CA LEU G 6 18.04 -3.74 47.90
C LEU G 6 17.41 -2.63 48.69
N GLY G 7 16.08 -2.72 48.82
CA GLY G 7 15.29 -1.73 49.54
C GLY G 7 15.88 -1.27 50.86
N ASP G 8 16.72 -2.12 51.44
CA ASP G 8 17.37 -1.80 52.69
C ASP G 8 18.80 -1.42 52.31
N ILE G 9 19.42 -2.23 51.46
CA ILE G 9 20.78 -1.98 51.03
C ILE G 9 21.00 -0.59 50.46
N LEU G 10 19.94 0.06 50.00
CA LEU G 10 20.09 1.38 49.38
C LEU G 10 19.34 2.47 50.10
N ARG G 11 18.76 2.16 51.26
CA ARG G 11 17.97 3.14 52.00
C ARG G 11 18.69 4.45 52.38
N PRO G 12 20.00 4.38 52.70
CA PRO G 12 20.68 5.63 53.06
C PRO G 12 20.63 6.67 51.97
N LEU G 13 21.25 6.35 50.84
CA LEU G 13 21.33 7.23 49.69
C LEU G 13 20.03 7.97 49.38
N ASN G 14 18.88 7.34 49.56
CA ASN G 14 17.65 8.05 49.28
C ASN G 14 17.08 8.81 50.48
N SER G 15 17.49 8.43 51.69
CA SER G 15 17.02 9.05 52.94
C SER G 15 17.00 10.59 53.06
N GLU G 16 18.18 11.22 53.05
CA GLU G 16 18.29 12.68 53.23
C GLU G 16 17.69 13.61 52.16
N TYR G 17 16.38 13.55 52.05
CA TYR G 17 15.65 14.37 51.10
C TYR G 17 16.12 15.81 51.17
N GLY G 18 15.50 16.55 52.08
CA GLY G 18 15.79 17.95 52.25
C GLY G 18 17.21 18.33 52.60
N LYS G 19 18.09 17.36 52.89
CA LYS G 19 19.48 17.67 53.26
C LYS G 19 20.03 18.74 52.31
N VAL G 20 20.20 19.94 52.86
CA VAL G 20 20.68 21.11 52.12
C VAL G 20 21.76 21.87 52.91
N ALA G 21 22.90 22.16 52.27
CA ALA G 21 23.99 22.89 52.92
C ALA G 21 23.47 24.30 53.19
N PRO G 22 23.88 24.90 54.32
CA PRO G 22 23.47 26.26 54.75
C PRO G 22 23.99 27.50 54.00
N GLY G 23 23.02 28.33 53.59
CA GLY G 23 23.32 29.57 52.90
C GLY G 23 23.57 29.53 51.41
N TRP G 24 24.69 30.14 51.03
CA TRP G 24 25.13 30.22 49.64
C TRP G 24 26.22 29.18 49.49
N GLY G 25 26.88 28.91 50.62
CA GLY G 25 27.94 27.93 50.67
C GLY G 25 28.90 27.80 49.49
N THR G 26 28.81 26.68 48.80
CA THR G 26 29.72 26.37 47.70
C THR G 26 29.67 27.28 46.45
N THR G 27 28.49 27.84 46.16
CA THR G 27 28.25 28.67 44.98
C THR G 27 29.44 29.30 44.26
N PRO G 28 30.15 30.22 44.93
CA PRO G 28 31.31 30.90 44.33
C PRO G 28 32.19 29.98 43.50
N LEU G 29 32.59 28.87 44.10
CA LEU G 29 33.45 27.93 43.41
C LEU G 29 32.73 27.31 42.20
N MET G 30 31.42 27.54 42.10
CA MET G 30 30.63 27.04 40.97
C MET G 30 30.86 28.05 39.88
N ALA G 31 30.48 29.27 40.20
CA ALA G 31 30.60 30.38 39.29
C ALA G 31 32.03 30.48 38.78
N VAL G 32 33.01 30.00 39.56
CA VAL G 32 34.40 30.06 39.12
C VAL G 32 34.67 28.98 38.08
N PHE G 33 34.06 27.82 38.23
CA PHE G 33 34.24 26.77 37.24
C PHE G 33 33.37 27.15 36.08
N MET G 34 32.23 27.76 36.40
CA MET G 34 31.26 28.21 35.42
C MET G 34 31.94 29.02 34.34
N GLY G 35 32.27 30.28 34.64
CA GLY G 35 32.96 31.12 33.67
C GLY G 35 34.21 30.42 33.17
N LEU G 36 34.88 29.70 34.06
CA LEU G 36 36.08 28.97 33.69
C LEU G 36 35.70 28.01 32.57
N PHE G 37 34.43 27.60 32.54
CA PHE G 37 33.96 26.68 31.51
C PHE G 37 33.76 27.41 30.20
N LEU G 38 32.93 28.44 30.24
CA LEU G 38 32.65 29.19 29.05
C LEU G 38 33.86 29.25 28.15
N VAL G 39 34.89 29.99 28.56
CA VAL G 39 36.10 30.09 27.75
C VAL G 39 36.52 28.75 27.14
N PHE G 40 36.13 27.62 27.73
CA PHE G 40 36.49 26.32 27.17
C PHE G 40 35.78 26.16 25.86
N LEU G 41 34.45 26.22 25.94
CA LEU G 41 33.63 26.09 24.76
C LEU G 41 34.04 27.11 23.73
N LEU G 42 33.92 28.37 24.12
CA LEU G 42 34.27 29.48 23.28
C LEU G 42 35.64 29.26 22.61
N ILE G 43 36.66 28.90 23.40
CA ILE G 43 37.99 28.60 22.88
C ILE G 43 37.95 27.42 21.90
N ILE G 44 37.01 26.49 22.12
CA ILE G 44 36.85 25.34 21.24
C ILE G 44 36.11 25.82 20.00
N LEU G 45 34.97 26.43 20.24
CA LEU G 45 34.16 26.96 19.18
C LEU G 45 35.08 27.79 18.30
N GLU G 46 35.81 28.72 18.89
CA GLU G 46 36.71 29.56 18.11
C GLU G 46 37.88 28.88 17.39
N ILE G 47 38.34 27.71 17.85
CA ILE G 47 39.42 26.99 17.16
C ILE G 47 38.74 26.37 15.95
N TYR G 48 37.56 25.84 16.21
CA TYR G 48 36.73 25.17 15.23
C TYR G 48 36.25 26.16 14.17
N ASN G 49 35.58 27.21 14.60
CA ASN G 49 35.08 28.22 13.69
C ASN G 49 36.14 28.65 12.71
N SER G 50 37.40 28.55 13.15
CA SER G 50 38.58 28.93 12.37
C SER G 50 39.04 30.36 12.74
N THR G 51 38.52 30.83 13.87
CA THR G 51 38.85 32.14 14.38
C THR G 51 40.06 32.04 15.31
N LEU G 52 40.25 30.88 15.93
CA LEU G 52 41.39 30.64 16.82
C LEU G 52 42.39 29.77 16.05
N ILE G 53 43.62 30.23 15.94
CA ILE G 53 44.65 29.48 15.24
C ILE G 53 45.71 28.96 16.19
N LEU G 54 46.39 27.91 15.76
CA LEU G 54 47.45 27.32 16.54
C LEU G 54 48.23 26.63 15.46
N ASP G 55 49.33 25.98 15.83
CA ASP G 55 50.13 25.28 14.84
C ASP G 55 49.95 23.77 14.95
N GLY G 56 50.13 23.08 13.81
CA GLY G 56 49.96 21.64 13.78
C GLY G 56 48.50 21.50 14.16
N VAL G 57 47.78 22.61 14.01
CA VAL G 57 46.37 22.71 14.34
C VAL G 57 45.60 23.56 13.30
N ASN G 58 45.56 23.07 12.06
CA ASN G 58 44.79 23.72 10.99
C ASN G 58 43.68 22.68 10.76
N VAL G 59 42.47 23.04 11.20
CA VAL G 59 41.31 22.16 11.09
C VAL G 59 40.90 21.84 9.67
N SER G 60 41.14 20.60 9.26
CA SER G 60 40.77 20.13 7.93
C SER G 60 40.75 18.60 7.92
N TRP G 61 40.23 18.02 6.86
CA TRP G 61 40.19 16.57 6.76
C TRP G 61 41.61 16.05 6.86
N LYS G 62 42.55 16.86 6.37
CA LYS G 62 43.97 16.56 6.42
C LYS G 62 44.22 16.64 7.91
N ALA G 63 44.99 15.70 8.44
CA ALA G 63 45.24 15.72 9.88
C ALA G 63 46.03 14.53 10.39
N LEU G 64 46.93 13.99 9.57
CA LEU G 64 47.73 12.86 10.03
C LEU G 64 49.15 13.38 10.38
N MET H 1 -29.73 24.87 -26.47
CA MET H 1 -29.89 24.72 -24.99
C MET H 1 -30.52 25.97 -24.36
N GLU H 2 -31.03 26.86 -25.22
CA GLU H 2 -31.67 28.11 -24.80
C GLU H 2 -32.61 27.89 -23.61
N THR H 3 -32.96 26.63 -23.36
CA THR H 3 -33.85 26.27 -22.26
C THR H 3 -33.33 26.77 -20.94
N LEU H 4 -32.13 26.30 -20.62
CA LEU H 4 -31.50 26.64 -19.37
C LEU H 4 -31.60 28.14 -19.12
N LYS H 5 -31.15 28.92 -20.09
CA LYS H 5 -31.16 30.38 -19.98
C LYS H 5 -32.38 30.87 -19.20
N ILE H 6 -33.57 30.37 -19.52
CA ILE H 6 -34.76 30.82 -18.79
C ILE H 6 -34.99 30.09 -17.48
N THR H 7 -34.78 28.79 -17.49
CA THR H 7 -34.96 27.98 -16.31
C THR H 7 -34.28 28.66 -15.12
N VAL H 8 -33.14 29.30 -15.40
CA VAL H 8 -32.39 29.98 -14.36
C VAL H 8 -33.03 31.29 -13.93
N TYR H 9 -33.21 32.20 -14.87
CA TYR H 9 -33.80 33.49 -14.56
C TYR H 9 -34.82 33.39 -13.46
N ILE H 10 -35.86 32.61 -13.71
CA ILE H 10 -36.94 32.45 -12.75
C ILE H 10 -36.38 32.11 -11.40
N VAL H 11 -35.49 31.14 -11.39
CA VAL H 11 -34.86 30.72 -10.15
C VAL H 11 -34.10 31.90 -9.57
N VAL H 12 -33.59 32.77 -10.44
CA VAL H 12 -32.83 33.95 -9.99
C VAL H 12 -33.76 35.07 -9.58
N THR H 13 -34.75 35.28 -10.43
CA THR H 13 -35.71 36.33 -10.21
C THR H 13 -36.44 36.04 -8.92
N PHE H 14 -37.09 34.88 -8.90
CA PHE H 14 -37.85 34.46 -7.76
C PHE H 14 -37.10 34.96 -6.54
N PHE H 15 -35.86 34.52 -6.39
CA PHE H 15 -35.07 34.91 -5.25
C PHE H 15 -34.83 36.38 -5.10
N VAL H 16 -34.41 37.04 -6.16
CA VAL H 16 -34.18 38.46 -6.05
C VAL H 16 -35.48 39.10 -5.54
N LEU H 17 -36.61 38.66 -6.09
CA LEU H 17 -37.90 39.19 -5.67
C LEU H 17 -38.22 38.81 -4.22
N LEU H 18 -37.85 37.62 -3.81
CA LEU H 18 -38.12 37.23 -2.43
C LEU H 18 -37.22 38.06 -1.54
N PHE H 19 -36.05 38.45 -2.06
CA PHE H 19 -35.12 39.27 -1.31
C PHE H 19 -35.74 40.60 -1.00
N VAL H 20 -36.03 41.35 -2.06
CA VAL H 20 -36.62 42.67 -1.92
C VAL H 20 -37.93 42.69 -1.11
N PHE H 21 -38.90 41.83 -1.46
CA PHE H 21 -40.19 41.77 -0.75
C PHE H 21 -40.04 41.43 0.73
N GLY H 22 -38.86 40.96 1.11
CA GLY H 22 -38.61 40.64 2.50
C GLY H 22 -38.14 41.87 3.23
N PHE H 23 -37.26 42.63 2.58
CA PHE H 23 -36.74 43.87 3.15
C PHE H 23 -37.72 44.99 2.91
N LEU H 24 -38.50 44.85 1.85
CA LEU H 24 -39.52 45.85 1.52
C LEU H 24 -40.48 46.01 2.67
N SER H 25 -41.02 44.88 3.17
CA SER H 25 -41.97 44.92 4.27
C SER H 25 -41.39 45.57 5.55
N GLY H 26 -40.39 46.43 5.34
CA GLY H 26 -39.74 47.17 6.39
C GLY H 26 -39.33 46.39 7.62
N ASP H 27 -38.03 46.44 7.92
CA ASP H 27 -37.53 45.77 9.10
C ASP H 27 -37.29 46.67 10.32
N PRO H 28 -37.87 47.92 10.36
CA PRO H 28 -37.65 48.73 11.56
C PRO H 28 -38.23 47.94 12.74
N ALA H 29 -39.05 46.94 12.39
CA ALA H 29 -39.69 46.00 13.30
C ALA H 29 -38.83 44.73 13.12
N ARG H 30 -38.94 43.77 14.04
CA ARG H 30 -38.14 42.54 13.98
C ARG H 30 -36.77 42.75 14.67
N ASN H 31 -36.81 43.28 15.88
CA ASN H 31 -35.61 43.54 16.69
C ASN H 31 -36.06 43.62 18.17
N PRO H 32 -35.18 44.08 19.10
CA PRO H 32 -35.58 44.18 20.51
C PRO H 32 -36.55 45.34 20.86
N LYS H 33 -37.81 44.99 21.19
CA LYS H 33 -38.89 45.93 21.55
C LYS H 33 -39.57 46.53 20.31
N ARG H 34 -39.76 45.70 19.27
CA ARG H 34 -40.36 46.07 17.97
C ARG H 34 -40.41 47.56 17.56
N LYS H 35 -39.44 48.36 18.05
CA LYS H 35 -39.28 49.82 17.80
C LYS H 35 -38.60 50.20 16.46
N ARG I 7 5.45 74.59 32.44
CA ARG I 7 5.05 76.02 32.20
C ARG I 7 4.60 76.28 30.74
N ILE I 8 5.52 76.21 29.78
CA ILE I 8 5.25 76.43 28.33
C ILE I 8 4.07 75.55 27.82
N PRO I 9 3.01 76.15 27.22
CA PRO I 9 1.86 75.36 26.75
C PRO I 9 2.26 74.10 25.97
N LEU I 10 1.60 72.98 26.29
CA LEU I 10 1.92 71.70 25.65
C LEU I 10 1.67 71.63 24.16
N TRP I 11 0.55 72.15 23.68
CA TRP I 11 0.32 72.08 22.25
C TRP I 11 1.44 72.78 21.49
N ILE I 12 1.81 73.98 21.94
CA ILE I 12 2.84 74.74 21.27
C ILE I 12 4.16 73.99 21.08
N VAL I 13 4.45 73.03 21.95
CA VAL I 13 5.67 72.27 21.76
C VAL I 13 5.42 71.17 20.72
N ALA I 14 4.19 70.64 20.68
CA ALA I 14 3.87 69.57 19.74
C ALA I 14 3.94 69.99 18.28
N THR I 15 3.25 71.07 17.94
CA THR I 15 3.22 71.55 16.58
C THR I 15 4.59 71.94 16.06
N VAL I 16 5.40 72.64 16.86
CA VAL I 16 6.73 73.03 16.41
C VAL I 16 7.62 71.79 16.34
N ALA I 17 7.35 70.81 17.21
CA ALA I 17 8.14 69.59 17.22
C ALA I 17 7.71 68.80 15.99
N GLY I 18 6.41 68.86 15.69
CA GLY I 18 5.85 68.17 14.54
C GLY I 18 6.32 68.67 13.19
N MET I 19 6.19 69.98 12.97
CA MET I 19 6.61 70.61 11.72
C MET I 19 8.02 70.15 11.39
N GLY I 20 8.85 70.03 12.42
CA GLY I 20 10.23 69.59 12.21
C GLY I 20 10.25 68.21 11.58
N VAL I 21 9.43 67.32 12.10
CA VAL I 21 9.37 65.98 11.55
C VAL I 21 8.84 66.11 10.12
N ILE I 22 7.85 66.98 9.91
CA ILE I 22 7.24 67.21 8.60
C ILE I 22 8.14 68.00 7.65
N VAL I 23 9.09 68.76 8.21
CA VAL I 23 10.02 69.56 7.42
C VAL I 23 11.23 68.69 7.11
N ILE I 24 11.73 67.99 8.13
CA ILE I 24 12.89 67.14 8.00
C ILE I 24 12.56 66.00 7.04
N VAL I 25 11.39 65.38 7.24
CA VAL I 25 10.88 64.30 6.40
C VAL I 25 10.71 64.85 4.98
N GLY I 26 10.13 66.04 4.88
CA GLY I 26 9.95 66.66 3.58
C GLY I 26 11.29 66.76 2.88
N LEU I 27 12.33 67.23 3.60
CA LEU I 27 13.70 67.35 3.04
C LEU I 27 14.14 66.03 2.42
N PHE I 28 13.85 64.96 3.15
CA PHE I 28 14.20 63.62 2.75
C PHE I 28 13.56 63.22 1.41
N PHE I 29 12.34 63.71 1.14
CA PHE I 29 11.71 63.38 -0.12
C PHE I 29 12.35 64.18 -1.21
N TYR I 30 12.62 65.46 -0.95
CA TYR I 30 13.28 66.22 -1.99
C TYR I 30 14.55 65.41 -2.22
N GLY I 31 15.36 65.30 -1.17
CA GLY I 31 16.63 64.58 -1.22
C GLY I 31 16.71 63.27 -2.02
N ALA I 32 15.56 62.71 -2.34
CA ALA I 32 15.53 61.49 -3.12
C ALA I 32 15.43 61.84 -4.59
N TYR I 33 15.18 63.11 -4.90
CA TYR I 33 15.10 63.50 -6.30
C TYR I 33 16.41 64.02 -6.84
N ALA I 34 17.17 64.73 -6.03
CA ALA I 34 18.47 65.22 -6.49
C ALA I 34 19.50 64.41 -5.73
N GLY I 35 19.05 63.87 -4.60
CA GLY I 35 19.90 63.07 -3.76
C GLY I 35 20.71 62.13 -4.59
N LEU I 36 21.79 61.63 -4.03
CA LEU I 36 22.61 60.70 -4.76
C LEU I 36 21.68 59.66 -5.38
N GLY I 37 20.77 59.13 -4.57
CA GLY I 37 19.84 58.11 -5.02
C GLY I 37 18.69 58.65 -5.84
N SER I 38 18.98 59.09 -7.06
CA SER I 38 18.01 59.66 -7.98
C SER I 38 17.84 58.98 -9.33
N SER I 39 18.97 58.72 -10.00
CA SER I 39 19.08 58.08 -11.32
C SER I 39 19.59 59.03 -12.42
N LEU I 40 20.34 60.04 -12.01
CA LEU I 40 20.88 61.02 -12.96
C LEU I 40 22.40 61.18 -12.84
N LYS J 1 4.25 77.78 -16.08
CA LYS J 1 3.99 78.78 -17.16
C LYS J 1 2.57 79.36 -17.13
N LEU J 2 2.43 80.53 -16.52
CA LEU J 2 1.15 81.25 -16.42
C LEU J 2 1.31 82.47 -17.35
N PRO J 3 0.25 83.28 -17.56
CA PRO J 3 0.48 84.43 -18.44
C PRO J 3 1.74 85.24 -18.04
N GLU J 4 2.47 85.71 -19.04
CA GLU J 4 3.70 86.46 -18.86
C GLU J 4 3.70 87.46 -17.71
N ALA J 5 2.63 88.23 -17.61
CA ALA J 5 2.52 89.25 -16.57
C ALA J 5 2.45 88.73 -15.15
N TYR J 6 2.38 87.41 -14.98
CA TYR J 6 2.30 86.83 -13.65
C TYR J 6 3.59 86.20 -13.18
N ALA J 7 4.57 86.17 -14.08
CA ALA J 7 5.91 85.64 -13.86
C ALA J 7 6.33 85.69 -12.38
N ILE J 8 6.05 86.83 -11.78
CA ILE J 8 6.37 87.10 -10.38
C ILE J 8 5.90 86.04 -9.40
N PHE J 9 4.72 85.46 -9.67
CA PHE J 9 4.11 84.49 -8.76
C PHE J 9 4.25 82.98 -8.94
N ASP J 10 5.04 82.50 -9.90
CA ASP J 10 5.18 81.04 -10.04
C ASP J 10 5.39 80.48 -8.64
N PRO J 11 6.15 81.19 -7.77
CA PRO J 11 6.41 80.71 -6.41
C PRO J 11 5.18 80.34 -5.55
N LEU J 12 4.18 81.20 -5.54
CA LEU J 12 2.97 80.93 -4.78
C LEU J 12 2.12 79.89 -5.49
N VAL J 13 1.89 80.14 -6.78
CA VAL J 13 1.07 79.25 -7.62
C VAL J 13 1.55 77.87 -7.25
N ASP J 14 2.87 77.79 -7.02
CA ASP J 14 3.50 76.54 -6.67
C ASP J 14 2.91 75.93 -5.40
N VAL J 15 2.71 76.73 -4.35
CA VAL J 15 2.19 76.19 -3.10
C VAL J 15 0.68 76.02 -2.93
N LEU J 16 -0.09 76.99 -3.42
CA LEU J 16 -1.54 76.96 -3.31
C LEU J 16 -2.21 75.59 -3.10
N PRO J 17 -1.80 74.59 -3.87
CA PRO J 17 -2.46 73.30 -3.65
C PRO J 17 -2.23 72.61 -2.32
N VAL J 18 -1.14 72.88 -1.63
CA VAL J 18 -0.89 72.20 -0.35
C VAL J 18 -1.95 72.48 0.71
N ILE J 19 -2.50 73.70 0.66
CA ILE J 19 -3.50 74.19 1.61
C ILE J 19 -4.60 73.23 1.98
N PRO J 20 -5.37 72.76 0.99
CA PRO J 20 -6.44 71.84 1.32
C PRO J 20 -6.02 70.99 2.52
N VAL J 21 -4.97 70.21 2.32
CA VAL J 21 -4.44 69.29 3.33
C VAL J 21 -4.32 70.02 4.64
N LEU J 22 -3.56 71.09 4.56
CA LEU J 22 -3.28 71.95 5.68
C LEU J 22 -4.43 72.06 6.68
N PHE J 23 -5.65 71.94 6.18
CA PHE J 23 -6.80 72.07 7.03
C PHE J 23 -7.03 70.91 7.95
N PHE J 24 -6.84 69.70 7.47
CA PHE J 24 -7.03 68.58 8.36
C PHE J 24 -5.96 68.71 9.43
N ALA J 25 -4.81 69.24 9.03
CA ALA J 25 -3.70 69.48 9.94
C ALA J 25 -4.11 70.40 11.08
N LEU J 26 -4.42 71.65 10.75
CA LEU J 26 -4.83 72.63 11.75
C LEU J 26 -5.90 72.04 12.67
N ALA J 27 -6.92 71.44 12.08
CA ALA J 27 -8.00 70.84 12.84
C ALA J 27 -7.47 70.15 14.09
N PHE J 28 -6.24 69.66 14.01
CA PHE J 28 -5.61 68.98 15.14
C PHE J 28 -5.03 69.97 16.12
N VAL J 29 -4.28 70.94 15.61
CA VAL J 29 -3.66 71.97 16.44
C VAL J 29 -4.66 72.54 17.43
N VAL J 30 -5.85 72.88 16.93
CA VAL J 30 -6.90 73.43 17.78
C VAL J 30 -7.39 72.40 18.80
N GLN J 31 -7.72 71.22 18.31
CA GLN J 31 -8.20 70.14 19.17
C GLN J 31 -7.20 69.87 20.30
N ALA J 32 -5.93 70.13 20.03
CA ALA J 32 -4.88 69.92 21.02
C ALA J 32 -4.84 71.06 22.04
N ALA J 33 -5.03 72.28 21.56
CA ALA J 33 -5.04 73.44 22.42
C ALA J 33 -6.25 73.32 23.34
N VAL J 34 -7.36 72.77 22.80
CA VAL J 34 -8.62 72.57 23.54
C VAL J 34 -8.70 71.21 24.26
N GLY J 35 -7.55 70.73 24.73
CA GLY J 35 -7.45 69.46 25.47
C GLY J 35 -8.41 68.31 25.19
N PHE J 36 -8.92 68.25 23.96
CA PHE J 36 -9.84 67.18 23.54
C PHE J 36 -11.18 67.13 24.31
N MET K 1 0.50 -5.78 45.59
CA MET K 1 -0.83 -5.70 44.91
C MET K 1 -1.78 -4.72 45.64
N GLU K 2 -1.22 -3.64 46.16
CA GLU K 2 -1.97 -2.59 46.86
C GLU K 2 -2.21 -1.41 45.89
N PRO K 3 -3.46 -0.97 45.72
CA PRO K 3 -3.74 0.15 44.79
C PRO K 3 -2.90 1.43 44.97
N ASN K 4 -2.34 1.94 43.88
CA ASN K 4 -1.57 3.19 43.90
C ASN K 4 -2.65 4.29 43.91
N PRO K 5 -2.44 5.39 44.65
CA PRO K 5 -3.47 6.43 44.66
C PRO K 5 -3.68 7.12 43.33
N ASN K 6 -2.59 7.66 42.78
CA ASN K 6 -2.58 8.37 41.50
C ASN K 6 -3.23 7.64 40.34
N ARG K 7 -4.55 7.49 40.39
CA ARG K 7 -5.31 6.79 39.35
C ARG K 7 -6.33 7.69 38.64
N GLN K 8 -6.11 9.02 38.72
CA GLN K 8 -7.02 9.99 38.11
C GLN K 8 -7.51 9.54 36.74
N PRO K 9 -8.79 9.76 36.46
CA PRO K 9 -9.43 9.38 35.19
C PRO K 9 -8.88 10.21 34.04
N VAL K 10 -9.40 10.01 32.83
CA VAL K 10 -8.90 10.81 31.72
C VAL K 10 -10.01 11.61 31.04
N GLU K 11 -9.65 12.75 30.45
CA GLU K 11 -10.65 13.62 29.83
C GLU K 11 -10.44 14.17 28.42
N LEU K 12 -11.49 13.98 27.62
CA LEU K 12 -11.56 14.45 26.25
C LEU K 12 -13.06 14.52 25.95
N ASN K 13 -13.60 15.75 25.99
CA ASN K 13 -15.04 15.99 25.80
C ASN K 13 -15.60 16.08 24.38
N ARG K 14 -16.91 15.88 24.29
CA ARG K 14 -17.65 15.89 23.02
C ARG K 14 -17.15 16.87 22.02
N THR K 15 -16.50 17.93 22.46
CA THR K 15 -15.98 18.91 21.53
C THR K 15 -14.52 18.72 21.23
N SER K 16 -13.71 18.77 22.27
CA SER K 16 -12.28 18.58 22.10
C SER K 16 -12.00 17.50 21.07
N LEU K 17 -12.86 16.49 21.05
CA LEU K 17 -12.75 15.37 20.11
C LEU K 17 -13.01 15.85 18.69
N TYR K 18 -13.95 16.77 18.52
CA TYR K 18 -14.26 17.31 17.20
C TYR K 18 -13.05 18.04 16.65
N LEU K 19 -12.35 18.74 17.55
CA LEU K 19 -11.17 19.48 17.14
C LEU K 19 -10.08 18.46 16.88
N GLY K 20 -9.82 17.60 17.85
CA GLY K 20 -8.79 16.58 17.65
C GLY K 20 -8.93 15.95 16.27
N LEU K 21 -10.17 15.62 15.88
CA LEU K 21 -10.44 15.00 14.58
C LEU K 21 -10.26 16.01 13.45
N LEU K 22 -10.71 17.24 13.65
CA LEU K 22 -10.54 18.27 12.62
C LEU K 22 -9.07 18.55 12.42
N LEU K 23 -8.29 18.37 13.48
CA LEU K 23 -6.87 18.59 13.45
C LEU K 23 -6.20 17.56 12.57
N ILE K 24 -6.52 16.28 12.79
CA ILE K 24 -5.91 15.22 11.99
C ILE K 24 -6.44 15.19 10.58
N LEU K 25 -7.74 15.04 10.44
CA LEU K 25 -8.36 14.98 9.13
C LEU K 25 -7.79 15.99 8.20
N VAL K 26 -7.30 17.08 8.76
CA VAL K 26 -6.74 18.13 7.94
C VAL K 26 -5.31 17.83 7.50
N LEU K 27 -4.38 17.73 8.43
CA LEU K 27 -3.00 17.45 8.07
C LEU K 27 -3.03 16.30 7.11
N ALA K 28 -3.80 15.29 7.49
CA ALA K 28 -3.95 14.12 6.67
C ALA K 28 -4.28 14.63 5.27
N LEU K 29 -5.25 15.53 5.19
CA LEU K 29 -5.65 16.08 3.90
C LEU K 29 -4.50 16.86 3.27
N LEU K 30 -3.71 17.53 4.10
CA LEU K 30 -2.60 18.32 3.60
C LEU K 30 -1.42 17.46 3.15
N PHE K 31 -0.86 16.67 4.06
CA PHE K 31 0.30 15.85 3.72
C PHE K 31 0.05 14.72 2.75
N SER K 32 -1.17 14.20 2.71
CA SER K 32 -1.48 13.10 1.82
C SER K 32 -0.68 13.28 0.54
N SER K 33 -0.93 14.38 -0.15
CA SER K 33 -0.28 14.71 -1.39
C SER K 33 1.24 14.46 -1.39
N TYR K 34 1.92 14.98 -0.37
CA TYR K 34 3.37 14.83 -0.22
C TYR K 34 3.75 13.43 0.22
N PHE K 35 2.77 12.69 0.70
CA PHE K 35 3.00 11.33 1.13
C PHE K 35 2.88 10.44 -0.11
N PHE K 36 2.51 11.03 -1.23
CA PHE K 36 2.38 10.29 -2.49
C PHE K 36 3.53 10.65 -3.43
N ASN K 37 4.22 11.74 -3.10
CA ASN K 37 5.39 12.21 -3.84
C ASN K 37 5.21 12.64 -5.28
N MET L 1 -0.55 7.26 -13.21
CA MET L 1 0.09 8.12 -12.17
C MET L 1 1.11 7.33 -11.37
N GLU L 2 2.40 7.66 -11.54
CA GLU L 2 3.46 6.95 -10.82
C GLU L 2 3.69 7.68 -9.52
N VAL L 3 3.21 7.09 -8.44
CA VAL L 3 3.30 7.69 -7.14
C VAL L 3 3.98 6.80 -6.14
N ASN L 4 4.20 7.33 -4.94
CA ASN L 4 4.83 6.56 -3.90
C ASN L 4 3.93 5.39 -3.54
N GLN L 5 4.52 4.30 -3.07
CA GLN L 5 3.79 3.07 -2.74
C GLN L 5 3.05 2.98 -1.39
N LEU L 6 3.57 3.71 -0.42
CA LEU L 6 3.01 3.71 0.90
C LEU L 6 1.93 4.76 1.04
N GLY L 7 1.65 5.45 -0.06
CA GLY L 7 0.62 6.48 -0.04
C GLY L 7 -0.56 6.05 0.82
N PHE L 8 -1.09 4.87 0.57
CA PHE L 8 -2.21 4.40 1.35
C PHE L 8 -1.86 4.18 2.82
N ILE L 9 -0.98 3.22 3.13
CA ILE L 9 -0.63 2.95 4.54
C ILE L 9 -0.05 4.18 5.23
N ALA L 10 0.52 5.08 4.46
CA ALA L 10 1.06 6.29 5.05
C ALA L 10 -0.10 7.20 5.39
N THR L 11 -0.61 7.90 4.38
CA THR L 11 -1.73 8.80 4.57
C THR L 11 -2.82 8.14 5.44
N ALA L 12 -3.28 6.97 5.04
CA ALA L 12 -4.34 6.26 5.78
C ALA L 12 -4.06 6.09 7.26
N LEU L 13 -3.08 5.25 7.61
CA LEU L 13 -2.74 5.03 9.01
C LEU L 13 -2.60 6.35 9.76
N PHE L 14 -2.16 7.37 9.03
CA PHE L 14 -1.98 8.68 9.62
C PHE L 14 -3.31 9.21 10.14
N VAL L 15 -4.38 8.85 9.44
CA VAL L 15 -5.70 9.25 9.83
C VAL L 15 -6.28 8.40 10.95
N LEU L 16 -6.41 7.11 10.65
CA LEU L 16 -7.00 6.15 11.56
C LEU L 16 -6.30 5.85 12.88
N VAL L 17 -4.99 6.04 12.97
CA VAL L 17 -4.30 5.75 14.22
C VAL L 17 -4.45 6.77 15.34
N PRO L 18 -4.32 8.06 15.02
CA PRO L 18 -4.44 9.11 16.03
C PRO L 18 -5.91 9.31 16.24
N SER L 19 -6.65 9.27 15.15
CA SER L 19 -8.08 9.46 15.23
C SER L 19 -8.65 8.44 16.19
N VAL L 20 -8.33 7.17 15.99
CA VAL L 20 -8.82 6.12 16.87
C VAL L 20 -8.51 6.43 18.33
N PHE L 21 -7.38 7.10 18.56
CA PHE L 21 -7.01 7.48 19.93
C PHE L 21 -8.11 8.39 20.45
N LEU L 22 -8.25 9.55 19.84
CA LEU L 22 -9.28 10.46 20.28
C LEU L 22 -10.61 9.73 20.44
N ILE L 23 -11.01 8.94 19.45
CA ILE L 23 -12.27 8.20 19.52
C ILE L 23 -12.36 7.48 20.85
N ILE L 24 -11.32 6.70 21.16
CA ILE L 24 -11.25 5.95 22.41
C ILE L 24 -11.50 6.86 23.61
N LEU L 25 -10.60 7.83 23.80
CA LEU L 25 -10.68 8.77 24.90
C LEU L 25 -12.00 9.48 25.08
N TYR L 26 -12.79 9.55 24.01
CA TYR L 26 -14.08 10.21 24.15
C TYR L 26 -15.08 9.23 24.73
N VAL L 27 -15.32 8.15 24.00
CA VAL L 27 -16.29 7.16 24.45
C VAL L 27 -15.85 6.50 25.75
N GLN L 28 -14.60 6.74 26.14
CA GLN L 28 -14.14 6.16 27.38
C GLN L 28 -14.66 7.08 28.46
N THR L 29 -14.82 8.35 28.11
CA THR L 29 -15.32 9.32 29.08
C THR L 29 -16.83 9.45 29.01
N GLU L 30 -17.40 9.45 27.81
CA GLU L 30 -18.84 9.59 27.71
C GLU L 30 -19.55 8.37 28.29
N SER L 31 -18.76 7.42 28.79
CA SER L 31 -19.30 6.20 29.38
C SER L 31 -19.13 6.17 30.90
N GLN L 32 -18.85 7.33 31.49
CA GLN L 32 -18.69 7.46 32.94
C GLN L 32 -20.06 7.24 33.56
N GLN L 33 -21.08 7.74 32.87
CA GLN L 33 -22.49 7.63 33.27
C GLN L 33 -23.06 6.27 32.81
N LYS L 34 -22.20 5.46 32.20
CA LYS L 34 -22.55 4.13 31.68
C LYS L 34 -23.29 4.34 30.36
N SER L 35 -23.66 5.59 30.08
CA SER L 35 -24.32 5.93 28.83
C SER L 35 -23.26 5.83 27.72
N SER L 36 -23.70 5.56 26.48
CA SER L 36 -22.84 5.41 25.29
C SER L 36 -22.71 3.96 24.81
N THR M 1 -24.05 46.12 -46.89
CA THR M 1 -24.95 47.08 -46.17
C THR M 1 -24.86 47.00 -44.63
N LEU M 2 -24.15 46.00 -44.11
CA LEU M 2 -24.00 45.79 -42.66
C LEU M 2 -22.69 46.32 -42.09
N THR M 3 -22.75 47.08 -41.01
CA THR M 3 -21.52 47.60 -40.40
C THR M 3 -20.99 46.62 -39.35
N TYR M 4 -19.70 46.73 -39.02
CA TYR M 4 -19.08 45.85 -38.03
C TYR M 4 -19.89 45.96 -36.72
N ASP M 5 -20.24 47.18 -36.36
CA ASP M 5 -21.02 47.46 -35.14
C ASP M 5 -22.42 46.86 -35.28
N ASP M 6 -22.73 46.39 -36.48
CA ASP M 6 -24.02 45.80 -36.79
C ASP M 6 -23.91 44.28 -36.82
N ILE M 7 -22.77 43.77 -37.27
CA ILE M 7 -22.57 42.33 -37.35
C ILE M 7 -21.78 41.69 -36.22
N VAL M 8 -21.07 42.51 -35.45
CA VAL M 8 -20.26 41.98 -34.36
C VAL M 8 -21.14 41.42 -33.26
N GLY M 9 -20.81 40.22 -32.82
CA GLY M 9 -21.60 39.62 -31.76
C GLY M 9 -22.47 38.49 -32.28
N THR M 10 -22.98 38.65 -33.50
CA THR M 10 -23.83 37.61 -34.09
C THR M 10 -23.09 36.28 -34.26
N GLY M 11 -21.76 36.35 -34.33
CA GLY M 11 -21.00 35.14 -34.52
C GLY M 11 -21.31 34.83 -35.97
N LEU M 12 -21.53 35.90 -36.72
CA LEU M 12 -21.86 35.79 -38.11
C LEU M 12 -20.59 35.87 -38.94
N ALA M 13 -19.69 36.78 -38.58
CA ALA M 13 -18.44 36.96 -39.32
C ALA M 13 -17.66 35.66 -39.53
N ASN M 14 -18.13 34.60 -38.87
CA ASN M 14 -17.51 33.28 -38.96
C ASN M 14 -18.25 32.42 -39.97
N LYS M 15 -19.46 32.83 -40.32
CA LYS M 15 -20.28 32.17 -41.31
C LYS M 15 -20.12 33.12 -42.50
N CYS M 16 -19.86 32.61 -43.69
CA CYS M 16 -19.68 33.55 -44.79
C CYS M 16 -20.68 33.50 -45.93
N PRO M 17 -20.90 34.67 -46.55
CA PRO M 17 -21.78 35.01 -47.67
C PRO M 17 -22.52 33.90 -48.39
N THR M 18 -23.80 34.15 -48.65
CA THR M 18 -24.68 33.21 -49.36
C THR M 18 -24.98 33.79 -50.72
N LEU M 19 -25.63 32.99 -51.54
CA LEU M 19 -26.04 33.40 -52.86
C LEU M 19 -27.48 32.90 -52.90
N ASP M 20 -28.43 33.80 -53.11
CA ASP M 20 -29.81 33.37 -53.14
C ASP M 20 -30.12 32.50 -54.34
N ASP M 21 -31.23 31.77 -54.24
CA ASP M 21 -31.66 30.84 -55.28
C ASP M 21 -31.97 31.39 -56.71
N THR M 22 -31.08 32.23 -57.23
CA THR M 22 -31.19 32.78 -58.59
C THR M 22 -29.92 32.31 -59.30
N ALA M 23 -29.37 31.25 -58.72
CA ALA M 23 -28.15 30.63 -59.19
C ALA M 23 -28.40 29.48 -60.16
N ARG M 24 -27.30 28.93 -60.67
CA ARG M 24 -27.25 27.83 -61.65
C ARG M 24 -26.90 28.51 -62.99
N GLY M 25 -26.88 29.84 -62.96
CA GLY M 25 -26.54 30.64 -64.12
C GLY M 25 -25.02 30.74 -64.21
N ALA M 26 -24.42 29.92 -65.06
CA ALA M 26 -22.96 29.87 -65.21
C ALA M 26 -22.27 31.20 -65.49
N TYR M 27 -21.05 31.31 -64.98
CA TYR M 27 -20.22 32.50 -65.18
C TYR M 27 -19.48 32.37 -66.52
N PRO M 28 -19.60 33.39 -67.38
CA PRO M 28 -18.94 33.40 -68.68
C PRO M 28 -17.41 33.55 -68.63
N ILE M 29 -16.69 32.43 -68.60
CA ILE M 29 -15.22 32.49 -68.57
C ILE M 29 -14.76 32.76 -70.02
N ASP M 30 -13.69 33.55 -70.18
CA ASP M 30 -13.19 33.91 -71.51
C ASP M 30 -12.20 32.90 -72.10
N SER M 31 -10.93 33.09 -71.74
CA SER M 31 -9.79 32.32 -72.20
C SER M 31 -8.94 33.43 -72.80
N SER M 32 -9.59 34.59 -72.89
CA SER M 32 -9.04 35.85 -73.41
C SER M 32 -9.00 36.86 -72.26
N GLN M 33 -9.42 36.39 -71.08
CA GLN M 33 -9.46 37.20 -69.85
C GLN M 33 -8.60 36.59 -68.74
N THR M 34 -7.81 37.44 -68.09
CA THR M 34 -6.90 37.01 -67.05
C THR M 34 -7.59 36.31 -65.89
N TYR M 35 -8.58 36.94 -65.26
CA TYR M 35 -9.34 36.34 -64.15
C TYR M 35 -8.59 36.01 -62.82
N ARG M 36 -9.13 36.49 -61.70
CA ARG M 36 -8.55 36.28 -60.36
C ARG M 36 -9.70 36.03 -59.36
N ILE M 37 -9.39 35.48 -58.19
CA ILE M 37 -10.45 35.26 -57.20
C ILE M 37 -10.37 36.31 -56.09
N ALA M 38 -11.53 36.70 -55.57
CA ALA M 38 -11.61 37.69 -54.51
C ALA M 38 -12.20 37.00 -53.30
N ARG M 39 -11.52 37.11 -52.17
CA ARG M 39 -11.92 36.48 -50.93
C ARG M 39 -12.67 35.15 -51.09
N LEU M 40 -11.92 34.07 -51.31
CA LEU M 40 -12.49 32.74 -51.42
C LEU M 40 -12.72 32.34 -49.98
N CYS M 41 -13.94 32.01 -49.61
CA CYS M 41 -14.24 31.63 -48.23
C CYS M 41 -14.74 30.20 -48.01
N LEU M 42 -14.17 29.54 -47.02
CA LEU M 42 -14.57 28.17 -46.69
C LEU M 42 -15.13 28.20 -45.27
N GLN M 43 -16.44 28.10 -45.15
CA GLN M 43 -17.10 28.06 -43.86
C GLN M 43 -17.36 26.58 -43.62
N PRO M 44 -17.01 26.06 -42.44
CA PRO M 44 -17.26 24.63 -42.22
C PRO M 44 -18.32 24.31 -41.19
N THR M 45 -18.72 23.03 -41.15
CA THR M 45 -19.74 22.55 -40.21
C THR M 45 -19.53 21.13 -39.65
N THR M 46 -19.04 20.23 -40.49
CA THR M 46 -18.82 18.84 -40.12
C THR M 46 -17.34 18.39 -40.00
N PHE M 47 -16.88 18.16 -38.76
CA PHE M 47 -15.51 17.69 -38.50
C PHE M 47 -15.56 16.24 -38.10
N LEU M 48 -14.98 15.37 -38.92
CA LEU M 48 -14.99 13.95 -38.59
C LEU M 48 -13.56 13.44 -38.43
N VAL M 49 -13.30 12.77 -37.31
CA VAL M 49 -11.98 12.26 -37.03
C VAL M 49 -11.86 10.77 -37.28
N LYS M 50 -11.09 10.36 -38.29
CA LYS M 50 -10.98 8.92 -38.54
C LYS M 50 -10.49 8.24 -37.28
N GLU M 51 -11.35 7.42 -36.73
CA GLU M 51 -11.08 6.68 -35.50
C GLU M 51 -9.86 5.76 -35.59
N GLU M 52 -8.85 6.01 -34.74
CA GLU M 52 -7.66 5.16 -34.74
C GLU M 52 -8.20 3.75 -34.59
N PRO M 53 -8.28 3.01 -35.68
CA PRO M 53 -8.90 1.69 -35.60
C PRO M 53 -8.11 0.76 -34.68
N LYS M 54 -8.82 -0.10 -33.97
CA LYS M 54 -8.22 -1.02 -33.03
C LYS M 54 -7.47 -1.98 -33.90
N ASN M 55 -6.72 -2.89 -33.30
CA ASN M 55 -5.69 -3.63 -33.99
C ASN M 55 -6.36 -4.35 -35.14
N LYS M 56 -7.58 -4.81 -34.92
CA LYS M 56 -8.29 -5.49 -35.99
C LYS M 56 -8.42 -4.62 -37.25
N ARG M 57 -8.14 -5.30 -38.35
CA ARG M 57 -8.14 -4.86 -39.75
C ARG M 57 -9.44 -4.81 -40.59
N GLN M 58 -10.56 -4.42 -39.98
CA GLN M 58 -11.81 -4.31 -40.74
C GLN M 58 -12.32 -2.85 -40.79
N GLU M 59 -12.31 -2.27 -42.01
CA GLU M 59 -12.76 -0.89 -42.26
C GLU M 59 -12.58 0.08 -41.07
N ALA M 60 -11.53 0.89 -41.12
CA ALA M 60 -11.26 1.87 -40.07
C ALA M 60 -12.41 2.89 -40.13
N GLU M 61 -12.77 3.50 -38.99
CA GLU M 61 -13.86 4.46 -38.97
C GLU M 61 -13.64 6.00 -38.97
N PHE M 62 -14.71 6.73 -39.29
CA PHE M 62 -14.74 8.20 -39.35
C PHE M 62 -15.83 8.76 -38.42
N VAL M 63 -15.57 8.76 -37.12
CA VAL M 63 -16.53 9.24 -36.10
C VAL M 63 -16.82 10.75 -36.19
N PRO M 64 -17.93 11.21 -35.58
CA PRO M 64 -18.28 12.64 -35.60
C PRO M 64 -17.81 13.23 -34.27
N THR M 65 -17.36 14.49 -34.31
CA THR M 65 -16.82 15.18 -33.14
C THR M 65 -17.53 16.46 -32.78
N LYS M 66 -17.40 16.84 -31.52
CA LYS M 66 -18.02 18.05 -30.99
C LYS M 66 -17.06 19.24 -31.06
N LEU M 67 -17.54 20.38 -31.52
CA LEU M 67 -16.70 21.55 -31.62
C LEU M 67 -16.51 22.11 -30.25
N VAL M 68 -15.31 22.62 -30.00
CA VAL M 68 -14.95 23.21 -28.73
C VAL M 68 -14.86 24.73 -28.88
N THR M 69 -13.69 25.22 -29.27
CA THR M 69 -13.46 26.67 -29.44
C THR M 69 -14.53 27.28 -30.32
N ARG M 70 -15.46 27.96 -29.69
CA ARG M 70 -16.57 28.53 -30.40
C ARG M 70 -16.27 29.51 -31.53
N GLU M 71 -16.73 29.15 -32.72
CA GLU M 71 -16.63 29.99 -33.92
C GLU M 71 -15.24 30.38 -34.44
N THR M 72 -14.17 30.04 -33.73
CA THR M 72 -12.82 30.39 -34.18
C THR M 72 -12.43 29.51 -35.36
N THR M 73 -13.42 28.89 -35.98
CA THR M 73 -13.20 27.94 -37.07
C THR M 73 -13.10 28.34 -38.54
N SER M 74 -14.08 29.05 -39.08
CA SER M 74 -14.04 29.38 -40.51
C SER M 74 -12.83 30.16 -41.00
N LEU M 75 -12.60 30.10 -42.32
CA LEU M 75 -11.47 30.75 -42.96
C LEU M 75 -11.82 31.36 -44.30
N ASP M 76 -11.35 32.59 -44.56
CA ASP M 76 -11.59 33.25 -45.83
C ASP M 76 -10.59 34.36 -46.10
N GLN M 77 -10.95 35.29 -46.98
CA GLN M 77 -10.06 36.39 -47.35
C GLN M 77 -8.89 35.79 -48.14
N ILE M 78 -9.15 34.66 -48.77
CA ILE M 78 -8.17 33.95 -49.57
C ILE M 78 -8.25 34.50 -50.98
N GLN M 79 -7.10 34.83 -51.56
CA GLN M 79 -7.10 35.34 -52.92
C GLN M 79 -5.98 34.69 -53.72
N GLY M 80 -6.17 34.63 -55.03
CA GLY M 80 -5.18 34.02 -55.90
C GLY M 80 -5.61 34.04 -57.36
N GLU M 81 -4.62 34.18 -58.24
CA GLU M 81 -4.88 34.23 -59.68
C GLU M 81 -5.62 32.94 -60.10
N LEU M 82 -6.65 33.10 -60.93
CA LEU M 82 -7.40 31.96 -61.40
C LEU M 82 -6.97 31.68 -62.83
N LYS M 83 -6.04 30.76 -62.97
CA LYS M 83 -5.47 30.37 -64.26
C LYS M 83 -6.48 29.69 -65.18
N VAL M 84 -6.35 29.96 -66.48
CA VAL M 84 -7.24 29.38 -67.48
C VAL M 84 -6.34 28.61 -68.45
N ASN M 85 -5.78 27.49 -68.02
CA ASN M 85 -4.89 26.71 -68.89
C ASN M 85 -5.59 25.86 -69.97
N SER M 86 -4.81 25.39 -70.95
CA SER M 86 -5.29 24.59 -72.08
C SER M 86 -6.41 23.64 -71.68
N ASP M 87 -7.19 23.19 -72.66
CA ASP M 87 -8.34 22.29 -72.44
C ASP M 87 -9.43 22.99 -71.63
N GLY M 88 -9.32 24.31 -71.55
CA GLY M 88 -10.29 25.12 -70.85
C GLY M 88 -10.74 24.64 -69.48
N SER M 89 -9.79 24.52 -68.57
CA SER M 89 -10.10 24.13 -67.19
C SER M 89 -9.51 25.27 -66.38
N LEU M 90 -10.05 25.51 -65.19
CA LEU M 90 -9.54 26.60 -64.39
C LEU M 90 -8.74 26.08 -63.22
N THR M 91 -7.57 26.69 -62.97
CA THR M 91 -6.75 26.30 -61.84
C THR M 91 -6.61 27.56 -60.99
N PHE M 92 -6.89 27.45 -59.69
CA PHE M 92 -6.78 28.61 -58.81
C PHE M 92 -5.58 28.43 -57.91
N VAL M 93 -4.62 29.35 -58.01
CA VAL M 93 -3.43 29.28 -57.18
C VAL M 93 -3.48 30.35 -56.11
N GLU M 94 -3.70 29.94 -54.87
CA GLU M 94 -3.77 30.87 -53.76
C GLU M 94 -2.39 31.48 -53.46
N GLU M 95 -2.34 32.80 -53.29
CA GLU M 95 -1.09 33.49 -52.98
C GLU M 95 -1.00 33.83 -51.48
N ASP M 96 -2.12 34.17 -50.84
CA ASP M 96 -2.17 34.49 -49.39
C ASP M 96 -3.62 34.65 -48.89
N GLY M 97 -3.77 34.96 -47.61
CA GLY M 97 -5.09 35.14 -47.00
C GLY M 97 -5.25 34.36 -45.71
N ILE M 98 -6.27 34.69 -44.93
CA ILE M 98 -6.50 33.97 -43.68
C ILE M 98 -7.03 32.59 -44.03
N ASP M 99 -6.24 31.57 -43.72
CA ASP M 99 -6.60 30.21 -44.06
C ASP M 99 -6.17 29.11 -43.08
N PHE M 100 -5.55 29.48 -41.98
CA PHE M 100 -5.08 28.49 -41.02
C PHE M 100 -5.77 28.59 -39.66
N GLN M 101 -7.09 28.43 -39.62
CA GLN M 101 -7.76 28.50 -38.32
C GLN M 101 -7.52 27.22 -37.52
N PRO M 102 -7.00 27.37 -36.28
CA PRO M 102 -6.72 26.23 -35.39
C PRO M 102 -7.93 25.87 -34.58
N VAL M 103 -8.43 24.66 -34.79
CA VAL M 103 -9.60 24.17 -34.09
C VAL M 103 -9.31 22.91 -33.35
N THR M 104 -10.08 22.70 -32.31
CA THR M 104 -9.90 21.52 -31.48
C THR M 104 -11.26 20.94 -31.20
N VAL M 105 -11.56 19.79 -31.79
CA VAL M 105 -12.83 19.12 -31.59
C VAL M 105 -12.69 18.04 -30.54
N GLN M 106 -13.77 17.72 -29.84
CA GLN M 106 -13.70 16.68 -28.82
C GLN M 106 -14.20 15.36 -29.37
N MET M 107 -13.30 14.41 -29.47
CA MET M 107 -13.54 13.07 -30.00
C MET M 107 -14.65 12.30 -29.30
N ALA M 108 -14.94 11.10 -29.83
CA ALA M 108 -15.98 10.23 -29.28
C ALA M 108 -15.72 10.11 -27.79
N GLY M 109 -14.59 9.53 -27.41
CA GLY M 109 -14.26 9.41 -26.01
C GLY M 109 -14.23 10.78 -25.38
N GLY M 110 -13.11 11.12 -24.75
CA GLY M 110 -12.98 12.44 -24.15
C GLY M 110 -11.84 13.15 -24.86
N GLU M 111 -11.21 12.43 -25.78
CA GLU M 111 -10.10 12.97 -26.52
C GLU M 111 -10.33 14.37 -27.03
N ARG M 112 -9.27 15.14 -27.03
CA ARG M 112 -9.31 16.49 -27.51
C ARG M 112 -8.40 16.40 -28.72
N ILE M 113 -8.98 16.31 -29.89
CA ILE M 113 -8.14 16.22 -31.07
C ILE M 113 -8.13 17.60 -31.71
N PRO M 114 -6.94 18.18 -31.88
CA PRO M 114 -6.72 19.48 -32.48
C PRO M 114 -6.04 19.37 -33.85
N LEU M 115 -6.58 20.06 -34.83
CA LEU M 115 -6.00 20.02 -36.16
C LEU M 115 -5.89 21.45 -36.58
N LEU M 116 -5.21 21.70 -37.69
CA LEU M 116 -5.07 23.05 -38.18
C LEU M 116 -5.80 23.23 -39.49
N PHE M 117 -7.12 23.33 -39.40
CA PHE M 117 -7.96 23.50 -40.57
C PHE M 117 -7.29 24.50 -41.44
N THR M 118 -6.82 24.07 -42.59
CA THR M 118 -6.20 25.00 -43.50
C THR M 118 -6.20 24.51 -44.92
N VAL M 119 -6.21 25.48 -45.83
CA VAL M 119 -6.19 25.24 -47.25
C VAL M 119 -5.08 26.15 -47.76
N LYS M 120 -3.89 26.02 -47.19
CA LYS M 120 -2.76 26.85 -47.58
C LYS M 120 -1.94 26.30 -48.76
N ASN M 121 -1.27 27.22 -49.46
CA ASN M 121 -0.42 26.93 -50.64
C ASN M 121 -1.28 26.17 -51.62
N LEU M 122 -2.58 26.44 -51.54
CA LEU M 122 -3.59 25.76 -52.34
C LEU M 122 -3.58 25.98 -53.83
N VAL M 123 -3.70 24.87 -54.54
CA VAL M 123 -3.75 24.82 -56.02
C VAL M 123 -4.92 23.91 -56.42
N ALA M 124 -6.08 24.53 -56.64
CA ALA M 124 -7.28 23.79 -57.02
C ALA M 124 -7.62 23.97 -58.49
N SER M 125 -8.05 22.90 -59.12
CA SER M 125 -8.41 22.94 -60.52
C SER M 125 -9.75 22.26 -60.69
N THR M 126 -10.36 22.45 -61.87
CA THR M 126 -11.67 21.88 -62.17
C THR M 126 -11.61 21.03 -63.41
N GLN M 127 -12.79 20.62 -63.84
CA GLN M 127 -12.96 19.82 -65.04
C GLN M 127 -12.51 20.58 -66.30
N PRO M 128 -12.16 19.85 -67.39
CA PRO M 128 -11.71 20.42 -68.67
C PRO M 128 -12.92 20.83 -69.54
N ASN M 129 -12.63 21.55 -70.63
CA ASN M 129 -13.67 22.00 -71.56
C ASN M 129 -14.79 22.76 -70.84
N VAL M 130 -14.42 23.63 -69.92
CA VAL M 130 -15.38 24.45 -69.18
C VAL M 130 -15.21 25.95 -69.49
N THR M 131 -16.24 26.54 -70.09
CA THR M 131 -16.24 27.96 -70.44
C THR M 131 -17.18 28.66 -69.47
N SER M 132 -17.81 27.88 -68.63
CA SER M 132 -18.74 28.44 -67.67
C SER M 132 -18.82 27.65 -66.37
N ILE M 133 -18.73 28.39 -65.27
CA ILE M 133 -18.78 27.85 -63.92
C ILE M 133 -20.24 27.65 -63.54
N THR M 134 -20.63 26.41 -63.27
CA THR M 134 -22.01 26.13 -62.90
C THR M 134 -22.12 24.95 -61.97
N THR M 135 -23.34 24.66 -61.51
CA THR M 135 -23.56 23.53 -60.58
C THR M 135 -22.77 22.29 -60.99
N SER M 136 -22.35 22.25 -62.26
CA SER M 136 -21.58 21.16 -62.83
C SER M 136 -20.15 21.17 -62.27
N THR M 137 -19.43 22.24 -62.63
CA THR M 137 -18.06 22.50 -62.22
C THR M 137 -17.72 22.00 -60.81
N ASP M 138 -16.42 21.81 -60.56
CA ASP M 138 -15.94 21.34 -59.27
C ASP M 138 -14.42 21.61 -59.20
N PHE M 139 -13.86 21.63 -57.99
CA PHE M 139 -12.43 21.90 -57.80
C PHE M 139 -11.75 20.88 -56.88
N LYS M 140 -10.63 20.32 -57.33
CA LYS M 140 -9.86 19.36 -56.52
C LYS M 140 -8.39 19.75 -56.62
N GLY M 141 -7.65 19.59 -55.52
CA GLY M 141 -6.25 19.96 -55.53
C GLY M 141 -5.54 19.64 -54.22
N GLU M 142 -4.28 20.07 -54.12
CA GLU M 142 -3.48 19.80 -52.93
C GLU M 142 -3.38 20.94 -51.90
N PHE M 143 -2.74 20.62 -50.78
CA PHE M 143 -2.53 21.54 -49.67
C PHE M 143 -1.08 21.62 -49.30
N ASN M 144 -0.91 21.94 -48.03
CA ASN M 144 0.35 22.03 -47.36
C ASN M 144 -0.10 22.29 -45.95
N VAL M 145 0.27 21.38 -45.06
CA VAL M 145 -0.11 21.46 -43.67
C VAL M 145 1.12 21.35 -42.79
N PRO M 146 1.50 22.46 -42.12
CA PRO M 146 2.68 22.47 -41.24
C PRO M 146 2.37 21.65 -39.99
N SER M 147 2.16 22.36 -38.89
CA SER M 147 1.82 21.71 -37.64
C SER M 147 1.10 22.71 -36.78
N TYR M 148 0.32 22.17 -35.87
CA TYR M 148 -0.42 22.99 -34.97
C TYR M 148 0.47 24.14 -34.51
N ARG M 149 1.61 23.79 -33.88
CA ARG M 149 2.53 24.80 -33.34
C ARG M 149 3.66 25.26 -34.28
N THR M 150 4.17 26.47 -34.03
CA THR M 150 5.24 27.04 -34.84
C THR M 150 6.54 26.26 -34.63
N ALA M 151 7.67 26.98 -34.70
CA ALA M 151 8.99 26.40 -34.51
C ALA M 151 9.36 26.55 -33.04
N ASN M 152 9.11 27.75 -32.51
CA ASN M 152 9.36 27.98 -31.11
C ASN M 152 8.11 27.41 -30.51
N PHE M 153 8.15 27.22 -29.20
CA PHE M 153 7.04 26.72 -28.41
C PHE M 153 7.63 25.82 -27.37
N LEU M 154 7.32 26.14 -26.12
CA LEU M 154 7.84 25.37 -25.03
C LEU M 154 6.74 24.60 -24.35
N ASP M 155 6.79 23.27 -24.48
CA ASP M 155 5.83 22.41 -23.84
C ASP M 155 6.12 22.57 -22.38
N PRO M 156 5.10 22.44 -21.52
CA PRO M 156 5.38 22.62 -20.09
C PRO M 156 6.66 21.88 -19.78
N LYS M 157 7.36 22.29 -18.72
CA LYS M 157 8.61 21.65 -18.33
C LYS M 157 9.75 22.10 -19.23
N GLY M 158 9.49 23.17 -19.99
CA GLY M 158 10.52 23.77 -20.84
C GLY M 158 11.02 23.24 -22.16
N ARG M 159 10.76 21.99 -22.50
CA ARG M 159 11.27 21.47 -23.78
C ARG M 159 10.82 22.32 -24.97
N GLY M 160 11.39 22.07 -26.14
CA GLY M 160 11.04 22.84 -27.33
C GLY M 160 11.81 22.43 -28.58
N LEU M 161 11.41 22.99 -29.73
CA LEU M 161 12.08 22.64 -30.99
C LEU M 161 13.20 23.56 -31.40
N ALA M 162 12.84 24.80 -31.70
CA ALA M 162 13.82 25.79 -32.13
C ALA M 162 14.23 26.66 -30.96
N SER M 163 14.00 26.11 -29.77
CA SER M 163 14.31 26.75 -28.52
C SER M 163 13.87 25.75 -27.47
N GLY M 164 13.70 26.20 -26.24
CA GLY M 164 13.27 25.28 -25.21
C GLY M 164 14.38 24.53 -24.52
N TYR M 165 14.12 24.19 -23.27
CA TYR M 165 15.09 23.50 -22.46
C TYR M 165 15.90 22.33 -23.01
N ASP M 166 15.53 21.75 -24.14
CA ASP M 166 16.36 20.68 -24.70
C ASP M 166 16.37 19.27 -24.09
N SER M 167 15.84 19.09 -22.88
CA SER M 167 15.83 17.75 -22.29
C SER M 167 14.88 17.39 -21.12
N ALA M 168 15.13 16.20 -20.59
CA ALA M 168 14.43 15.61 -19.46
C ALA M 168 14.36 16.64 -18.31
N ILE M 169 15.43 17.42 -18.23
CA ILE M 169 15.59 18.49 -17.24
C ILE M 169 15.17 18.15 -15.82
N ALA M 170 13.87 18.21 -15.57
CA ALA M 170 13.35 17.95 -14.24
C ALA M 170 13.98 16.72 -13.63
N LEU M 171 14.34 15.80 -14.50
CA LEU M 171 14.96 14.54 -14.10
C LEU M 171 16.37 14.55 -14.64
N PRO M 172 17.34 14.81 -13.76
CA PRO M 172 18.76 14.87 -14.09
C PRO M 172 19.54 13.58 -14.39
N GLN M 173 19.46 12.59 -13.52
CA GLN M 173 20.19 11.35 -13.76
C GLN M 173 19.26 10.28 -14.30
N ALA M 174 18.16 10.74 -14.85
CA ALA M 174 17.20 9.85 -15.40
C ALA M 174 17.78 9.16 -16.62
N LYS M 175 17.09 8.11 -17.06
CA LYS M 175 17.48 7.33 -18.22
C LYS M 175 17.29 8.11 -19.52
N GLU M 176 18.36 8.68 -20.06
CA GLU M 176 18.32 9.48 -21.29
C GLU M 176 17.35 9.05 -22.42
N GLU M 177 17.62 7.90 -23.02
CA GLU M 177 16.85 7.32 -24.13
C GLU M 177 15.49 6.75 -23.78
N GLU M 178 14.50 7.02 -24.64
CA GLU M 178 13.11 6.59 -24.49
C GLU M 178 12.31 7.87 -24.27
N LEU M 179 13.05 8.96 -24.16
CA LEU M 179 12.43 10.25 -23.97
C LEU M 179 12.71 11.00 -25.27
N ALA M 180 13.36 10.30 -26.18
CA ALA M 180 13.68 10.88 -27.46
C ALA M 180 12.38 11.42 -28.02
N ARG M 181 11.35 10.60 -27.96
CA ARG M 181 10.04 10.99 -28.45
C ARG M 181 9.74 12.43 -27.97
N ALA M 182 10.00 12.69 -26.70
CA ALA M 182 9.72 14.00 -26.11
C ALA M 182 10.75 15.06 -26.35
N ASN M 183 12.00 14.77 -26.03
CA ASN M 183 13.06 15.75 -26.22
C ASN M 183 13.22 16.31 -27.63
N VAL M 184 13.82 15.55 -28.53
CA VAL M 184 13.97 16.08 -29.86
C VAL M 184 12.58 16.27 -30.44
N LYS M 185 12.25 17.50 -30.79
CA LYS M 185 10.93 17.78 -31.34
C LYS M 185 11.00 17.85 -32.87
N ARG M 186 10.48 16.83 -33.55
CA ARG M 186 10.49 16.83 -35.02
C ARG M 186 9.35 17.73 -35.48
N PHE M 187 9.42 18.25 -36.71
CA PHE M 187 8.38 19.14 -37.22
C PHE M 187 7.80 18.63 -38.52
N SER M 188 6.51 18.31 -38.51
CA SER M 188 5.82 17.78 -39.69
C SER M 188 5.49 18.69 -40.88
N LEU M 189 5.31 18.06 -42.04
CA LEU M 189 4.91 18.74 -43.27
C LEU M 189 4.14 17.72 -44.12
N THR M 190 2.83 17.94 -44.29
CA THR M 190 1.99 17.01 -45.04
C THR M 190 0.92 17.61 -45.94
N LYS M 191 0.49 16.81 -46.92
CA LYS M 191 -0.51 17.22 -47.91
C LYS M 191 -1.97 17.11 -47.46
N GLY M 192 -2.76 18.10 -47.90
CA GLY M 192 -4.17 18.16 -47.56
C GLY M 192 -5.18 17.50 -48.52
N GLN M 193 -5.54 18.18 -49.62
CA GLN M 193 -6.49 17.61 -50.60
C GLN M 193 -7.98 17.87 -50.38
N ILE M 194 -8.47 19.05 -50.79
CA ILE M 194 -9.89 19.36 -50.67
C ILE M 194 -10.65 18.94 -51.95
N SER M 195 -11.91 19.35 -52.03
CA SER M 195 -12.76 19.05 -53.18
C SER M 195 -13.90 20.07 -53.14
N LEU M 196 -14.03 20.86 -54.20
CA LEU M 196 -15.06 21.90 -54.27
C LEU M 196 -16.09 21.81 -55.41
N ASN M 197 -17.36 21.56 -55.05
CA ASN M 197 -18.47 21.49 -56.03
C ASN M 197 -19.35 22.73 -55.81
N VAL M 198 -19.70 23.40 -56.89
CA VAL M 198 -20.52 24.59 -56.82
C VAL M 198 -22.00 24.19 -56.74
N ALA M 199 -22.81 25.09 -56.21
CA ALA M 199 -24.25 24.84 -56.06
C ALA M 199 -25.11 26.06 -56.33
N LYS M 200 -24.52 27.24 -56.21
CA LYS M 200 -25.22 28.49 -56.45
C LYS M 200 -24.24 29.43 -57.12
N VAL M 201 -24.55 29.84 -58.35
CA VAL M 201 -23.69 30.73 -59.11
C VAL M 201 -24.45 31.91 -59.66
N ASP M 202 -23.79 33.05 -59.74
CA ASP M 202 -24.41 34.23 -60.32
C ASP M 202 -23.56 34.49 -61.56
N GLY M 203 -24.21 34.77 -62.69
CA GLY M 203 -23.49 35.00 -63.92
C GLY M 203 -22.63 36.24 -64.01
N ARG M 204 -23.18 37.37 -63.55
CA ARG M 204 -22.47 38.66 -63.60
C ARG M 204 -21.50 38.92 -62.45
N THR M 205 -22.01 38.72 -61.23
CA THR M 205 -21.25 38.93 -60.00
C THR M 205 -19.90 38.20 -59.92
N GLY M 206 -19.81 37.02 -60.52
CA GLY M 206 -18.59 36.25 -60.47
C GLY M 206 -18.65 35.42 -59.21
N GLU M 207 -19.73 35.60 -58.45
CA GLU M 207 -19.96 34.88 -57.21
C GLU M 207 -20.37 33.45 -57.45
N ILE M 208 -19.92 32.57 -56.57
CA ILE M 208 -20.21 31.15 -56.68
C ILE M 208 -20.05 30.55 -55.30
N ALA M 209 -20.98 29.69 -54.90
CA ALA M 209 -20.92 29.05 -53.59
C ALA M 209 -21.08 27.54 -53.72
N GLY M 210 -20.83 26.80 -52.64
CA GLY M 210 -20.96 25.35 -52.68
C GLY M 210 -20.38 24.62 -51.50
N THR M 211 -20.53 23.29 -51.50
CA THR M 211 -20.01 22.47 -50.41
C THR M 211 -18.57 22.06 -50.70
N PHE M 212 -17.81 21.81 -49.64
CA PHE M 212 -16.40 21.39 -49.75
C PHE M 212 -16.05 20.31 -48.76
N GLU M 213 -15.05 19.50 -49.11
CA GLU M 213 -14.63 18.44 -48.22
C GLU M 213 -13.12 18.28 -48.23
N SER M 214 -12.50 18.71 -47.15
CA SER M 214 -11.06 18.62 -46.97
C SER M 214 -10.69 17.42 -46.11
N GLU M 215 -9.65 16.69 -46.48
CA GLU M 215 -9.25 15.54 -45.69
C GLU M 215 -7.80 15.82 -45.35
N GLN M 216 -7.50 16.15 -44.09
CA GLN M 216 -6.13 16.44 -43.67
C GLN M 216 -5.72 15.72 -42.38
N LEU M 217 -4.57 16.08 -41.86
CA LEU M 217 -4.11 15.45 -40.64
C LEU M 217 -4.21 16.41 -39.48
N SER M 218 -4.01 15.90 -38.27
CA SER M 218 -4.12 16.71 -37.05
C SER M 218 -2.84 17.24 -36.45
N ASP M 219 -2.74 17.14 -35.12
CA ASP M 219 -1.58 17.64 -34.38
C ASP M 219 -0.46 16.65 -34.16
N ASP M 220 0.68 16.97 -34.74
CA ASP M 220 1.86 16.14 -34.61
C ASP M 220 2.38 16.22 -33.19
N ASP M 221 2.22 17.40 -32.59
CA ASP M 221 2.68 17.68 -31.23
C ASP M 221 4.16 17.40 -31.14
N MET M 222 4.89 17.99 -32.09
CA MET M 222 6.33 17.84 -32.13
C MET M 222 6.78 16.41 -32.31
N GLY M 223 6.19 15.47 -31.58
CA GLY M 223 6.59 14.09 -31.74
C GLY M 223 5.65 13.21 -30.96
N ALA M 224 5.06 13.80 -29.92
CA ALA M 224 4.14 13.10 -29.04
C ALA M 224 3.45 11.87 -29.65
N HIS M 225 2.29 12.13 -30.25
CA HIS M 225 1.46 11.09 -30.83
C HIS M 225 1.34 11.15 -32.34
N GLU M 226 1.10 9.98 -32.93
CA GLU M 226 0.91 9.89 -34.36
C GLU M 226 -0.40 10.63 -34.59
N PRO M 227 -0.43 11.58 -35.53
CA PRO M 227 -1.66 12.34 -35.79
C PRO M 227 -2.87 11.48 -36.14
N HIS M 228 -4.05 12.08 -36.07
CA HIS M 228 -5.28 11.39 -36.42
C HIS M 228 -5.79 12.02 -37.71
N GLU M 229 -6.43 11.23 -38.57
CA GLU M 229 -6.95 11.77 -39.82
C GLU M 229 -8.24 12.55 -39.62
N VAL M 230 -8.48 13.54 -40.46
CA VAL M 230 -9.68 14.33 -40.31
C VAL M 230 -10.29 14.74 -41.62
N LYS M 231 -11.61 14.69 -41.70
CA LYS M 231 -12.32 15.10 -42.91
C LYS M 231 -13.09 16.34 -42.46
N ILE M 232 -13.20 17.32 -43.34
CA ILE M 232 -13.87 18.56 -43.04
C ILE M 232 -14.93 18.92 -44.07
N GLN M 233 -16.12 19.28 -43.61
CA GLN M 233 -17.21 19.62 -44.51
C GLN M 233 -17.90 20.94 -44.14
N GLY M 234 -18.48 21.59 -45.15
CA GLY M 234 -19.17 22.85 -44.94
C GLY M 234 -19.36 23.52 -46.28
N VAL M 235 -20.06 24.64 -46.32
CA VAL M 235 -20.28 25.36 -47.57
C VAL M 235 -19.20 26.41 -47.74
N PHE M 236 -19.02 26.85 -48.97
CA PHE M 236 -18.01 27.84 -49.28
C PHE M 236 -18.47 28.83 -50.33
N TYR M 237 -18.20 30.09 -50.07
CA TYR M 237 -18.51 31.12 -51.02
C TYR M 237 -17.16 31.42 -51.67
N ALA M 238 -17.12 32.26 -52.71
CA ALA M 238 -15.86 32.61 -53.37
C ALA M 238 -16.14 33.45 -54.60
N SER M 239 -16.07 34.76 -54.46
CA SER M 239 -16.33 35.66 -55.59
C SER M 239 -15.22 35.68 -56.64
N ILE M 240 -15.60 35.65 -57.91
CA ILE M 240 -14.63 35.68 -59.00
C ILE M 240 -14.70 37.01 -59.75
N GLU M 241 -13.53 37.58 -60.08
CA GLU M 241 -13.46 38.82 -60.86
C GLU M 241 -12.35 38.68 -61.93
N PRO M 242 -12.37 39.54 -62.95
CA PRO M 242 -11.38 39.51 -64.04
C PRO M 242 -9.97 40.06 -63.78
N MET N 1 -6.97 6.00 -7.74
CA MET N 1 -6.74 5.49 -6.35
C MET N 1 -6.45 6.57 -5.32
N GLU N 2 -5.25 7.12 -5.38
CA GLU N 2 -4.88 8.16 -4.44
C GLU N 2 -5.89 9.31 -4.50
N THR N 3 -6.57 9.51 -5.63
CA THR N 3 -7.54 10.61 -5.71
C THR N 3 -8.82 10.28 -4.94
N ILE N 4 -8.97 9.03 -4.50
CA ILE N 4 -10.14 8.71 -3.71
C ILE N 4 -9.67 9.10 -2.33
N THR N 5 -8.42 8.76 -2.01
CA THR N 5 -7.85 9.10 -0.72
C THR N 5 -8.01 10.57 -0.45
N TYR N 6 -7.90 11.37 -1.50
CA TYR N 6 -8.05 12.82 -1.36
C TYR N 6 -9.52 13.08 -1.11
N VAL N 7 -10.37 12.53 -1.97
CA VAL N 7 -11.80 12.72 -1.83
C VAL N 7 -12.41 12.09 -0.55
N PHE N 8 -11.78 11.06 -0.01
CA PHE N 8 -12.31 10.44 1.21
C PHE N 8 -12.09 11.40 2.36
N ILE N 9 -10.88 11.95 2.45
CA ILE N 9 -10.59 12.89 3.52
C ILE N 9 -11.59 14.02 3.34
N PHE N 10 -11.43 14.75 2.24
CA PHE N 10 -12.28 15.86 1.87
C PHE N 10 -13.68 15.65 2.37
N ALA N 11 -14.18 14.44 2.17
CA ALA N 11 -15.53 14.17 2.60
C ALA N 11 -15.66 13.88 4.09
N CYS N 12 -15.08 12.80 4.63
CA CYS N 12 -15.27 12.56 6.06
C CYS N 12 -15.15 13.90 6.82
N ILE N 13 -14.39 14.87 6.30
CA ILE N 13 -14.26 16.17 7.00
C ILE N 13 -15.51 17.05 6.97
N ILE N 14 -16.22 17.01 5.85
CA ILE N 14 -17.44 17.78 5.68
C ILE N 14 -18.42 17.25 6.73
N ALA N 15 -18.29 15.97 7.05
CA ALA N 15 -19.15 15.32 8.05
C ALA N 15 -18.67 15.56 9.47
N LEU N 16 -17.43 16.01 9.62
CA LEU N 16 -16.94 16.34 10.95
C LEU N 16 -17.49 17.72 11.22
N PHE N 17 -18.07 18.29 10.17
CA PHE N 17 -18.71 19.58 10.20
C PHE N 17 -20.12 19.29 10.63
N PHE N 18 -20.67 18.22 10.10
CA PHE N 18 -22.00 17.82 10.50
C PHE N 18 -22.06 17.74 12.00
N PHE N 19 -21.46 16.68 12.54
CA PHE N 19 -21.49 16.49 13.97
C PHE N 19 -21.09 17.70 14.83
N ALA N 20 -19.91 18.27 14.59
CA ALA N 20 -19.45 19.41 15.38
C ALA N 20 -20.36 20.64 15.42
N ILE N 21 -21.31 20.71 14.50
CA ILE N 21 -22.26 21.83 14.48
C ILE N 21 -23.62 21.40 15.04
N PHE N 22 -24.10 20.23 14.61
CA PHE N 22 -25.41 19.78 15.05
C PHE N 22 -25.48 18.83 16.22
N PHE N 23 -24.41 18.12 16.52
CA PHE N 23 -24.40 17.24 17.67
C PHE N 23 -23.26 17.72 18.58
N ARG N 24 -22.98 19.03 18.50
CA ARG N 24 -21.93 19.68 19.29
C ARG N 24 -22.38 19.83 20.73
N GLU N 25 -21.46 19.86 21.68
CA GLU N 25 -21.85 20.02 23.08
C GLU N 25 -22.31 21.45 23.26
N PRO N 26 -23.59 21.63 23.63
CA PRO N 26 -24.26 22.92 23.84
C PRO N 26 -23.74 23.81 24.97
N PRO N 27 -23.97 25.13 24.85
CA PRO N 27 -23.57 26.18 25.80
C PRO N 27 -24.57 26.24 26.97
N ARG N 28 -24.15 25.86 28.17
CA ARG N 28 -25.09 25.88 29.30
C ARG N 28 -25.03 27.12 30.22
N ILE N 29 -26.02 28.01 30.07
CA ILE N 29 -26.17 29.26 30.85
C ILE N 29 -26.49 28.99 32.32
N THR N 30 -25.49 28.93 33.19
CA THR N 30 -25.76 28.67 34.61
C THR N 30 -25.02 29.66 35.53
N GLU O 1 17.39 4.64 -37.39
CA GLU O 1 16.18 4.93 -36.56
C GLU O 1 16.55 5.84 -35.37
N GLU O 2 17.23 6.95 -35.66
CA GLU O 2 17.68 7.95 -34.65
C GLU O 2 17.27 9.41 -34.92
N LEU O 3 16.00 9.74 -34.64
CA LEU O 3 15.43 11.08 -34.82
C LEU O 3 16.27 12.16 -34.16
N VAL O 4 16.34 13.34 -34.79
CA VAL O 4 17.14 14.43 -34.24
C VAL O 4 16.64 15.84 -34.56
N ASN O 5 16.85 16.74 -33.59
CA ASN O 5 16.44 18.13 -33.69
C ASN O 5 16.89 18.76 -34.98
N VAL O 6 16.01 19.48 -35.66
CA VAL O 6 16.41 20.07 -36.93
C VAL O 6 17.20 21.37 -36.91
N VAL O 7 16.79 22.32 -36.07
CA VAL O 7 17.47 23.61 -35.99
C VAL O 7 18.87 23.37 -35.45
N ASP O 8 18.96 22.57 -34.41
CA ASP O 8 20.25 22.27 -33.81
C ASP O 8 21.21 21.73 -34.87
N GLU O 9 20.73 20.82 -35.70
CA GLU O 9 21.57 20.24 -36.74
C GLU O 9 21.98 21.24 -37.83
N LYS O 10 21.00 22.01 -38.32
CA LYS O 10 21.26 23.00 -39.35
C LYS O 10 22.13 24.13 -38.78
N LEU O 11 22.33 24.12 -37.47
CA LEU O 11 23.18 25.12 -36.85
C LEU O 11 24.58 24.59 -37.08
N GLY O 12 24.64 23.32 -37.49
CA GLY O 12 25.91 22.67 -37.75
C GLY O 12 26.37 22.78 -39.19
N THR O 13 25.48 23.27 -40.05
CA THR O 13 25.83 23.45 -41.45
C THR O 13 26.48 24.83 -41.46
N ALA O 14 26.63 25.40 -42.65
CA ALA O 14 27.23 26.72 -42.74
C ALA O 14 26.24 27.77 -42.23
N TYR O 15 25.04 27.33 -41.88
CA TYR O 15 24.02 28.26 -41.40
C TYR O 15 24.49 28.98 -40.14
N GLY O 16 25.23 28.27 -39.29
CA GLY O 16 25.70 28.87 -38.05
C GLY O 16 26.87 29.84 -38.16
N GLU O 17 27.62 29.71 -39.24
CA GLU O 17 28.77 30.56 -39.45
C GLU O 17 28.43 31.88 -40.17
N LYS O 18 27.65 31.80 -41.25
CA LYS O 18 27.29 32.99 -42.02
C LYS O 18 25.79 33.35 -42.01
N ILE O 19 25.31 33.99 -43.07
CA ILE O 19 23.90 34.36 -43.21
C ILE O 19 23.27 33.48 -44.28
N ASP O 20 22.18 32.80 -43.93
CA ASP O 20 21.52 31.91 -44.89
C ASP O 20 20.43 32.61 -45.66
N LEU O 21 20.66 32.79 -46.94
CA LEU O 21 19.70 33.46 -47.77
C LEU O 21 18.31 32.86 -47.72
N ASN O 22 18.23 31.53 -47.76
CA ASN O 22 16.94 30.84 -47.77
C ASN O 22 16.24 30.58 -46.44
N ASN O 23 16.96 30.73 -45.34
CA ASN O 23 16.36 30.48 -44.04
C ASN O 23 16.57 31.62 -43.06
N THR O 24 17.82 31.88 -42.71
CA THR O 24 18.17 32.92 -41.74
C THR O 24 17.15 34.05 -41.57
N ASN O 25 16.91 34.41 -40.31
CA ASN O 25 15.98 35.47 -39.94
C ASN O 25 16.41 36.76 -40.66
N ILE O 26 15.45 37.57 -41.08
CA ILE O 26 15.75 38.81 -41.79
C ILE O 26 16.50 39.79 -40.90
N ALA O 27 16.57 39.49 -39.63
CA ALA O 27 17.23 40.35 -38.67
C ALA O 27 18.75 40.35 -38.77
N ALA O 28 19.33 39.24 -39.20
CA ALA O 28 20.79 39.19 -39.31
C ALA O 28 21.29 39.99 -40.50
N PHE O 29 20.39 40.73 -41.15
CA PHE O 29 20.77 41.52 -42.32
C PHE O 29 21.33 42.91 -42.05
N ILE O 30 21.08 43.45 -40.87
CA ILE O 30 21.59 44.77 -40.56
C ILE O 30 23.11 44.77 -40.41
N GLN O 31 23.68 43.69 -39.88
CA GLN O 31 25.12 43.58 -39.66
C GLN O 31 26.09 43.78 -40.86
N TYR O 32 25.71 44.64 -41.81
CA TYR O 32 26.54 44.95 -42.97
C TYR O 32 26.09 46.23 -43.65
N ARG O 33 27.07 47.00 -44.11
CA ARG O 33 26.83 48.28 -44.77
C ARG O 33 25.62 48.35 -45.68
N GLY O 34 24.58 49.05 -45.22
CA GLY O 34 23.37 49.24 -46.02
C GLY O 34 22.61 48.07 -46.65
N LEU O 35 22.38 47.00 -45.90
CA LEU O 35 21.65 45.91 -46.49
C LEU O 35 20.23 45.78 -45.97
N TYR O 36 20.09 45.85 -44.65
CA TYR O 36 18.79 45.67 -44.01
C TYR O 36 17.57 46.31 -44.67
N PRO O 37 17.22 47.51 -44.24
CA PRO O 37 16.06 48.21 -44.79
C PRO O 37 15.30 47.59 -45.98
N THR O 38 15.76 47.81 -47.21
CA THR O 38 15.08 47.29 -48.42
C THR O 38 15.64 46.02 -49.02
N LEU O 39 16.90 46.07 -49.45
CA LEU O 39 17.53 44.92 -50.08
C LEU O 39 17.03 43.66 -49.43
N ALA O 40 16.95 43.64 -48.10
CA ALA O 40 16.47 42.47 -47.36
C ALA O 40 15.05 42.08 -47.73
N LYS O 41 14.16 43.06 -47.79
CA LYS O 41 12.77 42.79 -48.14
C LYS O 41 12.74 42.05 -49.47
N LEU O 42 13.74 42.30 -50.31
CA LEU O 42 13.82 41.65 -51.61
C LEU O 42 14.63 40.38 -51.47
N ILE O 43 15.65 40.42 -50.62
CA ILE O 43 16.45 39.24 -50.44
C ILE O 43 15.52 38.22 -49.87
N VAL O 44 14.91 38.54 -48.74
CA VAL O 44 14.00 37.62 -48.07
C VAL O 44 12.82 37.24 -48.95
N LYS O 45 12.20 38.24 -49.59
CA LYS O 45 11.10 37.94 -50.51
C LYS O 45 11.91 37.30 -51.61
N ASN O 46 11.37 37.20 -52.80
CA ASN O 46 12.12 36.55 -53.88
C ASN O 46 12.40 35.10 -53.48
N ALA O 47 12.02 34.19 -54.37
CA ALA O 47 12.17 32.77 -54.15
C ALA O 47 13.45 32.36 -53.37
N PRO O 48 13.57 31.07 -53.04
CA PRO O 48 14.74 30.56 -52.31
C PRO O 48 15.78 30.22 -53.39
N TYR O 49 17.03 30.63 -53.17
CA TYR O 49 18.08 30.44 -54.18
C TYR O 49 18.87 29.16 -54.08
N GLU O 50 19.02 28.46 -55.20
CA GLU O 50 19.75 27.20 -55.21
C GLU O 50 21.25 27.48 -55.17
N SER O 51 21.64 28.61 -55.73
CA SER O 51 23.03 29.03 -55.75
C SER O 51 23.12 30.35 -55.00
N VAL O 52 24.24 30.56 -54.32
CA VAL O 52 24.45 31.77 -53.54
C VAL O 52 24.46 33.04 -54.39
N GLU O 53 24.70 32.88 -55.69
CA GLU O 53 24.77 34.02 -56.61
C GLU O 53 23.45 34.43 -57.20
N ASP O 54 22.55 33.47 -57.43
CA ASP O 54 21.24 33.79 -58.03
C ASP O 54 20.59 34.98 -57.34
N VAL O 55 21.28 35.52 -56.34
CA VAL O 55 20.81 36.68 -55.60
C VAL O 55 20.91 37.87 -56.53
N LEU O 56 22.05 37.93 -57.22
CA LEU O 56 22.39 39.00 -58.14
C LEU O 56 21.45 39.10 -59.31
N ASN O 57 20.79 38.00 -59.65
CA ASN O 57 19.86 38.08 -60.75
C ASN O 57 18.45 38.11 -60.18
N ILE O 58 18.14 39.14 -59.40
CA ILE O 58 16.80 39.27 -58.83
C ILE O 58 16.05 40.39 -59.52
N PRO O 59 14.87 40.08 -60.06
CA PRO O 59 14.02 41.03 -60.78
C PRO O 59 13.92 42.46 -60.25
N GLY O 60 14.46 43.41 -61.02
CA GLY O 60 14.38 44.81 -60.65
C GLY O 60 15.47 45.37 -59.76
N LEU O 61 16.41 44.51 -59.37
CA LEU O 61 17.51 44.96 -58.53
C LEU O 61 18.13 46.19 -59.16
N THR O 62 18.55 47.15 -58.33
CA THR O 62 19.14 48.38 -58.86
C THR O 62 20.64 48.31 -59.15
N GLU O 63 21.03 49.07 -60.16
CA GLU O 63 22.42 49.15 -60.61
C GLU O 63 23.40 49.32 -59.44
N ARG O 64 22.91 49.88 -58.34
CA ARG O 64 23.68 50.09 -57.13
C ARG O 64 23.48 48.85 -56.27
N GLN O 65 22.22 48.55 -55.99
CA GLN O 65 21.86 47.38 -55.20
C GLN O 65 22.66 46.22 -55.71
N LYS O 66 22.52 45.97 -57.02
CA LYS O 66 23.25 44.88 -57.67
C LYS O 66 24.65 44.88 -57.09
N GLN O 67 25.28 46.04 -57.14
CA GLN O 67 26.64 46.18 -56.63
C GLN O 67 26.74 45.66 -55.19
N ILE O 68 26.03 46.30 -54.29
CA ILE O 68 26.07 45.91 -52.88
C ILE O 68 26.12 44.40 -52.73
N LEU O 69 25.06 43.73 -53.17
CA LEU O 69 24.99 42.28 -53.05
C LEU O 69 26.32 41.70 -53.44
N ARG O 70 26.78 42.04 -54.64
CA ARG O 70 28.05 41.54 -55.12
C ARG O 70 29.05 41.72 -53.98
N GLU O 71 29.22 42.97 -53.56
CA GLU O 71 30.15 43.29 -52.50
C GLU O 71 30.02 42.37 -51.30
N ASN O 72 28.81 42.25 -50.75
CA ASN O 72 28.57 41.43 -49.56
C ASN O 72 28.51 39.91 -49.76
N LEU O 73 28.39 39.51 -51.01
CA LEU O 73 28.31 38.10 -51.37
C LEU O 73 29.14 37.20 -50.46
N GLU O 74 30.24 37.75 -49.97
CA GLU O 74 31.15 37.03 -49.09
C GLU O 74 30.41 36.25 -48.01
N HIS O 75 29.55 36.96 -47.28
CA HIS O 75 28.85 36.36 -46.14
C HIS O 75 27.56 35.59 -46.34
N PHE O 76 27.12 35.39 -47.57
CA PHE O 76 25.88 34.66 -47.75
C PHE O 76 26.10 33.17 -48.05
N THR O 77 25.21 32.32 -47.54
CA THR O 77 25.27 30.88 -47.78
C THR O 77 23.87 30.31 -47.93
N VAL O 78 23.82 29.02 -48.24
CA VAL O 78 22.54 28.33 -48.42
C VAL O 78 22.55 26.85 -48.03
N THR O 79 21.36 26.38 -47.68
CA THR O 79 21.13 25.00 -47.28
C THR O 79 19.67 24.81 -47.59
N GLU O 80 19.24 23.56 -47.72
CA GLU O 80 17.86 23.29 -48.02
C GLU O 80 16.97 24.23 -47.21
N VAL O 81 15.84 24.62 -47.79
CA VAL O 81 14.94 25.49 -47.07
C VAL O 81 14.57 24.65 -45.89
N GLU O 82 14.47 25.25 -44.72
CA GLU O 82 14.09 24.47 -43.55
C GLU O 82 12.67 24.72 -43.10
N THR O 83 11.80 23.80 -43.46
CA THR O 83 10.39 23.86 -43.11
C THR O 83 10.14 24.49 -41.72
N ALA O 84 10.85 23.97 -40.71
CA ALA O 84 10.72 24.42 -39.33
C ALA O 84 11.23 25.84 -39.12
N LEU O 85 12.16 26.26 -39.97
CA LEU O 85 12.70 27.60 -39.85
C LEU O 85 11.90 28.62 -40.64
N VAL O 86 11.26 28.22 -41.74
CA VAL O 86 10.54 29.21 -42.51
C VAL O 86 9.06 29.31 -42.30
N GLU O 87 8.44 28.21 -41.91
CA GLU O 87 7.02 28.22 -41.69
C GLU O 87 6.70 29.36 -40.73
N GLY O 88 5.42 29.67 -40.59
CA GLY O 88 5.05 30.70 -39.65
C GLY O 88 5.59 32.08 -39.95
N GLY O 89 6.02 32.30 -41.17
CA GLY O 89 6.55 33.61 -41.51
C GLY O 89 7.43 34.08 -40.37
N ASP O 90 8.15 33.17 -39.74
CA ASP O 90 9.05 33.53 -38.64
C ASP O 90 10.18 34.39 -39.18
N ARG O 91 10.64 34.08 -40.41
CA ARG O 91 11.73 34.81 -41.02
C ARG O 91 11.56 36.32 -40.96
N TYR O 92 10.33 36.77 -40.85
CA TYR O 92 10.08 38.20 -40.76
C TYR O 92 10.16 38.66 -39.30
N ASN O 93 9.63 37.85 -38.40
CA ASN O 93 9.64 38.17 -36.97
C ASN O 93 9.79 36.89 -36.16
N ASN O 94 11.03 36.48 -35.97
CA ASN O 94 11.38 35.26 -35.26
C ASN O 94 10.94 35.12 -33.81
N GLY O 95 10.50 36.20 -33.19
CA GLY O 95 10.10 36.10 -31.79
C GLY O 95 11.26 36.56 -30.94
N LEU O 96 12.34 36.91 -31.61
CA LEU O 96 13.51 37.39 -30.93
C LEU O 96 13.58 38.91 -30.95
N TYR O 97 13.38 39.53 -29.80
CA TYR O 97 13.50 40.97 -29.70
C TYR O 97 14.60 41.22 -28.68
N LYS O 98 15.13 42.45 -28.64
CA LYS O 98 16.19 42.79 -27.71
C LYS O 98 15.82 42.41 -26.28
N ALA P 1 35.93 64.09 -12.40
CA ALA P 1 36.76 63.02 -11.76
C ALA P 1 36.60 61.63 -12.43
N GLU P 2 35.35 61.18 -12.63
CA GLU P 2 35.08 59.89 -13.31
C GLU P 2 34.52 60.23 -14.69
N LEU P 3 33.61 61.20 -14.74
CA LEU P 3 33.07 61.64 -16.02
C LEU P 3 34.14 62.61 -16.51
N THR P 4 35.27 62.05 -16.97
CA THR P 4 36.40 62.85 -17.43
C THR P 4 36.23 63.56 -18.75
N PRO P 5 37.14 64.49 -19.06
CA PRO P 5 37.10 65.26 -20.30
C PRO P 5 37.04 64.45 -21.61
N GLU P 6 38.03 63.57 -21.85
CA GLU P 6 38.06 62.79 -23.08
C GLU P 6 37.02 61.66 -23.11
N VAL P 7 36.68 61.14 -21.94
CA VAL P 7 35.67 60.09 -21.89
C VAL P 7 34.37 60.79 -22.28
N LEU P 8 34.42 62.11 -22.31
CA LEU P 8 33.25 62.89 -22.69
C LEU P 8 33.54 63.47 -24.07
N THR P 9 34.67 63.03 -24.64
CA THR P 9 35.13 63.44 -25.97
C THR P 9 34.76 62.36 -26.99
N VAL P 10 34.10 62.75 -28.07
CA VAL P 10 33.68 61.76 -29.04
C VAL P 10 33.85 62.23 -30.44
N PRO P 11 33.81 61.28 -31.39
CA PRO P 11 33.95 61.57 -32.82
C PRO P 11 32.90 62.53 -33.39
N LEU P 12 33.40 63.53 -34.11
CA LEU P 12 32.58 64.56 -34.78
C LEU P 12 32.27 64.17 -36.22
N ASN P 13 33.32 64.14 -37.04
CA ASN P 13 33.17 63.81 -38.45
C ASN P 13 33.63 62.40 -38.87
N SER P 14 33.07 61.90 -39.98
CA SER P 14 33.44 60.58 -40.51
C SER P 14 34.92 60.62 -40.86
N GLU P 15 35.51 61.81 -40.67
CA GLU P 15 36.92 62.08 -40.94
C GLU P 15 37.89 62.11 -39.75
N GLY P 16 37.37 61.91 -38.54
CA GLY P 16 38.24 61.85 -37.37
C GLY P 16 38.17 62.93 -36.32
N LYS P 17 37.92 64.17 -36.72
CA LYS P 17 37.89 65.30 -35.78
C LYS P 17 37.00 65.03 -34.54
N THR P 18 37.52 65.37 -33.36
CA THR P 18 36.83 65.15 -32.08
C THR P 18 36.40 66.44 -31.43
N ILE P 19 35.17 66.50 -30.93
CA ILE P 19 34.68 67.74 -30.29
C ILE P 19 34.79 67.80 -28.79
N THR P 20 35.31 66.74 -28.16
CA THR P 20 35.41 66.70 -26.70
C THR P 20 34.05 67.17 -26.13
N LEU P 21 34.02 67.90 -25.02
CA LEU P 21 32.74 68.36 -24.49
C LEU P 21 32.74 68.95 -23.09
N THR P 22 31.55 69.27 -22.61
CA THR P 22 31.33 69.87 -21.29
C THR P 22 30.34 69.09 -20.45
N GLU P 23 30.33 69.43 -19.17
CA GLU P 23 29.40 68.83 -18.22
C GLU P 23 28.05 69.46 -18.48
N LYS P 24 28.08 70.68 -19.03
CA LYS P 24 26.86 71.45 -19.35
C LYS P 24 26.11 70.77 -20.48
N GLN P 25 26.76 70.67 -21.64
CA GLN P 25 26.15 70.03 -22.81
C GLN P 25 25.68 68.62 -22.44
N TYR P 26 26.55 67.82 -21.83
CA TYR P 26 26.16 66.46 -21.45
C TYR P 26 24.83 66.49 -20.74
N LEU P 27 24.71 67.34 -19.73
CA LEU P 27 23.46 67.44 -18.99
C LEU P 27 22.27 67.64 -19.92
N GLU P 28 22.30 68.71 -20.72
CA GLU P 28 21.20 68.96 -21.65
C GLU P 28 20.95 67.68 -22.41
N GLY P 29 22.01 66.92 -22.64
CA GLY P 29 21.86 65.66 -23.34
C GLY P 29 20.86 64.80 -22.60
N LYS P 30 21.13 64.56 -21.32
CA LYS P 30 20.21 63.75 -20.52
C LYS P 30 18.83 64.38 -20.59
N ARG P 31 18.70 65.61 -20.05
CA ARG P 31 17.42 66.35 -20.03
C ARG P 31 16.70 66.18 -21.36
N LEU P 32 17.46 66.35 -22.43
CA LEU P 32 16.93 66.21 -23.77
C LEU P 32 16.52 64.78 -24.03
N PHE P 33 17.50 63.90 -24.28
CA PHE P 33 17.21 62.50 -24.60
C PHE P 33 15.86 62.03 -24.09
N GLN P 34 15.58 62.31 -22.82
CA GLN P 34 14.33 61.92 -22.19
C GLN P 34 13.12 62.76 -22.60
N TYR P 35 13.35 64.06 -22.77
CA TYR P 35 12.27 64.95 -23.16
C TYR P 35 12.01 64.78 -24.66
N ALA P 36 13.09 64.61 -25.42
CA ALA P 36 13.01 64.41 -26.86
C ALA P 36 12.32 63.08 -27.00
N CYS P 37 12.21 62.40 -25.86
CA CYS P 37 11.42 61.19 -25.74
C CYS P 37 12.23 59.90 -25.74
N ALA P 38 12.25 59.26 -24.57
CA ALA P 38 12.72 57.90 -24.43
C ALA P 38 11.52 56.93 -24.39
N SER P 39 10.34 57.41 -24.76
CA SER P 39 9.09 56.67 -24.54
C SER P 39 9.02 55.32 -25.25
N CYS P 40 9.45 55.26 -26.51
CA CYS P 40 9.74 53.98 -27.11
C CYS P 40 11.17 53.66 -26.73
N HIS P 41 12.00 54.70 -26.71
CA HIS P 41 13.44 54.66 -26.91
C HIS P 41 14.23 54.53 -25.62
N VAL P 42 13.55 54.23 -24.54
CA VAL P 42 14.13 54.30 -23.20
C VAL P 42 15.26 53.32 -23.04
N GLY P 43 16.26 53.74 -22.26
CA GLY P 43 17.53 53.06 -22.16
C GLY P 43 18.19 53.02 -23.52
N GLY P 44 18.69 51.87 -23.92
CA GLY P 44 19.39 51.81 -25.19
C GLY P 44 18.87 50.68 -26.04
N ILE P 45 17.64 50.83 -26.50
CA ILE P 45 16.99 49.85 -27.34
C ILE P 45 16.04 50.65 -28.21
N THR P 46 15.02 50.01 -28.75
CA THR P 46 14.06 50.72 -29.56
C THR P 46 12.71 50.02 -29.64
N LYS P 47 11.91 50.28 -28.63
CA LYS P 47 10.59 49.69 -28.51
C LYS P 47 9.71 49.64 -29.75
N THR P 48 9.69 50.67 -30.60
CA THR P 48 8.80 50.52 -31.77
C THR P 48 9.34 49.43 -32.66
N ASN P 49 10.67 49.35 -32.77
CA ASN P 49 11.31 48.33 -33.62
C ASN P 49 12.62 47.83 -33.02
N PRO P 50 12.53 46.97 -31.99
CA PRO P 50 13.65 46.37 -31.26
C PRO P 50 14.84 45.88 -32.08
N SER P 51 14.65 45.70 -33.37
CA SER P 51 15.77 45.23 -34.17
C SER P 51 16.92 46.24 -34.29
N LEU P 52 16.63 47.52 -34.13
CA LEU P 52 17.65 48.56 -34.24
C LEU P 52 17.96 49.16 -32.89
N ASP P 53 19.24 49.26 -32.57
CA ASP P 53 19.66 49.82 -31.29
C ASP P 53 20.51 51.04 -31.55
N LEU P 54 20.89 51.74 -30.48
CA LEU P 54 21.69 52.95 -30.59
C LEU P 54 23.16 52.76 -30.26
N ARG P 55 23.61 51.52 -30.14
CA ARG P 55 25.00 51.26 -29.81
C ARG P 55 25.97 51.79 -30.87
N THR P 56 27.07 52.35 -30.39
CA THR P 56 28.08 52.92 -31.24
C THR P 56 28.25 52.15 -32.57
N GLU P 57 28.58 50.86 -32.53
CA GLU P 57 28.78 50.08 -33.76
C GLU P 57 27.63 50.14 -34.74
N THR P 58 26.43 49.99 -34.21
CA THR P 58 25.24 50.02 -35.04
C THR P 58 25.13 51.30 -35.85
N LEU P 59 25.48 52.42 -35.22
CA LEU P 59 25.41 53.71 -35.89
C LEU P 59 26.46 53.84 -36.99
N ALA P 60 27.56 53.10 -36.83
CA ALA P 60 28.68 53.12 -37.78
C ALA P 60 28.32 52.39 -39.05
N LEU P 61 27.69 51.24 -38.87
CA LEU P 61 27.29 50.42 -39.98
C LEU P 61 26.10 51.05 -40.72
N ALA P 62 25.46 52.02 -40.07
CA ALA P 62 24.32 52.70 -40.66
C ALA P 62 24.76 53.32 -41.99
N THR P 63 23.85 53.96 -42.70
CA THR P 63 24.19 54.61 -43.95
C THR P 63 23.33 55.87 -44.04
N PRO P 64 23.97 57.06 -44.07
CA PRO P 64 25.42 57.27 -44.05
C PRO P 64 25.92 57.01 -42.64
N PRO P 65 27.25 57.03 -42.43
CA PRO P 65 27.71 56.78 -41.07
C PRO P 65 26.90 57.64 -40.11
N ARG P 66 26.48 57.06 -38.99
CA ARG P 66 25.66 57.78 -38.01
C ARG P 66 26.27 57.79 -36.63
N ASP P 67 27.59 57.62 -36.58
CA ASP P 67 28.32 57.62 -35.32
C ASP P 67 28.94 59.00 -35.10
N ASN P 68 28.85 59.84 -36.12
CA ASN P 68 29.40 61.19 -36.07
C ASN P 68 28.52 62.10 -35.26
N ILE P 69 29.13 62.92 -34.41
CA ILE P 69 28.31 63.84 -33.65
C ILE P 69 27.52 64.59 -34.71
N GLU P 70 28.02 64.47 -35.93
CA GLU P 70 27.39 65.08 -37.07
C GLU P 70 26.19 64.20 -37.39
N GLY P 71 26.49 63.05 -37.99
CA GLY P 71 25.46 62.10 -38.37
C GLY P 71 24.11 62.25 -37.71
N LEU P 72 24.04 61.84 -36.46
CA LEU P 72 22.81 61.93 -35.72
C LEU P 72 22.09 63.24 -35.95
N VAL P 73 22.85 64.31 -36.20
CA VAL P 73 22.25 65.62 -36.43
C VAL P 73 21.43 65.64 -37.70
N ASP P 74 22.02 65.17 -38.80
CA ASP P 74 21.31 65.09 -40.07
C ASP P 74 20.01 64.39 -39.71
N TYR P 75 20.15 63.16 -39.22
CA TYR P 75 19.01 62.34 -38.83
C TYR P 75 17.95 63.17 -38.13
N MET P 76 18.23 63.56 -36.91
CA MET P 76 17.28 64.35 -36.15
C MET P 76 16.68 65.46 -37.02
N LYS P 77 17.50 66.05 -37.89
CA LYS P 77 17.00 67.08 -38.80
C LYS P 77 16.08 66.43 -39.82
N ASN P 78 16.64 65.47 -40.54
CA ASN P 78 15.93 64.64 -41.51
C ASN P 78 16.29 63.19 -41.24
N PRO P 79 15.28 62.33 -41.08
CA PRO P 79 15.54 60.91 -40.82
C PRO P 79 15.55 60.02 -42.05
N THR P 80 16.30 58.93 -41.95
CA THR P 80 16.44 57.96 -43.03
C THR P 80 16.54 56.55 -42.44
N THR P 81 16.05 55.55 -43.16
CA THR P 81 16.13 54.17 -42.67
C THR P 81 17.58 53.77 -42.53
N TYR P 82 17.82 52.49 -42.30
CA TYR P 82 19.18 51.99 -42.16
C TYR P 82 19.66 51.70 -43.57
N ASP P 83 18.87 52.17 -44.53
CA ASP P 83 19.18 52.03 -45.95
C ASP P 83 19.78 53.34 -46.37
N GLY P 84 19.18 54.41 -45.86
CA GLY P 84 19.63 55.71 -46.26
C GLY P 84 18.98 55.79 -47.62
N GLU P 85 18.03 54.89 -47.87
CA GLU P 85 17.32 54.85 -49.14
C GLU P 85 16.11 55.78 -49.16
N GLN P 86 15.18 55.61 -48.22
CA GLN P 86 14.04 56.53 -48.21
C GLN P 86 13.93 57.28 -46.89
N GLU P 87 13.59 58.56 -47.00
CA GLU P 87 13.44 59.42 -45.83
C GLU P 87 12.31 58.87 -44.99
N ILE P 88 12.56 58.71 -43.71
CA ILE P 88 11.58 58.17 -42.79
C ILE P 88 10.89 59.30 -42.02
N ALA P 89 11.19 60.52 -42.44
CA ALA P 89 10.67 61.73 -41.81
C ALA P 89 9.25 61.76 -41.24
N GLU P 90 8.29 61.15 -41.93
CA GLU P 90 6.91 61.18 -41.45
C GLU P 90 6.57 60.30 -40.23
N VAL P 91 7.33 59.25 -40.02
CA VAL P 91 7.11 58.33 -38.91
C VAL P 91 8.13 58.50 -37.77
N HIS P 92 9.09 59.41 -37.95
CA HIS P 92 10.11 59.64 -36.93
C HIS P 92 10.30 61.11 -36.60
N PRO P 93 10.39 61.43 -35.30
CA PRO P 93 10.58 62.80 -34.87
C PRO P 93 11.68 63.43 -35.68
N SER P 94 11.41 64.58 -36.25
CA SER P 94 12.40 65.22 -37.05
C SER P 94 12.01 66.66 -37.25
N LEU P 95 13.02 67.52 -37.32
CA LEU P 95 12.78 68.94 -37.51
C LEU P 95 12.14 69.14 -38.86
N ARG P 96 12.47 68.25 -39.80
CA ARG P 96 11.90 68.30 -41.15
C ARG P 96 10.40 68.22 -40.91
N SER P 97 10.02 67.36 -39.95
CA SER P 97 8.62 67.16 -39.61
C SER P 97 8.37 67.51 -38.15
N ALA P 98 8.10 68.78 -37.89
CA ALA P 98 7.83 69.23 -36.54
C ALA P 98 6.34 69.06 -36.25
N ASP P 99 5.50 69.50 -37.19
CA ASP P 99 4.04 69.44 -37.09
C ASP P 99 3.45 68.09 -36.65
N ILE P 100 4.29 67.07 -36.57
CA ILE P 100 3.83 65.75 -36.15
C ILE P 100 4.20 65.53 -34.69
N PHE P 101 5.48 65.70 -34.40
CA PHE P 101 6.06 65.51 -33.07
C PHE P 101 6.47 66.85 -32.45
N PRO P 102 5.53 67.49 -31.73
CA PRO P 102 5.71 68.79 -31.07
C PRO P 102 7.02 68.95 -30.30
N LYS P 103 7.33 67.97 -29.47
CA LYS P 103 8.55 68.03 -28.69
C LYS P 103 9.71 68.45 -29.59
N MET P 104 9.67 68.03 -30.85
CA MET P 104 10.73 68.33 -31.79
C MET P 104 10.81 69.77 -32.27
N ARG P 105 9.86 70.61 -31.87
CA ARG P 105 9.87 72.01 -32.30
C ARG P 105 10.88 72.88 -31.54
N ASN P 106 10.74 72.94 -30.22
CA ASN P 106 11.64 73.72 -29.38
C ASN P 106 13.11 73.32 -29.49
N LEU P 107 13.38 72.31 -30.32
CA LEU P 107 14.73 71.83 -30.52
C LEU P 107 15.55 72.75 -31.41
N THR P 108 16.82 72.89 -31.03
CA THR P 108 17.78 73.77 -31.72
C THR P 108 19.11 73.06 -31.98
N GLU P 109 19.94 73.67 -32.81
CA GLU P 109 21.25 73.11 -33.14
C GLU P 109 22.06 72.96 -31.86
N LYS P 110 21.76 73.81 -30.90
CA LYS P 110 22.40 73.76 -29.59
C LYS P 110 21.86 72.52 -28.91
N ASP P 111 20.52 72.46 -28.80
CA ASP P 111 19.81 71.35 -28.15
C ASP P 111 20.13 70.04 -28.88
N LEU P 112 20.28 70.09 -30.19
CA LEU P 112 20.59 68.88 -30.93
C LEU P 112 21.97 68.40 -30.59
N VAL P 113 22.97 69.20 -30.92
CA VAL P 113 24.33 68.81 -30.66
C VAL P 113 24.41 68.07 -29.34
N ALA P 114 23.65 68.53 -28.37
CA ALA P 114 23.61 67.92 -27.04
C ALA P 114 23.03 66.51 -27.07
N ILE P 115 21.75 66.41 -27.38
CA ILE P 115 21.10 65.11 -27.44
C ILE P 115 21.96 64.17 -28.26
N ALA P 116 22.72 64.72 -29.20
CA ALA P 116 23.59 63.93 -30.03
C ALA P 116 24.71 63.40 -29.13
N GLY P 117 25.58 64.31 -28.69
CA GLY P 117 26.68 63.93 -27.84
C GLY P 117 26.26 62.94 -26.77
N HIS P 118 25.01 63.02 -26.33
CA HIS P 118 24.54 62.11 -25.30
C HIS P 118 24.55 60.67 -25.79
N ILE P 119 24.19 60.48 -27.05
CA ILE P 119 24.13 59.16 -27.63
C ILE P 119 25.47 58.50 -27.81
N LEU P 120 26.43 59.25 -28.33
CA LEU P 120 27.76 58.71 -28.58
C LEU P 120 28.54 58.54 -27.29
N VAL P 121 28.13 59.25 -26.26
CA VAL P 121 28.79 59.21 -24.95
C VAL P 121 28.35 58.11 -24.01
N GLU P 122 27.03 57.97 -23.82
CA GLU P 122 26.49 56.97 -22.92
C GLU P 122 27.13 55.58 -23.01
N PRO P 123 27.35 55.06 -24.23
CA PRO P 123 27.98 53.73 -24.29
C PRO P 123 29.30 53.68 -23.55
N LYS P 124 30.18 54.62 -23.84
CA LYS P 124 31.52 54.72 -23.24
C LYS P 124 31.58 54.37 -21.75
N ILE P 125 30.51 54.72 -21.02
CA ILE P 125 30.43 54.46 -19.60
C ILE P 125 29.65 53.21 -19.23
N LEU P 126 28.40 53.15 -19.71
CA LEU P 126 27.50 52.02 -19.44
C LEU P 126 27.90 50.67 -20.04
N GLY P 127 28.87 50.68 -20.94
CA GLY P 127 29.31 49.43 -21.55
C GLY P 127 28.17 48.86 -22.39
N ASP P 128 27.97 47.56 -22.30
CA ASP P 128 26.92 46.91 -23.07
C ASP P 128 25.52 47.30 -22.62
N LYS P 129 25.37 47.63 -21.34
CA LYS P 129 24.08 48.03 -20.79
C LYS P 129 23.36 49.02 -21.67
N TRP P 130 24.11 49.60 -22.61
CA TRP P 130 23.57 50.60 -23.54
C TRP P 130 22.71 49.96 -24.63
N GLY P 131 23.29 49.02 -25.36
CA GLY P 131 22.54 48.38 -26.42
C GLY P 131 21.49 47.42 -25.93
N GLY P 132 21.90 46.51 -25.05
CA GLY P 132 20.98 45.53 -24.51
C GLY P 132 19.90 46.06 -23.57
N GLY P 133 18.90 45.23 -23.37
CA GLY P 133 17.82 45.60 -22.49
C GLY P 133 17.45 44.37 -21.70
N LYS P 134 16.64 44.54 -20.67
CA LYS P 134 16.18 43.43 -19.84
C LYS P 134 17.37 42.59 -19.41
N VAL P 135 17.88 41.80 -20.35
CA VAL P 135 19.02 40.93 -20.14
C VAL P 135 20.12 41.53 -19.29
N TYR P 136 20.67 42.66 -19.73
CA TYR P 136 21.76 43.32 -19.00
C TYR P 136 21.30 44.10 -17.79
N TYR P 137 20.14 44.75 -17.90
CA TYR P 137 19.57 45.52 -16.80
C TYR P 137 20.16 45.23 -15.41
N THR Q 1 50.81 28.84 19.13
CA THR Q 1 51.80 29.41 20.09
C THR Q 1 51.88 30.95 19.92
N ILE Q 2 50.93 31.64 20.56
CA ILE Q 2 50.77 33.12 20.54
C ILE Q 2 50.56 33.67 19.13
N THR Q 3 49.99 32.84 18.27
CA THR Q 3 49.73 33.20 16.90
C THR Q 3 48.92 34.49 16.89
N PRO Q 4 49.23 35.39 15.95
CA PRO Q 4 48.50 36.66 15.89
C PRO Q 4 47.02 36.45 16.21
N SER Q 5 46.48 35.31 15.78
CA SER Q 5 45.08 34.99 16.04
C SER Q 5 44.85 34.69 17.49
N LEU Q 6 45.69 33.85 18.08
CA LEU Q 6 45.52 33.50 19.48
C LEU Q 6 45.54 34.75 20.34
N LYS Q 7 46.52 35.61 20.07
CA LYS Q 7 46.71 36.87 20.80
C LYS Q 7 45.44 37.67 20.61
N GLY Q 8 44.83 37.49 19.44
CA GLY Q 8 43.61 38.19 19.13
C GLY Q 8 42.59 37.78 20.15
N PHE Q 9 42.56 36.49 20.47
CA PHE Q 9 41.60 36.03 21.44
C PHE Q 9 41.82 36.59 22.84
N PHE Q 10 43.02 36.39 23.40
CA PHE Q 10 43.26 36.92 24.73
C PHE Q 10 42.73 38.34 24.76
N ILE Q 11 43.13 39.12 23.77
CA ILE Q 11 42.71 40.50 23.69
C ILE Q 11 41.20 40.54 23.85
N GLY Q 12 40.54 39.61 23.16
CA GLY Q 12 39.10 39.56 23.23
C GLY Q 12 38.62 39.22 24.63
N LEU Q 13 39.27 38.25 25.25
CA LEU Q 13 38.86 37.86 26.58
C LEU Q 13 38.95 39.10 27.47
N LEU Q 14 40.10 39.78 27.46
CA LEU Q 14 40.33 40.96 28.29
C LEU Q 14 39.26 42.05 28.09
N SER Q 15 38.88 42.30 26.85
CA SER Q 15 37.87 43.29 26.55
C SER Q 15 36.57 42.77 27.16
N GLY Q 16 36.35 41.45 27.06
CA GLY Q 16 35.15 40.87 27.62
C GLY Q 16 35.11 41.06 29.13
N ALA Q 17 36.23 40.77 29.79
CA ALA Q 17 36.31 40.90 31.23
C ALA Q 17 36.13 42.37 31.62
N VAL Q 18 36.63 43.26 30.78
CA VAL Q 18 36.55 44.69 31.01
C VAL Q 18 35.13 45.24 31.00
N VAL Q 19 34.35 44.85 30.00
CA VAL Q 19 32.98 45.34 29.89
C VAL Q 19 32.07 44.76 30.97
N LEU Q 20 32.27 43.49 31.29
CA LEU Q 20 31.46 42.85 32.32
C LEU Q 20 31.89 43.47 33.65
N GLY Q 21 33.21 43.42 33.90
CA GLY Q 21 33.77 43.95 35.12
C GLY Q 21 33.38 45.39 35.41
N LEU Q 22 33.61 46.28 34.45
CA LEU Q 22 33.27 47.67 34.66
C LEU Q 22 31.80 47.72 35.00
N THR Q 23 30.99 47.00 34.22
CA THR Q 23 29.56 46.99 34.40
C THR Q 23 29.06 46.59 35.78
N PHE Q 24 29.59 45.51 36.33
CA PHE Q 24 29.12 45.06 37.63
C PHE Q 24 29.52 46.01 38.73
N ALA Q 25 30.76 46.48 38.67
CA ALA Q 25 31.27 47.38 39.67
C ALA Q 25 30.39 48.60 39.80
N VAL Q 26 30.09 49.25 38.67
CA VAL Q 26 29.26 50.45 38.71
C VAL Q 26 27.91 50.05 39.28
N LEU Q 27 27.47 48.84 38.91
CA LEU Q 27 26.20 48.30 39.35
C LEU Q 27 26.08 47.99 40.84
N ILE Q 28 27.14 47.43 41.43
CA ILE Q 28 27.10 47.12 42.84
C ILE Q 28 27.15 48.47 43.54
N ALA Q 29 27.84 49.40 42.89
CA ALA Q 29 28.00 50.75 43.39
C ALA Q 29 26.69 51.48 43.57
N ILE Q 30 25.92 51.64 42.48
CA ILE Q 30 24.65 52.35 42.56
C ILE Q 30 23.62 51.61 43.39
N SER Q 31 23.70 50.28 43.41
CA SER Q 31 22.77 49.49 44.21
C SER Q 31 23.06 49.71 45.68
N GLN Q 32 24.34 49.99 45.98
CA GLN Q 32 24.83 50.25 47.34
C GLN Q 32 24.36 51.60 47.85
N ILE Q 33 24.13 52.54 46.92
CA ILE Q 33 23.63 53.89 47.23
C ILE Q 33 22.10 53.83 47.28
N ASP Q 34 21.58 52.97 48.16
CA ASP Q 34 20.15 52.80 48.35
C ASP Q 34 19.82 51.74 49.42
N ILE R 1 12.60 80.42 -7.85
CA ILE R 1 13.56 79.99 -6.79
C ILE R 1 12.87 80.25 -5.42
N ALA R 2 12.80 81.51 -4.98
CA ALA R 2 12.11 81.98 -3.77
C ALA R 2 10.95 81.14 -3.17
N GLN R 3 10.13 80.48 -4.02
CA GLN R 3 8.96 79.65 -3.61
C GLN R 3 8.88 79.26 -2.13
N LEU R 4 9.97 78.70 -1.59
CA LEU R 4 10.02 78.26 -0.20
C LEU R 4 9.69 79.30 0.91
N THR R 5 10.33 80.46 0.90
CA THR R 5 10.05 81.44 1.95
C THR R 5 8.58 81.84 2.00
N MET R 6 8.00 82.09 0.84
CA MET R 6 6.60 82.50 0.75
C MET R 6 5.65 81.36 1.20
N ILE R 7 6.06 80.09 1.10
CA ILE R 7 5.21 78.99 1.55
C ILE R 7 5.21 79.00 3.08
N ALA R 8 6.37 79.31 3.63
CA ALA R 8 6.59 79.33 5.07
C ALA R 8 5.53 80.11 5.82
N MET R 9 5.34 81.36 5.42
CA MET R 9 4.37 82.24 6.06
C MET R 9 2.96 81.66 6.10
N ILE R 10 2.47 81.19 4.96
CA ILE R 10 1.12 80.65 4.89
C ILE R 10 0.96 79.47 5.82
N GLY R 11 2.01 78.66 5.89
CA GLY R 11 1.97 77.49 6.74
C GLY R 11 1.84 77.79 8.23
N ILE R 12 2.46 78.88 8.66
CA ILE R 12 2.43 79.28 10.05
C ILE R 12 1.32 80.30 10.28
N ALA R 13 0.51 80.48 9.24
CA ALA R 13 -0.63 81.38 9.30
C ALA R 13 -1.72 80.80 10.21
N GLY R 14 -1.92 79.49 10.10
CA GLY R 14 -2.93 78.79 10.88
C GLY R 14 -2.64 78.62 12.35
N PRO R 15 -1.44 78.19 12.73
CA PRO R 15 -1.23 78.06 14.17
C PRO R 15 -1.21 79.45 14.81
N MET R 16 -0.97 80.48 14.01
CA MET R 16 -0.94 81.84 14.54
C MET R 16 -2.33 82.30 14.97
N ILE R 17 -3.36 81.80 14.28
CA ILE R 17 -4.73 82.16 14.63
C ILE R 17 -5.03 81.51 15.98
N ILE R 18 -4.47 80.32 16.20
CA ILE R 18 -4.65 79.61 17.47
C ILE R 18 -3.98 80.43 18.58
N PHE R 19 -2.82 80.98 18.27
CA PHE R 19 -2.09 81.77 19.24
C PHE R 19 -2.84 83.06 19.53
N LEU R 20 -3.19 83.80 18.48
CA LEU R 20 -3.92 85.05 18.64
C LEU R 20 -5.24 84.81 19.36
N LEU R 21 -5.70 83.56 19.35
CA LEU R 21 -6.93 83.19 20.04
C LEU R 21 -6.65 82.79 21.49
N ALA R 22 -5.47 82.22 21.74
CA ALA R 22 -5.10 81.82 23.08
C ALA R 22 -5.11 83.08 23.95
N VAL R 23 -4.30 84.04 23.53
CA VAL R 23 -4.17 85.29 24.25
C VAL R 23 -5.47 86.04 24.49
N ARG R 24 -6.22 86.33 23.42
CA ARG R 24 -7.45 87.08 23.61
C ARG R 24 -8.45 86.33 24.49
N ARG R 25 -9.11 85.28 23.99
CA ARG R 25 -10.08 84.57 24.83
C ARG R 25 -10.92 83.52 24.13
N GLY R 26 -12.18 83.88 23.88
CA GLY R 26 -13.20 83.07 23.23
C GLY R 26 -12.93 81.70 22.64
N ASN R 27 -13.81 81.29 21.74
CA ASN R 27 -13.74 79.98 21.12
C ASN R 27 -14.50 79.05 22.09
N LEU R 28 -14.17 79.17 23.37
CA LEU R 28 -14.78 78.41 24.48
C LEU R 28 -15.62 79.33 25.41
N UNK S 1 42.22 64.23 6.33
CA UNK S 1 42.88 65.46 6.80
C UNK S 1 41.82 66.56 7.01
N UNK S 2 41.86 67.20 8.20
CA UNK S 2 40.96 68.24 8.70
C UNK S 2 40.34 67.54 9.90
N UNK S 3 41.23 67.02 10.75
CA UNK S 3 40.89 66.21 11.93
C UNK S 3 39.44 66.22 12.38
N UNK S 4 39.02 65.06 12.86
CA UNK S 4 37.68 64.81 13.37
C UNK S 4 37.47 65.52 14.69
N UNK S 5 38.57 65.79 15.39
CA UNK S 5 38.49 66.51 16.65
C UNK S 5 37.74 67.84 16.39
N UNK S 6 37.65 68.22 15.11
CA UNK S 6 36.94 69.44 14.71
C UNK S 6 35.41 69.26 14.83
N UNK S 7 34.91 68.08 14.45
CA UNK S 7 33.47 67.78 14.54
C UNK S 7 33.09 67.40 15.97
N UNK S 8 33.99 66.70 16.66
CA UNK S 8 33.78 66.27 18.04
C UNK S 8 33.68 67.46 19.02
N UNK S 9 34.49 68.49 18.77
CA UNK S 9 34.52 69.69 19.59
C UNK S 9 33.29 70.58 19.36
N UNK S 10 32.78 70.58 18.13
CA UNK S 10 31.60 71.37 17.79
C UNK S 10 30.43 70.89 18.64
N UNK S 11 30.42 69.60 18.94
CA UNK S 11 29.37 68.98 19.77
C UNK S 11 29.72 68.94 21.26
N UNK S 12 31.02 68.82 21.58
CA UNK S 12 31.49 68.79 22.96
C UNK S 12 31.11 70.09 23.68
N UNK S 13 31.35 71.21 23.00
CA UNK S 13 31.05 72.55 23.51
C UNK S 13 29.61 72.69 23.97
N UNK S 14 28.70 72.06 23.24
CA UNK S 14 27.26 72.09 23.55
C UNK S 14 26.89 71.32 24.83
N UNK S 15 27.72 70.36 25.23
CA UNK S 15 27.44 69.59 26.44
C UNK S 15 27.60 70.44 27.73
N UNK S 16 28.42 71.50 27.63
CA UNK S 16 28.72 72.43 28.75
C UNK S 16 27.56 73.35 29.17
N UNK S 17 26.89 74.00 28.20
CA UNK S 17 25.78 74.89 28.50
C UNK S 17 24.75 74.12 29.31
N UNK S 18 24.73 72.80 29.12
CA UNK S 18 23.82 71.89 29.83
C UNK S 18 24.25 71.63 31.29
N UNK S 19 25.55 71.43 31.51
CA UNK S 19 26.07 71.20 32.86
C UNK S 19 25.99 72.45 33.76
N UNK S 20 26.34 73.62 33.22
CA UNK S 20 26.33 74.90 33.97
C UNK S 20 24.91 75.39 34.33
N UNK S 21 23.97 75.27 33.38
CA UNK S 21 22.59 75.68 33.62
C UNK S 21 21.94 74.71 34.62
N UNK S 22 22.45 73.48 34.66
CA UNK S 22 21.96 72.43 35.56
C UNK S 22 22.57 72.47 36.98
N UNK S 23 23.87 72.75 37.09
CA UNK S 23 24.53 72.81 38.40
C UNK S 23 23.78 73.80 39.31
N MET T 1 0.04 100.77 -15.73
CA MET T 1 -0.92 99.67 -16.06
C MET T 1 -0.19 98.32 -15.99
N THR T 2 0.90 98.19 -16.75
CA THR T 2 1.71 96.97 -16.72
C THR T 2 2.53 97.07 -15.42
N ILE T 3 2.86 98.31 -15.05
CA ILE T 3 3.62 98.61 -13.84
C ILE T 3 2.68 98.71 -12.63
N LEU T 4 1.58 99.43 -12.83
CA LEU T 4 0.56 99.63 -11.79
C LEU T 4 -0.05 98.32 -11.32
N PHE T 5 -0.34 97.45 -12.29
CA PHE T 5 -0.95 96.16 -12.03
C PHE T 5 -0.25 95.31 -10.99
N GLN T 6 1.03 95.04 -11.20
CA GLN T 6 1.79 94.20 -10.28
C GLN T 6 1.76 94.61 -8.80
N LEU T 7 1.47 95.88 -8.53
CA LEU T 7 1.37 96.37 -7.16
C LEU T 7 -0.09 96.18 -6.75
N ALA T 8 -0.97 96.26 -7.74
CA ALA T 8 -2.42 96.09 -7.58
C ALA T 8 -2.78 94.67 -7.15
N LEU T 9 -2.18 93.70 -7.83
CA LEU T 9 -2.43 92.30 -7.51
C LEU T 9 -1.72 91.92 -6.22
N ALA T 10 -0.45 92.33 -6.06
CA ALA T 10 0.31 91.98 -4.87
C ALA T 10 -0.31 92.61 -3.62
N ALA T 11 -1.17 93.61 -3.84
CA ALA T 11 -1.87 94.31 -2.76
C ALA T 11 -2.94 93.36 -2.25
N LEU T 12 -3.72 92.89 -3.22
CA LEU T 12 -4.80 91.94 -3.01
C LEU T 12 -4.40 90.73 -2.19
N VAL T 13 -3.12 90.36 -2.28
CA VAL T 13 -2.62 89.19 -1.54
C VAL T 13 -2.23 89.56 -0.10
N ILE T 14 -1.60 90.70 0.07
CA ILE T 14 -1.19 91.10 1.41
C ILE T 14 -2.45 91.49 2.17
N LEU T 15 -3.52 91.78 1.41
CA LEU T 15 -4.83 92.16 1.97
C LEU T 15 -5.61 90.89 2.37
N SER T 16 -5.43 89.82 1.61
CA SER T 16 -6.12 88.56 1.89
C SER T 16 -5.43 87.80 3.02
N PHE T 17 -4.09 87.82 3.03
CA PHE T 17 -3.30 87.16 4.08
C PHE T 17 -3.75 87.84 5.38
N VAL T 18 -4.03 89.15 5.25
CA VAL T 18 -4.52 89.99 6.33
C VAL T 18 -5.97 89.56 6.60
N MET T 19 -6.86 89.81 5.63
CA MET T 19 -8.28 89.44 5.71
C MET T 19 -8.50 88.06 6.34
N VAL T 20 -7.60 87.13 6.04
CA VAL T 20 -7.67 85.77 6.58
C VAL T 20 -7.43 85.77 8.08
N ILE T 21 -6.20 85.94 8.52
CA ILE T 21 -5.92 85.93 9.95
C ILE T 21 -6.99 86.74 10.70
N GLY T 22 -7.52 87.78 10.03
CA GLY T 22 -8.53 88.63 10.62
C GLY T 22 -9.80 87.96 11.11
N VAL T 23 -10.78 87.80 10.23
CA VAL T 23 -12.10 87.20 10.58
C VAL T 23 -12.00 86.07 11.59
N PRO T 24 -11.02 85.17 11.42
CA PRO T 24 -10.81 84.06 12.33
C PRO T 24 -10.72 84.57 13.76
N VAL T 25 -9.72 85.39 14.03
CA VAL T 25 -9.58 85.91 15.37
C VAL T 25 -10.86 86.63 15.76
N ALA T 26 -11.48 87.32 14.80
CA ALA T 26 -12.71 88.09 15.03
C ALA T 26 -13.90 87.36 15.67
N TYR T 27 -14.46 86.39 14.95
CA TYR T 27 -15.61 85.63 15.41
C TYR T 27 -15.24 84.89 16.70
N ALA T 28 -13.94 84.72 16.88
CA ALA T 28 -13.36 84.05 18.02
C ALA T 28 -13.45 84.96 19.25
N SER T 29 -12.91 86.17 19.11
CA SER T 29 -12.94 87.17 20.19
C SER T 29 -14.15 88.10 19.98
N PRO T 30 -15.30 87.75 20.59
CA PRO T 30 -16.50 88.59 20.43
C PRO T 30 -16.47 89.91 21.21
N GLN T 31 -15.41 90.13 21.98
CA GLN T 31 -15.26 91.37 22.75
C GLN T 31 -15.31 92.59 21.80
N ASP T 32 -14.72 92.42 20.62
CA ASP T 32 -14.72 93.45 19.58
C ASP T 32 -15.50 92.97 18.36
N TRP T 33 -16.64 92.32 18.57
CA TRP T 33 -17.48 91.86 17.45
C TRP T 33 -18.09 93.14 16.90
N ASP T 34 -18.19 94.13 17.80
CA ASP T 34 -18.75 95.46 17.57
C ASP T 34 -17.82 96.46 16.86
N ARG T 35 -16.51 96.35 17.09
CA ARG T 35 -15.57 97.25 16.44
C ARG T 35 -14.86 96.59 15.24
N SER T 36 -14.34 95.38 15.44
CA SER T 36 -13.65 94.63 14.38
C SER T 36 -14.62 94.35 13.21
N LYS T 37 -15.92 94.40 13.50
CA LYS T 37 -16.98 94.19 12.52
C LYS T 37 -16.60 94.96 11.26
N GLN T 38 -16.00 96.10 11.50
CA GLN T 38 -15.59 97.00 10.44
C GLN T 38 -14.23 96.70 9.86
N LEU T 39 -13.37 96.07 10.65
CA LEU T 39 -12.05 95.68 10.19
C LEU T 39 -12.26 94.51 9.22
N ILE T 40 -13.46 93.94 9.29
CA ILE T 40 -13.92 92.81 8.46
C ILE T 40 -14.57 93.31 7.16
N PHE T 41 -15.22 94.49 7.23
CA PHE T 41 -15.85 95.12 6.06
C PHE T 41 -14.81 95.98 5.34
N LEU T 42 -13.74 96.29 6.07
CA LEU T 42 -12.62 97.08 5.56
C LEU T 42 -12.10 96.36 4.32
N GLY T 43 -11.43 95.22 4.53
CA GLY T 43 -10.89 94.46 3.43
C GLY T 43 -11.95 94.07 2.43
N SER T 44 -13.05 93.52 2.92
CA SER T 44 -14.17 93.05 2.11
C SER T 44 -14.43 93.80 0.81
N GLY T 45 -15.08 94.95 0.88
CA GLY T 45 -15.34 95.70 -0.34
C GLY T 45 -14.03 96.07 -1.04
N LEU T 46 -12.99 96.35 -0.27
CA LEU T 46 -11.67 96.71 -0.81
C LEU T 46 -11.01 95.50 -1.48
N TRP T 47 -11.41 94.33 -1.01
CA TRP T 47 -10.93 93.03 -1.46
C TRP T 47 -11.69 92.73 -2.76
N ILE T 48 -13.02 92.70 -2.66
CA ILE T 48 -13.88 92.46 -3.83
C ILE T 48 -13.52 93.49 -4.87
N ALA T 49 -13.46 94.74 -4.42
CA ALA T 49 -13.11 95.82 -5.30
C ALA T 49 -11.70 95.56 -5.83
N LEU T 50 -10.81 95.09 -4.96
CA LEU T 50 -9.44 94.86 -5.40
C LEU T 50 -9.37 93.74 -6.42
N VAL T 51 -10.33 92.84 -6.39
CA VAL T 51 -10.36 91.73 -7.33
C VAL T 51 -10.91 92.20 -8.68
N LEU T 52 -12.04 92.91 -8.65
CA LEU T 52 -12.62 93.43 -9.88
C LEU T 52 -11.60 94.38 -10.51
N VAL T 53 -10.70 94.91 -9.68
CA VAL T 53 -9.63 95.82 -10.12
C VAL T 53 -8.61 95.03 -10.93
N VAL T 54 -8.18 93.90 -10.37
CA VAL T 54 -7.24 93.04 -11.06
C VAL T 54 -8.01 92.68 -12.32
N GLY T 55 -9.31 92.92 -12.21
CA GLY T 55 -10.26 92.67 -13.28
C GLY T 55 -9.79 93.19 -14.61
N VAL T 56 -10.28 94.38 -14.92
CA VAL T 56 -9.94 95.07 -16.13
C VAL T 56 -8.43 95.24 -16.25
N LEU T 57 -7.72 94.95 -15.16
CA LEU T 57 -6.27 95.09 -15.19
C LEU T 57 -5.61 93.96 -15.99
N ASN T 58 -5.96 92.70 -15.72
CA ASN T 58 -5.37 91.58 -16.45
C ASN T 58 -5.63 91.58 -17.95
N PHE T 59 -6.82 92.03 -18.37
CA PHE T 59 -7.14 92.07 -19.79
C PHE T 59 -6.38 93.27 -20.38
N PHE T 60 -5.26 93.63 -19.76
CA PHE T 60 -4.48 94.77 -20.24
C PHE T 60 -2.95 94.65 -20.31
N VAL T 61 -2.39 93.63 -19.68
CA VAL T 61 -0.94 93.43 -19.71
C VAL T 61 -0.54 92.17 -20.52
N VAL T 62 -1.49 91.25 -20.71
CA VAL T 62 -1.27 90.01 -21.49
C VAL T 62 -2.52 89.44 -22.21
N SER U 10 18.50 -21.59 57.73
CA SER U 10 18.20 -22.89 57.05
C SER U 10 19.32 -23.96 57.19
N ALA U 11 18.90 -25.24 57.23
CA ALA U 11 19.81 -26.39 57.33
C ALA U 11 20.52 -26.57 55.97
N ASN U 12 19.76 -26.43 54.88
CA ASN U 12 20.24 -26.50 53.47
C ASN U 12 19.35 -25.48 52.73
N LEU U 13 19.93 -24.78 51.75
CA LEU U 13 19.21 -23.74 50.98
C LEU U 13 18.34 -24.29 49.84
N TRP U 14 18.70 -25.50 49.38
CA TRP U 14 18.01 -26.24 48.34
C TRP U 14 16.59 -26.53 48.83
N GLU U 15 16.43 -26.70 50.15
CA GLU U 15 15.13 -26.98 50.76
C GLU U 15 13.99 -26.14 50.11
N ARG U 16 14.25 -24.84 49.89
CA ARG U 16 13.31 -23.88 49.29
C ARG U 16 13.14 -24.16 47.77
N PHE U 17 14.21 -24.55 47.11
CA PHE U 17 14.18 -24.88 45.69
C PHE U 17 13.18 -26.04 45.53
N CYS U 18 13.27 -26.98 46.47
CA CYS U 18 12.45 -28.18 46.53
C CYS U 18 10.95 -27.94 46.68
N ASN U 19 10.56 -26.94 47.47
CA ASN U 19 9.13 -26.66 47.64
C ASN U 19 8.59 -25.74 46.54
N TRP U 20 9.49 -24.93 45.99
CA TRP U 20 9.18 -23.98 44.93
C TRP U 20 8.81 -24.74 43.67
N VAL U 21 9.71 -25.61 43.23
CA VAL U 21 9.44 -26.40 42.06
C VAL U 21 8.05 -26.98 42.27
N THR U 22 7.84 -27.61 43.43
CA THR U 22 6.54 -28.19 43.73
C THR U 22 5.58 -27.19 44.39
N SER U 23 5.72 -25.92 44.08
CA SER U 23 4.83 -24.91 44.64
C SER U 23 3.43 -25.10 44.13
N THR U 24 2.56 -25.66 44.96
CA THR U 24 1.19 -25.89 44.54
C THR U 24 0.44 -24.57 44.27
N ASP U 25 1.10 -23.43 44.48
CA ASP U 25 0.46 -22.14 44.26
C ASP U 25 1.16 -21.17 43.32
N ASN U 26 2.24 -21.60 42.68
CA ASN U 26 2.94 -20.72 41.73
C ASN U 26 2.07 -20.50 40.50
N ARG U 27 1.74 -19.24 40.24
CA ARG U 27 0.91 -18.84 39.12
C ARG U 27 0.88 -19.93 38.06
N LEU U 28 2.07 -20.38 37.68
CA LEU U 28 2.24 -21.43 36.67
C LEU U 28 3.06 -22.57 37.26
N TYR U 29 2.41 -23.69 37.52
CA TYR U 29 3.10 -24.83 38.10
C TYR U 29 4.25 -25.31 37.23
N VAL U 30 5.33 -25.68 37.88
CA VAL U 30 6.51 -26.17 37.21
C VAL U 30 7.00 -27.35 38.03
N GLY U 31 6.62 -28.56 37.63
CA GLY U 31 7.02 -29.71 38.41
C GLY U 31 8.45 -30.11 38.16
N TRP U 32 8.76 -31.37 38.49
CA TRP U 32 10.10 -31.91 38.27
C TRP U 32 10.24 -32.13 36.77
N PHE U 33 9.13 -32.44 36.13
CA PHE U 33 9.10 -32.59 34.70
C PHE U 33 9.32 -31.17 34.27
N GLY U 34 8.58 -30.28 34.93
CA GLY U 34 8.71 -28.87 34.66
C GLY U 34 10.15 -28.51 34.37
N VAL U 35 11.03 -28.66 35.36
CA VAL U 35 12.45 -28.31 35.19
C VAL U 35 13.18 -28.79 33.93
N ILE U 36 12.54 -29.67 33.16
CA ILE U 36 13.12 -30.15 31.92
C ILE U 36 12.26 -29.59 30.81
N MET U 37 10.95 -29.75 30.95
CA MET U 37 10.03 -29.24 29.96
C MET U 37 10.41 -27.78 29.79
N ILE U 38 10.02 -26.97 30.75
CA ILE U 38 10.27 -25.53 30.72
C ILE U 38 11.38 -25.10 29.74
N PRO U 39 12.60 -25.62 29.90
CA PRO U 39 13.55 -25.13 28.88
C PRO U 39 13.61 -25.93 27.59
N THR U 40 13.53 -27.26 27.66
CA THR U 40 13.57 -28.06 26.44
C THR U 40 12.74 -27.42 25.32
N LEU U 41 11.63 -26.79 25.70
CA LEU U 41 10.74 -26.13 24.74
C LEU U 41 11.20 -24.70 24.47
N LEU U 42 11.78 -24.07 25.50
CA LEU U 42 12.31 -22.71 25.43
C LEU U 42 13.43 -22.60 24.40
N ALA U 43 14.21 -23.68 24.27
CA ALA U 43 15.30 -23.71 23.31
C ALA U 43 14.70 -24.10 21.97
N ALA U 44 13.81 -25.10 22.04
CA ALA U 44 13.08 -25.66 20.89
C ALA U 44 12.31 -24.59 20.14
N THR U 45 11.59 -23.78 20.89
CA THR U 45 10.83 -22.71 20.32
C THR U 45 11.77 -21.69 19.71
N ILE U 46 12.70 -21.18 20.50
CA ILE U 46 13.65 -20.17 20.03
C ILE U 46 14.32 -20.49 18.70
N CYS U 47 14.79 -21.72 18.53
CA CYS U 47 15.43 -22.13 17.28
C CYS U 47 14.34 -21.97 16.21
N PHE U 48 13.18 -22.59 16.45
CA PHE U 48 12.07 -22.53 15.51
C PHE U 48 11.75 -21.13 15.01
N VAL U 49 11.08 -20.34 15.86
CA VAL U 49 10.68 -18.98 15.52
C VAL U 49 11.64 -18.25 14.60
N ILE U 50 12.91 -18.59 14.69
CA ILE U 50 13.92 -17.93 13.88
C ILE U 50 14.08 -18.60 12.53
N ALA U 51 14.21 -19.92 12.59
CA ALA U 51 14.37 -20.73 11.41
C ALA U 51 13.32 -20.36 10.40
N PHE U 52 12.15 -20.03 10.92
CA PHE U 52 11.02 -19.67 10.09
C PHE U 52 11.31 -18.28 9.54
N ILE U 53 11.43 -17.34 10.45
CA ILE U 53 11.68 -15.97 10.10
C ILE U 53 12.88 -15.83 9.17
N ALA U 54 13.97 -16.54 9.44
CA ALA U 54 15.12 -16.40 8.56
C ALA U 54 16.08 -17.56 8.57
N ALA U 55 15.86 -18.50 7.65
CA ALA U 55 16.73 -19.64 7.56
C ALA U 55 16.91 -20.08 6.12
N PRO U 56 18.14 -20.47 5.76
CA PRO U 56 18.51 -20.92 4.42
C PRO U 56 17.72 -22.13 3.95
N PRO U 57 17.89 -22.48 2.67
CA PRO U 57 17.18 -23.64 2.11
C PRO U 57 17.74 -24.90 2.75
N VAL U 58 17.30 -26.07 2.28
CA VAL U 58 17.79 -27.36 2.81
C VAL U 58 17.72 -28.46 1.76
N ASP U 59 18.81 -29.20 1.57
CA ASP U 59 18.86 -30.26 0.55
C ASP U 59 17.89 -31.40 0.78
N ILE U 60 17.16 -31.35 1.89
CA ILE U 60 16.17 -32.37 2.21
C ILE U 60 16.46 -33.66 1.48
N ASP U 61 15.65 -33.94 0.46
CA ASP U 61 15.78 -35.14 -0.34
C ASP U 61 17.25 -35.51 -0.52
N GLY U 62 17.49 -36.77 -0.85
CA GLY U 62 18.84 -37.28 -1.03
C GLY U 62 19.83 -36.48 -1.86
N ILE U 63 19.33 -35.51 -2.63
CA ILE U 63 20.21 -34.73 -3.49
C ILE U 63 20.69 -33.39 -2.92
N ARG U 64 20.94 -32.50 -3.87
CA ARG U 64 21.41 -31.18 -3.58
C ARG U 64 20.47 -30.22 -4.29
N GLU U 65 19.21 -30.33 -3.91
CA GLU U 65 18.19 -29.46 -4.43
C GLU U 65 17.79 -28.82 -3.13
N PRO U 66 18.12 -27.55 -2.95
CA PRO U 66 17.76 -26.86 -1.71
C PRO U 66 16.31 -26.33 -1.72
N VAL U 67 15.56 -26.72 -0.69
CA VAL U 67 14.17 -26.32 -0.52
C VAL U 67 14.12 -25.19 0.50
N SER U 68 13.72 -24.01 0.04
CA SER U 68 13.63 -22.85 0.92
C SER U 68 12.38 -22.82 1.76
N GLY U 69 12.54 -22.46 3.03
CA GLY U 69 11.39 -22.40 3.90
C GLY U 69 11.57 -21.40 5.02
N SER U 70 11.69 -20.13 4.66
CA SER U 70 11.84 -19.06 5.63
C SER U 70 11.15 -17.85 5.02
N LEU U 71 10.44 -17.11 5.85
CA LEU U 71 9.72 -15.95 5.36
C LEU U 71 10.66 -14.99 4.67
N LEU U 72 11.85 -14.82 5.25
CA LEU U 72 12.86 -13.92 4.69
C LEU U 72 13.52 -14.48 3.46
N TYR U 73 13.20 -15.74 3.14
CA TYR U 73 13.75 -16.40 1.95
C TYR U 73 12.66 -16.66 0.93
N GLY U 74 11.50 -16.08 1.13
CA GLY U 74 10.43 -16.25 0.17
C GLY U 74 9.31 -17.19 0.52
N ASN U 75 8.75 -17.03 1.72
CA ASN U 75 7.65 -17.90 2.13
C ASN U 75 6.42 -17.11 2.61
N ASN U 76 5.24 -17.55 2.20
CA ASN U 76 4.03 -16.89 2.66
C ASN U 76 3.87 -17.63 3.96
N ILE U 77 3.01 -17.17 4.86
CA ILE U 77 2.87 -17.87 6.12
C ILE U 77 2.48 -19.32 5.88
N ILE U 78 1.78 -19.59 4.80
CA ILE U 78 1.35 -20.96 4.49
C ILE U 78 2.47 -21.78 3.87
N THR U 79 3.22 -21.16 2.98
CA THR U 79 4.32 -21.86 2.32
C THR U 79 5.41 -22.12 3.37
N GLY U 80 5.36 -21.31 4.42
CA GLY U 80 6.34 -21.40 5.48
C GLY U 80 6.54 -22.78 6.02
N ALA U 81 7.75 -23.02 6.49
CA ALA U 81 8.12 -24.29 7.07
C ALA U 81 9.61 -24.37 7.28
N VAL U 82 10.02 -25.00 8.36
CA VAL U 82 11.41 -25.19 8.63
C VAL U 82 11.59 -26.61 8.16
N VAL U 83 12.54 -26.82 7.27
CA VAL U 83 12.73 -28.15 6.71
C VAL U 83 13.52 -29.16 7.51
N PRO U 84 13.29 -30.45 7.21
CA PRO U 84 13.91 -31.64 7.80
C PRO U 84 15.42 -31.77 7.61
N SER U 85 15.96 -32.93 7.97
CA SER U 85 17.38 -33.21 7.82
C SER U 85 17.47 -33.97 6.49
N SER U 86 18.62 -33.96 5.82
CA SER U 86 18.72 -34.66 4.54
C SER U 86 18.94 -36.16 4.56
N ASN U 87 18.48 -36.81 3.50
CA ASN U 87 18.63 -38.27 3.34
C ASN U 87 20.12 -38.60 3.53
N ALA U 88 20.98 -37.58 3.57
CA ALA U 88 22.42 -37.80 3.74
C ALA U 88 22.70 -38.28 5.16
N ILE U 89 21.98 -37.69 6.10
CA ILE U 89 22.10 -38.00 7.51
C ILE U 89 21.09 -39.07 7.86
N GLY U 90 19.86 -38.88 7.39
CA GLY U 90 18.82 -39.84 7.65
C GLY U 90 18.56 -40.02 9.13
N LEU U 91 19.24 -41.00 9.73
CA LEU U 91 19.09 -41.27 11.16
C LEU U 91 20.26 -40.88 12.02
N HIS U 92 21.46 -40.86 11.45
CA HIS U 92 22.62 -40.44 12.22
C HIS U 92 22.16 -39.22 13.00
N PHE U 93 22.81 -38.92 14.10
CA PHE U 93 22.47 -37.77 14.93
C PHE U 93 23.23 -36.53 14.42
N TYR U 94 22.55 -35.58 13.80
CA TYR U 94 23.24 -34.40 13.29
C TYR U 94 23.07 -33.21 14.22
N PRO U 95 23.78 -33.22 15.35
CA PRO U 95 23.68 -32.13 16.32
C PRO U 95 24.57 -30.99 15.86
N ILE U 96 24.33 -29.79 16.38
CA ILE U 96 25.12 -28.63 16.02
C ILE U 96 26.62 -28.78 16.07
N TRP U 97 27.18 -29.66 16.90
CA TRP U 97 28.63 -29.77 16.91
C TRP U 97 29.20 -30.71 15.86
N GLU U 98 28.48 -31.78 15.52
CA GLU U 98 28.98 -32.72 14.50
C GLU U 98 29.21 -32.03 13.15
N ALA U 99 28.48 -30.96 12.91
CA ALA U 99 28.65 -30.22 11.67
C ALA U 99 29.85 -29.29 11.78
N ALA U 100 30.66 -29.23 10.73
CA ALA U 100 31.80 -28.35 10.73
C ALA U 100 31.23 -26.94 10.83
N SER U 101 31.29 -26.19 9.73
CA SER U 101 30.78 -24.82 9.72
C SER U 101 29.35 -24.71 10.16
N LEU U 102 29.07 -23.68 10.94
CA LEU U 102 27.71 -23.47 11.38
C LEU U 102 26.82 -23.65 10.16
N ASP U 103 27.22 -23.07 9.04
CA ASP U 103 26.42 -23.15 7.84
C ASP U 103 26.15 -24.56 7.37
N GLU U 104 26.98 -25.51 7.78
CA GLU U 104 26.75 -26.88 7.34
C GLU U 104 25.46 -27.32 7.97
N TRP U 105 25.42 -27.25 9.29
CA TRP U 105 24.24 -27.61 10.02
C TRP U 105 23.08 -26.89 9.34
N LEU U 106 23.30 -25.63 9.00
CA LEU U 106 22.28 -24.85 8.34
C LEU U 106 21.73 -25.54 7.10
N TYR U 107 22.61 -25.74 6.13
CA TYR U 107 22.26 -26.36 4.85
C TYR U 107 21.71 -27.77 5.00
N ASN U 108 22.51 -28.67 5.57
CA ASN U 108 22.09 -30.05 5.73
C ASN U 108 20.86 -30.20 6.61
N GLY U 109 20.21 -29.09 6.88
CA GLY U 109 18.99 -29.11 7.67
C GLY U 109 19.07 -29.68 9.06
N GLY U 110 19.94 -29.11 9.89
CA GLY U 110 20.06 -29.57 11.27
C GLY U 110 19.10 -28.88 12.22
N PRO U 111 18.45 -27.77 11.82
CA PRO U 111 17.56 -27.19 12.83
C PRO U 111 16.52 -28.23 13.17
N TYR U 112 15.96 -28.83 12.14
CA TYR U 112 14.93 -29.81 12.36
C TYR U 112 15.20 -30.61 13.60
N GLN U 113 16.16 -31.52 13.54
CA GLN U 113 16.45 -32.34 14.72
C GLN U 113 16.35 -31.55 16.02
N LEU U 114 16.99 -30.39 16.07
CA LEU U 114 16.92 -29.59 17.29
C LEU U 114 15.46 -29.37 17.63
N ILE U 115 14.77 -28.59 16.80
CA ILE U 115 13.37 -28.33 17.06
C ILE U 115 12.63 -29.62 17.35
N ILE U 116 12.57 -30.53 16.39
CA ILE U 116 11.86 -31.78 16.60
C ILE U 116 12.26 -32.46 17.90
N PHE U 117 13.49 -32.97 17.98
CA PHE U 117 13.95 -33.67 19.18
C PHE U 117 13.60 -32.97 20.46
N HIS U 118 13.77 -31.66 20.47
CA HIS U 118 13.48 -30.88 21.66
C HIS U 118 12.03 -30.87 22.11
N PHE U 119 11.15 -30.24 21.33
CA PHE U 119 9.74 -30.21 21.68
C PHE U 119 9.26 -31.65 21.87
N LEU U 120 9.44 -32.44 20.83
CA LEU U 120 9.06 -33.83 20.85
C LEU U 120 9.45 -34.47 22.19
N LEU U 121 10.40 -33.88 22.90
CA LEU U 121 10.82 -34.37 24.22
C LEU U 121 9.99 -33.61 25.26
N GLY U 122 10.44 -32.40 25.59
CA GLY U 122 9.75 -31.56 26.56
C GLY U 122 8.26 -31.68 26.48
N ALA U 123 7.76 -32.08 25.33
CA ALA U 123 6.34 -32.26 25.15
C ALA U 123 5.88 -33.27 26.16
N SER U 124 6.50 -34.44 26.13
CA SER U 124 6.17 -35.54 27.02
C SER U 124 6.24 -35.15 28.50
N CYS U 125 7.26 -34.39 28.86
CA CYS U 125 7.40 -33.92 30.23
C CYS U 125 6.20 -33.07 30.60
N TYR U 126 5.65 -32.36 29.62
CA TYR U 126 4.46 -31.56 29.85
C TYR U 126 3.39 -32.59 30.16
N MET U 127 3.44 -33.73 29.46
CA MET U 127 2.50 -34.82 29.68
C MET U 127 2.64 -35.32 31.12
N GLY U 128 3.88 -35.40 31.59
CA GLY U 128 4.13 -35.80 32.96
C GLY U 128 3.61 -34.71 33.88
N ARG U 129 4.15 -33.50 33.72
CA ARG U 129 3.74 -32.33 34.49
C ARG U 129 2.26 -32.03 34.22
N GLN U 130 1.65 -32.87 33.38
CA GLN U 130 0.24 -32.78 33.02
C GLN U 130 -0.48 -33.47 34.18
N TRP U 131 0.19 -34.45 34.75
CA TRP U 131 -0.33 -35.23 35.86
C TRP U 131 0.26 -34.78 37.21
N GLU U 132 1.50 -34.33 37.21
CA GLU U 132 2.16 -33.90 38.45
C GLU U 132 1.31 -32.88 39.20
N LEU U 133 0.48 -32.13 38.48
CA LEU U 133 -0.37 -31.15 39.14
C LEU U 133 -1.61 -31.88 39.67
N SER U 134 -1.96 -33.02 39.06
CA SER U 134 -3.13 -33.77 39.51
C SER U 134 -2.76 -34.54 40.78
N TYR U 135 -1.48 -34.55 41.12
CA TYR U 135 -1.05 -35.22 42.33
C TYR U 135 -0.95 -34.17 43.44
N ARG U 136 -0.23 -33.07 43.17
CA ARG U 136 -0.08 -32.01 44.16
C ARG U 136 -1.43 -31.39 44.46
N LEU U 137 -2.35 -31.50 43.49
CA LEU U 137 -3.66 -30.93 43.67
C LEU U 137 -4.65 -31.93 44.23
N GLY U 138 -4.28 -33.21 44.18
CA GLY U 138 -5.11 -34.26 44.73
C GLY U 138 -6.35 -34.67 43.96
N MET U 139 -6.26 -34.61 42.63
CA MET U 139 -7.39 -34.96 41.78
C MET U 139 -7.15 -36.21 40.97
N ARG U 140 -8.21 -36.98 40.76
CA ARG U 140 -8.12 -38.18 39.96
C ARG U 140 -7.22 -37.80 38.79
N PRO U 141 -6.34 -38.71 38.34
CA PRO U 141 -5.54 -38.23 37.23
C PRO U 141 -5.57 -38.98 35.91
N TRP U 142 -6.69 -39.61 35.54
CA TRP U 142 -6.72 -40.25 34.23
C TRP U 142 -6.84 -39.13 33.18
N ILE U 143 -6.30 -37.95 33.51
CA ILE U 143 -6.33 -36.81 32.62
C ILE U 143 -5.11 -36.82 31.70
N CYS U 144 -3.91 -36.83 32.28
CA CYS U 144 -2.68 -36.81 31.50
C CYS U 144 -2.73 -37.75 30.30
N VAL U 145 -3.46 -38.85 30.44
CA VAL U 145 -3.59 -39.82 29.38
C VAL U 145 -4.30 -39.24 28.16
N ALA U 146 -5.34 -38.46 28.39
CA ALA U 146 -6.06 -37.86 27.26
C ALA U 146 -4.99 -37.26 26.37
N TYR U 147 -4.10 -36.50 26.99
CA TYR U 147 -3.00 -35.82 26.31
C TYR U 147 -2.09 -36.74 25.47
N SER U 148 -2.04 -38.01 25.83
CA SER U 148 -1.22 -38.99 25.12
C SER U 148 -1.50 -38.94 23.63
N ALA U 149 -2.67 -39.44 23.23
CA ALA U 149 -3.10 -39.46 21.83
C ALA U 149 -2.41 -38.33 21.08
N PRO U 150 -2.54 -37.11 21.61
CA PRO U 150 -1.88 -36.01 20.93
C PRO U 150 -0.38 -36.33 20.80
N LEU U 151 0.34 -36.24 21.92
CA LEU U 151 1.77 -36.49 21.93
C LEU U 151 2.21 -37.74 21.18
N ALA U 152 1.37 -38.77 21.16
CA ALA U 152 1.71 -40.00 20.47
C ALA U 152 1.90 -39.66 19.01
N SER U 153 0.87 -39.08 18.42
CA SER U 153 0.92 -38.69 17.03
C SER U 153 2.15 -37.83 16.73
N ALA U 154 2.28 -36.69 17.41
CA ALA U 154 3.42 -35.79 17.19
C ALA U 154 4.72 -36.56 17.24
N PHE U 155 4.74 -37.62 18.04
CA PHE U 155 5.89 -38.51 18.23
C PHE U 155 5.98 -39.43 17.03
N ALA U 156 4.79 -39.84 16.58
CA ALA U 156 4.65 -40.74 15.45
C ALA U 156 5.09 -40.09 14.17
N VAL U 157 4.65 -38.86 13.98
CA VAL U 157 4.97 -38.13 12.79
C VAL U 157 6.35 -37.49 12.86
N PHE U 158 7.07 -37.70 13.95
CA PHE U 158 8.40 -37.11 14.07
C PHE U 158 9.47 -38.10 14.51
N LEU U 159 9.03 -39.25 15.02
CA LEU U 159 10.01 -40.18 15.53
C LEU U 159 9.90 -41.63 15.17
N ILE U 160 8.68 -42.08 14.95
CA ILE U 160 8.50 -43.46 14.59
C ILE U 160 8.70 -43.53 13.09
N TYR U 161 7.81 -42.89 12.36
CA TYR U 161 7.90 -42.92 10.91
C TYR U 161 9.33 -42.74 10.44
N PRO U 162 10.09 -41.83 11.06
CA PRO U 162 11.48 -41.61 10.65
C PRO U 162 12.29 -42.89 10.84
N ILE U 163 12.21 -43.46 12.03
CA ILE U 163 12.93 -44.69 12.32
C ILE U 163 12.37 -45.77 11.42
N GLY U 164 11.14 -45.57 10.99
CA GLY U 164 10.52 -46.54 10.10
C GLY U 164 11.14 -46.52 8.73
N GLN U 165 11.23 -45.33 8.13
CA GLN U 165 11.79 -45.25 6.79
C GLN U 165 13.30 -44.98 6.83
N GLY U 166 13.85 -44.89 8.03
CA GLY U 166 15.27 -44.70 8.11
C GLY U 166 15.81 -43.29 8.10
N SER U 167 15.02 -42.29 7.71
CA SER U 167 15.52 -40.92 7.72
C SER U 167 14.58 -39.85 8.23
N PHE U 168 15.13 -38.96 9.03
CA PHE U 168 14.31 -37.90 9.53
C PHE U 168 13.84 -37.13 8.32
N SER U 169 14.41 -37.48 7.16
CA SER U 169 14.05 -36.84 5.90
C SER U 169 12.57 -36.76 5.67
N ASP U 170 11.90 -37.88 5.91
CA ASP U 170 10.45 -38.01 5.68
C ASP U 170 9.57 -37.83 6.91
N GLY U 171 9.92 -36.90 7.79
CA GLY U 171 9.11 -36.67 8.97
C GLY U 171 8.37 -35.34 8.93
N MET U 172 7.05 -35.38 8.74
CA MET U 172 6.23 -34.16 8.67
C MET U 172 7.01 -32.88 8.92
N PRO U 173 7.43 -32.21 7.85
CA PRO U 173 8.20 -30.98 7.99
C PRO U 173 7.47 -29.87 8.74
N LEU U 174 8.14 -29.35 9.77
CA LEU U 174 7.59 -28.29 10.60
C LEU U 174 7.26 -27.04 9.78
N GLY U 175 5.99 -26.89 9.45
CA GLY U 175 5.55 -25.76 8.66
C GLY U 175 4.19 -26.09 8.11
N ILE U 176 3.43 -25.09 7.68
CA ILE U 176 2.09 -25.34 7.16
C ILE U 176 2.02 -26.15 5.90
N SER U 177 2.58 -25.63 4.82
CA SER U 177 2.49 -26.35 3.59
C SER U 177 3.28 -27.64 3.66
N GLY U 178 4.18 -27.73 4.64
CA GLY U 178 4.97 -28.94 4.77
C GLY U 178 4.10 -30.14 5.06
N THR U 179 3.24 -30.00 6.07
CA THR U 179 2.34 -31.07 6.45
C THR U 179 1.64 -31.55 5.19
N PHE U 180 0.92 -30.65 4.52
CA PHE U 180 0.22 -31.02 3.30
C PHE U 180 1.12 -31.93 2.50
N ASN U 181 2.41 -31.59 2.40
CA ASN U 181 3.32 -32.43 1.64
C ASN U 181 3.45 -33.81 2.25
N PHE U 182 3.93 -33.87 3.49
CA PHE U 182 4.10 -35.12 4.21
C PHE U 182 2.90 -36.01 3.96
N MET U 183 1.74 -35.38 3.89
CA MET U 183 0.52 -36.07 3.65
C MET U 183 0.42 -36.66 2.24
N ILE U 184 0.03 -35.85 1.26
CA ILE U 184 -0.15 -36.30 -0.13
C ILE U 184 0.83 -37.38 -0.56
N VAL U 185 2.05 -37.26 -0.07
CA VAL U 185 3.06 -38.25 -0.36
C VAL U 185 2.61 -39.56 0.21
N PHE U 186 2.46 -39.55 1.53
CA PHE U 186 2.04 -40.71 2.26
C PHE U 186 0.94 -41.46 1.54
N GLN U 187 -0.24 -40.84 1.40
CA GLN U 187 -1.36 -41.51 0.72
C GLN U 187 -0.75 -42.40 -0.34
N ALA U 188 0.06 -41.79 -1.19
CA ALA U 188 0.72 -42.46 -2.30
C ALA U 188 1.50 -43.70 -1.93
N GLU U 189 2.33 -43.60 -0.90
CA GLU U 189 3.15 -44.74 -0.52
C GLU U 189 2.49 -45.68 0.51
N HIS U 190 1.36 -45.26 1.09
CA HIS U 190 0.69 -46.08 2.09
C HIS U 190 -0.81 -46.25 1.92
N ASN U 191 -1.41 -45.50 1.01
CA ASN U 191 -2.84 -45.59 0.77
C ASN U 191 -3.52 -45.40 2.12
N ILE U 192 -2.88 -44.63 2.98
CA ILE U 192 -3.37 -44.37 4.34
C ILE U 192 -4.89 -44.22 4.39
N LEU U 193 -5.44 -43.46 3.46
CA LEU U 193 -6.88 -43.22 3.41
C LEU U 193 -7.73 -44.49 3.44
N MET U 194 -7.16 -45.58 2.93
CA MET U 194 -7.82 -46.88 2.87
C MET U 194 -7.39 -47.72 4.05
N HIS U 195 -6.81 -47.09 5.06
CA HIS U 195 -6.33 -47.83 6.21
C HIS U 195 -7.31 -47.81 7.37
N PRO U 196 -7.75 -49.00 7.79
CA PRO U 196 -8.69 -49.27 8.88
C PRO U 196 -8.44 -48.46 10.12
N PHE U 197 -7.17 -48.16 10.39
CA PHE U 197 -6.80 -47.38 11.55
C PHE U 197 -7.21 -45.91 11.38
N HIS U 198 -6.60 -45.25 10.41
CA HIS U 198 -6.89 -43.84 10.14
C HIS U 198 -8.40 -43.66 10.19
N GLN U 199 -9.13 -44.66 9.71
CA GLN U 199 -10.57 -44.59 9.73
C GLN U 199 -11.00 -44.30 11.16
N LEU U 200 -10.75 -45.27 12.03
CA LEU U 200 -11.11 -45.16 13.44
C LEU U 200 -10.57 -43.86 13.99
N GLY U 201 -9.67 -43.27 13.23
CA GLY U 201 -9.12 -42.01 13.65
C GLY U 201 -10.07 -40.93 13.20
N VAL U 202 -10.21 -40.76 11.89
CA VAL U 202 -11.13 -39.76 11.37
C VAL U 202 -12.45 -39.99 12.07
N ALA U 203 -12.63 -41.21 12.58
CA ALA U 203 -13.85 -41.58 13.26
C ALA U 203 -14.11 -40.67 14.45
N GLY U 204 -13.32 -40.88 15.50
CA GLY U 204 -13.46 -40.09 16.70
C GLY U 204 -13.32 -38.60 16.43
N VAL U 205 -12.20 -38.17 15.83
CA VAL U 205 -12.01 -36.75 15.57
C VAL U 205 -13.30 -36.12 15.10
N PHE U 206 -13.91 -36.73 14.08
CA PHE U 206 -15.17 -36.24 13.53
C PHE U 206 -16.20 -36.30 14.62
N GLY U 207 -16.20 -37.43 15.33
CA GLY U 207 -17.13 -37.60 16.43
C GLY U 207 -16.92 -36.49 17.45
N GLY U 208 -15.80 -36.54 18.17
CA GLY U 208 -15.49 -35.54 19.17
C GLY U 208 -15.88 -34.14 18.73
N ALA U 209 -15.57 -33.83 17.48
CA ALA U 209 -15.90 -32.54 16.94
C ALA U 209 -17.41 -32.38 16.79
N LEU U 210 -18.11 -33.50 16.82
CA LEU U 210 -19.57 -33.49 16.73
C LEU U 210 -20.16 -33.54 18.13
N PHE U 211 -19.47 -34.24 19.01
CA PHE U 211 -19.88 -34.38 20.39
C PHE U 211 -19.54 -33.08 21.09
N CYS U 212 -18.39 -32.53 20.74
CA CYS U 212 -17.95 -31.29 21.35
C CYS U 212 -19.03 -30.25 21.09
N ALA U 213 -19.72 -30.37 19.96
CA ALA U 213 -20.78 -29.42 19.66
C ALA U 213 -22.09 -29.95 20.24
N MET U 214 -22.19 -31.27 20.41
CA MET U 214 -23.40 -31.82 20.99
C MET U 214 -23.44 -31.41 22.47
N HIS U 215 -22.52 -31.92 23.28
CA HIS U 215 -22.60 -31.69 24.71
C HIS U 215 -22.60 -30.20 25.00
N GLY U 216 -21.80 -29.43 24.26
CA GLY U 216 -21.86 -27.99 24.36
C GLY U 216 -23.22 -27.43 23.95
N SER U 217 -23.89 -28.11 23.03
CA SER U 217 -25.20 -27.67 22.58
C SER U 217 -26.27 -27.80 23.66
N LEU U 218 -26.43 -29.02 24.15
CA LEU U 218 -27.42 -29.32 25.18
C LEU U 218 -27.29 -28.45 26.41
N VAL U 219 -26.11 -28.43 26.99
CA VAL U 219 -25.93 -27.63 28.19
C VAL U 219 -26.49 -26.25 27.97
N THR U 220 -25.99 -25.56 26.97
CA THR U 220 -26.49 -24.24 26.75
C THR U 220 -27.97 -24.25 26.40
N SER U 221 -28.48 -25.40 25.96
CA SER U 221 -29.89 -25.48 25.61
C SER U 221 -30.86 -25.66 26.80
N SER U 222 -30.33 -26.16 27.92
CA SER U 222 -31.10 -26.36 29.13
C SER U 222 -30.42 -25.55 30.22
N LEU U 223 -29.75 -24.50 29.79
CA LEU U 223 -28.99 -23.62 30.66
C LEU U 223 -29.58 -23.26 32.02
N ILE U 224 -30.80 -22.73 32.06
CA ILE U 224 -31.46 -22.35 33.31
C ILE U 224 -31.74 -20.85 33.38
N ARG U 225 -32.41 -20.42 34.43
CA ARG U 225 -32.77 -19.02 34.62
C ARG U 225 -31.77 -18.19 35.41
N GLU U 226 -31.59 -16.94 34.95
CA GLU U 226 -30.74 -15.93 35.59
C GLU U 226 -30.31 -14.80 34.63
N THR U 227 -31.27 -13.95 34.23
CA THR U 227 -31.01 -12.86 33.29
C THR U 227 -32.26 -12.15 32.76
N THR U 228 -32.02 -11.07 32.02
CA THR U 228 -33.07 -10.29 31.37
C THR U 228 -32.79 -10.64 29.90
N GLU U 229 -33.19 -9.77 28.99
CA GLU U 229 -32.93 -10.00 27.57
C GLU U 229 -31.81 -9.03 27.22
N THR U 230 -31.69 -7.96 28.01
CA THR U 230 -30.68 -6.94 27.82
C THR U 230 -29.37 -7.50 28.38
N GLU U 231 -29.48 -8.22 29.49
CA GLU U 231 -28.33 -8.83 30.12
C GLU U 231 -27.84 -9.99 29.26
N SER U 232 -26.59 -10.40 29.47
CA SER U 232 -26.00 -11.51 28.74
C SER U 232 -26.32 -12.77 29.54
N ALA U 233 -27.13 -13.65 28.95
CA ALA U 233 -27.53 -14.87 29.62
C ALA U 233 -26.35 -15.63 30.23
N ASN U 234 -25.19 -15.49 29.60
CA ASN U 234 -23.96 -16.14 30.03
C ASN U 234 -23.52 -15.72 31.45
N TYR U 235 -23.90 -14.51 31.85
CA TYR U 235 -23.55 -13.93 33.16
C TYR U 235 -24.12 -14.71 34.36
N GLY U 236 -25.23 -15.41 34.13
CA GLY U 236 -25.89 -16.19 35.15
C GLY U 236 -25.10 -17.35 35.69
N TYR U 237 -24.08 -17.04 36.48
CA TYR U 237 -23.22 -18.06 37.08
C TYR U 237 -22.01 -17.37 37.74
N LYS U 238 -21.51 -17.99 38.81
CA LYS U 238 -20.37 -17.45 39.51
C LYS U 238 -19.33 -18.54 39.66
N PHE U 239 -18.06 -18.19 39.49
CA PHE U 239 -17.02 -19.19 39.65
C PHE U 239 -17.15 -19.76 41.06
N GLY U 240 -17.06 -21.08 41.15
CA GLY U 240 -17.18 -21.73 42.44
C GLY U 240 -18.63 -21.92 42.82
N GLN U 241 -19.48 -22.14 41.83
CA GLN U 241 -20.89 -22.37 42.12
C GLN U 241 -20.90 -23.70 42.87
N GLU U 242 -21.95 -23.96 43.65
CA GLU U 242 -22.00 -25.22 44.37
C GLU U 242 -22.86 -26.20 43.54
N GLU U 243 -23.89 -25.68 42.89
CA GLU U 243 -24.77 -26.50 42.05
C GLU U 243 -24.57 -26.07 40.59
N GLU U 244 -24.53 -27.05 39.69
CA GLU U 244 -24.33 -26.78 38.27
C GLU U 244 -25.41 -25.83 37.74
N THR U 245 -25.08 -25.11 36.67
CA THR U 245 -26.00 -24.15 36.07
C THR U 245 -27.12 -24.81 35.24
N TYR U 246 -26.82 -25.92 34.58
CA TYR U 246 -27.83 -26.60 33.73
C TYR U 246 -28.86 -27.49 34.46
N ASN U 247 -29.98 -27.74 33.77
CA ASN U 247 -31.09 -28.56 34.29
C ASN U 247 -31.08 -29.94 33.59
N ILE U 248 -30.04 -30.71 33.88
CA ILE U 248 -29.82 -32.04 33.30
C ILE U 248 -31.06 -32.87 33.00
N VAL U 249 -32.00 -32.88 33.93
CA VAL U 249 -33.24 -33.65 33.76
C VAL U 249 -34.04 -33.18 32.54
N ALA U 250 -34.15 -31.87 32.41
CA ALA U 250 -34.90 -31.29 31.29
C ALA U 250 -34.11 -31.36 29.99
N ALA U 251 -32.88 -31.85 30.09
CA ALA U 251 -32.01 -32.00 28.92
C ALA U 251 -32.16 -33.40 28.36
N HIS U 252 -31.88 -34.38 29.21
CA HIS U 252 -31.99 -35.76 28.81
C HIS U 252 -33.45 -35.94 28.44
N GLY U 253 -34.32 -35.33 29.24
CA GLY U 253 -35.74 -35.39 29.00
C GLY U 253 -36.08 -34.96 27.58
N TYR U 254 -35.17 -34.23 26.92
CA TYR U 254 -35.38 -33.77 25.54
C TYR U 254 -34.61 -34.62 24.58
N PHE U 255 -33.29 -34.58 24.71
CA PHE U 255 -32.43 -35.31 23.83
C PHE U 255 -32.82 -36.78 23.80
N GLY U 256 -32.96 -37.39 24.97
CA GLY U 256 -33.35 -38.78 25.01
C GLY U 256 -34.50 -38.97 24.04
N ARG U 257 -35.56 -38.17 24.23
CA ARG U 257 -36.74 -38.24 23.38
C ARG U 257 -36.41 -38.14 21.91
N LEU U 258 -35.72 -37.06 21.53
CA LEU U 258 -35.31 -36.88 20.13
C LEU U 258 -34.60 -38.16 19.72
N ILE U 259 -35.37 -39.08 19.13
CA ILE U 259 -34.95 -40.41 18.66
C ILE U 259 -34.32 -41.41 19.67
N PHE U 260 -35.21 -42.26 20.20
CA PHE U 260 -34.90 -43.36 21.11
C PHE U 260 -35.03 -43.28 22.63
N GLN U 261 -34.85 -42.11 23.21
CA GLN U 261 -34.95 -41.92 24.68
C GLN U 261 -33.90 -42.65 25.51
N TYR U 262 -33.50 -43.85 25.07
CA TYR U 262 -32.51 -44.62 25.81
C TYR U 262 -31.10 -44.54 25.26
N ALA U 263 -30.94 -43.93 24.09
CA ALA U 263 -29.62 -43.75 23.50
C ALA U 263 -29.07 -42.43 24.08
N SER U 264 -29.58 -42.05 25.25
CA SER U 264 -29.19 -40.81 25.90
C SER U 264 -28.54 -40.95 27.28
N PHE U 265 -27.88 -39.88 27.71
CA PHE U 265 -27.19 -39.88 28.98
C PHE U 265 -27.79 -39.03 30.10
N ASN U 266 -28.03 -39.69 31.23
CA ASN U 266 -28.55 -39.06 32.45
C ASN U 266 -27.36 -39.00 33.41
N ASN U 267 -26.44 -39.93 33.17
CA ASN U 267 -25.23 -40.13 33.96
C ASN U 267 -24.12 -39.14 33.61
N SER U 268 -24.31 -37.86 33.92
CA SER U 268 -23.30 -36.82 33.61
C SER U 268 -21.86 -37.31 33.68
N ARG U 269 -21.57 -38.16 34.65
CA ARG U 269 -20.21 -38.66 34.82
C ARG U 269 -19.83 -39.53 33.63
N SER U 270 -20.81 -40.31 33.16
CA SER U 270 -20.59 -41.18 32.02
C SER U 270 -20.44 -40.36 30.76
N LEU U 271 -21.38 -39.45 30.55
CA LEU U 271 -21.35 -38.62 29.36
C LEU U 271 -20.02 -37.90 29.28
N HIS U 272 -19.78 -36.95 30.18
CA HIS U 272 -18.50 -36.25 30.22
C HIS U 272 -17.35 -37.21 29.93
N PHE U 273 -17.53 -38.47 30.33
CA PHE U 273 -16.51 -39.50 30.09
C PHE U 273 -16.48 -39.92 28.62
N PHE U 274 -17.66 -40.19 28.07
CA PHE U 274 -17.78 -40.60 26.68
C PHE U 274 -17.03 -39.60 25.81
N LEU U 275 -17.12 -38.32 26.17
CA LEU U 275 -16.46 -37.24 25.46
C LEU U 275 -14.97 -37.42 25.52
N ALA U 276 -14.49 -37.80 26.68
CA ALA U 276 -13.08 -38.01 26.85
C ALA U 276 -12.65 -39.09 25.90
N ALA U 277 -12.93 -40.34 26.28
CA ALA U 277 -12.52 -41.51 25.51
C ALA U 277 -12.79 -41.56 24.03
N TRP U 278 -13.93 -41.08 23.54
CA TRP U 278 -14.08 -41.22 22.11
C TRP U 278 -12.94 -40.59 21.33
N ARG U 279 -12.84 -39.26 21.33
CA ARG U 279 -11.74 -38.60 20.62
C ARG U 279 -10.38 -39.23 20.95
N VAL U 280 -10.09 -39.36 22.24
CA VAL U 280 -8.83 -39.89 22.75
C VAL U 280 -8.50 -41.33 22.36
N VAL U 281 -9.52 -42.13 22.08
CA VAL U 281 -9.25 -43.51 21.68
C VAL U 281 -9.03 -43.60 20.17
N GLY U 282 -9.93 -43.01 19.39
CA GLY U 282 -9.78 -43.04 17.95
C GLY U 282 -8.41 -42.47 17.58
N VAL U 283 -8.15 -41.26 18.08
CA VAL U 283 -6.89 -40.56 17.84
C VAL U 283 -5.72 -41.50 18.07
N TRP U 284 -5.83 -42.36 19.07
CA TRP U 284 -4.78 -43.32 19.36
C TRP U 284 -4.57 -44.23 18.15
N PHE U 285 -5.63 -44.95 17.79
CA PHE U 285 -5.56 -45.85 16.66
C PHE U 285 -4.84 -45.11 15.56
N ALA U 286 -5.32 -43.91 15.29
CA ALA U 286 -4.73 -43.09 14.25
C ALA U 286 -3.24 -42.95 14.49
N ALA U 287 -2.89 -42.44 15.66
CA ALA U 287 -1.49 -42.27 16.00
C ALA U 287 -0.76 -43.57 15.72
N LEU U 288 -1.46 -44.69 15.90
CA LEU U 288 -0.88 -45.99 15.64
C LEU U 288 -0.90 -46.26 14.15
N GLY U 289 -1.91 -45.73 13.46
CA GLY U 289 -2.00 -45.94 12.03
C GLY U 289 -0.72 -45.54 11.34
N ILE U 290 -0.27 -44.32 11.62
CA ILE U 290 0.96 -43.83 11.04
C ILE U 290 2.06 -44.77 11.49
N SER U 291 2.13 -44.97 12.80
CA SER U 291 3.11 -45.82 13.44
C SER U 291 3.07 -47.26 12.92
N THR U 292 1.92 -47.63 12.35
CA THR U 292 1.68 -48.97 11.78
C THR U 292 2.30 -49.04 10.41
N MET U 293 1.92 -48.10 9.56
CA MET U 293 2.44 -48.02 8.21
C MET U 293 3.90 -47.56 8.29
N ALA U 294 4.31 -47.16 9.49
CA ALA U 294 5.68 -46.73 9.75
C ALA U 294 6.65 -47.81 9.28
N PHE U 295 6.21 -49.06 9.40
CA PHE U 295 7.03 -50.16 8.98
C PHE U 295 6.34 -50.88 7.84
N ASN U 296 5.61 -50.10 7.04
CA ASN U 296 4.95 -50.57 5.85
C ASN U 296 3.81 -51.61 5.87
N LEU U 297 2.81 -51.38 6.72
CA LEU U 297 1.64 -52.25 6.79
C LEU U 297 0.55 -51.28 6.36
N ASN U 298 0.75 -50.75 5.17
CA ASN U 298 -0.12 -49.76 4.57
C ASN U 298 -1.59 -50.13 4.57
N GLY U 299 -2.40 -49.18 4.13
CA GLY U 299 -3.84 -49.39 4.10
C GLY U 299 -4.18 -50.52 3.18
N PHE U 300 -5.47 -50.80 3.01
CA PHE U 300 -5.89 -51.90 2.16
C PHE U 300 -5.49 -51.62 0.73
N ASN U 301 -5.78 -52.58 -0.16
CA ASN U 301 -5.45 -52.44 -1.56
C ASN U 301 -6.30 -53.40 -2.35
N PHE U 302 -7.18 -52.88 -3.20
CA PHE U 302 -8.03 -53.77 -3.97
C PHE U 302 -7.87 -53.60 -5.47
N ASN U 303 -6.73 -53.09 -5.90
CA ASN U 303 -6.52 -52.89 -7.32
C ASN U 303 -6.77 -54.21 -8.05
N HIS U 304 -7.43 -54.17 -9.22
CA HIS U 304 -7.71 -55.37 -10.02
C HIS U 304 -8.34 -56.52 -9.24
N SER U 305 -8.87 -56.23 -8.06
CA SER U 305 -9.45 -57.27 -7.23
C SER U 305 -10.85 -57.68 -7.67
N VAL U 306 -11.42 -56.95 -8.62
CA VAL U 306 -12.75 -57.30 -9.10
C VAL U 306 -12.65 -57.56 -10.58
N ILE U 307 -12.92 -58.78 -11.01
CA ILE U 307 -12.81 -59.14 -12.43
C ILE U 307 -13.98 -59.95 -12.97
N ASP U 308 -14.17 -59.97 -14.29
CA ASP U 308 -15.27 -60.75 -14.85
C ASP U 308 -14.78 -62.08 -15.41
N ALA U 309 -15.65 -62.76 -16.15
CA ALA U 309 -15.31 -64.06 -16.72
C ALA U 309 -13.96 -64.04 -17.45
N LYS U 310 -13.98 -63.60 -18.71
CA LYS U 310 -12.78 -63.52 -19.56
C LYS U 310 -11.57 -62.98 -18.80
N GLY U 311 -11.82 -62.30 -17.69
CA GLY U 311 -10.73 -61.74 -16.94
C GLY U 311 -10.66 -60.26 -17.24
N ASN U 312 -11.45 -59.79 -18.21
CA ASN U 312 -11.46 -58.37 -18.50
C ASN U 312 -11.65 -57.77 -17.13
N VAL U 313 -10.82 -56.80 -16.75
CA VAL U 313 -10.91 -56.21 -15.42
C VAL U 313 -11.91 -55.07 -15.22
N ILE U 314 -12.69 -55.18 -14.15
CA ILE U 314 -13.70 -54.18 -13.79
C ILE U 314 -13.14 -53.32 -12.67
N ASN U 315 -12.92 -52.04 -12.98
CA ASN U 315 -12.37 -51.13 -12.00
C ASN U 315 -13.25 -50.98 -10.76
N THR U 316 -12.62 -51.11 -9.60
CA THR U 316 -13.28 -50.99 -8.30
C THR U 316 -13.25 -49.49 -8.03
N TRP U 317 -14.18 -48.95 -7.24
CA TRP U 317 -14.13 -47.50 -6.99
C TRP U 317 -12.85 -47.16 -6.23
N ALA U 318 -12.02 -48.17 -5.99
CA ALA U 318 -10.78 -48.00 -5.26
C ALA U 318 -9.68 -47.94 -6.27
N ASP U 319 -9.99 -48.35 -7.49
CA ASP U 319 -8.98 -48.32 -8.52
C ASP U 319 -8.76 -46.88 -8.89
N ILE U 320 -9.79 -46.06 -8.71
CA ILE U 320 -9.62 -44.65 -8.99
C ILE U 320 -8.73 -44.17 -7.87
N ILE U 321 -9.13 -44.42 -6.63
CA ILE U 321 -8.30 -44.04 -5.49
C ILE U 321 -6.86 -44.23 -5.93
N ASN U 322 -6.57 -45.46 -6.37
CA ASN U 322 -5.24 -45.85 -6.78
C ASN U 322 -4.72 -45.16 -8.00
N ARG U 323 -5.62 -44.79 -8.89
CA ARG U 323 -5.19 -44.10 -10.07
C ARG U 323 -4.63 -42.79 -9.56
N ALA U 324 -5.48 -41.97 -8.95
CA ALA U 324 -5.03 -40.71 -8.40
C ALA U 324 -3.80 -40.96 -7.52
N ASN U 325 -3.61 -42.19 -7.10
CA ASN U 325 -2.45 -42.49 -6.26
C ASN U 325 -1.18 -42.51 -7.05
N LEU U 326 -1.22 -43.09 -8.23
CA LEU U 326 -0.03 -43.14 -9.05
C LEU U 326 0.41 -41.73 -9.40
N GLY U 327 -0.56 -40.92 -9.79
CA GLY U 327 -0.28 -39.55 -10.15
C GLY U 327 0.60 -38.96 -9.08
N MET U 328 0.36 -39.39 -7.86
CA MET U 328 1.13 -38.92 -6.73
C MET U 328 2.48 -39.62 -6.66
N GLU U 329 2.46 -40.96 -6.70
CA GLU U 329 3.68 -41.76 -6.62
C GLU U 329 4.72 -41.25 -7.57
N VAL U 330 4.37 -41.23 -8.84
CA VAL U 330 5.26 -40.77 -9.90
C VAL U 330 6.07 -39.49 -9.59
N MET U 331 5.37 -38.36 -9.42
CA MET U 331 6.02 -37.08 -9.16
C MET U 331 6.86 -36.93 -7.90
N HIS U 332 6.25 -37.13 -6.73
CA HIS U 332 6.97 -36.93 -5.49
C HIS U 332 8.45 -37.20 -5.62
N GLU U 333 9.25 -36.28 -5.10
CA GLU U 333 10.70 -36.38 -5.12
C GLU U 333 11.19 -36.84 -6.48
N ARG U 334 11.02 -36.03 -7.52
CA ARG U 334 11.49 -36.43 -8.86
C ARG U 334 12.89 -37.02 -8.81
N ASN U 335 13.89 -36.14 -8.75
CA ASN U 335 15.26 -36.44 -9.15
C ASN U 335 16.09 -37.54 -8.46
N ALA U 336 15.97 -37.65 -7.14
CA ALA U 336 16.70 -38.66 -6.39
C ALA U 336 16.35 -40.07 -6.88
N HIS U 337 15.28 -40.63 -6.35
CA HIS U 337 14.85 -41.97 -6.73
C HIS U 337 15.40 -42.33 -8.12
N ASN U 338 16.60 -42.90 -8.13
CA ASN U 338 17.24 -43.28 -9.38
C ASN U 338 17.09 -44.76 -9.70
N PHE U 339 15.88 -45.28 -9.50
CA PHE U 339 15.60 -46.69 -9.79
C PHE U 339 14.12 -47.02 -9.94
N PRO U 340 13.79 -48.30 -10.19
CA PRO U 340 12.39 -48.67 -10.37
C PRO U 340 11.44 -48.67 -9.18
N LEU U 341 11.89 -49.19 -8.04
CA LEU U 341 11.04 -49.31 -6.86
C LEU U 341 11.26 -48.35 -5.70
N ASP U 342 10.24 -47.56 -5.38
CA ASP U 342 10.28 -46.60 -4.28
C ASP U 342 10.36 -47.40 -2.99
N LEU U 343 11.45 -48.12 -2.78
CA LEU U 343 11.55 -48.94 -1.57
C LEU U 343 11.82 -48.13 -0.32
N ALA U 344 11.60 -46.83 -0.39
CA ALA U 344 11.78 -45.96 0.77
C ALA U 344 11.33 -44.56 0.44
N GLY V 1 -24.01 -3.71 31.55
CA GLY V 1 -23.29 -4.72 30.68
C GLY V 1 -24.09 -5.39 29.56
N LEU V 2 -24.35 -4.66 28.47
CA LEU V 2 -25.10 -5.17 27.33
C LEU V 2 -24.14 -5.49 26.19
N PRO V 3 -23.95 -6.78 25.85
CA PRO V 3 -23.04 -7.16 24.76
C PRO V 3 -23.50 -6.66 23.40
N TRP V 4 -22.51 -6.40 22.54
CA TRP V 4 -22.68 -5.84 21.20
C TRP V 4 -23.70 -6.38 20.20
N TYR V 5 -23.80 -7.69 20.05
CA TYR V 5 -24.81 -8.15 19.11
C TYR V 5 -26.13 -7.69 19.69
N ARG V 6 -26.27 -7.78 21.01
CA ARG V 6 -27.50 -7.35 21.66
C ARG V 6 -27.72 -5.81 21.56
N VAL V 7 -26.66 -5.04 21.24
CA VAL V 7 -26.78 -3.57 21.14
C VAL V 7 -27.62 -3.06 20.01
N HIS V 8 -27.69 -3.79 18.92
CA HIS V 8 -28.52 -3.34 17.83
C HIS V 8 -29.97 -3.66 18.10
N THR V 9 -30.19 -4.52 19.08
CA THR V 9 -31.54 -4.89 19.46
C THR V 9 -32.20 -3.63 20.02
N VAL V 10 -31.41 -2.76 20.65
CA VAL V 10 -31.96 -1.55 21.26
C VAL V 10 -33.40 -1.35 20.96
N LEU V 11 -33.68 -0.92 19.74
CA LEU V 11 -35.05 -0.70 19.31
C LEU V 11 -36.08 -1.83 19.46
N ILE V 12 -36.11 -2.75 18.49
CA ILE V 12 -37.14 -3.81 18.44
C ILE V 12 -38.50 -3.10 18.67
N ASN V 13 -38.74 -2.56 19.86
CA ASN V 13 -39.95 -1.76 20.04
C ASN V 13 -39.44 -0.35 19.65
N ASP V 14 -40.26 0.69 19.70
CA ASP V 14 -39.79 2.01 19.34
C ASP V 14 -39.47 2.11 17.83
N PRO V 15 -40.39 1.65 16.98
CA PRO V 15 -40.20 1.68 15.53
C PRO V 15 -39.67 3.03 15.02
N GLY V 16 -39.85 4.06 15.83
CA GLY V 16 -39.37 5.36 15.44
C GLY V 16 -37.90 5.35 15.08
N ARG V 17 -37.05 5.07 16.06
CA ARG V 17 -35.61 5.07 15.85
C ARG V 17 -35.24 4.05 14.79
N LEU V 18 -36.04 2.99 14.69
CA LEU V 18 -35.80 1.93 13.71
C LEU V 18 -35.97 2.45 12.29
N ILE V 19 -37.04 3.20 12.03
CA ILE V 19 -37.25 3.75 10.71
C ILE V 19 -35.98 4.44 10.27
N ALA V 20 -35.44 5.26 11.16
CA ALA V 20 -34.23 6.00 10.87
C ALA V 20 -33.08 5.04 10.62
N ALA V 21 -33.23 3.81 11.10
CA ALA V 21 -32.19 2.80 10.91
C ALA V 21 -32.27 2.36 9.48
N HIS V 22 -33.35 1.68 9.13
CA HIS V 22 -33.54 1.21 7.77
C HIS V 22 -33.36 2.45 6.91
N LEU V 23 -33.80 3.59 7.43
CA LEU V 23 -33.68 4.86 6.71
C LEU V 23 -32.22 5.13 6.40
N MET V 24 -31.36 4.29 6.96
CA MET V 24 -29.95 4.46 6.76
C MET V 24 -29.25 3.38 6.00
N HIS V 25 -29.44 2.16 6.45
CA HIS V 25 -28.84 1.07 5.75
C HIS V 25 -29.32 1.32 4.34
N THR V 26 -30.35 2.14 4.22
CA THR V 26 -30.89 2.47 2.92
C THR V 26 -30.16 3.65 2.31
N ALA V 27 -29.74 4.61 3.12
CA ALA V 27 -29.04 5.78 2.60
C ALA V 27 -27.56 5.46 2.47
N LEU V 28 -27.20 4.30 2.98
CA LEU V 28 -25.82 3.84 2.97
C LEU V 28 -25.59 2.97 1.76
N VAL V 29 -26.64 2.26 1.36
CA VAL V 29 -26.53 1.39 0.20
C VAL V 29 -26.59 2.31 -1.01
N ALA V 30 -27.74 2.93 -1.19
CA ALA V 30 -27.95 3.85 -2.31
C ALA V 30 -26.63 4.53 -2.63
N GLY V 31 -25.99 5.06 -1.59
CA GLY V 31 -24.71 5.72 -1.78
C GLY V 31 -23.75 4.78 -2.47
N TRP V 32 -23.42 3.67 -1.83
CA TRP V 32 -22.50 2.71 -2.44
C TRP V 32 -22.77 2.50 -3.93
N ALA V 33 -24.03 2.55 -4.32
CA ALA V 33 -24.34 2.37 -5.72
C ALA V 33 -23.66 3.48 -6.49
N GLY V 34 -24.20 4.69 -6.36
CA GLY V 34 -23.61 5.83 -7.04
C GLY V 34 -22.11 5.80 -6.88
N SER V 35 -21.66 5.35 -5.72
CA SER V 35 -20.26 5.24 -5.40
C SER V 35 -19.47 4.44 -6.42
N MET V 36 -19.32 3.14 -6.18
CA MET V 36 -18.58 2.33 -7.13
C MET V 36 -19.08 2.62 -8.55
N ALA V 37 -20.36 2.93 -8.70
CA ALA V 37 -20.88 3.26 -10.01
C ALA V 37 -19.92 4.29 -10.60
N LEU V 38 -19.70 5.38 -9.87
CA LEU V 38 -18.77 6.41 -10.33
C LEU V 38 -17.46 5.72 -10.61
N TYR V 39 -17.00 4.97 -9.62
CA TYR V 39 -15.76 4.26 -9.74
C TYR V 39 -15.64 3.51 -11.05
N GLU V 40 -16.44 2.46 -11.21
CA GLU V 40 -16.38 1.67 -12.44
C GLU V 40 -16.39 2.62 -13.61
N LEU V 41 -17.19 3.67 -13.48
CA LEU V 41 -17.34 4.69 -14.51
C LEU V 41 -16.01 5.46 -14.69
N ALA V 42 -15.24 5.53 -13.61
CA ALA V 42 -13.96 6.19 -13.62
C ALA V 42 -12.94 5.29 -14.26
N THR V 43 -13.37 4.12 -14.70
CA THR V 43 -12.41 3.21 -15.31
C THR V 43 -12.84 2.45 -16.56
N PHE V 44 -14.14 2.31 -16.77
CA PHE V 44 -14.57 1.58 -17.94
C PHE V 44 -13.97 2.23 -19.17
N ASP V 45 -13.52 1.40 -20.08
CA ASP V 45 -12.95 1.88 -21.32
C ASP V 45 -13.96 1.48 -22.37
N PRO V 46 -14.29 2.40 -23.26
CA PRO V 46 -15.27 2.09 -24.31
C PRO V 46 -14.58 1.71 -25.61
N SER V 47 -13.38 2.26 -25.79
CA SER V 47 -12.56 2.05 -26.98
C SER V 47 -12.95 0.85 -27.85
N ASP V 48 -13.24 -0.31 -27.25
CA ASP V 48 -13.67 -1.45 -28.07
C ASP V 48 -14.64 -2.44 -27.41
N PRO V 49 -15.89 -2.43 -27.88
CA PRO V 49 -16.97 -3.29 -27.41
C PRO V 49 -16.76 -4.63 -28.04
N VAL V 50 -15.65 -4.74 -28.77
CA VAL V 50 -15.29 -5.97 -29.45
C VAL V 50 -14.48 -6.90 -28.59
N LEU V 51 -13.29 -6.48 -28.18
CA LEU V 51 -12.46 -7.34 -27.36
C LEU V 51 -12.26 -6.78 -25.95
N ASN V 52 -12.92 -5.68 -25.66
CA ASN V 52 -12.82 -5.08 -24.34
C ASN V 52 -14.18 -4.63 -23.86
N PRO V 53 -15.14 -5.55 -23.83
CA PRO V 53 -16.47 -5.19 -23.38
C PRO V 53 -16.33 -5.16 -21.88
N MET V 54 -17.21 -4.44 -21.21
CA MET V 54 -17.13 -4.34 -19.78
C MET V 54 -16.64 -5.60 -19.08
N TRP V 55 -17.44 -6.67 -19.04
CA TRP V 55 -17.07 -7.91 -18.34
C TRP V 55 -15.60 -8.32 -18.25
N ARG V 56 -14.77 -7.96 -19.24
CA ARG V 56 -13.37 -8.32 -19.11
C ARG V 56 -12.74 -7.34 -18.13
N GLN V 57 -12.98 -6.05 -18.35
CA GLN V 57 -12.43 -4.99 -17.51
C GLN V 57 -12.77 -5.10 -16.04
N GLY V 58 -13.39 -6.20 -15.66
CA GLY V 58 -13.74 -6.33 -14.26
C GLY V 58 -14.84 -5.37 -13.85
N MET V 59 -15.85 -5.26 -14.69
CA MET V 59 -16.98 -4.40 -14.40
C MET V 59 -18.02 -5.24 -13.66
N PHE V 60 -18.54 -4.73 -12.55
CA PHE V 60 -19.54 -5.47 -11.80
C PHE V 60 -20.86 -4.76 -11.69
N VAL V 61 -20.81 -3.47 -11.51
CA VAL V 61 -22.03 -2.69 -11.32
C VAL V 61 -22.56 -2.01 -12.56
N LEU V 62 -21.67 -1.66 -13.45
CA LEU V 62 -22.09 -1.00 -14.65
C LEU V 62 -22.82 -1.99 -15.55
N PRO V 63 -22.57 -3.30 -15.41
CA PRO V 63 -23.28 -4.25 -16.28
C PRO V 63 -24.80 -4.12 -16.26
N PHE V 64 -25.34 -3.77 -15.09
CA PHE V 64 -26.78 -3.53 -14.93
C PHE V 64 -27.34 -2.30 -15.63
N MET V 65 -26.65 -1.16 -15.51
CA MET V 65 -27.12 0.06 -16.13
C MET V 65 -27.56 -0.23 -17.55
N ALA V 66 -27.05 -1.33 -18.09
CA ALA V 66 -27.42 -1.73 -19.44
C ALA V 66 -28.74 -2.48 -19.44
N ARG V 67 -28.86 -3.49 -18.57
CA ARG V 67 -30.08 -4.29 -18.52
C ARG V 67 -31.27 -3.38 -18.60
N LEU V 68 -31.36 -2.51 -17.61
CA LEU V 68 -32.45 -1.55 -17.51
C LEU V 68 -32.59 -0.61 -18.66
N GLY V 69 -31.47 -0.28 -19.30
CA GLY V 69 -31.50 0.61 -20.43
C GLY V 69 -30.45 1.70 -20.62
N VAL V 70 -29.72 2.09 -19.58
CA VAL V 70 -28.72 3.15 -19.76
C VAL V 70 -27.57 2.62 -20.60
N THR V 71 -27.56 2.98 -21.87
CA THR V 71 -26.54 2.50 -22.77
C THR V 71 -25.34 3.42 -22.84
N GLY V 72 -25.54 4.72 -22.59
CA GLY V 72 -24.41 5.64 -22.72
C GLY V 72 -24.02 6.63 -21.63
N SER V 73 -22.90 7.30 -21.88
CA SER V 73 -22.35 8.32 -20.99
C SER V 73 -22.41 9.66 -21.68
N TRP V 74 -22.57 10.71 -20.89
CA TRP V 74 -22.68 12.07 -21.40
C TRP V 74 -21.51 12.41 -22.33
N SER V 75 -20.59 11.47 -22.52
CA SER V 75 -19.44 11.71 -23.38
C SER V 75 -19.51 11.18 -24.80
N GLY V 76 -20.72 11.16 -25.38
CA GLY V 76 -20.91 10.72 -26.77
C GLY V 76 -20.67 9.27 -27.18
N TRP V 77 -20.47 8.39 -26.20
CA TRP V 77 -20.25 6.96 -26.45
C TRP V 77 -21.30 6.11 -25.78
N SER V 78 -21.36 4.86 -26.22
CA SER V 78 -22.32 3.92 -25.69
C SER V 78 -21.63 2.58 -25.45
N ILE V 79 -22.40 1.58 -25.06
CA ILE V 79 -21.86 0.24 -24.82
C ILE V 79 -22.06 -0.61 -26.06
N THR V 80 -22.94 -0.16 -26.96
CA THR V 80 -23.17 -0.90 -28.19
C THR V 80 -22.06 -0.45 -29.12
N GLY V 81 -21.72 0.84 -29.03
CA GLY V 81 -20.69 1.43 -29.87
C GLY V 81 -21.35 2.40 -30.82
N GLU V 82 -22.26 3.20 -30.28
CA GLU V 82 -23.01 4.17 -31.06
C GLU V 82 -22.25 5.47 -31.23
N THR V 83 -22.83 6.35 -32.04
CA THR V 83 -22.25 7.66 -32.35
C THR V 83 -23.34 8.74 -32.49
N GLY V 84 -22.98 9.98 -32.16
CA GLY V 84 -23.88 11.12 -32.27
C GLY V 84 -25.08 11.19 -31.34
N ILE V 85 -25.56 10.03 -30.91
CA ILE V 85 -26.72 9.96 -30.02
C ILE V 85 -26.35 9.82 -28.54
N ASP V 86 -26.56 10.90 -27.81
CA ASP V 86 -26.24 10.92 -26.40
C ASP V 86 -27.50 11.06 -25.52
N PRO V 87 -27.71 10.08 -24.61
CA PRO V 87 -28.84 10.02 -23.68
C PRO V 87 -29.09 11.31 -22.92
N GLY V 88 -30.25 11.37 -22.27
CA GLY V 88 -30.61 12.53 -21.50
C GLY V 88 -29.88 12.47 -20.19
N PHE V 89 -30.27 13.33 -19.24
CA PHE V 89 -29.63 13.36 -17.96
C PHE V 89 -29.41 11.95 -17.47
N TRP V 90 -30.40 11.11 -17.71
CA TRP V 90 -30.29 9.74 -17.24
C TRP V 90 -29.36 8.85 -18.07
N SER V 91 -28.06 9.12 -17.89
CA SER V 91 -26.94 8.40 -18.51
C SER V 91 -25.92 8.12 -17.43
N PHE V 92 -25.40 6.91 -17.37
CA PHE V 92 -24.42 6.53 -16.35
C PHE V 92 -24.13 7.60 -15.31
N GLU V 93 -23.56 8.72 -15.75
CA GLU V 93 -23.26 9.80 -14.83
C GLU V 93 -24.50 10.04 -13.99
N GLY V 94 -25.62 10.28 -14.68
CA GLY V 94 -26.86 10.53 -13.97
C GLY V 94 -27.15 9.46 -12.94
N VAL V 95 -27.31 8.22 -13.41
CA VAL V 95 -27.59 7.08 -12.55
C VAL V 95 -26.78 7.18 -11.27
N ALA V 96 -25.57 7.68 -11.40
CA ALA V 96 -24.68 7.83 -10.25
C ALA V 96 -24.96 9.14 -9.56
N LEU V 97 -24.77 10.25 -10.27
CA LEU V 97 -25.02 11.58 -9.69
C LEU V 97 -26.38 11.49 -9.03
N ALA V 98 -27.12 10.49 -9.47
CA ALA V 98 -28.43 10.20 -8.97
C ALA V 98 -28.34 9.63 -7.56
N HIS V 99 -28.16 8.32 -7.46
CA HIS V 99 -28.05 7.66 -6.16
C HIS V 99 -27.19 8.45 -5.20
N ILE V 100 -26.31 9.28 -5.74
CA ILE V 100 -25.45 10.07 -4.87
C ILE V 100 -26.30 11.08 -4.10
N VAL V 101 -27.24 11.74 -4.77
CA VAL V 101 -28.10 12.72 -4.09
C VAL V 101 -29.11 12.00 -3.24
N LEU V 102 -29.58 10.87 -3.74
CA LEU V 102 -30.54 10.08 -3.01
C LEU V 102 -30.05 9.84 -1.61
N SER V 103 -29.14 8.88 -1.48
CA SER V 103 -28.58 8.51 -0.19
C SER V 103 -28.36 9.77 0.59
N GLY V 104 -27.77 10.75 -0.07
CA GLY V 104 -27.49 12.01 0.57
C GLY V 104 -28.62 12.68 1.31
N LEU V 105 -29.84 12.52 0.81
CA LEU V 105 -30.98 13.12 1.48
C LEU V 105 -31.48 12.12 2.50
N LEU V 106 -31.55 10.85 2.11
CA LEU V 106 -32.01 9.85 3.03
C LEU V 106 -31.19 9.90 4.31
N PHE V 107 -29.97 10.43 4.21
CA PHE V 107 -29.14 10.53 5.39
C PHE V 107 -29.75 11.56 6.30
N LEU V 108 -30.41 12.53 5.69
CA LEU V 108 -31.04 13.59 6.45
C LEU V 108 -32.38 13.09 7.01
N ALA V 109 -33.26 12.61 6.14
CA ALA V 109 -34.52 12.06 6.60
C ALA V 109 -34.08 11.14 7.71
N ALA V 110 -32.91 10.54 7.50
CA ALA V 110 -32.35 9.66 8.49
C ALA V 110 -32.20 10.37 9.83
N CYS V 111 -31.17 11.20 9.98
CA CYS V 111 -30.93 11.90 11.25
C CYS V 111 -32.15 12.66 11.74
N TRP V 112 -33.30 12.46 11.10
CA TRP V 112 -34.55 13.09 11.54
C TRP V 112 -35.29 12.08 12.41
N HIS V 113 -35.67 10.95 11.80
CA HIS V 113 -36.41 9.95 12.50
C HIS V 113 -35.79 9.50 13.81
N TRP V 114 -34.70 10.16 14.21
CA TRP V 114 -34.08 9.83 15.48
C TRP V 114 -34.58 10.78 16.55
N VAL V 115 -34.09 12.03 16.55
CA VAL V 115 -34.54 12.99 17.56
C VAL V 115 -36.07 12.93 17.63
N TYR V 116 -36.69 13.04 16.45
CA TYR V 116 -38.13 12.98 16.32
C TYR V 116 -38.43 11.50 16.25
N TRP V 117 -38.20 10.81 17.36
CA TRP V 117 -38.42 9.37 17.44
C TRP V 117 -39.75 8.95 18.04
N ASP V 118 -40.31 9.81 18.89
CA ASP V 118 -41.58 9.50 19.52
C ASP V 118 -42.75 10.18 18.84
N LEU V 119 -43.49 9.47 17.99
CA LEU V 119 -44.62 10.08 17.29
C LEU V 119 -45.95 9.41 17.61
N GLU V 120 -47.04 10.14 17.41
CA GLU V 120 -48.36 9.59 17.67
C GLU V 120 -48.45 8.28 16.90
N LEU V 121 -48.31 8.39 15.59
CA LEU V 121 -48.41 7.23 14.71
C LEU V 121 -47.73 5.98 15.25
N PHE V 122 -46.64 6.13 15.99
CA PHE V 122 -45.98 4.96 16.54
C PHE V 122 -46.56 4.55 17.87
N ARG V 123 -47.63 5.25 18.27
CA ARG V 123 -48.30 4.95 19.53
C ARG V 123 -49.69 4.40 19.29
N ASP V 124 -49.94 3.19 19.81
CA ASP V 124 -51.23 2.51 19.69
C ASP V 124 -52.25 3.13 20.66
N PRO V 125 -53.48 3.41 20.17
CA PRO V 125 -54.52 4.00 21.03
C PRO V 125 -54.85 3.21 22.30
N ARG V 126 -55.78 2.26 22.17
CA ARG V 126 -56.24 1.43 23.30
C ARG V 126 -55.14 0.99 24.26
N THR V 127 -53.94 0.77 23.73
CA THR V 127 -52.83 0.32 24.55
C THR V 127 -51.96 1.49 25.05
N GLY V 128 -51.53 1.40 26.31
CA GLY V 128 -50.66 2.43 26.87
C GLY V 128 -49.24 1.94 26.61
N GLU V 129 -48.76 2.10 25.38
CA GLU V 129 -47.42 1.64 24.99
C GLU V 129 -47.20 1.81 23.46
N PRO V 130 -45.95 1.60 22.98
CA PRO V 130 -45.62 1.71 21.55
C PRO V 130 -45.78 0.37 20.85
N ALA V 131 -46.70 0.31 19.89
CA ALA V 131 -46.95 -0.93 19.16
C ALA V 131 -47.15 -0.69 17.68
N LEU V 132 -46.78 -1.68 16.87
CA LEU V 132 -46.91 -1.54 15.42
C LEU V 132 -47.72 -2.67 14.80
N ASP V 133 -48.83 -2.33 14.14
CA ASP V 133 -49.67 -3.36 13.51
C ASP V 133 -48.94 -3.87 12.31
N LEU V 134 -48.76 -5.18 12.24
CA LEU V 134 -48.04 -5.76 11.14
C LEU V 134 -48.92 -6.51 10.13
N PRO V 135 -49.79 -7.40 10.62
CA PRO V 135 -50.70 -8.18 9.76
C PRO V 135 -51.33 -7.39 8.62
N LYS V 136 -51.37 -6.07 8.80
CA LYS V 136 -51.92 -5.18 7.79
C LYS V 136 -50.71 -4.42 7.23
N MET V 137 -49.97 -3.73 8.10
CA MET V 137 -48.80 -2.98 7.67
C MET V 137 -48.21 -3.68 6.46
N PHE V 138 -47.92 -4.95 6.64
CA PHE V 138 -47.36 -5.77 5.58
C PHE V 138 -48.19 -5.66 4.28
N GLY V 139 -49.39 -6.22 4.23
CA GLY V 139 -50.20 -6.12 3.04
C GLY V 139 -50.12 -4.77 2.32
N ILE V 140 -49.97 -3.68 3.09
CA ILE V 140 -49.89 -2.34 2.51
C ILE V 140 -48.69 -2.29 1.59
N HIS V 141 -47.51 -2.36 2.19
CA HIS V 141 -46.26 -2.35 1.45
C HIS V 141 -46.37 -3.28 0.24
N LEU V 142 -47.03 -4.43 0.42
CA LEU V 142 -47.24 -5.41 -0.65
C LEU V 142 -47.86 -4.65 -1.83
N PHE V 143 -49.05 -4.07 -1.58
CA PHE V 143 -49.82 -3.30 -2.57
C PHE V 143 -48.95 -2.37 -3.43
N LEU V 144 -47.97 -1.73 -2.81
CA LEU V 144 -47.07 -0.82 -3.51
C LEU V 144 -46.18 -1.63 -4.43
N ALA V 145 -45.63 -2.71 -3.88
CA ALA V 145 -44.77 -3.58 -4.63
C ALA V 145 -45.41 -3.90 -5.96
N GLY V 146 -46.39 -4.80 -5.94
CA GLY V 146 -47.07 -5.19 -7.16
C GLY V 146 -47.48 -3.98 -7.98
N LEU V 147 -48.07 -2.98 -7.33
CA LEU V 147 -48.49 -1.76 -8.03
C LEU V 147 -47.29 -1.34 -8.88
N LEU V 148 -46.11 -1.33 -8.25
CA LEU V 148 -44.90 -0.97 -8.96
C LEU V 148 -44.49 -2.08 -9.92
N CYS V 149 -44.44 -3.32 -9.42
CA CYS V 149 -44.06 -4.46 -10.24
C CYS V 149 -44.83 -4.43 -11.55
N PHE V 150 -46.11 -4.12 -11.47
CA PHE V 150 -46.88 -4.05 -12.69
C PHE V 150 -46.54 -2.73 -13.37
N GLY V 151 -46.58 -1.64 -12.60
CA GLY V 151 -46.26 -0.30 -13.10
C GLY V 151 -45.04 -0.31 -13.99
N PHE V 152 -44.16 -1.27 -13.69
CA PHE V 152 -42.91 -1.50 -14.40
C PHE V 152 -43.21 -2.47 -15.52
N GLY V 153 -43.67 -3.66 -15.13
CA GLY V 153 -43.99 -4.70 -16.06
C GLY V 153 -44.54 -4.18 -17.37
N ALA V 154 -45.69 -3.52 -17.31
CA ALA V 154 -46.30 -3.03 -18.52
C ALA V 154 -45.89 -1.63 -18.93
N PHE V 155 -45.63 -0.77 -17.94
CA PHE V 155 -45.27 0.60 -18.26
C PHE V 155 -43.82 0.92 -18.65
N HIS V 156 -42.87 0.01 -18.40
CA HIS V 156 -41.44 0.19 -18.74
C HIS V 156 -41.00 -0.72 -19.89
N LEU V 157 -40.56 -1.93 -19.52
CA LEU V 157 -40.08 -2.95 -20.45
C LEU V 157 -40.80 -3.03 -21.80
N THR V 158 -42.14 -3.02 -21.78
CA THR V 158 -42.93 -3.09 -23.01
C THR V 158 -42.57 -1.96 -23.95
N GLY V 159 -41.76 -1.02 -23.48
CA GLY V 159 -41.35 0.10 -24.28
C GLY V 159 -42.41 1.18 -24.34
N LEU V 160 -43.59 0.87 -23.78
CA LEU V 160 -44.68 1.84 -23.79
C LEU V 160 -44.23 3.10 -23.07
N PHE V 161 -43.77 2.94 -21.83
CA PHE V 161 -43.29 4.11 -21.14
C PHE V 161 -41.86 3.94 -20.64
N GLY V 162 -40.91 4.19 -21.55
CA GLY V 162 -39.50 4.06 -21.22
C GLY V 162 -38.76 3.21 -22.24
N PRO V 163 -37.54 2.79 -21.94
CA PRO V 163 -36.72 1.97 -22.83
C PRO V 163 -36.95 0.50 -22.53
N GLY V 164 -36.65 -0.37 -23.49
CA GLY V 164 -36.85 -1.79 -23.25
C GLY V 164 -35.92 -2.33 -22.17
N MET V 165 -35.13 -3.34 -22.53
CA MET V 165 -34.18 -3.97 -21.63
C MET V 165 -33.17 -4.67 -22.50
N TRP V 166 -31.95 -4.75 -22.00
CA TRP V 166 -30.90 -5.39 -22.76
C TRP V 166 -31.29 -6.79 -23.27
N VAL V 167 -31.09 -6.99 -24.56
CA VAL V 167 -31.36 -8.27 -25.22
C VAL V 167 -30.56 -8.37 -26.52
N SER V 168 -30.44 -9.59 -27.01
CA SER V 168 -29.72 -9.92 -28.25
C SER V 168 -29.89 -11.40 -28.44
N ASP V 169 -28.99 -12.00 -29.21
CA ASP V 169 -29.00 -13.45 -29.40
C ASP V 169 -27.75 -13.96 -30.10
N PRO V 170 -27.22 -15.12 -29.62
CA PRO V 170 -26.07 -16.01 -29.88
C PRO V 170 -25.19 -15.88 -31.10
N TYR V 171 -25.29 -14.73 -31.75
CA TYR V 171 -24.59 -14.38 -32.97
C TYR V 171 -24.13 -12.99 -32.60
N GLY V 172 -23.24 -12.37 -33.35
CA GLY V 172 -22.66 -11.19 -32.74
C GLY V 172 -21.95 -11.83 -31.57
N LEU V 173 -22.39 -11.59 -30.34
CA LEU V 173 -23.69 -11.01 -30.05
C LEU V 173 -23.89 -9.59 -30.54
N THR V 174 -25.12 -9.30 -30.96
CA THR V 174 -25.46 -7.97 -31.46
C THR V 174 -26.47 -7.34 -30.51
N GLY V 175 -26.23 -7.55 -29.22
CA GLY V 175 -27.09 -7.03 -28.19
C GLY V 175 -27.41 -5.57 -28.22
N SER V 176 -28.52 -5.24 -27.58
CA SER V 176 -28.96 -3.87 -27.47
C SER V 176 -30.13 -3.84 -26.52
N VAL V 177 -30.58 -2.64 -26.20
CA VAL V 177 -31.72 -2.49 -25.31
C VAL V 177 -32.91 -2.06 -26.15
N GLN V 178 -33.83 -2.98 -26.38
CA GLN V 178 -35.01 -2.68 -27.16
C GLN V 178 -36.25 -3.02 -26.33
N PRO V 179 -37.44 -2.56 -26.75
CA PRO V 179 -38.67 -2.83 -26.02
C PRO V 179 -39.12 -4.29 -26.15
N VAL V 180 -39.66 -4.83 -25.06
CA VAL V 180 -40.13 -6.20 -25.06
C VAL V 180 -41.63 -6.35 -24.91
N ALA V 181 -42.20 -7.29 -25.65
CA ALA V 181 -43.64 -7.56 -25.63
C ALA V 181 -43.92 -8.82 -24.84
N PRO V 182 -44.62 -8.68 -23.70
CA PRO V 182 -44.93 -9.85 -22.89
C PRO V 182 -45.64 -10.89 -23.70
N GLU V 183 -45.05 -12.07 -23.77
CA GLU V 183 -45.64 -13.17 -24.51
C GLU V 183 -45.99 -14.14 -23.40
N TRP V 184 -47.29 -14.38 -23.23
CA TRP V 184 -47.77 -15.24 -22.16
C TRP V 184 -47.84 -16.71 -22.54
N GLY V 185 -47.66 -16.99 -23.84
CA GLY V 185 -47.68 -18.38 -24.30
C GLY V 185 -46.81 -19.21 -23.38
N PRO V 186 -46.86 -20.54 -23.48
CA PRO V 186 -46.02 -21.34 -22.59
C PRO V 186 -44.52 -21.02 -22.55
N ASP V 187 -43.93 -20.64 -23.69
CA ASP V 187 -42.48 -20.34 -23.77
C ASP V 187 -42.08 -19.07 -23.03
N GLY V 188 -43.03 -18.49 -22.29
CA GLY V 188 -42.74 -17.32 -21.51
C GLY V 188 -42.00 -17.76 -20.27
N PHE V 189 -41.87 -19.07 -20.14
CA PHE V 189 -41.18 -19.68 -19.02
C PHE V 189 -39.78 -20.15 -19.38
N ASN V 190 -39.48 -20.16 -20.68
CA ASN V 190 -38.15 -20.53 -21.15
C ASN V 190 -37.38 -19.34 -20.59
N PRO V 191 -36.77 -19.52 -19.39
CA PRO V 191 -36.02 -18.45 -18.74
C PRO V 191 -35.38 -17.54 -19.75
N TYR V 192 -34.82 -18.14 -20.79
CA TYR V 192 -34.16 -17.41 -21.86
C TYR V 192 -35.04 -16.41 -22.58
N ASN V 193 -36.26 -16.81 -22.93
CA ASN V 193 -37.17 -15.92 -23.63
C ASN V 193 -37.37 -14.61 -22.87
N PRO V 194 -36.78 -13.51 -23.36
CA PRO V 194 -36.89 -12.19 -22.73
C PRO V 194 -38.32 -11.79 -22.53
N GLY V 195 -39.11 -11.87 -23.61
CA GLY V 195 -40.50 -11.52 -23.49
C GLY V 195 -41.02 -12.13 -22.22
N GLY V 196 -40.61 -13.37 -22.00
CA GLY V 196 -41.01 -14.11 -20.82
C GLY V 196 -40.83 -13.38 -19.51
N VAL V 197 -40.28 -12.17 -19.58
CA VAL V 197 -40.03 -11.39 -18.38
C VAL V 197 -41.01 -10.28 -18.20
N VAL V 198 -41.20 -9.49 -19.24
CA VAL V 198 -42.13 -8.37 -19.15
C VAL V 198 -43.50 -8.95 -18.80
N ALA V 199 -43.72 -10.18 -19.25
CA ALA V 199 -44.98 -10.87 -19.01
C ALA V 199 -45.17 -11.25 -17.53
N HIS V 200 -44.07 -11.59 -16.89
CA HIS V 200 -44.12 -11.97 -15.51
C HIS V 200 -44.40 -10.81 -14.57
N HIS V 201 -43.73 -9.69 -14.77
CA HIS V 201 -43.91 -8.52 -13.91
C HIS V 201 -45.29 -7.87 -14.04
N ILE V 202 -45.75 -7.69 -15.27
CA ILE V 202 -47.05 -7.11 -15.53
C ILE V 202 -48.05 -8.02 -14.82
N ALA V 203 -47.80 -9.32 -14.99
CA ALA V 203 -48.63 -10.40 -14.43
C ALA V 203 -48.54 -10.59 -12.90
N ALA V 204 -47.35 -10.47 -12.33
CA ALA V 204 -47.23 -10.65 -10.90
C ALA V 204 -47.67 -9.38 -10.21
N GLY V 205 -47.67 -8.27 -10.95
CA GLY V 205 -48.09 -7.01 -10.37
C GLY V 205 -49.54 -7.12 -9.92
N ILE V 206 -50.37 -7.64 -10.82
CA ILE V 206 -51.79 -7.85 -10.58
C ILE V 206 -51.93 -8.56 -9.22
N VAL V 207 -51.34 -9.76 -9.21
CA VAL V 207 -51.32 -10.65 -8.07
C VAL V 207 -50.84 -10.00 -6.79
N GLY V 208 -50.11 -8.90 -6.92
CA GLY V 208 -49.60 -8.23 -5.73
C GLY V 208 -50.62 -7.24 -5.21
N ILE V 209 -51.10 -6.40 -6.13
CA ILE V 209 -52.11 -5.40 -5.79
C ILE V 209 -53.20 -6.14 -5.02
N ILE V 210 -53.87 -7.08 -5.69
CA ILE V 210 -54.93 -7.89 -5.08
C ILE V 210 -54.57 -8.35 -3.66
N ALA V 211 -53.41 -8.97 -3.52
CA ALA V 211 -52.93 -9.46 -2.24
C ALA V 211 -52.84 -8.36 -1.22
N GLY V 212 -52.25 -7.24 -1.61
CA GLY V 212 -52.13 -6.13 -0.68
C GLY V 212 -53.48 -5.81 -0.08
N LEU V 213 -54.43 -5.45 -0.95
CA LEU V 213 -55.79 -5.13 -0.54
C LEU V 213 -56.22 -6.20 0.45
N PHE V 214 -56.22 -7.42 -0.04
CA PHE V 214 -56.60 -8.57 0.75
C PHE V 214 -55.98 -8.50 2.13
N HIS V 215 -54.65 -8.30 2.21
CA HIS V 215 -53.98 -8.25 3.52
C HIS V 215 -54.08 -6.93 4.27
N ILE V 216 -54.65 -5.93 3.60
CA ILE V 216 -54.87 -4.60 4.19
C ILE V 216 -56.25 -4.67 4.86
N LEU V 217 -57.09 -5.54 4.31
CA LEU V 217 -58.46 -5.76 4.82
C LEU V 217 -58.53 -6.97 5.77
N VAL V 218 -58.58 -8.17 5.21
CA VAL V 218 -58.64 -9.42 5.99
C VAL V 218 -57.67 -9.37 7.18
N ARG V 219 -58.00 -10.13 8.21
CA ARG V 219 -57.19 -10.18 9.41
C ARG V 219 -56.75 -11.64 9.60
N PRO V 220 -55.57 -11.85 10.22
CA PRO V 220 -55.02 -13.19 10.46
C PRO V 220 -55.63 -14.06 11.57
N PRO V 221 -55.94 -15.32 11.22
CA PRO V 221 -56.52 -16.23 12.19
C PRO V 221 -55.77 -16.22 13.52
N GLN V 222 -56.53 -16.29 14.61
CA GLN V 222 -55.94 -16.32 15.92
C GLN V 222 -55.14 -17.60 16.03
N ARG V 223 -55.34 -18.54 15.11
CA ARG V 223 -54.58 -19.80 15.16
C ARG V 223 -53.18 -19.60 14.57
N LEU V 224 -53.05 -18.60 13.70
CA LEU V 224 -51.77 -18.30 13.08
C LEU V 224 -51.06 -17.25 13.92
N TYR V 225 -51.72 -16.12 14.12
CA TYR V 225 -51.17 -15.03 14.91
C TYR V 225 -50.66 -15.54 16.28
N LYS V 226 -51.10 -16.72 16.69
CA LYS V 226 -50.65 -17.30 17.97
C LYS V 226 -49.41 -18.17 17.70
N ALA V 227 -49.39 -18.79 16.52
CA ALA V 227 -48.28 -19.66 16.09
C ALA V 227 -47.13 -18.81 15.58
N LEU V 228 -47.39 -18.01 14.54
CA LEU V 228 -46.37 -17.14 13.99
C LEU V 228 -46.15 -15.89 14.85
N ARG V 229 -46.51 -16.00 16.13
CA ARG V 229 -46.36 -14.94 17.13
C ARG V 229 -46.33 -13.52 16.58
N MET V 230 -47.05 -13.28 15.47
CA MET V 230 -47.10 -11.97 14.84
C MET V 230 -47.29 -10.97 15.98
N GLY V 231 -46.98 -9.72 15.71
CA GLY V 231 -47.08 -8.72 16.76
C GLY V 231 -45.70 -8.49 17.33
N ASN V 232 -44.92 -9.57 17.42
CA ASN V 232 -43.53 -9.54 17.90
C ASN V 232 -42.69 -9.42 16.64
N ILE V 233 -42.38 -8.18 16.28
CA ILE V 233 -41.61 -7.88 15.08
C ILE V 233 -40.51 -8.91 14.76
N GLU V 234 -39.89 -9.46 15.80
CA GLU V 234 -38.82 -10.46 15.66
C GLU V 234 -39.15 -11.51 14.61
N THR V 235 -40.44 -11.77 14.42
CA THR V 235 -40.89 -12.78 13.47
C THR V 235 -40.91 -12.38 12.03
N VAL V 236 -41.08 -11.10 11.78
CA VAL V 236 -41.11 -10.63 10.41
C VAL V 236 -39.73 -10.77 9.79
N LEU V 237 -38.71 -10.81 10.65
CA LEU V 237 -37.31 -10.90 10.24
C LEU V 237 -36.90 -12.26 9.73
N SER V 238 -37.42 -13.31 10.38
CA SER V 238 -37.12 -14.68 9.98
C SER V 238 -38.07 -14.99 8.84
N SER V 239 -39.20 -14.30 8.87
CA SER V 239 -40.24 -14.45 7.88
C SER V 239 -39.80 -13.80 6.56
N SER V 240 -38.69 -13.07 6.61
CA SER V 240 -38.19 -12.42 5.41
C SER V 240 -36.81 -12.94 5.02
N ILE V 241 -35.88 -12.95 5.97
CA ILE V 241 -34.54 -13.46 5.72
C ILE V 241 -34.69 -14.73 4.92
N ALA V 242 -35.74 -15.49 5.23
CA ALA V 242 -36.02 -16.72 4.53
C ALA V 242 -36.14 -16.52 3.02
N ALA V 243 -37.03 -15.63 2.62
CA ALA V 243 -37.26 -15.34 1.20
C ALA V 243 -36.03 -14.72 0.58
N VAL V 244 -35.51 -13.71 1.26
CA VAL V 244 -34.32 -13.00 0.79
C VAL V 244 -33.27 -13.99 0.37
N PHE V 245 -32.87 -14.89 1.27
CA PHE V 245 -31.85 -15.85 0.91
C PHE V 245 -32.25 -16.69 -0.30
N PHE V 246 -33.53 -17.06 -0.40
CA PHE V 246 -33.99 -17.83 -1.55
C PHE V 246 -33.90 -16.93 -2.78
N ALA V 247 -34.34 -15.68 -2.65
CA ALA V 247 -34.26 -14.74 -3.75
C ALA V 247 -32.82 -14.79 -4.26
N ALA V 248 -31.90 -15.02 -3.34
CA ALA V 248 -30.49 -15.11 -3.67
C ALA V 248 -30.28 -16.23 -4.63
N PHE V 249 -30.23 -17.42 -4.06
CA PHE V 249 -30.01 -18.65 -4.78
C PHE V 249 -30.62 -18.65 -6.16
N VAL V 250 -31.65 -17.86 -6.39
CA VAL V 250 -32.23 -17.82 -7.72
C VAL V 250 -31.36 -16.91 -8.56
N VAL V 251 -30.95 -15.78 -7.99
CA VAL V 251 -30.11 -14.85 -8.74
C VAL V 251 -28.77 -15.55 -8.98
N ALA V 252 -28.43 -16.49 -8.10
CA ALA V 252 -27.20 -17.26 -8.22
C ALA V 252 -27.34 -18.26 -9.36
N GLY V 253 -28.54 -18.73 -9.58
CA GLY V 253 -28.77 -19.66 -10.67
C GLY V 253 -28.80 -18.90 -11.97
N THR V 254 -29.80 -18.05 -12.15
CA THR V 254 -29.95 -17.24 -13.37
C THR V 254 -28.60 -16.70 -13.85
N MET V 255 -27.76 -16.34 -12.87
CA MET V 255 -26.45 -15.81 -13.18
C MET V 255 -25.57 -16.84 -13.84
N TRP V 256 -25.23 -17.90 -13.09
CA TRP V 256 -24.36 -18.94 -13.61
C TRP V 256 -24.93 -19.55 -14.88
N TYR V 257 -25.97 -20.35 -14.79
CA TYR V 257 -26.51 -20.90 -16.03
C TYR V 257 -27.04 -19.69 -16.80
N GLY V 258 -27.39 -19.88 -18.06
CA GLY V 258 -27.89 -18.73 -18.80
C GLY V 258 -29.24 -18.22 -18.33
N SER V 259 -29.64 -17.07 -18.85
CA SER V 259 -30.94 -16.45 -18.54
C SER V 259 -31.02 -15.08 -19.19
N ALA V 260 -32.21 -14.65 -19.60
CA ALA V 260 -32.32 -13.34 -20.22
C ALA V 260 -32.26 -12.21 -19.20
N THR V 261 -32.17 -12.56 -17.92
CA THR V 261 -32.07 -11.56 -16.85
C THR V 261 -30.59 -11.19 -16.61
N THR V 262 -29.71 -12.00 -17.20
CA THR V 262 -28.24 -11.88 -17.15
C THR V 262 -27.77 -12.27 -18.55
N PRO V 263 -27.60 -11.29 -19.43
CA PRO V 263 -27.16 -11.54 -20.81
C PRO V 263 -25.82 -12.24 -21.00
N ILE V 264 -25.43 -12.34 -22.25
CA ILE V 264 -24.20 -12.99 -22.64
C ILE V 264 -23.07 -11.99 -22.68
N GLU V 265 -23.39 -10.76 -23.09
CA GLU V 265 -22.41 -9.70 -23.22
C GLU V 265 -22.34 -8.72 -22.06
N LEU V 266 -23.37 -8.65 -21.25
CA LEU V 266 -23.27 -7.74 -20.13
C LEU V 266 -22.60 -8.48 -19.00
N PHE V 267 -22.50 -9.80 -19.13
CA PHE V 267 -21.87 -10.66 -18.12
C PHE V 267 -20.99 -11.65 -18.83
N GLY V 268 -19.96 -12.12 -18.15
CA GLY V 268 -19.06 -13.09 -18.77
C GLY V 268 -19.81 -14.21 -19.45
N PRO V 269 -19.38 -14.65 -20.64
CA PRO V 269 -20.06 -15.73 -21.35
C PRO V 269 -20.16 -16.87 -20.35
N THR V 270 -21.25 -17.63 -20.42
CA THR V 270 -21.46 -18.74 -19.50
C THR V 270 -20.44 -19.83 -19.60
N ARG V 271 -20.00 -20.31 -18.44
CA ARG V 271 -19.02 -21.37 -18.38
C ARG V 271 -19.41 -22.58 -19.21
N TYR V 272 -20.72 -22.79 -19.38
CA TYR V 272 -21.20 -23.94 -20.13
C TYR V 272 -21.11 -23.72 -21.63
N GLN V 273 -21.05 -22.46 -22.03
CA GLN V 273 -20.94 -22.11 -23.44
C GLN V 273 -19.68 -22.74 -24.03
N TRP V 274 -18.69 -22.95 -23.16
CA TRP V 274 -17.43 -23.54 -23.57
C TRP V 274 -17.39 -25.05 -23.28
N ASP V 275 -18.22 -25.50 -22.33
CA ASP V 275 -18.27 -26.93 -22.00
C ASP V 275 -18.57 -27.64 -23.30
N SER V 276 -19.68 -27.26 -23.91
CA SER V 276 -20.03 -27.81 -25.20
C SER V 276 -19.44 -26.74 -26.11
N SER V 277 -18.68 -27.15 -27.11
CA SER V 277 -18.04 -26.23 -28.02
C SER V 277 -19.07 -25.35 -28.73
N TYR V 278 -20.03 -24.85 -27.97
CA TYR V 278 -21.10 -24.04 -28.52
C TYR V 278 -20.53 -23.07 -29.52
N PHE V 279 -19.57 -22.27 -29.10
CA PHE V 279 -19.04 -21.29 -30.01
C PHE V 279 -18.31 -21.78 -31.24
N GLN V 280 -17.68 -22.96 -31.18
CA GLN V 280 -16.97 -23.43 -32.39
C GLN V 280 -17.90 -24.14 -33.36
N GLN V 281 -18.88 -24.87 -32.84
CA GLN V 281 -19.83 -25.60 -33.66
C GLN V 281 -20.80 -24.64 -34.41
N GLU V 282 -21.23 -23.58 -33.73
CA GLU V 282 -22.15 -22.58 -34.33
C GLU V 282 -21.32 -21.71 -35.27
N ILE V 283 -20.02 -21.96 -35.29
CA ILE V 283 -19.09 -21.24 -36.14
C ILE V 283 -18.86 -22.10 -37.35
N ASN V 284 -18.43 -23.33 -37.11
CA ASN V 284 -18.16 -24.23 -38.21
C ASN V 284 -19.31 -24.24 -39.20
N ARG V 285 -20.53 -24.13 -38.70
CA ARG V 285 -21.68 -24.10 -39.60
C ARG V 285 -21.52 -22.97 -40.63
N ARG V 286 -21.20 -21.77 -40.15
CA ARG V 286 -21.04 -20.58 -41.01
C ARG V 286 -19.81 -20.61 -41.89
N VAL V 287 -18.75 -21.23 -41.40
CA VAL V 287 -17.54 -21.31 -42.18
C VAL V 287 -17.66 -22.49 -43.10
N GLN V 288 -18.69 -23.29 -42.90
CA GLN V 288 -18.93 -24.45 -43.75
C GLN V 288 -19.85 -24.01 -44.85
N ALA V 289 -20.85 -23.21 -44.48
CA ALA V 289 -21.78 -22.69 -45.47
C ALA V 289 -20.90 -21.89 -46.43
N SER V 290 -20.21 -20.89 -45.88
CA SER V 290 -19.34 -20.05 -46.68
C SER V 290 -18.34 -20.87 -47.51
N LEU V 291 -17.97 -22.04 -47.00
CA LEU V 291 -17.00 -22.92 -47.66
C LEU V 291 -17.60 -23.69 -48.83
N ALA V 292 -18.64 -24.46 -48.52
CA ALA V 292 -19.33 -25.25 -49.52
C ALA V 292 -20.21 -24.30 -50.34
N SER V 293 -19.89 -23.01 -50.26
CA SER V 293 -20.63 -22.01 -50.99
C SER V 293 -19.70 -21.34 -52.00
N GLY V 294 -18.57 -21.97 -52.29
CA GLY V 294 -17.62 -21.41 -53.25
C GLY V 294 -16.75 -20.27 -52.74
N ALA V 295 -15.97 -20.55 -51.68
CA ALA V 295 -15.07 -19.56 -51.06
C ALA V 295 -13.73 -20.16 -50.60
N THR V 296 -12.67 -19.33 -50.62
CA THR V 296 -11.35 -19.80 -50.20
C THR V 296 -11.48 -20.15 -48.73
N LEU V 297 -10.82 -21.22 -48.29
CA LEU V 297 -10.88 -21.56 -46.89
C LEU V 297 -10.49 -20.25 -46.20
N GLU V 298 -9.70 -19.44 -46.88
CA GLU V 298 -9.26 -18.15 -46.37
C GLU V 298 -10.44 -17.19 -46.25
N GLU V 299 -11.14 -16.96 -47.36
CA GLU V 299 -12.28 -16.07 -47.34
C GLU V 299 -13.25 -16.61 -46.29
N ALA V 300 -13.14 -17.92 -46.08
CA ALA V 300 -13.98 -18.66 -45.14
C ALA V 300 -13.94 -18.18 -43.70
N TRP V 301 -12.75 -18.25 -43.11
CA TRP V 301 -12.54 -17.85 -41.74
C TRP V 301 -12.45 -16.35 -41.63
N SER V 302 -11.87 -15.69 -42.62
CA SER V 302 -11.79 -14.23 -42.59
C SER V 302 -13.24 -13.74 -42.62
N ALA V 303 -14.16 -14.69 -42.82
CA ALA V 303 -15.61 -14.45 -42.86
C ALA V 303 -16.15 -14.37 -41.43
N ILE V 304 -15.71 -15.31 -40.58
CA ILE V 304 -16.13 -15.35 -39.19
C ILE V 304 -15.82 -14.02 -38.50
N PRO V 305 -16.75 -13.53 -37.69
CA PRO V 305 -16.68 -12.27 -36.93
C PRO V 305 -15.86 -12.24 -35.66
N GLU V 306 -15.08 -11.18 -35.51
CA GLU V 306 -14.21 -10.99 -34.35
C GLU V 306 -14.85 -11.51 -33.07
N LYS V 307 -15.71 -10.67 -32.49
CA LYS V 307 -16.34 -10.98 -31.23
C LYS V 307 -16.65 -12.45 -31.03
N LEU V 308 -17.15 -13.09 -32.07
CA LEU V 308 -17.51 -14.48 -31.95
C LEU V 308 -16.36 -15.45 -31.73
N ALA V 309 -15.26 -15.27 -32.45
CA ALA V 309 -14.16 -16.18 -32.22
C ALA V 309 -13.92 -16.06 -30.74
N PHE V 310 -13.67 -14.81 -30.32
CA PHE V 310 -13.37 -14.48 -28.92
C PHE V 310 -14.18 -15.31 -27.91
N TYR V 311 -15.48 -15.44 -28.15
CA TYR V 311 -16.29 -16.21 -27.22
C TYR V 311 -15.73 -17.62 -27.11
N ASP V 312 -15.17 -18.10 -28.19
CA ASP V 312 -14.61 -19.43 -28.19
C ASP V 312 -13.19 -19.43 -27.65
N TYR V 313 -12.95 -18.69 -26.57
CA TYR V 313 -11.61 -18.63 -25.95
C TYR V 313 -11.78 -19.02 -24.51
N ILE V 314 -11.28 -20.20 -24.13
CA ILE V 314 -11.46 -20.62 -22.75
C ILE V 314 -11.19 -19.53 -21.75
N GLY V 315 -10.35 -18.57 -22.13
CA GLY V 315 -10.03 -17.49 -21.23
C GLY V 315 -11.20 -16.62 -20.76
N ASN V 316 -12.42 -16.93 -21.19
CA ASN V 316 -13.56 -16.15 -20.75
C ASN V 316 -14.52 -17.07 -20.05
N ASN V 317 -14.25 -18.35 -20.15
CA ASN V 317 -15.05 -19.36 -19.49
C ASN V 317 -14.90 -19.15 -17.97
N PRO V 318 -15.86 -18.46 -17.36
CA PRO V 318 -15.94 -18.11 -15.93
C PRO V 318 -15.27 -19.00 -14.91
N ALA V 319 -15.24 -20.30 -15.18
CA ALA V 319 -14.67 -21.24 -14.23
C ALA V 319 -13.19 -21.05 -13.95
N LYS V 320 -12.39 -21.05 -15.02
CA LYS V 320 -10.93 -20.93 -14.94
C LYS V 320 -10.29 -20.02 -13.87
N GLY V 321 -11.00 -19.01 -13.40
CA GLY V 321 -10.45 -18.11 -12.39
C GLY V 321 -9.75 -18.69 -11.15
N GLY V 322 -9.87 -17.98 -10.03
CA GLY V 322 -9.28 -18.38 -8.75
C GLY V 322 -9.86 -17.55 -7.61
N LEU V 323 -10.16 -18.18 -6.48
CA LEU V 323 -10.74 -17.45 -5.36
C LEU V 323 -9.99 -16.19 -4.95
N PHE V 324 -8.67 -16.17 -5.09
CA PHE V 324 -7.93 -14.99 -4.69
C PHE V 324 -7.30 -14.25 -5.84
N ARG V 325 -7.56 -14.74 -7.04
CA ARG V 325 -7.03 -14.14 -8.25
C ARG V 325 -7.68 -12.76 -8.43
N THR V 326 -7.31 -11.92 -7.47
CA THR V 326 -7.69 -10.54 -7.23
C THR V 326 -8.33 -9.58 -8.24
N GLY V 327 -8.21 -9.78 -9.55
CA GLY V 327 -8.82 -8.75 -10.38
C GLY V 327 -9.57 -9.04 -11.65
N PRO V 328 -9.85 -7.98 -12.44
CA PRO V 328 -10.57 -8.02 -13.72
C PRO V 328 -9.82 -8.81 -14.77
N MET V 329 -10.54 -9.73 -15.41
CA MET V 329 -9.98 -10.62 -16.42
C MET V 329 -8.82 -10.08 -17.23
N ASN V 330 -8.64 -8.77 -17.23
CA ASN V 330 -7.55 -8.22 -17.99
C ASN V 330 -6.13 -8.42 -17.46
N LYS V 331 -5.89 -8.32 -16.14
CA LYS V 331 -4.54 -8.52 -15.62
C LYS V 331 -4.41 -10.05 -15.53
N GLY V 332 -4.90 -10.71 -16.57
CA GLY V 332 -4.85 -12.15 -16.66
C GLY V 332 -4.16 -12.48 -17.96
N ASP V 333 -4.95 -12.76 -19.00
CA ASP V 333 -4.38 -13.07 -20.30
C ASP V 333 -3.93 -11.78 -20.95
N GLY V 334 -4.39 -10.68 -20.36
CA GLY V 334 -4.05 -9.36 -20.84
C GLY V 334 -5.23 -8.70 -21.51
N ILE V 335 -4.95 -7.66 -22.28
CA ILE V 335 -5.99 -6.98 -23.00
C ILE V 335 -6.05 -7.59 -24.40
N ALA V 336 -7.19 -8.16 -24.71
CA ALA V 336 -7.36 -8.77 -26.01
C ALA V 336 -7.26 -7.66 -27.06
N GLN V 337 -6.26 -7.73 -27.95
CA GLN V 337 -6.15 -6.72 -28.99
C GLN V 337 -6.74 -7.17 -30.33
N ALA V 338 -6.67 -8.47 -30.63
CA ALA V 338 -7.24 -8.97 -31.86
C ALA V 338 -7.10 -10.47 -32.03
N TRP V 339 -7.84 -11.00 -33.01
CA TRP V 339 -7.84 -12.43 -33.30
C TRP V 339 -6.74 -12.70 -34.29
N LYS V 340 -5.91 -13.70 -34.00
CA LYS V 340 -4.81 -14.05 -34.90
C LYS V 340 -5.28 -14.81 -36.13
N GLY V 341 -6.15 -15.79 -35.92
CA GLY V 341 -6.69 -16.59 -37.02
C GLY V 341 -6.90 -18.01 -36.52
N HIS V 342 -7.74 -18.80 -37.16
CA HIS V 342 -7.95 -20.15 -36.69
C HIS V 342 -6.70 -20.92 -37.06
N ALA V 343 -6.21 -21.68 -36.09
CA ALA V 343 -5.01 -22.48 -36.26
C ALA V 343 -5.30 -23.95 -36.50
N VAL V 344 -5.22 -24.36 -37.76
CA VAL V 344 -5.44 -25.76 -38.14
C VAL V 344 -4.07 -26.37 -38.28
N PHE V 345 -3.84 -27.41 -37.50
CA PHE V 345 -2.54 -28.06 -37.50
C PHE V 345 -2.47 -29.22 -38.46
N ARG V 346 -1.55 -29.12 -39.42
CA ARG V 346 -1.35 -30.15 -40.42
C ARG V 346 -0.23 -31.11 -40.06
N ASN V 347 -0.44 -32.35 -40.47
CA ASN V 347 0.51 -33.39 -40.24
C ASN V 347 1.61 -33.17 -41.27
N LYS V 348 2.61 -34.04 -41.30
CA LYS V 348 3.64 -33.86 -42.31
C LYS V 348 3.04 -34.57 -43.52
N GLU V 349 2.21 -35.59 -43.25
CA GLU V 349 1.57 -36.36 -44.32
C GLU V 349 0.51 -35.51 -45.00
N GLY V 350 0.08 -34.45 -44.32
CA GLY V 350 -0.91 -33.55 -44.89
C GLY V 350 -2.24 -33.56 -44.17
N GLU V 351 -2.40 -34.60 -43.35
CA GLU V 351 -3.61 -34.81 -42.60
C GLU V 351 -3.88 -33.64 -41.67
N GLU V 352 -5.15 -33.33 -41.48
CA GLU V 352 -5.51 -32.24 -40.60
C GLU V 352 -5.59 -32.82 -39.20
N LEU V 353 -5.25 -32.02 -38.19
CA LEU V 353 -5.29 -32.47 -36.80
C LEU V 353 -5.99 -31.44 -35.95
N PHE V 354 -6.34 -31.84 -34.74
CA PHE V 354 -7.00 -30.93 -33.82
C PHE V 354 -6.29 -30.91 -32.49
N VAL V 355 -6.26 -29.76 -31.83
CA VAL V 355 -5.65 -29.63 -30.51
C VAL V 355 -6.70 -30.09 -29.53
N ARG V 356 -6.50 -31.20 -28.82
CA ARG V 356 -7.54 -31.63 -27.89
C ARG V 356 -7.62 -30.67 -26.71
N ARG V 357 -8.64 -29.82 -26.75
CA ARG V 357 -8.87 -28.77 -25.75
C ARG V 357 -8.70 -29.10 -24.28
N MET V 358 -8.62 -28.03 -23.49
CA MET V 358 -8.44 -28.13 -22.05
C MET V 358 -9.74 -27.92 -21.33
N PRO V 359 -10.23 -29.00 -20.69
CA PRO V 359 -11.47 -29.03 -19.93
C PRO V 359 -11.38 -28.15 -18.69
N ALA V 360 -12.35 -27.25 -18.55
CA ALA V 360 -12.44 -26.28 -17.44
C ALA V 360 -11.78 -26.58 -16.10
N PHE V 361 -11.66 -27.84 -15.74
CA PHE V 361 -11.07 -28.24 -14.46
C PHE V 361 -9.56 -28.11 -14.30
N PHE V 362 -8.83 -28.22 -15.39
CA PHE V 362 -7.37 -28.19 -15.31
C PHE V 362 -6.67 -26.84 -15.54
N GLU V 363 -5.79 -26.48 -14.60
CA GLU V 363 -5.02 -25.26 -14.74
C GLU V 363 -3.82 -25.68 -15.57
N SER V 364 -3.40 -26.93 -15.40
CA SER V 364 -2.28 -27.49 -16.12
C SER V 364 -2.83 -28.32 -17.26
N PHE V 365 -2.01 -28.59 -18.27
CA PHE V 365 -2.48 -29.43 -19.37
C PHE V 365 -1.50 -29.64 -20.50
N PRO V 366 -1.35 -30.93 -20.92
CA PRO V 366 -0.48 -31.45 -21.98
C PRO V 366 -1.24 -31.35 -23.30
N VAL V 367 -0.64 -30.70 -24.30
CA VAL V 367 -1.31 -30.56 -25.58
C VAL V 367 -1.22 -31.85 -26.34
N ILE V 368 -2.32 -32.24 -26.95
CA ILE V 368 -2.31 -33.45 -27.74
C ILE V 368 -3.07 -33.14 -29.01
N LEU V 369 -2.52 -33.57 -30.13
CA LEU V 369 -3.18 -33.37 -31.41
C LEU V 369 -3.71 -34.70 -31.87
N THR V 370 -5.03 -34.79 -31.94
CA THR V 370 -5.66 -36.02 -32.34
C THR V 370 -6.09 -35.94 -33.77
N ASP V 371 -5.99 -37.09 -34.41
CA ASP V 371 -6.43 -37.22 -35.77
C ASP V 371 -7.90 -36.84 -35.66
N LYS V 372 -8.44 -36.29 -36.73
CA LYS V 372 -9.85 -35.87 -36.79
C LYS V 372 -10.83 -36.88 -36.17
N ASN V 373 -10.37 -38.11 -35.97
CA ASN V 373 -11.20 -39.17 -35.41
C ASN V 373 -10.81 -39.65 -34.02
N GLY V 374 -10.28 -38.75 -33.19
CA GLY V 374 -9.88 -39.12 -31.83
C GLY V 374 -8.55 -39.84 -31.66
N VAL V 375 -7.99 -40.30 -32.77
CA VAL V 375 -6.70 -41.00 -32.75
C VAL V 375 -5.65 -39.98 -32.36
N VAL V 376 -4.50 -40.45 -31.90
CA VAL V 376 -3.45 -39.53 -31.48
C VAL V 376 -2.30 -39.50 -32.50
N LYS V 377 -2.09 -38.34 -33.12
CA LYS V 377 -1.03 -38.15 -34.11
C LYS V 377 0.04 -37.15 -33.69
N ALA V 378 -0.16 -36.46 -32.57
CA ALA V 378 0.83 -35.48 -32.13
C ALA V 378 0.70 -35.05 -30.67
N ASP V 379 1.84 -34.85 -30.00
CA ASP V 379 1.86 -34.41 -28.61
C ASP V 379 3.18 -33.74 -28.28
N ILE V 380 3.32 -33.25 -27.06
CA ILE V 380 4.57 -32.61 -26.67
C ILE V 380 5.05 -33.43 -25.50
N PRO V 381 5.93 -34.38 -25.78
CA PRO V 381 6.55 -35.33 -24.85
C PRO V 381 7.10 -34.79 -23.54
N PHE V 382 7.09 -35.65 -22.53
CA PHE V 382 7.63 -35.28 -21.25
C PHE V 382 8.84 -36.16 -21.03
N ARG V 383 8.70 -37.45 -21.33
CA ARG V 383 9.85 -38.35 -21.17
C ARG V 383 10.83 -37.87 -22.25
N ARG V 384 10.32 -37.80 -23.48
CA ARG V 384 11.10 -37.31 -24.59
C ARG V 384 12.25 -38.16 -25.02
N ALA V 385 12.48 -39.25 -24.30
CA ALA V 385 13.58 -40.11 -24.67
C ALA V 385 12.97 -41.33 -25.38
N GLU V 386 11.70 -41.56 -25.09
CA GLU V 386 10.99 -42.65 -25.71
C GLU V 386 9.84 -42.05 -26.46
N SER V 387 10.02 -40.83 -26.96
CA SER V 387 8.92 -40.22 -27.69
C SER V 387 8.67 -40.90 -29.01
N LYS V 388 7.40 -41.17 -29.27
CA LYS V 388 6.97 -41.81 -30.49
C LYS V 388 6.19 -40.82 -31.35
N TYR V 389 5.55 -39.82 -30.74
CA TYR V 389 4.74 -38.87 -31.51
C TYR V 389 5.16 -37.40 -31.49
N SER V 390 6.42 -37.10 -31.20
CA SER V 390 6.82 -35.69 -31.14
C SER V 390 6.60 -34.90 -32.42
N PHE V 391 6.26 -33.63 -32.23
CA PHE V 391 6.04 -32.72 -33.33
C PHE V 391 7.16 -32.85 -34.33
N GLU V 392 8.39 -32.83 -33.84
CA GLU V 392 9.55 -32.92 -34.70
C GLU V 392 9.70 -34.24 -35.43
N GLN V 393 9.42 -35.35 -34.75
CA GLN V 393 9.55 -36.66 -35.41
C GLN V 393 8.34 -37.01 -36.27
N GLN V 394 7.29 -36.21 -36.15
CA GLN V 394 6.06 -36.38 -36.93
C GLN V 394 5.82 -35.13 -37.78
N GLY V 395 6.84 -34.29 -37.87
CA GLY V 395 6.74 -33.09 -38.68
C GLY V 395 5.45 -32.30 -38.62
N VAL V 396 5.00 -31.93 -37.42
CA VAL V 396 3.79 -31.14 -37.26
C VAL V 396 3.98 -29.76 -37.86
N THR V 397 2.88 -29.12 -38.22
CA THR V 397 2.98 -27.81 -38.82
C THR V 397 1.70 -27.01 -38.70
N VAL V 398 1.79 -25.70 -38.80
CA VAL V 398 0.60 -24.89 -38.66
C VAL V 398 0.35 -23.84 -39.69
N SER V 399 -0.88 -23.78 -40.17
CA SER V 399 -1.25 -22.77 -41.15
C SER V 399 -2.29 -21.90 -40.47
N PHE V 400 -2.56 -20.74 -41.04
CA PHE V 400 -3.51 -19.84 -40.43
C PHE V 400 -4.47 -19.23 -41.43
N TYR V 401 -5.76 -19.22 -41.09
CA TYR V 401 -6.78 -18.64 -41.95
C TYR V 401 -7.53 -17.66 -41.11
N GLY V 402 -7.77 -16.48 -41.68
CA GLY V 402 -8.46 -15.41 -40.99
C GLY V 402 -7.56 -14.70 -40.00
N GLY V 403 -8.14 -13.81 -39.20
CA GLY V 403 -7.37 -13.07 -38.20
C GLY V 403 -6.46 -12.02 -38.79
N GLU V 404 -5.23 -11.96 -38.29
CA GLU V 404 -4.26 -11.02 -38.81
C GLU V 404 -3.11 -11.87 -39.32
N LEU V 405 -3.02 -13.07 -38.79
CA LEU V 405 -1.97 -13.98 -39.21
C LEU V 405 -2.25 -14.34 -40.66
N ASN V 406 -3.52 -14.71 -40.92
CA ASN V 406 -4.06 -15.10 -42.23
C ASN V 406 -3.10 -15.54 -43.33
N GLY V 407 -3.53 -16.54 -44.09
CA GLY V 407 -2.75 -17.05 -45.21
C GLY V 407 -1.30 -17.31 -44.94
N GLN V 408 -0.91 -17.25 -43.68
CA GLN V 408 0.47 -17.50 -43.34
C GLN V 408 0.54 -18.87 -42.74
N THR V 409 1.73 -19.45 -42.75
CA THR V 409 1.95 -20.77 -42.21
C THR V 409 3.28 -20.77 -41.48
N PHE V 410 3.39 -21.56 -40.43
CA PHE V 410 4.62 -21.62 -39.68
C PHE V 410 5.12 -23.02 -39.64
N THR V 411 6.40 -23.18 -39.92
CA THR V 411 6.93 -24.53 -39.95
C THR V 411 7.89 -24.97 -38.87
N ASP V 412 8.73 -24.08 -38.37
CA ASP V 412 9.73 -24.42 -37.36
C ASP V 412 9.19 -25.08 -36.07
N PRO V 413 9.60 -26.34 -35.81
CA PRO V 413 9.16 -27.09 -34.64
C PRO V 413 8.90 -26.28 -33.37
N PRO V 414 9.67 -25.22 -33.12
CA PRO V 414 9.34 -24.49 -31.91
C PRO V 414 7.98 -23.80 -32.04
N THR V 415 7.93 -22.69 -32.78
CA THR V 415 6.68 -21.96 -32.93
C THR V 415 5.46 -22.84 -33.23
N VAL V 416 5.60 -23.88 -34.04
CA VAL V 416 4.45 -24.72 -34.33
C VAL V 416 3.94 -25.26 -33.01
N LYS V 417 4.85 -25.76 -32.18
CA LYS V 417 4.47 -26.27 -30.89
C LYS V 417 3.74 -25.13 -30.22
N SER V 418 4.49 -24.13 -29.77
CA SER V 418 3.90 -22.98 -29.10
C SER V 418 2.47 -22.73 -29.57
N TYR V 419 2.29 -22.31 -30.81
CA TYR V 419 0.95 -22.03 -31.31
C TYR V 419 -0.10 -23.04 -30.90
N ALA V 420 0.32 -24.29 -30.74
CA ALA V 420 -0.58 -25.36 -30.32
C ALA V 420 -0.97 -25.18 -28.87
N ARG V 421 0.02 -25.18 -27.98
CA ARG V 421 -0.24 -25.00 -26.58
C ARG V 421 -1.17 -23.83 -26.31
N LYS V 422 -1.11 -22.78 -27.12
CA LYS V 422 -1.97 -21.60 -26.92
C LYS V 422 -3.30 -21.83 -27.60
N ALA V 423 -3.38 -22.89 -28.40
CA ALA V 423 -4.60 -23.27 -29.10
C ALA V 423 -5.46 -24.13 -28.19
N ILE V 424 -4.81 -24.74 -27.21
CA ILE V 424 -5.52 -25.55 -26.25
C ILE V 424 -6.46 -24.66 -25.49
N PHE V 425 -6.31 -23.36 -25.67
CA PHE V 425 -7.15 -22.38 -24.98
C PHE V 425 -8.35 -21.95 -25.80
N GLY V 426 -8.43 -22.44 -27.02
CA GLY V 426 -9.53 -22.09 -27.90
C GLY V 426 -8.98 -21.36 -29.11
N GLU V 427 -9.45 -20.13 -29.32
CA GLU V 427 -8.96 -19.34 -30.42
C GLU V 427 -7.79 -18.53 -29.94
N ILE V 428 -6.67 -18.70 -30.61
CA ILE V 428 -5.49 -17.97 -30.25
C ILE V 428 -5.85 -16.50 -30.42
N PHE V 429 -5.15 -15.62 -29.71
CA PHE V 429 -5.37 -14.17 -29.78
C PHE V 429 -4.08 -13.38 -29.50
N GLU V 430 -4.14 -12.06 -29.62
CA GLU V 430 -2.97 -11.21 -29.31
C GLU V 430 -3.34 -10.27 -28.17
N PHE V 431 -2.73 -10.51 -27.02
CA PHE V 431 -3.00 -9.75 -25.82
C PHE V 431 -1.91 -8.77 -25.43
N ASP V 432 -2.29 -7.50 -25.28
CA ASP V 432 -1.34 -6.51 -24.83
C ASP V 432 -1.37 -6.71 -23.32
N THR V 433 -0.25 -7.12 -22.77
CA THR V 433 -0.20 -7.36 -21.35
C THR V 433 0.54 -6.25 -20.69
N GLU V 434 1.48 -5.69 -21.41
CA GLU V 434 2.29 -4.61 -20.86
C GLU V 434 1.48 -3.50 -20.20
N THR V 435 0.52 -2.89 -20.91
CA THR V 435 -0.24 -1.76 -20.37
C THR V 435 -0.74 -1.89 -18.96
N LEU V 436 -1.43 -2.98 -18.69
CA LEU V 436 -1.96 -3.24 -17.37
C LEU V 436 -0.94 -4.02 -16.55
N ASN V 437 -0.01 -4.65 -17.27
CA ASN V 437 1.01 -5.47 -16.66
C ASN V 437 0.35 -6.73 -16.13
N SER V 438 -0.14 -7.57 -17.04
CA SER V 438 -0.82 -8.79 -16.63
C SER V 438 0.17 -9.79 -16.08
N ASP V 439 -0.33 -10.90 -15.56
CA ASP V 439 0.51 -11.91 -14.94
C ASP V 439 0.69 -13.18 -15.72
N GLY V 440 -0.30 -13.51 -16.54
CA GLY V 440 -0.23 -14.72 -17.33
C GLY V 440 -1.12 -15.83 -16.81
N ILE V 441 -1.98 -15.50 -15.84
CA ILE V 441 -2.89 -16.45 -15.26
C ILE V 441 -4.31 -15.92 -15.43
N PHE V 442 -5.31 -16.80 -15.48
CA PHE V 442 -6.70 -16.39 -15.69
C PHE V 442 -7.37 -15.80 -14.47
N ARG V 443 -8.47 -15.10 -14.72
CA ARG V 443 -9.28 -14.52 -13.66
C ARG V 443 -10.71 -14.88 -14.07
N THR V 444 -11.70 -14.68 -13.18
CA THR V 444 -13.09 -14.99 -13.51
C THR V 444 -13.92 -13.77 -13.85
N SER V 445 -14.88 -13.95 -14.76
CA SER V 445 -15.77 -12.89 -15.22
C SER V 445 -16.79 -12.43 -14.18
N PRO V 446 -17.31 -11.20 -14.32
CA PRO V 446 -18.29 -10.67 -13.38
C PRO V 446 -19.22 -11.79 -13.01
N ARG V 447 -19.82 -12.35 -14.05
CA ARG V 447 -20.76 -13.44 -13.87
C ARG V 447 -20.19 -14.41 -12.85
N GLY V 448 -18.91 -14.71 -12.98
CA GLY V 448 -18.27 -15.61 -12.05
C GLY V 448 -18.41 -15.07 -10.63
N TRP V 449 -17.84 -13.90 -10.35
CA TRP V 449 -17.88 -13.34 -9.00
C TRP V 449 -19.29 -13.26 -8.42
N PHE V 450 -20.15 -12.53 -9.13
CA PHE V 450 -21.55 -12.33 -8.73
C PHE V 450 -22.21 -13.58 -8.20
N THR V 451 -21.90 -14.69 -8.84
CA THR V 451 -22.44 -15.98 -8.47
C THR V 451 -21.86 -16.35 -7.10
N PHE V 452 -20.55 -16.35 -7.01
CA PHE V 452 -19.90 -16.68 -5.76
C PHE V 452 -20.29 -15.67 -4.72
N ALA V 453 -20.91 -14.58 -5.14
CA ALA V 453 -21.29 -13.57 -4.16
C ALA V 453 -22.60 -13.95 -3.45
N HIS V 454 -23.67 -13.97 -4.23
CA HIS V 454 -25.01 -14.33 -3.78
C HIS V 454 -24.90 -15.83 -3.67
N ALA V 455 -23.84 -16.24 -3.01
CA ALA V 455 -23.51 -17.61 -2.83
C ALA V 455 -23.31 -17.80 -1.36
N VAL V 456 -22.13 -17.39 -0.92
CA VAL V 456 -21.76 -17.49 0.46
C VAL V 456 -22.73 -16.63 1.22
N PHE V 457 -23.23 -15.60 0.54
CA PHE V 457 -24.19 -14.70 1.16
C PHE V 457 -25.51 -15.40 1.46
N ALA V 458 -26.10 -15.97 0.42
CA ALA V 458 -27.36 -16.66 0.57
C ALA V 458 -27.22 -17.91 1.45
N LEU V 459 -26.10 -18.61 1.32
CA LEU V 459 -25.87 -19.81 2.11
C LEU V 459 -25.72 -19.50 3.60
N LEU V 460 -25.47 -18.24 3.91
CA LEU V 460 -25.34 -17.80 5.28
C LEU V 460 -26.71 -17.36 5.80
N PHE V 461 -27.38 -16.53 5.02
CA PHE V 461 -28.68 -16.02 5.40
C PHE V 461 -29.66 -17.04 5.88
N PHE V 462 -29.63 -18.22 5.29
CA PHE V 462 -30.55 -19.24 5.76
C PHE V 462 -30.17 -19.53 7.18
N PHE V 463 -28.95 -19.18 7.58
CA PHE V 463 -28.57 -19.42 8.96
C PHE V 463 -29.19 -18.34 9.82
N GLY V 464 -29.36 -17.16 9.25
CA GLY V 464 -29.99 -16.10 10.02
C GLY V 464 -31.43 -16.49 10.19
N HIS V 465 -31.97 -17.00 9.09
CA HIS V 465 -33.33 -17.46 9.07
C HIS V 465 -33.54 -18.45 10.20
N ILE V 466 -32.69 -19.46 10.25
CA ILE V 466 -32.76 -20.46 11.29
C ILE V 466 -32.47 -19.87 12.65
N TRP V 467 -31.66 -18.82 12.71
CA TRP V 467 -31.36 -18.24 14.00
C TRP V 467 -32.43 -17.33 14.55
N HIS V 468 -32.95 -16.42 13.73
CA HIS V 468 -33.99 -15.52 14.20
C HIS V 468 -35.31 -16.25 14.32
N GLY V 469 -35.58 -17.16 13.38
CA GLY V 469 -36.80 -17.91 13.45
C GLY V 469 -36.84 -18.56 14.80
N ALA V 470 -35.70 -19.13 15.19
CA ALA V 470 -35.59 -19.80 16.48
C ALA V 470 -35.61 -18.83 17.66
N ARG V 471 -35.18 -17.59 17.46
CA ARG V 471 -35.18 -16.61 18.54
C ARG V 471 -36.46 -15.76 18.50
N THR V 472 -37.27 -16.02 17.49
CA THR V 472 -38.57 -15.37 17.30
C THR V 472 -39.53 -16.17 18.14
N LEU V 473 -39.57 -17.48 17.85
CA LEU V 473 -40.43 -18.44 18.51
C LEU V 473 -40.11 -18.77 19.97
N PHE V 474 -38.83 -18.87 20.30
CA PHE V 474 -38.47 -19.21 21.66
C PHE V 474 -38.03 -18.01 22.50
N ARG V 475 -38.56 -16.84 22.15
CA ARG V 475 -38.28 -15.60 22.86
C ARG V 475 -38.65 -15.79 24.32
N ASP V 476 -39.30 -16.92 24.60
CA ASP V 476 -39.75 -17.25 25.95
C ASP V 476 -38.61 -17.86 26.74
N VAL V 477 -38.10 -18.96 26.25
CA VAL V 477 -37.02 -19.64 26.91
C VAL V 477 -35.72 -18.83 26.81
N PHE V 478 -35.63 -17.98 25.81
CA PHE V 478 -34.47 -17.13 25.56
C PHE V 478 -33.68 -16.75 26.83
N SER V 479 -34.37 -16.25 27.86
CA SER V 479 -33.74 -15.82 29.13
C SER V 479 -33.09 -16.95 29.94
N GLY V 480 -33.92 -17.92 30.33
CA GLY V 480 -33.47 -19.08 31.12
C GLY V 480 -34.34 -20.30 30.82
N ILE V 481 -34.10 -21.43 31.47
CA ILE V 481 -34.94 -22.60 31.18
C ILE V 481 -36.22 -22.71 32.00
N ASP V 482 -36.30 -21.93 33.10
CA ASP V 482 -37.45 -21.90 34.02
C ASP V 482 -37.13 -22.82 35.20
N PRO V 483 -36.55 -22.26 36.28
CA PRO V 483 -36.15 -22.96 37.51
C PRO V 483 -36.93 -24.24 37.87
N GLU V 484 -38.19 -24.34 37.40
CA GLU V 484 -39.03 -25.50 37.64
C GLU V 484 -38.60 -26.71 36.78
N LEU V 485 -38.66 -27.91 37.36
CA LEU V 485 -38.22 -29.16 36.69
C LEU V 485 -39.03 -30.45 37.03
N SER V 486 -38.62 -31.56 36.40
CA SER V 486 -39.16 -32.92 36.56
C SER V 486 -40.38 -33.46 35.77
N PRO V 487 -41.28 -32.59 35.27
CA PRO V 487 -42.42 -33.16 34.54
C PRO V 487 -42.25 -33.45 33.03
N GLU V 488 -42.34 -34.74 32.68
CA GLU V 488 -42.25 -35.25 31.30
C GLU V 488 -41.54 -36.62 31.23
N ASP W 1 -15.62 -62.44 46.47
CA ASP W 1 -15.99 -61.00 46.40
C ASP W 1 -17.07 -60.79 45.34
N GLN W 2 -18.25 -60.38 45.78
CA GLN W 2 -19.41 -60.13 44.91
C GLN W 2 -19.34 -58.71 44.33
N GLU W 3 -20.47 -58.14 43.92
CA GLU W 3 -20.43 -56.78 43.34
C GLU W 3 -20.06 -55.70 44.37
N SER W 4 -21.06 -55.22 45.12
CA SER W 4 -20.84 -54.20 46.14
C SER W 4 -19.66 -54.75 46.95
N SER W 5 -18.79 -53.85 47.40
CA SER W 5 -17.56 -54.19 48.14
C SER W 5 -16.54 -54.62 47.06
N GLY W 6 -16.77 -54.10 45.86
CA GLY W 6 -15.91 -54.37 44.73
C GLY W 6 -16.02 -53.23 43.71
N PHE W 7 -15.55 -53.49 42.49
CA PHE W 7 -15.58 -52.52 41.40
C PHE W 7 -16.74 -52.92 40.50
N ALA W 8 -16.84 -52.33 39.30
CA ALA W 8 -17.91 -52.69 38.37
C ALA W 8 -17.47 -53.93 37.60
N TRP W 9 -18.23 -54.35 36.60
CA TRP W 9 -17.84 -55.54 35.86
C TRP W 9 -16.60 -55.36 34.97
N TRP W 10 -16.51 -54.24 34.26
CA TRP W 10 -15.36 -53.98 33.37
C TRP W 10 -14.04 -53.89 34.16
N ALA W 11 -14.12 -53.52 35.43
CA ALA W 11 -12.94 -53.45 36.28
C ALA W 11 -12.99 -54.73 37.11
N GLY W 12 -13.49 -55.78 36.49
CA GLY W 12 -13.63 -57.04 37.17
C GLY W 12 -12.46 -57.46 38.05
N ASN W 13 -11.33 -57.72 37.40
CA ASN W 13 -10.14 -58.19 38.06
C ASN W 13 -9.60 -57.40 39.22
N ALA W 14 -10.24 -56.28 39.52
CA ALA W 14 -9.83 -55.45 40.64
C ALA W 14 -10.24 -56.07 41.98
N ARG W 15 -11.39 -56.74 42.00
CA ARG W 15 -11.87 -57.37 43.21
C ARG W 15 -11.01 -58.56 43.58
N LEU W 16 -10.01 -58.82 42.74
CA LEU W 16 -9.07 -59.90 43.00
C LEU W 16 -7.81 -59.32 43.63
N ILE W 17 -7.80 -58.00 43.75
CA ILE W 17 -6.70 -57.26 44.34
C ILE W 17 -7.05 -57.03 45.80
N ASN W 18 -8.08 -57.73 46.24
CA ASN W 18 -8.68 -57.54 47.56
C ASN W 18 -8.44 -58.77 48.43
N LEU W 19 -8.00 -58.55 49.65
CA LEU W 19 -7.49 -59.63 50.48
C LEU W 19 -6.27 -60.22 49.78
N SER W 20 -6.21 -61.54 49.75
CA SER W 20 -5.07 -62.25 49.19
C SER W 20 -5.65 -62.92 47.98
N GLY W 21 -4.94 -62.88 46.85
CA GLY W 21 -5.60 -63.28 45.63
C GLY W 21 -6.16 -64.67 45.80
N LYS W 22 -7.42 -64.84 45.42
CA LYS W 22 -8.10 -66.12 45.52
C LYS W 22 -7.36 -67.08 44.62
N LEU W 23 -6.97 -66.55 43.47
CA LEU W 23 -6.19 -67.31 42.52
C LEU W 23 -4.92 -66.56 42.12
N LEU W 24 -3.79 -67.20 42.36
CA LEU W 24 -2.62 -66.97 41.58
C LEU W 24 -3.16 -67.45 40.25
N GLY W 25 -3.97 -68.49 40.34
CA GLY W 25 -4.47 -69.21 39.21
C GLY W 25 -4.87 -68.35 38.04
N ALA W 26 -5.49 -67.19 38.23
CA ALA W 26 -5.63 -66.37 37.02
C ALA W 26 -4.37 -66.27 36.18
N HIS W 27 -3.34 -65.67 36.78
CA HIS W 27 -2.05 -65.50 36.12
C HIS W 27 -1.58 -66.80 35.50
N VAL W 28 -1.71 -67.90 36.23
CA VAL W 28 -1.30 -69.19 35.70
C VAL W 28 -2.32 -69.57 34.66
N ALA W 29 -3.59 -69.37 35.00
CA ALA W 29 -4.69 -69.65 34.08
C ALA W 29 -4.25 -69.33 32.66
N HIS W 30 -3.94 -68.06 32.40
CA HIS W 30 -3.51 -67.66 31.07
C HIS W 30 -2.06 -67.94 30.77
N ALA W 31 -1.24 -68.02 31.82
CA ALA W 31 0.18 -68.30 31.68
C ALA W 31 0.21 -69.53 30.81
N GLY W 32 -1.00 -69.98 30.51
CA GLY W 32 -1.23 -71.13 29.67
C GLY W 32 -1.60 -70.75 28.25
N LEU W 33 -2.58 -69.85 28.09
CA LEU W 33 -2.96 -69.47 26.73
C LEU W 33 -1.68 -69.09 26.04
N ILE W 34 -0.85 -68.35 26.75
CA ILE W 34 0.43 -67.89 26.21
C ILE W 34 1.32 -69.03 25.72
N VAL W 35 1.38 -70.12 26.50
CA VAL W 35 2.20 -71.28 26.14
C VAL W 35 1.43 -72.18 25.19
N PHE W 36 0.10 -72.17 25.33
CA PHE W 36 -0.75 -72.96 24.47
C PHE W 36 -0.73 -72.35 23.08
N TRP W 37 -0.63 -71.02 23.03
CA TRP W 37 -0.66 -70.30 21.77
C TRP W 37 0.51 -70.76 20.90
N ALA W 38 1.65 -70.97 21.53
CA ALA W 38 2.80 -71.53 20.83
C ALA W 38 2.42 -72.92 20.36
N GLY W 39 1.69 -73.65 21.20
CA GLY W 39 1.25 -74.99 20.87
C GLY W 39 0.34 -75.04 19.66
N ALA W 40 -0.58 -74.09 19.55
CA ALA W 40 -1.45 -74.03 18.38
C ALA W 40 -0.73 -73.50 17.14
N MET W 41 -0.35 -72.22 17.18
CA MET W 41 0.33 -71.56 16.07
C MET W 41 1.55 -72.33 15.57
N THR W 42 2.36 -72.84 16.49
CA THR W 42 3.53 -73.59 16.06
C THR W 42 3.05 -74.77 15.23
N LEU W 43 2.04 -75.49 15.75
CA LEU W 43 1.48 -76.63 15.02
C LEU W 43 0.91 -76.08 13.74
N PHE W 44 0.11 -75.03 13.86
CA PHE W 44 -0.52 -74.39 12.70
C PHE W 44 0.50 -73.97 11.66
N GLU W 45 1.59 -73.37 12.11
CA GLU W 45 2.67 -72.93 11.24
C GLU W 45 3.15 -74.11 10.40
N LEU W 46 3.87 -75.02 11.04
CA LEU W 46 4.37 -76.20 10.34
C LEU W 46 3.22 -76.81 9.57
N ALA W 47 2.03 -76.72 10.15
CA ALA W 47 0.82 -77.27 9.53
C ALA W 47 0.62 -76.73 8.14
N HIS W 48 1.32 -75.64 7.83
CA HIS W 48 1.21 -74.99 6.53
C HIS W 48 2.55 -74.83 5.82
N PHE W 49 3.62 -75.11 6.55
CA PHE W 49 4.98 -74.98 6.03
C PHE W 49 5.43 -76.00 4.98
N ILE W 50 5.97 -75.50 3.87
CA ILE W 50 6.50 -76.32 2.79
C ILE W 50 8.01 -76.10 2.94
N PRO W 51 8.84 -77.10 2.67
CA PRO W 51 10.28 -76.88 2.82
C PRO W 51 10.97 -76.00 1.77
N GLU W 52 10.50 -76.03 0.53
CA GLU W 52 11.12 -75.20 -0.51
C GLU W 52 10.80 -73.73 -0.35
N LYS W 53 9.52 -73.39 -0.40
CA LYS W 53 9.06 -72.00 -0.27
C LYS W 53 9.79 -71.27 0.86
N PRO W 54 10.47 -70.15 0.54
CA PRO W 54 11.20 -69.36 1.54
C PRO W 54 10.37 -69.17 2.80
N MET W 55 10.90 -69.63 3.93
CA MET W 55 10.20 -69.52 5.21
C MET W 55 9.40 -68.23 5.49
N TYR W 56 9.93 -67.08 5.08
CA TYR W 56 9.28 -65.80 5.30
C TYR W 56 8.15 -65.58 4.31
N GLU W 57 8.21 -66.31 3.20
CA GLU W 57 7.18 -66.21 2.15
C GLU W 57 5.91 -66.91 2.56
N GLN W 58 5.99 -67.76 3.58
CA GLN W 58 4.84 -68.49 4.08
C GLN W 58 4.52 -68.04 5.50
N GLY W 59 3.91 -66.87 5.62
CA GLY W 59 3.57 -66.32 6.92
C GLY W 59 4.07 -67.07 8.15
N LEU W 60 5.38 -67.23 8.25
CA LEU W 60 5.93 -67.94 9.38
C LEU W 60 6.53 -67.00 10.41
N ILE W 61 5.78 -66.69 11.46
CA ILE W 61 6.34 -65.84 12.49
C ILE W 61 6.98 -66.75 13.49
N LEU W 62 6.23 -67.73 13.95
CA LEU W 62 6.72 -68.67 14.95
C LEU W 62 7.90 -69.58 14.57
N ILE W 63 7.74 -70.30 13.47
CA ILE W 63 8.75 -71.23 12.98
C ILE W 63 10.15 -70.71 12.79
N PRO W 64 10.29 -69.50 12.24
CA PRO W 64 11.62 -68.93 12.03
C PRO W 64 12.51 -68.86 13.26
N HIS W 65 11.88 -68.83 14.44
CA HIS W 65 12.65 -68.73 15.65
C HIS W 65 13.36 -70.01 16.01
N ILE W 66 12.71 -71.12 15.71
CA ILE W 66 13.30 -72.42 16.02
C ILE W 66 14.56 -72.51 15.16
N ALA W 67 14.40 -72.19 13.88
CA ALA W 67 15.49 -72.23 12.92
C ALA W 67 16.65 -71.38 13.39
N THR W 68 16.36 -70.15 13.79
CA THR W 68 17.39 -69.24 14.26
C THR W 68 18.21 -69.82 15.43
N LEU W 69 17.67 -70.86 16.07
CA LEU W 69 18.33 -71.52 17.19
C LEU W 69 19.15 -72.73 16.77
N GLY W 70 19.19 -73.00 15.46
CA GLY W 70 19.94 -74.13 14.94
C GLY W 70 19.14 -75.37 14.61
N TRP W 71 17.87 -75.37 14.98
CA TRP W 71 17.00 -76.51 14.76
C TRP W 71 16.41 -76.62 13.36
N GLY W 72 16.45 -77.84 12.81
CA GLY W 72 15.88 -78.12 11.51
C GLY W 72 16.31 -77.24 10.35
N VAL W 73 17.58 -76.85 10.30
CA VAL W 73 18.03 -76.00 9.20
C VAL W 73 19.32 -76.44 8.51
N GLY W 74 20.48 -76.19 9.14
CA GLY W 74 21.78 -76.54 8.55
C GLY W 74 22.19 -75.72 7.32
N PRO W 75 22.99 -76.28 6.38
CA PRO W 75 23.42 -75.56 5.17
C PRO W 75 22.37 -74.56 4.69
N GLY W 76 22.80 -73.35 4.33
CA GLY W 76 21.87 -72.33 3.87
C GLY W 76 20.72 -72.27 4.85
N GLY W 77 19.67 -71.54 4.52
CA GLY W 77 18.54 -71.48 5.43
C GLY W 77 17.58 -72.63 5.16
N GLU W 78 18.04 -73.61 4.37
CA GLU W 78 17.22 -74.76 3.98
C GLU W 78 16.81 -75.60 5.17
N VAL W 79 15.57 -76.07 5.12
CA VAL W 79 15.01 -76.87 6.18
C VAL W 79 15.11 -78.34 5.80
N VAL W 80 15.78 -79.12 6.65
CA VAL W 80 15.97 -80.55 6.41
C VAL W 80 15.08 -81.41 7.29
N ASP W 81 14.82 -80.94 8.51
CA ASP W 81 13.99 -81.64 9.48
C ASP W 81 12.66 -80.98 9.79
N THR W 82 11.59 -81.42 9.13
CA THR W 82 10.27 -80.84 9.38
C THR W 82 9.86 -81.23 10.80
N PHE W 83 10.56 -82.21 11.33
CA PHE W 83 10.31 -82.76 12.65
C PHE W 83 10.52 -81.80 13.83
N PRO W 84 11.77 -81.35 14.08
CA PRO W 84 12.04 -80.45 15.19
C PRO W 84 11.00 -79.36 15.44
N PHE W 85 10.55 -78.70 14.38
CA PHE W 85 9.56 -77.63 14.54
C PHE W 85 8.33 -78.23 15.20
N PHE W 86 7.77 -79.24 14.53
CA PHE W 86 6.59 -79.95 15.01
C PHE W 86 6.72 -80.28 16.49
N VAL W 87 7.87 -80.86 16.83
CA VAL W 87 8.18 -81.22 18.19
C VAL W 87 7.80 -80.14 19.21
N VAL W 88 8.46 -78.99 19.10
CA VAL W 88 8.30 -77.84 20.01
C VAL W 88 6.89 -77.32 20.26
N GLY W 89 6.07 -77.29 19.21
CA GLY W 89 4.71 -76.81 19.38
C GLY W 89 3.86 -77.88 20.03
N VAL W 90 4.07 -79.12 19.61
CA VAL W 90 3.36 -80.29 20.14
C VAL W 90 3.51 -80.34 21.66
N VAL W 91 4.74 -80.11 22.08
CA VAL W 91 5.09 -80.12 23.47
C VAL W 91 4.45 -78.99 24.26
N HIS W 92 4.68 -77.78 23.78
CA HIS W 92 4.17 -76.58 24.42
C HIS W 92 2.68 -76.76 24.59
N LEU W 93 2.04 -76.98 23.45
CA LEU W 93 0.61 -77.13 23.42
C LEU W 93 0.17 -78.00 24.56
N ILE W 94 0.57 -79.25 24.48
CA ILE W 94 0.22 -80.18 25.52
C ILE W 94 0.66 -79.57 26.84
N SER W 95 1.88 -79.04 26.87
CA SER W 95 2.42 -78.43 28.07
C SER W 95 1.45 -77.43 28.70
N SER W 96 0.68 -76.75 27.87
CA SER W 96 -0.28 -75.74 28.32
C SER W 96 -1.37 -76.27 29.24
N ALA W 97 -1.86 -77.46 28.92
CA ALA W 97 -2.91 -78.05 29.73
C ALA W 97 -2.56 -77.97 31.20
N VAL W 98 -1.42 -78.57 31.57
CA VAL W 98 -0.97 -78.56 32.95
C VAL W 98 -0.99 -77.14 33.51
N LEU W 99 -0.55 -76.19 32.68
CA LEU W 99 -0.53 -74.79 33.09
C LEU W 99 -1.95 -74.27 33.29
N GLY W 100 -2.85 -74.66 32.39
CA GLY W 100 -4.22 -74.21 32.50
C GLY W 100 -5.01 -75.08 33.44
N PHE W 101 -4.77 -76.38 33.36
CA PHE W 101 -5.46 -77.34 34.22
C PHE W 101 -5.33 -76.84 35.67
N GLY W 102 -4.22 -76.18 35.99
CA GLY W 102 -4.02 -75.71 37.35
C GLY W 102 -4.49 -74.33 37.67
N GLY W 103 -4.21 -73.41 36.75
CA GLY W 103 -4.66 -72.06 36.96
C GLY W 103 -6.17 -72.13 37.09
N VAL W 104 -6.80 -72.92 36.22
CA VAL W 104 -8.26 -73.07 36.19
C VAL W 104 -8.78 -73.52 37.55
N TYR W 105 -7.97 -74.28 38.26
CA TYR W 105 -8.36 -74.73 39.58
C TYR W 105 -8.15 -73.58 40.59
N HIS W 106 -6.88 -73.27 40.88
CA HIS W 106 -6.49 -72.20 41.83
C HIS W 106 -7.45 -71.02 41.92
N ALA W 107 -8.24 -70.83 40.87
CA ALA W 107 -9.18 -69.72 40.82
C ALA W 107 -10.61 -70.02 41.32
N ILE W 108 -11.02 -71.28 41.35
CA ILE W 108 -12.37 -71.57 41.83
C ILE W 108 -12.51 -72.49 43.07
N ARG W 109 -11.75 -73.60 43.10
CA ARG W 109 -11.81 -74.56 44.22
C ARG W 109 -10.72 -74.54 45.31
N GLY W 110 -9.69 -73.71 45.16
CA GLY W 110 -8.66 -73.66 46.17
C GLY W 110 -8.89 -72.56 47.19
N PRO W 111 -7.87 -72.18 47.96
CA PRO W 111 -8.03 -71.12 48.95
C PRO W 111 -8.41 -69.80 48.30
N GLU W 112 -9.65 -69.39 48.55
CA GLU W 112 -10.20 -68.14 48.03
C GLU W 112 -9.37 -67.05 48.71
N THR W 113 -8.48 -67.48 49.60
CA THR W 113 -7.60 -66.58 50.33
C THR W 113 -6.30 -67.32 50.75
N LEU W 114 -5.21 -67.01 50.06
CA LEU W 114 -3.89 -67.60 50.33
C LEU W 114 -3.19 -66.61 51.25
N GLU W 115 -3.90 -65.56 51.63
CA GLU W 115 -3.35 -64.61 52.58
C GLU W 115 -3.25 -65.41 53.92
N GLU W 116 -4.30 -66.19 54.23
CA GLU W 116 -4.34 -67.00 55.45
C GLU W 116 -3.47 -68.26 55.38
N TYR W 117 -3.65 -69.04 54.32
CA TYR W 117 -2.87 -70.25 54.12
C TYR W 117 -1.43 -69.77 54.11
N SER W 118 -1.28 -68.46 53.95
CA SER W 118 0.02 -67.75 53.90
C SER W 118 1.23 -68.67 53.97
N SER W 119 1.71 -68.92 55.20
CA SER W 119 2.87 -69.76 55.46
C SER W 119 3.93 -69.59 54.39
N PHE W 120 3.88 -70.50 53.39
CA PHE W 120 4.81 -70.54 52.26
C PHE W 120 5.07 -69.18 51.57
N PHE W 121 5.85 -68.31 52.21
CA PHE W 121 6.13 -67.04 51.57
C PHE W 121 4.77 -66.28 51.64
N GLY W 122 3.78 -66.78 50.91
CA GLY W 122 2.42 -66.24 50.98
C GLY W 122 1.98 -64.95 50.31
N TYR W 123 0.95 -64.34 50.91
CA TYR W 123 0.41 -63.14 50.33
C TYR W 123 0.05 -61.92 51.15
N ASP W 124 0.37 -60.79 50.52
CA ASP W 124 0.12 -59.43 50.97
C ASP W 124 1.18 -58.58 50.29
N TRP W 125 0.73 -57.52 49.63
CA TRP W 125 1.62 -56.65 48.87
C TRP W 125 2.47 -55.75 49.74
N LYS W 126 1.86 -54.91 50.57
CA LYS W 126 2.63 -54.01 51.42
C LYS W 126 3.82 -54.76 52.04
N ASP W 127 3.65 -56.06 52.29
CA ASP W 127 4.71 -56.89 52.86
C ASP W 127 5.96 -56.72 51.99
N LYS W 128 6.76 -55.72 52.32
CA LYS W 128 7.97 -55.38 51.57
C LYS W 128 8.97 -56.49 51.28
N ASN W 129 8.94 -57.56 52.05
CA ASN W 129 9.92 -58.60 51.83
C ASN W 129 9.44 -59.80 51.05
N LYS W 130 8.18 -60.16 51.25
CA LYS W 130 7.59 -61.28 50.53
C LYS W 130 7.74 -61.00 49.04
N MET W 131 7.75 -59.71 48.70
CA MET W 131 7.87 -59.26 47.32
C MET W 131 9.32 -59.20 46.86
N THR W 132 10.21 -58.77 47.74
CA THR W 132 11.61 -58.71 47.37
C THR W 132 12.07 -60.13 47.12
N THR W 133 11.64 -61.02 48.00
CA THR W 133 12.01 -62.43 47.91
C THR W 133 11.39 -63.14 46.71
N ILE W 134 10.10 -62.86 46.44
CA ILE W 134 9.40 -63.46 45.30
C ILE W 134 10.11 -63.14 43.98
N LEU W 135 10.12 -61.88 43.58
CA LEU W 135 10.80 -61.51 42.35
C LEU W 135 12.14 -62.19 42.37
N GLY W 136 12.71 -62.27 43.57
CA GLY W 136 14.00 -62.90 43.78
C GLY W 136 14.05 -64.29 43.16
N PHE W 137 12.98 -65.05 43.33
CA PHE W 137 12.94 -66.39 42.76
C PHE W 137 12.99 -66.27 41.25
N HIS W 138 12.03 -65.54 40.72
CA HIS W 138 11.92 -65.35 39.29
C HIS W 138 13.17 -64.71 38.67
N LEU W 139 14.12 -64.32 39.50
CA LEU W 139 15.35 -63.75 38.99
C LEU W 139 16.34 -64.90 38.74
N ILE W 140 16.43 -65.85 39.66
CA ILE W 140 17.30 -67.00 39.45
C ILE W 140 16.68 -67.67 38.22
N VAL W 141 15.34 -67.68 38.20
CA VAL W 141 14.52 -68.27 37.15
C VAL W 141 14.93 -67.89 35.73
N LEU W 142 15.00 -66.60 35.47
CA LEU W 142 15.37 -66.18 34.13
C LEU W 142 16.81 -66.57 33.75
N GLY W 143 17.78 -66.00 34.48
CA GLY W 143 19.18 -66.26 34.24
C GLY W 143 19.39 -67.74 34.03
N ILE W 144 18.48 -68.52 34.62
CA ILE W 144 18.49 -69.98 34.53
C ILE W 144 18.77 -70.44 33.09
N GLY W 145 17.87 -70.08 32.18
CA GLY W 145 18.06 -70.45 30.80
C GLY W 145 19.01 -69.53 30.04
N ALA W 146 19.34 -68.36 30.58
CA ALA W 146 20.24 -67.44 29.87
C ALA W 146 21.35 -68.38 29.45
N LEU W 147 21.58 -69.33 30.36
CA LEU W 147 22.54 -70.39 30.23
C LEU W 147 21.91 -71.48 29.32
N LEU W 148 20.63 -71.77 29.54
CA LEU W 148 19.90 -72.76 28.74
C LEU W 148 20.26 -72.52 27.29
N LEU W 149 20.26 -71.25 26.93
CA LEU W 149 20.57 -70.84 25.56
C LEU W 149 22.05 -71.03 25.31
N VAL W 150 22.88 -70.54 26.22
CA VAL W 150 24.32 -70.70 26.10
C VAL W 150 24.66 -72.16 25.79
N ALA W 151 23.88 -73.06 26.40
CA ALA W 151 24.02 -74.51 26.23
C ALA W 151 23.67 -74.88 24.79
N LYS W 152 22.47 -74.51 24.37
CA LYS W 152 22.04 -74.79 23.02
C LYS W 152 23.10 -74.18 22.10
N ALA W 153 23.60 -73.02 22.49
CA ALA W 153 24.62 -72.30 21.74
C ALA W 153 25.99 -72.97 21.80
N MET W 154 26.34 -73.50 22.96
CA MET W 154 27.63 -74.14 23.14
C MET W 154 27.66 -75.65 23.38
N PHE W 155 26.57 -76.25 23.84
CA PHE W 155 26.60 -77.68 24.16
C PHE W 155 25.56 -78.66 23.56
N PHE W 156 24.55 -78.14 22.86
CA PHE W 156 23.52 -79.01 22.29
C PHE W 156 23.37 -79.02 20.76
N GLY W 157 23.80 -77.95 20.10
CA GLY W 157 23.68 -77.89 18.65
C GLY W 157 24.19 -76.61 17.99
N GLY W 158 24.11 -75.51 18.71
CA GLY W 158 24.56 -74.23 18.15
C GLY W 158 23.37 -73.41 17.70
N LEU W 159 23.62 -72.36 16.92
CA LEU W 159 22.55 -71.50 16.41
C LEU W 159 22.76 -71.31 14.91
N TYR W 160 21.90 -70.50 14.28
CA TYR W 160 22.07 -70.23 12.87
C TYR W 160 22.85 -68.92 12.79
N ASP W 161 23.88 -68.90 11.96
CA ASP W 161 24.69 -67.71 11.83
C ASP W 161 24.86 -67.38 10.37
N THR W 162 24.21 -66.32 9.91
CA THR W 162 24.30 -65.88 8.51
C THR W 162 25.70 -65.43 8.17
N TRP W 163 26.38 -64.86 9.16
CA TRP W 163 27.76 -64.39 8.99
C TRP W 163 28.70 -65.57 8.90
N ALA W 164 28.46 -66.52 9.79
CA ALA W 164 29.23 -67.75 9.87
C ALA W 164 29.95 -68.05 8.56
N PRO W 165 31.30 -68.23 8.61
CA PRO W 165 32.15 -68.52 7.46
C PRO W 165 31.36 -68.84 6.20
N GLY W 166 31.50 -70.06 5.69
CA GLY W 166 30.77 -70.47 4.50
C GLY W 166 29.57 -69.64 4.04
N GLY W 167 28.53 -69.63 4.86
CA GLY W 167 27.33 -68.87 4.55
C GLY W 167 26.35 -69.20 5.64
N GLY W 168 25.14 -68.65 5.59
CA GLY W 168 24.19 -68.97 6.63
C GLY W 168 24.35 -70.44 6.91
N ASP W 169 24.38 -70.82 8.19
CA ASP W 169 24.57 -72.23 8.52
C ASP W 169 24.63 -72.50 10.01
N VAL W 170 23.92 -73.53 10.45
CA VAL W 170 23.89 -73.92 11.85
C VAL W 170 25.34 -74.08 12.30
N ARG W 171 25.73 -73.30 13.30
CA ARG W 171 27.09 -73.33 13.83
C ARG W 171 27.05 -73.31 15.36
N VAL W 172 28.08 -73.86 16.00
CA VAL W 172 28.14 -73.88 17.46
C VAL W 172 29.00 -72.74 17.98
N ILE W 173 28.48 -71.97 18.93
CA ILE W 173 29.26 -70.85 19.47
C ILE W 173 30.35 -71.41 20.36
N THR W 174 31.57 -71.38 19.85
CA THR W 174 32.68 -71.92 20.61
C THR W 174 33.13 -70.95 21.67
N ASN W 175 33.61 -69.81 21.22
CA ASN W 175 34.16 -68.82 22.11
C ASN W 175 33.34 -67.54 22.36
N PRO W 176 32.39 -67.59 23.32
CA PRO W 176 31.57 -66.41 23.63
C PRO W 176 32.45 -65.25 24.08
N THR W 177 31.85 -64.10 24.36
CA THR W 177 32.66 -62.95 24.76
C THR W 177 32.95 -62.75 26.25
N LEU W 178 34.22 -62.50 26.54
CA LEU W 178 34.74 -62.26 27.89
C LEU W 178 34.55 -60.76 28.16
N ASP W 179 35.53 -59.99 27.73
CA ASP W 179 35.60 -58.55 27.87
C ASP W 179 34.28 -57.89 28.18
N PRO W 180 34.17 -57.26 29.36
CA PRO W 180 32.95 -56.58 29.76
C PRO W 180 32.73 -55.29 28.96
N ARG W 181 33.82 -54.72 28.46
CA ARG W 181 33.73 -53.48 27.67
C ARG W 181 32.76 -53.70 26.53
N VAL W 182 32.94 -54.81 25.82
CA VAL W 182 32.11 -55.17 24.68
C VAL W 182 30.68 -55.47 25.10
N ILE W 183 30.47 -56.62 25.71
CA ILE W 183 29.14 -57.04 26.14
C ILE W 183 28.36 -55.92 26.82
N PHE W 184 29.01 -55.14 27.67
CA PHE W 184 28.32 -54.03 28.33
C PHE W 184 28.30 -52.81 27.44
N GLY W 185 29.45 -52.54 26.83
CA GLY W 185 29.63 -51.39 25.96
C GLY W 185 28.46 -51.02 25.06
N TYR W 186 27.68 -51.99 24.65
CA TYR W 186 26.55 -51.67 23.80
C TYR W 186 25.62 -50.66 24.45
N LEU W 187 25.31 -50.84 25.73
CA LEU W 187 24.40 -49.93 26.39
C LEU W 187 24.85 -48.50 26.21
N LEU W 188 26.15 -48.27 26.41
CA LEU W 188 26.74 -46.93 26.29
C LEU W 188 26.86 -46.46 24.82
N LYS W 189 26.53 -47.36 23.90
CA LYS W 189 26.62 -47.05 22.49
C LYS W 189 25.49 -46.14 22.01
N SER W 190 25.81 -45.36 20.97
CA SER W 190 24.88 -44.43 20.35
C SER W 190 23.47 -44.99 20.30
N PRO W 191 22.47 -44.11 20.30
CA PRO W 191 21.11 -44.64 20.25
C PRO W 191 20.61 -44.51 18.84
N PHE W 192 21.11 -43.48 18.16
CA PHE W 192 20.73 -43.14 16.79
C PHE W 192 21.34 -43.91 15.61
N GLY W 193 20.92 -43.54 14.41
CA GLY W 193 21.43 -44.15 13.19
C GLY W 193 22.95 -44.29 13.17
N GLY W 194 23.42 -45.50 12.95
CA GLY W 194 24.83 -45.75 12.91
C GLY W 194 25.21 -46.74 14.00
N GLU W 195 24.52 -46.65 15.13
CA GLU W 195 24.80 -47.53 16.27
C GLU W 195 23.64 -47.56 17.27
N GLY W 196 22.79 -48.59 17.21
CA GLY W 196 21.71 -48.65 18.17
C GLY W 196 22.28 -49.38 19.35
N TRP W 197 22.05 -48.86 20.57
CA TRP W 197 22.62 -49.49 21.76
C TRP W 197 22.33 -50.98 21.91
N ILE W 198 21.12 -51.44 21.64
CA ILE W 198 20.88 -52.87 21.78
C ILE W 198 21.10 -53.56 20.43
N VAL W 199 20.31 -53.12 19.45
CA VAL W 199 20.30 -53.66 18.11
C VAL W 199 21.62 -54.02 17.43
N SER W 200 22.55 -53.09 17.42
CA SER W 200 23.80 -53.36 16.74
C SER W 200 24.52 -54.60 17.26
N VAL W 201 24.46 -55.71 16.52
CA VAL W 201 25.16 -56.93 16.93
C VAL W 201 25.55 -57.83 15.75
N ASN W 202 26.79 -57.69 15.30
CA ASN W 202 27.34 -58.47 14.18
C ASN W 202 27.24 -60.00 14.27
N ASN W 203 27.72 -60.56 15.37
CA ASN W 203 27.77 -62.01 15.55
C ASN W 203 27.06 -62.61 16.78
N LEU W 204 27.15 -63.95 16.87
CA LEU W 204 26.57 -64.70 17.98
C LEU W 204 27.54 -64.72 19.16
N GLU W 205 28.84 -64.67 18.85
CA GLU W 205 29.88 -64.68 19.89
C GLU W 205 29.60 -63.65 20.96
N ASP W 206 29.00 -62.54 20.55
CA ASP W 206 28.68 -61.46 21.46
C ASP W 206 27.29 -61.66 22.06
N VAL W 207 26.43 -62.37 21.33
CA VAL W 207 25.06 -62.64 21.79
C VAL W 207 25.11 -63.63 22.93
N VAL W 208 25.30 -64.89 22.57
CA VAL W 208 25.40 -65.94 23.55
C VAL W 208 26.46 -65.49 24.57
N GLY W 209 27.53 -64.86 24.08
CA GLY W 209 28.58 -64.37 24.95
C GLY W 209 28.02 -63.39 25.96
N GLY W 210 27.10 -62.55 25.51
CA GLY W 210 26.49 -61.58 26.39
C GLY W 210 25.46 -62.21 27.29
N HIS W 211 24.64 -63.09 26.74
CA HIS W 211 23.61 -63.76 27.52
C HIS W 211 24.22 -64.36 28.79
N ILE W 212 25.34 -65.06 28.62
CA ILE W 212 26.02 -65.66 29.75
C ILE W 212 26.06 -64.59 30.82
N TRP W 213 26.80 -63.53 30.53
CA TRP W 213 26.92 -62.41 31.45
C TRP W 213 25.58 -62.00 32.03
N ILE W 214 24.49 -62.19 31.31
CA ILE W 214 23.20 -61.78 31.86
C ILE W 214 22.61 -62.84 32.80
N GLY W 215 22.83 -64.11 32.48
CA GLY W 215 22.32 -65.17 33.33
C GLY W 215 22.81 -65.02 34.76
N LEU W 216 24.13 -64.92 34.90
CA LEU W 216 24.77 -64.76 36.19
C LEU W 216 24.37 -63.42 36.81
N ILE W 217 24.45 -62.35 36.01
CA ILE W 217 24.10 -61.01 36.49
C ILE W 217 22.67 -60.99 37.01
N CYS W 218 21.80 -61.68 36.29
CA CYS W 218 20.40 -61.75 36.68
C CYS W 218 20.17 -62.70 37.87
N ILE W 219 20.88 -63.82 37.89
CA ILE W 219 20.76 -64.78 38.99
C ILE W 219 21.24 -64.11 40.31
N ALA W 220 22.33 -63.35 40.19
CA ALA W 220 22.93 -62.63 41.32
C ALA W 220 21.93 -61.66 41.93
N GLY W 221 20.86 -61.39 41.21
CA GLY W 221 19.85 -60.47 41.69
C GLY W 221 18.78 -61.21 42.46
N GLY W 222 18.39 -62.37 41.96
CA GLY W 222 17.39 -63.16 42.64
C GLY W 222 17.98 -63.62 43.96
N ILE W 223 19.23 -64.07 43.90
CA ILE W 223 19.97 -64.51 45.07
C ILE W 223 19.99 -63.35 46.05
N TRP W 224 20.18 -62.14 45.50
CA TRP W 224 20.25 -60.91 46.28
C TRP W 224 18.97 -60.45 46.98
N HIS W 225 17.96 -60.07 46.22
CA HIS W 225 16.69 -59.60 46.79
C HIS W 225 16.04 -60.63 47.70
N ILE W 226 16.20 -61.89 47.33
CA ILE W 226 15.65 -63.01 48.10
C ILE W 226 16.15 -62.91 49.55
N LEU W 227 17.39 -62.47 49.73
CA LEU W 227 18.00 -62.36 51.06
C LEU W 227 17.81 -61.05 51.81
N THR W 228 17.49 -59.97 51.12
CA THR W 228 17.39 -58.74 51.85
C THR W 228 16.16 -57.86 51.65
N THR W 229 16.07 -56.84 52.51
CA THR W 229 15.00 -55.86 52.51
C THR W 229 15.49 -54.58 51.88
N PRO W 230 14.68 -53.98 51.01
CA PRO W 230 14.99 -52.74 50.31
C PRO W 230 15.28 -51.58 51.27
N PHE W 231 16.27 -50.79 50.92
CA PHE W 231 16.70 -49.66 51.72
C PHE W 231 15.61 -48.59 51.91
N GLY W 232 15.91 -47.63 52.78
CA GLY W 232 15.00 -46.53 53.10
C GLY W 232 14.75 -45.41 52.10
N TRP W 233 15.63 -45.20 51.14
CA TRP W 233 15.36 -44.16 50.16
C TRP W 233 14.46 -44.80 49.11
N ALA W 234 14.48 -46.13 49.10
CA ALA W 234 13.66 -46.92 48.18
C ALA W 234 12.22 -46.79 48.64
N ARG W 235 11.97 -47.16 49.89
CA ARG W 235 10.64 -47.08 50.48
C ARG W 235 10.10 -45.65 50.33
N ARG W 236 10.95 -44.69 50.70
CA ARG W 236 10.67 -43.24 50.65
C ARG W 236 10.18 -42.80 49.25
N ALA W 237 10.88 -43.30 48.23
CA ALA W 237 10.63 -43.02 46.83
C ALA W 237 9.36 -43.60 46.18
N PHE W 238 9.22 -44.92 46.20
CA PHE W 238 8.21 -45.61 45.42
C PHE W 238 7.01 -46.08 46.22
N ILE W 239 5.82 -45.78 45.71
CA ILE W 239 4.59 -46.21 46.34
C ILE W 239 4.50 -47.73 46.32
N TRP W 240 4.07 -48.31 47.42
CA TRP W 240 3.90 -49.74 47.46
C TRP W 240 2.42 -50.06 47.58
N SER W 241 1.93 -50.73 46.55
CA SER W 241 0.55 -51.21 46.49
C SER W 241 0.52 -52.27 45.42
N GLY W 242 -0.31 -53.29 45.60
CA GLY W 242 -0.39 -54.32 44.59
C GLY W 242 -0.45 -53.68 43.21
N GLU W 243 -1.42 -52.78 43.04
CA GLU W 243 -1.60 -52.08 41.77
C GLU W 243 -0.31 -51.39 41.35
N ALA W 244 0.14 -50.47 42.19
CA ALA W 244 1.37 -49.71 41.95
C ALA W 244 2.49 -50.62 41.43
N TYR W 245 2.54 -51.86 41.91
CA TYR W 245 3.55 -52.81 41.48
C TYR W 245 3.39 -53.18 40.02
N LEU W 246 2.13 -53.35 39.61
CA LEU W 246 1.80 -53.65 38.22
C LEU W 246 2.19 -52.41 37.44
N SER W 247 1.76 -51.27 37.97
CA SER W 247 2.03 -49.97 37.40
C SER W 247 3.48 -49.88 36.91
N TYR W 248 4.45 -50.01 37.81
CA TYR W 248 5.85 -49.95 37.38
C TYR W 248 5.91 -51.05 36.37
N SER W 249 6.29 -52.20 36.90
CA SER W 249 6.44 -53.42 36.16
C SER W 249 5.88 -53.40 34.73
N LEU W 250 4.66 -52.90 34.55
CA LEU W 250 4.01 -52.82 33.23
C LEU W 250 4.74 -51.93 32.22
N GLY W 251 5.35 -50.86 32.72
CA GLY W 251 6.07 -49.91 31.88
C GLY W 251 7.51 -50.31 31.58
N ALA W 252 7.79 -51.58 31.83
CA ALA W 252 9.09 -52.16 31.55
C ALA W 252 8.85 -52.94 30.27
N LEU W 253 7.59 -53.31 30.09
CA LEU W 253 7.17 -54.03 28.89
C LEU W 253 7.10 -52.98 27.79
N SER W 254 6.22 -52.00 28.01
CA SER W 254 6.03 -50.92 27.07
C SER W 254 7.37 -50.66 26.43
N MET W 255 8.29 -50.12 27.22
CA MET W 255 9.63 -49.84 26.72
C MET W 255 10.19 -51.02 25.96
N MET W 256 10.24 -52.16 26.64
CA MET W 256 10.79 -53.36 26.06
C MET W 256 10.19 -53.74 24.72
N GLY W 257 8.87 -53.66 24.60
CA GLY W 257 8.24 -54.02 23.34
C GLY W 257 8.70 -53.15 22.18
N PHE W 258 8.92 -51.87 22.49
CA PHE W 258 9.39 -50.96 21.48
C PHE W 258 10.75 -51.50 21.12
N ILE W 259 11.56 -51.76 22.16
CA ILE W 259 12.91 -52.29 21.98
C ILE W 259 12.93 -53.55 21.10
N ALA W 260 11.76 -54.18 20.97
CA ALA W 260 11.64 -55.37 20.14
C ALA W 260 11.30 -54.85 18.76
N THR W 261 10.13 -54.23 18.66
CA THR W 261 9.65 -53.66 17.41
C THR W 261 10.78 -52.91 16.68
N CYS W 262 11.60 -52.21 17.45
CA CYS W 262 12.73 -51.45 16.91
C CYS W 262 13.88 -52.41 16.57
N PHE W 263 13.84 -53.62 17.12
CA PHE W 263 14.89 -54.60 16.91
C PHE W 263 14.62 -55.60 15.77
N VAL W 264 13.37 -56.05 15.68
CA VAL W 264 12.97 -57.02 14.65
C VAL W 264 12.90 -56.36 13.28
N TRP W 265 12.96 -55.03 13.27
CA TRP W 265 12.90 -54.32 12.01
C TRP W 265 14.28 -54.04 11.53
N PHE W 266 15.23 -54.04 12.46
CA PHE W 266 16.59 -53.74 12.09
C PHE W 266 17.67 -54.78 12.01
N ASN W 267 17.61 -55.89 12.74
CA ASN W 267 18.74 -56.82 12.65
C ASN W 267 18.70 -58.07 11.77
N ASN W 268 19.81 -58.31 11.08
CA ASN W 268 19.94 -59.46 10.20
C ASN W 268 20.62 -60.60 10.92
N THR W 269 21.23 -60.30 12.07
CA THR W 269 21.91 -61.32 12.88
C THR W 269 20.95 -62.27 13.62
N VAL W 270 20.22 -61.72 14.58
CA VAL W 270 19.26 -62.47 15.38
C VAL W 270 17.95 -62.71 14.63
N TYR W 271 17.84 -62.09 13.47
CA TYR W 271 16.68 -62.25 12.62
C TYR W 271 17.32 -62.29 11.24
N PRO W 272 17.80 -63.48 10.86
CA PRO W 272 18.47 -63.87 9.61
C PRO W 272 17.92 -63.49 8.25
N SER W 273 16.61 -63.23 8.13
CA SER W 273 16.02 -62.86 6.85
C SER W 273 15.84 -64.09 5.98
N GLU W 274 16.54 -65.17 6.30
CA GLU W 274 16.38 -66.40 5.52
C GLU W 274 15.16 -67.05 6.12
N PHE W 275 14.77 -66.52 7.28
CA PHE W 275 13.63 -66.99 8.01
C PHE W 275 12.64 -65.83 8.14
N TYR W 276 13.16 -64.61 8.18
CA TYR W 276 12.31 -63.44 8.25
C TYR W 276 12.54 -62.82 6.88
N GLY W 277 11.96 -61.66 6.58
CA GLY W 277 12.22 -61.10 5.26
C GLY W 277 13.51 -60.29 5.26
N PRO W 278 13.93 -59.73 4.12
CA PRO W 278 15.16 -58.96 4.19
C PRO W 278 14.80 -57.67 4.90
N THR W 279 15.66 -57.20 5.79
CA THR W 279 15.38 -55.99 6.55
C THR W 279 15.18 -54.74 5.70
N GLY W 280 14.15 -53.97 6.06
CA GLY W 280 13.84 -52.74 5.32
C GLY W 280 15.00 -52.11 4.59
N PRO W 281 16.02 -51.62 5.30
CA PRO W 281 17.15 -51.00 4.61
C PRO W 281 17.80 -51.97 3.63
N GLU W 282 17.99 -53.21 4.06
CA GLU W 282 18.59 -54.22 3.19
C GLU W 282 17.95 -54.15 1.82
N ALA W 283 16.62 -54.09 1.83
CA ALA W 283 15.85 -54.02 0.60
C ALA W 283 16.40 -52.96 -0.33
N SER W 284 16.09 -51.68 -0.03
CA SER W 284 16.54 -50.58 -0.89
C SER W 284 18.03 -50.52 -1.12
N GLN W 285 18.75 -51.51 -0.59
CA GLN W 285 20.19 -51.61 -0.80
C GLN W 285 20.33 -52.75 -1.79
N ALA W 286 19.47 -53.75 -1.61
CA ALA W 286 19.46 -54.89 -2.48
C ALA W 286 19.12 -54.38 -3.88
N GLN W 287 18.16 -53.49 -3.99
CA GLN W 287 17.78 -52.97 -5.29
C GLN W 287 19.03 -52.42 -5.93
N ALA W 288 19.72 -51.57 -5.18
CA ALA W 288 20.95 -50.96 -5.62
C ALA W 288 21.79 -52.03 -6.24
N MET W 289 22.24 -52.95 -5.40
CA MET W 289 23.07 -54.07 -5.81
C MET W 289 22.63 -54.72 -7.12
N THR W 290 21.34 -55.01 -7.24
CA THR W 290 20.82 -55.65 -8.44
C THR W 290 21.10 -54.81 -9.69
N PHE W 291 20.79 -53.51 -9.64
CA PHE W 291 21.01 -52.65 -10.80
C PHE W 291 22.43 -52.18 -11.03
N LEU W 292 23.24 -52.16 -9.98
CA LEU W 292 24.62 -51.77 -10.16
C LEU W 292 25.13 -52.86 -11.08
N ILE W 293 24.60 -54.05 -10.88
CA ILE W 293 25.03 -55.19 -11.65
C ILE W 293 24.44 -55.19 -13.03
N ARG W 294 23.15 -54.97 -13.11
CA ARG W 294 22.45 -54.97 -14.40
C ARG W 294 23.15 -54.15 -15.48
N ASP W 295 23.60 -52.95 -15.12
CA ASP W 295 24.27 -52.11 -16.09
C ASP W 295 25.74 -52.48 -16.24
N GLN W 296 26.43 -52.61 -15.11
CA GLN W 296 27.85 -52.95 -15.12
C GLN W 296 27.99 -54.15 -16.00
N LYS W 297 27.02 -55.05 -15.85
CA LYS W 297 26.97 -56.29 -16.63
C LYS W 297 26.50 -55.92 -18.04
N LEU W 298 25.79 -54.81 -18.18
CA LEU W 298 25.35 -54.38 -19.49
C LEU W 298 26.47 -53.61 -20.19
N GLY W 299 27.54 -53.33 -19.44
CA GLY W 299 28.65 -52.61 -20.04
C GLY W 299 28.91 -51.20 -19.56
N ALA W 300 28.30 -50.80 -18.46
CA ALA W 300 28.50 -49.47 -17.94
C ALA W 300 29.68 -49.50 -16.97
N ASN W 301 30.37 -48.38 -16.85
CA ASN W 301 31.53 -48.21 -15.99
C ASN W 301 31.15 -48.19 -14.50
N VAL W 302 29.88 -47.87 -14.24
CA VAL W 302 29.33 -47.79 -12.89
C VAL W 302 30.01 -46.76 -12.02
N GLY W 303 31.15 -47.13 -11.44
CA GLY W 303 31.88 -46.24 -10.58
C GLY W 303 31.97 -44.79 -11.01
N SER W 304 32.23 -44.56 -12.29
CA SER W 304 32.36 -43.21 -12.82
C SER W 304 31.11 -42.74 -13.59
N ALA W 305 29.93 -43.15 -13.15
CA ALA W 305 28.70 -42.77 -13.84
C ALA W 305 27.92 -41.64 -13.17
N GLN W 306 28.00 -40.44 -13.75
CA GLN W 306 27.32 -39.27 -13.23
C GLN W 306 25.80 -39.41 -13.24
N GLY W 307 25.20 -39.48 -12.06
CA GLY W 307 23.76 -39.65 -11.97
C GLY W 307 22.87 -38.41 -12.11
N PRO W 308 21.63 -38.57 -12.59
CA PRO W 308 20.62 -37.54 -12.81
C PRO W 308 20.65 -36.29 -11.94
N THR W 309 20.74 -36.51 -10.64
CA THR W 309 20.75 -35.43 -9.66
C THR W 309 22.03 -34.59 -9.68
N GLY W 310 23.15 -35.29 -9.76
CA GLY W 310 24.44 -34.64 -9.77
C GLY W 310 25.32 -35.54 -8.94
N LEU W 311 24.72 -36.55 -8.36
CA LEU W 311 25.46 -37.45 -7.52
C LEU W 311 26.09 -38.66 -8.17
N GLY W 312 25.30 -39.39 -8.93
CA GLY W 312 25.80 -40.59 -9.57
C GLY W 312 24.79 -41.67 -9.28
N LYS W 313 24.43 -42.46 -10.28
CA LYS W 313 23.43 -43.49 -10.08
C LYS W 313 23.86 -44.61 -9.16
N TYR W 314 24.69 -45.50 -9.67
CA TYR W 314 25.16 -46.68 -8.93
C TYR W 314 26.01 -46.41 -7.68
N LEU W 315 26.94 -45.45 -7.76
CA LEU W 315 27.77 -45.15 -6.60
C LEU W 315 27.77 -43.72 -6.16
N MET W 316 27.75 -43.54 -4.83
CA MET W 316 27.66 -42.23 -4.21
C MET W 316 28.64 -42.14 -3.05
N ARG W 317 28.66 -40.99 -2.37
CA ARG W 317 29.56 -40.80 -1.23
C ARG W 317 28.84 -40.29 0.05
N SER W 318 29.15 -40.93 1.18
CA SER W 318 28.61 -40.56 2.49
C SER W 318 29.65 -39.73 3.25
N PRO W 319 29.22 -38.93 4.23
CA PRO W 319 30.17 -38.11 4.98
C PRO W 319 31.30 -38.76 5.80
N THR W 320 30.99 -39.79 6.60
CA THR W 320 32.00 -40.50 7.43
C THR W 320 32.71 -41.69 6.74
N GLY W 321 32.00 -42.79 6.51
CA GLY W 321 32.49 -43.78 5.57
C GLY W 321 32.36 -43.24 4.14
N GLU W 322 33.45 -43.26 3.38
CA GLU W 322 33.50 -42.62 2.05
C GLU W 322 32.57 -43.15 0.94
N ILE W 323 32.47 -44.47 0.82
CA ILE W 323 31.73 -45.14 -0.26
C ILE W 323 30.57 -46.11 0.01
N ILE W 324 29.44 -45.84 -0.65
CA ILE W 324 28.22 -46.64 -0.58
C ILE W 324 27.30 -46.50 -1.81
N PHE W 325 26.33 -47.41 -1.92
CA PHE W 325 25.37 -47.39 -3.02
C PHE W 325 24.66 -46.05 -2.95
N GLY W 326 24.29 -45.52 -4.11
CA GLY W 326 23.60 -44.24 -4.13
C GLY W 326 22.26 -44.28 -4.84
N GLY W 327 21.26 -43.63 -4.24
CA GLY W 327 19.94 -43.57 -4.84
C GLY W 327 19.21 -42.60 -3.97
N GLU W 328 18.28 -43.16 -3.19
CA GLU W 328 17.67 -42.51 -2.05
C GLU W 328 18.08 -43.50 -1.01
N THR W 329 18.63 -44.58 -1.55
CA THR W 329 19.16 -45.72 -0.83
C THR W 329 20.16 -45.32 0.25
N MET W 330 20.84 -44.20 0.03
CA MET W 330 21.85 -43.70 0.96
C MET W 330 21.49 -43.88 2.43
N ARG W 331 20.28 -43.50 2.82
CA ARG W 331 19.85 -43.62 4.20
C ARG W 331 20.32 -44.92 4.85
N PHE W 332 20.50 -45.95 4.04
CA PHE W 332 20.86 -47.24 4.59
C PHE W 332 22.30 -47.70 4.36
N TRP W 333 23.23 -46.77 4.27
CA TRP W 333 24.62 -47.16 4.05
C TRP W 333 25.18 -47.82 5.30
N ASP W 334 24.34 -47.92 6.33
CA ASP W 334 24.75 -48.54 7.59
C ASP W 334 24.39 -50.02 7.56
N PHE W 335 23.62 -50.43 6.56
CA PHE W 335 23.22 -51.83 6.46
C PHE W 335 24.36 -52.78 6.25
N ARG W 336 24.35 -53.86 7.01
CA ARG W 336 25.38 -54.87 6.88
C ARG W 336 24.79 -56.27 6.89
N GLY W 337 25.12 -57.03 5.85
CA GLY W 337 24.65 -58.39 5.72
C GLY W 337 25.71 -59.19 4.99
N PRO W 338 25.75 -60.50 5.16
CA PRO W 338 26.77 -61.29 4.46
C PRO W 338 26.69 -61.22 2.95
N TRP W 339 25.51 -60.95 2.39
CA TRP W 339 25.39 -60.90 0.94
C TRP W 339 26.05 -59.70 0.27
N LEU W 340 26.54 -58.75 1.07
CA LEU W 340 27.15 -57.56 0.50
C LEU W 340 28.49 -57.21 1.09
N GLU W 341 28.86 -57.86 2.18
CA GLU W 341 30.13 -57.59 2.81
C GLU W 341 31.37 -58.01 2.04
N PRO W 342 31.33 -59.14 1.30
CA PRO W 342 32.56 -59.47 0.58
C PRO W 342 32.95 -58.27 -0.27
N LEU W 343 32.00 -57.73 -1.01
CA LEU W 343 32.25 -56.57 -1.83
C LEU W 343 32.35 -55.33 -0.96
N ARG W 344 33.23 -55.37 0.03
CA ARG W 344 33.44 -54.23 0.94
C ARG W 344 34.91 -53.85 0.84
N GLY W 345 35.27 -52.68 1.34
CA GLY W 345 36.65 -52.24 1.28
C GLY W 345 37.11 -51.40 2.46
N PRO W 346 38.39 -51.03 2.47
CA PRO W 346 38.89 -50.22 3.58
C PRO W 346 38.07 -48.94 3.64
N ASN W 347 38.17 -48.15 2.57
CA ASN W 347 37.46 -46.89 2.43
C ASN W 347 35.94 -47.06 2.28
N GLY W 348 35.48 -48.27 1.94
CA GLY W 348 34.05 -48.51 1.75
C GLY W 348 33.81 -49.50 0.61
N LEU W 349 32.77 -49.32 -0.18
CA LEU W 349 32.55 -50.24 -1.30
C LEU W 349 33.71 -50.10 -2.26
N ASP W 350 34.35 -51.21 -2.60
CA ASP W 350 35.50 -51.16 -3.50
C ASP W 350 35.14 -51.28 -4.97
N LEU W 351 35.60 -50.31 -5.75
CA LEU W 351 35.35 -50.28 -7.19
C LEU W 351 35.96 -51.50 -7.89
N ASN W 352 37.20 -51.83 -7.53
CA ASN W 352 37.92 -52.98 -8.11
C ASN W 352 37.19 -54.27 -7.80
N LYS W 353 36.75 -54.41 -6.55
CA LYS W 353 36.02 -55.59 -6.16
C LYS W 353 34.71 -55.58 -6.92
N ILE W 354 33.79 -54.72 -6.49
CA ILE W 354 32.47 -54.63 -7.12
C ILE W 354 32.51 -54.86 -8.63
N LYS W 355 33.58 -54.41 -9.27
CA LYS W 355 33.70 -54.58 -10.71
C LYS W 355 33.98 -56.01 -11.18
N ASN W 356 34.87 -56.74 -10.50
CA ASN W 356 35.20 -58.10 -10.92
C ASN W 356 35.04 -59.27 -9.94
N ASP W 357 35.01 -59.01 -8.64
CA ASP W 357 34.87 -60.07 -7.64
C ASP W 357 33.46 -60.25 -7.16
N ILE W 358 32.53 -59.60 -7.86
CA ILE W 358 31.12 -59.68 -7.51
C ILE W 358 30.63 -60.97 -8.13
N GLN W 359 30.40 -61.98 -7.30
CA GLN W 359 29.97 -63.29 -7.79
C GLN W 359 28.46 -63.44 -8.01
N PRO W 360 28.05 -64.56 -8.64
CA PRO W 360 26.67 -64.91 -8.94
C PRO W 360 25.78 -65.19 -7.75
N TRP W 361 26.28 -65.96 -6.79
CA TRP W 361 25.44 -66.27 -5.64
C TRP W 361 24.88 -65.00 -5.01
N GLN W 362 25.41 -63.85 -5.39
CA GLN W 362 24.94 -62.59 -4.85
C GLN W 362 23.83 -61.96 -5.69
N GLU W 363 23.99 -61.93 -7.01
CA GLU W 363 22.98 -61.33 -7.91
C GLU W 363 21.59 -61.94 -7.69
N ARG W 364 21.57 -63.21 -7.36
CA ARG W 364 20.34 -63.94 -7.12
C ARG W 364 19.80 -63.75 -5.70
N ARG W 365 20.66 -63.64 -4.69
CA ARG W 365 20.14 -63.42 -3.34
C ARG W 365 19.75 -61.94 -3.34
N ALA W 366 20.54 -61.12 -4.01
CA ALA W 366 20.28 -59.69 -4.10
C ALA W 366 18.96 -59.39 -4.75
N ALA W 367 18.60 -60.20 -5.74
CA ALA W 367 17.34 -60.00 -6.43
C ALA W 367 16.14 -60.51 -5.59
N GLU W 368 16.36 -61.54 -4.78
CA GLU W 368 15.29 -62.06 -3.95
C GLU W 368 14.92 -60.95 -2.99
N TYR W 369 15.95 -60.37 -2.37
CA TYR W 369 15.74 -59.30 -1.41
C TYR W 369 15.27 -58.00 -2.06
N MET W 370 15.55 -57.82 -3.34
CA MET W 370 15.05 -56.62 -3.94
C MET W 370 13.55 -56.83 -3.96
N THR W 371 13.10 -57.96 -4.50
CA THR W 371 11.66 -58.22 -4.56
C THR W 371 11.06 -58.26 -3.18
N HIS W 372 11.22 -59.40 -2.52
CA HIS W 372 10.70 -59.60 -1.19
C HIS W 372 11.15 -58.46 -0.32
N ALA W 373 10.32 -57.43 -0.21
CA ALA W 373 10.64 -56.27 0.62
C ALA W 373 9.53 -56.07 1.64
N PRO W 374 9.85 -55.49 2.81
CA PRO W 374 8.85 -55.26 3.86
C PRO W 374 7.74 -54.27 3.48
N LEU W 375 7.05 -54.52 2.36
CA LEU W 375 5.98 -53.62 1.89
C LEU W 375 4.67 -54.30 1.55
N GLY W 376 3.64 -54.07 2.36
CA GLY W 376 2.36 -54.69 2.04
C GLY W 376 1.15 -54.08 2.73
N SER W 377 -0.03 -54.45 2.25
CA SER W 377 -1.29 -53.96 2.80
C SER W 377 -1.92 -54.96 3.76
N LEU W 378 -2.78 -54.49 4.67
CA LEU W 378 -3.45 -55.40 5.60
C LEU W 378 -4.08 -56.44 4.70
N ASN W 379 -4.56 -55.97 3.56
CA ASN W 379 -5.16 -56.86 2.59
C ASN W 379 -4.23 -58.05 2.43
N SER W 380 -2.94 -57.77 2.61
CA SER W 380 -1.85 -58.73 2.51
C SER W 380 -1.33 -58.87 1.07
N VAL W 381 -1.53 -57.84 0.25
CA VAL W 381 -1.02 -57.83 -1.14
C VAL W 381 0.33 -57.15 -1.09
N GLY W 382 1.36 -57.98 -0.92
CA GLY W 382 2.71 -57.49 -0.82
C GLY W 382 3.19 -56.67 -1.99
N GLY W 383 3.64 -55.47 -1.70
CA GLY W 383 4.14 -54.63 -2.76
C GLY W 383 3.95 -53.17 -2.44
N VAL W 384 4.29 -52.37 -3.43
CA VAL W 384 4.15 -50.94 -3.29
C VAL W 384 2.73 -50.63 -2.91
N ALA W 385 2.52 -49.42 -2.45
CA ALA W 385 1.21 -49.00 -2.06
C ALA W 385 0.20 -49.22 -3.19
N THR W 386 0.65 -49.00 -4.42
CA THR W 386 -0.20 -49.15 -5.58
C THR W 386 0.17 -50.27 -6.53
N GLU W 387 0.14 -51.51 -6.07
CA GLU W 387 0.49 -52.64 -6.94
C GLU W 387 -0.75 -53.44 -7.29
N ILE W 388 -0.71 -54.15 -8.41
CA ILE W 388 -1.85 -54.98 -8.78
C ILE W 388 -1.88 -56.17 -7.86
N ASN W 389 -3.07 -56.74 -7.72
CA ASN W 389 -3.25 -57.92 -6.90
C ASN W 389 -2.62 -59.04 -7.70
N SER W 390 -1.77 -59.84 -7.05
CA SER W 390 -1.11 -60.96 -7.69
C SER W 390 -0.09 -61.50 -6.66
N VAL W 391 1.14 -61.01 -6.75
CA VAL W 391 2.17 -61.42 -5.82
C VAL W 391 1.86 -60.80 -4.49
N ASN W 392 1.64 -61.63 -3.50
CA ASN W 392 1.36 -61.11 -2.18
C ASN W 392 2.37 -61.71 -1.22
N PHE W 393 2.79 -60.92 -0.24
CA PHE W 393 3.78 -61.38 0.71
C PHE W 393 3.99 -60.27 1.70
N VAL W 394 3.84 -60.55 2.99
CA VAL W 394 4.09 -59.50 3.95
C VAL W 394 5.18 -60.00 4.88
N SER W 395 6.25 -59.22 4.96
CA SER W 395 7.39 -59.60 5.76
C SER W 395 7.09 -59.89 7.19
N PRO W 396 7.72 -60.94 7.70
CA PRO W 396 7.50 -61.29 9.10
C PRO W 396 7.82 -60.05 9.90
N ARG W 397 8.84 -59.32 9.43
CA ARG W 397 9.27 -58.10 10.11
C ARG W 397 8.15 -57.07 10.17
N SER W 398 7.38 -56.97 9.10
CA SER W 398 6.27 -56.02 9.06
C SER W 398 5.39 -56.29 10.26
N TRP W 399 4.79 -57.48 10.28
CA TRP W 399 3.87 -57.87 11.35
C TRP W 399 4.53 -57.78 12.71
N LEU W 400 5.68 -58.42 12.84
CA LEU W 400 6.39 -58.41 14.10
C LEU W 400 6.61 -56.99 14.60
N ALA W 401 7.47 -56.23 13.92
CA ALA W 401 7.77 -54.85 14.31
C ALA W 401 6.53 -53.99 14.49
N THR W 402 5.58 -54.08 13.57
CA THR W 402 4.37 -53.28 13.69
C THR W 402 3.64 -53.62 15.00
N SER W 403 3.01 -54.78 15.08
CA SER W 403 2.28 -55.20 16.29
C SER W 403 2.92 -54.66 17.56
N HIS W 404 3.98 -55.31 17.99
CA HIS W 404 4.66 -54.92 19.20
C HIS W 404 4.71 -53.44 19.48
N PHE W 405 4.77 -52.61 18.45
CA PHE W 405 4.77 -51.18 18.71
C PHE W 405 3.39 -50.77 19.20
N VAL W 406 2.34 -51.14 18.46
CA VAL W 406 1.00 -50.75 18.89
C VAL W 406 0.72 -51.27 20.28
N LEU W 407 1.19 -52.48 20.56
CA LEU W 407 0.95 -53.03 21.88
C LEU W 407 1.82 -52.28 22.87
N ALA W 408 3.14 -52.31 22.65
CA ALA W 408 4.09 -51.64 23.52
C ALA W 408 3.65 -50.21 23.73
N PHE W 409 3.07 -49.60 22.70
CA PHE W 409 2.57 -48.24 22.83
C PHE W 409 1.50 -48.34 23.89
N PHE W 410 0.38 -48.94 23.51
CA PHE W 410 -0.74 -49.14 24.41
C PHE W 410 -0.30 -49.41 25.83
N PHE W 411 0.70 -50.26 25.98
CA PHE W 411 1.17 -50.54 27.32
C PHE W 411 1.64 -49.26 27.99
N LEU W 412 2.40 -48.45 27.26
CA LEU W 412 2.86 -47.20 27.85
C LEU W 412 1.65 -46.43 28.36
N VAL W 413 0.53 -46.57 27.64
CA VAL W 413 -0.74 -45.93 28.01
C VAL W 413 -1.10 -46.56 29.35
N GLY W 414 -0.80 -47.85 29.47
CA GLY W 414 -1.08 -48.54 30.70
C GLY W 414 -0.23 -48.01 31.82
N HIS W 415 1.10 -48.09 31.65
CA HIS W 415 2.01 -47.62 32.68
C HIS W 415 1.46 -46.33 33.26
N LEU W 416 0.76 -45.55 32.44
CA LEU W 416 0.19 -44.31 32.93
C LEU W 416 -1.04 -44.53 33.78
N TRP W 417 -2.11 -45.02 33.16
CA TRP W 417 -3.36 -45.21 33.90
C TRP W 417 -3.26 -46.06 35.15
N HIS W 418 -2.24 -46.89 35.27
CA HIS W 418 -2.12 -47.69 36.48
C HIS W 418 -1.25 -46.95 37.49
N ALA W 419 -0.47 -45.98 37.04
CA ALA W 419 0.38 -45.18 37.93
C ALA W 419 -0.50 -44.03 38.36
N GLY W 420 -1.31 -43.53 37.42
CA GLY W 420 -2.22 -42.44 37.68
C GLY W 420 -3.22 -42.75 38.79
N ARG W 421 -3.77 -43.96 38.77
CA ARG W 421 -4.74 -44.42 39.77
C ARG W 421 -4.08 -44.88 41.07
N ALA W 422 -2.87 -45.41 40.96
CA ALA W 422 -2.13 -45.91 42.12
C ALA W 422 -1.43 -44.81 42.92
N ARG W 423 -0.87 -43.81 42.24
CA ARG W 423 -0.20 -42.74 42.95
C ARG W 423 -1.28 -42.03 43.72
N ALA W 424 -2.53 -42.34 43.37
CA ALA W 424 -3.69 -41.74 44.01
C ALA W 424 -4.02 -42.31 45.39
N ALA W 425 -3.94 -43.63 45.55
CA ALA W 425 -4.22 -44.22 46.86
C ALA W 425 -3.33 -43.47 47.83
N ALA W 426 -2.06 -43.32 47.45
CA ALA W 426 -1.04 -42.63 48.25
C ALA W 426 -1.54 -41.51 49.13
N ALA W 427 -2.67 -40.90 48.78
CA ALA W 427 -3.24 -39.83 49.59
C ALA W 427 -4.73 -40.06 49.80
N GLY W 428 -5.29 -40.98 49.02
CA GLY W 428 -6.70 -41.32 49.14
C GLY W 428 -7.72 -40.59 48.27
N PHE W 429 -7.26 -39.67 47.42
CA PHE W 429 -8.17 -38.93 46.55
C PHE W 429 -8.46 -39.69 45.26
N GLU W 430 -8.05 -40.96 45.21
CA GLU W 430 -8.25 -41.83 44.04
C GLU W 430 -9.70 -42.16 43.75
N LYS W 431 -10.50 -42.22 44.82
CA LYS W 431 -11.92 -42.49 44.71
C LYS W 431 -12.59 -41.23 44.14
N GLY W 432 -12.01 -40.07 44.44
CA GLY W 432 -12.53 -38.81 43.96
C GLY W 432 -11.91 -37.64 44.70
N ILE W 433 -12.68 -36.58 44.87
CA ILE W 433 -12.22 -35.40 45.58
C ILE W 433 -13.30 -35.11 46.62
N ASP W 434 -12.95 -35.20 47.90
CA ASP W 434 -13.89 -34.99 49.01
C ASP W 434 -14.61 -33.62 49.05
N ARG W 435 -15.93 -33.64 48.82
CA ARG W 435 -16.79 -32.45 48.78
C ARG W 435 -16.70 -31.39 49.86
N GLU W 436 -16.05 -31.71 50.98
CA GLU W 436 -15.94 -30.77 52.09
C GLU W 436 -14.48 -30.56 52.56
N SER W 437 -13.54 -31.26 51.94
CA SER W 437 -12.13 -31.13 52.32
C SER W 437 -11.15 -31.22 51.15
N GLU W 438 -11.37 -30.38 50.13
CA GLU W 438 -10.53 -30.31 48.94
C GLU W 438 -9.46 -29.23 49.07
N PRO W 439 -8.18 -29.62 48.89
CA PRO W 439 -6.99 -28.77 48.97
C PRO W 439 -7.12 -27.42 48.26
N VAL W 440 -7.76 -27.43 47.10
CA VAL W 440 -7.93 -26.22 46.31
C VAL W 440 -8.95 -25.19 46.82
N LEU W 441 -10.14 -25.62 47.27
CA LEU W 441 -11.15 -24.67 47.75
C LEU W 441 -10.70 -24.01 49.06
N SER W 442 -9.44 -24.30 49.40
CA SER W 442 -8.79 -23.75 50.58
C SER W 442 -7.28 -23.61 50.28
N MET W 443 -6.96 -22.63 49.44
CA MET W 443 -5.60 -22.35 49.01
C MET W 443 -5.42 -20.92 48.48
N PRO W 444 -4.20 -20.37 48.59
CA PRO W 444 -3.91 -19.02 48.12
C PRO W 444 -4.14 -18.86 46.61
N SER W 445 -5.22 -18.18 46.23
CA SER W 445 -5.59 -17.95 44.82
C SER W 445 -4.42 -17.43 43.99
N LEU W 446 -4.00 -18.24 43.02
CA LEU W 446 -2.88 -17.90 42.13
C LEU W 446 -2.78 -16.39 41.82
N ASP W 447 -3.95 -15.75 41.67
CA ASP W 447 -4.11 -14.32 41.38
C ASP W 447 -5.19 -14.07 40.32
N GLY X 1 -62.21 -31.57 18.35
CA GLY X 1 -61.53 -31.01 17.12
C GLY X 1 -61.22 -32.00 15.99
N TRP X 2 -60.42 -31.56 15.00
CA TRP X 2 -60.02 -32.36 13.82
C TRP X 2 -58.52 -32.36 13.57
N PHE X 3 -57.90 -31.24 13.85
CA PHE X 3 -56.47 -31.05 13.65
C PHE X 3 -55.82 -31.64 14.89
N ASP X 4 -56.11 -30.98 16.00
CA ASP X 4 -55.58 -31.32 17.29
C ASP X 4 -55.66 -32.80 17.58
N ILE X 5 -56.58 -33.51 16.92
CA ILE X 5 -56.65 -34.95 17.14
C ILE X 5 -55.38 -35.54 16.53
N LEU X 6 -55.06 -35.07 15.32
CA LEU X 6 -53.86 -35.52 14.63
C LEU X 6 -52.71 -35.08 15.52
N ASP X 7 -52.75 -33.82 15.92
CA ASP X 7 -51.73 -33.27 16.79
C ASP X 7 -51.67 -34.17 18.05
N ASP X 8 -52.61 -33.94 18.97
CA ASP X 8 -52.72 -34.70 20.23
C ASP X 8 -52.05 -36.06 20.07
N TRP X 9 -52.53 -36.84 19.12
CA TRP X 9 -51.96 -38.15 18.91
C TRP X 9 -50.46 -38.11 18.65
N LEU X 10 -50.10 -37.97 17.37
CA LEU X 10 -48.71 -37.98 16.99
C LEU X 10 -47.77 -37.18 17.87
N LYS X 11 -48.28 -36.25 18.66
CA LYS X 11 -47.38 -35.47 19.48
C LYS X 11 -46.89 -36.02 20.82
N ARG X 12 -47.65 -36.88 21.49
CA ARG X 12 -47.23 -37.33 22.82
C ARG X 12 -46.42 -38.63 22.98
N ASP X 13 -45.27 -38.48 23.65
CA ASP X 13 -44.30 -39.53 23.98
C ASP X 13 -44.15 -40.82 23.16
N ARG X 14 -44.94 -41.84 23.48
CA ARG X 14 -44.87 -43.15 22.79
C ARG X 14 -43.49 -43.65 22.32
N PHE X 15 -42.48 -43.50 23.18
CA PHE X 15 -41.12 -43.94 22.90
C PHE X 15 -40.47 -43.19 21.75
N VAL X 16 -40.59 -43.76 20.57
CA VAL X 16 -40.03 -43.16 19.37
C VAL X 16 -40.89 -42.00 18.93
N PHE X 17 -40.50 -40.79 19.34
CA PHE X 17 -41.27 -39.62 18.99
C PHE X 17 -41.56 -39.60 17.52
N VAL X 18 -42.72 -39.08 17.16
CA VAL X 18 -43.14 -38.95 15.78
C VAL X 18 -43.89 -37.63 15.78
N GLY X 19 -43.37 -36.61 15.12
CA GLY X 19 -44.09 -35.37 15.17
C GLY X 19 -44.41 -34.73 13.85
N TRP X 20 -45.09 -33.59 13.94
CA TRP X 20 -45.47 -32.78 12.80
C TRP X 20 -44.33 -32.86 11.80
N SER X 21 -43.12 -32.95 12.35
CA SER X 21 -41.91 -33.07 11.57
C SER X 21 -41.85 -34.47 10.98
N GLY X 22 -41.70 -35.46 11.87
CA GLY X 22 -41.62 -36.85 11.44
C GLY X 22 -42.27 -37.12 10.10
N ILE X 23 -43.41 -36.50 9.85
CA ILE X 23 -44.13 -36.69 8.60
C ILE X 23 -43.23 -36.60 7.36
N LEU X 24 -42.17 -35.79 7.44
CA LEU X 24 -41.24 -35.66 6.32
C LEU X 24 -39.88 -36.21 6.69
N LEU X 25 -39.56 -36.19 7.98
CA LEU X 25 -38.29 -36.71 8.45
C LEU X 25 -38.21 -38.19 8.21
N PHE X 26 -39.13 -38.91 8.86
CA PHE X 26 -39.18 -40.36 8.78
C PHE X 26 -39.23 -40.94 7.38
N PRO X 27 -40.14 -40.44 6.55
CA PRO X 27 -40.21 -40.98 5.19
C PRO X 27 -38.95 -40.74 4.34
N CYS X 28 -38.57 -39.46 4.21
CA CYS X 28 -37.38 -39.08 3.45
C CYS X 28 -36.17 -39.78 4.03
N ALA X 29 -35.96 -39.59 5.33
CA ALA X 29 -34.84 -40.20 6.04
C ALA X 29 -34.75 -41.71 5.84
N TYR X 30 -35.90 -42.38 5.85
CA TYR X 30 -35.90 -43.82 5.67
C TYR X 30 -35.37 -44.16 4.30
N LEU X 31 -36.17 -43.79 3.29
CA LEU X 31 -35.85 -44.03 1.89
C LEU X 31 -34.38 -43.80 1.68
N ALA X 32 -33.93 -42.68 2.19
CA ALA X 32 -32.53 -42.31 2.09
C ALA X 32 -31.61 -43.45 2.56
N LEU X 33 -31.77 -43.90 3.81
CA LEU X 33 -30.91 -44.99 4.31
C LEU X 33 -31.05 -46.13 3.32
N GLY X 34 -32.28 -46.40 2.94
CA GLY X 34 -32.48 -47.47 2.01
C GLY X 34 -31.77 -47.16 0.71
N GLY X 35 -32.11 -46.00 0.15
CA GLY X 35 -31.54 -45.56 -1.10
C GLY X 35 -30.07 -45.85 -1.27
N TRP X 36 -29.31 -45.58 -0.22
CA TRP X 36 -27.88 -45.82 -0.28
C TRP X 36 -27.64 -47.32 -0.17
N LEU X 37 -28.34 -47.94 0.78
CA LEU X 37 -28.19 -49.35 1.00
C LEU X 37 -28.46 -50.22 -0.20
N THR X 38 -29.66 -50.14 -0.76
CA THR X 38 -29.97 -50.96 -1.93
C THR X 38 -28.87 -50.91 -2.97
N GLY X 39 -28.42 -49.70 -3.27
CA GLY X 39 -27.37 -49.54 -4.26
C GLY X 39 -26.14 -50.39 -3.98
N THR X 40 -25.57 -50.23 -2.79
CA THR X 40 -24.38 -50.96 -2.39
C THR X 40 -24.52 -52.48 -2.48
N THR X 41 -25.72 -52.96 -2.18
CA THR X 41 -26.01 -54.38 -2.20
C THR X 41 -26.37 -54.96 -3.57
N PHE X 42 -27.27 -54.27 -4.30
CA PHE X 42 -27.75 -54.75 -5.60
C PHE X 42 -27.53 -53.88 -6.86
N VAL X 43 -27.71 -52.57 -6.74
CA VAL X 43 -27.56 -51.67 -7.89
C VAL X 43 -26.14 -51.56 -8.40
N THR X 44 -25.99 -51.51 -9.72
CA THR X 44 -24.67 -51.37 -10.31
C THR X 44 -24.48 -49.88 -10.59
N SER X 45 -23.25 -49.50 -10.90
CA SER X 45 -22.97 -48.12 -11.23
C SER X 45 -22.11 -48.14 -12.48
N TRP X 46 -22.12 -49.26 -13.19
CA TRP X 46 -21.32 -49.40 -14.40
C TRP X 46 -21.68 -48.46 -15.54
N TYR X 47 -22.96 -48.34 -15.85
CA TYR X 47 -23.36 -47.50 -16.97
C TYR X 47 -23.10 -46.01 -16.83
N THR X 48 -22.39 -45.64 -15.76
CA THR X 48 -22.04 -44.24 -15.51
C THR X 48 -20.52 -44.02 -15.33
N HIS X 49 -19.84 -44.99 -14.69
CA HIS X 49 -18.39 -44.93 -14.47
C HIS X 49 -17.67 -46.16 -14.94
N GLY X 50 -18.40 -47.12 -15.51
CA GLY X 50 -17.75 -48.34 -15.95
C GLY X 50 -17.07 -48.88 -14.73
N LEU X 51 -17.67 -48.62 -13.59
CA LEU X 51 -17.11 -49.05 -12.34
C LEU X 51 -18.15 -49.84 -11.54
N ALA X 52 -17.71 -50.94 -10.94
CA ALA X 52 -18.58 -51.81 -10.16
C ALA X 52 -18.89 -51.23 -8.80
N SER X 53 -20.18 -51.07 -8.50
CA SER X 53 -20.60 -50.49 -7.23
C SER X 53 -21.57 -51.31 -6.39
N SER X 54 -21.45 -52.63 -6.40
CA SER X 54 -22.35 -53.43 -5.57
C SER X 54 -21.80 -54.75 -5.11
N TYR X 55 -22.18 -55.15 -3.89
CA TYR X 55 -21.74 -56.41 -3.31
C TYR X 55 -22.00 -57.45 -4.38
N LEU X 56 -23.21 -57.40 -4.89
CA LEU X 56 -23.68 -58.29 -5.94
C LEU X 56 -22.69 -58.42 -7.10
N GLU X 57 -21.98 -57.33 -7.40
CA GLU X 57 -21.01 -57.31 -8.49
C GLU X 57 -19.70 -57.87 -7.97
N GLY X 58 -19.57 -57.88 -6.65
CA GLY X 58 -18.37 -58.39 -6.02
C GLY X 58 -17.68 -57.36 -5.14
N CYS X 59 -18.10 -56.09 -5.23
CA CYS X 59 -17.52 -54.98 -4.43
C CYS X 59 -17.55 -55.31 -2.94
N ASN X 60 -16.69 -54.68 -2.15
CA ASN X 60 -16.72 -54.93 -0.70
C ASN X 60 -17.32 -53.72 -0.01
N PHE X 61 -17.27 -53.68 1.32
CA PHE X 61 -17.84 -52.55 2.06
C PHE X 61 -17.19 -51.23 1.61
N LEU X 62 -15.85 -51.23 1.60
CA LEU X 62 -15.04 -50.08 1.20
C LEU X 62 -15.09 -49.77 -0.29
N THR X 63 -15.66 -50.68 -1.07
CA THR X 63 -15.78 -50.49 -2.52
C THR X 63 -17.17 -49.96 -2.92
N VAL X 64 -18.19 -50.64 -2.40
CA VAL X 64 -19.56 -50.29 -2.71
C VAL X 64 -19.83 -48.81 -2.55
N ALA X 65 -20.60 -48.29 -3.49
CA ALA X 65 -20.98 -46.89 -3.48
C ALA X 65 -22.13 -46.74 -4.46
N VAL X 66 -23.01 -45.78 -4.22
CA VAL X 66 -24.13 -45.60 -5.11
C VAL X 66 -23.82 -44.55 -6.17
N SER X 67 -22.93 -44.93 -7.08
CA SER X 67 -22.49 -44.12 -8.22
C SER X 67 -22.62 -42.59 -8.14
N THR X 68 -23.22 -42.04 -9.20
CA THR X 68 -23.43 -40.62 -9.39
C THR X 68 -23.63 -40.62 -10.91
N PRO X 69 -24.66 -39.91 -11.41
CA PRO X 69 -25.11 -39.72 -12.80
C PRO X 69 -24.08 -39.33 -13.86
N ALA X 70 -24.05 -40.07 -14.97
CA ALA X 70 -23.08 -39.80 -16.03
C ALA X 70 -23.12 -38.35 -16.43
N ASN X 71 -21.98 -37.91 -16.91
CA ASN X 71 -21.83 -36.54 -17.31
C ASN X 71 -22.74 -36.22 -18.46
N SER X 72 -23.56 -37.18 -18.85
CA SER X 72 -24.49 -36.93 -19.94
C SER X 72 -25.78 -36.25 -19.43
N MET X 73 -26.11 -36.47 -18.16
CA MET X 73 -27.32 -35.89 -17.57
C MET X 73 -27.11 -34.47 -17.10
N GLY X 74 -25.99 -34.26 -16.42
CA GLY X 74 -25.73 -32.94 -15.92
C GLY X 74 -26.41 -32.80 -14.59
N HIS X 75 -27.29 -31.81 -14.46
CA HIS X 75 -27.99 -31.59 -13.20
C HIS X 75 -29.46 -32.00 -13.19
N SER X 76 -29.93 -32.54 -14.32
CA SER X 76 -31.32 -32.98 -14.41
C SER X 76 -31.60 -33.81 -13.17
N LEU X 77 -32.68 -33.52 -12.48
CA LEU X 77 -32.98 -34.28 -11.28
C LEU X 77 -33.04 -35.77 -11.60
N LEU X 78 -32.95 -36.10 -12.89
CA LEU X 78 -33.03 -37.49 -13.32
C LEU X 78 -34.21 -38.10 -12.57
N LEU X 79 -35.42 -37.88 -13.11
CA LEU X 79 -36.61 -38.41 -12.47
C LEU X 79 -36.98 -39.80 -12.89
N LEU X 80 -37.49 -40.57 -11.93
CA LEU X 80 -37.90 -41.95 -12.21
C LEU X 80 -38.86 -41.96 -13.37
N TRP X 81 -39.77 -41.00 -13.37
CA TRP X 81 -40.80 -40.88 -14.40
C TRP X 81 -40.48 -39.77 -15.38
N GLY X 82 -39.28 -39.21 -15.25
CA GLY X 82 -38.89 -38.13 -16.14
C GLY X 82 -38.46 -38.63 -17.50
N PRO X 83 -38.49 -37.75 -18.50
CA PRO X 83 -38.13 -38.02 -19.89
C PRO X 83 -36.94 -38.97 -20.07
N GLU X 84 -35.91 -38.77 -19.25
CA GLU X 84 -34.71 -39.59 -19.32
C GLU X 84 -34.94 -41.07 -19.02
N ALA X 85 -35.45 -41.36 -17.83
CA ALA X 85 -35.72 -42.74 -17.41
C ALA X 85 -37.10 -43.29 -17.78
N GLN X 86 -38.15 -42.46 -17.68
CA GLN X 86 -39.50 -42.92 -18.00
C GLN X 86 -39.95 -44.10 -17.12
N GLY X 87 -40.00 -43.88 -15.81
CA GLY X 87 -40.42 -44.92 -14.88
C GLY X 87 -40.02 -46.32 -15.26
N ASP X 88 -38.73 -46.53 -15.47
CA ASP X 88 -38.24 -47.85 -15.83
C ASP X 88 -37.24 -48.23 -14.76
N PHE X 89 -37.75 -48.44 -13.55
CA PHE X 89 -36.95 -48.77 -12.38
C PHE X 89 -35.69 -49.60 -12.54
N THR X 90 -35.46 -50.12 -13.73
CA THR X 90 -34.24 -50.88 -13.96
C THR X 90 -33.28 -49.96 -14.70
N ARG X 91 -33.78 -49.26 -15.71
CA ARG X 91 -32.98 -48.29 -16.45
C ARG X 91 -32.75 -47.14 -15.48
N TRP X 92 -33.84 -46.67 -14.87
CA TRP X 92 -33.75 -45.58 -13.91
C TRP X 92 -32.80 -45.99 -12.80
N CYS X 93 -32.70 -47.29 -12.56
CA CYS X 93 -31.81 -47.76 -11.54
C CYS X 93 -30.43 -47.81 -12.19
N GLN X 94 -30.43 -47.90 -13.52
CA GLN X 94 -29.19 -47.95 -14.29
C GLN X 94 -28.57 -46.59 -14.60
N LEU X 95 -29.39 -45.61 -14.98
CA LEU X 95 -28.88 -44.28 -15.28
C LEU X 95 -28.44 -43.63 -13.98
N GLY X 96 -28.27 -44.46 -12.95
CA GLY X 96 -27.85 -43.98 -11.65
C GLY X 96 -29.05 -43.61 -10.80
N GLY X 97 -29.72 -42.51 -11.17
CA GLY X 97 -30.88 -42.04 -10.45
C GLY X 97 -30.84 -42.06 -8.94
N LEU X 98 -30.86 -43.26 -8.34
CA LEU X 98 -30.81 -43.43 -6.90
C LEU X 98 -30.06 -42.29 -6.26
N TRP X 99 -29.11 -41.74 -6.99
CA TRP X 99 -28.33 -40.63 -6.49
C TRP X 99 -29.26 -39.48 -6.13
N THR X 100 -29.66 -38.72 -7.15
CA THR X 100 -30.57 -37.59 -6.97
C THR X 100 -31.60 -37.90 -5.90
N PHE X 101 -32.01 -39.16 -5.91
CA PHE X 101 -32.97 -39.70 -4.98
C PHE X 101 -32.33 -39.53 -3.62
N ILE X 102 -31.42 -40.45 -3.31
CA ILE X 102 -30.75 -40.47 -2.03
C ILE X 102 -30.42 -39.05 -1.62
N ALA X 103 -29.83 -38.29 -2.52
CA ALA X 103 -29.46 -36.93 -2.18
C ALA X 103 -30.65 -36.03 -1.87
N LEU X 104 -31.63 -35.97 -2.76
CA LEU X 104 -32.79 -35.11 -2.52
C LEU X 104 -33.65 -35.57 -1.36
N HIS X 105 -33.98 -36.86 -1.32
CA HIS X 105 -34.81 -37.37 -0.24
C HIS X 105 -34.05 -37.03 1.00
N GLY X 106 -32.78 -37.36 0.94
CA GLY X 106 -31.91 -37.09 2.04
C GLY X 106 -31.93 -35.65 2.47
N ALA X 107 -31.66 -34.76 1.52
CA ALA X 107 -31.64 -33.33 1.79
C ALA X 107 -32.80 -32.93 2.69
N PHE X 108 -33.91 -33.65 2.59
CA PHE X 108 -35.05 -33.33 3.42
C PHE X 108 -34.85 -33.92 4.79
N GLY X 109 -34.48 -35.19 4.84
CA GLY X 109 -34.23 -35.83 6.12
C GLY X 109 -33.59 -34.85 7.10
N LEU X 110 -32.62 -34.10 6.62
CA LEU X 110 -31.95 -33.11 7.45
C LEU X 110 -32.93 -31.99 7.81
N ILE X 111 -33.43 -31.30 6.79
CA ILE X 111 -34.40 -30.23 7.01
C ILE X 111 -35.36 -30.76 8.04
N GLY X 112 -35.96 -31.90 7.70
CA GLY X 112 -36.92 -32.55 8.57
C GLY X 112 -36.43 -32.82 9.97
N PHE X 113 -35.30 -33.49 10.10
CA PHE X 113 -34.74 -33.81 11.40
C PHE X 113 -34.45 -32.58 12.25
N MET X 114 -33.91 -31.53 11.65
CA MET X 114 -33.63 -30.32 12.42
C MET X 114 -34.92 -29.78 12.98
N LEU X 115 -35.96 -29.77 12.16
CA LEU X 115 -37.27 -29.33 12.57
C LEU X 115 -37.60 -30.10 13.84
N ARG X 116 -37.58 -31.42 13.74
CA ARG X 116 -37.84 -32.27 14.88
C ARG X 116 -37.08 -31.77 16.11
N GLN X 117 -35.84 -31.32 15.92
CA GLN X 117 -35.05 -30.82 17.03
C GLN X 117 -35.72 -29.60 17.61
N PHE X 118 -36.43 -28.87 16.77
CA PHE X 118 -37.16 -27.69 17.22
C PHE X 118 -38.43 -28.20 17.92
N GLU X 119 -39.29 -28.89 17.17
CA GLU X 119 -40.54 -29.43 17.72
C GLU X 119 -40.34 -30.01 19.12
N ILE X 120 -39.59 -31.09 19.24
CA ILE X 120 -39.36 -31.65 20.55
C ILE X 120 -38.82 -30.58 21.51
N ALA X 121 -38.02 -29.66 21.00
CA ALA X 121 -37.42 -28.61 21.84
C ALA X 121 -38.39 -27.56 22.38
N ARG X 122 -39.31 -27.08 21.54
CA ARG X 122 -40.31 -26.08 21.95
C ARG X 122 -41.36 -26.73 22.84
N LEU X 123 -41.47 -28.05 22.74
CA LEU X 123 -42.41 -28.82 23.53
C LEU X 123 -41.83 -29.16 24.89
N VAL X 124 -40.51 -29.16 25.01
CA VAL X 124 -39.95 -29.51 26.29
C VAL X 124 -39.39 -28.32 27.07
N GLY X 125 -39.75 -27.12 26.66
CA GLY X 125 -39.27 -25.94 27.36
C GLY X 125 -37.76 -25.75 27.45
N VAL X 126 -37.05 -26.01 26.35
CA VAL X 126 -35.58 -25.84 26.27
C VAL X 126 -35.23 -24.84 25.16
N ARG X 127 -33.95 -24.47 25.07
CA ARG X 127 -33.51 -23.56 24.03
C ARG X 127 -33.20 -24.38 22.77
N PRO X 128 -33.69 -23.95 21.62
CA PRO X 128 -33.61 -24.81 20.44
C PRO X 128 -32.15 -25.10 20.12
N TYR X 129 -31.30 -24.24 20.64
CA TYR X 129 -29.93 -24.03 20.21
C TYR X 129 -29.41 -25.29 19.53
N ASN X 130 -29.71 -26.46 20.06
CA ASN X 130 -29.22 -27.67 19.41
C ASN X 130 -29.60 -27.59 17.93
N ALA X 131 -30.89 -27.39 17.65
CA ALA X 131 -31.36 -27.30 16.27
C ALA X 131 -30.53 -26.33 15.43
N ILE X 132 -30.05 -25.24 16.04
CA ILE X 132 -29.22 -24.27 15.33
C ILE X 132 -27.90 -24.93 14.96
N ALA X 133 -27.18 -25.36 15.98
CA ALA X 133 -25.90 -26.01 15.79
C ALA X 133 -25.98 -26.92 14.59
N PHE X 134 -27.10 -27.63 14.44
CA PHE X 134 -27.29 -28.57 13.34
C PHE X 134 -27.17 -27.97 11.93
N SER X 135 -27.05 -26.65 11.83
CA SER X 135 -26.91 -26.05 10.52
C SER X 135 -25.60 -26.61 10.04
N ALA X 136 -24.67 -26.67 10.97
CA ALA X 136 -23.34 -27.17 10.71
C ALA X 136 -23.32 -28.19 9.58
N PRO X 137 -24.20 -29.21 9.64
CA PRO X 137 -24.19 -30.21 8.56
C PRO X 137 -25.03 -29.84 7.34
N ILE X 138 -26.17 -29.22 7.57
CA ILE X 138 -27.05 -28.84 6.49
C ILE X 138 -26.23 -28.04 5.48
N ALA X 139 -25.52 -27.04 5.98
CA ALA X 139 -24.69 -26.17 5.15
C ALA X 139 -23.69 -27.03 4.39
N VAL X 140 -23.05 -27.95 5.10
CA VAL X 140 -22.07 -28.81 4.46
C VAL X 140 -22.79 -29.62 3.41
N PHE X 141 -23.71 -30.48 3.85
CA PHE X 141 -24.44 -31.32 2.93
C PHE X 141 -25.10 -30.58 1.78
N VAL X 142 -25.51 -29.34 2.02
CA VAL X 142 -26.13 -28.57 0.96
C VAL X 142 -25.06 -28.24 -0.09
N SER X 143 -24.07 -27.47 0.34
CA SER X 143 -22.98 -27.05 -0.51
C SER X 143 -22.29 -28.24 -1.18
N VAL X 144 -21.82 -29.17 -0.36
CA VAL X 144 -21.10 -30.34 -0.83
C VAL X 144 -21.86 -31.44 -1.58
N PHE X 145 -23.18 -31.44 -1.57
CA PHE X 145 -23.90 -32.47 -2.32
C PHE X 145 -24.82 -31.90 -3.35
N LEU X 146 -25.08 -30.60 -3.24
CA LEU X 146 -25.95 -29.93 -4.18
C LEU X 146 -25.26 -28.73 -4.79
N ILE X 147 -24.90 -27.76 -3.97
CA ILE X 147 -24.27 -26.58 -4.51
C ILE X 147 -23.04 -26.88 -5.39
N TYR X 148 -21.98 -27.46 -4.82
CA TYR X 148 -20.79 -27.73 -5.63
C TYR X 148 -21.12 -28.40 -6.95
N PRO X 149 -21.81 -29.54 -6.91
CA PRO X 149 -22.16 -30.21 -8.16
C PRO X 149 -22.92 -29.23 -9.05
N LEU X 150 -23.97 -28.62 -8.51
CA LEU X 150 -24.77 -27.67 -9.27
C LEU X 150 -23.93 -26.57 -9.92
N GLY X 151 -22.76 -26.31 -9.35
CA GLY X 151 -21.91 -25.25 -9.86
C GLY X 151 -21.00 -25.75 -10.95
N GLN X 152 -20.63 -27.02 -10.88
CA GLN X 152 -19.76 -27.64 -11.87
C GLN X 152 -20.51 -28.08 -13.12
N SER X 153 -20.02 -29.13 -13.75
CA SER X 153 -20.65 -29.61 -14.95
C SER X 153 -21.89 -30.48 -14.78
N SER X 154 -21.72 -31.64 -14.13
CA SER X 154 -22.81 -32.61 -13.91
C SER X 154 -22.93 -33.15 -12.48
N TRP X 155 -24.05 -33.83 -12.19
CA TRP X 155 -24.24 -34.40 -10.85
C TRP X 155 -23.04 -35.32 -10.63
N PHE X 156 -22.49 -35.75 -11.76
CA PHE X 156 -21.36 -36.65 -11.76
C PHE X 156 -20.28 -36.31 -10.73
N PHE X 157 -19.54 -35.20 -10.97
CA PHE X 157 -18.43 -34.71 -10.13
C PHE X 157 -18.75 -34.47 -8.67
N ALA X 158 -20.02 -34.68 -8.34
CA ALA X 158 -20.56 -34.53 -7.00
C ALA X 158 -20.06 -35.69 -6.15
N PRO X 159 -20.20 -35.59 -4.83
CA PRO X 159 -19.74 -36.70 -3.99
C PRO X 159 -20.11 -38.04 -4.57
N SER X 160 -19.70 -39.10 -3.92
CA SER X 160 -19.97 -40.40 -4.48
C SER X 160 -20.87 -41.32 -3.67
N PHE X 161 -21.08 -41.03 -2.40
CA PHE X 161 -21.91 -41.90 -1.59
C PHE X 161 -21.23 -43.24 -1.55
N GLY X 162 -19.94 -43.22 -1.26
CA GLY X 162 -19.18 -44.44 -1.19
C GLY X 162 -18.26 -44.37 0.00
N VAL X 163 -17.46 -45.40 0.18
CA VAL X 163 -16.52 -45.40 1.28
C VAL X 163 -15.22 -44.94 0.70
N ALA X 164 -14.83 -45.60 -0.39
CA ALA X 164 -13.59 -45.28 -1.09
C ALA X 164 -13.99 -44.27 -2.13
N ALA X 165 -15.12 -44.55 -2.78
CA ALA X 165 -15.65 -43.66 -3.80
C ALA X 165 -15.69 -42.22 -3.30
N ILE X 166 -15.71 -42.08 -1.97
CA ILE X 166 -15.76 -40.77 -1.34
C ILE X 166 -14.34 -40.27 -1.08
N PHE X 167 -13.41 -41.19 -0.91
CA PHE X 167 -12.02 -40.81 -0.69
C PHE X 167 -11.57 -40.18 -1.98
N ARG X 168 -12.09 -40.69 -3.09
CA ARG X 168 -11.75 -40.18 -4.41
C ARG X 168 -12.12 -38.72 -4.40
N PHE X 169 -13.24 -38.41 -3.75
CA PHE X 169 -13.71 -37.03 -3.67
C PHE X 169 -12.63 -36.15 -3.07
N LEU X 170 -11.84 -36.71 -2.18
CA LEU X 170 -10.76 -35.94 -1.58
C LEU X 170 -9.76 -35.70 -2.67
N LEU X 171 -8.76 -36.57 -2.73
CA LEU X 171 -7.72 -36.47 -3.73
C LEU X 171 -8.15 -35.55 -4.88
N PHE X 172 -9.18 -35.97 -5.62
CA PHE X 172 -9.68 -35.21 -6.76
C PHE X 172 -9.69 -33.72 -6.44
N PHE X 173 -10.07 -33.33 -5.23
CA PHE X 173 -10.04 -31.89 -4.88
C PHE X 173 -8.59 -31.43 -4.74
N GLN X 174 -7.85 -32.11 -3.87
CA GLN X 174 -6.46 -31.85 -3.66
C GLN X 174 -5.79 -31.73 -4.99
N GLY X 175 -6.03 -32.72 -5.84
CA GLY X 175 -5.40 -32.72 -7.13
C GLY X 175 -5.82 -31.64 -8.10
N PHE X 176 -7.11 -31.30 -8.13
CA PHE X 176 -7.59 -30.28 -9.07
C PHE X 176 -7.89 -28.93 -8.44
N HIS X 177 -8.52 -28.95 -7.27
CA HIS X 177 -8.89 -27.72 -6.57
C HIS X 177 -7.80 -27.35 -5.59
N ASN X 178 -6.92 -28.29 -5.31
CA ASN X 178 -5.86 -28.06 -4.37
C ASN X 178 -6.53 -27.37 -3.20
N TRP X 179 -7.57 -28.02 -2.70
CA TRP X 179 -8.38 -27.54 -1.57
C TRP X 179 -7.48 -27.36 -0.35
N THR X 180 -6.67 -28.39 -0.05
CA THR X 180 -5.76 -28.42 1.08
C THR X 180 -5.19 -27.04 1.38
N LEU X 181 -4.96 -26.26 0.33
CA LEU X 181 -4.39 -24.94 0.48
C LEU X 181 -5.43 -23.83 0.35
N ASN X 182 -6.62 -24.04 0.89
CA ASN X 182 -7.69 -23.02 0.80
C ASN X 182 -8.09 -22.52 2.18
N PRO X 183 -7.74 -21.27 2.52
CA PRO X 183 -8.11 -20.75 3.85
C PRO X 183 -9.41 -21.31 4.41
N PHE X 184 -10.52 -21.02 3.77
CA PHE X 184 -11.76 -21.54 4.26
C PHE X 184 -11.71 -23.00 4.70
N HIS X 185 -11.22 -23.90 3.87
CA HIS X 185 -11.19 -25.29 4.30
C HIS X 185 -10.41 -25.38 5.57
N MET X 186 -9.39 -24.57 5.66
CA MET X 186 -8.53 -24.60 6.83
C MET X 186 -9.30 -24.46 8.14
N MET X 187 -10.09 -23.40 8.26
CA MET X 187 -10.88 -23.22 9.47
C MET X 187 -11.78 -24.42 9.61
N GLY X 188 -12.04 -25.06 8.47
CA GLY X 188 -12.87 -26.23 8.48
C GLY X 188 -12.22 -27.33 9.31
N VAL X 189 -10.91 -27.40 9.27
CA VAL X 189 -10.25 -28.42 10.05
C VAL X 189 -9.87 -27.77 11.36
N ALA X 190 -9.77 -26.45 11.35
CA ALA X 190 -9.45 -25.74 12.57
C ALA X 190 -10.58 -25.94 13.58
N GLY X 191 -11.81 -26.05 13.07
CA GLY X 191 -12.95 -26.25 13.93
C GLY X 191 -13.22 -27.69 14.35
N VAL X 192 -13.21 -28.62 13.38
CA VAL X 192 -13.44 -30.04 13.64
C VAL X 192 -12.37 -30.54 14.56
N LEU X 193 -11.15 -30.39 14.07
CA LEU X 193 -9.99 -30.79 14.81
C LEU X 193 -9.96 -30.01 16.11
N GLY X 194 -9.99 -28.69 16.02
CA GLY X 194 -9.94 -27.89 17.23
C GLY X 194 -11.03 -28.30 18.21
N GLY X 195 -12.21 -28.58 17.69
CA GLY X 195 -13.32 -28.97 18.53
C GLY X 195 -13.15 -30.34 19.19
N ALA X 196 -12.66 -31.31 18.42
CA ALA X 196 -12.46 -32.66 18.95
C ALA X 196 -11.68 -32.57 20.26
N LEU X 197 -10.57 -31.83 20.24
CA LEU X 197 -9.75 -31.64 21.43
C LEU X 197 -10.68 -31.08 22.49
N LEU X 198 -11.31 -29.98 22.14
CA LEU X 198 -12.20 -29.36 23.08
C LEU X 198 -13.11 -30.44 23.67
N CYS X 199 -13.60 -31.36 22.85
CA CYS X 199 -14.47 -32.41 23.38
C CYS X 199 -13.75 -33.38 24.28
N ALA X 200 -12.72 -34.02 23.73
CA ALA X 200 -11.95 -35.00 24.49
C ALA X 200 -11.44 -34.42 25.81
N ILE X 201 -11.17 -33.13 25.84
CA ILE X 201 -10.65 -32.53 27.06
C ILE X 201 -11.69 -32.23 28.13
N HIS X 202 -12.78 -31.56 27.75
CA HIS X 202 -13.85 -31.23 28.67
C HIS X 202 -14.41 -32.51 29.28
N GLY X 203 -14.45 -33.56 28.47
CA GLY X 203 -14.90 -34.86 28.90
C GLY X 203 -14.02 -35.45 29.98
N ALA X 204 -12.72 -35.44 29.76
CA ALA X 204 -11.79 -35.99 30.73
C ALA X 204 -11.50 -34.98 31.84
N THR X 205 -11.26 -33.74 31.46
CA THR X 205 -10.99 -32.70 32.45
C THR X 205 -12.08 -32.80 33.52
N VAL X 206 -13.31 -33.06 33.10
CA VAL X 206 -14.46 -33.18 34.02
C VAL X 206 -14.34 -34.40 34.91
N GLU X 207 -14.15 -35.56 34.28
CA GLU X 207 -14.03 -36.81 34.98
C GLU X 207 -13.08 -36.77 36.16
N ASN X 208 -11.90 -36.19 35.96
CA ASN X 208 -10.92 -36.12 37.04
C ASN X 208 -11.23 -35.16 38.17
N THR X 209 -11.89 -34.05 37.88
CA THR X 209 -12.25 -33.08 38.91
C THR X 209 -13.63 -33.45 39.42
N LEU X 210 -13.80 -34.75 39.67
CA LEU X 210 -15.04 -35.33 40.15
C LEU X 210 -14.96 -35.54 41.66
N PHE X 211 -15.96 -35.04 42.37
CA PHE X 211 -16.02 -35.19 43.82
C PHE X 211 -16.35 -36.63 44.24
N GLN X 212 -15.45 -37.30 44.97
CA GLN X 212 -15.76 -38.67 45.40
C GLN X 212 -17.05 -38.53 46.21
N ASP X 213 -18.18 -38.85 45.61
CA ASP X 213 -19.47 -38.74 46.31
C ASP X 213 -20.26 -40.06 46.20
N GLY X 214 -19.50 -41.15 46.13
CA GLY X 214 -20.03 -42.50 46.07
C GLY X 214 -19.08 -43.32 46.94
N GLU X 215 -19.30 -44.63 47.07
CA GLU X 215 -18.38 -45.40 47.90
C GLU X 215 -17.70 -46.58 47.25
N GLY X 216 -16.41 -46.39 46.94
CA GLY X 216 -15.63 -47.44 46.32
C GLY X 216 -15.05 -47.18 44.94
N ALA X 217 -14.94 -48.24 44.16
CA ALA X 217 -14.39 -48.20 42.81
C ALA X 217 -15.42 -48.12 41.67
N SER X 218 -16.34 -47.18 41.78
CA SER X 218 -17.39 -47.04 40.77
C SER X 218 -17.94 -45.61 40.74
N THR X 219 -17.08 -44.62 40.51
CA THR X 219 -17.56 -43.24 40.49
C THR X 219 -18.58 -42.99 39.43
N PHE X 220 -19.00 -44.05 38.76
CA PHE X 220 -19.98 -43.93 37.70
C PHE X 220 -21.39 -44.02 38.23
N ARG X 221 -21.53 -44.61 39.41
CA ARG X 221 -22.87 -44.74 40.00
C ARG X 221 -23.12 -43.62 41.01
N ALA X 222 -22.06 -43.26 41.74
CA ALA X 222 -22.09 -42.21 42.77
C ALA X 222 -22.71 -40.87 42.35
N PHE X 223 -23.10 -40.75 41.09
CA PHE X 223 -23.71 -39.51 40.60
C PHE X 223 -25.22 -39.46 40.80
N ASN X 224 -25.71 -38.30 41.20
CA ASN X 224 -27.13 -38.08 41.47
C ASN X 224 -27.96 -37.61 40.27
N PRO X 225 -28.79 -38.52 39.72
CA PRO X 225 -29.65 -38.21 38.57
C PRO X 225 -30.71 -37.22 39.03
N THR X 226 -31.02 -37.32 40.32
CA THR X 226 -32.04 -36.51 41.01
C THR X 226 -31.84 -35.00 41.14
N GLN X 227 -30.79 -34.54 41.83
CA GLN X 227 -30.64 -33.09 42.00
C GLN X 227 -29.31 -32.37 41.78
N ALA X 228 -29.38 -31.05 41.90
CA ALA X 228 -28.27 -30.13 41.69
C ALA X 228 -27.17 -30.25 42.71
N GLU X 229 -25.98 -30.53 42.20
CA GLU X 229 -24.78 -30.67 43.00
C GLU X 229 -23.64 -30.79 42.00
N GLU X 230 -22.90 -29.70 41.85
CA GLU X 230 -21.77 -29.67 40.93
C GLU X 230 -20.96 -30.93 41.18
N THR X 231 -20.96 -31.81 40.20
CA THR X 231 -20.25 -33.07 40.31
C THR X 231 -18.74 -32.90 40.13
N TYR X 232 -18.32 -31.90 39.35
CA TYR X 232 -16.90 -31.62 39.11
C TYR X 232 -16.48 -30.25 39.66
N SER X 233 -15.66 -30.23 40.70
CA SER X 233 -15.27 -28.94 41.26
C SER X 233 -14.76 -28.00 40.21
N MET X 234 -15.52 -26.95 39.97
CA MET X 234 -15.14 -25.98 38.98
C MET X 234 -13.92 -25.24 39.51
N VAL X 235 -13.74 -25.30 40.82
CA VAL X 235 -12.61 -24.61 41.45
C VAL X 235 -11.31 -25.39 41.27
N THR X 236 -11.38 -26.71 41.43
CA THR X 236 -10.21 -27.58 41.27
C THR X 236 -9.86 -27.56 39.79
N ALA X 237 -10.70 -26.88 39.01
CA ALA X 237 -10.49 -26.78 37.57
C ALA X 237 -9.48 -25.69 37.26
N ASN X 238 -9.97 -24.46 37.15
CA ASN X 238 -9.13 -23.31 36.83
C ASN X 238 -7.79 -23.40 37.54
N ARG X 239 -7.78 -23.52 38.86
CA ARG X 239 -6.53 -23.58 39.56
C ARG X 239 -5.66 -24.74 39.09
N PHE X 240 -6.13 -25.48 38.10
CA PHE X 240 -5.34 -26.57 37.55
C PHE X 240 -4.65 -26.10 36.28
N TRP X 241 -5.44 -25.86 35.25
CA TRP X 241 -4.87 -25.42 33.98
C TRP X 241 -4.25 -24.04 34.12
N SER X 242 -4.88 -23.20 34.94
CA SER X 242 -4.33 -21.87 35.14
C SER X 242 -2.84 -22.00 35.43
N GLN X 243 -2.45 -23.13 36.04
CA GLN X 243 -1.06 -23.37 36.38
C GLN X 243 -0.37 -24.34 35.43
N ILE X 244 -1.15 -25.13 34.70
CA ILE X 244 -0.56 -26.09 33.78
C ILE X 244 -0.53 -25.63 32.32
N PHE X 245 -1.47 -24.76 31.94
CA PHE X 245 -1.56 -24.26 30.57
C PHE X 245 -1.65 -22.73 30.58
N GLY X 246 -1.74 -22.17 31.77
CA GLY X 246 -1.82 -20.72 31.87
C GLY X 246 -3.22 -20.18 31.79
N ILE X 247 -4.18 -21.00 31.38
CA ILE X 247 -5.55 -20.51 31.30
C ILE X 247 -6.64 -21.30 32.04
N ALA X 248 -7.72 -20.59 32.42
CA ALA X 248 -8.85 -21.15 33.16
C ALA X 248 -10.25 -20.88 32.60
N PHE X 249 -10.91 -21.96 32.23
CA PHE X 249 -12.26 -21.92 31.72
C PHE X 249 -13.14 -21.65 32.92
N SER X 250 -13.08 -20.45 33.48
CA SER X 250 -13.91 -20.10 34.65
C SER X 250 -15.37 -19.75 34.32
N ASN X 251 -16.23 -20.76 34.37
CA ASN X 251 -17.67 -20.66 34.07
C ASN X 251 -17.99 -21.96 33.33
N LYS X 252 -19.26 -22.33 33.24
CA LYS X 252 -19.59 -23.57 32.55
C LYS X 252 -20.63 -23.31 31.47
N ARG X 253 -21.27 -22.14 31.55
CA ARG X 253 -22.27 -21.76 30.57
C ARG X 253 -21.53 -21.51 29.26
N TRP X 254 -20.40 -20.82 29.37
CA TRP X 254 -19.55 -20.49 28.22
C TRP X 254 -18.78 -21.73 27.76
N LEU X 255 -18.14 -22.43 28.70
CA LEU X 255 -17.41 -23.63 28.35
C LEU X 255 -18.34 -24.53 27.58
N HIS X 256 -19.45 -24.93 28.17
CA HIS X 256 -20.27 -25.91 27.50
C HIS X 256 -20.67 -25.32 26.16
N PHE X 257 -20.61 -24.00 26.06
CA PHE X 257 -21.23 -23.26 24.94
C PHE X 257 -20.20 -23.11 23.82
N PHE X 258 -19.03 -22.62 24.22
CA PHE X 258 -17.92 -22.40 23.30
C PHE X 258 -17.70 -23.71 22.53
N MET X 259 -18.19 -24.81 23.11
CA MET X 259 -18.07 -26.12 22.50
C MET X 259 -19.10 -26.24 21.40
N LEU X 260 -20.15 -25.46 21.50
CA LEU X 260 -21.17 -25.50 20.47
C LEU X 260 -20.58 -24.83 19.27
N PHE X 261 -19.97 -23.68 19.52
CA PHE X 261 -19.36 -22.85 18.47
C PHE X 261 -18.28 -23.50 17.63
N VAL X 262 -17.14 -23.74 18.27
CA VAL X 262 -16.03 -24.34 17.60
C VAL X 262 -16.40 -25.06 16.32
N PRO X 263 -17.02 -26.23 16.40
CA PRO X 263 -17.36 -26.93 15.16
C PRO X 263 -18.23 -26.12 14.25
N VAL X 264 -19.55 -26.21 14.48
CA VAL X 264 -20.55 -25.53 13.68
C VAL X 264 -19.98 -24.39 12.85
N THR X 265 -19.14 -23.58 13.50
CA THR X 265 -18.50 -22.46 12.84
C THR X 265 -17.61 -22.92 11.69
N GLY X 266 -16.56 -23.67 12.05
CA GLY X 266 -15.66 -24.18 11.04
C GLY X 266 -16.39 -24.79 9.87
N LEU X 267 -17.35 -25.66 10.18
CA LEU X 267 -18.12 -26.30 9.13
C LEU X 267 -18.56 -25.27 8.13
N TRP X 268 -19.18 -24.20 8.63
CA TRP X 268 -19.65 -23.15 7.75
C TRP X 268 -18.51 -22.66 6.87
N MET X 269 -17.37 -22.40 7.50
CA MET X 269 -16.20 -21.92 6.78
C MET X 269 -15.78 -22.93 5.71
N SER X 270 -16.27 -24.15 5.88
CA SER X 270 -15.96 -25.19 4.94
C SER X 270 -16.96 -25.02 3.83
N ALA X 271 -18.23 -25.03 4.21
CA ALA X 271 -19.34 -24.85 3.27
C ALA X 271 -19.12 -23.62 2.40
N ILE X 272 -18.52 -22.57 2.97
CA ILE X 272 -18.26 -21.38 2.18
C ILE X 272 -17.21 -21.83 1.18
N GLY X 273 -16.03 -22.14 1.69
CA GLY X 273 -14.92 -22.60 0.86
C GLY X 273 -15.30 -23.42 -0.35
N VAL X 274 -16.05 -24.50 -0.12
CA VAL X 274 -16.50 -25.38 -1.20
C VAL X 274 -17.41 -24.62 -2.15
N VAL X 275 -18.25 -23.74 -1.60
CA VAL X 275 -19.13 -22.96 -2.46
C VAL X 275 -18.18 -22.44 -3.51
N GLY X 276 -17.02 -21.96 -3.08
CA GLY X 276 -16.04 -21.48 -4.03
C GLY X 276 -15.82 -22.52 -5.11
N LEU X 277 -15.33 -23.69 -4.71
CA LEU X 277 -15.08 -24.77 -5.66
C LEU X 277 -16.22 -24.99 -6.63
N ALA X 278 -17.40 -24.55 -6.26
CA ALA X 278 -18.53 -24.74 -7.14
C ALA X 278 -18.25 -24.06 -8.45
N LEU X 279 -17.92 -22.77 -8.37
CA LEU X 279 -17.64 -22.01 -9.58
C LEU X 279 -16.12 -22.03 -9.81
N ASN X 280 -15.51 -23.18 -9.57
CA ASN X 280 -14.08 -23.31 -9.76
C ASN X 280 -13.25 -22.20 -9.16
N LEU X 281 -13.86 -21.42 -8.29
CA LEU X 281 -13.11 -20.37 -7.62
C LEU X 281 -12.35 -21.12 -6.54
N ARG X 282 -11.06 -21.34 -6.79
CA ARG X 282 -10.26 -22.09 -5.85
C ARG X 282 -8.95 -21.42 -5.45
N SER X 283 -8.35 -21.91 -4.36
CA SER X 283 -7.10 -21.37 -3.88
C SER X 283 -6.01 -22.36 -4.22
N TYR X 284 -5.54 -22.22 -5.46
CA TYR X 284 -4.49 -23.03 -6.08
C TYR X 284 -3.43 -21.93 -6.26
N ASP X 285 -3.88 -20.86 -6.91
CA ASP X 285 -3.16 -19.60 -7.13
C ASP X 285 -1.80 -19.48 -6.42
N PHE X 286 -1.59 -18.38 -5.70
CA PHE X 286 -0.37 -18.04 -4.97
C PHE X 286 0.69 -17.44 -5.87
N ILE X 287 0.26 -16.47 -6.66
CA ILE X 287 1.11 -15.77 -7.62
C ILE X 287 2.48 -15.45 -7.09
N SER X 288 2.56 -14.50 -6.17
CA SER X 288 3.82 -14.10 -5.54
C SER X 288 4.92 -15.14 -5.77
N GLN X 289 4.57 -16.41 -5.63
CA GLN X 289 5.50 -17.52 -5.80
C GLN X 289 5.68 -17.87 -7.26
N GLU X 290 4.62 -18.40 -7.85
CA GLU X 290 4.67 -18.83 -9.23
C GLU X 290 5.29 -17.86 -10.23
N ILE X 291 5.17 -16.56 -9.96
CA ILE X 291 5.72 -15.52 -10.84
C ILE X 291 7.24 -15.55 -10.80
N ARG X 292 7.75 -15.89 -9.62
CA ARG X 292 9.17 -16.00 -9.37
C ARG X 292 9.55 -17.47 -9.58
N ALA X 293 8.54 -18.30 -9.87
CA ALA X 293 8.74 -19.73 -10.13
C ALA X 293 9.28 -19.84 -11.54
N ALA X 294 8.89 -18.88 -12.38
CA ALA X 294 9.32 -18.83 -13.77
C ALA X 294 10.82 -18.78 -13.79
N GLU X 295 11.38 -17.63 -13.44
CA GLU X 295 12.82 -17.49 -13.41
C GLU X 295 13.30 -18.37 -12.28
N ASP X 296 14.43 -18.02 -11.68
CA ASP X 296 15.02 -18.77 -10.57
C ASP X 296 14.64 -20.26 -10.55
N PRO X 297 14.94 -20.98 -11.65
CA PRO X 297 14.59 -22.39 -11.70
C PRO X 297 15.14 -23.17 -10.53
N GLU X 298 15.87 -22.49 -9.65
CA GLU X 298 16.45 -23.19 -8.50
C GLU X 298 15.80 -22.89 -7.15
N PHE X 299 14.79 -22.02 -7.15
CA PHE X 299 14.12 -21.71 -5.89
C PHE X 299 12.92 -22.62 -5.77
N GLU X 300 12.78 -23.25 -4.61
CA GLU X 300 11.69 -24.20 -4.39
C GLU X 300 11.15 -24.21 -2.96
N THR X 301 9.83 -24.04 -2.83
CA THR X 301 9.12 -24.04 -1.55
C THR X 301 8.33 -25.33 -1.53
N PHE X 302 7.77 -25.68 -0.40
CA PHE X 302 6.96 -26.88 -0.38
C PHE X 302 5.79 -26.62 -1.32
N TYR X 303 5.17 -25.45 -1.19
CA TYR X 303 4.00 -25.07 -2.00
C TYR X 303 4.06 -25.59 -3.40
N THR X 304 5.17 -25.25 -4.07
CA THR X 304 5.39 -25.69 -5.43
C THR X 304 5.63 -27.18 -5.41
N LYS X 305 6.63 -27.58 -4.62
CA LYS X 305 6.97 -28.97 -4.46
C LYS X 305 5.71 -29.82 -4.27
N ASN X 306 4.70 -29.24 -3.63
CA ASN X 306 3.43 -29.92 -3.35
C ASN X 306 2.54 -29.82 -4.55
N LEU X 307 2.36 -28.58 -4.96
CA LEU X 307 1.54 -28.22 -6.10
C LEU X 307 1.84 -29.19 -7.24
N LEU X 308 3.08 -29.66 -7.31
CA LEU X 308 3.49 -30.59 -8.35
C LEU X 308 2.83 -31.95 -8.21
N LEU X 309 2.66 -32.39 -6.97
CA LEU X 309 2.03 -33.67 -6.72
C LEU X 309 0.71 -33.58 -7.43
N ASN X 310 -0.04 -32.53 -7.13
CA ASN X 310 -1.34 -32.31 -7.76
C ASN X 310 -1.23 -32.58 -9.24
N GLU X 311 -0.40 -31.80 -9.91
CA GLU X 311 -0.20 -31.92 -11.35
C GLU X 311 -0.02 -33.35 -11.84
N GLY X 312 0.34 -34.25 -10.94
CA GLY X 312 0.49 -35.63 -11.33
C GLY X 312 -0.86 -36.28 -11.19
N ILE X 313 -1.49 -36.01 -10.06
CA ILE X 313 -2.80 -36.55 -9.77
C ILE X 313 -3.74 -36.29 -10.96
N ARG X 314 -3.56 -35.17 -11.64
CA ARG X 314 -4.41 -34.90 -12.80
C ARG X 314 -4.05 -35.93 -13.85
N ALA X 315 -3.00 -35.61 -14.59
CA ALA X 315 -2.51 -36.43 -15.67
C ALA X 315 -2.74 -37.91 -15.59
N TRP X 316 -2.75 -38.50 -14.39
CA TRP X 316 -2.95 -39.93 -14.33
C TRP X 316 -4.36 -40.44 -14.20
N MET X 317 -5.14 -39.81 -13.29
CA MET X 317 -6.52 -40.24 -13.06
C MET X 317 -7.58 -39.71 -14.03
N ALA X 318 -7.52 -38.43 -14.36
CA ALA X 318 -8.49 -37.85 -15.29
C ALA X 318 -9.01 -38.78 -16.38
N PRO X 319 -8.10 -39.49 -17.08
CA PRO X 319 -8.53 -40.41 -18.13
C PRO X 319 -9.53 -41.50 -17.71
N GLN X 320 -9.37 -42.04 -16.51
CA GLN X 320 -10.26 -43.09 -16.03
C GLN X 320 -11.34 -42.58 -15.09
N ASP X 321 -11.06 -41.47 -14.41
CA ASP X 321 -12.01 -40.87 -13.49
C ASP X 321 -13.08 -40.18 -14.27
N GLN X 322 -12.68 -39.49 -15.32
CA GLN X 322 -13.59 -38.77 -16.19
C GLN X 322 -13.63 -39.47 -17.54
N PRO X 323 -14.28 -40.64 -17.59
CA PRO X 323 -14.48 -41.53 -18.73
C PRO X 323 -15.24 -40.95 -19.92
N HIS X 324 -16.23 -40.14 -19.60
CA HIS X 324 -17.09 -39.50 -20.59
C HIS X 324 -16.35 -38.49 -21.48
N GLU X 325 -15.06 -38.27 -21.20
CA GLU X 325 -14.23 -37.34 -21.98
C GLU X 325 -13.33 -38.15 -22.95
N ASN X 326 -13.31 -39.47 -22.75
CA ASN X 326 -12.51 -40.39 -23.56
C ASN X 326 -11.13 -39.82 -23.72
N PHE X 327 -10.56 -39.42 -22.58
CA PHE X 327 -9.22 -38.86 -22.59
C PHE X 327 -8.26 -39.90 -23.13
N VAL X 328 -7.17 -39.43 -23.71
CA VAL X 328 -6.12 -40.31 -24.24
C VAL X 328 -4.77 -39.67 -24.01
N PHE X 329 -3.96 -40.31 -23.20
CA PHE X 329 -2.66 -39.78 -22.92
C PHE X 329 -1.58 -40.76 -23.31
N PRO X 330 -0.86 -40.47 -24.39
CA PRO X 330 0.20 -41.37 -24.83
C PRO X 330 1.32 -41.53 -23.80
N GLU X 331 1.93 -42.70 -23.80
CA GLU X 331 3.03 -43.06 -22.90
C GLU X 331 3.91 -41.87 -22.47
N GLU X 332 4.19 -41.02 -23.47
CA GLU X 332 5.06 -39.88 -23.32
C GLU X 332 4.55 -38.73 -22.49
N VAL X 333 3.40 -38.17 -22.85
CA VAL X 333 2.84 -37.04 -22.14
C VAL X 333 2.80 -37.09 -20.61
N LEU X 334 2.79 -38.29 -20.03
CA LEU X 334 2.70 -38.42 -18.57
C LEU X 334 3.93 -37.97 -17.82
N PRO X 335 3.75 -37.02 -16.88
CA PRO X 335 4.77 -36.42 -16.00
C PRO X 335 5.32 -37.42 -15.00
N ARG X 336 6.64 -37.52 -14.90
CA ARG X 336 7.27 -38.47 -14.00
C ARG X 336 8.70 -38.07 -13.66
N GLY X 337 9.17 -38.45 -12.48
CA GLY X 337 10.52 -38.10 -12.11
C GLY X 337 11.46 -39.13 -12.72
N ASN X 338 12.75 -38.91 -12.62
CA ASN X 338 13.71 -39.87 -13.17
C ASN X 338 13.71 -41.09 -12.26
N ALA X 339 13.23 -42.21 -12.78
CA ALA X 339 13.19 -43.47 -12.05
C ALA X 339 11.94 -44.25 -12.29
N LEU X 340 10.79 -43.74 -11.87
CA LEU X 340 9.59 -44.52 -12.07
C LEU X 340 8.53 -43.73 -12.79
N GLY Y 2 -37.73 -39.72 33.15
CA GLY Y 2 -39.14 -39.43 32.70
C GLY Y 2 -40.06 -40.64 32.74
N THR Y 3 -41.38 -40.41 32.80
CA THR Y 3 -42.39 -41.50 32.85
C THR Y 3 -42.57 -42.14 31.47
N THR Y 4 -42.13 -43.40 31.33
CA THR Y 4 -42.21 -44.15 30.06
C THR Y 4 -43.08 -45.41 30.14
N GLY Y 5 -43.97 -45.59 29.15
CA GLY Y 5 -44.86 -46.75 29.14
C GLY Y 5 -45.30 -47.37 27.82
N GLU Y 6 -44.34 -47.89 27.03
CA GLU Y 6 -44.65 -48.57 25.76
C GLU Y 6 -44.11 -50.00 25.93
N ARG Y 7 -44.87 -50.98 25.41
CA ARG Y 7 -44.53 -52.41 25.49
C ARG Y 7 -43.03 -52.78 25.52
N PRO Y 8 -42.50 -53.16 26.70
CA PRO Y 8 -41.10 -53.56 27.01
C PRO Y 8 -40.41 -54.55 26.08
N PHE Y 9 -39.08 -54.44 26.02
CA PHE Y 9 -38.28 -55.26 25.13
C PHE Y 9 -37.78 -56.59 25.69
N SER Y 10 -36.99 -56.51 26.77
CA SER Y 10 -36.44 -57.71 27.40
C SER Y 10 -37.55 -58.75 27.34
N ASP Y 11 -38.76 -58.29 27.67
CA ASP Y 11 -39.98 -59.11 27.64
C ASP Y 11 -39.95 -60.09 26.49
N ILE Y 12 -40.11 -59.54 25.29
CA ILE Y 12 -40.18 -60.34 24.08
C ILE Y 12 -38.88 -60.93 23.48
N ILE Y 13 -37.73 -60.28 23.67
CA ILE Y 13 -36.51 -60.85 23.11
C ILE Y 13 -36.24 -62.12 23.94
N THR Y 14 -36.78 -62.09 25.16
CA THR Y 14 -36.69 -63.17 26.12
C THR Y 14 -38.01 -63.95 26.14
N SER Y 15 -38.98 -63.48 25.35
CA SER Y 15 -40.30 -64.11 25.25
C SER Y 15 -40.30 -65.47 24.57
N VAL Y 16 -41.21 -66.33 25.00
CA VAL Y 16 -41.32 -67.65 24.42
C VAL Y 16 -41.92 -67.56 23.02
N ARG Y 17 -42.88 -66.64 22.84
CA ARG Y 17 -43.55 -66.47 21.55
C ARG Y 17 -42.67 -65.86 20.47
N TYR Y 18 -41.85 -64.90 20.87
CA TYR Y 18 -40.93 -64.25 19.94
C TYR Y 18 -40.21 -65.35 19.15
N TRP Y 19 -39.44 -66.17 19.88
CA TRP Y 19 -38.67 -67.24 19.27
C TRP Y 19 -39.44 -68.26 18.48
N VAL Y 20 -40.72 -68.41 18.73
CA VAL Y 20 -41.52 -69.39 18.02
C VAL Y 20 -42.18 -68.84 16.74
N ILE Y 21 -42.53 -67.56 16.74
CA ILE Y 21 -43.13 -66.94 15.56
C ILE Y 21 -41.96 -66.76 14.59
N HIS Y 22 -40.90 -66.17 15.13
CA HIS Y 22 -39.66 -65.82 14.44
C HIS Y 22 -38.74 -66.93 13.95
N SER Y 23 -38.34 -67.85 14.83
CA SER Y 23 -37.44 -68.93 14.43
C SER Y 23 -37.72 -69.32 13.00
N ILE Y 24 -38.99 -69.60 12.73
CA ILE Y 24 -39.45 -70.00 11.41
C ILE Y 24 -39.42 -68.89 10.33
N THR Y 25 -39.85 -67.67 10.70
CA THR Y 25 -39.91 -66.55 9.77
C THR Y 25 -38.61 -65.78 9.47
N ILE Y 26 -37.72 -65.65 10.46
CA ILE Y 26 -36.45 -64.96 10.26
C ILE Y 26 -35.74 -65.59 9.07
N PRO Y 27 -35.27 -66.84 9.20
CA PRO Y 27 -34.60 -67.41 8.05
C PRO Y 27 -35.46 -67.39 6.78
N ALA Y 28 -36.76 -67.09 6.91
CA ALA Y 28 -37.67 -67.01 5.76
C ALA Y 28 -37.25 -65.80 4.94
N LEU Y 29 -36.71 -64.81 5.62
CA LEU Y 29 -36.22 -63.61 4.98
C LEU Y 29 -34.80 -63.91 4.54
N PHE Y 30 -34.00 -64.46 5.45
CA PHE Y 30 -32.62 -64.83 5.14
C PHE Y 30 -32.64 -65.67 3.85
N ILE Y 31 -33.57 -66.62 3.79
CA ILE Y 31 -33.74 -67.50 2.64
C ILE Y 31 -34.28 -66.70 1.46
N ALA Y 32 -35.32 -65.91 1.70
CA ALA Y 32 -35.92 -65.10 0.66
C ALA Y 32 -34.83 -64.29 -0.07
N GLY Y 33 -34.00 -63.58 0.69
CA GLY Y 33 -32.94 -62.79 0.08
C GLY Y 33 -32.05 -63.65 -0.79
N TRP Y 34 -31.65 -64.78 -0.21
CA TRP Y 34 -30.80 -65.75 -0.87
C TRP Y 34 -31.35 -66.17 -2.22
N LEU Y 35 -32.64 -66.48 -2.25
CA LEU Y 35 -33.27 -66.91 -3.47
C LEU Y 35 -33.22 -65.80 -4.48
N PHE Y 36 -33.45 -64.59 -3.98
CA PHE Y 36 -33.46 -63.40 -4.82
C PHE Y 36 -32.16 -63.30 -5.62
N VAL Y 37 -31.08 -63.75 -4.98
CA VAL Y 37 -29.75 -63.76 -5.56
C VAL Y 37 -29.58 -64.99 -6.44
N SER Y 38 -29.94 -66.15 -5.90
CA SER Y 38 -29.79 -67.43 -6.60
C SER Y 38 -30.53 -67.51 -7.93
N THR Y 39 -31.82 -67.16 -7.96
CA THR Y 39 -32.58 -67.20 -9.22
C THR Y 39 -31.78 -66.42 -10.25
N GLY Y 40 -31.16 -65.35 -9.74
CA GLY Y 40 -30.38 -64.45 -10.57
C GLY Y 40 -31.29 -63.32 -11.02
N LEU Y 41 -32.40 -63.14 -10.31
CA LEU Y 41 -33.33 -62.11 -10.69
C LEU Y 41 -32.85 -60.76 -10.23
N ALA Y 42 -32.19 -60.74 -9.08
CA ALA Y 42 -31.65 -59.49 -8.54
C ALA Y 42 -30.98 -58.69 -9.65
N TYR Y 43 -30.28 -59.40 -10.54
CA TYR Y 43 -29.58 -58.80 -11.66
C TYR Y 43 -30.54 -58.04 -12.54
N ASP Y 44 -31.48 -58.77 -13.13
CA ASP Y 44 -32.49 -58.21 -14.02
C ASP Y 44 -33.34 -57.17 -13.27
N VAL Y 45 -33.41 -57.34 -11.97
CA VAL Y 45 -34.15 -56.45 -11.08
C VAL Y 45 -33.55 -55.03 -11.13
N PHE Y 46 -32.23 -54.98 -11.06
CA PHE Y 46 -31.49 -53.72 -11.06
C PHE Y 46 -30.49 -53.53 -12.19
N GLY Y 47 -30.76 -54.11 -13.35
CA GLY Y 47 -29.87 -54.00 -14.50
C GLY Y 47 -28.47 -54.52 -14.25
N THR Y 48 -28.05 -54.51 -12.99
CA THR Y 48 -26.75 -54.98 -12.56
C THR Y 48 -26.32 -56.17 -13.39
N PRO Y 49 -25.27 -56.01 -14.20
CA PRO Y 49 -24.75 -57.08 -15.06
C PRO Y 49 -24.12 -58.17 -14.22
N ARG Y 50 -24.08 -59.40 -14.74
CA ARG Y 50 -23.43 -60.48 -14.00
C ARG Y 50 -22.10 -60.75 -14.69
N PRO Y 51 -21.04 -60.98 -13.93
CA PRO Y 51 -19.69 -61.24 -14.42
C PRO Y 51 -19.61 -61.78 -15.82
N ASP Y 52 -20.53 -62.66 -16.14
CA ASP Y 52 -20.59 -63.27 -17.45
C ASP Y 52 -20.83 -62.26 -18.56
N SER Y 53 -21.41 -61.12 -18.20
CA SER Y 53 -21.73 -60.13 -19.20
C SER Y 53 -21.53 -58.65 -18.83
N TYR Y 54 -20.28 -58.20 -18.67
CA TYR Y 54 -19.97 -56.78 -18.39
C TYR Y 54 -19.52 -56.12 -19.72
N TYR Y 55 -18.62 -56.80 -20.43
CA TYR Y 55 -18.11 -56.35 -21.72
C TYR Y 55 -18.62 -57.39 -22.73
N ALA Y 56 -18.87 -56.96 -23.97
CA ALA Y 56 -19.28 -57.89 -25.02
C ALA Y 56 -18.10 -58.87 -25.08
N GLN Y 57 -18.04 -59.75 -26.07
CA GLN Y 57 -16.91 -60.68 -26.10
C GLN Y 57 -15.65 -60.04 -26.67
N GLU Y 58 -15.74 -59.54 -27.89
CA GLU Y 58 -14.59 -58.92 -28.52
C GLU Y 58 -14.25 -57.53 -28.00
N GLN Y 59 -15.14 -56.55 -28.21
CA GLN Y 59 -14.87 -55.18 -27.78
C GLN Y 59 -14.13 -55.00 -26.43
N ARG Y 60 -13.46 -53.85 -26.29
CA ARG Y 60 -12.71 -53.51 -25.08
C ARG Y 60 -13.24 -52.21 -24.45
N SER Y 61 -14.13 -51.50 -25.16
CA SER Y 61 -14.70 -50.22 -24.69
C SER Y 61 -15.79 -50.32 -23.62
N ILE Y 62 -16.11 -49.19 -23.00
CA ILE Y 62 -17.14 -49.16 -21.98
C ILE Y 62 -18.46 -48.67 -22.53
N PRO Y 63 -19.54 -49.42 -22.24
CA PRO Y 63 -20.91 -49.11 -22.67
C PRO Y 63 -21.41 -47.88 -21.93
N LEU Y 64 -20.85 -46.71 -22.25
CA LEU Y 64 -21.25 -45.49 -21.54
C LEU Y 64 -22.38 -44.69 -22.17
N VAL Y 65 -23.33 -44.33 -21.31
CA VAL Y 65 -24.50 -43.56 -21.67
C VAL Y 65 -24.07 -42.23 -22.20
N THR Y 66 -24.36 -41.98 -23.47
CA THR Y 66 -23.95 -40.74 -24.09
C THR Y 66 -24.87 -39.54 -24.02
N ASP Y 67 -26.14 -39.70 -24.38
CA ASP Y 67 -27.05 -38.56 -24.32
C ASP Y 67 -28.23 -38.71 -23.36
N ARG Y 68 -28.31 -37.81 -22.37
CA ARG Y 68 -29.34 -37.83 -21.33
C ARG Y 68 -30.78 -37.99 -21.78
N PHE Y 69 -31.12 -37.54 -22.98
CA PHE Y 69 -32.50 -37.65 -23.43
C PHE Y 69 -32.89 -38.92 -24.16
N GLU Y 70 -31.99 -39.46 -24.98
CA GLU Y 70 -32.29 -40.69 -25.68
C GLU Y 70 -31.39 -41.75 -25.06
N ALA Y 71 -31.28 -41.68 -23.74
CA ALA Y 71 -30.46 -42.59 -22.95
C ALA Y 71 -31.00 -44.01 -22.97
N LYS Y 72 -32.31 -44.13 -22.82
CA LYS Y 72 -32.97 -45.44 -22.84
C LYS Y 72 -32.48 -46.26 -24.03
N GLN Y 73 -32.43 -45.61 -25.19
CA GLN Y 73 -31.97 -46.28 -26.39
C GLN Y 73 -30.56 -46.78 -26.10
N GLN Y 74 -29.64 -45.84 -25.87
CA GLN Y 74 -28.26 -46.18 -25.59
C GLN Y 74 -28.22 -47.50 -24.83
N VAL Y 75 -28.50 -47.45 -23.53
CA VAL Y 75 -28.47 -48.66 -22.74
C VAL Y 75 -28.77 -49.86 -23.62
N GLU Y 76 -29.94 -49.86 -24.24
CA GLU Y 76 -30.31 -50.99 -25.09
C GLU Y 76 -29.22 -51.31 -26.08
N THR Y 77 -29.11 -50.49 -27.11
CA THR Y 77 -28.12 -50.68 -28.16
C THR Y 77 -26.77 -51.16 -27.64
N PHE Y 78 -26.51 -50.95 -26.35
CA PHE Y 78 -25.27 -51.44 -25.75
C PHE Y 78 -25.63 -52.84 -25.28
N LEU Y 79 -26.57 -52.93 -24.36
CA LEU Y 79 -27.02 -54.23 -23.85
C LEU Y 79 -27.38 -55.10 -25.05
N GLU Y 80 -27.64 -54.44 -26.16
CA GLU Y 80 -27.99 -55.09 -27.42
C GLU Y 80 -26.82 -55.92 -27.94
N GLN Y 81 -25.96 -55.27 -28.71
CA GLN Y 81 -24.79 -55.90 -29.32
C GLN Y 81 -24.14 -56.73 -28.23
N LEU Y 82 -24.17 -56.16 -27.02
CA LEU Y 82 -23.61 -56.80 -25.84
C LEU Y 82 -24.32 -58.15 -25.66
N LYS Y 83 -23.53 -59.19 -25.41
CA LYS Y 83 -24.00 -60.57 -25.20
C LYS Y 83 -25.30 -60.67 -24.37
N VAL Z 10 -49.83 -55.22 32.36
CA VAL Z 10 -51.14 -55.09 31.65
C VAL Z 10 -51.18 -55.89 30.31
N SER Z 11 -51.68 -55.26 29.23
CA SER Z 11 -51.78 -55.86 27.88
C SER Z 11 -51.40 -54.82 26.79
N TYR Z 12 -50.10 -54.69 26.50
CA TYR Z 12 -49.64 -53.73 25.48
C TYR Z 12 -49.63 -54.39 24.10
N PRO Z 13 -50.34 -53.79 23.11
CA PRO Z 13 -50.44 -54.29 21.73
C PRO Z 13 -49.14 -54.81 21.10
N ILE Z 14 -49.28 -55.53 19.99
CA ILE Z 14 -48.14 -56.06 19.28
C ILE Z 14 -47.87 -55.11 18.11
N PHE Z 15 -48.88 -54.33 17.77
CA PHE Z 15 -48.75 -53.38 16.68
C PHE Z 15 -48.53 -51.98 17.27
N THR Z 16 -47.31 -51.75 17.74
CA THR Z 16 -46.92 -50.46 18.33
C THR Z 16 -46.24 -49.53 17.32
N VAL Z 17 -46.39 -48.22 17.55
CA VAL Z 17 -45.76 -47.20 16.73
C VAL Z 17 -44.34 -47.77 16.64
N ARG Z 18 -43.69 -47.80 17.82
CA ARG Z 18 -42.34 -48.33 18.05
C ARG Z 18 -42.05 -49.54 17.19
N TRP Z 19 -43.03 -50.43 17.12
CA TRP Z 19 -42.84 -51.64 16.36
C TRP Z 19 -42.79 -51.47 14.85
N VAL Z 20 -43.68 -50.65 14.28
CA VAL Z 20 -43.70 -50.45 12.83
C VAL Z 20 -42.28 -50.16 12.34
N ALA Z 21 -41.61 -49.26 13.05
CA ALA Z 21 -40.25 -48.87 12.73
C ALA Z 21 -39.36 -50.08 12.86
N VAL Z 22 -39.07 -50.47 14.10
CA VAL Z 22 -38.20 -51.62 14.40
C VAL Z 22 -38.37 -52.72 13.36
N HIS Z 23 -39.50 -52.69 12.64
CA HIS Z 23 -39.75 -53.69 11.64
C HIS Z 23 -39.28 -53.35 10.24
N THR Z 24 -39.65 -52.17 9.77
CA THR Z 24 -39.27 -51.75 8.43
C THR Z 24 -37.80 -52.11 8.22
N LEU Z 25 -37.04 -52.11 9.32
CA LEU Z 25 -35.61 -52.43 9.33
C LEU Z 25 -35.33 -53.94 9.43
N ALA Z 26 -35.78 -54.56 10.52
CA ALA Z 26 -35.56 -55.99 10.76
C ALA Z 26 -36.01 -56.95 9.65
N VAL Z 27 -36.98 -56.54 8.84
CA VAL Z 27 -37.43 -57.42 7.78
C VAL Z 27 -36.38 -57.40 6.65
N PRO Z 28 -36.09 -56.21 6.07
CA PRO Z 28 -35.11 -56.09 4.98
C PRO Z 28 -33.76 -56.65 5.38
N THR Z 29 -33.20 -56.09 6.45
CA THR Z 29 -31.92 -56.53 6.97
C THR Z 29 -31.68 -58.03 6.75
N ILE Z 30 -32.56 -58.86 7.32
CA ILE Z 30 -32.40 -60.29 7.16
C ILE Z 30 -32.66 -60.70 5.72
N PHE Z 31 -33.45 -59.91 5.01
CA PHE Z 31 -33.75 -60.19 3.60
C PHE Z 31 -32.42 -59.97 2.89
N PHE Z 32 -31.78 -58.86 3.23
CA PHE Z 32 -30.50 -58.49 2.64
C PHE Z 32 -29.39 -59.44 3.06
N LEU Z 33 -29.21 -59.59 4.36
CA LEU Z 33 -28.17 -60.47 4.90
C LEU Z 33 -28.20 -61.82 4.23
N GLY Z 34 -29.40 -62.28 3.91
CA GLY Z 34 -29.55 -63.56 3.25
C GLY Z 34 -29.13 -63.40 1.80
N ALA Z 35 -29.49 -62.27 1.21
CA ALA Z 35 -29.13 -62.00 -0.17
C ALA Z 35 -27.61 -62.08 -0.33
N ILE Z 36 -26.92 -61.38 0.58
CA ILE Z 36 -25.47 -61.29 0.60
C ILE Z 36 -24.78 -62.61 0.89
N ALA Z 37 -25.18 -63.27 1.97
CA ALA Z 37 -24.58 -64.54 2.32
C ALA Z 37 -24.71 -65.42 1.09
N ALA Z 38 -25.72 -65.11 0.27
CA ALA Z 38 -25.96 -65.85 -0.95
C ALA Z 38 -24.90 -65.56 -2.01
N MET Z 39 -24.60 -64.28 -2.20
CA MET Z 39 -23.60 -63.87 -3.19
C MET Z 39 -22.23 -64.51 -2.93
N GLN Z 40 -21.84 -64.60 -1.66
CA GLN Z 40 -20.57 -65.18 -1.21
C GLN Z 40 -20.00 -66.31 -2.05
N PHE Z 41 -20.79 -66.81 -2.98
CA PHE Z 41 -20.36 -67.92 -3.79
C PHE Z 41 -20.43 -67.70 -5.30
N ILE Z 42 -21.12 -66.65 -5.74
CA ILE Z 42 -21.28 -66.39 -7.19
C ILE Z 42 -19.97 -66.31 -7.96
N GLN Z 43 -19.28 -67.43 -8.10
CA GLN Z 43 -18.01 -67.43 -8.83
C GLN Z 43 -18.23 -67.20 -10.33
N ARG Z 44 -17.18 -67.45 -11.11
CA ARG Z 44 -17.20 -67.28 -12.57
C ARG Z 44 -17.68 -65.88 -12.87
N ALA AA 1 -45.84 11.35 24.23
CA ALA AA 1 -46.09 11.18 22.77
C ALA AA 1 -45.79 12.47 21.99
N ARG AA 2 -46.21 12.52 20.70
CA ARG AA 2 -46.00 13.70 19.84
C ARG AA 2 -46.50 13.53 18.38
N ARG AA 3 -47.81 13.62 18.20
CA ARG AA 3 -48.43 13.52 16.88
C ARG AA 3 -47.97 14.67 15.99
N THR AA 4 -48.48 14.71 14.76
CA THR AA 4 -48.18 15.78 13.79
C THR AA 4 -49.05 15.65 12.55
N TRP AA 5 -48.61 16.27 11.46
CA TRP AA 5 -49.34 16.24 10.19
C TRP AA 5 -49.63 14.82 9.74
N LEU AA 6 -48.60 14.05 9.42
CA LEU AA 6 -48.83 12.67 8.98
C LEU AA 6 -49.29 11.86 10.17
N GLY AA 7 -48.65 12.14 11.32
CA GLY AA 7 -48.95 11.45 12.56
C GLY AA 7 -50.41 11.25 12.87
N ASP AA 8 -51.24 12.09 12.27
CA ASP AA 8 -52.67 12.00 12.45
C ASP AA 8 -53.19 11.37 11.16
N ILE AA 9 -52.73 11.88 10.02
CA ILE AA 9 -53.15 11.36 8.74
C ILE AA 9 -52.99 9.86 8.58
N LEU AA 10 -52.10 9.26 9.38
CA LEU AA 10 -51.86 7.83 9.23
C LEU AA 10 -52.18 7.03 10.48
N ARG AA 11 -52.77 7.68 11.48
CA ARG AA 11 -53.08 7.00 12.74
C ARG AA 11 -53.97 5.74 12.64
N PRO AA 12 -54.94 5.72 11.71
CA PRO AA 12 -55.78 4.53 11.62
C PRO AA 12 -54.98 3.27 11.35
N LEU AA 13 -54.35 3.24 10.18
CA LEU AA 13 -53.56 2.10 9.73
C LEU AA 13 -52.69 1.47 10.81
N ASN AA 14 -52.12 2.27 11.71
CA ASN AA 14 -51.30 1.67 12.75
C ASN AA 14 -52.08 1.29 14.01
N SER AA 15 -53.26 1.89 14.19
CA SER AA 15 -54.10 1.65 15.37
C SER AA 15 -54.40 0.20 15.82
N GLU AA 16 -55.13 -0.56 14.99
CA GLU AA 16 -55.52 -1.93 15.32
C GLU AA 16 -54.44 -3.00 15.48
N TYR AA 17 -53.61 -2.82 16.49
CA TYR AA 17 -52.53 -3.74 16.80
C TYR AA 17 -53.03 -5.17 16.77
N GLY AA 18 -53.54 -5.59 17.93
CA GLY AA 18 -54.04 -6.93 18.10
C GLY AA 18 -55.15 -7.40 17.19
N LYS AA 19 -55.75 -6.50 16.39
CA LYS AA 19 -56.86 -6.89 15.51
C LYS AA 19 -56.51 -8.21 14.81
N VAL AA 20 -57.22 -9.27 15.23
CA VAL AA 20 -57.03 -10.62 14.74
C VAL AA 20 -58.37 -11.30 14.42
N ALA AA 21 -58.52 -11.87 13.22
CA ALA AA 21 -59.75 -12.56 12.82
C ALA AA 21 -59.87 -13.79 13.71
N PRO AA 22 -61.10 -14.16 14.10
CA PRO AA 22 -61.40 -15.31 14.97
C PRO AA 22 -61.24 -16.75 14.45
N GLY AA 23 -60.47 -17.52 15.22
CA GLY AA 23 -60.23 -18.91 14.91
C GLY AA 23 -59.13 -19.27 13.93
N TRP AA 24 -59.52 -20.08 12.94
CA TRP AA 24 -58.63 -20.53 11.89
C TRP AA 24 -58.97 -19.70 10.67
N GLY AA 25 -60.21 -19.26 10.64
CA GLY AA 25 -60.71 -18.43 9.57
C GLY AA 25 -60.26 -18.71 8.15
N THR AA 26 -59.49 -17.78 7.60
CA THR AA 26 -59.04 -17.86 6.21
C THR AA 26 -58.10 -19.01 5.82
N THR AA 27 -57.29 -19.47 6.78
CA THR AA 27 -56.29 -20.52 6.56
C THR AA 27 -56.44 -21.46 5.36
N PRO AA 28 -57.49 -22.28 5.32
CA PRO AA 28 -57.73 -23.21 4.22
C PRO AA 28 -57.41 -22.64 2.85
N LEU AA 29 -57.98 -21.46 2.56
CA LEU AA 29 -57.76 -20.83 1.29
C LEU AA 29 -56.28 -20.43 1.12
N MET AA 30 -55.51 -20.50 2.20
CA MET AA 30 -54.08 -20.20 2.15
C MET AA 30 -53.44 -21.45 1.64
N ALA AA 31 -53.66 -22.51 2.40
CA ALA AA 31 -53.12 -23.80 2.10
C ALA AA 31 -53.50 -24.20 0.67
N VAL AA 32 -54.61 -23.68 0.15
CA VAL AA 32 -55.03 -24.02 -1.20
C VAL AA 32 -54.17 -23.25 -2.22
N PHE AA 33 -53.80 -22.02 -1.90
CA PHE AA 33 -52.95 -21.27 -2.80
C PHE AA 33 -51.56 -21.80 -2.59
N MET AA 34 -51.29 -22.16 -1.34
CA MET AA 34 -50.00 -22.72 -0.93
C MET AA 34 -49.58 -23.83 -1.88
N GLY AA 35 -50.18 -25.01 -1.70
CA GLY AA 35 -49.87 -26.14 -2.56
C GLY AA 35 -50.05 -25.73 -4.03
N LEU AA 36 -51.06 -24.91 -4.29
CA LEU AA 36 -51.32 -24.45 -5.64
C LEU AA 36 -50.06 -23.74 -6.12
N PHE AA 37 -49.29 -23.19 -5.18
CA PHE AA 37 -48.06 -22.50 -5.54
C PHE AA 37 -46.97 -23.48 -5.87
N LEU AA 38 -46.68 -24.37 -4.93
CA LEU AA 38 -45.64 -25.34 -5.14
C LEU AA 38 -45.56 -25.74 -6.59
N VAL AA 39 -46.57 -26.49 -7.05
CA VAL AA 39 -46.58 -26.93 -8.44
C VAL AA 39 -46.13 -25.84 -9.42
N PHE AA 40 -46.25 -24.56 -9.05
CA PHE AA 40 -45.82 -23.49 -9.94
C PHE AA 40 -44.33 -23.55 -10.06
N LEU AA 41 -43.67 -23.43 -8.91
CA LEU AA 41 -42.23 -23.47 -8.87
C LEU AA 41 -41.75 -24.75 -9.50
N LEU AA 42 -42.17 -25.86 -8.91
CA LEU AA 42 -41.81 -27.18 -9.38
C LEU AA 42 -41.97 -27.29 -10.91
N ILE AA 43 -43.14 -26.88 -11.41
CA ILE AA 43 -43.41 -26.88 -12.85
C ILE AA 43 -42.42 -25.96 -13.60
N ILE AA 44 -41.96 -24.91 -12.93
CA ILE AA 44 -40.99 -23.99 -13.52
C ILE AA 44 -39.63 -24.64 -13.43
N LEU AA 45 -39.29 -25.04 -12.22
CA LEU AA 45 -38.03 -25.69 -11.97
C LEU AA 45 -37.92 -26.82 -12.99
N GLU AA 46 -38.94 -27.66 -13.08
CA GLU AA 46 -38.90 -28.77 -14.02
C GLU AA 46 -38.86 -28.44 -15.52
N ILE AA 47 -39.33 -27.25 -15.93
CA ILE AA 47 -39.26 -26.85 -17.35
C ILE AA 47 -37.81 -26.46 -17.56
N TYR AA 48 -37.31 -25.73 -16.57
CA TYR AA 48 -35.94 -25.22 -16.53
C TYR AA 48 -34.95 -26.37 -16.47
N ASN AA 49 -35.08 -27.19 -15.44
CA ASN AA 49 -34.17 -28.31 -15.25
C ASN AA 49 -34.01 -29.10 -16.54
N SER AA 50 -35.04 -29.05 -17.38
CA SER AA 50 -35.11 -29.75 -18.67
C SER AA 50 -35.85 -31.09 -18.52
N THR AA 51 -36.56 -31.22 -17.40
CA THR AA 51 -37.34 -32.40 -17.11
C THR AA 51 -38.75 -32.24 -17.65
N LEU AA 52 -39.20 -30.99 -17.77
CA LEU AA 52 -40.54 -30.69 -18.31
C LEU AA 52 -40.33 -30.16 -19.72
N ILE AA 53 -40.99 -30.78 -20.69
CA ILE AA 53 -40.88 -30.36 -22.08
C ILE AA 53 -42.18 -29.75 -22.58
N LEU AA 54 -42.06 -28.93 -23.60
CA LEU AA 54 -43.21 -28.31 -24.23
C LEU AA 54 -42.65 -27.99 -25.58
N ASP AA 55 -43.48 -27.41 -26.45
CA ASP AA 55 -43.02 -27.07 -27.78
C ASP AA 55 -42.81 -25.57 -27.93
N GLY AA 56 -41.88 -25.20 -28.82
CA GLY AA 56 -41.56 -23.80 -29.02
C GLY AA 56 -41.06 -23.39 -27.66
N VAL AA 57 -40.68 -24.41 -26.89
CA VAL AA 57 -40.20 -24.26 -25.52
C VAL AA 57 -39.03 -25.22 -25.23
N ASN AA 58 -37.92 -25.04 -25.95
CA ASN AA 58 -36.70 -25.82 -25.72
C ASN AA 58 -35.76 -24.73 -25.15
N VAL AA 59 -35.51 -24.82 -23.85
CA VAL AA 59 -34.67 -23.87 -23.14
C VAL AA 59 -33.22 -23.84 -23.61
N SER AA 60 -32.85 -22.77 -24.31
CA SER AA 60 -31.49 -22.58 -24.79
C SER AA 60 -31.28 -21.11 -25.14
N TRP AA 61 -30.03 -20.74 -25.39
CA TRP AA 61 -29.73 -19.36 -25.75
C TRP AA 61 -30.53 -19.00 -26.98
N LYS AA 62 -30.75 -20.02 -27.82
CA LYS AA 62 -31.53 -19.90 -29.05
C LYS AA 62 -32.91 -19.64 -28.46
N ALA AA 63 -33.66 -18.72 -29.04
CA ALA AA 63 -34.98 -18.43 -28.50
C ALA AA 63 -35.67 -17.26 -29.17
N LEU AA 64 -35.42 -17.04 -30.46
CA LEU AA 64 -36.09 -15.94 -31.15
C LEU AA 64 -37.23 -16.54 -32.02
N MET BA 1 35.03 -26.54 16.87
CA MET BA 1 33.91 -26.03 17.73
C MET BA 1 33.58 -27.00 18.86
N GLU BA 2 34.44 -27.99 19.05
CA GLU BA 2 34.29 -29.02 20.08
C GLU BA 2 33.85 -28.41 21.42
N THR BA 3 34.00 -27.10 21.55
CA THR BA 3 33.64 -26.38 22.76
C THR BA 3 32.20 -26.61 23.13
N LEU BA 4 31.34 -26.23 22.19
CA LEU BA 4 29.92 -26.35 22.40
C LEU BA 4 29.57 -27.72 22.95
N LYS BA 5 30.01 -28.76 22.25
CA LYS BA 5 29.75 -30.14 22.67
C LYS BA 5 29.71 -30.27 24.18
N ILE BA 6 30.68 -29.72 24.89
CA ILE BA 6 30.67 -29.84 26.35
C ILE BA 6 29.82 -28.79 27.05
N THR BA 7 29.89 -27.57 26.56
CA THR BA 7 29.11 -26.49 27.14
C THR BA 7 27.67 -26.95 27.34
N VAL BA 8 27.18 -27.76 26.40
CA VAL BA 8 25.83 -28.28 26.48
C VAL BA 8 25.65 -29.36 27.53
N TYR BA 9 26.42 -30.43 27.41
CA TYR BA 9 26.31 -31.53 28.35
C TYR BA 9 25.97 -31.05 29.74
N ILE BA 10 26.86 -30.23 30.29
CA ILE BA 10 26.68 -29.71 31.63
C ILE BA 10 25.29 -29.13 31.79
N VAL BA 11 24.93 -28.30 30.83
CA VAL BA 11 23.62 -27.70 30.85
C VAL BA 11 22.57 -28.78 30.79
N VAL BA 12 22.88 -29.89 30.12
CA VAL BA 12 21.94 -31.01 30.00
C VAL BA 12 21.98 -31.89 31.24
N THR BA 13 23.19 -32.17 31.67
CA THR BA 13 23.39 -33.00 32.82
C THR BA 13 22.77 -32.33 34.02
N PHE BA 14 23.27 -31.13 34.30
CA PHE BA 14 22.79 -30.35 35.41
C PHE BA 14 21.32 -30.65 35.54
N PHE BA 15 20.57 -30.34 34.49
CA PHE BA 15 19.14 -30.54 34.51
C PHE BA 15 18.69 -31.96 34.74
N VAL BA 16 19.25 -32.89 33.99
CA VAL BA 16 18.84 -34.27 34.19
C VAL BA 16 19.06 -34.61 35.67
N LEU BA 17 20.19 -34.17 36.23
CA LEU BA 17 20.48 -34.42 37.63
C LEU BA 17 19.51 -33.68 38.55
N LEU BA 18 19.12 -32.46 38.18
CA LEU BA 18 18.18 -31.74 39.01
C LEU BA 18 16.84 -32.43 38.92
N PHE BA 19 16.58 -33.08 37.79
CA PHE BA 19 15.34 -33.81 37.59
C PHE BA 19 15.26 -34.95 38.57
N VAL BA 20 16.19 -35.87 38.45
CA VAL BA 20 16.23 -37.04 39.30
C VAL BA 20 16.28 -36.71 40.79
N PHE BA 21 17.21 -35.84 41.23
CA PHE BA 21 17.34 -35.46 42.64
C PHE BA 21 16.08 -34.81 43.21
N GLY BA 22 15.19 -34.41 42.32
CA GLY BA 22 13.95 -33.80 42.74
C GLY BA 22 12.92 -34.89 43.01
N PHE BA 23 12.87 -35.88 42.14
CA PHE BA 23 11.95 -37.00 42.28
C PHE BA 23 12.54 -38.01 43.23
N LEU BA 24 13.87 -38.04 43.30
CA LEU BA 24 14.57 -38.95 44.19
C LEU BA 24 14.13 -38.70 45.62
N SER BA 25 14.16 -37.43 46.05
CA SER BA 25 13.76 -37.09 47.43
C SER BA 25 12.30 -37.49 47.75
N GLY BA 26 11.82 -38.49 47.02
CA GLY BA 26 10.50 -39.04 47.19
C GLY BA 26 9.36 -38.05 47.30
N ASP BA 27 8.40 -38.19 46.40
CA ASP BA 27 7.23 -37.32 46.43
C ASP BA 27 5.97 -37.93 47.07
N PRO BA 28 6.10 -39.05 47.86
CA PRO BA 28 4.88 -39.59 48.48
C PRO BA 28 4.32 -38.48 49.39
N ALA BA 29 5.20 -37.49 49.65
CA ALA BA 29 4.92 -36.29 50.43
C ALA BA 29 4.77 -35.22 49.33
N ARG BA 30 4.19 -34.06 49.66
CA ARG BA 30 3.97 -32.98 48.69
C ARG BA 30 2.62 -33.19 47.96
N ASN BA 31 1.56 -33.42 48.75
CA ASN BA 31 0.20 -33.63 48.22
C ASN BA 31 -0.78 -33.30 49.38
N PRO BA 32 -2.09 -33.64 49.24
CA PRO BA 32 -3.05 -33.34 50.32
C PRO BA 32 -2.96 -34.26 51.56
N LYS BA 33 -2.49 -33.69 52.69
CA LYS BA 33 -2.31 -34.37 53.98
C LYS BA 33 -1.00 -35.17 54.05
N ARG BA 34 0.07 -34.59 53.48
CA ARG BA 34 1.43 -35.18 53.39
C ARG BA 34 1.60 -36.71 53.56
N LYS BA 35 0.55 -37.48 53.21
CA LYS BA 35 0.48 -38.96 53.29
C LYS BA 35 1.16 -39.73 52.12
N ARG CA 7 -39.44 -64.93 29.59
CA ARG CA 7 -39.19 -66.31 30.14
C ARG CA 7 -37.79 -66.84 29.82
N ILE CA 8 -37.49 -67.13 28.54
CA ILE CA 8 -36.17 -67.64 28.07
C ILE CA 8 -34.99 -66.77 28.59
N PRO CA 9 -33.99 -67.36 29.30
CA PRO CA 9 -32.87 -66.56 29.81
C PRO CA 9 -32.28 -65.58 28.80
N LEU CA 10 -32.03 -64.34 29.24
CA LEU CA 10 -31.51 -63.30 28.36
C LEU CA 10 -30.13 -63.56 27.78
N TRP CA 11 -29.20 -64.03 28.58
CA TRP CA 11 -27.88 -64.27 28.03
C TRP CA 11 -27.96 -65.26 26.87
N ILE CA 12 -28.68 -66.36 27.07
CA ILE CA 12 -28.80 -67.37 26.04
C ILE CA 12 -29.27 -66.86 24.69
N VAL CA 13 -30.03 -65.77 24.67
CA VAL CA 13 -30.44 -65.23 23.39
C VAL CA 13 -29.30 -64.38 22.81
N ALA CA 14 -28.53 -63.74 23.68
CA ALA CA 14 -27.42 -62.88 23.22
C ALA CA 14 -26.32 -63.64 22.50
N THR CA 15 -25.81 -64.67 23.16
CA THR CA 15 -24.72 -65.45 22.59
C THR CA 15 -25.10 -66.13 21.28
N VAL CA 16 -26.29 -66.71 21.19
CA VAL CA 16 -26.70 -67.37 19.95
C VAL CA 16 -26.98 -66.29 18.89
N ALA CA 17 -27.42 -65.10 19.33
CA ALA CA 17 -27.69 -64.02 18.40
C ALA CA 17 -26.34 -63.51 17.94
N GLY CA 18 -25.39 -63.47 18.87
CA GLY CA 18 -24.05 -63.00 18.59
C GLY CA 18 -23.26 -63.87 17.62
N MET CA 19 -23.17 -65.16 17.91
CA MET CA 19 -22.46 -66.11 17.07
C MET CA 19 -22.89 -65.92 15.63
N GLY CA 20 -24.18 -65.66 15.44
CA GLY CA 20 -24.71 -65.46 14.10
C GLY CA 20 -24.03 -64.30 13.44
N VAL CA 21 -23.89 -63.20 14.18
CA VAL CA 21 -23.22 -62.04 13.63
C VAL CA 21 -21.77 -62.43 13.36
N ILE CA 22 -21.17 -63.19 14.28
CA ILE CA 22 -19.78 -63.66 14.16
C ILE CA 22 -19.60 -64.76 13.11
N VAL CA 23 -20.68 -65.46 12.79
CA VAL CA 23 -20.64 -66.54 11.80
C VAL CA 23 -20.95 -65.93 10.44
N ILE CA 24 -21.97 -65.08 10.40
CA ILE CA 24 -22.38 -64.43 9.16
C ILE CA 24 -21.26 -63.51 8.68
N VAL CA 25 -20.70 -62.73 9.62
CA VAL CA 25 -19.59 -61.82 9.35
C VAL CA 25 -18.40 -62.66 8.89
N GLY CA 26 -18.16 -63.76 9.59
CA GLY CA 26 -17.07 -64.65 9.22
C GLY CA 26 -17.24 -65.07 7.78
N LEU CA 27 -18.45 -65.48 7.39
CA LEU CA 27 -18.77 -65.90 6.01
C LEU CA 27 -18.32 -64.83 5.01
N PHE CA 28 -18.63 -63.59 5.38
CA PHE CA 28 -18.30 -62.43 4.57
C PHE CA 28 -16.80 -62.29 4.33
N PHE CA 29 -15.98 -62.66 5.31
CA PHE CA 29 -14.55 -62.57 5.10
C PHE CA 29 -14.10 -63.68 4.20
N TYR CA 30 -14.63 -64.88 4.40
CA TYR CA 30 -14.24 -65.94 3.51
C TYR CA 30 -14.64 -65.37 2.15
N GLY CA 31 -15.94 -65.12 1.99
CA GLY CA 31 -16.50 -64.59 0.75
C GLY CA 31 -15.72 -63.54 -0.03
N ALA CA 32 -14.74 -62.93 0.63
CA ALA CA 32 -13.92 -61.92 -0.03
C ALA CA 32 -12.70 -62.61 -0.63
N TYR CA 33 -12.47 -63.87 -0.28
CA TYR CA 33 -11.34 -64.56 -0.84
C TYR CA 33 -11.67 -65.36 -2.08
N ALA CA 34 -12.86 -65.94 -2.13
CA ALA CA 34 -13.26 -66.69 -3.32
C ALA CA 34 -14.34 -65.85 -3.98
N GLY CA 35 -14.95 -65.00 -3.14
CA GLY CA 35 -16.02 -64.14 -3.60
C GLY CA 35 -15.64 -63.53 -4.92
N LEU CA 36 -16.63 -63.06 -5.65
CA LEU CA 36 -16.35 -62.44 -6.91
C LEU CA 36 -15.20 -61.46 -6.70
N GLY CA 37 -15.31 -60.65 -5.65
CA GLY CA 37 -14.28 -59.65 -5.36
C GLY CA 37 -13.04 -60.22 -4.70
N SER CA 38 -12.25 -60.97 -5.47
CA SER CA 38 -11.03 -61.63 -5.00
C SER CA 38 -9.73 -61.25 -5.72
N SER CA 39 -9.78 -61.31 -7.05
CA SER CA 39 -8.66 -61.01 -7.96
C SER CA 39 -8.16 -62.25 -8.73
N LEU CA 40 -9.04 -63.23 -8.91
CA LEU CA 40 -8.69 -64.46 -9.62
C LEU CA 40 -9.64 -64.77 -10.78
N LYS DA 1 0.84 -79.30 6.40
CA LYS DA 1 1.74 -80.47 6.30
C LYS DA 1 2.42 -80.86 7.61
N LEU DA 2 1.84 -81.82 8.33
CA LEU DA 2 2.37 -82.34 9.59
C LEU DA 2 2.88 -83.76 9.27
N PRO DA 3 3.54 -84.44 10.22
CA PRO DA 3 3.98 -85.79 9.84
C PRO DA 3 2.86 -86.62 9.21
N GLU DA 4 3.22 -87.41 8.19
CA GLU DA 4 2.29 -88.25 7.44
C GLU DA 4 1.20 -88.94 8.27
N ALA DA 5 1.61 -89.52 9.38
CA ALA DA 5 0.69 -90.25 10.25
C ALA DA 5 -0.38 -89.40 10.91
N TYR DA 6 -0.31 -88.08 10.74
CA TYR DA 6 -1.28 -87.19 11.36
C TYR DA 6 -2.30 -86.64 10.39
N ALA DA 7 -2.08 -86.95 9.11
CA ALA DA 7 -2.94 -86.55 7.99
C ALA DA 7 -4.40 -86.30 8.42
N ILE DA 8 -4.90 -87.23 9.23
CA ILE DA 8 -6.26 -87.19 9.73
C ILE DA 8 -6.66 -85.88 10.39
N PHE DA 9 -5.72 -85.25 11.09
CA PHE DA 9 -6.01 -84.01 11.83
C PHE DA 9 -5.74 -82.61 11.27
N ASP DA 10 -5.31 -82.47 10.02
CA ASP DA 10 -5.08 -81.13 9.50
C ASP DA 10 -6.29 -80.28 9.91
N PRO DA 11 -7.51 -80.86 9.88
CA PRO DA 11 -8.72 -80.11 10.27
C PRO DA 11 -8.70 -79.39 11.63
N LEU DA 12 -8.28 -80.10 12.67
CA LEU DA 12 -8.21 -79.50 14.00
C LEU DA 12 -7.01 -78.56 14.09
N VAL DA 13 -5.85 -79.08 13.68
CA VAL DA 13 -4.60 -78.32 13.72
C VAL DA 13 -4.98 -76.96 13.19
N ASP DA 14 -5.87 -76.99 12.21
CA ASP DA 14 -6.37 -75.79 11.57
C ASP DA 14 -7.00 -74.83 12.57
N VAL DA 15 -7.85 -75.32 13.45
CA VAL DA 15 -8.53 -74.44 14.40
C VAL DA 15 -7.83 -74.06 15.70
N LEU DA 16 -7.12 -75.00 16.31
CA LEU DA 16 -6.41 -74.77 17.56
C LEU DA 16 -6.04 -73.32 17.90
N PRO DA 17 -5.49 -72.59 16.94
CA PRO DA 17 -5.14 -71.22 17.29
C PRO DA 17 -6.28 -70.26 17.63
N VAL DA 18 -7.48 -70.50 17.14
CA VAL DA 18 -8.59 -69.56 17.44
C VAL DA 18 -8.91 -69.45 18.92
N ILE DA 19 -8.73 -70.56 19.63
CA ILE DA 19 -9.03 -70.70 21.05
C ILE DA 19 -8.60 -69.54 21.94
N PRO DA 20 -7.31 -69.24 21.95
CA PRO DA 20 -6.88 -68.13 22.79
C PRO DA 20 -7.97 -67.09 22.87
N VAL DA 21 -8.29 -66.51 21.71
CA VAL DA 21 -9.28 -65.45 21.59
C VAL DA 21 -10.53 -65.85 22.33
N LEU DA 22 -11.02 -67.01 21.90
CA LEU DA 22 -12.21 -67.60 22.45
C LEU DA 22 -12.42 -67.34 23.94
N PHE DA 23 -11.31 -67.30 24.65
CA PHE DA 23 -11.38 -67.07 26.07
C PHE DA 23 -12.10 -65.77 26.27
N PHE DA 24 -11.34 -64.67 26.35
CA PHE DA 24 -11.93 -63.36 26.58
C PHE DA 24 -13.40 -63.46 26.24
N ALA DA 25 -13.66 -63.90 25.02
CA ALA DA 25 -15.01 -64.13 24.58
C ALA DA 25 -15.78 -64.68 25.78
N LEU DA 26 -15.73 -65.99 25.90
CA LEU DA 26 -16.46 -66.67 26.98
C LEU DA 26 -16.55 -65.80 28.24
N ALA DA 27 -15.40 -65.32 28.69
CA ALA DA 27 -15.29 -64.48 29.88
C ALA DA 27 -16.51 -63.57 29.96
N PHE DA 28 -17.03 -63.18 28.79
CA PHE DA 28 -18.22 -62.35 28.75
C PHE DA 28 -19.46 -63.20 29.00
N VAL DA 29 -19.72 -64.17 28.14
CA VAL DA 29 -20.89 -65.05 28.30
C VAL DA 29 -21.17 -65.32 29.78
N VAL DA 30 -20.11 -65.59 30.53
CA VAL DA 30 -20.23 -65.84 31.95
C VAL DA 30 -20.83 -64.61 32.61
N GLN DA 31 -20.07 -63.51 32.56
CA GLN DA 31 -20.44 -62.21 33.10
C GLN DA 31 -21.80 -61.65 32.66
N ALA DA 32 -22.42 -62.29 31.67
CA ALA DA 32 -23.72 -61.85 31.18
C ALA DA 32 -24.75 -62.71 31.91
N ALA DA 33 -24.39 -63.97 32.13
CA ALA DA 33 -25.26 -64.88 32.84
C ALA DA 33 -25.33 -64.40 34.31
N VAL DA 34 -24.21 -63.85 34.80
CA VAL DA 34 -24.08 -63.33 36.18
C VAL DA 34 -24.46 -61.84 36.30
N GLY DA 35 -25.42 -61.41 35.48
CA GLY DA 35 -25.92 -60.03 35.49
C GLY DA 35 -25.01 -58.86 35.86
N PHE DA 36 -23.70 -59.02 35.64
CA PHE DA 36 -22.71 -57.99 35.94
C PHE DA 36 -22.62 -57.58 37.43
N MET EA 1 -37.02 16.26 21.81
CA MET EA 1 -35.74 16.19 22.58
C MET EA 1 -35.93 15.53 23.97
N GLU EA 2 -36.83 14.54 24.02
CA GLU EA 2 -37.12 13.78 25.24
C GLU EA 2 -36.35 12.46 25.21
N PRO EA 3 -35.58 12.14 26.26
CA PRO EA 3 -34.81 10.89 26.28
C PRO EA 3 -35.58 9.59 25.97
N ASN EA 4 -35.05 8.76 25.07
CA ASN EA 4 -35.66 7.46 24.73
C ASN EA 4 -35.21 6.55 25.89
N PRO EA 5 -36.09 5.63 26.35
CA PRO EA 5 -35.67 4.76 27.46
C PRO EA 5 -34.54 3.81 27.10
N ASN EA 6 -34.76 3.03 26.04
CA ASN EA 6 -33.82 2.03 25.54
C ASN EA 6 -32.40 2.56 25.31
N ARG EA 7 -31.69 2.87 26.40
CA ARG EA 7 -30.33 3.39 26.31
C ARG EA 7 -29.30 2.48 27.00
N GLN EA 8 -29.66 1.19 27.17
CA GLN EA 8 -28.79 0.22 27.84
C GLN EA 8 -27.32 0.41 27.43
N PRO EA 9 -26.42 0.28 28.41
CA PRO EA 9 -24.96 0.42 28.18
C PRO EA 9 -24.42 -0.72 27.34
N VAL EA 10 -23.11 -0.75 27.09
CA VAL EA 10 -22.58 -1.84 26.30
C VAL EA 10 -21.51 -2.64 27.05
N GLU EA 11 -21.38 -3.91 26.72
CA GLU EA 11 -20.44 -4.78 27.42
C GLU EA 11 -19.45 -5.66 26.66
N LEU EA 12 -18.20 -5.55 27.07
CA LEU EA 12 -17.09 -6.31 26.52
C LEU EA 12 -16.03 -6.27 27.63
N ASN EA 13 -15.92 -7.37 28.38
CA ASN EA 13 -15.01 -7.47 29.52
C ASN EA 13 -13.54 -7.82 29.28
N ARG EA 14 -12.71 -7.49 30.27
CA ARG EA 14 -11.28 -7.70 30.24
C ARG EA 14 -10.84 -8.95 29.53
N THR EA 15 -11.71 -9.94 29.47
CA THR EA 15 -11.34 -11.17 28.80
C THR EA 15 -11.87 -11.24 27.39
N SER EA 16 -13.18 -11.14 27.26
CA SER EA 16 -13.81 -11.18 25.95
C SER EA 16 -12.98 -10.41 24.94
N LEU EA 17 -12.35 -9.34 25.41
CA LEU EA 17 -11.49 -8.50 24.57
C LEU EA 17 -10.24 -9.26 24.17
N TYR EA 18 -9.70 -10.08 25.07
CA TYR EA 18 -8.51 -10.86 24.77
C TYR EA 18 -8.82 -11.85 23.67
N LEU EA 19 -10.04 -12.39 23.70
CA LEU EA 19 -10.45 -13.35 22.70
C LEU EA 19 -10.70 -12.57 21.43
N GLY EA 20 -11.53 -11.54 21.51
CA GLY EA 20 -11.79 -10.74 20.32
C GLY EA 20 -10.49 -10.44 19.58
N LEU EA 21 -9.45 -10.05 20.33
CA LEU EA 21 -8.14 -9.73 19.74
C LEU EA 21 -7.44 -10.99 19.24
N LEU EA 22 -7.52 -12.07 20.00
CA LEU EA 22 -6.90 -13.32 19.56
C LEU EA 22 -7.59 -13.84 18.31
N LEU EA 23 -8.86 -13.51 18.18
CA LEU EA 23 -9.65 -13.90 17.03
C LEU EA 23 -9.16 -13.18 15.80
N ILE EA 24 -9.00 -11.87 15.87
CA ILE EA 24 -8.53 -11.11 14.72
C ILE EA 24 -7.07 -11.35 14.41
N LEU EA 25 -6.22 -11.08 15.39
CA LEU EA 25 -4.80 -11.25 15.21
C LEU EA 25 -4.48 -12.52 14.50
N VAL EA 26 -5.35 -13.50 14.64
CA VAL EA 26 -5.12 -14.77 13.99
C VAL EA 26 -5.50 -14.76 12.52
N LEU EA 27 -6.77 -14.57 12.21
CA LEU EA 27 -7.19 -14.56 10.81
C LEU EA 27 -6.22 -13.66 10.08
N ALA EA 28 -5.98 -12.51 10.68
CA ALA EA 28 -5.07 -11.56 10.11
C ALA EA 28 -3.80 -12.32 9.78
N LEU EA 29 -3.32 -13.09 10.75
CA LEU EA 29 -2.12 -13.88 10.54
C LEU EA 29 -2.32 -14.93 9.46
N LEU EA 30 -3.54 -15.47 9.38
CA LEU EA 30 -3.85 -16.49 8.39
C LEU EA 30 -4.00 -15.91 6.98
N PHE EA 31 -4.96 -15.01 6.80
CA PHE EA 31 -5.21 -14.43 5.49
C PHE EA 31 -4.13 -13.55 4.92
N SER EA 32 -3.35 -12.91 5.79
CA SER EA 32 -2.30 -12.02 5.33
C SER EA 32 -1.71 -12.59 4.06
N SER EA 33 -1.14 -13.78 4.18
CA SER EA 33 -0.52 -14.47 3.06
C SER EA 33 -1.33 -14.42 1.76
N TYR EA 34 -2.61 -14.76 1.83
CA TYR EA 34 -3.51 -14.77 0.68
C TYR EA 34 -3.90 -13.36 0.27
N PHE EA 35 -3.65 -12.41 1.15
CA PHE EA 35 -3.95 -11.02 0.87
C PHE EA 35 -2.75 -10.44 0.13
N PHE EA 36 -1.70 -11.24 -0.01
CA PHE EA 36 -0.49 -10.81 -0.71
C PHE EA 36 -0.40 -11.51 -2.06
N ASN EA 37 -1.19 -12.57 -2.21
CA ASN EA 37 -1.30 -13.34 -3.45
C ASN EA 37 -0.06 -14.07 -3.94
N MET FA 1 10.35 -10.05 -4.50
CA MET FA 1 9.04 -10.71 -4.31
C MET FA 1 7.91 -9.89 -4.92
N GLU FA 2 7.30 -10.39 -5.99
CA GLU FA 2 6.21 -9.68 -6.66
C GLU FA 2 4.92 -10.10 -6.01
N VAL FA 3 4.38 -9.22 -5.20
CA VAL FA 3 3.16 -9.51 -4.47
C VAL FA 3 2.09 -8.50 -4.72
N ASN FA 4 0.91 -8.76 -4.16
CA ASN FA 4 -0.20 -7.84 -4.33
C ASN FA 4 0.16 -6.53 -3.68
N GLN FA 5 -0.42 -5.43 -4.17
CA GLN FA 5 -0.12 -4.08 -3.68
C GLN FA 5 -0.81 -3.58 -2.40
N LEU FA 6 -2.00 -4.12 -2.17
CA LEU FA 6 -2.78 -3.74 -1.02
C LEU FA 6 -2.44 -4.59 0.19
N GLY FA 7 -1.46 -5.48 0.01
CA GLY FA 7 -1.05 -6.33 1.11
C GLY FA 7 -1.05 -5.58 2.43
N PHE FA 8 -0.41 -4.42 2.47
CA PHE FA 8 -0.38 -3.65 3.68
C PHE FA 8 -1.74 -3.12 4.10
N ILE FA 9 -2.36 -2.25 3.31
CA ILE FA 9 -3.68 -1.70 3.68
C ILE FA 9 -4.73 -2.78 3.84
N ALA FA 10 -4.53 -3.92 3.19
CA ALA FA 10 -5.47 -5.00 3.31
C ALA FA 10 -5.22 -5.66 4.66
N THR FA 11 -4.20 -6.51 4.73
CA THR FA 11 -3.86 -7.19 5.97
C THR FA 11 -3.90 -6.23 7.15
N ALA FA 12 -3.16 -5.12 7.06
CA ALA FA 12 -3.10 -4.14 8.15
C ALA FA 12 -4.45 -3.65 8.63
N LEU FA 13 -5.17 -2.89 7.82
CA LEU FA 13 -6.47 -2.38 8.21
C LEU FA 13 -7.34 -3.50 8.77
N PHE FA 14 -7.13 -4.71 8.28
CA PHE FA 14 -7.88 -5.86 8.73
C PHE FA 14 -7.65 -6.07 10.22
N VAL FA 15 -6.44 -5.76 10.66
CA VAL FA 15 -6.08 -5.90 12.06
C VAL FA 15 -6.58 -4.74 12.90
N LEU FA 16 -6.09 -3.55 12.56
CA LEU FA 16 -6.39 -2.33 13.30
C LEU FA 16 -7.82 -1.82 13.33
N VAL FA 17 -8.64 -2.14 12.33
CA VAL FA 17 -10.02 -1.65 12.34
C VAL FA 17 -10.99 -2.36 13.28
N PRO FA 18 -10.97 -3.69 13.28
CA PRO FA 18 -11.87 -4.45 14.16
C PRO FA 18 -11.26 -4.41 15.54
N SER FA 19 -9.95 -4.54 15.57
CA SER FA 19 -9.25 -4.53 16.83
C SER FA 19 -9.60 -3.25 17.56
N VAL FA 20 -9.44 -2.11 16.90
CA VAL FA 20 -9.76 -0.83 17.51
C VAL FA 20 -11.18 -0.82 18.07
N PHE FA 21 -12.08 -1.56 17.43
CA PHE FA 21 -13.45 -1.64 17.91
C PHE FA 21 -13.40 -2.26 19.30
N LEU FA 22 -12.97 -3.51 19.37
CA LEU FA 22 -12.89 -4.16 20.66
C LEU FA 22 -12.20 -3.24 21.67
N ILE FA 23 -11.06 -2.67 21.31
CA ILE FA 23 -10.33 -1.78 22.21
C ILE FA 23 -11.29 -0.76 22.80
N ILE FA 24 -12.01 -0.07 21.92
CA ILE FA 24 -12.97 0.94 22.34
C ILE FA 24 -13.95 0.38 23.36
N LEU FA 25 -14.72 -0.62 22.94
CA LEU FA 25 -15.72 -1.27 23.79
C LEU FA 25 -15.22 -1.74 25.13
N TYR FA 26 -13.93 -1.96 25.26
CA TYR FA 26 -13.42 -2.40 26.54
C TYR FA 26 -13.22 -1.20 27.45
N VAL FA 27 -12.33 -0.30 27.02
CA VAL FA 27 -12.04 0.88 27.83
C VAL FA 27 -13.27 1.76 27.97
N GLN FA 28 -14.30 1.48 27.20
CA GLN FA 28 -15.52 2.27 27.31
C GLN FA 28 -16.24 1.69 28.52
N THR FA 29 -16.03 0.41 28.77
CA THR FA 29 -16.68 -0.23 29.90
C THR FA 29 -15.81 -0.18 31.14
N GLU FA 30 -14.51 -0.40 31.00
CA GLU FA 30 -13.64 -0.38 32.17
C GLU FA 30 -13.58 1.02 32.76
N SER FA 31 -14.31 1.95 32.16
CA SER FA 31 -14.34 3.34 32.62
C SER FA 31 -15.67 3.70 33.25
N GLN FA 32 -16.47 2.69 33.59
CA GLN FA 32 -17.78 2.88 34.24
C GLN FA 32 -17.51 3.42 35.64
N GLN FA 33 -16.44 2.89 36.24
CA GLN FA 33 -15.98 3.28 37.58
C GLN FA 33 -15.11 4.55 37.51
N LYS FA 34 -14.96 5.08 36.29
CA LYS FA 34 -14.17 6.28 36.00
C LYS FA 34 -12.69 5.85 35.99
N SER FA 35 -12.43 4.63 36.44
CA SER FA 35 -11.07 4.09 36.42
C SER FA 35 -10.73 3.79 34.95
N SER FA 36 -9.43 3.82 34.62
CA SER FA 36 -8.91 3.57 33.25
C SER FA 36 -8.39 4.84 32.56
N THR GA 1 45.96 -52.54 6.61
CA THR GA 1 45.73 -53.18 7.95
C THR GA 1 44.43 -52.75 8.64
N LEU GA 2 43.73 -51.75 8.09
CA LEU GA 2 42.50 -51.22 8.67
C LEU GA 2 41.24 -51.76 8.00
N THR GA 3 40.27 -52.23 8.78
CA THR GA 3 39.02 -52.75 8.21
C THR GA 3 37.99 -51.61 8.07
N TYR GA 4 37.00 -51.80 7.20
CA TYR GA 4 35.96 -50.80 7.00
C TYR GA 4 35.30 -50.50 8.36
N ASP GA 5 35.04 -51.55 9.13
CA ASP GA 5 34.42 -51.43 10.46
C ASP GA 5 35.39 -50.71 11.41
N ASP GA 6 36.61 -50.50 10.93
CA ASP GA 6 37.65 -49.84 11.71
C ASP GA 6 37.83 -48.40 11.25
N ILE GA 7 37.63 -48.15 9.95
CA ILE GA 7 37.78 -46.82 9.42
C ILE GA 7 36.49 -46.04 9.20
N VAL GA 8 35.36 -46.72 9.18
CA VAL GA 8 34.08 -46.06 8.96
C VAL GA 8 33.73 -45.15 10.12
N GLY GA 9 33.35 -43.93 9.80
CA GLY GA 9 32.99 -43.01 10.85
C GLY GA 9 34.05 -41.94 11.05
N THR GA 10 35.31 -42.31 10.87
CA THR GA 10 36.40 -41.34 11.04
C THR GA 10 36.30 -40.19 10.03
N GLY GA 11 35.62 -40.43 8.92
CA GLY GA 11 35.53 -39.40 7.90
C GLY GA 11 36.93 -39.41 7.35
N LEU GA 12 37.52 -40.59 7.39
CA LEU GA 12 38.88 -40.78 6.92
C LEU GA 12 38.84 -41.21 5.47
N ALA GA 13 37.94 -42.12 5.12
CA ALA GA 13 37.84 -42.61 3.74
C ALA GA 13 37.76 -41.50 2.70
N ASN GA 14 37.61 -40.26 3.18
CA ASN GA 14 37.51 -39.10 2.32
C ASN GA 14 38.85 -38.41 2.20
N LYS GA 15 39.76 -38.75 3.12
CA LYS GA 15 41.12 -38.23 3.14
C LYS GA 15 41.88 -39.45 2.62
N CYS GA 16 42.79 -39.28 1.66
CA CYS GA 16 43.48 -40.46 1.18
C CYS GA 16 44.97 -40.56 1.40
N PRO GA 17 45.45 -41.81 1.54
CA PRO GA 17 46.82 -42.29 1.76
C PRO GA 17 47.96 -41.29 1.75
N THR GA 18 48.86 -41.45 2.73
CA THR GA 18 50.04 -40.60 2.87
C THR GA 18 51.25 -41.45 2.56
N LEU GA 19 52.38 -40.78 2.49
CA LEU GA 19 53.65 -41.44 2.25
C LEU GA 19 54.54 -40.79 3.29
N ASP GA 20 55.11 -41.59 4.17
CA ASP GA 20 55.95 -41.00 5.20
C ASP GA 20 57.24 -40.41 4.65
N ASP GA 21 57.86 -39.55 5.45
CA ASP GA 21 59.08 -38.85 5.05
C ASP GA 21 60.35 -39.66 4.70
N THR GA 22 60.18 -40.71 3.89
CA THR GA 22 61.29 -41.56 3.41
C THR GA 22 61.23 -41.41 1.89
N ALA GA 23 60.60 -40.32 1.48
CA ALA GA 23 60.40 -40.00 0.09
C ALA GA 23 61.48 -39.08 -0.46
N ARG GA 24 61.37 -38.81 -1.76
CA ARG GA 24 62.30 -37.99 -2.57
C ARG GA 24 63.11 -39.00 -3.38
N GLY GA 25 62.91 -40.28 -3.07
CA GLY GA 25 63.56 -41.37 -3.77
C GLY GA 25 62.80 -41.68 -5.04
N ALA GA 26 63.27 -41.15 -6.17
CA ALA GA 26 62.61 -41.32 -7.46
C ALA GA 26 62.29 -42.76 -7.87
N TYR GA 27 61.18 -42.90 -8.59
CA TYR GA 27 60.73 -44.19 -9.09
C TYR GA 27 61.43 -44.48 -10.42
N PRO GA 28 62.08 -45.65 -10.54
CA PRO GA 28 62.79 -46.05 -11.75
C PRO GA 28 61.89 -46.36 -12.95
N ILE GA 29 61.62 -45.37 -13.80
CA ILE GA 29 60.78 -45.60 -14.97
C ILE GA 29 61.69 -46.26 -16.04
N ASP GA 30 61.14 -47.19 -16.82
CA ASP GA 30 61.91 -47.92 -17.84
C ASP GA 30 61.98 -47.20 -19.19
N SER GA 31 60.96 -47.46 -20.01
CA SER GA 31 60.81 -46.96 -21.37
C SER GA 31 60.70 -48.28 -22.12
N SER GA 32 60.97 -49.34 -21.36
CA SER GA 32 60.94 -50.75 -21.79
C SER GA 32 59.83 -51.46 -20.99
N GLN GA 33 59.15 -50.67 -20.15
CA GLN GA 33 58.06 -51.15 -19.29
C GLN GA 33 56.75 -50.40 -19.58
N THR GA 34 55.67 -51.18 -19.71
CA THR GA 34 54.36 -50.63 -20.03
C THR GA 34 53.87 -49.59 -19.02
N TYR GA 35 53.82 -49.94 -17.74
CA TYR GA 35 53.38 -49.00 -16.67
C TYR GA 35 51.92 -48.46 -16.70
N ARG GA 36 51.23 -48.60 -15.56
CA ARG GA 36 49.85 -48.14 -15.39
C ARG GA 36 49.69 -47.53 -13.98
N ILE GA 37 48.62 -46.76 -13.77
CA ILE GA 37 48.41 -46.18 -12.44
C ILE GA 37 47.32 -46.94 -11.68
N ALA GA 38 47.48 -47.05 -10.37
CA ALA GA 38 46.52 -47.75 -9.53
C ALA GA 38 45.93 -46.72 -8.57
N ARG GA 39 44.61 -46.65 -8.54
CA ARG GA 39 43.89 -45.70 -7.72
C ARG GA 39 44.61 -44.36 -7.49
N LEU GA 40 44.52 -43.46 -8.48
CA LEU GA 40 45.11 -42.14 -8.36
C LEU GA 40 44.08 -41.39 -7.54
N CYS GA 41 44.50 -40.82 -6.41
CA CYS GA 41 43.57 -40.10 -5.53
C CYS GA 41 43.85 -38.61 -5.34
N LEU GA 42 42.81 -37.80 -5.46
CA LEU GA 42 42.93 -36.37 -5.28
C LEU GA 42 42.07 -35.99 -4.09
N GLN GA 43 42.71 -35.70 -2.95
CA GLN GA 43 42.00 -35.27 -1.75
C GLN GA 43 42.15 -33.76 -1.77
N PRO GA 44 41.05 -33.02 -1.56
CA PRO GA 44 41.19 -31.55 -1.58
C PRO GA 44 40.98 -30.87 -0.25
N THR GA 45 41.32 -29.59 -0.19
CA THR GA 45 41.18 -28.78 1.03
C THR GA 45 40.78 -27.29 0.81
N THR GA 46 41.32 -26.70 -0.24
CA THR GA 46 41.07 -25.29 -0.55
C THR GA 46 40.22 -25.01 -1.82
N PHE GA 47 38.99 -24.55 -1.61
CA PHE GA 47 38.09 -24.22 -2.72
C PHE GA 47 37.97 -22.72 -2.81
N LEU GA 48 38.44 -22.14 -3.91
CA LEU GA 48 38.36 -20.69 -4.07
C LEU GA 48 37.50 -20.34 -5.28
N VAL GA 49 36.52 -19.47 -5.07
CA VAL GA 49 35.62 -19.07 -6.13
C VAL GA 49 35.96 -17.71 -6.72
N LYS GA 50 36.43 -17.63 -7.95
CA LYS GA 50 36.77 -16.32 -8.51
C LYS GA 50 35.55 -15.44 -8.44
N GLU GA 51 35.67 -14.41 -7.62
CA GLU GA 51 34.61 -13.44 -7.39
C GLU GA 51 34.13 -12.74 -8.65
N GLU GA 52 32.85 -12.88 -8.99
CA GLU GA 52 32.30 -12.22 -10.18
C GLU GA 52 32.66 -10.76 -9.97
N PRO GA 53 33.70 -10.29 -10.64
CA PRO GA 53 34.14 -8.91 -10.40
C PRO GA 53 33.07 -7.92 -10.80
N LYS GA 54 32.99 -6.83 -10.04
CA LYS GA 54 32.01 -5.79 -10.27
C LYS GA 54 32.44 -5.16 -11.57
N ASN GA 55 31.65 -4.23 -12.08
CA ASN GA 55 31.75 -3.82 -13.46
C ASN GA 55 33.17 -3.31 -13.66
N LYS GA 56 33.71 -2.66 -12.65
CA LYS GA 56 35.08 -2.17 -12.76
C LYS GA 56 36.08 -3.28 -13.10
N ARG GA 57 36.92 -2.94 -14.06
CA ARG GA 57 38.01 -3.68 -14.67
C ARG GA 57 39.40 -3.77 -14.03
N GLN GA 58 39.47 -3.86 -12.69
CA GLN GA 58 40.77 -3.99 -12.02
C GLN GA 58 40.91 -5.35 -11.29
N GLU GA 59 41.82 -6.19 -11.78
CA GLU GA 59 42.09 -7.54 -11.23
C GLU GA 59 40.90 -8.20 -10.54
N ALA GA 60 40.25 -9.13 -11.25
CA ALA GA 60 39.12 -9.86 -10.71
C ALA GA 60 39.65 -10.72 -9.56
N GLU GA 61 38.83 -10.99 -8.53
CA GLU GA 61 39.29 -11.78 -7.39
C GLU GA 61 38.96 -13.29 -7.21
N PHE GA 62 39.73 -13.93 -6.33
CA PHE GA 62 39.60 -15.36 -5.99
C PHE GA 62 39.36 -15.54 -4.49
N VAL GA 63 38.14 -15.28 -4.03
CA VAL GA 63 37.76 -15.38 -2.61
C VAL GA 63 37.81 -16.82 -2.05
N PRO GA 64 37.85 -16.98 -0.72
CA PRO GA 64 37.87 -18.31 -0.11
C PRO GA 64 36.43 -18.64 0.32
N THR GA 65 36.06 -19.90 0.21
CA THR GA 65 34.70 -20.36 0.54
C THR GA 65 34.63 -21.43 1.60
N LYS GA 66 33.47 -21.51 2.23
CA LYS GA 66 33.22 -22.48 3.29
C LYS GA 66 32.58 -23.75 2.74
N LEU GA 67 33.08 -24.91 3.18
CA LEU GA 67 32.54 -26.16 2.70
C LEU GA 67 31.23 -26.39 3.37
N VAL GA 68 30.31 -26.98 2.62
CA VAL GA 68 28.99 -27.30 3.12
C VAL GA 68 28.86 -28.81 3.33
N THR GA 69 28.47 -29.52 2.27
CA THR GA 69 28.30 -30.98 2.33
C THR GA 69 29.54 -31.64 2.89
N ARG GA 70 29.43 -32.04 4.15
CA ARG GA 70 30.55 -32.62 4.83
C ARG GA 70 31.19 -33.86 4.23
N GLU GA 71 32.48 -33.74 3.92
CA GLU GA 71 33.29 -34.84 3.40
C GLU GA 71 32.91 -35.52 2.08
N THR GA 72 31.78 -35.16 1.50
CA THR GA 72 31.37 -35.77 0.23
C THR GA 72 32.24 -35.24 -0.91
N THR GA 73 33.38 -34.66 -0.56
CA THR GA 73 34.28 -34.04 -1.52
C THR GA 73 35.38 -34.78 -2.26
N SER GA 74 36.28 -35.48 -1.57
CA SER GA 74 37.39 -36.13 -2.26
C SER GA 74 37.03 -37.15 -3.33
N LEU GA 75 38.00 -37.43 -4.20
CA LEU GA 75 37.81 -38.35 -5.32
C LEU GA 75 39.03 -39.22 -5.59
N ASP GA 76 38.82 -40.51 -5.81
CA ASP GA 76 39.92 -41.43 -6.12
C ASP GA 76 39.45 -42.68 -6.81
N GLN GA 77 40.26 -43.73 -6.76
CA GLN GA 77 39.92 -44.99 -7.43
C GLN GA 77 40.01 -44.75 -8.94
N ILE GA 78 40.82 -43.77 -9.32
CA ILE GA 78 41.04 -43.41 -10.71
C ILE GA 78 42.17 -44.25 -11.24
N GLN GA 79 41.99 -44.85 -12.41
CA GLN GA 79 43.03 -45.66 -12.99
C GLN GA 79 43.17 -45.36 -14.46
N GLY GA 80 44.36 -45.59 -15.00
CA GLY GA 80 44.61 -45.34 -16.40
C GLY GA 80 46.03 -45.65 -16.80
N GLU GA 81 46.22 -46.11 -18.03
CA GLU GA 81 47.53 -46.45 -18.55
C GLU GA 81 48.44 -45.23 -18.44
N LEU GA 82 49.68 -45.45 -17.99
CA LEU GA 82 50.63 -44.36 -17.88
C LEU GA 82 51.62 -44.49 -19.03
N LYS GA 83 51.35 -43.74 -20.09
CA LYS GA 83 52.15 -43.75 -21.31
C LYS GA 83 53.55 -43.19 -21.10
N VAL GA 84 54.51 -43.77 -21.81
CA VAL GA 84 55.90 -43.33 -21.74
C VAL GA 84 56.31 -42.94 -23.14
N ASN GA 85 55.80 -41.82 -23.64
CA ASN GA 85 56.12 -41.39 -25.01
C ASN GA 85 57.51 -40.73 -25.18
N SER GA 86 57.95 -40.61 -26.45
CA SER GA 86 59.26 -40.04 -26.81
C SER GA 86 59.67 -38.89 -25.90
N ASP GA 87 60.95 -38.59 -25.88
CA ASP GA 87 61.53 -37.53 -25.02
C ASP GA 87 61.37 -37.87 -23.53
N GLY GA 88 61.07 -39.15 -23.28
CA GLY GA 88 60.92 -39.65 -21.93
C GLY GA 88 60.10 -38.80 -20.97
N SER GA 89 58.84 -38.59 -21.31
CA SER GA 89 57.93 -37.85 -20.44
C SER GA 89 56.79 -38.83 -20.24
N LEU GA 90 56.07 -38.72 -19.13
CA LEU GA 90 54.98 -39.65 -18.88
C LEU GA 90 53.63 -38.96 -19.07
N THR GA 91 52.72 -39.64 -19.76
CA THR GA 91 51.39 -39.10 -19.95
C THR GA 91 50.43 -40.12 -19.34
N PHE GA 92 49.53 -39.68 -18.47
CA PHE GA 92 48.60 -40.61 -17.84
C PHE GA 92 47.23 -40.37 -18.41
N VAL GA 93 46.65 -41.40 -19.03
CA VAL GA 93 45.32 -41.28 -19.61
C VAL GA 93 44.33 -42.06 -18.77
N GLU GA 94 43.48 -41.34 -18.05
CA GLU GA 94 42.48 -41.97 -17.20
C GLU GA 94 41.40 -42.65 -18.05
N GLU GA 95 41.06 -43.89 -17.70
CA GLU GA 95 40.02 -44.64 -18.40
C GLU GA 95 38.68 -44.63 -17.64
N ASP GA 96 38.73 -44.66 -16.29
CA ASP GA 96 37.53 -44.62 -15.44
C ASP GA 96 37.89 -44.48 -13.95
N GLY GA 97 36.87 -44.46 -13.09
CA GLY GA 97 37.07 -44.32 -11.65
C GLY GA 97 36.19 -43.24 -11.04
N ILE GA 98 36.06 -43.25 -9.73
CA ILE GA 98 35.26 -42.24 -9.06
C ILE GA 98 36.02 -40.92 -9.11
N ASP GA 99 35.47 -39.97 -9.85
CA ASP GA 99 36.12 -38.69 -10.04
C ASP GA 99 35.23 -37.45 -10.14
N PHE GA 100 33.92 -37.63 -10.01
CA PHE GA 100 32.99 -36.50 -10.12
C PHE GA 100 32.25 -36.19 -8.83
N GLN GA 101 32.95 -35.87 -7.76
CA GLN GA 101 32.25 -35.55 -6.53
C GLN GA 101 31.61 -34.16 -6.61
N PRO GA 102 30.29 -34.07 -6.36
CA PRO GA 102 29.55 -32.80 -6.41
C PRO GA 102 29.60 -32.11 -5.07
N VAL GA 103 30.20 -30.94 -5.05
CA VAL GA 103 30.34 -30.16 -3.84
C VAL GA 103 29.73 -28.80 -3.99
N THR GA 104 29.32 -28.24 -2.87
CA THR GA 104 28.70 -26.95 -2.86
C THR GA 104 29.30 -26.15 -1.73
N VAL GA 105 30.10 -25.14 -2.06
CA VAL GA 105 30.71 -24.30 -1.05
C VAL GA 105 29.91 -23.02 -0.88
N GLN GA 106 29.96 -22.41 0.30
CA GLN GA 106 29.23 -21.17 0.52
C GLN GA 106 30.14 -19.98 0.36
N MET GA 107 29.83 -19.19 -0.67
CA MET GA 107 30.58 -18.00 -1.05
C MET GA 107 30.73 -16.95 0.05
N ALA GA 108 31.47 -15.89 -0.26
CA ALA GA 108 31.70 -14.79 0.67
C ALA GA 108 30.35 -14.35 1.20
N GLY GA 109 29.49 -13.85 0.32
CA GLY GA 109 28.17 -13.43 0.75
C GLY GA 109 27.45 -14.61 1.36
N GLY GA 110 26.27 -14.93 0.83
CA GLY GA 110 25.54 -16.08 1.35
C GLY GA 110 25.40 -17.08 0.21
N GLU GA 111 25.90 -16.68 -0.95
CA GLU GA 111 25.83 -17.51 -2.13
C GLU GA 111 26.20 -18.95 -1.87
N ARG GA 112 25.51 -19.83 -2.57
CA ARG GA 112 25.76 -21.23 -2.47
C ARG GA 112 26.27 -21.54 -3.86
N ILE GA 113 27.57 -21.66 -4.01
CA ILE GA 113 28.09 -21.96 -5.33
C ILE GA 113 28.43 -23.43 -5.35
N PRO GA 114 27.84 -24.18 -6.29
CA PRO GA 114 28.04 -25.61 -6.48
C PRO GA 114 28.81 -25.90 -7.76
N LEU GA 115 29.82 -26.74 -7.66
CA LEU GA 115 30.62 -27.08 -8.83
C LEU GA 115 30.72 -28.58 -8.80
N LEU GA 116 31.22 -29.16 -9.88
CA LEU GA 116 31.38 -30.60 -9.94
C LEU GA 116 32.84 -30.99 -9.97
N PHE GA 117 33.47 -30.91 -8.81
CA PHE GA 117 34.87 -31.23 -8.68
C PHE GA 117 35.09 -32.49 -9.44
N THR GA 118 35.84 -32.39 -10.52
CA THR GA 118 36.12 -33.59 -11.29
C THR GA 118 37.35 -33.45 -12.13
N VAL GA 119 37.97 -34.60 -12.36
CA VAL GA 119 39.18 -34.71 -13.16
C VAL GA 119 38.88 -35.84 -14.13
N LYS GA 120 37.76 -35.73 -14.85
CA LYS GA 120 37.35 -36.76 -15.80
C LYS GA 120 37.95 -36.60 -17.20
N ASN GA 121 38.03 -37.75 -17.91
CA ASN GA 121 38.57 -37.85 -19.27
C ASN GA 121 39.97 -37.24 -19.25
N LEU GA 122 40.58 -37.32 -18.07
CA LEU GA 122 41.89 -36.73 -17.81
C LEU GA 122 43.07 -37.29 -18.53
N VAL GA 123 43.88 -36.37 -19.06
CA VAL GA 123 45.11 -36.67 -19.77
C VAL GA 123 46.22 -35.74 -19.23
N ALA GA 124 46.96 -36.25 -18.25
CA ALA GA 124 48.03 -35.48 -17.61
C ALA GA 124 49.40 -35.96 -18.06
N SER GA 125 50.30 -35.01 -18.27
CA SER GA 125 51.65 -35.35 -18.67
C SER GA 125 52.62 -34.56 -17.81
N THR GA 126 53.89 -34.94 -17.88
CA THR GA 126 54.93 -34.30 -17.08
C THR GA 126 56.04 -33.78 -17.97
N GLN GA 127 57.11 -33.35 -17.31
CA GLN GA 127 58.28 -32.83 -17.97
C GLN GA 127 58.98 -33.93 -18.81
N PRO GA 128 59.78 -33.52 -19.82
CA PRO GA 128 60.52 -34.43 -20.72
C PRO GA 128 61.85 -34.88 -20.09
N ASN GA 129 62.49 -35.85 -20.71
CA ASN GA 129 63.76 -36.39 -20.22
C ASN GA 129 63.70 -36.81 -18.75
N VAL GA 130 62.62 -37.49 -18.38
CA VAL GA 130 62.42 -37.98 -17.02
C VAL GA 130 62.39 -39.52 -16.97
N THR GA 131 63.37 -40.10 -16.29
CA THR GA 131 63.47 -41.55 -16.14
C THR GA 131 63.10 -41.89 -14.71
N SER GA 132 62.86 -40.85 -13.93
CA SER GA 132 62.50 -41.05 -12.54
C SER GA 132 61.57 -39.98 -11.99
N ILE GA 133 60.52 -40.44 -11.33
CA ILE GA 133 59.52 -39.59 -10.72
C ILE GA 133 60.03 -39.13 -9.37
N THR GA 134 60.17 -37.82 -9.20
CA THR GA 134 60.67 -37.30 -7.94
C THR GA 134 60.11 -35.93 -7.63
N THR GA 135 60.44 -35.39 -6.46
CA THR GA 135 59.96 -34.06 -6.05
C THR GA 135 60.02 -33.04 -7.20
N SER GA 136 60.83 -33.37 -8.21
CA SER GA 136 61.02 -32.53 -9.40
C SER GA 136 59.78 -32.60 -10.29
N THR GA 137 59.53 -33.80 -10.81
CA THR GA 137 58.42 -34.12 -11.69
C THR GA 137 57.13 -33.35 -11.35
N ASP GA 138 56.24 -33.27 -12.34
CA ASP GA 138 54.97 -32.58 -12.20
C ASP GA 138 54.03 -33.01 -13.34
N PHE GA 139 52.73 -32.81 -13.18
CA PHE GA 139 51.75 -33.20 -14.21
C PHE GA 139 50.75 -32.08 -14.53
N LYS GA 140 50.58 -31.79 -15.82
CA LYS GA 140 49.62 -30.77 -16.26
C LYS GA 140 48.83 -31.35 -17.43
N GLY GA 141 47.55 -31.03 -17.51
CA GLY GA 141 46.73 -31.56 -18.59
C GLY GA 141 45.30 -31.03 -18.58
N GLU GA 142 44.47 -31.58 -19.47
CA GLU GA 142 43.08 -31.13 -19.58
C GLU GA 142 42.04 -32.01 -18.88
N PHE GA 143 40.80 -31.51 -18.89
CA PHE GA 143 39.65 -32.16 -18.29
C PHE GA 143 38.52 -32.32 -19.28
N ASN GA 144 37.36 -32.35 -18.69
CA ASN GA 144 36.09 -32.44 -19.37
C ASN GA 144 35.14 -32.31 -18.21
N VAL GA 145 34.33 -31.26 -18.27
CA VAL GA 145 33.38 -30.96 -17.22
C VAL GA 145 31.99 -30.81 -17.81
N PRO GA 146 31.07 -31.76 -17.53
CA PRO GA 146 29.71 -31.71 -18.05
C PRO GA 146 28.96 -30.60 -17.33
N SER GA 147 28.07 -31.00 -16.44
CA SER GA 147 27.33 -30.03 -15.67
C SER GA 147 26.86 -30.70 -14.40
N TYR GA 148 26.62 -29.87 -13.41
CA TYR GA 148 26.17 -30.36 -12.13
C TYR GA 148 25.14 -31.46 -12.38
N ARG GA 149 24.05 -31.13 -13.07
CA ARG GA 149 22.96 -32.08 -13.33
C ARG GA 149 23.06 -32.88 -14.63
N THR GA 150 22.42 -34.05 -14.65
CA THR GA 150 22.42 -34.92 -15.82
C THR GA 150 21.63 -34.30 -16.96
N ALA GA 151 20.98 -35.14 -17.76
CA ALA GA 151 20.17 -34.69 -18.90
C ALA GA 151 18.74 -34.54 -18.40
N ASN GA 152 18.28 -35.55 -17.65
CA ASN GA 152 16.95 -35.46 -17.08
C ASN GA 152 17.22 -34.62 -15.87
N PHE GA 153 16.14 -34.13 -15.28
CA PHE GA 153 16.16 -33.32 -14.08
C PHE GA 153 15.09 -32.28 -14.23
N LEU GA 154 14.20 -32.26 -13.26
CA LEU GA 154 13.12 -31.33 -13.30
C LEU GA 154 13.26 -30.28 -12.22
N ASP GA 155 13.51 -29.06 -12.65
CA ASP GA 155 13.63 -27.94 -11.73
C ASP GA 155 12.24 -27.79 -11.17
N PRO GA 156 12.11 -27.35 -9.92
CA PRO GA 156 10.76 -27.21 -9.38
C PRO GA 156 9.89 -26.58 -10.45
N LYS GA 157 8.58 -26.82 -10.38
CA LYS GA 157 7.66 -26.25 -11.36
C LYS GA 157 7.71 -27.05 -12.67
N GLY GA 158 8.34 -28.23 -12.60
CA GLY GA 158 8.39 -29.13 -13.74
C GLY GA 158 9.28 -28.99 -14.96
N ARG GA 159 9.87 -27.83 -15.21
CA ARG GA 159 10.71 -27.69 -16.40
C ARG GA 159 11.83 -28.75 -16.44
N GLY GA 160 12.51 -28.85 -17.58
CA GLY GA 160 13.58 -29.83 -17.72
C GLY GA 160 14.25 -29.83 -19.09
N LEU GA 161 15.34 -30.59 -19.23
CA LEU GA 161 16.06 -30.63 -20.50
C LEU GA 161 15.66 -31.74 -21.43
N ALA GA 162 15.95 -32.97 -21.00
CA ALA GA 162 15.63 -34.14 -21.79
C ALA GA 162 14.33 -34.76 -21.33
N SER GA 163 13.55 -33.92 -20.66
CA SER GA 163 12.26 -34.28 -20.13
C SER GA 163 11.77 -33.02 -19.46
N GLY GA 164 10.78 -33.14 -18.58
CA GLY GA 164 10.30 -31.95 -17.91
C GLY GA 164 9.22 -31.21 -18.65
N TYR GA 165 8.37 -30.55 -17.87
CA TYR GA 165 7.25 -29.82 -18.40
C TYR GA 165 7.41 -28.92 -19.64
N ASP GA 166 8.64 -28.58 -20.05
CA ASP GA 166 8.79 -27.78 -21.27
C ASP GA 166 8.45 -26.28 -21.29
N SER GA 167 7.77 -25.76 -20.27
CA SER GA 167 7.46 -24.31 -20.28
C SER GA 167 7.07 -23.59 -18.97
N ALA GA 168 6.65 -22.35 -19.18
CA ALA GA 168 6.17 -21.42 -18.15
C ALA GA 168 5.14 -22.14 -17.27
N ILE GA 169 4.38 -23.00 -17.92
CA ILE GA 169 3.34 -23.82 -17.31
C ILE GA 169 2.44 -23.11 -16.31
N ALA GA 170 2.93 -22.94 -15.09
CA ALA GA 170 2.16 -22.31 -14.03
C ALA GA 170 1.48 -21.07 -14.53
N LEU GA 171 2.11 -20.42 -15.49
CA LEU GA 171 1.60 -19.20 -16.08
C LEU GA 171 1.28 -19.51 -17.53
N PRO GA 172 -0.01 -19.66 -17.83
CA PRO GA 172 -0.53 -19.98 -19.15
C PRO GA 172 -0.55 -18.91 -20.24
N GLN GA 173 -1.09 -17.74 -19.95
CA GLN GA 173 -1.13 -16.68 -20.97
C GLN GA 173 -0.04 -15.67 -20.73
N ALA GA 174 0.96 -16.11 -20.00
CA ALA GA 174 2.07 -15.26 -19.69
C ALA GA 174 2.85 -14.96 -20.95
N LYS GA 175 3.71 -13.96 -20.86
CA LYS GA 175 4.56 -13.53 -21.96
C LYS GA 175 5.65 -14.57 -22.28
N GLU GA 176 5.42 -15.37 -23.31
CA GLU GA 176 6.34 -16.42 -23.73
C GLU GA 176 7.88 -16.16 -23.60
N GLU GA 177 8.38 -15.22 -24.40
CA GLU GA 177 9.79 -14.84 -24.47
C GLU GA 177 10.33 -14.03 -23.30
N GLU GA 178 11.54 -14.38 -22.87
CA GLU GA 178 12.24 -13.75 -21.74
C GLU GA 178 12.33 -14.83 -20.67
N LEU GA 179 11.69 -15.95 -20.96
CA LEU GA 179 11.69 -17.08 -20.06
C LEU GA 179 12.52 -18.14 -20.79
N ALA GA 180 13.00 -17.76 -21.96
CA ALA GA 180 13.82 -18.65 -22.74
C ALA GA 180 14.91 -19.15 -21.83
N ARG GA 181 15.54 -18.22 -21.14
CA ARG GA 181 16.61 -18.55 -20.22
C ARG GA 181 16.21 -19.78 -19.39
N ALA GA 182 14.96 -19.77 -18.89
CA ALA GA 182 14.46 -20.85 -18.05
C ALA GA 182 13.96 -22.06 -18.78
N ASN GA 183 13.04 -21.86 -19.72
CA ASN GA 183 12.49 -22.98 -20.45
C ASN GA 183 13.49 -23.88 -21.19
N VAL GA 184 14.01 -23.44 -22.32
CA VAL GA 184 14.96 -24.27 -23.01
C VAL GA 184 16.16 -24.42 -22.11
N LYS GA 185 16.48 -25.64 -21.74
CA LYS GA 185 17.61 -25.88 -20.87
C LYS GA 185 18.83 -26.31 -21.69
N ARG GA 186 19.82 -25.43 -21.85
CA ARG GA 186 21.02 -25.79 -22.61
C ARG GA 186 21.92 -26.63 -21.70
N PHE GA 187 22.82 -27.41 -22.27
CA PHE GA 187 23.68 -28.26 -21.46
C PHE GA 187 25.15 -28.01 -21.76
N SER GA 188 25.89 -27.53 -20.76
CA SER GA 188 27.31 -27.21 -20.92
C SER GA 188 28.36 -28.33 -21.05
N LEU GA 189 29.49 -27.98 -21.66
CA LEU GA 189 30.65 -28.88 -21.80
C LEU GA 189 31.91 -27.99 -21.83
N THR GA 190 32.74 -28.08 -20.79
CA THR GA 190 33.94 -27.26 -20.69
C THR GA 190 35.20 -27.92 -20.13
N LYS GA 191 36.34 -27.33 -20.47
CA LYS GA 191 37.64 -27.83 -20.05
C LYS GA 191 38.10 -27.45 -18.65
N GLY GA 192 38.77 -28.39 -17.99
CA GLY GA 192 39.25 -28.20 -16.63
C GLY GA 192 40.68 -27.67 -16.44
N GLN GA 193 41.70 -28.53 -16.56
CA GLN GA 193 43.11 -28.10 -16.41
C GLN GA 193 43.71 -28.12 -15.00
N ILE GA 194 44.16 -29.29 -14.54
CA ILE GA 194 44.81 -29.38 -13.22
C ILE GA 194 46.33 -29.19 -13.35
N SER GA 195 47.04 -29.44 -12.26
CA SER GA 195 48.49 -29.33 -12.21
C SER GA 195 48.96 -30.15 -11.02
N LEU GA 196 49.80 -31.15 -11.27
CA LEU GA 196 50.28 -32.04 -10.22
C LEU GA 196 51.80 -32.09 -9.97
N ASN GA 197 52.23 -31.61 -8.80
CA ASN GA 197 53.66 -31.65 -8.41
C ASN GA 197 53.80 -32.67 -7.26
N VAL GA 198 54.80 -33.54 -7.38
CA VAL GA 198 55.04 -34.56 -6.39
C VAL GA 198 55.83 -33.97 -5.22
N ALA GA 199 55.73 -34.61 -4.05
CA ALA GA 199 56.43 -34.15 -2.86
C ALA GA 199 56.96 -35.29 -2.01
N LYS GA 200 56.37 -36.47 -2.16
CA LYS GA 200 56.81 -37.65 -1.42
C LYS GA 200 56.69 -38.84 -2.35
N VAL GA 201 57.83 -39.48 -2.62
CA VAL GA 201 57.87 -40.63 -3.53
C VAL GA 201 58.59 -41.80 -2.90
N ASP GA 202 58.13 -43.00 -3.23
CA ASP GA 202 58.79 -44.19 -2.74
C ASP GA 202 59.33 -44.85 -4.02
N GLY GA 203 60.57 -45.30 -3.99
CA GLY GA 203 61.16 -45.90 -5.17
C GLY GA 203 60.61 -47.23 -5.65
N ARG GA 204 60.37 -48.14 -4.69
CA ARG GA 204 59.85 -49.48 -5.00
C ARG GA 204 58.33 -49.58 -5.15
N THR GA 205 57.64 -49.03 -4.16
CA THR GA 205 56.18 -49.04 -4.10
C THR GA 205 55.45 -48.49 -5.34
N GLY GA 206 56.07 -47.50 -6.00
CA GLY GA 206 55.45 -46.90 -7.16
C GLY GA 206 54.56 -45.79 -6.67
N GLU GA 207 54.50 -45.66 -5.34
CA GLU GA 207 53.70 -44.64 -4.66
C GLU GA 207 54.32 -43.26 -4.79
N ILE GA 208 53.45 -42.27 -4.91
CA ILE GA 208 53.89 -40.90 -5.06
C ILE GA 208 52.73 -40.00 -4.62
N ALA GA 209 53.03 -38.97 -3.84
CA ALA GA 209 52.00 -38.04 -3.36
C ALA GA 209 52.41 -36.60 -3.65
N GLY GA 210 51.47 -35.67 -3.48
CA GLY GA 210 51.77 -34.26 -3.73
C GLY GA 210 50.57 -33.35 -3.77
N THR GA 211 50.83 -32.06 -3.96
CA THR GA 211 49.76 -31.07 -4.01
C THR GA 211 49.25 -30.92 -5.44
N PHE GA 212 47.98 -30.52 -5.59
CA PHE GA 212 47.36 -30.33 -6.90
C PHE GA 212 46.49 -29.09 -6.93
N GLU GA 213 46.34 -28.52 -8.12
CA GLU GA 213 45.51 -27.34 -8.27
C GLU GA 213 44.71 -27.37 -9.56
N SER GA 214 43.41 -27.61 -9.41
CA SER GA 214 42.48 -27.66 -10.53
C SER GA 214 41.74 -26.34 -10.66
N GLU GA 215 41.56 -25.86 -11.89
CA GLU GA 215 40.85 -24.61 -12.09
C GLU GA 215 39.73 -24.98 -13.04
N GLN GA 216 38.49 -25.03 -12.56
CA GLN GA 216 37.34 -25.38 -13.41
C GLN GA 216 36.16 -24.45 -13.26
N LEU GA 217 35.04 -24.80 -13.86
CA LEU GA 217 33.86 -23.97 -13.75
C LEU GA 217 32.84 -24.61 -12.85
N SER GA 218 31.79 -23.85 -12.51
CA SER GA 218 30.75 -24.33 -11.61
C SER GA 218 29.47 -24.86 -12.24
N ASP GA 219 28.34 -24.47 -11.66
CA ASP GA 219 27.03 -24.92 -12.12
C ASP GA 219 26.36 -24.04 -13.16
N ASP GA 220 26.17 -24.64 -14.33
CA ASP GA 220 25.53 -23.95 -15.43
C ASP GA 220 24.05 -23.76 -15.11
N ASP GA 221 23.49 -24.73 -14.39
CA ASP GA 221 22.08 -24.74 -14.02
C ASP GA 221 21.23 -24.63 -15.26
N MET GA 222 21.53 -25.51 -16.21
CA MET GA 222 20.79 -25.55 -17.45
C MET GA 222 20.89 -24.27 -18.26
N GLY GA 223 20.73 -23.13 -17.61
CA GLY GA 223 20.82 -21.88 -18.34
C GLY GA 223 20.80 -20.74 -17.37
N ALA GA 224 20.20 -20.99 -16.21
CA ALA GA 224 20.07 -19.98 -15.16
C ALA GA 224 21.11 -18.86 -15.18
N HIS GA 225 22.20 -19.11 -14.47
CA HIS GA 225 23.29 -18.14 -14.33
C HIS GA 225 24.59 -18.54 -14.99
N GLU GA 226 25.36 -17.53 -15.37
CA GLU GA 226 26.67 -17.75 -15.97
C GLU GA 226 27.46 -18.35 -14.84
N PRO GA 227 28.12 -19.49 -15.07
CA PRO GA 227 28.92 -20.13 -14.01
C PRO GA 227 30.00 -19.24 -13.39
N HIS GA 228 30.51 -19.65 -12.24
CA HIS GA 228 31.56 -18.92 -11.55
C HIS GA 228 32.83 -19.76 -11.66
N GLU GA 229 33.99 -19.12 -11.75
CA GLU GA 229 35.24 -19.88 -11.84
C GLU GA 229 35.67 -20.41 -10.49
N VAL GA 230 36.36 -21.55 -10.49
CA VAL GA 230 36.80 -22.12 -9.25
C VAL GA 230 38.16 -22.76 -9.32
N LYS GA 231 38.97 -22.57 -8.29
CA LYS GA 231 40.29 -23.15 -8.22
C LYS GA 231 40.18 -24.14 -7.06
N ILE GA 232 40.84 -25.27 -7.21
CA ILE GA 232 40.80 -26.32 -6.20
C ILE GA 232 42.20 -26.78 -5.78
N GLN GA 233 42.42 -26.86 -4.47
CA GLN GA 233 43.71 -27.28 -3.95
C GLN GA 233 43.61 -28.38 -2.89
N GLY GA 234 44.68 -29.17 -2.78
CA GLY GA 234 44.72 -30.24 -1.81
C GLY GA 234 45.85 -31.19 -2.19
N VAL GA 235 46.12 -32.19 -1.36
CA VAL GA 235 47.18 -33.15 -1.66
C VAL GA 235 46.58 -34.33 -2.39
N PHE GA 236 47.44 -35.07 -3.07
CA PHE GA 236 47.01 -36.22 -3.84
C PHE GA 236 47.99 -37.37 -3.77
N TYR GA 237 47.46 -38.56 -3.56
CA TYR GA 237 48.29 -39.74 -3.55
C TYR GA 237 48.05 -40.35 -4.94
N ALA GA 238 48.77 -41.41 -5.31
CA ALA GA 238 48.58 -42.05 -6.62
C ALA GA 238 49.63 -43.12 -6.81
N SER GA 239 49.31 -44.36 -6.49
CA SER GA 239 50.27 -45.45 -6.65
C SER GA 239 50.51 -45.86 -8.11
N ILE GA 240 51.78 -46.08 -8.45
CA ILE GA 240 52.13 -46.49 -9.81
C ILE GA 240 52.62 -47.94 -9.83
N GLU GA 241 52.18 -48.72 -10.83
CA GLU GA 241 52.62 -50.11 -11.00
C GLU GA 241 52.91 -50.36 -12.49
N PRO GA 242 53.65 -51.42 -12.81
CA PRO GA 242 54.01 -51.78 -14.19
C PRO GA 242 52.95 -52.42 -15.09
N MET HA 1 9.53 -6.75 3.32
CA MET HA 1 8.33 -5.95 3.73
C MET HA 1 7.18 -6.79 4.26
N GLU HA 2 6.50 -7.49 3.37
CA GLU HA 2 5.39 -8.30 3.79
C GLU HA 2 5.83 -9.31 4.86
N THR HA 3 7.12 -9.68 4.88
CA THR HA 3 7.58 -10.64 5.90
C THR HA 3 7.69 -9.99 7.27
N ILE HA 4 7.56 -8.66 7.33
CA ILE HA 4 7.61 -8.01 8.64
C ILE HA 4 6.15 -8.13 9.05
N THR HA 5 5.25 -7.89 8.10
CA THR HA 5 3.82 -7.96 8.36
C THR HA 5 3.50 -9.31 8.98
N TYR HA 6 4.19 -10.34 8.53
CA TYR HA 6 3.97 -11.67 9.07
C TYR HA 6 4.54 -11.69 10.47
N VAL HA 7 5.78 -11.26 10.60
CA VAL HA 7 6.42 -11.23 11.90
C VAL HA 7 5.80 -10.25 12.91
N PHE HA 8 5.13 -9.21 12.43
CA PHE HA 8 4.51 -8.26 13.36
C PHE HA 8 3.31 -8.93 13.98
N ILE HA 9 2.50 -9.59 13.16
CA ILE HA 9 1.34 -10.29 13.69
C ILE HA 9 1.89 -11.30 14.69
N PHE HA 10 2.61 -12.27 14.15
CA PHE HA 10 3.23 -13.34 14.93
C PHE HA 10 3.63 -12.84 16.29
N ALA HA 11 4.22 -11.66 16.33
CA ALA HA 11 4.65 -11.12 17.59
C ALA HA 11 3.52 -10.47 18.40
N CYS HA 12 2.91 -9.41 17.90
CA CYS HA 12 1.77 -8.81 18.59
C CYS HA 12 0.90 -9.86 19.28
N ILE HA 13 0.86 -11.07 18.72
CA ILE HA 13 0.06 -12.18 19.28
C ILE HA 13 0.65 -12.88 20.49
N ILE HA 14 1.96 -13.01 20.50
CA ILE HA 14 2.68 -13.63 21.59
C ILE HA 14 2.43 -12.76 22.81
N ALA HA 15 2.26 -11.46 22.57
CA ALA HA 15 2.00 -10.50 23.65
C ALA HA 15 0.52 -10.46 24.04
N LEU HA 16 -0.34 -11.01 23.20
CA LEU HA 16 -1.75 -11.07 23.55
C LEU HA 16 -1.86 -12.27 24.46
N PHE HA 17 -0.75 -12.99 24.54
CA PHE HA 17 -0.59 -14.16 25.38
C PHE HA 17 -0.12 -13.60 26.70
N PHE HA 18 0.76 -12.62 26.63
CA PHE HA 18 1.21 -11.98 27.85
C PHE HA 18 0.01 -11.53 28.65
N PHE HA 19 -0.63 -10.46 28.19
CA PHE HA 19 -1.77 -9.94 28.90
C PHE HA 19 -2.86 -10.96 29.28
N ALA HA 20 -3.38 -11.71 28.32
CA ALA HA 20 -4.44 -12.68 28.62
C ALA HA 20 -4.12 -13.74 29.67
N ILE HA 21 -2.85 -13.91 30.00
CA ILE HA 21 -2.46 -14.87 31.03
C ILE HA 21 -2.12 -14.16 32.34
N PHE HA 22 -1.36 -13.08 32.25
CA PHE HA 22 -0.93 -12.37 33.45
C PHE HA 22 -1.73 -11.17 33.90
N PHE HA 23 -2.47 -10.56 33.00
CA PHE HA 23 -3.31 -9.44 33.38
C PHE HA 23 -4.76 -9.82 33.01
N ARG HA 24 -5.02 -11.14 33.04
CA ARG HA 24 -6.33 -11.71 32.73
C ARG HA 24 -7.28 -11.46 33.89
N GLU HA 25 -8.58 -11.38 33.61
CA GLU HA 25 -9.54 -11.15 34.69
C GLU HA 25 -9.62 -12.44 35.50
N PRO HA 26 -9.24 -12.36 36.79
CA PRO HA 26 -9.23 -13.47 37.74
C PRO HA 26 -10.57 -14.13 38.11
N PRO HA 27 -10.51 -15.40 38.54
CA PRO HA 27 -11.65 -16.23 38.95
C PRO HA 27 -12.07 -15.90 40.38
N ARG HA 28 -13.25 -15.30 40.56
CA ARG HA 28 -13.67 -14.93 41.92
C ARG HA 28 -14.62 -15.92 42.64
N ILE HA 29 -14.07 -16.69 43.58
CA ILE HA 29 -14.79 -17.70 44.39
C ILE HA 29 -15.79 -17.05 45.35
N THR HA 30 -17.05 -16.91 44.96
CA THR HA 30 -18.04 -16.29 45.85
C THR HA 30 -19.33 -17.12 45.94
N GLU IA 1 20.78 -15.44 -32.36
CA GLU IA 1 20.72 -15.38 -30.86
C GLU IA 1 19.42 -16.02 -30.35
N GLU IA 2 19.14 -17.26 -30.80
CA GLU IA 2 17.93 -18.03 -30.42
C GLU IA 2 18.18 -19.45 -29.88
N LEU IA 3 18.61 -19.54 -28.61
CA LEU IA 3 18.89 -20.80 -27.92
C LEU IA 3 17.74 -21.80 -28.03
N VAL IA 4 18.07 -23.08 -28.13
CA VAL IA 4 17.03 -24.11 -28.26
C VAL IA 4 17.39 -25.47 -27.68
N ASN IA 5 16.36 -26.14 -27.15
CA ASN IA 5 16.48 -27.46 -26.54
C ASN IA 5 17.22 -28.43 -27.43
N VAL IA 6 18.17 -29.17 -26.88
CA VAL IA 6 18.92 -30.08 -27.73
C VAL IA 6 18.30 -31.43 -28.07
N VAL IA 7 17.70 -32.09 -27.09
CA VAL IA 7 17.09 -33.40 -27.31
C VAL IA 7 15.91 -33.23 -28.24
N ASP IA 8 15.10 -32.22 -27.97
CA ASP IA 8 13.94 -31.95 -28.78
C ASP IA 8 14.35 -31.79 -30.25
N GLU IA 9 15.44 -31.05 -30.50
CA GLU IA 9 15.90 -30.85 -31.86
C GLU IA 9 16.44 -32.12 -32.52
N LYS IA 10 17.28 -32.84 -31.79
CA LYS IA 10 17.86 -34.09 -32.30
C LYS IA 10 16.77 -35.15 -32.47
N LEU IA 11 15.58 -34.85 -31.96
CA LEU IA 11 14.47 -35.77 -32.11
C LEU IA 11 13.96 -35.49 -33.51
N GLY IA 12 14.43 -34.37 -34.06
CA GLY IA 12 14.03 -33.96 -35.39
C GLY IA 12 14.96 -34.46 -36.49
N THR IA 13 16.08 -35.04 -36.08
CA THR IA 13 17.02 -35.58 -37.05
C THR IA 13 16.50 -36.99 -37.27
N ALA IA 14 17.31 -37.84 -37.88
CA ALA IA 14 16.89 -39.21 -38.11
C ALA IA 14 16.88 -39.97 -36.79
N TYR IA 15 17.31 -39.32 -35.71
CA TYR IA 15 17.35 -39.98 -34.40
C TYR IA 15 15.96 -40.43 -33.99
N GLY IA 16 14.94 -39.64 -34.32
CA GLY IA 16 13.58 -39.98 -33.94
C GLY IA 16 12.90 -41.08 -34.74
N GLU IA 17 13.39 -41.31 -35.94
CA GLU IA 17 12.82 -42.33 -36.81
C GLU IA 17 13.43 -43.72 -36.59
N LYS IA 18 14.76 -43.81 -36.51
CA LYS IA 18 15.44 -45.09 -36.34
C LYS IA 18 16.22 -45.24 -35.01
N ILE IA 19 17.26 -46.06 -35.02
CA ILE IA 19 18.10 -46.26 -33.83
C ILE IA 19 19.45 -45.59 -34.06
N ASP IA 20 19.86 -44.72 -33.14
CA ASP IA 20 21.12 -44.01 -33.29
C ASP IA 20 22.26 -44.73 -32.63
N LEU IA 21 23.18 -45.23 -33.44
CA LEU IA 21 24.30 -45.96 -32.90
C LEU IA 21 25.09 -45.19 -31.88
N ASN IA 22 25.35 -43.92 -32.14
CA ASN IA 22 26.16 -43.09 -31.24
C ASN IA 22 25.48 -42.44 -30.04
N ASN IA 23 24.15 -42.42 -30.04
CA ASN IA 23 23.45 -41.79 -28.93
C ASN IA 23 22.38 -42.69 -28.34
N THR IA 24 21.36 -43.01 -29.12
CA THR IA 24 20.23 -43.81 -28.68
C THR IA 24 20.50 -44.74 -27.48
N ASN IA 25 19.56 -44.76 -26.56
CA ASN IA 25 19.61 -45.59 -25.35
C ASN IA 25 19.81 -47.05 -25.78
N ILE IA 26 20.57 -47.82 -25.01
CA ILE IA 26 20.83 -49.22 -25.34
C ILE IA 26 19.56 -50.05 -25.28
N ALA IA 27 18.51 -49.45 -24.75
CA ALA IA 27 17.24 -50.14 -24.60
C ALA IA 27 16.48 -50.36 -25.90
N ALA IA 28 16.66 -49.46 -26.87
CA ALA IA 28 15.96 -49.62 -28.14
C ALA IA 28 16.57 -50.73 -28.98
N PHE IA 29 17.50 -51.49 -28.40
CA PHE IA 29 18.16 -52.57 -29.13
C PHE IA 29 17.44 -53.92 -29.13
N ILE IA 30 16.53 -54.13 -28.19
CA ILE IA 30 15.82 -55.38 -28.15
C ILE IA 30 14.87 -55.54 -29.33
N GLN IA 31 14.26 -54.44 -29.78
CA GLN IA 31 13.30 -54.47 -30.88
C GLN IA 31 13.73 -55.07 -32.24
N TYR IA 32 14.60 -56.07 -32.23
CA TYR IA 32 15.07 -56.74 -33.44
C TYR IA 32 15.71 -58.09 -33.11
N ARG IA 33 15.46 -59.06 -33.98
CA ARG IA 33 15.96 -60.42 -33.83
C ARG IA 33 17.37 -60.54 -33.27
N GLY IA 34 17.46 -60.99 -32.03
CA GLY IA 34 18.76 -61.21 -31.39
C GLY IA 34 19.85 -60.14 -31.34
N LEU IA 35 19.50 -58.90 -31.03
CA LEU IA 35 20.54 -57.90 -30.98
C LEU IA 35 20.90 -57.49 -29.58
N TYR IA 36 19.88 -57.21 -28.77
CA TYR IA 36 20.09 -56.72 -27.40
C TYR IA 36 21.23 -57.35 -26.58
N PRO IA 37 20.91 -58.37 -25.79
CA PRO IA 37 21.91 -59.02 -24.94
C PRO IA 37 23.38 -58.60 -25.08
N THR IA 38 24.12 -59.17 -26.05
CA THR IA 38 25.56 -58.86 -26.22
C THR IA 38 25.91 -57.86 -27.30
N LEU IA 39 25.56 -58.16 -28.54
CA LEU IA 39 25.89 -57.28 -29.65
C LEU IA 39 25.79 -55.84 -29.19
N ALA IA 40 24.74 -55.51 -28.45
CA ALA IA 40 24.55 -54.14 -27.94
C ALA IA 40 25.69 -53.67 -27.05
N LYS IA 41 26.10 -54.53 -26.13
CA LYS IA 41 27.19 -54.18 -25.22
C LYS IA 41 28.40 -53.78 -26.04
N LEU IA 42 28.51 -54.34 -27.24
CA LEU IA 42 29.62 -54.03 -28.12
C LEU IA 42 29.23 -52.88 -29.03
N ILE IA 43 27.96 -52.84 -29.41
CA ILE IA 43 27.52 -51.76 -30.26
C ILE IA 43 27.71 -50.52 -29.43
N VAL IA 44 27.06 -50.49 -28.28
CA VAL IA 44 27.13 -49.33 -27.40
C VAL IA 44 28.55 -49.03 -26.96
N LYS IA 45 29.29 -50.07 -26.55
CA LYS IA 45 30.69 -49.86 -26.18
C LYS IA 45 31.24 -49.60 -27.55
N ASN IA 46 32.54 -49.73 -27.75
CA ASN IA 46 33.10 -49.44 -29.07
C ASN IA 46 32.81 -47.98 -29.43
N ALA IA 47 33.86 -47.27 -29.79
CA ALA IA 47 33.79 -45.86 -30.13
C ALA IA 47 32.50 -45.44 -30.88
N PRO IA 48 32.32 -44.13 -31.12
CA PRO IA 48 31.14 -43.62 -31.82
C PRO IA 48 31.51 -43.67 -33.31
N TYR IA 49 30.59 -44.18 -34.13
CA TYR IA 49 30.86 -44.36 -35.56
C TYR IA 49 30.52 -43.20 -36.46
N GLU IA 50 31.45 -42.81 -37.32
CA GLU IA 50 31.22 -41.69 -38.23
C GLU IA 50 30.32 -42.12 -39.38
N SER IA 51 30.42 -43.41 -39.72
CA SER IA 51 29.63 -43.98 -40.78
C SER IA 51 28.79 -45.08 -40.17
N VAL IA 52 27.58 -45.26 -40.69
CA VAL IA 52 26.66 -46.27 -40.20
C VAL IA 52 27.19 -47.71 -40.34
N GLU IA 53 28.15 -47.89 -41.24
CA GLU IA 53 28.72 -49.21 -41.51
C GLU IA 53 29.89 -49.57 -40.63
N ASP IA 54 30.70 -48.60 -40.22
CA ASP IA 54 31.86 -48.89 -39.39
C ASP IA 54 31.50 -49.79 -38.21
N VAL IA 55 30.22 -50.15 -38.13
CA VAL IA 55 29.72 -51.04 -37.11
C VAL IA 55 30.28 -52.43 -37.39
N LEU IA 56 30.21 -52.79 -38.67
CA LEU IA 56 30.64 -54.08 -39.18
C LEU IA 56 32.12 -54.33 -38.98
N ASN IA 57 32.90 -53.26 -38.86
CA ASN IA 57 34.32 -53.41 -38.62
C ASN IA 57 34.65 -53.22 -37.15
N ILE IA 58 33.99 -53.98 -36.27
CA ILE IA 58 34.25 -53.80 -34.85
C ILE IA 58 35.08 -54.95 -34.33
N PRO IA 59 36.22 -54.64 -33.70
CA PRO IA 59 37.16 -55.61 -33.14
C PRO IA 59 36.59 -56.86 -32.46
N GLY IA 60 36.81 -58.01 -33.08
CA GLY IA 60 36.35 -59.27 -32.50
C GLY IA 60 34.95 -59.73 -32.81
N LEU IA 61 34.22 -58.94 -33.60
CA LEU IA 61 32.87 -59.30 -33.96
C LEU IA 61 32.88 -60.72 -34.52
N THR IA 62 31.85 -61.50 -34.21
CA THR IA 62 31.79 -62.88 -34.69
C THR IA 62 31.22 -63.07 -36.09
N GLU IA 63 31.74 -64.09 -36.76
CA GLU IA 63 31.33 -64.45 -38.11
C GLU IA 63 29.80 -64.46 -38.29
N ARG IA 64 29.10 -64.67 -37.18
CA ARG IA 64 27.65 -64.69 -37.16
C ARG IA 64 27.21 -63.26 -36.84
N GLN IA 65 27.71 -62.75 -35.72
CA GLN IA 65 27.41 -61.40 -35.28
C GLN IA 65 27.54 -60.49 -36.49
N LYS IA 66 28.73 -60.55 -37.10
CA LYS IA 66 29.01 -59.73 -38.28
C LYS IA 66 27.77 -59.78 -39.15
N GLN IA 67 27.30 -60.98 -39.42
CA GLN IA 67 26.12 -61.16 -40.24
C GLN IA 67 24.95 -60.33 -39.71
N ILE IA 68 24.51 -60.65 -38.51
CA ILE IA 68 23.38 -59.95 -37.91
C ILE IA 68 23.43 -58.46 -38.22
N LEU IA 69 24.45 -57.78 -37.73
CA LEU IA 69 24.59 -56.36 -37.95
C LEU IA 69 24.25 -56.06 -39.39
N ARG IA 70 24.96 -56.70 -40.31
CA ARG IA 70 24.71 -56.52 -41.73
C ARG IA 70 23.23 -56.59 -42.01
N GLU IA 71 22.59 -57.67 -41.55
CA GLU IA 71 21.16 -57.84 -41.70
C GLU IA 71 20.35 -56.65 -41.18
N ASN IA 72 20.59 -56.26 -39.93
CA ASN IA 72 19.84 -55.15 -39.31
C ASN IA 72 20.25 -53.74 -39.71
N LEU IA 73 21.40 -53.62 -40.35
CA LEU IA 73 21.92 -52.34 -40.80
C LEU IA 73 20.83 -51.37 -41.23
N GLU IA 74 19.75 -51.92 -41.75
CA GLU IA 74 18.62 -51.12 -42.22
C GLU IA 74 18.24 -50.04 -41.23
N HIS IA 75 18.01 -50.42 -39.99
CA HIS IA 75 17.55 -49.50 -38.96
C HIS IA 75 18.52 -48.64 -38.17
N PHE IA 76 19.79 -48.69 -38.49
CA PHE IA 76 20.72 -47.87 -37.73
C PHE IA 76 21.05 -46.53 -38.41
N THR IA 77 21.23 -45.48 -37.61
CA THR IA 77 21.58 -44.16 -38.11
C THR IA 77 22.54 -43.47 -37.17
N VAL IA 78 23.00 -42.29 -37.59
CA VAL IA 78 23.95 -41.51 -36.79
C VAL IA 78 23.80 -40.00 -36.93
N THR IA 79 24.24 -39.31 -35.89
CA THR IA 79 24.21 -37.87 -35.80
C THR IA 79 25.30 -37.57 -34.81
N GLU IA 80 25.80 -36.35 -34.81
CA GLU IA 80 26.85 -35.99 -33.87
C GLU IA 80 26.55 -36.59 -32.52
N VAL IA 81 27.59 -36.96 -31.79
CA VAL IA 81 27.38 -37.52 -30.47
C VAL IA 81 26.71 -36.39 -29.76
N GLU IA 82 25.73 -36.67 -28.92
CA GLU IA 82 25.07 -35.61 -28.20
C GLU IA 82 25.45 -35.56 -26.73
N THR IA 83 26.34 -34.65 -26.40
CA THR IA 83 26.82 -34.46 -25.05
C THR IA 83 25.74 -34.69 -23.99
N ALA IA 84 24.59 -34.05 -24.17
CA ALA IA 84 23.46 -34.15 -23.25
C ALA IA 84 22.81 -35.52 -23.25
N LEU IA 85 22.95 -36.24 -24.34
CA LEU IA 85 22.38 -37.57 -24.42
C LEU IA 85 23.34 -38.64 -23.93
N VAL IA 86 24.64 -38.43 -24.05
CA VAL IA 86 25.55 -39.49 -23.63
C VAL IA 86 26.18 -39.35 -22.27
N GLU IA 87 26.33 -38.11 -21.82
CA GLU IA 87 26.93 -37.90 -20.52
C GLU IA 87 26.17 -38.74 -19.51
N GLY IA 88 26.72 -38.84 -18.31
CA GLY IA 88 26.01 -39.57 -17.28
C GLY IA 88 25.78 -41.04 -17.56
N GLY IA 89 26.52 -41.59 -18.49
CA GLY IA 89 26.34 -42.99 -18.80
C GLY IA 89 24.85 -43.30 -18.82
N ASP IA 90 24.06 -42.35 -19.32
CA ASP IA 90 22.62 -42.54 -19.41
C ASP IA 90 22.32 -43.65 -20.43
N ARG IA 91 23.13 -43.70 -21.49
CA ARG IA 91 22.93 -44.68 -22.55
C ARG IA 91 22.78 -46.10 -22.04
N TYR IA 92 23.30 -46.36 -20.84
CA TYR IA 92 23.18 -47.69 -20.27
C TYR IA 92 21.88 -47.80 -19.48
N ASN IA 93 21.52 -46.73 -18.76
CA ASN IA 93 20.30 -46.71 -17.97
C ASN IA 93 19.73 -45.30 -17.96
N ASN IA 94 18.93 -45.01 -18.99
CA ASN IA 94 18.32 -43.72 -19.20
C ASN IA 94 17.37 -43.18 -18.12
N GLY IA 95 16.97 -44.02 -17.18
CA GLY IA 95 16.05 -43.55 -16.16
C GLY IA 95 14.64 -43.93 -16.58
N LEU IA 96 14.56 -44.56 -17.74
CA LEU IA 96 13.28 -45.00 -18.24
C LEU IA 96 13.07 -46.48 -17.96
N TYR IA 97 12.15 -46.78 -17.05
CA TYR IA 97 11.81 -48.17 -16.77
C TYR IA 97 10.33 -48.31 -17.09
N LYS IA 98 9.85 -49.55 -17.22
CA LYS IA 98 8.44 -49.79 -17.55
C LYS IA 98 7.53 -49.03 -16.60
N ALA JA 1 -17.82 -69.15 -21.05
CA ALA JA 1 -18.67 -68.07 -21.66
C ALA JA 1 -17.85 -66.87 -22.18
N GLU JA 2 -16.94 -66.32 -21.37
CA GLU JA 2 -16.06 -65.22 -21.78
C GLU JA 2 -14.65 -65.79 -21.95
N LEU JA 3 -14.24 -66.63 -21.00
CA LEU JA 3 -12.94 -67.29 -21.12
C LEU JA 3 -13.25 -68.47 -22.03
N THR JA 4 -13.43 -68.18 -23.32
CA THR JA 4 -13.78 -69.19 -24.32
C THR JA 4 -12.68 -70.17 -24.68
N PRO JA 5 -13.05 -71.25 -25.38
CA PRO JA 5 -12.10 -72.29 -25.80
C PRO JA 5 -10.89 -71.81 -26.61
N GLU JA 6 -11.12 -71.14 -27.75
CA GLU JA 6 -10.00 -70.68 -28.59
C GLU JA 6 -9.27 -69.46 -28.02
N VAL JA 7 -9.98 -68.65 -27.25
CA VAL JA 7 -9.33 -67.50 -26.64
C VAL JA 7 -8.38 -68.11 -25.60
N LEU JA 8 -8.56 -69.39 -25.35
CA LEU JA 8 -7.71 -70.09 -24.40
C LEU JA 8 -6.80 -71.01 -25.22
N THR JA 9 -6.89 -70.86 -26.54
CA THR JA 9 -6.10 -71.63 -27.51
C THR JA 9 -4.93 -70.78 -27.98
N VAL JA 10 -3.71 -71.33 -27.90
CA VAL JA 10 -2.55 -70.55 -28.28
C VAL JA 10 -1.55 -71.35 -29.03
N PRO JA 11 -0.63 -70.65 -29.71
CA PRO JA 11 0.43 -71.29 -30.49
C PRO JA 11 1.36 -72.23 -29.69
N LEU JA 12 1.56 -73.43 -30.24
CA LEU JA 12 2.42 -74.46 -29.68
C LEU JA 12 3.82 -74.40 -30.24
N ASN JA 13 3.93 -74.68 -31.55
CA ASN JA 13 5.22 -74.67 -32.22
C ASN JA 13 5.49 -73.48 -33.14
N SER JA 14 6.78 -73.19 -33.37
CA SER JA 14 7.19 -72.09 -34.25
C SER JA 14 6.67 -72.40 -35.64
N GLU JA 15 6.03 -73.56 -35.76
CA GLU JA 15 5.44 -74.07 -37.01
C GLU JA 15 3.91 -73.93 -37.18
N GLY JA 16 3.23 -73.40 -36.17
CA GLY JA 16 1.80 -73.17 -36.31
C GLY JA 16 0.83 -73.95 -35.46
N LYS JA 17 1.13 -75.21 -35.17
CA LYS JA 17 0.23 -76.07 -34.39
C LYS JA 17 -0.26 -75.41 -33.09
N THR JA 18 -1.57 -75.52 -32.83
CA THR JA 18 -2.21 -74.91 -31.65
C THR JA 18 -2.69 -75.96 -30.66
N ILE JA 19 -2.43 -75.75 -29.38
CA ILE JA 19 -2.86 -76.73 -28.37
C ILE JA 19 -4.17 -76.45 -27.67
N THR JA 20 -4.83 -75.35 -28.02
CA THR JA 20 -6.08 -74.97 -27.36
C THR JA 20 -5.86 -75.13 -25.84
N LEU JA 21 -6.86 -75.55 -25.07
CA LEU JA 21 -6.65 -75.72 -23.64
C LEU JA 21 -7.89 -75.95 -22.78
N THR JA 22 -7.67 -76.01 -21.47
CA THR JA 22 -8.72 -76.25 -20.48
C THR JA 22 -8.76 -75.18 -19.40
N GLU JA 23 -9.87 -75.20 -18.66
CA GLU JA 23 -10.07 -74.29 -17.55
C GLU JA 23 -9.18 -74.79 -16.41
N LYS JA 24 -8.90 -76.09 -16.44
CA LYS JA 24 -8.07 -76.76 -15.42
C LYS JA 24 -6.64 -76.28 -15.54
N GLN JA 25 -6.02 -76.54 -16.69
CA GLN JA 25 -4.65 -76.12 -16.94
C GLN JA 25 -4.50 -74.61 -16.69
N TYR JA 26 -5.37 -73.80 -17.29
CA TYR JA 26 -5.30 -72.36 -17.08
C TYR JA 26 -5.15 -72.06 -15.60
N LEU JA 27 -6.04 -72.62 -14.79
CA LEU JA 27 -5.97 -72.37 -13.36
C LEU JA 27 -4.57 -72.66 -12.80
N GLU JA 28 -4.07 -73.88 -12.99
CA GLU JA 28 -2.73 -74.20 -12.51
C GLU JA 28 -1.79 -73.11 -12.98
N GLY JA 29 -2.09 -72.57 -14.16
CA GLY JA 29 -1.27 -71.51 -14.68
C GLY JA 29 -1.22 -70.38 -13.68
N LYS JA 30 -2.38 -69.87 -13.29
CA LYS JA 30 -2.44 -68.79 -12.33
C LYS JA 30 -1.70 -69.25 -11.06
N ARG JA 31 -2.24 -70.28 -10.39
CA ARG JA 31 -1.65 -70.84 -9.16
C ARG JA 31 -0.14 -70.89 -9.28
N LEU JA 32 0.31 -71.40 -10.43
CA LEU JA 32 1.71 -71.52 -10.69
C LEU JA 32 2.35 -70.15 -10.83
N PHE JA 33 2.14 -69.48 -11.97
CA PHE JA 33 2.74 -68.18 -12.22
C PHE JA 33 3.12 -67.44 -10.95
N GLN JA 34 2.19 -67.37 -10.00
CA GLN JA 34 2.41 -66.70 -8.73
C GLN JA 34 3.30 -67.45 -7.76
N TYR JA 35 3.15 -68.77 -7.73
CA TYR JA 35 3.95 -69.58 -6.83
C TYR JA 35 5.34 -69.75 -7.42
N ALA JA 36 5.40 -69.89 -8.75
CA ALA JA 36 6.66 -70.03 -9.47
C ALA JA 36 7.33 -68.69 -9.27
N CYS JA 37 6.55 -67.76 -8.76
CA CYS JA 37 7.05 -66.46 -8.33
C CYS JA 37 6.76 -65.32 -9.30
N ALA JA 38 5.88 -64.44 -8.86
CA ALA JA 38 5.67 -63.14 -9.49
C ALA JA 38 6.42 -62.05 -8.71
N SER JA 39 7.31 -62.45 -7.80
CA SER JA 39 7.92 -61.54 -6.84
C SER JA 39 8.72 -60.39 -7.45
N CYS JA 40 9.53 -60.68 -8.47
CA CYS JA 40 10.04 -59.63 -9.32
C CYS JA 40 8.98 -59.41 -10.37
N HIS JA 41 8.37 -60.51 -10.80
CA HIS JA 41 7.75 -60.70 -12.12
C HIS JA 41 6.27 -60.36 -12.14
N VAL JA 42 5.78 -59.73 -11.07
CA VAL JA 42 4.36 -59.56 -10.85
C VAL JA 42 3.72 -58.72 -11.94
N GLY JA 43 2.49 -59.06 -12.26
CA GLY JA 43 1.79 -58.54 -13.42
C GLY JA 43 2.55 -58.90 -14.67
N GLY JA 44 2.77 -57.96 -15.57
CA GLY JA 44 3.43 -58.28 -16.81
C GLY JA 44 4.55 -57.32 -17.08
N ILE JA 45 5.59 -57.44 -16.25
CA ILE JA 45 6.78 -56.60 -16.38
C ILE JA 45 7.91 -57.46 -15.85
N THR JA 46 9.01 -56.84 -15.44
CA THR JA 46 10.11 -57.60 -14.90
C THR JA 46 11.00 -56.79 -13.99
N LYS JA 47 10.59 -56.70 -12.74
CA LYS JA 47 11.28 -55.93 -11.73
C LYS JA 47 12.80 -56.07 -11.65
N THR JA 48 13.38 -57.26 -11.83
CA THR JA 48 14.85 -57.27 -11.73
C THR JA 48 15.42 -56.50 -12.89
N ASN JA 49 14.80 -56.61 -14.07
CA ASN JA 49 15.28 -55.92 -15.26
C ASN JA 49 14.13 -55.45 -16.15
N PRO JA 50 13.44 -54.37 -15.75
CA PRO JA 50 12.31 -53.76 -16.45
C PRO JA 50 12.39 -53.63 -17.95
N SER JA 51 13.58 -53.74 -18.51
CA SER JA 51 13.70 -53.62 -19.94
C SER JA 51 13.03 -54.75 -20.73
N LEU JA 52 12.89 -55.91 -20.11
CA LEU JA 52 12.28 -57.06 -20.76
C LEU JA 52 10.91 -57.37 -20.20
N ASP JA 53 9.93 -57.54 -21.06
CA ASP JA 53 8.58 -57.83 -20.63
C ASP JA 53 8.16 -59.18 -21.17
N LEU JA 54 6.99 -59.64 -20.77
CA LEU JA 54 6.47 -60.94 -21.22
C LEU JA 54 5.41 -60.86 -22.30
N ARG JA 55 5.24 -59.69 -22.90
CA ARG JA 55 4.23 -59.54 -23.95
C ARG JA 55 4.50 -60.42 -25.15
N THR JA 56 3.42 -60.97 -25.69
CA THR JA 56 3.50 -61.85 -26.83
C THR JA 56 4.61 -61.45 -27.83
N GLU JA 57 4.55 -60.23 -28.38
CA GLU JA 57 5.56 -59.79 -29.36
C GLU JA 57 6.99 -59.95 -28.90
N THR JA 58 7.24 -59.52 -27.67
CA THR JA 58 8.57 -59.60 -27.10
C THR JA 58 9.14 -61.01 -27.14
N LEU JA 59 8.28 -61.99 -26.86
CA LEU JA 59 8.70 -63.38 -26.84
C LEU JA 59 9.01 -63.90 -28.23
N ALA JA 60 8.37 -63.29 -29.23
CA ALA JA 60 8.54 -63.66 -30.64
C ALA JA 60 9.88 -63.22 -31.16
N LEU JA 61 10.23 -61.99 -30.82
CA LEU JA 61 11.47 -61.40 -31.25
C LEU JA 61 12.64 -62.04 -30.50
N ALA JA 62 12.34 -62.73 -29.41
CA ALA JA 62 13.37 -63.40 -28.62
C ALA JA 62 14.13 -64.36 -29.52
N THR JA 63 15.15 -65.03 -28.98
CA THR JA 63 15.90 -66.00 -29.76
C THR JA 63 16.29 -67.13 -28.80
N PRO JA 64 15.80 -68.35 -29.07
CA PRO JA 64 14.96 -68.73 -30.20
C PRO JA 64 13.56 -68.21 -29.97
N PRO JA 65 12.64 -68.35 -30.95
CA PRO JA 65 11.29 -67.84 -30.69
C PRO JA 65 10.85 -68.35 -29.32
N ARG JA 66 10.23 -67.47 -28.53
CA ARG JA 66 9.78 -67.84 -27.19
C ARG JA 66 8.30 -67.60 -26.98
N ASP JA 67 7.55 -67.58 -28.07
CA ASP JA 67 6.12 -67.37 -28.03
C ASP JA 67 5.42 -68.72 -28.11
N ASN JA 68 6.19 -69.77 -28.37
CA ASN JA 68 5.68 -71.14 -28.49
C ASN JA 68 5.38 -71.70 -27.14
N ILE JA 69 4.23 -72.37 -27.01
CA ILE JA 69 3.93 -72.97 -25.72
C ILE JA 69 5.14 -73.85 -25.45
N GLU JA 70 5.89 -74.08 -26.51
CA GLU JA 70 7.10 -74.86 -26.44
C GLU JA 70 8.13 -73.94 -25.81
N GLY JA 71 8.61 -73.00 -26.64
CA GLY JA 71 9.63 -72.06 -26.20
C GLY JA 71 9.80 -71.88 -24.71
N LEU JA 72 8.85 -71.19 -24.11
CA LEU JA 72 8.91 -70.94 -22.69
C LEU JA 72 9.33 -72.17 -21.91
N VAL JA 73 8.98 -73.35 -22.41
CA VAL JA 73 9.32 -74.59 -21.74
C VAL JA 73 10.82 -74.81 -21.70
N ASP JA 74 11.46 -74.69 -22.86
CA ASP JA 74 12.91 -74.83 -22.96
C ASP JA 74 13.43 -73.90 -21.86
N TYR JA 75 13.09 -72.63 -22.00
CA TYR JA 75 13.51 -71.60 -21.05
C TYR JA 75 13.42 -72.11 -19.63
N MET JA 76 12.19 -72.22 -19.14
CA MET JA 76 11.99 -72.70 -17.78
C MET JA 76 12.89 -73.90 -17.49
N LYS JA 77 13.08 -74.76 -18.47
CA LYS JA 77 13.96 -75.90 -18.28
C LYS JA 77 15.35 -75.30 -18.15
N ASN JA 78 15.82 -74.73 -19.24
CA ASN JA 78 17.11 -74.07 -19.34
C ASN JA 78 16.89 -72.65 -19.85
N PRO JA 79 17.42 -71.65 -19.13
CA PRO JA 79 17.25 -70.26 -19.54
C PRO JA 79 18.37 -69.70 -20.38
N THR JA 80 18.02 -68.72 -21.21
CA THR JA 80 18.96 -68.05 -22.11
C THR JA 80 18.61 -66.56 -22.21
N THR JA 81 19.61 -65.70 -22.41
CA THR JA 81 19.34 -64.27 -22.54
C THR JA 81 18.47 -64.03 -23.77
N TYR JA 82 18.32 -62.78 -24.14
CA TYR JA 82 17.52 -62.43 -25.30
C TYR JA 82 18.46 -62.54 -26.49
N ASP JA 83 19.62 -63.13 -26.23
CA ASP JA 83 20.64 -63.36 -27.24
C ASP JA 83 20.49 -64.80 -27.65
N GLY JA 84 20.26 -65.63 -26.65
CA GLY JA 84 20.16 -67.04 -26.91
C GLY JA 84 21.64 -67.36 -27.06
N GLU JA 85 22.49 -66.43 -26.62
CA GLU JA 85 23.93 -66.61 -26.69
C GLU JA 85 24.48 -67.36 -25.49
N GLN JA 86 24.25 -66.86 -24.28
CA GLN JA 86 24.74 -67.60 -23.12
C GLN JA 86 23.62 -68.00 -22.17
N GLU JA 87 23.73 -69.21 -21.64
CA GLU JA 87 22.73 -69.74 -20.72
C GLU JA 87 22.74 -68.87 -19.49
N ILE JA 88 21.56 -68.45 -19.08
CA ILE JA 88 21.42 -67.59 -17.92
C ILE JA 88 21.01 -68.42 -16.69
N ALA JA 89 21.03 -69.73 -16.86
CA ALA JA 89 20.64 -70.68 -15.83
C ALA JA 89 20.94 -70.40 -14.37
N GLU JA 90 22.12 -69.85 -14.06
CA GLU JA 90 22.48 -69.59 -12.67
C GLU JA 90 21.77 -68.42 -11.97
N VAL JA 91 21.31 -67.45 -12.75
CA VAL JA 91 20.63 -66.28 -12.20
C VAL JA 91 19.12 -66.30 -12.41
N HIS JA 92 18.63 -67.34 -13.09
CA HIS JA 92 17.19 -67.46 -13.36
C HIS JA 92 16.62 -68.81 -13.01
N PRO JA 93 15.46 -68.82 -12.33
CA PRO JA 93 14.81 -70.06 -11.94
C PRO JA 93 14.80 -70.99 -13.14
N SER JA 94 15.27 -72.21 -12.92
CA SER JA 94 15.30 -73.14 -14.02
C SER JA 94 15.49 -74.53 -13.47
N LEU JA 95 14.87 -75.50 -14.12
CA LEU JA 95 14.97 -76.88 -13.70
C LEU JA 95 16.42 -77.31 -13.82
N ARG JA 96 17.13 -76.72 -14.79
CA ARG JA 96 18.55 -77.00 -14.99
C ARG JA 96 19.19 -76.68 -13.64
N SER JA 97 18.72 -75.60 -13.04
CA SER JA 97 19.23 -75.14 -11.76
C SER JA 97 18.12 -75.10 -10.71
N ALA JA 98 17.89 -76.24 -10.07
CA ALA JA 98 16.87 -76.32 -9.05
C ALA JA 98 17.46 -75.90 -7.70
N ASP JA 99 18.65 -76.43 -7.39
CA ASP JA 99 19.37 -76.18 -6.15
C ASP JA 99 19.51 -74.70 -5.75
N ILE JA 100 19.12 -73.81 -6.64
CA ILE JA 100 19.21 -72.38 -6.34
C ILE JA 100 17.82 -71.86 -5.95
N PHE JA 101 16.86 -72.13 -6.83
CA PHE JA 101 15.46 -71.70 -6.67
C PHE JA 101 14.56 -72.89 -6.37
N PRO JA 102 14.39 -73.22 -5.08
CA PRO JA 102 13.57 -74.34 -4.59
C PRO JA 102 12.20 -74.48 -5.24
N LYS JA 103 11.46 -73.37 -5.29
CA LYS JA 103 10.15 -73.40 -5.88
C LYS JA 103 10.20 -74.15 -7.21
N MET JA 104 11.32 -74.04 -7.91
CA MET JA 104 11.46 -74.69 -9.21
C MET JA 104 11.64 -76.21 -9.19
N ARG JA 105 11.71 -76.80 -8.01
CA ARG JA 105 11.88 -78.25 -7.91
C ARG JA 105 10.59 -79.04 -8.16
N ASN JA 106 9.56 -78.76 -7.35
CA ASN JA 106 8.27 -79.43 -7.47
C ASN JA 106 7.62 -79.25 -8.84
N LEU JA 107 8.28 -78.51 -9.71
CA LEU JA 107 7.75 -78.25 -11.05
C LEU JA 107 7.92 -79.46 -11.98
N THR JA 108 6.89 -79.67 -12.80
CA THR JA 108 6.83 -80.78 -13.74
C THR JA 108 6.40 -80.33 -15.13
N GLU JA 109 6.55 -81.22 -16.11
CA GLU JA 109 6.17 -80.91 -17.49
C GLU JA 109 4.70 -80.56 -17.54
N LYS JA 110 3.95 -81.12 -16.59
CA LYS JA 110 2.53 -80.85 -16.47
C LYS JA 110 2.43 -79.42 -15.95
N ASP JA 111 3.08 -79.18 -14.80
CA ASP JA 111 3.09 -77.87 -14.15
C ASP JA 111 3.67 -76.81 -15.09
N LEU JA 112 4.67 -77.19 -15.87
CA LEU JA 112 5.26 -76.24 -16.78
C LEU JA 112 4.30 -75.86 -17.87
N VAL JA 113 3.91 -76.84 -18.67
CA VAL JA 113 2.99 -76.56 -19.76
C VAL JA 113 1.97 -75.54 -19.31
N ALA JA 114 1.51 -75.68 -18.07
CA ALA JA 114 0.52 -74.77 -17.51
C ALA JA 114 1.05 -73.34 -17.37
N ILE JA 115 2.04 -73.16 -16.49
CA ILE JA 115 2.60 -71.85 -16.29
C ILE JA 115 2.93 -71.23 -17.64
N ALA JA 116 3.21 -72.08 -18.61
CA ALA JA 116 3.52 -71.62 -19.95
C ALA JA 116 2.23 -71.04 -20.54
N GLY JA 117 1.28 -71.92 -20.82
CA GLY JA 117 0.02 -71.49 -21.39
C GLY JA 117 -0.51 -70.24 -20.71
N HIS JA 118 -0.19 -70.05 -19.43
CA HIS JA 118 -0.66 -68.87 -18.72
C HIS JA 118 -0.07 -67.60 -19.32
N ILE JA 119 1.18 -67.67 -19.71
CA ILE JA 119 1.88 -66.52 -20.27
C ILE JA 119 1.37 -66.10 -21.63
N LEU JA 120 1.19 -67.07 -22.51
CA LEU JA 120 0.72 -66.76 -23.86
C LEU JA 120 -0.75 -66.39 -23.88
N VAL JA 121 -1.47 -66.79 -22.84
CA VAL JA 121 -2.90 -66.52 -22.74
C VAL JA 121 -3.29 -65.19 -22.13
N GLU JA 122 -2.71 -64.85 -20.98
CA GLU JA 122 -3.02 -63.59 -20.30
C GLU JA 122 -3.12 -62.36 -21.19
N PRO JA 123 -2.17 -62.17 -22.14
CA PRO JA 123 -2.28 -60.99 -22.98
C PRO JA 123 -3.61 -60.92 -23.72
N LYS JA 124 -3.98 -62.02 -24.37
CA LYS JA 124 -5.23 -62.12 -25.15
C LYS JA 124 -6.44 -61.45 -24.51
N ILE JA 125 -6.50 -61.48 -23.18
CA ILE JA 125 -7.60 -60.89 -22.43
C ILE JA 125 -7.31 -59.50 -21.90
N LEU JA 126 -6.22 -59.40 -21.13
CA LEU JA 126 -5.80 -58.13 -20.50
C LEU JA 126 -5.35 -57.02 -21.45
N GLY JA 127 -5.15 -57.36 -22.72
CA GLY JA 127 -4.71 -56.36 -23.67
C GLY JA 127 -3.33 -55.87 -23.30
N ASP JA 128 -3.11 -54.57 -23.39
CA ASP JA 128 -1.82 -53.98 -23.07
C ASP JA 128 -1.48 -54.08 -21.59
N LYS JA 129 -2.49 -54.08 -20.74
CA LYS JA 129 -2.28 -54.18 -19.28
C LYS JA 129 -1.28 -55.26 -18.93
N TRP JA 130 -1.00 -56.13 -19.89
CA TRP JA 130 -0.08 -57.24 -19.69
C TRP JA 130 1.39 -56.78 -19.68
N GLY JA 131 1.80 -56.11 -20.76
CA GLY JA 131 3.16 -55.65 -20.83
C GLY JA 131 3.47 -54.48 -19.93
N GLY JA 132 2.64 -53.46 -20.02
CA GLY JA 132 2.82 -52.26 -19.22
C GLY JA 132 2.57 -52.42 -17.73
N GLY JA 133 3.06 -51.44 -16.99
CA GLY JA 133 2.87 -51.47 -15.56
C GLY JA 133 2.59 -50.05 -15.14
N LYS JA 134 2.16 -49.87 -13.90
CA LYS JA 134 1.88 -48.54 -13.34
C LYS JA 134 0.97 -47.78 -14.30
N VAL JA 135 1.58 -47.31 -15.39
CA VAL JA 135 0.90 -46.56 -16.42
C VAL JA 135 -0.49 -47.07 -16.75
N TYR JA 136 -0.58 -48.34 -17.17
CA TYR JA 136 -1.86 -48.92 -17.55
C TYR JA 136 -2.70 -49.34 -16.36
N TYR JA 137 -2.06 -49.85 -15.31
CA TYR JA 137 -2.76 -50.26 -14.09
C TYR JA 137 -4.19 -49.73 -13.94
N THR KA 1 -47.39 -29.58 -25.31
CA THR KA 1 -48.80 -30.03 -25.51
C THR KA 1 -48.91 -31.56 -25.31
N ILE KA 2 -49.01 -31.96 -24.03
CA ILE KA 2 -49.09 -33.37 -23.58
C ILE KA 2 -47.88 -34.21 -23.98
N THR KA 3 -46.75 -33.54 -24.15
CA THR KA 3 -45.52 -34.17 -24.56
C THR KA 3 -45.25 -35.32 -23.60
N PRO KA 4 -44.77 -36.45 -24.12
CA PRO KA 4 -44.48 -37.59 -23.25
C PRO KA 4 -43.89 -37.15 -21.92
N SER KA 5 -43.11 -36.07 -21.96
CA SER KA 5 -42.50 -35.53 -20.75
C SER KA 5 -43.53 -34.87 -19.87
N LEU KA 6 -44.36 -34.02 -20.46
CA LEU KA 6 -45.38 -33.34 -19.69
C LEU KA 6 -46.27 -34.34 -18.98
N LYS KA 7 -46.70 -35.35 -19.72
CA LYS KA 7 -47.56 -36.41 -19.20
C LYS KA 7 -46.82 -37.08 -18.07
N GLY KA 8 -45.50 -37.10 -18.22
CA GLY KA 8 -44.66 -37.71 -17.21
C GLY KA 8 -44.89 -36.94 -15.93
N PHE KA 9 -44.96 -35.62 -16.04
CA PHE KA 9 -45.18 -34.83 -14.84
C PHE KA 9 -46.53 -35.06 -14.19
N PHE KA 10 -47.62 -34.89 -14.93
CA PHE KA 10 -48.91 -35.12 -14.32
C PHE KA 10 -48.84 -36.41 -13.54
N ILE KA 11 -48.35 -37.45 -14.21
CA ILE KA 11 -48.22 -38.74 -13.58
C ILE KA 11 -47.53 -38.56 -12.25
N GLY KA 12 -46.49 -37.74 -12.27
CA GLY KA 12 -45.75 -37.49 -11.04
C GLY KA 12 -46.59 -36.78 -10.02
N LEU KA 13 -47.33 -35.78 -10.46
CA LEU KA 13 -48.15 -35.04 -9.52
C LEU KA 13 -49.10 -36.04 -8.85
N LEU KA 14 -49.80 -36.84 -9.65
CA LEU KA 14 -50.77 -37.81 -9.14
C LEU KA 14 -50.17 -38.76 -8.11
N SER KA 15 -48.97 -39.26 -8.38
CA SER KA 15 -48.29 -40.16 -7.46
C SER KA 15 -48.02 -39.35 -6.20
N GLY KA 16 -47.63 -38.09 -6.37
CA GLY KA 16 -47.36 -37.23 -5.23
C GLY KA 16 -48.61 -37.06 -4.38
N ALA KA 17 -49.73 -36.76 -5.02
CA ALA KA 17 -50.98 -36.57 -4.32
C ALA KA 17 -51.40 -37.87 -3.63
N VAL KA 18 -51.09 -38.99 -4.28
CA VAL KA 18 -51.44 -40.30 -3.76
C VAL KA 18 -50.72 -40.65 -2.46
N VAL KA 19 -49.41 -40.42 -2.43
CA VAL KA 19 -48.63 -40.74 -1.24
C VAL KA 19 -48.94 -39.81 -0.06
N LEU KA 20 -49.15 -38.53 -0.35
CA LEU KA 20 -49.48 -37.57 0.69
C LEU KA 20 -50.88 -37.92 1.15
N GLY KA 21 -51.81 -37.97 0.19
CA GLY KA 21 -53.20 -38.27 0.48
C GLY KA 21 -53.40 -39.53 1.28
N LEU KA 22 -52.86 -40.64 0.81
CA LEU KA 22 -53.03 -41.90 1.52
C LEU KA 22 -52.51 -41.69 2.92
N THR KA 23 -51.33 -41.07 3.02
CA THR KA 23 -50.69 -40.85 4.29
C THR KA 23 -51.50 -40.07 5.32
N PHE KA 24 -52.10 -38.97 4.91
CA PHE KA 24 -52.86 -38.17 5.86
C PHE KA 24 -54.11 -38.88 6.32
N ALA KA 25 -54.80 -39.49 5.37
CA ALA KA 25 -56.03 -40.19 5.66
C ALA KA 25 -55.81 -41.23 6.76
N VAL KA 26 -54.80 -42.08 6.57
CA VAL KA 26 -54.53 -43.12 7.56
C VAL KA 26 -54.20 -42.43 8.87
N LEU KA 27 -53.50 -41.31 8.76
CA LEU KA 27 -53.09 -40.52 9.92
C LEU KA 27 -54.22 -39.87 10.70
N ILE KA 28 -55.20 -39.31 10.00
CA ILE KA 28 -56.31 -38.67 10.69
C ILE KA 28 -57.09 -39.81 11.32
N ALA KA 29 -57.05 -40.96 10.63
CA ALA KA 29 -57.74 -42.15 11.07
C ALA KA 29 -57.26 -42.65 12.42
N ILE KA 30 -55.97 -42.97 12.53
CA ILE KA 30 -55.42 -43.47 13.78
C ILE KA 30 -55.45 -42.44 14.89
N SER KA 31 -55.32 -41.17 14.53
CA SER KA 31 -55.37 -40.10 15.51
C SER KA 31 -56.78 -40.01 16.08
N GLN KA 32 -57.76 -40.36 15.25
CA GLN KA 32 -59.18 -40.35 15.60
C GLN KA 32 -59.53 -41.48 16.57
N ILE KA 33 -58.76 -42.57 16.50
CA ILE KA 33 -58.92 -43.73 17.38
C ILE KA 33 -58.11 -43.48 18.66
N ASP KA 34 -58.43 -42.37 19.33
CA ASP KA 34 -57.78 -41.98 20.57
C ASP KA 34 -58.35 -40.68 21.15
N ILE LA 1 -10.89 -80.93 4.34
CA ILE LA 1 -12.24 -80.39 4.00
C ILE LA 1 -13.02 -80.22 5.32
N ALA LA 2 -13.51 -81.33 5.90
CA ALA LA 2 -14.19 -81.42 7.21
C ALA LA 2 -13.94 -80.31 8.29
N GLN LA 3 -12.70 -79.77 8.36
CA GLN LA 3 -12.29 -78.73 9.36
C GLN LA 3 -13.41 -77.99 10.09
N LEU LA 4 -14.38 -77.47 9.34
CA LEU LA 4 -15.50 -76.72 9.91
C LEU LA 4 -16.37 -77.42 10.99
N THR LA 5 -16.87 -78.62 10.72
CA THR LA 5 -17.71 -79.28 11.72
C THR LA 5 -17.00 -79.48 13.05
N MET LA 6 -15.75 -79.93 13.00
CA MET LA 6 -14.96 -80.16 14.20
C MET LA 6 -14.66 -78.83 14.96
N ILE LA 7 -14.64 -77.69 14.27
CA ILE LA 7 -14.39 -76.42 14.95
C ILE LA 7 -15.65 -76.07 15.74
N ALA LA 8 -16.80 -76.38 15.13
CA ALA LA 8 -18.11 -76.09 15.70
C ALA LA 8 -18.23 -76.53 17.14
N MET LA 9 -17.97 -77.81 17.38
CA MET LA 9 -18.08 -78.38 18.72
C MET LA 9 -17.26 -77.64 19.76
N ILE LA 10 -15.99 -77.39 19.47
CA ILE LA 10 -15.12 -76.71 20.43
C ILE LA 10 -15.64 -75.34 20.76
N GLY LA 11 -16.18 -74.67 19.75
CA GLY LA 11 -16.70 -73.34 19.95
C GLY LA 11 -17.89 -73.27 20.88
N ILE LA 12 -18.74 -74.30 20.85
CA ILE LA 12 -19.92 -74.34 21.68
C ILE LA 12 -19.63 -75.14 22.95
N ALA LA 13 -18.36 -75.47 23.13
CA ALA LA 13 -17.90 -76.18 24.31
C ALA LA 13 -17.97 -75.27 25.54
N GLY LA 14 -17.60 -74.00 25.34
CA GLY LA 14 -17.59 -73.02 26.41
C GLY LA 14 -18.94 -72.54 26.90
N PRO LA 15 -19.86 -72.19 26.00
CA PRO LA 15 -21.14 -71.74 26.54
C PRO LA 15 -21.87 -72.94 27.17
N MET LA 16 -21.48 -74.15 26.79
CA MET LA 16 -22.11 -75.35 27.36
C MET LA 16 -21.74 -75.51 28.83
N ILE LA 17 -20.55 -75.07 29.22
CA ILE LA 17 -20.14 -75.16 30.61
C ILE LA 17 -21.00 -74.18 31.40
N ILE LA 18 -21.33 -73.05 30.78
CA ILE LA 18 -22.19 -72.04 31.41
C ILE LA 18 -23.57 -72.65 31.62
N PHE LA 19 -24.04 -73.40 30.62
CA PHE LA 19 -25.35 -74.02 30.71
C PHE LA 19 -25.34 -75.11 31.78
N LEU LA 20 -24.37 -76.03 31.70
CA LEU LA 20 -24.27 -77.10 32.68
C LEU LA 20 -24.10 -76.53 34.08
N LEU LA 21 -23.67 -75.28 34.16
CA LEU LA 21 -23.53 -74.61 35.45
C LEU LA 21 -24.83 -73.92 35.87
N ALA LA 22 -25.60 -73.45 34.89
CA ALA LA 22 -26.87 -72.79 35.19
C ALA LA 22 -27.74 -73.80 35.93
N VAL LA 23 -27.97 -74.93 35.27
CA VAL LA 23 -28.80 -75.97 35.82
C VAL LA 23 -28.37 -76.48 37.19
N ARG LA 24 -27.12 -76.92 37.33
CA ARG LA 24 -26.70 -77.44 38.61
C ARG LA 24 -26.77 -76.40 39.73
N ARG LA 25 -25.87 -75.42 39.76
CA ARG LA 25 -25.93 -74.42 40.82
C ARG LA 25 -24.74 -73.46 40.92
N GLY LA 26 -23.90 -73.71 41.93
CA GLY LA 26 -22.69 -72.97 42.24
C GLY LA 26 -22.18 -71.81 41.39
N ASN LA 27 -20.89 -71.53 41.57
CA ASN LA 27 -20.26 -70.40 40.88
C ASN LA 27 -20.51 -69.19 41.79
N LEU LA 28 -21.77 -69.04 42.21
CA LEU LA 28 -22.25 -67.97 43.11
C LEU LA 28 -22.67 -68.54 44.49
N UNK MA 1 -36.74 -65.65 -16.60
CA UNK MA 1 -37.66 -66.81 -16.61
C UNK MA 1 -37.40 -67.68 -15.37
N UNK MA 2 -38.48 -68.02 -14.65
CA UNK MA 2 -38.55 -68.80 -13.40
C UNK MA 2 -39.11 -67.76 -12.43
N UNK MA 3 -40.22 -67.17 -12.86
CA UNK MA 3 -40.90 -66.08 -12.16
C UNK MA 3 -40.47 -65.80 -10.72
N UNK MA 4 -40.48 -64.51 -10.39
CA UNK MA 4 -40.14 -63.97 -9.09
C UNK MA 4 -41.21 -64.33 -8.07
N UNK MA 5 -42.42 -64.56 -8.56
CA UNK MA 5 -43.51 -64.95 -7.66
C UNK MA 5 -43.06 -66.19 -6.89
N UNK MA 6 -42.01 -66.85 -7.38
CA UNK MA 6 -41.45 -68.04 -6.72
C UNK MA 6 -40.67 -67.66 -5.44
N UNK MA 7 -39.94 -66.54 -5.49
CA UNK MA 7 -39.18 -66.04 -4.33
C UNK MA 7 -40.11 -65.30 -3.35
N UNK MA 8 -41.07 -64.57 -3.91
CA UNK MA 8 -42.04 -63.80 -3.12
C UNK MA 8 -42.95 -64.71 -2.28
N UNK MA 9 -43.32 -65.86 -2.83
CA UNK MA 9 -44.18 -66.83 -2.14
C UNK MA 9 -43.42 -67.60 -1.05
N UNK MA 10 -42.12 -67.82 -1.26
CA UNK MA 10 -41.30 -68.52 -0.28
C UNK MA 10 -41.29 -67.71 1.02
N UNK MA 11 -41.37 -66.38 0.88
CA UNK MA 11 -41.39 -65.46 2.03
C UNK MA 11 -42.81 -65.12 2.49
N UNK MA 12 -43.77 -65.08 1.56
CA UNK MA 12 -45.17 -64.79 1.88
C UNK MA 12 -45.72 -65.83 2.86
N UNK MA 13 -45.44 -67.10 2.58
CA UNK MA 13 -45.88 -68.24 3.39
C UNK MA 13 -45.49 -68.08 4.85
N UNK MA 14 -44.29 -67.52 5.08
CA UNK MA 14 -43.77 -67.30 6.43
C UNK MA 14 -44.51 -66.22 7.22
N UNK MA 15 -45.18 -65.30 6.52
CA UNK MA 15 -45.93 -64.25 7.19
C UNK MA 15 -47.17 -64.78 7.91
N UNK MA 16 -47.70 -65.91 7.43
CA UNK MA 16 -48.89 -66.59 7.97
C UNK MA 16 -48.73 -67.24 9.36
N UNK MA 17 -47.65 -68.00 9.56
CA UNK MA 17 -47.39 -68.66 10.85
C UNK MA 17 -47.40 -67.59 11.94
N UNK MA 18 -47.06 -66.36 11.55
CA UNK MA 18 -47.02 -65.22 12.46
C UNK MA 18 -48.43 -64.67 12.79
N UNK MA 19 -49.30 -64.59 11.78
CA UNK MA 19 -50.68 -64.11 11.99
C UNK MA 19 -51.54 -65.09 12.81
N UNK MA 20 -51.43 -66.40 12.52
CA UNK MA 20 -52.21 -67.45 13.21
C UNK MA 20 -51.80 -67.66 14.68
N UNK MA 21 -50.49 -67.65 14.94
CA UNK MA 21 -49.97 -67.82 16.30
C UNK MA 21 -50.30 -66.57 17.12
N UNK MA 22 -50.46 -65.43 16.44
CA UNK MA 22 -50.80 -64.15 17.07
C UNK MA 22 -52.31 -63.93 17.30
N UNK MA 23 -53.16 -64.33 16.34
CA UNK MA 23 -54.61 -64.16 16.48
C UNK MA 23 -55.07 -64.81 17.80
N MET NA 1 -0.15 -100.84 15.39
CA MET NA 1 0.78 -99.74 15.76
C MET NA 1 0.51 -98.52 14.88
N THR NA 2 0.55 -98.71 13.57
CA THR NA 2 0.24 -97.62 12.63
C THR NA 2 -1.30 -97.52 12.63
N ILE NA 3 -1.94 -98.66 12.83
CA ILE NA 3 -3.41 -98.76 12.90
C ILE NA 3 -3.90 -98.46 14.32
N LEU NA 4 -3.22 -99.05 15.29
CA LEU NA 4 -3.55 -98.88 16.71
C LEU NA 4 -3.42 -97.44 17.17
N PHE NA 5 -2.35 -96.79 16.70
CA PHE NA 5 -2.05 -95.41 17.04
C PHE NA 5 -3.19 -94.43 16.80
N GLN NA 6 -3.68 -94.38 15.56
CA GLN NA 6 -4.76 -93.44 15.21
C GLN NA 6 -6.01 -93.49 16.10
N LEU NA 7 -6.23 -94.61 16.77
CA LEU NA 7 -7.38 -94.75 17.68
C LEU NA 7 -6.90 -94.28 19.05
N ALA NA 8 -5.60 -94.49 19.29
CA ALA NA 8 -4.91 -94.12 20.52
C ALA NA 8 -4.89 -92.59 20.71
N LEU NA 9 -4.52 -91.89 19.64
CA LEU NA 9 -4.47 -90.44 19.68
C LEU NA 9 -5.88 -89.85 19.67
N ALA NA 10 -6.74 -90.37 18.80
CA ALA NA 10 -8.11 -89.84 18.71
C ALA NA 10 -8.88 -90.09 20.00
N ALA NA 11 -8.36 -90.99 20.83
CA ALA NA 11 -8.96 -91.33 22.13
C ALA NA 11 -8.67 -90.15 23.05
N LEU NA 12 -7.38 -89.83 23.10
CA LEU NA 12 -6.83 -88.74 23.87
C LEU NA 12 -7.56 -87.42 23.68
N VAL NA 13 -8.15 -87.25 22.50
CA VAL NA 13 -8.88 -86.01 22.20
C VAL NA 13 -10.33 -86.07 22.69
N ILE NA 14 -10.97 -87.22 22.53
CA ILE NA 14 -12.35 -87.33 22.97
C ILE NA 14 -12.33 -87.37 24.50
N LEU NA 15 -11.17 -87.70 25.05
CA LEU NA 15 -10.95 -87.76 26.51
C LEU NA 15 -10.69 -86.36 27.06
N SER NA 16 -10.02 -85.52 26.27
CA SER NA 16 -9.70 -84.16 26.69
C SER NA 16 -10.92 -83.24 26.53
N PHE NA 17 -11.66 -83.43 25.44
CA PHE NA 17 -12.87 -82.64 25.17
C PHE NA 17 -13.79 -82.95 26.37
N VAL NA 18 -13.69 -84.19 26.83
CA VAL NA 18 -14.43 -84.68 27.99
C VAL NA 18 -13.80 -84.03 29.22
N MET NA 19 -12.54 -84.39 29.52
CA MET NA 19 -11.78 -83.84 30.65
C MET NA 19 -12.00 -82.33 30.83
N VAL NA 20 -12.12 -81.61 29.72
CA VAL NA 20 -12.36 -80.18 29.75
C VAL NA 20 -13.72 -79.85 30.32
N ILE NA 21 -14.78 -80.06 29.56
CA ILE NA 21 -16.12 -79.75 30.07
C ILE NA 21 -16.24 -80.23 31.53
N GLY NA 22 -15.55 -81.31 31.86
CA GLY NA 22 -15.59 -81.87 33.20
C GLY NA 22 -15.21 -80.95 34.34
N VAL NA 23 -13.91 -80.88 34.66
CA VAL NA 23 -13.41 -80.06 35.78
C VAL NA 23 -14.14 -78.74 35.96
N PRO NA 24 -14.42 -78.04 34.86
CA PRO NA 24 -15.14 -76.77 34.90
C PRO NA 24 -16.44 -76.95 35.67
N VAL NA 25 -17.33 -77.80 35.17
CA VAL NA 25 -18.58 -78.00 35.87
C VAL NA 25 -18.28 -78.45 37.30
N ALA NA 26 -17.23 -79.25 37.47
CA ALA NA 26 -16.86 -79.80 38.78
C ALA NA 26 -16.63 -78.80 39.93
N TYR NA 27 -15.61 -77.97 39.79
CA TYR NA 27 -15.25 -76.97 40.81
C TYR NA 27 -16.42 -76.00 41.00
N ALA NA 28 -17.26 -75.95 39.97
CA ALA NA 28 -18.45 -75.11 39.92
C ALA NA 28 -19.52 -75.69 40.84
N SER NA 29 -19.86 -76.96 40.60
CA SER NA 29 -20.87 -77.66 41.42
C SER NA 29 -20.16 -78.45 42.51
N PRO NA 30 -19.98 -77.83 43.71
CA PRO NA 30 -19.29 -78.53 44.81
C PRO NA 30 -20.12 -79.62 45.48
N GLN NA 31 -21.38 -79.79 45.06
CA GLN NA 31 -22.25 -80.82 45.62
C GLN NA 31 -21.60 -82.21 45.46
N ASP NA 32 -20.93 -82.40 44.32
CA ASP NA 32 -20.22 -83.64 44.03
C ASP NA 32 -18.71 -83.37 43.93
N TRP NA 33 -18.17 -82.55 44.83
CA TRP NA 33 -16.73 -82.27 44.84
C TRP NA 33 -16.10 -83.56 45.36
N ASP NA 34 -16.93 -84.27 46.14
CA ASP NA 34 -16.59 -85.55 46.79
C ASP NA 34 -16.65 -86.80 45.89
N ARG NA 35 -17.56 -86.81 44.91
CA ARG NA 35 -17.65 -87.94 44.00
C ARG NA 35 -16.96 -87.67 42.64
N SER NA 36 -17.25 -86.52 42.03
CA SER NA 36 -16.66 -86.13 40.74
C SER NA 36 -15.13 -86.02 40.88
N LYS NA 37 -14.66 -85.83 42.11
CA LYS NA 37 -13.23 -85.73 42.43
C LYS NA 37 -12.51 -86.81 41.65
N GLN NA 38 -13.19 -87.94 41.54
CA GLN NA 38 -12.66 -89.11 40.88
C GLN NA 38 -12.88 -89.12 39.38
N LEU NA 39 -13.93 -88.44 38.93
CA LEU NA 39 -14.23 -88.33 37.51
C LEU NA 39 -13.15 -87.40 36.91
N ILE NA 40 -12.48 -86.68 37.81
CA ILE NA 40 -11.40 -85.75 37.50
C ILE NA 40 -10.03 -86.45 37.49
N PHE NA 41 -9.88 -87.50 38.33
CA PHE NA 41 -8.65 -88.30 38.40
C PHE NA 41 -8.75 -89.42 37.37
N LEU NA 42 -9.98 -89.69 36.95
CA LEU NA 42 -10.27 -90.70 35.93
C LEU NA 42 -9.44 -90.37 34.69
N GLY NA 43 -9.83 -89.30 33.99
CA GLY NA 43 -9.12 -88.89 32.80
C GLY NA 43 -7.66 -88.62 33.07
N SER NA 44 -7.39 -87.83 34.11
CA SER NA 44 -6.05 -87.43 34.51
C SER NA 44 -4.92 -88.44 34.23
N GLY NA 45 -4.78 -89.45 35.07
CA GLY NA 45 -3.74 -90.43 34.83
C GLY NA 45 -3.92 -91.11 33.46
N LEU NA 46 -5.18 -91.34 33.07
CA LEU NA 46 -5.48 -91.97 31.79
C LEU NA 46 -5.14 -91.05 30.63
N TRP NA 47 -5.17 -89.75 30.91
CA TRP NA 47 -4.89 -88.66 29.98
C TRP NA 47 -3.35 -88.58 29.87
N ILE NA 48 -2.69 -88.37 31.01
CA ILE NA 48 -1.23 -88.31 31.08
C ILE NA 48 -0.71 -89.59 30.48
N ALA NA 49 -1.27 -90.69 30.95
CA ALA NA 49 -0.87 -91.99 30.46
C ALA NA 49 -1.19 -92.04 28.96
N LEU NA 50 -2.33 -91.50 28.57
CA LEU NA 50 -2.69 -91.54 27.16
C LEU NA 50 -1.74 -90.72 26.31
N VAL NA 51 -1.12 -89.72 26.92
CA VAL NA 51 -0.18 -88.86 26.20
C VAL NA 51 1.17 -89.56 26.07
N LEU NA 52 1.68 -90.10 27.17
CA LEU NA 52 2.94 -90.83 27.15
C LEU NA 52 2.78 -92.02 26.20
N VAL NA 53 1.53 -92.44 26.01
CA VAL NA 53 1.18 -93.55 25.12
C VAL NA 53 1.40 -93.11 23.67
N VAL NA 54 0.84 -91.94 23.33
CA VAL NA 54 1.01 -91.39 22.00
C VAL NA 54 2.52 -91.25 21.92
N GLY NA 55 3.11 -91.28 23.11
CA GLY NA 55 4.55 -91.19 23.28
C GLY NA 55 5.31 -92.06 22.34
N VAL NA 56 5.68 -93.22 22.85
CA VAL NA 56 6.42 -94.21 22.11
C VAL NA 56 5.66 -94.59 20.85
N LEU NA 57 4.40 -94.15 20.74
CA LEU NA 57 3.61 -94.46 19.56
C LEU NA 57 4.05 -93.65 18.34
N ASN NA 58 4.19 -92.33 18.48
CA ASN NA 58 4.61 -91.49 17.35
C ASN NA 58 6.00 -91.80 16.80
N PHE NA 59 6.94 -92.19 17.67
CA PHE NA 59 8.28 -92.53 17.21
C PHE NA 59 8.20 -93.91 16.56
N PHE NA 60 7.02 -94.27 16.04
CA PHE NA 60 6.85 -95.57 15.41
C PHE NA 60 6.07 -95.66 14.09
N VAL NA 61 5.37 -94.60 13.71
CA VAL NA 61 4.62 -94.58 12.45
C VAL NA 61 5.25 -93.62 11.42
N VAL NA 62 6.05 -92.65 11.90
CA VAL NA 62 6.72 -91.67 11.02
C VAL NA 62 8.09 -91.14 11.54
#